data_7Z0H
#
_entry.id   7Z0H
#
_cell.length_a   1.00
_cell.length_b   1.00
_cell.length_c   1.00
_cell.angle_alpha   90.00
_cell.angle_beta   90.00
_cell.angle_gamma   90.00
#
_symmetry.space_group_name_H-M   'P 1'
#
loop_
_entity.id
_entity.type
_entity.pdbx_description
1 polymer 'DNA-directed RNA polymerase III subunit RPC1'
2 polymer 'DNA-directed RNA polymerase III subunit RPC2'
3 polymer 'DNA-directed RNA polymerases I and III subunit RPAC1'
4 polymer 'DNA-directed RNA polymerase III subunit RPC9'
5 polymer 'DNA-directed RNA polymerases I, II, and III subunit RPABC1'
6 polymer 'DNA-directed RNA polymerases I, II, and III subunit RPABC2'
7 polymer 'DNA-directed RNA polymerase III subunit RPC8'
8 polymer 'DNA-directed RNA polymerases I, II, and III subunit RPABC3'
9 polymer 'DNA-directed RNA polymerase III subunit RPC10'
10 polymer 'DNA-directed RNA polymerases I, II, and III subunit RPABC5'
11 polymer 'DNA-directed RNA polymerases I and III subunit RPAC2'
12 polymer 'DNA-directed RNA polymerases I, II, and III subunit RPABC4'
13 polymer 'DNA-directed RNA polymerase III subunit RPC5'
14 polymer 'DNA-directed RNA polymerase III subunit RPC4'
15 polymer 'DNA-directed RNA polymerase III subunit RPC3'
16 polymer 'DNA-directed RNA polymerase III subunit RPC6'
17 polymer 'DNA-directed RNA polymerase III subunit RPC7'
18 polymer Integrase
19 polymer 'Unknown RNA Polymerase III chain'
20 non-polymer 'ZINC ION'
21 non-polymer 'MAGNESIUM ION'
22 water water
#
loop_
_entity_poly.entity_id
_entity_poly.type
_entity_poly.pdbx_seq_one_letter_code
_entity_poly.pdbx_strand_id
1 'polypeptide(L)'
;MKEVVVSETPKRIKGLEFSALSAADIVAQSEVEVSTRDLFDLEKDRAPKANGALDPKMGVSSSSLECATCHGNLASCHGH
FGHLKLALPVFHIGYFKATIQILQGICKNCSAILLSETDKRQFLHELRRPGVDNLRRMGILKKILDQCKKQRRCLHCGAL
NGVVKKAAAGAGSAALKIIHDTFRWVGKKSAPEKDIWVGEWKEVLAHNPELERYVKRCMDDLNPLKTLNLFKQIKSADCE
LLGIDATVPSGRPETYIWRYLPAPPVCIRPSVMMQDSPASNEDDLTVKLTEIVWTSSLIKAGLDKGISINNMMEHWDYLQ
LTVAMYINSDSVNPAMLPGSSNGGGKVKPIRGFCQRLKGKQGRFRGNLSGKRVDFSGRTVISPDPNLSIDEVAVPDRVAK
VLTYPEKVTRYNRHKLQELIVNGPNVHPGANYLLKRNEDARRNLRYGDRMKLAKNLQIGDVVERHLEDGDVVLFNRQPSL
HRLSILSHYAKIRPWRTFRLNECVCTPYNADFDGDEMNLHVPQTEEARAEAINLMGVKNNLLTPKSGEPIIAATQDFITG
SYLISHKDSFYDRATLTQLLSMMSDGIEHFDIPPPAIMKPYYLWTGKQVFSLLIKPNHNSPVVINLDAKNKVFVPPKSKS
LPNEMSQNDGFVIIRGSQILSGVMDKSVLGDGKKHSVFYTILRDYGPQEAANAMNRMAKLCARFLGNRGFSIGINDVTPA
DDLKQKKEELVEIAYHKCDELITLFNKGELETQPGCNEEQTLEAKIGGLLSKVREEVGDVCINELDNWNAPLIMATCGSK
GSTLNVSQMVAVVGQQIISGNRVPDGFQDRSLPHFPKNSKTPQSKGFVRNSFFSGLSPPEFLFHAISGREGLVDTAVKTA
ETGYMSRRLMKSLEDLSCQYDNTVRTSANGIVQFTYGGDGLDPLEMEGNAQPVNFNRSWDHAYNITFNNQDKGLLPYAIM
ETANEILGPLEERLVRYDNSGCLVKREDLNKAEYVDQYDAERDFYHSLREYINGKATALANLRKSRGMLGLLEPPAKELQ
GIDPDETVPDNVKTSVSQLYRISEKSVRKFLEIALFKYRKARLEPGTAIGAIGAQSIGEPGTQMTLKTFHFAGVASMNVT
LGVPRIKEIINASKVISTPIINAVLVNDNDERAARVVKGRVEKTLLSDVAFYVQDVYKDNLSFIQVRIDLGTIDKLQLEL
TIEDIAVAITRASKLKIQASDVNIIGKDRIAINVFPEGYKAKSISTSAKEPSENDVFYRMQQLRRALPDVVVKGLPDISR
AVINIRDDGKRELLVEGYGLRDVMCTDGVIGSRTTTNHVLEVFSVLGIEAARYSIIREINYTMSNHGMSVDPRHIQLLGD
VMTYKGEVLGITRFGLSKMRDSVLQLASFEKTTDHLFDAAFYMKKDAVEGVSECIILGQTMSIGTGSFKVVKGTNISEKD
LVPKRCLFESLSNEAALKAN
;
A
2 'polypeptide(L)'
;MVAATKRRKTHIHKHVKDEAFDDLLKPVYKGKKLTDEINTAQDKWHLLPAFLKVKGLVKQHLDSFNYFVDTDLKKIIKAN
QLILSDVDPEFYLKYVDIRVGKKSSSSTKDYLTPPHECRLRDMTYSAPIYVDIEYTRGRNIIMHKDVEIGRMPIMLRSNK
CILYDADESKMAKLNECPLDPGGYFIVNGTEKVILVQEQLSKNRIIVEADEKKGIVQASVTSSTHERKSKTYVITKNGKI
YLKHNSIAEEIPIAIVLKACGILSDLEIMQLVCGNDSSYQDIFAVNLEESSKLDIYTQQQALEYIGAKVKTMRRQKLTIL
QEGIEAIATTVIAHLTVEALDFREKALYIAMMTRRVVMAMYNPKMIDDRDYVGNKRLELAGQLISLLFEDLFKKFNNDFK
LSIDKVLKKPNRAMEYDALLSINVHSNNITSGLNRAISTGNWSLKRFKMERAGVTHVLSRLSYISALGMMTRISSQFEKS
RKVSGPRALQPSQFGMLCTADTPEGEACGLVKNLALMTHITTDDEEEPIKKLCYVLGVEDITLIDSASLHLNYGVYLNGT
LIGSIRFPTKFVTQFRHLRRTGKVSEFISIYSNSHQMAVHIATDGGRICRPLIIVSDGQSRVKDIHLRKLLDGELDFDDF
LKLGLVEYLDVNEENDSYIALYEKDIVPSMTHLEIEPFTILGAVAGLIPYPHHNQSPRNTYQCAMGKQAIGAIAYNQFKR
IDTLLYLMTYPQQPMVKTKTIELIDYDKLPAGQNATVAVMSYSGYDIEDALVLNKSSIDRGFGRCETRRKTTTVLKRYAN
HTQDIIGGMRVDENGDPIWQHQSLGPDGLGEVGMKVQSGQIYINKSVPTNSADAPNPNNVNVQTQYREAPVIYRGPEPSH
IDQVMMSVSDNDQALIKVLLRQNRRPELGDKFSSRHGQKGVCGIIVKQEDMPFNDQGIVPDIIMNPHGFPSRMTVGKMIE
LISGKAGVLNGTLEYGTCFGGSKLEDMSKILVDQGFNYSGKDMLYSGITGECLQAYIFFGPIYYQKLKHMVLDKMHARAR
GPRAVLTRQPTEGRSRDGGLRLGEMERDCVIAYGASQLLLERLMISSDAFEVDVCDKCGLMGYSGWCTTCKSAENIIKMT
IPYAAKLLFQELLSMNIAPRLRLEDIFQQ
;
B
3 'polypeptide(L)'
;MSNIVGIEYNRVTNTTSTDFPGFSKDAENEWNVEKFKKDFEVNISSLDAREANFDLINIDTSIANAFRRIMISEVPSVAA
EYVYFFNNTSVIQDEVLAHRIGLVPLKVDPDMLTWVDSNLPDDEKFTDENTIVLSLNVKCTRNPDAPKGSTDPKELYNNA
HVYARDLKFEPQGRQSTTFADCPVVPADPDILLAKLRPGQEISLKAHCILGIGGDHAKFSPVSTASYRLLPQINILQPIK
GESARRFQKCFPPGVIGIDEGSDEAYVKDARKDTVSREVLRYEEFADKVKLGRVRNHFIFNVESAGAMTPEEIFFKSVRI
LKNKAEYLKNCPITQ
;
C
4 'polypeptide(L)'
;MKVLEERNAFLSDYEVLKFLTDLEKKHLWDQKSLAALKKSRSKGKQNRPYNHPELQGITRNVVNYLSINKNFINQEDEGE
ERESSGAKDAEKSGISKMSDESFAELMTKLNSFKLFKAEKLQIVNQLPANMVHLYSIVEECDARFDEKTIEEMLEIISGY
A
;
D
5 'polypeptide(L)'
;MDQENERNISRLWRAFRTVKEMVKDRGYFITQEEVELPLEDFKAKYCDSMGRPQRKMMSFQANPTEESISKFPDMGSLWV
EFCDEPSVGVKTMKTFVIHIQEKNFQTGIFVYQNNITPSAMKLVPSIPPATIETFNEAALVVNITHHELVPKHIRLSSDE
KRELLKRYRLKESQLPRIQRADPVALYLGLKRGEVVKIIRKSETSGRYASYRICM
;
E
6 'polypeptide(L)'
;MSDYEEAFNDGNENFEDFDVEHFSDEETYEEKPQFKDGETTDANGKTIVTGGNGPEDFQQHEQIRRKTLKEKAIPKDQRA
TTPYMTKYERARILGTRALQISMNAPVFVDLEGETDPLRIAMKELAEKKIPLVIRRYLPDGSFEDWSVEELIVDL
;
F
7 'polypeptide(L)'
;MFILSKIADLVRIPPDQFHRDTISAITHQLNNKFANKIIPNVGLCITIYDLLTVEEGQLKPGDGSSYINVTFRAVVFKPF
LGEIVTGWISKCTAEGIKVSLLGIFDDIFIPQNMLFEGCYYTPEESAWIWPMDEETKLYFDVNEKIRFRIEREVFVDVKP
KSPKERELEERAQLENEIEGKNEETPQNEKPPAYALLGSCQTDGMGLVSWWE
;
G
8 'polypeptide(L)'
;MSNTLFDDIFQVSEVDPGRYNKVCRIEAASTTQDQCKLTLDINVELFPVAAQDSLTVTIASSLNLEDTPANDSSATRSWR
PPQAGDRSLADDYDYVMYGTAYKFEEVSKDLIAVYYSFGGLLMRLEGNYRNLNNLKQENAYLLIRR
;
H
9 'polypeptide(L)'
;MLSFCPSCNNMLLITSGDSGVYTLACRSCPYEFPIEGIEIYDRKKLPRKEVDDVLGGGWDNVDQTKTQCPNYDTCGGESA
YFFQLQIRSADEPMTTFYKCVNCGHRWKEN
;
I
10 'polypeptide(L)' MIVPVRCFSCGKVVGDKWESYLNLLQEDELDEGTALSRLGLKRYCCRRMILTHVDLIEKFLRYNPLEKRD J
11 'polypeptide(L)'
;MTEDIEQKKTATEVTPQEPKHIQEEEEQDVDMTGDEEQEEEPDREKIKLLTQATSEDGTSASFQIVEEDHTLGNALRYVI
MKNPDVEFCGYSIPHPSENLLNIRIQTYGETTAVDALQKGLKDLMDLCDVVESKFTEKIKSM
;
K
12 'polypeptide(L)'
;(UNK)(UNK)(UNK)(UNK)(UNK)(UNK)(UNK)(UNK)(UNK)(UNK)(UNK)(UNK)(UNK)(UNK)(UNK)(UNK)
(UNK)(UNK)(UNK)(UNK)(UNK)(UNK)(UNK)(UNK)(UNK)(UNK)LKYICAECSSKLSLSRTDAVRCKDCGHRIL
LKARTKRLVQFEAR
;
L
13 'polypeptide(L)'
;MSIDNKLFVTEEDEEDRTQDRADVEDESNDIDMIADENGTNSAIANEQEEKSEEVKAEDDTGEEEEDDPVIEEFPLKISG
EEESLHVFQYANRPRLVGRKPAEHPFISAARYKPKSHLWEIDIPLDEQAFYNKDKAESEWNGVNVQTLKGVGVENNGQYA
AFVKDMQVYLVPIERVAQLKPFFKYIDDANVTRKQEDARRNPNPSSQRAQVVTMSVKSVNDPSQNRLTGSLLAHKVADEE
ANIELTWAEGTFEQFKDTIVKEAEDKTLVALEKQEDYIDNLV
;
M
14 'polypeptide(L)'
;(UNK)(UNK)(UNK)(UNK)(UNK)(UNK)(UNK)(UNK)(UNK)(UNK)(UNK)(UNK)(UNK)(UNK)(UNK)(UNK)
(UNK)(UNK)(UNK)(UNK)(UNK)(UNK)(UNK)(UNK)(UNK)(UNK)(UNK)(UNK)(UNK)(UNK)(UNK)(UNK)
(UNK)(UNK)(UNK)(UNK)(UNK)(UNK)(UNK)(UNK)(UNK)(UNK)(UNK)(UNK)(UNK)(UNK)(UNK)(UNK)
(UNK)(UNK)(UNK)(UNK)(UNK)(UNK)(UNK)(UNK)(UNK)(UNK)(UNK)(UNK)(UNK)(UNK)(UNK)(UNK)
(UNK)(UNK)(UNK)(UNK)(UNK)(UNK)(UNK)(UNK)(UNK)(UNK)(UNK)(UNK)(UNK)(UNK)(UNK)(UNK)
(UNK)(UNK)(UNK)(UNK)(UNK)(UNK)(UNK)(UNK)(UNK)(UNK)(UNK)(UNK)(UNK)(UNK)(UNK)(UNK)
(UNK)(UNK)(UNK)(UNK)(UNK)(UNK)(UNK)(UNK)(UNK)(UNK)(UNK)(UNK)(UNK)(UNK)(UNK)(UNK)
(UNK)(UNK)(UNK)(UNK)(UNK)(UNK)(UNK)(UNK)(UNK)(UNK)(UNK)(UNK)(UNK)(UNK)(UNK)(UNK)
(UNK)(UNK)(UNK)(UNK)(UNK)(UNK)(UNK)(UNK)(UNK)(UNK)(UNK)(UNK)(UNK)(UNK)(UNK)(UNK)
(UNK)(UNK)(UNK)(UNK)(UNK)(UNK)(UNK)(UNK)(UNK)(UNK)(UNK)(UNK)(UNK)(UNK)(UNK)(UNK)
(UNK)(UNK)(UNK)(UNK)(UNK)(UNK)(UNK)(UNK)(UNK)(UNK)(UNK)(UNK)(UNK)(UNK)(UNK)(UNK)
(UNK)(UNK)(UNK)(UNK)(UNK)(UNK)(UNK)(UNK)(UNK)(UNK)(UNK)(UNK)(UNK)(UNK)(UNK)(UNK)
(UNK)(UNK)RIEQLFPVRPVRVRHEDVETVKREIQEALSEKPTREPTPSVKTEPVGTGLQSYLEERERQVNEKLADLGL
EKEFQSVDGKEAAAELELLNADHQHILRKLKKMNNKPERFMVFQLPTRLPAFERPAVKEEKEDMETQASDPSKKKKNIKK
KDTKDALSTRELAGKVGSIRVHKSGKLSVKIGNVVMDIGKGAETTFLQDVIALSIADDASSAELLGRVDGKIVVTPQI
;
N
15 'polypeptide(L)'
;MDELLGEALSAENQTGESTVESEKLVTPEDVMTISSLEQRTLNPDLFLYKELVKAHLGERAASVIGMLVALGRLSVRELV
EKIDGMDVDSVKTTLVSLTQLRCVKYLQETAISGKKTTYYYYNEEGIHILLYSGLIIDEIITQMRVNDEEEHKQLVAEIV
QNVISLGSLTVEDYLSSVTSDSMKYTISSLFVQLCEMGYLIQISKLHYTPIEDLWQFLYEKHYKNIPRNSPLSDLKKRSQ
AKMNAKTDFAKIINKPNELSQILTVDPKTSLRIVKPTVSLTINLDRFMKGRRSKQLINLAKTRVGSVTAQVYKIALRLTE
QKSPKIRDPLTQTGLLQDLEEAKSFQDEAELVEEKTPGLTFNAIDLARHLPAELDLRGSLLSRKPSDNKKRSGSNAAASL
PSKKLKTEDGFVIPALPAAVSKSLQESGDTQEEDEEEEDLDADTEDPHSASLINSHLKILASSNFPFLNETKPGVYYVPY
SKLMPVLKSSVYEYVIASTLGPSAMRLSRCIRDNKLVSEKIINSTALMKEKDIRSTLASLIRYNSVEIQEVPRTADRSAS
RAVFLFRCKETHSYNFMRQNLEWNMANLLFKKEKLKQENSTLLKKANRDDVKGRENELLLPSELNQLKMVNERELNVFAR
LSRLLSLWEVFQMA
;
O
16 'polypeptide(L)'
;MSGMIENGLQLSDNAKTLHSQMMSKGIGALFTQQELQKQMGIGSLTDLMSIVQELLDKNLIKLVKQNDELKFQGVLESEA
QKKATMSAEEALVYSYIEASGREGIWSKTIKARTNLHQHVVLKCLKSLESQRYVKSVKSVKFPTRKIYMLYSLQPSVDIT
GGPWFTDGELDIEFINSLLTIVWRFISENTFPNGFKNFENGPKKNVFYAPNVKNYSTTQEILEFITAAQVANVELTPSNI
RSLCEVLVYDDKLEKVTHDCYRVTLESILQMNQGEGEPEAGNKALEDEEEFSIFNYFKMFPASKHDKEVVYFDEWTI
;
P
17 'polypeptide(L)'
;MSSYRGGSRGGGSNYMSNLPFGLGYGDVGKNHITEFPSIPLPINGPITNKERSLAVKYINFGKTVKDGPFYTGSMSLIID
QQENSKSGKRKPNIILDEDDTNDGIERYSDKYLKKRKIGISIDDHPYNLNLFPNELYNVMGINKKKLLAISKFNNADDVF
TGTGLQDENIGLSMLAKLKELAEDVDDASTGDGAAKGSKTGEGEDDDLADDDFEEDEDEEDDDDYNAEKYFNNGDDDDYG
DEEDPNEEAAF(UNK)(UNK)(UNK)(UNK)(UNK)(UNK)(UNK)(UNK)(UNK)(UNK)(UNK)(UNK)(UNK)
(UNK)(UNK)(UNK)(UNK)
;
Q
18 'polypeptide(L)'
;NVHTSESTRKYPYPFIHRMLAHANAQTIRYSLKNNTITYFNESDVDWSSAIDYQCPDCLIGKSTKHRHIKGSRLKYQNSY
EPFQYLHTDIFGPVHNLPNSAPSYFISFTDETTKFRWVYPLHDRREDSILDVFTTILAFIKNQFQASVLVIQMDRGSEYT
NRTLHKFLEKNGITPCYTTTADSRAHGVAERLNRTLLDDCRTQLQCSGLPNHLWFSAIEFSTIVRNSLASPKSKKSARQH
AGLAGLDISTLLPFGQPVIVNDHNPNSKIHPRGIPGYALHPSRNSYGYIIYLPSLKKTVDTTNYVILQGKESRLDQFNYD
ALTFDEDLNRLTASYHSFIASNEIQESNDLNIESDHDFQSDIELHPEQPRNVLSKAVSPTDSTPPSTHTEDSKRVSKTNI
RAPREVDPNISESNILPSKKRSSTPQISNIESTGSGGMHKLNVPLLAPMSQSNTHESSHASKSKDFRHSDSYSENETNHT
NVPISSTGGTNNKTVPQISDQETEKRIIHRSPSIDASPPENNSSHNIVPIKTPTTVSEQNTEESIIADLPLPDLPPESPT
EFPDPFKELPPINSRQTNSSLGGIGDSNAYTTINSKKRSLEDNETEIKVSRDTWNTKNMRSLEPPRSKKRIHLIA
;
W
19 'polypeptide(L)' (UNK)(UNK)(UNK)(UNK)(UNK)(UNK)(UNK)(UNK)(UNK)(UNK)(UNK)(UNK)(UNK) X
#
loop_
_chem_comp.id
_chem_comp.type
_chem_comp.name
_chem_comp.formula
MG non-polymer 'MAGNESIUM ION' 'Mg 2'
ZN non-polymer 'ZINC ION' 'Zn 2'
#
# COMPACT_ATOMS: atom_id res chain seq x y z
N LYS A 2 38.88 5.50 -44.87
CA LYS A 2 37.94 4.99 -43.89
C LYS A 2 37.71 5.99 -42.76
N GLU A 3 37.75 5.51 -41.53
CA GLU A 3 37.52 6.30 -40.31
C GLU A 3 36.38 7.30 -40.49
N VAL A 4 35.24 6.78 -40.96
CA VAL A 4 34.07 7.63 -41.19
C VAL A 4 33.60 8.21 -39.85
N VAL A 5 32.99 9.40 -39.91
CA VAL A 5 32.61 10.11 -38.71
C VAL A 5 31.46 9.37 -38.02
N VAL A 6 31.59 9.17 -36.72
CA VAL A 6 30.52 8.62 -35.88
C VAL A 6 30.07 9.71 -34.93
N SER A 7 28.76 9.95 -34.89
CA SER A 7 28.18 11.06 -34.14
C SER A 7 27.34 10.52 -32.99
N GLU A 8 27.58 11.04 -31.79
CA GLU A 8 26.79 10.74 -30.62
C GLU A 8 26.20 12.03 -30.07
N THR A 9 24.91 12.00 -29.73
CA THR A 9 24.22 13.15 -29.18
C THR A 9 23.44 12.70 -27.94
N PRO A 10 23.59 13.37 -26.81
CA PRO A 10 22.85 12.97 -25.61
C PRO A 10 21.35 13.09 -25.83
N LYS A 11 20.61 12.15 -25.25
CA LYS A 11 19.17 12.07 -25.46
C LYS A 11 18.48 11.62 -24.18
N ARG A 12 17.18 11.91 -24.12
CA ARG A 12 16.35 11.56 -22.97
C ARG A 12 15.01 11.04 -23.48
N ILE A 13 14.32 10.29 -22.63
CA ILE A 13 13.02 9.74 -22.99
C ILE A 13 11.99 10.85 -22.93
N LYS A 14 11.38 11.16 -24.08
CA LYS A 14 10.38 12.22 -24.14
C LYS A 14 8.98 11.70 -23.80
N GLY A 15 8.68 10.46 -24.18
CA GLY A 15 7.37 9.89 -23.92
C GLY A 15 7.35 8.43 -24.28
N LEU A 16 6.20 7.81 -24.00
CA LEU A 16 6.00 6.39 -24.24
C LEU A 16 4.78 6.18 -25.12
N GLU A 17 4.98 5.47 -26.24
CA GLU A 17 3.89 5.07 -27.12
C GLU A 17 3.56 3.62 -26.82
N PHE A 18 2.41 3.40 -26.17
CA PHE A 18 1.96 2.06 -25.86
C PHE A 18 1.13 1.51 -27.02
N SER A 19 1.30 0.23 -27.29
CA SER A 19 0.58 -0.44 -28.37
C SER A 19 0.70 -1.94 -28.14
N ALA A 20 0.30 -2.72 -29.14
CA ALA A 20 0.47 -4.17 -29.12
C ALA A 20 1.43 -4.58 -30.23
N LEU A 21 2.17 -5.65 -29.97
CA LEU A 21 3.14 -6.14 -30.95
C LEU A 21 2.42 -7.03 -31.96
N SER A 22 2.41 -6.61 -33.22
CA SER A 22 1.86 -7.45 -34.26
C SER A 22 2.73 -8.68 -34.47
N ALA A 23 2.16 -9.70 -35.11
CA ALA A 23 2.91 -10.92 -35.37
C ALA A 23 4.18 -10.65 -36.15
N ALA A 24 4.16 -9.65 -37.03
CA ALA A 24 5.39 -9.24 -37.71
C ALA A 24 6.43 -8.75 -36.71
N ASP A 25 6.01 -7.91 -35.76
CA ASP A 25 6.94 -7.35 -34.78
C ASP A 25 7.49 -8.43 -33.86
N ILE A 26 6.66 -9.39 -33.48
CA ILE A 26 7.10 -10.41 -32.51
C ILE A 26 8.22 -11.27 -33.09
N VAL A 27 8.08 -11.68 -34.36
CA VAL A 27 9.16 -12.42 -35.02
C VAL A 27 10.34 -11.51 -35.31
N ALA A 28 10.08 -10.25 -35.68
CA ALA A 28 11.17 -9.34 -36.00
C ALA A 28 12.08 -9.15 -34.80
N GLN A 29 11.51 -9.02 -33.61
CA GLN A 29 12.31 -8.90 -32.40
C GLN A 29 12.89 -10.24 -31.95
N SER A 30 12.16 -11.34 -32.16
CA SER A 30 12.61 -12.64 -31.68
C SER A 30 13.78 -13.16 -32.51
N GLU A 31 14.72 -13.81 -31.83
CA GLU A 31 15.91 -14.34 -32.48
C GLU A 31 15.87 -15.86 -32.62
N VAL A 32 14.86 -16.53 -32.06
CA VAL A 32 14.71 -17.97 -32.19
C VAL A 32 13.25 -18.32 -32.00
N GLU A 33 12.84 -19.46 -32.57
CA GLU A 33 11.51 -20.00 -32.36
C GLU A 33 11.61 -21.19 -31.41
N VAL A 34 10.78 -21.19 -30.38
CA VAL A 34 10.76 -22.25 -29.38
C VAL A 34 9.61 -23.18 -29.73
N SER A 35 9.92 -24.42 -30.08
CA SER A 35 8.93 -25.33 -30.61
C SER A 35 8.81 -26.59 -29.77
N THR A 36 9.89 -26.96 -29.10
CA THR A 36 9.93 -28.21 -28.35
C THR A 36 9.45 -28.00 -26.93
N ARG A 37 8.56 -28.88 -26.47
CA ARG A 37 8.00 -28.77 -25.13
C ARG A 37 9.07 -28.98 -24.06
N ASP A 38 10.14 -29.70 -24.40
CA ASP A 38 11.15 -30.06 -23.41
C ASP A 38 12.19 -28.97 -23.27
N LEU A 39 12.77 -28.87 -22.08
CA LEU A 39 13.87 -27.96 -21.81
C LEU A 39 15.22 -28.65 -21.81
N PHE A 40 15.28 -29.89 -21.32
CA PHE A 40 16.52 -30.66 -21.28
C PHE A 40 16.21 -32.11 -21.69
N ASP A 41 17.23 -32.78 -22.21
CA ASP A 41 17.14 -34.19 -22.59
C ASP A 41 18.15 -34.98 -21.78
N LEU A 42 17.83 -36.25 -21.50
CA LEU A 42 18.79 -37.13 -20.87
C LEU A 42 19.97 -37.40 -21.79
N GLU A 43 19.76 -37.30 -23.11
CA GLU A 43 20.80 -37.67 -24.06
C GLU A 43 21.86 -36.59 -24.16
N LYS A 44 21.51 -35.34 -23.88
CA LYS A 44 22.47 -34.24 -23.89
C LYS A 44 22.99 -33.92 -22.50
N ASP A 45 22.70 -34.77 -21.50
CA ASP A 45 23.13 -34.57 -20.12
C ASP A 45 22.65 -33.22 -19.57
N ARG A 46 21.34 -32.99 -19.70
CA ARG A 46 20.69 -31.80 -19.13
C ARG A 46 21.35 -30.50 -19.59
N ALA A 47 21.69 -30.44 -20.87
CA ALA A 47 22.26 -29.22 -21.42
C ALA A 47 21.19 -28.44 -22.16
N PRO A 48 21.09 -27.12 -21.96
CA PRO A 48 20.13 -26.33 -22.73
C PRO A 48 20.51 -26.25 -24.19
N LYS A 49 19.69 -26.81 -25.07
CA LYS A 49 19.97 -26.83 -26.50
C LYS A 49 18.87 -26.08 -27.26
N ALA A 50 18.93 -26.17 -28.59
CA ALA A 50 18.13 -25.31 -29.45
C ALA A 50 16.64 -25.60 -29.33
N ASN A 51 15.84 -24.55 -29.53
CA ASN A 51 14.40 -24.57 -29.70
C ASN A 51 13.64 -24.98 -28.44
N GLY A 52 14.32 -25.21 -27.32
CA GLY A 52 13.65 -25.50 -26.07
C GLY A 52 13.19 -24.25 -25.36
N ALA A 53 12.48 -24.46 -24.25
CA ALA A 53 11.97 -23.34 -23.45
C ALA A 53 13.11 -22.49 -22.92
N LEU A 54 14.18 -23.11 -22.44
CA LEU A 54 15.36 -22.42 -21.94
C LEU A 54 16.46 -22.40 -22.99
N ASP A 55 16.09 -22.25 -24.26
CA ASP A 55 17.07 -22.24 -25.33
C ASP A 55 18.09 -21.12 -25.10
N PRO A 56 19.38 -21.41 -25.22
CA PRO A 56 20.39 -20.36 -24.94
C PRO A 56 20.19 -19.09 -25.75
N LYS A 57 19.65 -19.19 -26.96
CA LYS A 57 19.51 -18.02 -27.82
C LYS A 57 18.63 -16.93 -27.21
N MET A 58 17.81 -17.28 -26.22
CA MET A 58 17.00 -16.29 -25.51
C MET A 58 17.67 -15.77 -24.25
N GLY A 59 18.89 -16.22 -23.95
CA GLY A 59 19.60 -15.79 -22.77
C GLY A 59 20.20 -16.96 -22.02
N VAL A 60 20.86 -16.64 -20.91
CA VAL A 60 21.49 -17.65 -20.06
C VAL A 60 21.13 -17.36 -18.61
N SER A 61 21.01 -18.42 -17.83
CA SER A 61 20.58 -18.33 -16.44
C SER A 61 21.76 -18.28 -15.46
N SER A 62 22.99 -18.11 -15.96
CA SER A 62 24.16 -18.12 -15.10
C SER A 62 25.24 -17.24 -15.70
N SER A 63 26.21 -16.87 -14.86
CA SER A 63 27.34 -16.06 -15.28
C SER A 63 28.45 -16.87 -15.94
N SER A 64 28.28 -18.19 -16.04
CA SER A 64 29.28 -19.06 -16.65
C SER A 64 28.71 -19.73 -17.89
N LEU A 65 28.04 -18.96 -18.74
CA LEU A 65 27.39 -19.49 -19.93
C LEU A 65 27.41 -18.43 -21.02
N GLU A 66 27.14 -18.88 -22.25
CA GLU A 66 27.11 -18.01 -23.42
C GLU A 66 25.74 -18.06 -24.07
N CYS A 67 25.28 -16.91 -24.54
CA CYS A 67 23.93 -16.79 -25.10
C CYS A 67 23.81 -17.36 -26.50
N ALA A 68 24.89 -17.32 -27.29
CA ALA A 68 24.91 -17.62 -28.73
C ALA A 68 24.17 -16.57 -29.55
N THR A 69 23.53 -15.59 -28.91
CA THR A 69 22.94 -14.45 -29.57
C THR A 69 23.81 -13.20 -29.44
N CYS A 70 24.21 -12.87 -28.22
CA CYS A 70 25.17 -11.81 -27.96
C CYS A 70 26.50 -12.32 -27.43
N HIS A 71 26.61 -13.63 -27.15
CA HIS A 71 27.82 -14.22 -26.61
C HIS A 71 28.24 -13.55 -25.30
N GLY A 72 27.26 -13.29 -24.45
CA GLY A 72 27.50 -12.61 -23.19
C GLY A 72 27.07 -13.47 -22.01
N ASN A 73 27.71 -13.23 -20.87
CA ASN A 73 27.38 -13.94 -19.64
C ASN A 73 26.12 -13.31 -19.03
N LEU A 74 25.81 -13.69 -17.78
CA LEU A 74 24.64 -13.14 -17.12
C LEU A 74 24.79 -11.64 -16.87
N ALA A 75 26.01 -11.16 -16.67
CA ALA A 75 26.25 -9.76 -16.37
C ALA A 75 26.25 -8.87 -17.60
N SER A 76 26.26 -9.43 -18.81
CA SER A 76 26.35 -8.63 -20.03
C SER A 76 25.18 -8.83 -20.98
N CYS A 77 24.49 -9.97 -20.93
CA CYS A 77 23.39 -10.22 -21.84
C CYS A 77 22.14 -9.48 -21.39
N HIS A 78 21.54 -8.74 -22.32
CA HIS A 78 20.31 -8.01 -22.03
C HIS A 78 19.07 -8.88 -22.11
N GLY A 79 19.22 -10.14 -22.48
CA GLY A 79 18.07 -11.01 -22.70
C GLY A 79 17.51 -10.84 -24.09
N HIS A 80 17.22 -11.94 -24.76
CA HIS A 80 16.72 -11.93 -26.12
C HIS A 80 15.40 -12.69 -26.18
N PHE A 81 14.51 -12.24 -27.05
CA PHE A 81 13.16 -12.76 -27.07
C PHE A 81 13.05 -13.95 -28.02
N GLY A 82 12.09 -14.82 -27.72
CA GLY A 82 11.73 -15.89 -28.61
C GLY A 82 10.24 -15.88 -28.87
N HIS A 83 9.85 -16.44 -30.01
CA HIS A 83 8.48 -16.40 -30.47
C HIS A 83 7.92 -17.82 -30.59
N LEU A 84 6.62 -17.92 -30.35
CA LEU A 84 5.89 -19.17 -30.52
C LEU A 84 4.81 -18.99 -31.57
N LYS A 85 4.56 -20.04 -32.35
CA LYS A 85 3.49 -20.05 -33.34
C LYS A 85 2.37 -20.93 -32.80
N LEU A 86 1.18 -20.34 -32.64
CA LEU A 86 0.00 -21.05 -32.18
C LEU A 86 -0.93 -21.31 -33.35
N ALA A 87 -1.23 -22.58 -33.59
CA ALA A 87 -2.33 -22.92 -34.47
C ALA A 87 -3.65 -22.66 -33.76
N LEU A 88 -4.65 -22.22 -34.54
CA LEU A 88 -5.96 -21.90 -33.98
C LEU A 88 -5.85 -20.89 -32.84
N PRO A 89 -5.62 -19.60 -33.16
CA PRO A 89 -5.36 -18.59 -32.12
C PRO A 89 -6.38 -18.51 -31.00
N VAL A 90 -6.02 -17.80 -29.92
CA VAL A 90 -6.81 -17.78 -28.70
C VAL A 90 -7.00 -16.33 -28.27
N PHE A 91 -7.96 -16.12 -27.36
CA PHE A 91 -8.29 -14.78 -26.88
C PHE A 91 -7.17 -14.21 -26.02
N HIS A 92 -7.17 -12.87 -25.90
CA HIS A 92 -6.22 -12.16 -25.06
C HIS A 92 -6.92 -11.75 -23.76
N ILE A 93 -6.36 -12.19 -22.64
CA ILE A 93 -6.98 -11.98 -21.34
C ILE A 93 -6.90 -10.50 -20.94
N GLY A 94 -5.75 -9.87 -21.17
CA GLY A 94 -5.62 -8.45 -20.90
C GLY A 94 -6.52 -7.60 -21.75
N TYR A 95 -6.79 -8.04 -22.98
CA TYR A 95 -7.61 -7.31 -23.93
C TYR A 95 -9.02 -7.88 -24.06
N PHE A 96 -9.53 -8.54 -23.02
CA PHE A 96 -10.83 -9.18 -23.15
C PHE A 96 -11.96 -8.15 -23.20
N LYS A 97 -11.94 -7.18 -22.30
CA LYS A 97 -12.94 -6.11 -22.37
C LYS A 97 -12.77 -5.27 -23.63
N ALA A 98 -11.52 -5.13 -24.09
CA ALA A 98 -11.29 -4.46 -25.37
C ALA A 98 -11.98 -5.20 -26.50
N THR A 99 -11.84 -6.52 -26.53
CA THR A 99 -12.51 -7.32 -27.56
C THR A 99 -14.03 -7.23 -27.42
N ILE A 100 -14.52 -7.23 -26.18
CA ILE A 100 -15.96 -7.12 -25.94
C ILE A 100 -16.49 -5.82 -26.52
N GLN A 101 -15.82 -4.70 -26.24
CA GLN A 101 -16.27 -3.41 -26.75
C GLN A 101 -16.09 -3.29 -28.26
N ILE A 102 -15.04 -3.92 -28.80
CA ILE A 102 -14.80 -3.81 -30.24
C ILE A 102 -15.85 -4.58 -31.02
N LEU A 103 -16.20 -5.78 -30.56
CA LEU A 103 -17.27 -6.52 -31.22
C LEU A 103 -18.63 -5.86 -31.04
N GLN A 104 -18.79 -5.04 -29.99
CA GLN A 104 -20.00 -4.24 -29.87
C GLN A 104 -20.12 -3.22 -31.00
N GLY A 105 -19.00 -2.59 -31.34
CA GLY A 105 -19.04 -1.50 -32.31
C GLY A 105 -19.42 -1.92 -33.71
N ILE A 106 -19.10 -3.14 -34.10
CA ILE A 106 -19.35 -3.61 -35.45
C ILE A 106 -20.42 -4.70 -35.42
N CYS A 107 -20.81 -5.15 -36.60
CA CYS A 107 -21.77 -6.25 -36.76
C CYS A 107 -21.03 -7.51 -37.16
N LYS A 108 -21.41 -8.64 -36.56
CA LYS A 108 -20.74 -9.91 -36.81
C LYS A 108 -21.11 -10.53 -38.14
N ASN A 109 -22.09 -9.97 -38.86
CA ASN A 109 -22.47 -10.53 -40.14
C ASN A 109 -21.56 -10.04 -41.26
N CYS A 110 -21.52 -8.73 -41.50
CA CYS A 110 -20.80 -8.16 -42.62
C CYS A 110 -19.52 -7.44 -42.20
N SER A 111 -19.11 -7.54 -40.93
CA SER A 111 -17.90 -6.89 -40.43
C SER A 111 -17.91 -5.39 -40.71
N ALA A 112 -19.05 -4.76 -40.48
CA ALA A 112 -19.20 -3.33 -40.66
C ALA A 112 -19.64 -2.70 -39.33
N ILE A 113 -19.15 -1.48 -39.10
CA ILE A 113 -19.41 -0.82 -37.82
C ILE A 113 -20.90 -0.57 -37.63
N LEU A 114 -21.34 -0.62 -36.37
CA LEU A 114 -22.73 -0.31 -36.04
C LEU A 114 -22.92 1.19 -35.90
N LEU A 115 -22.49 1.95 -36.90
CA LEU A 115 -22.61 3.39 -36.86
C LEU A 115 -22.98 3.89 -38.25
N SER A 116 -23.69 5.02 -38.28
CA SER A 116 -24.08 5.61 -39.54
C SER A 116 -22.94 6.43 -40.13
N GLU A 117 -22.72 6.29 -41.42
CA GLU A 117 -21.60 6.91 -42.11
C GLU A 117 -21.68 8.44 -42.13
N THR A 118 -22.70 9.05 -41.51
CA THR A 118 -22.77 10.50 -41.41
C THR A 118 -23.27 10.99 -40.06
N ASP A 119 -23.52 10.12 -39.09
CA ASP A 119 -24.09 10.53 -37.81
C ASP A 119 -23.02 10.89 -36.79
N LYS A 120 -22.12 9.96 -36.50
CA LYS A 120 -21.11 10.17 -35.47
C LYS A 120 -19.88 10.91 -35.97
N ARG A 121 -19.88 11.35 -37.23
CA ARG A 121 -18.74 12.13 -37.73
C ARG A 121 -18.66 13.51 -37.09
N GLN A 122 -19.76 14.04 -36.58
CA GLN A 122 -19.70 15.27 -35.80
C GLN A 122 -18.86 15.06 -34.54
N PHE A 123 -19.15 13.99 -33.79
CA PHE A 123 -18.32 13.65 -32.63
C PHE A 123 -16.91 13.29 -33.05
N LEU A 124 -16.74 12.67 -34.22
CA LEU A 124 -15.40 12.37 -34.70
C LEU A 124 -14.59 13.65 -34.90
N HIS A 125 -15.14 14.62 -35.62
CA HIS A 125 -14.47 15.90 -35.80
C HIS A 125 -14.27 16.62 -34.47
N GLU A 126 -15.18 16.40 -33.52
CA GLU A 126 -14.98 16.94 -32.17
C GLU A 126 -13.76 16.31 -31.51
N LEU A 127 -13.50 15.03 -31.79
CA LEU A 127 -12.37 14.34 -31.20
C LEU A 127 -11.03 14.99 -31.51
N ARG A 128 -10.96 15.76 -32.60
CA ARG A 128 -9.73 16.48 -32.97
C ARG A 128 -9.63 17.83 -32.29
N ARG A 129 -10.31 18.00 -31.17
CA ARG A 129 -10.16 19.20 -30.36
C ARG A 129 -8.74 19.27 -29.83
N PRO A 130 -8.05 20.41 -29.96
CA PRO A 130 -6.66 20.47 -29.47
C PRO A 130 -6.54 20.19 -27.99
N GLY A 131 -7.51 20.61 -27.19
CA GLY A 131 -7.53 20.25 -25.79
C GLY A 131 -8.46 19.09 -25.49
N VAL A 132 -7.89 17.89 -25.37
CA VAL A 132 -8.64 16.69 -25.04
C VAL A 132 -7.89 15.95 -23.94
N ASP A 133 -8.59 15.65 -22.84
CA ASP A 133 -8.00 14.95 -21.71
C ASP A 133 -8.36 13.47 -21.78
N ASN A 134 -7.85 12.72 -20.80
CA ASN A 134 -8.27 11.33 -20.64
C ASN A 134 -9.77 11.26 -20.38
N LEU A 135 -10.31 12.21 -19.61
CA LEU A 135 -11.74 12.25 -19.38
C LEU A 135 -12.52 12.43 -20.68
N ARG A 136 -12.09 13.37 -21.52
CA ARG A 136 -12.76 13.58 -22.80
C ARG A 136 -12.66 12.34 -23.68
N ARG A 137 -11.48 11.72 -23.72
CA ARG A 137 -11.31 10.51 -24.52
C ARG A 137 -12.27 9.42 -24.07
N MET A 138 -12.30 9.15 -22.76
CA MET A 138 -13.16 8.08 -22.25
C MET A 138 -14.63 8.40 -22.46
N GLY A 139 -15.01 9.67 -22.25
CA GLY A 139 -16.40 10.05 -22.42
C GLY A 139 -16.88 9.90 -23.85
N ILE A 140 -16.08 10.38 -24.81
CA ILE A 140 -16.48 10.29 -26.20
C ILE A 140 -16.49 8.83 -26.66
N LEU A 141 -15.52 8.04 -26.23
CA LEU A 141 -15.52 6.63 -26.59
C LEU A 141 -16.71 5.90 -25.98
N LYS A 142 -17.08 6.25 -24.75
CA LYS A 142 -18.26 5.67 -24.13
C LYS A 142 -19.53 6.06 -24.88
N LYS A 143 -19.62 7.32 -25.31
CA LYS A 143 -20.78 7.74 -26.08
C LYS A 143 -20.88 6.97 -27.40
N ILE A 144 -19.74 6.80 -28.08
CA ILE A 144 -19.74 6.03 -29.32
C ILE A 144 -20.15 4.59 -29.06
N LEU A 145 -19.60 3.97 -28.01
CA LEU A 145 -19.91 2.58 -27.68
C LEU A 145 -21.39 2.42 -27.36
N ASP A 146 -21.96 3.34 -26.58
CA ASP A 146 -23.37 3.23 -26.23
C ASP A 146 -24.26 3.49 -27.44
N GLN A 147 -23.86 4.40 -28.33
CA GLN A 147 -24.64 4.65 -29.53
C GLN A 147 -24.68 3.42 -30.42
N CYS A 148 -23.53 2.77 -30.63
CA CYS A 148 -23.54 1.56 -31.44
C CYS A 148 -24.17 0.38 -30.71
N LYS A 149 -24.20 0.43 -29.37
CA LYS A 149 -24.99 -0.54 -28.61
C LYS A 149 -26.47 -0.38 -28.91
N LYS A 150 -26.95 0.87 -28.95
CA LYS A 150 -28.34 1.14 -29.30
C LYS A 150 -28.63 0.74 -30.73
N GLN A 151 -27.70 1.01 -31.65
CA GLN A 151 -27.91 0.71 -33.06
C GLN A 151 -27.99 -0.79 -33.27
N ARG A 152 -29.20 -1.29 -33.56
CA ARG A 152 -29.39 -2.72 -33.76
C ARG A 152 -29.05 -3.13 -35.20
N ARG A 153 -29.62 -2.44 -36.18
CA ARG A 153 -29.48 -2.82 -37.57
C ARG A 153 -28.31 -2.07 -38.19
N CYS A 154 -27.37 -2.82 -38.76
CA CYS A 154 -26.25 -2.21 -39.47
C CYS A 154 -26.70 -1.73 -40.84
N LEU A 155 -26.09 -0.63 -41.31
CA LEU A 155 -26.47 -0.05 -42.59
C LEU A 155 -25.97 -0.86 -43.77
N HIS A 156 -25.09 -1.83 -43.56
CA HIS A 156 -24.68 -2.72 -44.63
C HIS A 156 -25.50 -4.01 -44.62
N CYS A 157 -25.72 -4.58 -43.44
CA CYS A 157 -26.56 -5.76 -43.27
C CYS A 157 -27.26 -5.64 -41.93
N GLY A 158 -28.58 -5.47 -41.96
CA GLY A 158 -29.33 -5.34 -40.73
C GLY A 158 -29.69 -6.68 -40.14
N ALA A 159 -28.89 -7.13 -39.17
CA ALA A 159 -29.09 -8.44 -38.54
C ALA A 159 -29.32 -8.33 -37.04
N LEU A 160 -29.65 -7.13 -36.54
CA LEU A 160 -30.06 -6.93 -35.15
C LEU A 160 -28.99 -7.38 -34.16
N ASN A 161 -27.87 -6.67 -34.20
CA ASN A 161 -26.84 -6.87 -33.17
C ASN A 161 -27.42 -6.50 -31.81
N GLY A 162 -27.24 -7.38 -30.83
CA GLY A 162 -27.81 -7.19 -29.52
C GLY A 162 -26.77 -6.98 -28.43
N VAL A 163 -26.57 -7.99 -27.58
CA VAL A 163 -25.62 -7.92 -26.49
C VAL A 163 -24.41 -8.79 -26.83
N VAL A 164 -23.25 -8.35 -26.36
CA VAL A 164 -21.97 -8.99 -26.67
C VAL A 164 -21.32 -9.43 -25.36
N LYS A 165 -22.15 -9.85 -24.40
CA LYS A 165 -21.67 -10.30 -23.11
C LYS A 165 -20.77 -11.53 -23.25
N LYS A 166 -20.13 -11.89 -22.14
CA LYS A 166 -19.29 -13.09 -22.08
C LYS A 166 -20.11 -14.27 -21.56
N ALA A 167 -19.45 -15.40 -21.39
CA ALA A 167 -20.11 -16.61 -20.93
C ALA A 167 -20.48 -16.49 -19.46
N ALA A 168 -21.49 -17.27 -19.07
CA ALA A 168 -21.94 -17.32 -17.69
C ALA A 168 -20.86 -17.89 -16.77
N ALA A 175 -14.83 -20.30 -17.79
CA ALA A 175 -15.65 -20.12 -18.97
C ALA A 175 -14.88 -19.29 -20.00
N LEU A 176 -14.99 -17.96 -19.88
CA LEU A 176 -14.25 -17.05 -20.76
C LEU A 176 -14.58 -17.31 -22.23
N LYS A 177 -15.87 -17.50 -22.52
CA LYS A 177 -16.43 -17.52 -23.86
C LYS A 177 -17.28 -16.28 -24.07
N ILE A 178 -17.46 -15.90 -25.34
CA ILE A 178 -18.29 -14.75 -25.69
C ILE A 178 -19.55 -15.26 -26.39
N ILE A 179 -20.70 -14.77 -25.94
CA ILE A 179 -21.98 -15.12 -26.54
C ILE A 179 -22.67 -13.84 -26.98
N HIS A 180 -23.19 -13.83 -28.20
CA HIS A 180 -23.92 -12.70 -28.74
C HIS A 180 -25.38 -13.09 -28.94
N ASP A 181 -26.28 -12.17 -28.58
CA ASP A 181 -27.71 -12.38 -28.76
C ASP A 181 -28.12 -11.80 -30.11
N THR A 182 -28.29 -12.67 -31.10
CA THR A 182 -28.71 -12.20 -32.42
C THR A 182 -30.16 -11.74 -32.42
N PHE A 183 -31.02 -12.38 -31.64
CA PHE A 183 -32.45 -12.12 -31.65
C PHE A 183 -32.93 -11.62 -30.30
N ARG A 184 -32.15 -10.75 -29.65
CA ARG A 184 -32.58 -10.20 -28.37
C ARG A 184 -33.82 -9.34 -28.50
N TRP A 185 -33.86 -8.47 -29.52
CA TRP A 185 -34.92 -7.49 -29.69
C TRP A 185 -35.95 -7.92 -30.73
N VAL A 186 -36.26 -9.21 -30.82
CA VAL A 186 -37.29 -9.70 -31.73
C VAL A 186 -38.51 -10.11 -30.92
N GLY A 187 -39.69 -9.77 -31.43
CA GLY A 187 -40.93 -10.18 -30.81
C GLY A 187 -42.14 -9.87 -31.67
N LYS A 188 -42.99 -10.88 -31.88
CA LYS A 188 -44.21 -10.74 -32.70
C LYS A 188 -43.88 -10.20 -34.08
N LYS A 189 -42.67 -10.51 -34.58
CA LYS A 189 -42.19 -10.00 -35.85
C LYS A 189 -41.69 -11.16 -36.70
N SER A 190 -41.80 -11.01 -38.02
CA SER A 190 -41.44 -12.05 -38.97
C SER A 190 -40.44 -11.50 -39.97
N ALA A 191 -39.39 -12.26 -40.22
CA ALA A 191 -38.30 -11.86 -41.10
C ALA A 191 -37.89 -13.05 -41.96
N PRO A 192 -37.28 -12.82 -43.12
CA PRO A 192 -36.65 -13.92 -43.85
C PRO A 192 -35.57 -14.61 -43.04
N GLU A 193 -34.82 -13.86 -42.23
CA GLU A 193 -33.87 -14.48 -41.31
C GLU A 193 -34.59 -15.37 -40.30
N LYS A 194 -35.74 -14.91 -39.81
CA LYS A 194 -36.53 -15.72 -38.88
C LYS A 194 -37.01 -17.00 -39.54
N ASP A 195 -37.48 -16.92 -40.78
CA ASP A 195 -37.91 -18.12 -41.50
C ASP A 195 -36.73 -19.08 -41.72
N ILE A 196 -35.56 -18.53 -42.06
CA ILE A 196 -34.38 -19.37 -42.26
C ILE A 196 -34.04 -20.10 -40.96
N TRP A 197 -33.98 -19.36 -39.85
CA TRP A 197 -33.65 -19.97 -38.57
C TRP A 197 -34.68 -21.02 -38.17
N VAL A 198 -35.96 -20.71 -38.36
CA VAL A 198 -37.03 -21.63 -37.96
C VAL A 198 -36.96 -22.91 -38.78
N GLY A 199 -36.76 -22.79 -40.10
CA GLY A 199 -36.63 -23.99 -40.91
C GLY A 199 -35.41 -24.81 -40.56
N GLU A 200 -34.27 -24.14 -40.34
CA GLU A 200 -33.06 -24.84 -39.94
C GLU A 200 -33.28 -25.64 -38.66
N TRP A 201 -33.84 -24.98 -37.64
CA TRP A 201 -34.04 -25.64 -36.36
C TRP A 201 -35.21 -26.62 -36.37
N LYS A 202 -36.09 -26.54 -37.37
CA LYS A 202 -37.03 -27.62 -37.60
C LYS A 202 -36.32 -28.84 -38.15
N GLU A 203 -35.34 -28.63 -39.03
CA GLU A 203 -34.54 -29.76 -39.51
C GLU A 203 -33.72 -30.39 -38.40
N VAL A 204 -33.42 -29.64 -37.33
CA VAL A 204 -32.71 -30.21 -36.19
C VAL A 204 -33.68 -30.95 -35.28
N LEU A 205 -34.83 -30.34 -34.97
CA LEU A 205 -35.83 -30.98 -34.13
C LEU A 205 -36.46 -32.19 -34.78
N ALA A 206 -36.26 -32.40 -36.08
CA ALA A 206 -36.82 -33.52 -36.80
C ALA A 206 -35.97 -34.79 -36.70
N HIS A 207 -34.78 -34.71 -36.11
CA HIS A 207 -33.89 -35.87 -36.01
C HIS A 207 -33.28 -36.00 -34.63
N ASN A 208 -33.95 -35.50 -33.60
CA ASN A 208 -33.39 -35.61 -32.25
C ASN A 208 -34.49 -35.84 -31.21
N PRO A 209 -34.42 -36.94 -30.46
CA PRO A 209 -35.42 -37.20 -29.42
C PRO A 209 -35.26 -36.35 -28.17
N GLU A 210 -34.19 -35.58 -28.04
CA GLU A 210 -33.92 -34.87 -26.79
C GLU A 210 -33.51 -33.42 -26.95
N LEU A 211 -33.15 -32.94 -28.15
CA LEU A 211 -32.68 -31.57 -28.31
C LEU A 211 -33.78 -30.53 -28.08
N GLU A 212 -35.01 -30.95 -27.77
CA GLU A 212 -36.10 -30.01 -27.56
C GLU A 212 -35.79 -29.06 -26.39
N ARG A 213 -35.24 -29.59 -25.31
CA ARG A 213 -34.88 -28.74 -24.19
C ARG A 213 -33.62 -27.93 -24.50
N TYR A 214 -32.68 -28.52 -25.23
CA TYR A 214 -31.35 -27.95 -25.40
C TYR A 214 -31.25 -26.96 -26.54
N VAL A 215 -32.32 -26.77 -27.32
CA VAL A 215 -32.32 -25.67 -28.28
C VAL A 215 -32.28 -24.32 -27.57
N LYS A 216 -32.66 -24.29 -26.30
CA LYS A 216 -32.65 -23.05 -25.53
C LYS A 216 -31.23 -22.52 -25.40
N ARG A 217 -31.12 -21.21 -25.14
CA ARG A 217 -29.84 -20.50 -25.11
C ARG A 217 -29.22 -20.68 -26.49
N CYS A 218 -28.02 -21.25 -26.61
CA CYS A 218 -27.43 -21.63 -27.90
C CYS A 218 -27.46 -20.47 -28.89
N MET A 219 -27.02 -19.31 -28.45
CA MET A 219 -27.03 -18.12 -29.28
C MET A 219 -25.71 -18.00 -30.03
N ASP A 220 -25.44 -16.81 -30.56
CA ASP A 220 -24.27 -16.60 -31.42
C ASP A 220 -23.00 -16.60 -30.59
N ASP A 221 -22.34 -17.75 -30.50
CA ASP A 221 -21.07 -17.85 -29.79
C ASP A 221 -19.96 -17.22 -30.62
N LEU A 222 -19.03 -16.57 -29.94
CA LEU A 222 -17.93 -15.85 -30.59
C LEU A 222 -16.61 -16.42 -30.05
N ASN A 223 -16.11 -17.45 -30.71
CA ASN A 223 -14.83 -18.04 -30.34
C ASN A 223 -13.67 -17.17 -30.82
N PRO A 224 -12.48 -17.35 -30.24
CA PRO A 224 -11.33 -16.55 -30.68
C PRO A 224 -11.03 -16.65 -32.16
N LEU A 225 -11.12 -17.84 -32.75
CA LEU A 225 -10.86 -17.98 -34.18
C LEU A 225 -11.90 -17.25 -35.01
N LYS A 226 -13.18 -17.37 -34.63
CA LYS A 226 -14.24 -16.68 -35.37
C LYS A 226 -14.06 -15.17 -35.29
N THR A 227 -13.73 -14.65 -34.11
CA THR A 227 -13.52 -13.22 -33.97
C THR A 227 -12.29 -12.75 -34.74
N LEU A 228 -11.20 -13.54 -34.71
CA LEU A 228 -10.01 -13.18 -35.46
C LEU A 228 -10.29 -13.12 -36.96
N ASN A 229 -11.02 -14.12 -37.48
CA ASN A 229 -11.42 -14.07 -38.87
C ASN A 229 -12.39 -12.93 -39.14
N LEU A 230 -13.21 -12.57 -38.16
CA LEU A 230 -14.06 -11.39 -38.28
C LEU A 230 -13.24 -10.11 -38.17
N PHE A 231 -12.25 -10.09 -37.26
CA PHE A 231 -11.43 -8.90 -37.09
C PHE A 231 -10.62 -8.60 -38.34
N LYS A 232 -10.13 -9.65 -39.02
CA LYS A 232 -9.34 -9.47 -40.23
C LYS A 232 -10.18 -8.99 -41.41
N GLN A 233 -11.49 -8.86 -41.25
CA GLN A 233 -12.36 -8.36 -42.30
C GLN A 233 -12.64 -6.86 -42.20
N ILE A 234 -12.14 -6.20 -41.16
CA ILE A 234 -12.47 -4.80 -40.91
C ILE A 234 -11.58 -3.91 -41.76
N LYS A 235 -12.20 -2.95 -42.46
CA LYS A 235 -11.45 -1.94 -43.18
C LYS A 235 -10.81 -0.96 -42.21
N SER A 236 -9.75 -0.30 -42.68
CA SER A 236 -9.07 0.71 -41.87
C SER A 236 -9.91 1.96 -41.67
N ALA A 237 -10.99 2.14 -42.44
CA ALA A 237 -11.75 3.39 -42.40
C ALA A 237 -12.34 3.64 -41.02
N ASP A 238 -12.89 2.60 -40.38
CA ASP A 238 -13.56 2.74 -39.09
C ASP A 238 -12.68 2.26 -37.94
N CYS A 239 -11.36 2.38 -38.07
CA CYS A 239 -10.45 2.07 -36.96
C CYS A 239 -10.43 3.19 -35.94
N GLU A 240 -10.49 4.44 -36.38
CA GLU A 240 -10.43 5.57 -35.46
C GLU A 240 -11.64 5.59 -34.54
N LEU A 241 -12.81 5.23 -35.05
CA LEU A 241 -14.00 5.14 -34.21
C LEU A 241 -13.84 4.05 -33.15
N LEU A 242 -13.21 2.93 -33.51
CA LEU A 242 -12.88 1.91 -32.54
C LEU A 242 -11.73 2.33 -31.61
N GLY A 243 -11.25 3.56 -31.72
CA GLY A 243 -10.20 4.04 -30.85
C GLY A 243 -8.85 3.41 -31.07
N ILE A 244 -8.60 2.89 -32.27
CA ILE A 244 -7.35 2.17 -32.58
C ILE A 244 -6.78 2.82 -33.83
N ASP A 245 -5.89 3.80 -33.64
CA ASP A 245 -5.25 4.51 -34.74
C ASP A 245 -4.50 3.55 -35.67
N ALA A 246 -4.98 3.40 -36.90
CA ALA A 246 -4.38 2.51 -37.88
C ALA A 246 -3.39 3.22 -38.79
N THR A 247 -2.81 4.33 -38.34
CA THR A 247 -1.76 4.98 -39.13
C THR A 247 -0.54 4.09 -39.26
N VAL A 248 -0.13 3.44 -38.16
CA VAL A 248 1.07 2.63 -38.13
C VAL A 248 0.68 1.15 -38.15
N PRO A 249 1.56 0.25 -38.62
CA PRO A 249 1.27 -1.17 -38.52
C PRO A 249 1.16 -1.61 -37.06
N SER A 250 0.43 -2.71 -36.86
CA SER A 250 0.00 -3.28 -35.58
C SER A 250 -1.20 -2.51 -35.03
N GLY A 251 -1.67 -1.46 -35.71
CA GLY A 251 -2.93 -0.84 -35.34
C GLY A 251 -4.15 -1.58 -35.81
N ARG A 252 -3.97 -2.64 -36.59
CA ARG A 252 -5.10 -3.46 -37.02
C ARG A 252 -5.65 -4.21 -35.80
N PRO A 253 -6.97 -4.25 -35.62
CA PRO A 253 -7.53 -4.97 -34.47
C PRO A 253 -7.14 -6.44 -34.39
N GLU A 254 -6.85 -7.09 -35.53
CA GLU A 254 -6.56 -8.52 -35.49
C GLU A 254 -5.23 -8.84 -34.80
N THR A 255 -4.34 -7.86 -34.63
CA THR A 255 -3.12 -8.08 -33.87
C THR A 255 -3.39 -8.21 -32.37
N TYR A 256 -4.61 -7.93 -31.93
CA TYR A 256 -4.97 -8.00 -30.52
C TYR A 256 -5.53 -9.36 -30.13
N ILE A 257 -5.42 -10.36 -31.00
CA ILE A 257 -5.79 -11.74 -30.71
C ILE A 257 -4.50 -12.53 -30.56
N TRP A 258 -4.43 -13.37 -29.51
CA TRP A 258 -3.22 -14.14 -29.25
C TRP A 258 -2.95 -15.10 -30.39
N ARG A 259 -1.97 -14.78 -31.23
CA ARG A 259 -1.50 -15.67 -32.29
C ARG A 259 -0.06 -16.09 -32.08
N TYR A 260 0.82 -15.12 -31.84
CA TYR A 260 2.20 -15.37 -31.49
C TYR A 260 2.41 -15.11 -30.01
N LEU A 261 3.14 -16.01 -29.35
CA LEU A 261 3.52 -15.81 -27.96
C LEU A 261 4.97 -15.36 -27.92
N PRO A 262 5.26 -14.16 -27.43
CA PRO A 262 6.66 -13.74 -27.29
C PRO A 262 7.30 -14.31 -26.03
N ALA A 263 7.84 -15.52 -26.14
CA ALA A 263 8.46 -16.17 -24.99
C ALA A 263 9.54 -15.26 -24.41
N PRO A 264 9.47 -14.94 -23.12
CA PRO A 264 10.35 -13.90 -22.55
C PRO A 264 11.79 -14.34 -22.53
N PRO A 265 12.72 -13.41 -22.44
CA PRO A 265 14.14 -13.77 -22.31
C PRO A 265 14.40 -14.51 -21.01
N VAL A 266 15.51 -15.25 -21.00
CA VAL A 266 15.86 -16.06 -19.83
C VAL A 266 16.04 -15.17 -18.60
N CYS A 267 16.65 -14.00 -18.78
CA CYS A 267 16.84 -13.07 -17.67
C CYS A 267 15.52 -12.60 -17.08
N ILE A 268 14.44 -12.60 -17.86
CA ILE A 268 13.13 -12.21 -17.34
C ILE A 268 12.63 -13.26 -16.34
N ARG A 269 12.85 -14.54 -16.65
CA ARG A 269 12.38 -15.65 -15.83
C ARG A 269 13.57 -16.54 -15.47
N PRO A 270 14.32 -16.16 -14.44
CA PRO A 270 15.56 -16.88 -14.14
C PRO A 270 15.32 -18.28 -13.59
N SER A 271 16.25 -19.17 -13.90
CA SER A 271 16.24 -20.54 -13.41
C SER A 271 17.27 -20.66 -12.29
N VAL A 272 16.82 -21.07 -11.11
CA VAL A 272 17.70 -21.13 -9.95
C VAL A 272 18.62 -22.33 -10.07
N MET A 273 19.78 -22.25 -9.41
CA MET A 273 20.85 -23.23 -9.53
C MET A 273 21.02 -24.00 -8.22
N MET A 274 21.03 -25.33 -8.33
CA MET A 274 21.20 -26.21 -7.13
C MET A 274 20.08 -25.92 -6.12
N GLN A 275 18.82 -26.07 -6.55
CA GLN A 275 17.68 -25.88 -5.62
C GLN A 275 17.12 -27.27 -5.26
N ASP A 276 17.06 -27.59 -3.97
CA ASP A 276 16.59 -28.93 -3.53
C ASP A 276 17.44 -30.00 -4.23
N SER A 277 16.90 -30.62 -5.27
CA SER A 277 17.66 -31.64 -6.05
C SER A 277 18.92 -31.00 -6.62
N PRO A 278 20.05 -31.74 -6.75
CA PRO A 278 21.25 -31.18 -7.38
C PRO A 278 20.89 -30.51 -8.71
N ALA A 279 19.76 -30.89 -9.31
CA ALA A 279 19.36 -30.34 -10.60
C ALA A 279 18.83 -28.91 -10.42
N SER A 280 19.00 -28.10 -11.47
CA SER A 280 18.52 -26.73 -11.43
C SER A 280 17.00 -26.69 -11.39
N ASN A 281 16.47 -25.70 -10.69
CA ASN A 281 15.03 -25.52 -10.56
C ASN A 281 14.57 -24.41 -11.50
N GLU A 282 13.59 -24.72 -12.35
CA GLU A 282 13.02 -23.75 -13.25
C GLU A 282 11.95 -22.96 -12.50
N ASP A 283 11.17 -22.15 -13.21
CA ASP A 283 10.21 -21.27 -12.57
C ASP A 283 8.83 -21.39 -13.23
N ASP A 284 7.88 -20.68 -12.63
CA ASP A 284 6.47 -20.80 -13.01
C ASP A 284 6.25 -20.40 -14.47
N LEU A 285 6.85 -19.29 -14.90
CA LEU A 285 6.62 -18.82 -16.26
C LEU A 285 7.19 -19.79 -17.28
N THR A 286 8.38 -20.32 -17.04
CA THR A 286 8.94 -21.29 -17.97
C THR A 286 8.10 -22.56 -18.01
N VAL A 287 7.62 -23.02 -16.85
CA VAL A 287 6.76 -24.21 -16.82
C VAL A 287 5.49 -23.96 -17.62
N LYS A 288 4.87 -22.79 -17.42
CA LYS A 288 3.63 -22.46 -18.11
C LYS A 288 3.85 -22.40 -19.62
N LEU A 289 4.96 -21.80 -20.07
CA LEU A 289 5.18 -21.73 -21.50
C LEU A 289 5.55 -23.09 -22.09
N THR A 290 6.20 -23.96 -21.30
CA THR A 290 6.42 -25.33 -21.76
C THR A 290 5.08 -26.03 -21.99
N GLU A 291 4.15 -25.89 -21.04
CA GLU A 291 2.84 -26.50 -21.19
C GLU A 291 2.09 -25.91 -22.38
N ILE A 292 2.20 -24.60 -22.58
CA ILE A 292 1.53 -23.96 -23.71
C ILE A 292 2.11 -24.45 -25.03
N VAL A 293 3.43 -24.60 -25.11
CA VAL A 293 4.06 -25.14 -26.31
C VAL A 293 3.61 -26.57 -26.55
N TRP A 294 3.50 -27.37 -25.48
CA TRP A 294 3.02 -28.74 -25.61
C TRP A 294 1.61 -28.78 -26.19
N THR A 295 0.71 -27.96 -25.63
CA THR A 295 -0.68 -27.98 -26.11
C THR A 295 -0.78 -27.43 -27.53
N SER A 296 0.05 -26.44 -27.87
CA SER A 296 0.09 -25.95 -29.24
C SER A 296 0.54 -27.03 -30.20
N SER A 297 1.55 -27.81 -29.83
CA SER A 297 2.00 -28.91 -30.67
C SER A 297 0.92 -29.98 -30.80
N LEU A 298 0.20 -30.25 -29.70
CA LEU A 298 -0.90 -31.22 -29.76
C LEU A 298 -1.99 -30.77 -30.72
N ILE A 299 -2.39 -29.49 -30.62
CA ILE A 299 -3.44 -28.98 -31.50
C ILE A 299 -2.95 -28.93 -32.94
N LYS A 300 -1.67 -28.62 -33.14
CA LYS A 300 -1.09 -28.62 -34.48
C LYS A 300 -1.10 -30.01 -35.08
N ALA A 301 -0.84 -31.04 -34.26
CA ALA A 301 -0.94 -32.41 -34.72
C ALA A 301 -2.38 -32.77 -35.07
N GLY A 302 -3.34 -32.33 -34.25
CA GLY A 302 -4.74 -32.66 -34.48
C GLY A 302 -5.31 -32.13 -35.78
N LEU A 303 -4.60 -31.20 -36.44
CA LEU A 303 -5.04 -30.72 -37.74
C LEU A 303 -4.79 -31.76 -38.82
N ASP A 304 -3.67 -32.48 -38.73
CA ASP A 304 -3.25 -33.40 -39.77
C ASP A 304 -3.84 -34.80 -39.64
N LYS A 305 -4.49 -35.11 -38.51
CA LYS A 305 -5.04 -36.44 -38.29
C LYS A 305 -6.56 -36.47 -38.20
N GLY A 306 -7.19 -35.39 -37.76
CA GLY A 306 -8.63 -35.36 -37.62
C GLY A 306 -9.11 -35.98 -36.33
N ILE A 307 -8.65 -35.46 -35.20
CA ILE A 307 -9.05 -35.96 -33.90
C ILE A 307 -10.48 -35.49 -33.61
N SER A 308 -11.09 -36.04 -32.56
CA SER A 308 -12.41 -35.60 -32.15
C SER A 308 -12.40 -34.10 -31.87
N ILE A 309 -13.28 -33.38 -32.55
CA ILE A 309 -13.32 -31.92 -32.38
C ILE A 309 -13.83 -31.55 -30.99
N ASN A 310 -14.77 -32.33 -30.46
CA ASN A 310 -15.20 -32.11 -29.08
C ASN A 310 -14.04 -32.34 -28.11
N ASN A 311 -13.25 -33.39 -28.35
CA ASN A 311 -12.00 -33.55 -27.60
C ASN A 311 -11.02 -32.44 -27.93
N MET A 312 -10.96 -32.01 -29.19
CA MET A 312 -10.15 -30.87 -29.55
C MET A 312 -10.65 -29.60 -28.87
N MET A 313 -11.96 -29.46 -28.72
CA MET A 313 -12.50 -28.31 -28.00
C MET A 313 -12.08 -28.29 -26.55
N GLU A 314 -11.83 -29.46 -25.96
CA GLU A 314 -11.30 -29.50 -24.60
C GLU A 314 -9.91 -28.89 -24.54
N HIS A 315 -9.02 -29.32 -25.44
CA HIS A 315 -7.65 -28.83 -25.43
C HIS A 315 -7.58 -27.37 -25.83
N TRP A 316 -8.39 -26.96 -26.81
CA TRP A 316 -8.43 -25.55 -27.19
C TRP A 316 -8.92 -24.66 -26.06
N ASP A 317 -9.89 -25.13 -25.27
CA ASP A 317 -10.37 -24.34 -24.14
C ASP A 317 -9.31 -24.24 -23.05
N TYR A 318 -8.53 -25.30 -22.84
CA TYR A 318 -7.46 -25.25 -21.85
C TYR A 318 -6.40 -24.24 -22.23
N LEU A 319 -6.18 -24.04 -23.54
CA LEU A 319 -5.27 -23.00 -23.98
C LEU A 319 -5.72 -21.63 -23.49
N GLN A 320 -7.02 -21.36 -23.61
CA GLN A 320 -7.53 -20.09 -23.15
C GLN A 320 -7.49 -20.00 -21.63
N LEU A 321 -7.45 -21.15 -20.94
CA LEU A 321 -7.34 -21.17 -19.49
C LEU A 321 -5.89 -21.13 -19.03
N THR A 322 -4.97 -21.78 -19.76
CA THR A 322 -3.58 -21.80 -19.33
C THR A 322 -2.88 -20.48 -19.61
N VAL A 323 -3.28 -19.77 -20.67
CA VAL A 323 -2.67 -18.47 -20.95
C VAL A 323 -3.27 -17.40 -20.06
N ALA A 324 -4.48 -17.65 -19.51
CA ALA A 324 -5.08 -16.70 -18.58
C ALA A 324 -4.22 -16.55 -17.32
N MET A 325 -3.91 -17.67 -16.68
CA MET A 325 -3.06 -17.61 -15.48
C MET A 325 -1.63 -17.22 -15.84
N TYR A 326 -1.19 -17.53 -17.05
CA TYR A 326 0.14 -17.12 -17.50
C TYR A 326 0.27 -15.61 -17.51
N ILE A 327 -0.77 -14.92 -17.99
CA ILE A 327 -0.75 -13.46 -17.99
C ILE A 327 -1.18 -12.91 -16.63
N ASN A 328 -2.29 -13.40 -16.10
CA ASN A 328 -2.83 -12.90 -14.84
C ASN A 328 -3.67 -14.00 -14.21
N SER A 329 -3.17 -14.61 -13.13
CA SER A 329 -3.88 -15.70 -12.50
C SER A 329 -5.10 -15.19 -11.76
N ASP A 330 -6.25 -15.19 -12.46
CA ASP A 330 -7.50 -14.70 -11.90
C ASP A 330 -8.60 -15.76 -11.83
N SER A 331 -8.52 -16.81 -12.64
CA SER A 331 -9.52 -17.87 -12.65
C SER A 331 -9.05 -19.02 -11.76
N VAL A 332 -9.93 -19.46 -10.87
CA VAL A 332 -9.63 -20.56 -9.96
C VAL A 332 -9.31 -21.84 -10.74
N LYS A 348 -4.52 -21.02 -5.18
CA LYS A 348 -4.12 -20.49 -6.48
C LYS A 348 -2.78 -19.75 -6.37
N PRO A 349 -1.68 -20.49 -6.28
CA PRO A 349 -0.36 -19.88 -6.14
C PRO A 349 0.40 -19.64 -7.43
N ILE A 350 -0.22 -19.85 -8.59
CA ILE A 350 0.47 -19.64 -9.86
C ILE A 350 0.75 -18.15 -10.02
N ARG A 351 2.02 -17.80 -10.09
CA ARG A 351 2.44 -16.40 -10.17
C ARG A 351 2.52 -16.00 -11.64
N GLY A 352 1.52 -15.22 -12.09
CA GLY A 352 1.47 -14.78 -13.47
C GLY A 352 2.26 -13.51 -13.71
N PHE A 353 2.16 -13.02 -14.96
CA PHE A 353 2.86 -11.79 -15.32
C PHE A 353 2.27 -10.59 -14.61
N CYS A 354 0.95 -10.55 -14.44
CA CYS A 354 0.34 -9.45 -13.71
C CYS A 354 0.48 -9.62 -12.20
N GLN A 355 0.85 -10.81 -11.73
CA GLN A 355 1.19 -10.97 -10.32
C GLN A 355 2.58 -10.42 -10.02
N ARG A 356 3.47 -10.46 -11.01
CA ARG A 356 4.78 -9.85 -10.85
C ARG A 356 4.67 -8.34 -10.68
N LEU A 357 3.78 -7.71 -11.44
CA LEU A 357 3.66 -6.25 -11.45
C LEU A 357 2.79 -5.72 -10.32
N LYS A 358 1.82 -6.48 -9.85
CA LYS A 358 0.88 -6.03 -8.84
C LYS A 358 1.30 -6.49 -7.45
N GLY A 359 1.19 -5.60 -6.47
CA GLY A 359 1.49 -5.94 -5.10
C GLY A 359 2.45 -4.99 -4.41
N LYS A 360 2.48 -5.04 -3.07
CA LYS A 360 3.44 -4.25 -2.32
C LYS A 360 4.87 -4.66 -2.63
N GLN A 361 5.12 -5.97 -2.71
CA GLN A 361 6.41 -6.50 -3.13
C GLN A 361 6.41 -6.91 -4.59
N GLY A 362 5.61 -6.23 -5.42
CA GLY A 362 5.51 -6.55 -6.82
C GLY A 362 6.62 -5.93 -7.65
N ARG A 363 6.26 -5.30 -8.78
CA ARG A 363 7.25 -4.69 -9.65
C ARG A 363 7.28 -3.17 -9.49
N PHE A 364 6.14 -2.50 -9.71
CA PHE A 364 6.14 -1.04 -9.61
C PHE A 364 6.47 -0.60 -8.20
N ARG A 365 5.58 -0.87 -7.24
CA ARG A 365 5.74 -0.35 -5.88
C ARG A 365 6.90 -0.99 -5.14
N GLY A 366 7.52 -2.03 -5.68
CA GLY A 366 8.63 -2.68 -5.01
C GLY A 366 9.99 -2.43 -5.63
N ASN A 367 10.02 -2.07 -6.92
CA ASN A 367 11.30 -1.91 -7.61
C ASN A 367 11.42 -0.69 -8.50
N LEU A 368 10.34 0.00 -8.87
CA LEU A 368 10.43 1.10 -9.81
C LEU A 368 10.54 2.45 -9.11
N SER A 369 9.59 2.77 -8.23
CA SER A 369 9.66 3.95 -7.38
C SER A 369 9.83 3.46 -5.95
N GLY A 370 11.07 3.17 -5.58
CA GLY A 370 11.36 2.54 -4.31
C GLY A 370 12.11 1.24 -4.49
N LYS A 371 13.30 1.14 -3.91
CA LYS A 371 14.16 -0.01 -4.11
C LYS A 371 15.25 0.00 -3.03
N ARG A 372 16.08 -1.04 -3.07
CA ARG A 372 17.22 -1.14 -2.15
C ARG A 372 18.43 -0.46 -2.75
N VAL A 373 19.22 0.18 -1.91
CA VAL A 373 20.28 1.06 -2.37
C VAL A 373 21.62 0.56 -1.84
N ASP A 374 22.67 0.81 -2.62
CA ASP A 374 24.03 0.57 -2.19
C ASP A 374 24.52 1.73 -1.33
N PHE A 375 25.65 1.50 -0.65
CA PHE A 375 26.30 2.51 0.19
C PHE A 375 25.32 3.06 1.23
N SER A 376 24.83 2.14 2.06
CA SER A 376 23.87 2.48 3.11
C SER A 376 24.13 1.59 4.31
N GLY A 377 23.77 2.09 5.49
CA GLY A 377 23.94 1.35 6.71
C GLY A 377 22.77 1.54 7.64
N ARG A 378 22.70 0.69 8.66
CA ARG A 378 21.64 0.78 9.65
C ARG A 378 22.14 0.14 10.95
N THR A 379 22.02 0.87 12.05
CA THR A 379 22.37 0.35 13.35
C THR A 379 21.56 1.10 14.41
N VAL A 380 21.76 0.70 15.68
CA VAL A 380 21.09 1.35 16.79
C VAL A 380 21.60 2.78 16.93
N ILE A 381 20.73 3.67 17.40
CA ILE A 381 21.07 5.07 17.60
C ILE A 381 21.19 5.37 19.08
N SER A 382 22.19 6.17 19.43
CA SER A 382 22.49 6.58 20.80
C SER A 382 22.60 8.09 20.85
N PRO A 383 22.43 8.68 22.01
CA PRO A 383 22.54 10.14 22.13
C PRO A 383 23.99 10.61 22.18
N ASP A 384 24.19 11.87 21.76
CA ASP A 384 25.49 12.51 21.82
C ASP A 384 25.29 14.02 21.88
N PRO A 385 25.37 14.62 23.07
CA PRO A 385 25.19 16.08 23.16
C PRO A 385 26.35 16.87 22.60
N ASN A 386 27.56 16.32 22.66
CA ASN A 386 28.75 17.00 22.16
C ASN A 386 28.84 16.96 20.65
N LEU A 387 27.86 16.34 20.00
CA LEU A 387 27.73 16.35 18.54
C LEU A 387 26.93 17.57 18.13
N SER A 388 27.41 18.29 17.12
CA SER A 388 26.64 19.40 16.57
C SER A 388 25.31 18.88 16.03
N ILE A 389 24.28 19.73 16.09
CA ILE A 389 22.95 19.30 15.67
C ILE A 389 22.94 18.88 14.21
N ASP A 390 23.86 19.44 13.41
CA ASP A 390 23.97 19.08 12.00
C ASP A 390 25.03 18.00 11.77
N GLU A 391 25.35 17.21 12.78
CA GLU A 391 26.33 16.14 12.66
C GLU A 391 25.70 14.83 13.14
N VAL A 392 26.23 13.73 12.63
CA VAL A 392 25.87 12.39 13.07
C VAL A 392 27.17 11.62 13.31
N ALA A 393 27.24 10.92 14.44
CA ALA A 393 28.41 10.12 14.76
C ALA A 393 28.27 8.76 14.10
N VAL A 394 29.27 8.38 13.32
CA VAL A 394 29.24 7.17 12.52
C VAL A 394 30.31 6.22 13.06
N PRO A 395 29.99 4.95 13.30
CA PRO A 395 31.01 4.00 13.74
C PRO A 395 32.15 3.91 12.74
N ASP A 396 33.38 3.81 13.27
CA ASP A 396 34.54 3.63 12.40
C ASP A 396 34.45 2.33 11.62
N ARG A 397 33.80 1.31 12.18
CA ARG A 397 33.65 0.03 11.49
C ARG A 397 32.80 0.18 10.24
N VAL A 398 31.71 0.96 10.32
CA VAL A 398 30.89 1.15 9.14
C VAL A 398 31.43 2.27 8.25
N ALA A 399 32.28 3.13 8.78
CA ALA A 399 32.99 4.10 7.94
C ALA A 399 34.10 3.45 7.13
N LYS A 400 34.63 2.32 7.58
CA LYS A 400 35.65 1.60 6.83
C LYS A 400 35.07 0.79 5.69
N VAL A 401 33.76 0.61 5.61
CA VAL A 401 33.12 -0.09 4.51
C VAL A 401 32.30 0.85 3.65
N LEU A 402 31.61 1.83 4.25
CA LEU A 402 30.94 2.85 3.47
C LEU A 402 31.99 3.84 2.95
N THR A 403 31.95 4.10 1.65
CA THR A 403 32.98 4.90 1.00
C THR A 403 32.35 5.99 0.15
N TYR A 404 33.17 6.98 -0.19
CA TYR A 404 32.82 7.99 -1.16
C TYR A 404 33.76 7.91 -2.35
N PRO A 405 33.26 7.91 -3.58
CA PRO A 405 34.15 7.81 -4.74
C PRO A 405 34.76 9.15 -5.12
N GLU A 406 35.85 9.52 -4.46
CA GLU A 406 36.50 10.81 -4.69
C GLU A 406 37.41 10.71 -5.91
N LYS A 407 37.13 11.52 -6.93
CA LYS A 407 37.98 11.60 -8.10
C LYS A 407 39.24 12.41 -7.77
N VAL A 408 40.37 11.96 -8.28
CA VAL A 408 41.64 12.64 -8.04
C VAL A 408 41.71 13.88 -8.93
N THR A 409 41.94 15.03 -8.31
CA THR A 409 42.17 16.28 -9.01
C THR A 409 43.55 16.80 -8.66
N ARG A 410 43.88 17.97 -9.20
CA ARG A 410 45.12 18.63 -8.81
C ARG A 410 45.09 19.16 -7.38
N TYR A 411 43.91 19.18 -6.76
CA TYR A 411 43.74 19.77 -5.43
C TYR A 411 43.83 18.75 -4.29
N ASN A 412 43.54 17.47 -4.55
CA ASN A 412 43.47 16.47 -3.49
C ASN A 412 44.33 15.24 -3.74
N ARG A 413 45.26 15.31 -4.70
CA ARG A 413 46.04 14.13 -5.05
C ARG A 413 46.90 13.65 -3.89
N HIS A 414 47.53 14.57 -3.17
CA HIS A 414 48.36 14.18 -2.03
C HIS A 414 47.53 13.51 -0.94
N LYS A 415 46.35 14.06 -0.65
CA LYS A 415 45.46 13.48 0.34
C LYS A 415 45.05 12.07 -0.06
N LEU A 416 44.67 11.89 -1.33
CA LEU A 416 44.24 10.58 -1.78
C LEU A 416 45.40 9.59 -1.82
N GLN A 417 46.62 10.08 -2.08
CA GLN A 417 47.80 9.21 -1.98
C GLN A 417 48.00 8.73 -0.55
N GLU A 418 47.86 9.63 0.42
CA GLU A 418 47.98 9.23 1.81
C GLU A 418 46.91 8.21 2.17
N LEU A 419 45.67 8.41 1.68
CA LEU A 419 44.60 7.47 1.95
C LEU A 419 44.89 6.10 1.34
N ILE A 420 45.43 6.09 0.12
CA ILE A 420 45.78 4.82 -0.53
C ILE A 420 46.87 4.11 0.26
N VAL A 421 47.88 4.86 0.71
CA VAL A 421 48.93 4.26 1.53
C VAL A 421 48.35 3.66 2.80
N ASN A 422 47.42 4.37 3.44
CA ASN A 422 46.74 3.83 4.61
C ASN A 422 46.01 2.54 4.28
N GLY A 423 45.31 2.51 3.16
CA GLY A 423 44.67 1.30 2.68
C GLY A 423 43.33 1.04 3.33
N PRO A 424 42.82 -0.18 3.12
CA PRO A 424 41.44 -0.48 3.54
C PRO A 424 41.30 -0.89 5.00
N ASN A 425 42.39 -0.96 5.76
CA ASN A 425 42.34 -1.55 7.10
C ASN A 425 42.49 -0.54 8.23
N VAL A 426 42.95 0.68 7.95
CA VAL A 426 42.97 1.75 8.94
C VAL A 426 42.05 2.87 8.43
N HIS A 427 41.27 3.46 9.35
CA HIS A 427 40.07 4.18 8.93
C HIS A 427 40.30 5.30 7.93
N PRO A 428 41.22 6.25 8.18
CA PRO A 428 41.47 7.25 7.14
C PRO A 428 42.19 6.62 5.97
N GLY A 429 41.47 5.76 5.23
CA GLY A 429 42.06 5.01 4.14
C GLY A 429 41.11 4.85 2.97
N ALA A 430 41.32 3.81 2.18
CA ALA A 430 40.54 3.62 0.96
C ALA A 430 40.43 2.13 0.68
N ASN A 431 39.30 1.75 0.09
CA ASN A 431 39.03 0.35 -0.21
C ASN A 431 39.30 -0.02 -1.67
N TYR A 432 39.11 0.91 -2.59
CA TYR A 432 39.22 0.59 -4.01
C TYR A 432 39.86 1.76 -4.77
N LEU A 433 40.54 1.41 -5.86
CA LEU A 433 41.09 2.38 -6.78
C LEU A 433 40.61 2.04 -8.19
N LEU A 434 40.01 3.01 -8.86
CA LEU A 434 39.59 2.87 -10.24
C LEU A 434 40.48 3.76 -11.09
N LYS A 435 41.35 3.15 -11.89
CA LYS A 435 42.25 3.92 -12.74
C LYS A 435 41.47 4.60 -13.86
N ARG A 436 42.04 5.70 -14.36
CA ARG A 436 41.36 6.51 -15.36
C ARG A 436 41.15 5.72 -16.65
N ASN A 437 42.13 4.92 -17.05
CA ASN A 437 42.10 4.24 -18.34
C ASN A 437 41.69 2.77 -18.22
N GLU A 438 41.18 2.34 -17.08
CA GLU A 438 40.78 0.96 -16.87
C GLU A 438 39.29 0.86 -16.60
N ASP A 439 38.80 -0.38 -16.59
CA ASP A 439 37.38 -0.65 -16.49
C ASP A 439 36.98 -1.38 -15.21
N ALA A 440 37.94 -1.92 -14.46
CA ALA A 440 37.66 -2.65 -13.23
C ALA A 440 38.43 -2.01 -12.09
N ARG A 441 37.76 -1.81 -10.96
CA ARG A 441 38.40 -1.21 -9.80
C ARG A 441 39.39 -2.18 -9.18
N ARG A 442 40.44 -1.62 -8.58
CA ARG A 442 41.48 -2.41 -7.95
C ARG A 442 41.19 -2.51 -6.46
N ASN A 443 40.99 -3.74 -5.98
CA ASN A 443 40.87 -3.96 -4.55
C ASN A 443 42.18 -3.60 -3.87
N LEU A 444 42.10 -2.78 -2.82
CA LEU A 444 43.30 -2.30 -2.15
C LEU A 444 43.78 -3.25 -1.05
N ARG A 445 43.14 -4.41 -0.91
CA ARG A 445 43.64 -5.43 0.02
C ARG A 445 45.03 -5.91 -0.41
N TYR A 446 45.25 -6.03 -1.73
CA TYR A 446 46.49 -6.55 -2.28
C TYR A 446 46.99 -5.64 -3.38
N GLY A 447 48.31 -5.60 -3.54
CA GLY A 447 48.89 -4.93 -4.69
C GLY A 447 49.93 -3.87 -4.42
N ASP A 448 50.46 -3.80 -3.19
CA ASP A 448 51.49 -2.83 -2.81
C ASP A 448 51.00 -1.40 -3.07
N ARG A 449 50.01 -1.00 -2.27
CA ARG A 449 49.35 0.29 -2.45
C ARG A 449 50.31 1.46 -2.50
N MET A 450 51.57 1.28 -2.07
CA MET A 450 52.54 2.34 -2.22
C MET A 450 52.82 2.65 -3.70
N LYS A 451 52.88 1.61 -4.54
CA LYS A 451 53.05 1.83 -5.96
C LYS A 451 51.84 2.55 -6.57
N LEU A 452 50.64 2.13 -6.18
CA LEU A 452 49.43 2.77 -6.68
C LEU A 452 49.34 4.22 -6.23
N ALA A 453 49.70 4.48 -4.97
CA ALA A 453 49.71 5.85 -4.47
C ALA A 453 50.73 6.69 -5.21
N LYS A 454 51.90 6.12 -5.52
CA LYS A 454 52.89 6.84 -6.31
C LYS A 454 52.36 7.14 -7.72
N ASN A 455 51.64 6.19 -8.31
CA ASN A 455 51.20 6.28 -9.70
C ASN A 455 49.79 6.85 -9.84
N LEU A 456 49.22 7.43 -8.79
CA LEU A 456 47.93 8.09 -8.91
C LEU A 456 47.94 9.14 -10.01
N GLN A 457 46.90 9.12 -10.85
CA GLN A 457 46.72 10.08 -11.93
C GLN A 457 45.64 11.09 -11.54
N ILE A 458 45.34 12.00 -12.45
CA ILE A 458 44.40 13.08 -12.19
C ILE A 458 43.01 12.77 -12.76
N GLY A 459 42.71 11.50 -12.98
CA GLY A 459 41.39 11.09 -13.41
C GLY A 459 40.94 9.83 -12.71
N ASP A 460 41.81 9.32 -11.84
CA ASP A 460 41.49 8.12 -11.08
C ASP A 460 40.42 8.42 -10.04
N VAL A 461 39.75 7.36 -9.59
CA VAL A 461 38.73 7.46 -8.57
C VAL A 461 39.16 6.60 -7.39
N VAL A 462 39.27 7.20 -6.21
CA VAL A 462 39.65 6.51 -4.99
C VAL A 462 38.40 6.40 -4.12
N GLU A 463 37.95 5.17 -3.89
CA GLU A 463 36.82 4.92 -3.00
C GLU A 463 37.34 4.92 -1.58
N ARG A 464 37.42 6.09 -0.98
CA ARG A 464 38.00 6.25 0.35
C ARG A 464 36.93 6.17 1.41
N HIS A 465 37.35 5.83 2.63
CA HIS A 465 36.42 5.62 3.73
C HIS A 465 35.65 6.90 4.03
N LEU A 466 34.47 6.73 4.63
CA LEU A 466 33.71 7.86 5.15
C LEU A 466 34.55 8.61 6.17
N GLU A 467 34.65 9.92 6.00
CA GLU A 467 35.54 10.76 6.80
C GLU A 467 34.74 11.81 7.55
N ASP A 468 35.43 12.51 8.46
CA ASP A 468 34.83 13.62 9.17
C ASP A 468 34.35 14.68 8.19
N GLY A 469 33.09 15.08 8.33
CA GLY A 469 32.52 16.10 7.47
C GLY A 469 31.87 15.62 6.20
N ASP A 470 31.88 14.31 5.93
CA ASP A 470 31.20 13.79 4.77
C ASP A 470 29.69 13.96 4.90
N VAL A 471 29.04 14.19 3.76
CA VAL A 471 27.60 14.38 3.72
C VAL A 471 26.93 13.01 3.67
N VAL A 472 26.07 12.74 4.63
CA VAL A 472 25.30 11.50 4.68
C VAL A 472 23.84 11.84 4.84
N LEU A 473 22.99 10.96 4.33
CA LEU A 473 21.57 11.02 4.61
C LEU A 473 21.27 10.17 5.83
N PHE A 474 20.26 10.58 6.59
CA PHE A 474 19.97 9.92 7.85
C PHE A 474 18.46 9.86 7.99
N ASN A 475 17.92 8.66 8.12
CA ASN A 475 16.50 8.41 7.92
C ASN A 475 15.97 7.45 8.98
N ARG A 476 14.81 7.79 9.54
CA ARG A 476 14.09 6.89 10.43
C ARG A 476 12.76 6.51 9.79
N GLN A 477 12.40 5.23 9.88
CA GLN A 477 11.10 4.73 9.46
C GLN A 477 10.15 4.65 10.65
N PRO A 478 8.86 4.97 10.46
CA PRO A 478 8.23 5.40 9.21
C PRO A 478 8.57 6.84 8.83
N SER A 479 8.78 7.10 7.54
CA SER A 479 9.16 8.42 7.06
C SER A 479 7.89 9.23 6.82
N LEU A 480 7.39 9.85 7.88
CA LEU A 480 6.10 10.53 7.82
C LEU A 480 6.19 11.84 7.05
N HIS A 481 6.97 12.78 7.55
CA HIS A 481 7.20 14.06 6.88
C HIS A 481 8.60 14.10 6.30
N ARG A 482 8.89 15.17 5.55
CA ARG A 482 10.17 15.23 4.85
C ARG A 482 11.33 15.31 5.81
N LEU A 483 11.12 15.82 7.02
CA LEU A 483 12.16 15.86 8.03
C LEU A 483 12.40 14.51 8.68
N SER A 484 11.79 13.45 8.17
CA SER A 484 12.16 12.10 8.60
C SER A 484 13.48 11.67 8.00
N ILE A 485 13.96 12.36 6.97
CA ILE A 485 15.31 12.20 6.47
C ILE A 485 15.96 13.56 6.41
N LEU A 486 17.15 13.68 7.00
CA LEU A 486 17.92 14.90 6.99
C LEU A 486 19.37 14.56 6.62
N SER A 487 20.09 15.57 6.17
CA SER A 487 21.48 15.43 5.76
C SER A 487 22.38 15.95 6.88
N HIS A 488 23.29 15.10 7.35
CA HIS A 488 24.21 15.46 8.41
C HIS A 488 25.64 15.39 7.90
N TYR A 489 26.56 15.98 8.67
CA TYR A 489 27.98 15.81 8.46
C TYR A 489 28.46 14.63 9.29
N ALA A 490 29.23 13.74 8.67
CA ALA A 490 29.71 12.56 9.36
C ALA A 490 30.80 12.91 10.36
N LYS A 491 30.79 12.22 11.50
CA LYS A 491 31.83 12.31 12.50
C LYS A 491 32.16 10.90 12.96
N ILE A 492 33.38 10.46 12.69
CA ILE A 492 33.73 9.04 12.87
C ILE A 492 34.10 8.79 14.31
N ARG A 493 33.47 7.79 14.92
CA ARG A 493 33.54 7.54 16.35
C ARG A 493 33.77 6.06 16.60
N PRO A 494 34.28 5.70 17.80
CA PRO A 494 34.74 4.32 18.00
C PRO A 494 33.67 3.26 18.26
N TRP A 495 32.45 3.63 18.67
CA TRP A 495 31.47 2.62 19.07
C TRP A 495 30.70 2.13 17.85
N ARG A 496 29.63 1.36 18.07
CA ARG A 496 28.89 0.69 17.00
C ARG A 496 27.51 1.31 16.75
N THR A 497 27.27 2.52 17.22
CA THR A 497 25.96 3.14 17.11
C THR A 497 26.02 4.39 16.25
N PHE A 498 24.86 4.76 15.69
CA PHE A 498 24.69 6.05 15.03
C PHE A 498 24.28 7.05 16.11
N ARG A 499 25.23 7.87 16.54
CA ARG A 499 24.91 8.86 17.56
C ARG A 499 24.43 10.16 16.91
N LEU A 500 23.51 10.83 17.60
CA LEU A 500 22.99 12.10 17.13
C LEU A 500 22.68 12.98 18.33
N ASN A 501 22.67 14.29 18.10
CA ASN A 501 22.27 15.22 19.15
C ASN A 501 20.78 15.10 19.41
N GLU A 502 20.41 15.07 20.68
CA GLU A 502 19.01 14.86 21.04
C GLU A 502 18.10 15.98 20.56
N CYS A 503 18.67 17.15 20.25
CA CYS A 503 17.86 18.24 19.71
C CYS A 503 17.20 17.85 18.39
N VAL A 504 17.85 16.98 17.60
CA VAL A 504 17.34 16.60 16.30
C VAL A 504 16.60 15.26 16.36
N CYS A 505 16.20 14.82 17.57
CA CYS A 505 15.40 13.61 17.69
C CYS A 505 13.94 13.85 17.34
N THR A 506 13.44 15.06 17.58
CA THR A 506 12.02 15.34 17.32
C THR A 506 11.64 15.17 15.86
N PRO A 507 12.36 15.73 14.87
CA PRO A 507 11.97 15.49 13.48
C PRO A 507 12.05 14.02 13.10
N TYR A 508 13.00 13.29 13.67
CA TYR A 508 13.12 11.86 13.41
C TYR A 508 12.12 11.03 14.20
N ASN A 509 11.62 11.59 15.31
CA ASN A 509 10.69 10.82 16.20
C ASN A 509 11.43 9.61 16.75
N ALA A 510 12.66 9.81 17.24
CA ALA A 510 13.49 8.70 17.78
C ALA A 510 13.60 8.83 19.30
N ASP A 511 13.78 7.72 20.03
CA ASP A 511 13.77 7.79 21.52
C ASP A 511 14.85 6.88 22.13
N PHE A 512 15.97 6.64 21.45
CA PHE A 512 17.10 5.87 22.04
C PHE A 512 16.63 4.73 22.95
N ASP A 513 15.82 3.81 22.42
CA ASP A 513 15.41 2.61 23.20
C ASP A 513 15.47 1.38 22.29
N GLY A 514 16.52 1.27 21.48
CA GLY A 514 16.63 0.16 20.51
C GLY A 514 16.27 0.64 19.12
N ASP A 515 15.93 1.92 18.99
CA ASP A 515 15.56 2.50 17.66
C ASP A 515 16.72 2.32 16.69
N GLU A 516 16.43 1.90 15.46
CA GLU A 516 17.49 1.77 14.42
C GLU A 516 17.19 2.78 13.31
N MET A 517 18.21 3.48 12.80
CA MET A 517 18.02 4.45 11.75
C MET A 517 18.96 4.13 10.60
N ASN A 518 18.55 4.53 9.40
CA ASN A 518 19.26 4.21 8.17
C ASN A 518 20.11 5.38 7.73
N LEU A 519 21.37 5.10 7.39
CA LEU A 519 22.32 6.12 6.95
C LEU A 519 22.68 5.85 5.51
N HIS A 520 22.49 6.85 4.65
CA HIS A 520 22.82 6.75 3.24
C HIS A 520 23.96 7.70 2.90
N VAL A 521 24.93 7.22 2.13
CA VAL A 521 26.05 8.02 1.67
C VAL A 521 25.79 8.36 0.19
N PRO A 522 25.45 9.60 -0.14
CA PRO A 522 25.36 9.97 -1.56
C PRO A 522 26.70 9.85 -2.25
N GLN A 523 26.68 9.31 -3.46
CA GLN A 523 27.93 8.94 -4.13
C GLN A 523 28.40 9.96 -5.17
N THR A 524 27.53 10.85 -5.63
CA THR A 524 27.91 11.85 -6.62
C THR A 524 27.98 13.23 -5.98
N GLU A 525 28.77 14.11 -6.61
CA GLU A 525 28.96 15.45 -6.09
C GLU A 525 27.67 16.25 -6.08
N GLU A 526 26.89 16.15 -7.17
CA GLU A 526 25.65 16.91 -7.26
C GLU A 526 24.64 16.44 -6.23
N ALA A 527 24.51 15.12 -6.06
CA ALA A 527 23.61 14.59 -5.04
C ALA A 527 24.07 14.99 -3.64
N ARG A 528 25.38 14.97 -3.40
CA ARG A 528 25.92 15.35 -2.09
C ARG A 528 25.62 16.81 -1.79
N ALA A 529 25.84 17.70 -2.76
CA ALA A 529 25.57 19.12 -2.56
C ALA A 529 24.08 19.36 -2.35
N GLU A 530 23.23 18.69 -3.14
CA GLU A 530 21.80 18.81 -2.95
C GLU A 530 21.39 18.36 -1.56
N ALA A 531 21.94 17.23 -1.10
CA ALA A 531 21.60 16.72 0.21
C ALA A 531 21.96 17.72 1.30
N ILE A 532 23.21 18.19 1.30
CA ILE A 532 23.63 19.04 2.41
C ILE A 532 23.10 20.46 2.30
N ASN A 533 22.59 20.87 1.15
CA ASN A 533 22.08 22.23 1.01
C ASN A 533 20.57 22.33 1.10
N LEU A 534 19.83 21.29 0.75
CA LEU A 534 18.38 21.29 0.86
C LEU A 534 17.85 20.50 2.04
N MET A 535 18.52 19.43 2.43
CA MET A 535 18.08 18.57 3.53
C MET A 535 18.95 18.71 4.76
N GLY A 536 19.89 19.65 4.77
CA GLY A 536 20.73 19.81 5.93
C GLY A 536 19.94 20.18 7.17
N VAL A 537 20.44 19.73 8.32
CA VAL A 537 19.75 19.97 9.58
C VAL A 537 19.60 21.46 9.83
N LYS A 538 20.65 22.24 9.57
CA LYS A 538 20.59 23.67 9.82
C LYS A 538 19.58 24.36 8.92
N ASN A 539 19.35 23.85 7.71
CA ASN A 539 18.39 24.44 6.79
C ASN A 539 16.96 23.97 7.04
N ASN A 540 16.74 23.10 8.03
CA ASN A 540 15.44 22.50 8.26
C ASN A 540 15.08 22.51 9.72
N LEU A 541 15.34 23.63 10.40
CA LEU A 541 14.95 23.78 11.80
C LEU A 541 13.46 24.01 11.97
N LEU A 542 12.74 24.33 10.89
CA LEU A 542 11.31 24.59 10.93
C LEU A 542 10.57 23.53 10.14
N THR A 543 9.43 23.09 10.67
CA THR A 543 8.58 22.19 9.93
C THR A 543 7.88 22.94 8.80
N PRO A 544 7.82 22.36 7.59
CA PRO A 544 7.16 23.06 6.48
C PRO A 544 5.65 23.11 6.58
N LYS A 545 5.05 22.37 7.52
CA LYS A 545 3.60 22.36 7.64
C LYS A 545 3.08 23.65 8.29
N SER A 546 3.86 24.24 9.20
CA SER A 546 3.42 25.46 9.88
C SER A 546 4.51 26.53 10.00
N GLY A 547 5.78 26.19 9.77
CA GLY A 547 6.86 27.14 9.97
C GLY A 547 7.37 27.21 11.38
N GLU A 548 6.75 26.49 12.31
CA GLU A 548 7.22 26.49 13.70
C GLU A 548 8.50 25.67 13.82
N PRO A 549 9.39 26.04 14.74
CA PRO A 549 10.62 25.26 14.92
C PRO A 549 10.32 23.83 15.37
N ILE A 550 11.09 22.89 14.85
CA ILE A 550 10.96 21.49 15.21
C ILE A 550 12.25 20.90 15.75
N ILE A 551 13.41 21.47 15.44
CA ILE A 551 14.67 21.10 16.07
C ILE A 551 14.91 22.11 17.18
N ALA A 552 14.84 21.65 18.43
CA ALA A 552 14.98 22.52 19.59
C ALA A 552 15.29 21.66 20.81
N ALA A 553 15.18 22.26 21.99
CA ALA A 553 15.52 21.58 23.23
C ALA A 553 14.57 20.42 23.51
N THR A 554 15.14 19.28 23.91
CA THR A 554 14.38 18.16 24.41
C THR A 554 14.36 18.21 25.94
N GLN A 555 13.92 17.12 26.58
CA GLN A 555 13.50 17.17 27.97
C GLN A 555 14.61 17.67 28.89
N ASP A 556 15.73 16.94 28.96
CA ASP A 556 16.76 17.29 29.93
C ASP A 556 17.40 18.63 29.62
N PHE A 557 17.52 18.98 28.35
CA PHE A 557 18.01 20.31 28.00
C PHE A 557 17.08 21.39 28.53
N ILE A 558 15.76 21.18 28.40
CA ILE A 558 14.79 22.13 28.90
C ILE A 558 14.87 22.23 30.42
N THR A 559 14.95 21.09 31.10
CA THR A 559 15.02 21.08 32.56
C THR A 559 16.28 21.76 33.07
N GLY A 560 17.42 21.47 32.43
CA GLY A 560 18.66 22.11 32.83
C GLY A 560 18.64 23.60 32.58
N SER A 561 18.09 24.03 31.45
CA SER A 561 17.95 25.46 31.18
C SER A 561 17.06 26.13 32.21
N TYR A 562 15.95 25.49 32.56
CA TYR A 562 15.04 26.03 33.56
C TYR A 562 15.71 26.13 34.92
N LEU A 563 16.49 25.11 35.29
CA LEU A 563 17.17 25.13 36.58
C LEU A 563 18.27 26.18 36.62
N ILE A 564 18.98 26.38 35.50
CA ILE A 564 19.99 27.42 35.44
C ILE A 564 19.33 28.80 35.56
N SER A 565 18.28 29.04 34.79
CA SER A 565 17.64 30.35 34.74
C SER A 565 16.65 30.56 35.89
N HIS A 566 16.49 29.57 36.77
CA HIS A 566 15.61 29.72 37.91
C HIS A 566 16.05 30.91 38.76
N LYS A 567 15.07 31.65 39.28
CA LYS A 567 15.36 32.91 39.96
C LYS A 567 16.23 32.74 41.19
N ASP A 568 16.34 31.53 41.72
CA ASP A 568 17.18 31.25 42.88
C ASP A 568 18.62 30.90 42.51
N SER A 569 18.98 30.98 41.23
CA SER A 569 20.30 30.58 40.77
C SER A 569 21.23 31.79 40.78
N PHE A 570 22.23 31.74 41.66
CA PHE A 570 23.28 32.75 41.72
C PHE A 570 24.63 32.04 41.65
N TYR A 571 25.55 32.59 40.89
CA TYR A 571 26.83 31.96 40.62
C TYR A 571 27.96 32.95 40.88
N ASP A 572 28.96 32.52 41.63
CA ASP A 572 30.17 33.33 41.77
C ASP A 572 30.97 33.27 40.47
N ARG A 573 32.07 34.01 40.43
CA ARG A 573 32.84 34.16 39.19
C ARG A 573 33.40 32.82 38.73
N ALA A 574 33.92 32.01 39.66
CA ALA A 574 34.51 30.73 39.29
C ALA A 574 33.46 29.79 38.69
N THR A 575 32.32 29.66 39.36
CA THR A 575 31.25 28.80 38.85
C THR A 575 30.74 29.30 37.51
N LEU A 576 30.58 30.62 37.37
CA LEU A 576 30.11 31.18 36.11
C LEU A 576 31.06 30.87 34.97
N THR A 577 32.36 31.06 35.20
CA THR A 577 33.32 30.81 34.13
C THR A 577 33.42 29.33 33.79
N GLN A 578 33.31 28.45 34.79
CA GLN A 578 33.25 27.02 34.49
C GLN A 578 32.00 26.68 33.69
N LEU A 579 30.86 27.29 34.02
CA LEU A 579 29.64 27.07 33.26
C LEU A 579 29.81 27.51 31.81
N LEU A 580 30.45 28.66 31.59
CA LEU A 580 30.66 29.13 30.23
C LEU A 580 31.64 28.26 29.47
N SER A 581 32.66 27.74 30.15
CA SER A 581 33.61 26.83 29.51
C SER A 581 32.94 25.52 29.12
N MET A 582 32.04 25.01 29.96
CA MET A 582 31.28 23.82 29.60
C MET A 582 30.28 24.12 28.49
N MET A 583 29.72 25.32 28.50
CA MET A 583 28.80 25.77 27.45
C MET A 583 29.48 25.76 26.10
N SER A 584 30.71 26.27 26.06
CA SER A 584 31.51 26.18 24.82
C SER A 584 32.32 24.89 24.92
N ASP A 585 33.45 24.81 24.21
CA ASP A 585 34.33 23.62 24.40
C ASP A 585 35.60 24.13 25.07
N GLY A 586 35.49 25.20 25.86
CA GLY A 586 36.68 25.82 26.47
C GLY A 586 37.49 26.54 25.40
N ILE A 587 36.86 26.90 24.28
CA ILE A 587 37.57 27.53 23.14
C ILE A 587 36.82 28.78 22.68
N GLU A 588 35.94 29.32 23.53
CA GLU A 588 35.14 30.52 23.15
C GLU A 588 35.45 31.66 24.12
N HIS A 589 35.70 32.87 23.59
CA HIS A 589 35.93 34.01 24.45
C HIS A 589 34.59 34.55 24.98
N PHE A 590 34.52 34.80 26.27
CA PHE A 590 33.33 35.34 26.91
C PHE A 590 33.65 36.70 27.52
N ASP A 591 32.85 37.69 27.17
CA ASP A 591 32.88 38.98 27.86
C ASP A 591 32.03 38.85 29.12
N ILE A 592 32.67 38.79 30.27
CA ILE A 592 31.95 38.63 31.53
C ILE A 592 31.27 39.96 31.84
N PRO A 593 29.95 39.99 31.93
CA PRO A 593 29.25 41.23 32.27
C PRO A 593 29.42 41.55 33.74
N PRO A 594 29.06 42.75 34.18
CA PRO A 594 29.00 43.03 35.60
C PRO A 594 28.02 42.10 36.29
N PRO A 595 28.32 41.65 37.49
CA PRO A 595 27.39 40.76 38.20
C PRO A 595 26.11 41.49 38.55
N ALA A 596 25.02 40.72 38.61
CA ALA A 596 23.74 41.29 39.03
C ALA A 596 23.82 41.81 40.45
N ILE A 597 24.54 41.11 41.32
CA ILE A 597 24.68 41.47 42.73
C ILE A 597 26.14 41.85 42.95
N MET A 598 26.36 43.07 43.45
CA MET A 598 27.71 43.56 43.68
C MET A 598 28.05 43.69 45.17
N LYS A 599 27.08 43.57 46.05
CA LYS A 599 27.33 43.61 47.48
C LYS A 599 26.28 42.72 48.14
N PRO A 600 26.69 41.84 49.06
CA PRO A 600 28.04 41.66 49.61
C PRO A 600 28.97 40.83 48.72
N TYR A 601 28.45 40.13 47.72
CA TYR A 601 29.26 39.24 46.90
C TYR A 601 28.98 39.49 45.43
N TYR A 602 29.99 39.25 44.60
CA TYR A 602 29.83 39.34 43.15
C TYR A 602 29.14 38.08 42.66
N LEU A 603 27.84 38.18 42.41
CA LEU A 603 27.03 37.03 42.02
C LEU A 603 26.34 37.31 40.70
N TRP A 604 26.44 36.35 39.79
CA TRP A 604 25.72 36.38 38.52
C TRP A 604 24.50 35.48 38.61
N THR A 605 23.41 35.91 37.98
CA THR A 605 22.22 35.07 37.90
C THR A 605 22.33 34.12 36.73
N GLY A 606 21.46 33.10 36.72
CA GLY A 606 21.45 32.16 35.61
C GLY A 606 20.94 32.78 34.33
N LYS A 607 20.13 33.83 34.44
CA LYS A 607 19.69 34.54 33.24
C LYS A 607 20.84 35.26 32.56
N GLN A 608 21.82 35.75 33.33
CA GLN A 608 23.04 36.26 32.73
C GLN A 608 23.84 35.15 32.06
N VAL A 609 23.85 33.95 32.65
CA VAL A 609 24.50 32.81 32.01
C VAL A 609 23.88 32.54 30.65
N PHE A 610 22.55 32.55 30.57
CA PHE A 610 21.90 32.27 29.30
C PHE A 610 22.01 33.45 28.32
N SER A 611 22.12 34.68 28.85
CA SER A 611 22.43 35.81 27.99
C SER A 611 23.80 35.62 27.33
N LEU A 612 24.78 35.15 28.09
CA LEU A 612 26.09 34.86 27.53
C LEU A 612 26.01 33.66 26.58
N LEU A 613 25.11 32.72 26.84
CA LEU A 613 24.87 31.65 25.87
C LEU A 613 24.40 32.20 24.53
N ILE A 614 23.46 33.14 24.56
CA ILE A 614 22.98 33.74 23.32
C ILE A 614 24.07 34.54 22.63
N LYS A 615 24.76 35.40 23.39
CA LYS A 615 25.75 36.33 22.83
C LYS A 615 27.02 36.26 23.66
N PRO A 616 27.92 35.32 23.34
CA PRO A 616 29.11 35.11 24.19
C PRO A 616 30.02 36.32 24.33
N ASN A 617 30.18 37.12 23.28
CA ASN A 617 31.07 38.28 23.35
C ASN A 617 30.62 39.33 22.34
N HIS A 618 31.34 40.46 22.33
CA HIS A 618 30.94 41.58 21.47
C HIS A 618 31.10 41.27 19.99
N ASN A 619 32.04 40.39 19.64
CA ASN A 619 32.23 40.04 18.24
C ASN A 619 31.09 39.18 17.69
N SER A 620 30.33 38.55 18.56
CA SER A 620 29.15 37.81 18.09
C SER A 620 28.06 38.79 17.69
N PRO A 621 27.46 38.62 16.51
CA PRO A 621 26.45 39.58 16.04
C PRO A 621 25.03 39.29 16.51
N VAL A 622 24.81 38.22 17.27
CA VAL A 622 23.47 37.79 17.63
C VAL A 622 22.94 38.74 18.70
N VAL A 623 22.10 39.69 18.29
CA VAL A 623 21.40 40.59 19.20
C VAL A 623 19.92 40.26 19.08
N ILE A 624 19.35 39.70 20.14
CA ILE A 624 18.02 39.11 20.11
C ILE A 624 17.08 39.93 20.97
N ASN A 625 15.89 40.19 20.44
CA ASN A 625 14.84 40.90 21.17
C ASN A 625 13.58 40.05 21.10
N LEU A 626 12.97 39.80 22.26
CA LEU A 626 11.99 38.74 22.35
C LEU A 626 11.05 38.99 23.52
N ASP A 627 9.76 38.76 23.29
CA ASP A 627 8.75 38.74 24.34
C ASP A 627 8.01 37.40 24.23
N ALA A 628 8.01 36.63 25.31
CA ALA A 628 7.42 35.31 25.26
C ALA A 628 6.78 34.97 26.60
N LYS A 629 5.70 34.19 26.53
CA LYS A 629 5.02 33.68 27.70
C LYS A 629 5.47 32.24 27.94
N ASN A 630 5.93 31.95 29.15
CA ASN A 630 6.23 30.57 29.50
C ASN A 630 4.93 29.78 29.63
N LYS A 631 5.02 28.47 29.46
CA LYS A 631 3.82 27.64 29.43
C LYS A 631 3.07 27.70 30.76
N VAL A 632 3.78 27.82 31.87
CA VAL A 632 3.15 28.04 33.15
C VAL A 632 3.35 29.51 33.53
N PHE A 633 2.40 30.35 33.15
CA PHE A 633 2.46 31.79 33.40
C PHE A 633 1.28 32.14 34.29
N VAL A 634 1.54 32.43 35.55
CA VAL A 634 0.51 32.97 36.42
C VAL A 634 0.54 34.48 36.20
N PRO A 635 -0.61 35.14 36.10
CA PRO A 635 -0.62 36.56 35.76
C PRO A 635 -0.07 37.40 36.90
N PRO A 636 0.32 38.64 36.63
CA PRO A 636 0.78 39.53 37.71
C PRO A 636 -0.33 39.75 38.74
N LYS A 637 0.06 40.36 39.85
CA LYS A 637 -0.87 40.58 40.95
C LYS A 637 -2.03 41.49 40.57
N SER A 638 -1.88 42.33 39.56
CA SER A 638 -2.89 43.30 39.19
C SER A 638 -3.14 43.27 37.68
N LYS A 639 -4.36 43.64 37.30
CA LYS A 639 -4.75 43.62 35.90
C LYS A 639 -3.92 44.60 35.08
N SER A 640 -3.72 45.81 35.60
CA SER A 640 -3.01 46.84 34.86
C SER A 640 -1.50 46.62 34.84
N LEU A 641 -0.99 45.76 35.71
CA LEU A 641 0.45 45.56 35.80
C LEU A 641 0.95 44.82 34.56
N PRO A 642 2.15 45.13 34.09
CA PRO A 642 2.65 44.50 32.86
C PRO A 642 2.94 43.02 33.04
N ASN A 643 3.24 42.37 31.91
CA ASN A 643 3.26 40.92 31.86
C ASN A 643 4.48 40.32 32.53
N GLU A 644 5.62 41.01 32.51
CA GLU A 644 6.83 40.51 33.15
C GLU A 644 6.77 40.56 34.67
N MET A 645 5.76 41.23 35.23
CA MET A 645 5.55 41.26 36.68
C MET A 645 4.74 40.07 37.17
N SER A 646 4.77 38.97 36.42
CA SER A 646 4.05 37.76 36.80
C SER A 646 4.52 37.27 38.16
N GLN A 647 3.61 36.68 38.93
CA GLN A 647 3.96 36.21 40.26
C GLN A 647 5.01 35.11 40.21
N ASN A 648 4.98 34.28 39.16
CA ASN A 648 6.06 33.38 38.85
C ASN A 648 6.94 34.01 37.78
N ASP A 649 7.97 33.28 37.34
CA ASP A 649 8.85 33.75 36.27
C ASP A 649 8.29 33.34 34.91
N GLY A 650 7.03 33.71 34.69
CA GLY A 650 6.27 33.22 33.56
C GLY A 650 6.38 33.99 32.27
N PHE A 651 7.02 35.16 32.26
CA PHE A 651 7.14 35.98 31.06
C PHE A 651 8.60 36.27 30.78
N VAL A 652 9.05 35.89 29.59
CA VAL A 652 10.43 36.08 29.17
C VAL A 652 10.56 37.40 28.44
N ILE A 653 11.48 38.25 28.88
CA ILE A 653 11.87 39.46 28.18
C ILE A 653 13.34 39.34 27.82
N ILE A 654 13.63 39.41 26.52
CA ILE A 654 15.01 39.48 26.03
C ILE A 654 15.16 40.78 25.26
N ARG A 655 16.14 41.59 25.66
CA ARG A 655 16.38 42.88 25.02
C ARG A 655 17.88 43.01 24.79
N GLY A 656 18.30 42.98 23.53
CA GLY A 656 19.72 43.01 23.22
C GLY A 656 20.47 41.78 23.65
N SER A 657 19.87 40.60 23.46
CA SER A 657 20.41 39.31 23.87
C SER A 657 20.56 39.17 25.37
N GLN A 658 19.96 40.07 26.15
CA GLN A 658 20.01 40.02 27.60
C GLN A 658 18.66 39.57 28.12
N ILE A 659 18.64 38.43 28.82
CA ILE A 659 17.40 37.91 29.39
C ILE A 659 17.07 38.74 30.63
N LEU A 660 15.98 39.49 30.56
CA LEU A 660 15.60 40.40 31.63
C LEU A 660 14.60 39.81 32.60
N SER A 661 13.84 38.79 32.19
CA SER A 661 12.86 38.16 33.07
C SER A 661 12.48 36.82 32.48
N GLY A 662 11.83 36.00 33.31
CA GLY A 662 11.28 34.74 32.84
C GLY A 662 12.29 33.61 32.77
N VAL A 663 11.85 32.41 33.13
CA VAL A 663 12.72 31.25 33.08
C VAL A 663 12.86 30.75 31.65
N MET A 664 13.93 30.01 31.40
CA MET A 664 14.12 29.33 30.12
C MET A 664 13.27 28.07 30.10
N ASP A 665 12.27 28.04 29.23
CA ASP A 665 11.17 27.10 29.28
C ASP A 665 11.15 26.25 28.02
N LYS A 666 10.21 25.30 27.98
CA LYS A 666 9.91 24.61 26.73
C LYS A 666 9.31 25.58 25.71
N SER A 667 8.46 26.49 26.17
CA SER A 667 7.78 27.42 25.26
C SER A 667 8.74 28.43 24.64
N VAL A 668 9.93 28.61 25.21
CA VAL A 668 10.90 29.56 24.68
C VAL A 668 12.17 28.87 24.17
N LEU A 669 12.34 27.57 24.43
CA LEU A 669 13.50 26.84 23.93
C LEU A 669 13.12 25.55 23.20
N GLY A 670 11.83 25.20 23.15
CA GLY A 670 11.39 23.97 22.55
C GLY A 670 10.72 24.19 21.21
N ASP A 671 9.88 23.24 20.84
CA ASP A 671 9.28 23.18 19.52
C ASP A 671 7.95 23.93 19.48
N GLY A 672 7.50 24.24 18.27
CA GLY A 672 6.15 24.69 18.03
C GLY A 672 5.85 26.13 18.37
N LYS A 673 6.83 26.90 18.83
CA LYS A 673 6.61 28.27 19.25
C LYS A 673 7.43 29.21 18.38
N LYS A 674 6.78 30.21 17.82
CA LYS A 674 7.46 31.20 16.99
C LYS A 674 7.97 32.39 17.78
N HIS A 675 7.82 32.37 19.11
CA HIS A 675 8.53 33.29 19.99
C HIS A 675 9.74 32.65 20.65
N SER A 676 10.22 31.55 20.08
CA SER A 676 11.33 30.81 20.68
C SER A 676 12.65 31.55 20.49
N VAL A 677 13.58 31.30 21.42
CA VAL A 677 14.90 31.92 21.34
C VAL A 677 15.61 31.48 20.07
N PHE A 678 15.64 30.18 19.82
CA PHE A 678 16.32 29.67 18.63
C PHE A 678 15.59 30.05 17.35
N TYR A 679 14.25 30.10 17.39
CA TYR A 679 13.51 30.57 16.23
C TYR A 679 13.87 32.02 15.89
N THR A 680 13.95 32.87 16.91
CA THR A 680 14.30 34.27 16.68
C THR A 680 15.74 34.40 16.17
N ILE A 681 16.67 33.64 16.76
CA ILE A 681 18.05 33.67 16.29
C ILE A 681 18.12 33.23 14.84
N LEU A 682 17.41 32.15 14.50
CA LEU A 682 17.36 31.72 13.11
C LEU A 682 16.87 32.84 12.21
N ARG A 683 15.64 33.31 12.45
CA ARG A 683 15.01 34.27 11.56
C ARG A 683 15.75 35.60 11.49
N ASP A 684 16.59 35.92 12.47
CA ASP A 684 17.28 37.19 12.45
C ASP A 684 18.75 37.10 12.03
N TYR A 685 19.40 35.95 12.19
CA TYR A 685 20.84 35.89 11.96
C TYR A 685 21.33 34.64 11.24
N GLY A 686 20.46 33.69 10.89
CA GLY A 686 20.91 32.56 10.12
C GLY A 686 20.89 31.23 10.85
N PRO A 687 20.75 30.16 10.07
CA PRO A 687 20.81 28.81 10.63
C PRO A 687 22.11 28.51 11.35
N GLN A 688 23.24 29.05 10.89
CA GLN A 688 24.50 28.78 11.57
C GLN A 688 24.51 29.38 12.97
N GLU A 689 24.02 30.61 13.12
CA GLU A 689 23.94 31.21 14.46
C GLU A 689 22.95 30.44 15.35
N ALA A 690 21.81 30.05 14.78
CA ALA A 690 20.85 29.28 15.57
C ALA A 690 21.45 27.96 16.03
N ALA A 691 22.16 27.27 15.13
CA ALA A 691 22.79 26.00 15.48
C ALA A 691 23.90 26.19 16.49
N ASN A 692 24.65 27.29 16.39
CA ASN A 692 25.69 27.57 17.39
C ASN A 692 25.07 27.73 18.77
N ALA A 693 23.97 28.48 18.86
CA ALA A 693 23.30 28.64 20.15
C ALA A 693 22.76 27.31 20.67
N MET A 694 22.18 26.50 19.78
CA MET A 694 21.64 25.21 20.21
C MET A 694 22.73 24.27 20.69
N ASN A 695 23.85 24.21 19.97
CA ASN A 695 24.97 23.38 20.41
C ASN A 695 25.52 23.87 21.74
N ARG A 696 25.63 25.18 21.90
CA ARG A 696 26.10 25.76 23.15
C ARG A 696 25.20 25.31 24.31
N MET A 697 23.89 25.42 24.12
CA MET A 697 22.95 25.00 25.17
C MET A 697 23.05 23.51 25.45
N ALA A 698 23.17 22.69 24.40
CA ALA A 698 23.22 21.24 24.60
C ALA A 698 24.45 20.84 25.40
N LYS A 699 25.62 21.39 25.04
CA LYS A 699 26.83 21.08 25.79
C LYS A 699 26.72 21.57 27.22
N LEU A 700 26.20 22.79 27.42
CA LEU A 700 26.07 23.33 28.76
C LEU A 700 25.19 22.44 29.63
N CYS A 701 24.01 22.05 29.11
CA CYS A 701 23.09 21.23 29.90
C CYS A 701 23.68 19.85 30.19
N ALA A 702 24.31 19.24 29.17
CA ALA A 702 24.90 17.91 29.36
C ALA A 702 25.96 17.93 30.44
N ARG A 703 26.69 19.04 30.57
CA ARG A 703 27.69 19.11 31.62
C ARG A 703 27.16 19.65 32.95
N PHE A 704 26.04 20.37 32.93
CA PHE A 704 25.54 21.05 34.12
C PHE A 704 24.61 20.17 34.95
N LEU A 705 23.72 19.41 34.31
CA LEU A 705 22.71 18.69 35.07
C LEU A 705 23.33 17.64 35.98
N GLY A 706 24.36 16.94 35.48
CA GLY A 706 24.98 15.90 36.29
C GLY A 706 25.69 16.44 37.51
N ASN A 707 26.34 17.59 37.38
CA ASN A 707 27.04 18.19 38.51
C ASN A 707 26.10 18.95 39.44
N ARG A 708 24.94 19.37 38.95
CA ARG A 708 23.98 20.05 39.81
C ARG A 708 23.14 19.06 40.61
N GLY A 709 22.67 17.99 39.96
CA GLY A 709 21.82 17.03 40.63
C GLY A 709 20.35 17.32 40.43
N PHE A 710 19.66 16.42 39.72
CA PHE A 710 18.21 16.49 39.56
C PHE A 710 17.66 15.08 39.60
N SER A 711 16.79 14.81 40.56
CA SER A 711 16.34 13.45 40.81
C SER A 711 14.86 13.44 41.14
N ILE A 712 14.25 12.27 40.93
CA ILE A 712 12.86 12.01 41.30
C ILE A 712 12.82 10.79 42.20
N GLY A 713 11.94 10.82 43.19
CA GLY A 713 11.82 9.72 44.12
C GLY A 713 10.39 9.47 44.56
N ILE A 714 10.20 8.55 45.51
CA ILE A 714 8.86 8.28 46.02
C ILE A 714 8.30 9.47 46.76
N ASN A 715 9.17 10.26 47.41
CA ASN A 715 8.70 11.42 48.16
C ASN A 715 8.10 12.48 47.24
N ASP A 716 8.48 12.49 45.97
CA ASP A 716 7.92 13.43 45.01
C ASP A 716 6.48 13.07 44.65
N VAL A 717 6.09 11.81 44.82
CA VAL A 717 4.72 11.37 44.52
C VAL A 717 3.99 10.91 45.79
N THR A 718 4.58 11.15 46.95
CA THR A 718 3.87 10.88 48.20
C THR A 718 2.95 12.05 48.54
N PRO A 719 1.64 11.83 48.65
CA PRO A 719 0.75 12.92 49.06
C PRO A 719 1.01 13.36 50.48
N ALA A 720 0.76 14.64 50.73
CA ALA A 720 0.86 15.17 52.09
C ALA A 720 -0.28 14.63 52.94
N ASP A 721 -0.10 14.73 54.27
CA ASP A 721 -1.08 14.16 55.19
C ASP A 721 -2.44 14.85 55.08
N ASP A 722 -2.44 16.18 54.92
CA ASP A 722 -3.72 16.89 54.82
C ASP A 722 -4.46 16.52 53.54
N LEU A 723 -3.73 16.24 52.46
CA LEU A 723 -4.38 15.82 51.22
C LEU A 723 -5.13 14.52 51.41
N LYS A 724 -4.64 13.62 52.28
CA LYS A 724 -5.35 12.38 52.53
C LYS A 724 -6.75 12.65 53.05
N GLN A 725 -6.87 13.46 54.11
CA GLN A 725 -8.17 13.76 54.67
C GLN A 725 -9.04 14.55 53.70
N LYS A 726 -8.46 15.54 53.03
CA LYS A 726 -9.22 16.36 52.08
C LYS A 726 -9.79 15.49 50.97
N LYS A 727 -8.96 14.61 50.40
CA LYS A 727 -9.41 13.72 49.33
C LYS A 727 -10.48 12.76 49.83
N GLU A 728 -10.27 12.18 51.02
CA GLU A 728 -11.26 11.25 51.56
C GLU A 728 -12.61 11.91 51.69
N GLU A 729 -12.67 13.08 52.34
CA GLU A 729 -13.96 13.74 52.56
C GLU A 729 -14.55 14.23 51.25
N LEU A 730 -13.72 14.73 50.33
CA LEU A 730 -14.23 15.22 49.05
C LEU A 730 -14.82 14.08 48.22
N VAL A 731 -14.16 12.93 48.19
CA VAL A 731 -14.66 11.80 47.44
C VAL A 731 -15.93 11.25 48.08
N GLU A 732 -16.00 11.25 49.42
CA GLU A 732 -17.24 10.83 50.08
C GLU A 732 -18.39 11.77 49.75
N ILE A 733 -18.10 13.08 49.62
CA ILE A 733 -19.14 14.02 49.18
C ILE A 733 -19.61 13.66 47.78
N ALA A 734 -18.68 13.40 46.87
CA ALA A 734 -19.05 13.09 45.49
C ALA A 734 -19.71 11.73 45.39
N TYR A 735 -19.22 10.75 46.15
CA TYR A 735 -19.85 9.43 46.12
C TYR A 735 -21.29 9.49 46.63
N HIS A 736 -21.54 10.29 47.66
CA HIS A 736 -22.89 10.38 48.21
C HIS A 736 -23.85 10.99 47.19
N LYS A 737 -23.41 12.00 46.44
CA LYS A 737 -24.27 12.57 45.42
C LYS A 737 -24.57 11.56 44.31
N CYS A 738 -23.56 10.80 43.91
CA CYS A 738 -23.78 9.75 42.91
C CYS A 738 -24.77 8.71 43.42
N ASP A 739 -24.64 8.31 44.69
CA ASP A 739 -25.58 7.35 45.27
C ASP A 739 -27.00 7.91 45.36
N GLU A 740 -27.14 9.19 45.72
CA GLU A 740 -28.47 9.79 45.77
C GLU A 740 -29.09 9.82 44.37
N LEU A 741 -28.29 10.15 43.36
CA LEU A 741 -28.80 10.15 41.99
C LEU A 741 -29.14 8.74 41.54
N ILE A 742 -28.36 7.75 41.98
CA ILE A 742 -28.63 6.35 41.67
C ILE A 742 -29.97 5.93 42.26
N THR A 743 -30.19 6.25 43.54
CA THR A 743 -31.43 5.83 44.17
C THR A 743 -32.63 6.55 43.58
N LEU A 744 -32.45 7.80 43.14
CA LEU A 744 -33.52 8.50 42.44
C LEU A 744 -33.83 7.84 41.10
N PHE A 745 -32.78 7.53 40.33
CA PHE A 745 -32.96 6.87 39.04
C PHE A 745 -33.57 5.49 39.19
N ASN A 746 -33.34 4.84 40.34
CA ASN A 746 -33.86 3.50 40.56
C ASN A 746 -35.33 3.54 40.97
N LYS A 747 -35.64 4.28 42.04
CA LYS A 747 -37.01 4.27 42.56
C LYS A 747 -37.96 5.07 41.69
N GLY A 748 -37.49 6.14 41.03
CA GLY A 748 -38.38 6.98 40.27
C GLY A 748 -37.87 7.38 38.90
N GLU A 749 -37.81 8.68 38.65
CA GLU A 749 -37.45 9.21 37.34
C GLU A 749 -36.78 10.56 37.54
N LEU A 750 -35.48 10.64 37.27
CA LEU A 750 -34.77 11.91 37.31
C LEU A 750 -35.04 12.69 36.02
N GLU A 751 -34.75 13.99 36.07
CA GLU A 751 -34.98 14.85 34.92
C GLU A 751 -34.07 14.46 33.76
N THR A 752 -34.66 13.87 32.72
CA THR A 752 -33.90 13.52 31.54
C THR A 752 -33.38 14.77 30.85
N GLN A 753 -32.12 14.74 30.44
CA GLN A 753 -31.53 15.86 29.75
C GLN A 753 -32.19 16.06 28.39
N PRO A 754 -32.33 17.31 27.94
CA PRO A 754 -33.02 17.56 26.67
C PRO A 754 -32.37 16.88 25.47
N GLY A 755 -31.04 16.84 25.41
CA GLY A 755 -30.36 16.35 24.23
C GLY A 755 -30.15 14.86 24.16
N CYS A 756 -30.18 14.19 25.31
CA CYS A 756 -29.88 12.77 25.39
C CYS A 756 -30.99 12.05 26.12
N ASN A 757 -31.19 10.77 25.77
CA ASN A 757 -32.30 10.00 26.29
C ASN A 757 -32.06 9.63 27.76
N GLU A 758 -33.07 8.98 28.36
CA GLU A 758 -33.16 8.89 29.81
C GLU A 758 -31.98 8.14 30.41
N GLU A 759 -31.60 7.00 29.81
CA GLU A 759 -30.62 6.13 30.45
C GLU A 759 -29.26 6.79 30.56
N GLN A 760 -28.81 7.50 29.52
CA GLN A 760 -27.48 8.10 29.54
C GLN A 760 -27.47 9.45 30.24
N THR A 761 -28.62 9.97 30.68
CA THR A 761 -28.62 11.17 31.50
C THR A 761 -27.88 10.93 32.80
N LEU A 762 -28.14 9.81 33.46
CA LEU A 762 -27.41 9.46 34.68
C LEU A 762 -25.93 9.28 34.39
N GLU A 763 -25.60 8.63 33.26
CA GLU A 763 -24.21 8.46 32.88
C GLU A 763 -23.50 9.81 32.79
N ALA A 764 -24.08 10.75 32.03
CA ALA A 764 -23.46 12.05 31.86
C ALA A 764 -23.37 12.79 33.20
N LYS A 765 -24.43 12.76 34.00
CA LYS A 765 -24.43 13.51 35.25
C LYS A 765 -23.35 13.00 36.20
N ILE A 766 -23.32 11.68 36.45
CA ILE A 766 -22.38 11.19 37.43
C ILE A 766 -20.96 11.21 36.87
N GLY A 767 -20.79 11.05 35.55
CA GLY A 767 -19.47 11.19 34.98
C GLY A 767 -18.92 12.60 35.15
N GLY A 768 -19.78 13.61 34.95
CA GLY A 768 -19.35 14.97 35.21
C GLY A 768 -19.04 15.23 36.67
N LEU A 769 -19.84 14.67 37.57
CA LEU A 769 -19.57 14.84 38.99
C LEU A 769 -18.23 14.21 39.37
N LEU A 770 -17.94 13.02 38.85
CA LEU A 770 -16.66 12.37 39.13
C LEU A 770 -15.52 13.14 38.49
N SER A 771 -15.73 13.70 37.31
CA SER A 771 -14.70 14.53 36.68
C SER A 771 -14.40 15.75 37.55
N LYS A 772 -15.43 16.38 38.08
CA LYS A 772 -15.23 17.55 38.95
C LYS A 772 -14.48 17.17 40.22
N VAL A 773 -14.83 16.03 40.83
CA VAL A 773 -14.14 15.65 42.05
C VAL A 773 -12.67 15.32 41.77
N ARG A 774 -12.40 14.67 40.63
CA ARG A 774 -11.01 14.41 40.26
C ARG A 774 -10.25 15.69 40.03
N GLU A 775 -10.88 16.66 39.36
CA GLU A 775 -10.21 17.92 39.09
C GLU A 775 -9.89 18.66 40.38
N GLU A 776 -10.82 18.69 41.33
CA GLU A 776 -10.56 19.43 42.57
C GLU A 776 -9.53 18.71 43.44
N VAL A 777 -9.57 17.38 43.48
CA VAL A 777 -8.55 16.66 44.24
C VAL A 777 -7.17 16.89 43.63
N GLY A 778 -7.08 16.83 42.30
CA GLY A 778 -5.81 17.16 41.65
C GLY A 778 -5.37 18.59 41.91
N ASP A 779 -6.33 19.52 41.97
CA ASP A 779 -6.00 20.92 42.22
C ASP A 779 -5.39 21.10 43.60
N VAL A 780 -6.00 20.52 44.62
CA VAL A 780 -5.44 20.66 45.96
C VAL A 780 -4.10 19.91 46.05
N CYS A 781 -3.98 18.77 45.36
CA CYS A 781 -2.71 18.06 45.30
C CYS A 781 -1.60 18.96 44.75
N ILE A 782 -1.85 19.60 43.62
CA ILE A 782 -0.84 20.45 43.00
C ILE A 782 -0.54 21.66 43.86
N ASN A 783 -1.58 22.26 44.45
CA ASN A 783 -1.38 23.47 45.25
C ASN A 783 -0.55 23.16 46.49
N GLU A 784 -0.69 21.96 47.06
CA GLU A 784 0.07 21.61 48.24
C GLU A 784 1.41 20.94 47.91
N LEU A 785 1.76 20.82 46.64
CA LEU A 785 2.98 20.15 46.25
C LEU A 785 4.20 21.01 46.59
N ASP A 786 5.27 20.36 47.02
CA ASP A 786 6.43 21.07 47.55
C ASP A 786 7.21 21.77 46.44
N ASN A 787 7.76 22.93 46.79
CA ASN A 787 8.78 23.56 45.96
C ASN A 787 9.97 22.62 45.82
N TRP A 788 10.48 22.50 44.59
CA TRP A 788 11.53 21.56 44.19
C TRP A 788 11.01 20.13 44.02
N ASN A 789 9.69 19.95 43.92
CA ASN A 789 9.17 18.65 43.52
C ASN A 789 9.58 18.38 42.07
N ALA A 790 10.20 17.23 41.84
CA ALA A 790 10.72 16.93 40.52
C ALA A 790 9.64 16.82 39.44
N PRO A 791 8.54 16.07 39.64
CA PRO A 791 7.48 16.09 38.62
C PRO A 791 6.89 17.47 38.42
N LEU A 792 6.75 18.26 39.49
CA LEU A 792 6.23 19.61 39.35
C LEU A 792 7.15 20.48 38.50
N ILE A 793 8.47 20.36 38.71
CA ILE A 793 9.42 21.13 37.92
C ILE A 793 9.38 20.68 36.47
N MET A 794 9.32 19.36 36.24
CA MET A 794 9.30 18.85 34.86
C MET A 794 8.04 19.29 34.14
N ALA A 795 6.91 19.36 34.84
CA ALA A 795 5.66 19.80 34.24
C ALA A 795 5.62 21.31 34.05
N THR A 796 6.22 22.07 34.97
CA THR A 796 6.23 23.52 34.84
C THR A 796 7.12 23.97 33.70
N CYS A 797 8.33 23.41 33.62
CA CYS A 797 9.22 23.74 32.51
C CYS A 797 8.80 23.06 31.21
N GLY A 798 7.91 22.09 31.26
CA GLY A 798 7.41 21.44 30.07
C GLY A 798 8.32 20.40 29.47
N SER A 799 9.41 20.05 30.15
CA SER A 799 10.32 19.03 29.62
C SER A 799 9.65 17.67 29.53
N LYS A 800 8.90 17.28 30.56
CA LYS A 800 8.26 15.97 30.56
C LYS A 800 7.10 15.96 31.53
N GLY A 801 5.96 15.45 31.08
CA GLY A 801 4.82 15.24 31.95
C GLY A 801 3.88 16.42 32.02
N SER A 802 2.91 16.27 32.92
CA SER A 802 1.87 17.27 33.11
C SER A 802 1.33 17.17 34.52
N THR A 803 0.61 18.22 34.92
CA THR A 803 -0.05 18.21 36.21
C THR A 803 -1.07 17.09 36.30
N LEU A 804 -1.67 16.69 35.16
CA LEU A 804 -2.54 15.52 35.17
C LEU A 804 -1.78 14.26 35.55
N ASN A 805 -0.58 14.07 34.99
CA ASN A 805 0.25 12.93 35.37
C ASN A 805 0.61 12.99 36.84
N VAL A 806 0.99 14.17 37.34
CA VAL A 806 1.36 14.30 38.74
C VAL A 806 0.17 13.98 39.64
N SER A 807 -1.02 14.45 39.29
CA SER A 807 -2.20 14.20 40.09
C SER A 807 -2.60 12.72 40.04
N GLN A 808 -2.42 12.07 38.90
CA GLN A 808 -2.70 10.63 38.85
C GLN A 808 -1.70 9.86 39.70
N MET A 809 -0.45 10.32 39.76
CA MET A 809 0.54 9.63 40.58
C MET A 809 0.32 9.86 42.06
N VAL A 810 -0.12 11.06 42.45
CA VAL A 810 -0.18 11.43 43.85
C VAL A 810 -1.58 11.27 44.43
N ALA A 811 -2.56 11.95 43.83
CA ALA A 811 -3.87 12.11 44.43
C ALA A 811 -4.87 11.03 44.00
N VAL A 812 -5.20 10.98 42.71
CA VAL A 812 -6.28 10.10 42.25
C VAL A 812 -6.12 9.86 40.76
N VAL A 813 -6.29 8.60 40.36
CA VAL A 813 -6.41 8.22 38.95
C VAL A 813 -7.90 8.27 38.62
N GLY A 814 -8.34 9.33 37.96
CA GLY A 814 -9.74 9.69 38.04
C GLY A 814 -10.77 8.69 37.55
N GLN A 815 -10.91 8.50 36.24
CA GLN A 815 -12.02 7.71 35.73
C GLN A 815 -11.58 7.02 34.45
N GLN A 816 -11.72 5.70 34.42
CA GLN A 816 -11.25 4.90 33.30
C GLN A 816 -12.31 4.92 32.20
N ILE A 817 -12.02 5.66 31.14
CA ILE A 817 -12.97 5.89 30.06
C ILE A 817 -12.49 5.10 28.84
N ILE A 818 -13.37 4.26 28.30
CA ILE A 818 -13.13 3.58 27.04
C ILE A 818 -14.30 3.86 26.12
N SER A 819 -14.01 4.11 24.84
CA SER A 819 -15.02 4.45 23.84
C SER A 819 -15.79 5.72 24.22
N GLY A 820 -15.13 6.63 24.94
CA GLY A 820 -15.74 7.90 25.29
C GLY A 820 -16.75 7.85 26.43
N ASN A 821 -16.87 6.72 27.13
CA ASN A 821 -17.77 6.61 28.26
C ASN A 821 -17.20 5.61 29.25
N ARG A 822 -17.94 5.37 30.33
CA ARG A 822 -17.44 4.57 31.43
C ARG A 822 -17.33 3.10 31.01
N VAL A 823 -16.81 2.28 31.92
CA VAL A 823 -16.57 0.86 31.66
C VAL A 823 -17.92 0.16 31.43
N PRO A 824 -18.11 -0.50 30.30
CA PRO A 824 -19.39 -1.15 30.03
C PRO A 824 -19.46 -2.50 30.73
N ASP A 825 -20.58 -3.19 30.51
CA ASP A 825 -20.87 -4.44 31.20
C ASP A 825 -20.06 -5.57 30.58
N GLY A 826 -19.06 -6.06 31.32
CA GLY A 826 -18.44 -7.31 30.94
C GLY A 826 -19.24 -8.53 31.32
N PHE A 827 -20.27 -8.35 32.15
CA PHE A 827 -21.16 -9.42 32.55
C PHE A 827 -22.60 -8.96 32.38
N GLN A 828 -23.56 -9.76 32.82
CA GLN A 828 -24.97 -9.42 32.69
C GLN A 828 -25.27 -8.23 33.60
N ASP A 829 -25.66 -7.10 33.00
CA ASP A 829 -25.98 -5.84 33.68
C ASP A 829 -24.99 -5.52 34.81
N ARG A 830 -23.72 -5.81 34.56
CA ARG A 830 -22.70 -5.72 35.60
C ARG A 830 -21.31 -5.77 35.00
N SER A 831 -20.40 -4.91 35.45
CA SER A 831 -19.05 -4.91 34.91
C SER A 831 -18.25 -6.11 35.43
N LEU A 832 -18.31 -6.37 36.73
CA LEU A 832 -17.55 -7.43 37.36
C LEU A 832 -18.43 -8.16 38.38
N PRO A 833 -18.19 -9.44 38.61
CA PRO A 833 -18.95 -10.17 39.63
C PRO A 833 -18.59 -9.77 41.06
N HIS A 834 -17.69 -8.82 41.25
CA HIS A 834 -17.32 -8.32 42.56
C HIS A 834 -18.12 -7.08 42.95
N PHE A 835 -19.09 -6.69 42.13
CA PHE A 835 -20.05 -5.65 42.41
C PHE A 835 -21.46 -6.23 42.30
N PRO A 836 -22.45 -5.61 42.92
CA PRO A 836 -23.83 -6.08 42.74
C PRO A 836 -24.32 -5.86 41.32
N LYS A 837 -25.32 -6.65 40.93
CA LYS A 837 -25.93 -6.49 39.63
C LYS A 837 -26.69 -5.17 39.54
N ASN A 838 -26.70 -4.60 38.34
CA ASN A 838 -27.35 -3.31 38.08
C ASN A 838 -26.78 -2.21 38.97
N SER A 839 -25.47 -2.24 39.17
CA SER A 839 -24.77 -1.21 39.93
C SER A 839 -24.17 -0.21 38.97
N LYS A 840 -24.56 1.06 39.09
CA LYS A 840 -23.96 2.14 38.32
C LYS A 840 -23.07 3.02 39.19
N THR A 841 -22.68 2.52 40.37
CA THR A 841 -21.82 3.28 41.26
C THR A 841 -20.46 3.52 40.61
N PRO A 842 -19.81 4.63 40.95
CA PRO A 842 -18.51 4.93 40.31
C PRO A 842 -17.47 3.84 40.50
N GLN A 843 -17.46 3.15 41.64
CA GLN A 843 -16.51 2.06 41.85
C GLN A 843 -16.72 0.97 40.80
N SER A 844 -17.97 0.64 40.51
CA SER A 844 -18.29 -0.48 39.64
C SER A 844 -18.07 -0.19 38.16
N LYS A 845 -17.91 1.07 37.77
CA LYS A 845 -17.81 1.43 36.36
C LYS A 845 -16.59 2.29 36.08
N GLY A 846 -15.44 1.93 36.65
CA GLY A 846 -14.17 2.42 36.18
C GLY A 846 -13.53 3.54 36.97
N PHE A 847 -14.24 4.16 37.91
CA PHE A 847 -13.63 5.23 38.69
C PHE A 847 -12.63 4.64 39.66
N VAL A 848 -11.40 5.15 39.62
CA VAL A 848 -10.30 4.64 40.43
C VAL A 848 -10.06 5.66 41.55
N ARG A 849 -10.54 5.34 42.76
CA ARG A 849 -10.34 6.24 43.88
C ARG A 849 -8.87 6.39 44.23
N ASN A 850 -8.08 5.35 44.02
CA ASN A 850 -6.67 5.35 44.38
C ASN A 850 -5.84 6.13 43.37
N SER A 851 -4.63 6.48 43.78
CA SER A 851 -3.60 6.98 42.89
C SER A 851 -2.56 5.89 42.66
N PHE A 852 -1.64 6.14 41.74
CA PHE A 852 -0.57 5.18 41.48
C PHE A 852 0.38 5.05 42.66
N PHE A 853 0.40 6.02 43.58
CA PHE A 853 1.22 5.87 44.78
C PHE A 853 0.59 4.90 45.76
N SER A 854 -0.72 4.98 45.97
CA SER A 854 -1.39 4.11 46.92
C SER A 854 -1.64 2.72 46.36
N GLY A 855 -1.61 2.55 45.05
CA GLY A 855 -1.85 1.25 44.47
C GLY A 855 -3.32 1.03 44.16
N LEU A 856 -3.57 0.23 43.12
CA LEU A 856 -4.91 -0.02 42.62
C LEU A 856 -5.47 -1.29 43.22
N SER A 857 -6.72 -1.22 43.69
CA SER A 857 -7.44 -2.42 44.07
C SER A 857 -7.71 -3.25 42.82
N PRO A 858 -7.98 -4.54 42.95
CA PRO A 858 -8.06 -5.43 41.76
C PRO A 858 -9.07 -4.95 40.72
N PRO A 859 -10.26 -4.47 41.11
CA PRO A 859 -11.18 -3.99 40.06
C PRO A 859 -10.69 -2.74 39.36
N GLU A 860 -10.15 -1.77 40.10
CA GLU A 860 -9.54 -0.60 39.48
C GLU A 860 -8.38 -1.00 38.58
N PHE A 861 -7.62 -2.01 39.00
CA PHE A 861 -6.52 -2.54 38.21
C PHE A 861 -7.04 -3.05 36.88
N LEU A 862 -8.13 -3.83 36.91
CA LEU A 862 -8.69 -4.35 35.67
C LEU A 862 -9.21 -3.25 34.76
N PHE A 863 -9.90 -2.26 35.35
CA PHE A 863 -10.47 -1.18 34.53
C PHE A 863 -9.37 -0.33 33.91
N HIS A 864 -8.34 0.00 34.69
CA HIS A 864 -7.20 0.74 34.16
C HIS A 864 -6.47 -0.06 33.10
N ALA A 865 -6.38 -1.38 33.29
CA ALA A 865 -5.79 -2.24 32.27
C ALA A 865 -6.59 -2.20 30.98
N ILE A 866 -7.92 -2.20 31.10
CA ILE A 866 -8.77 -2.11 29.91
C ILE A 866 -8.53 -0.80 29.17
N SER A 867 -8.47 0.30 29.90
CA SER A 867 -8.23 1.60 29.27
C SER A 867 -6.86 1.67 28.62
N GLY A 868 -5.82 1.20 29.32
CA GLY A 868 -4.50 1.17 28.73
C GLY A 868 -4.42 0.27 27.52
N ARG A 869 -5.13 -0.86 27.55
CA ARG A 869 -5.14 -1.77 26.42
C ARG A 869 -5.82 -1.15 25.21
N GLU A 870 -6.93 -0.42 25.41
CA GLU A 870 -7.54 0.21 24.26
C GLU A 870 -6.66 1.33 23.71
N GLY A 871 -5.94 2.04 24.58
CA GLY A 871 -4.91 2.95 24.10
C GLY A 871 -3.87 2.25 23.26
N LEU A 872 -3.40 1.09 23.74
CA LEU A 872 -2.39 0.31 23.02
C LEU A 872 -2.89 -0.14 21.65
N VAL A 873 -4.16 -0.56 21.60
CA VAL A 873 -4.71 -1.03 20.33
C VAL A 873 -4.89 0.14 19.37
N ASP A 874 -5.27 1.32 19.89
CA ASP A 874 -5.23 2.51 19.05
C ASP A 874 -3.82 2.79 18.53
N THR A 875 -2.82 2.55 19.35
CA THR A 875 -1.43 2.68 18.88
C THR A 875 -1.17 1.75 17.70
N ALA A 876 -1.60 0.50 17.83
CA ALA A 876 -1.43 -0.45 16.74
C ALA A 876 -2.17 -0.01 15.48
N VAL A 877 -3.37 0.55 15.66
CA VAL A 877 -4.15 1.04 14.54
C VAL A 877 -3.43 2.20 13.84
N LYS A 878 -2.85 3.11 14.62
CA LYS A 878 -2.10 4.22 14.04
C LYS A 878 -0.87 3.71 13.28
N THR A 879 -0.17 2.73 13.84
CA THR A 879 0.95 2.14 13.12
C THR A 879 0.51 1.51 11.81
N ALA A 880 -0.64 0.82 11.83
CA ALA A 880 -1.14 0.19 10.62
C ALA A 880 -1.58 1.21 9.58
N GLU A 881 -2.07 2.36 10.01
CA GLU A 881 -2.56 3.37 9.09
C GLU A 881 -1.52 4.42 8.71
N THR A 882 -0.34 4.39 9.33
CA THR A 882 0.73 5.28 8.91
C THR A 882 1.13 5.00 7.47
N GLY A 883 1.32 6.06 6.69
CA GLY A 883 1.71 5.90 5.30
C GLY A 883 0.59 5.62 4.33
N TYR A 884 -0.64 6.02 4.65
CA TYR A 884 -1.78 5.81 3.75
C TYR A 884 -2.32 7.14 3.23
N MET A 885 -2.72 8.04 4.12
CA MET A 885 -3.15 9.37 3.69
C MET A 885 -2.02 10.12 3.01
N SER A 886 -0.81 10.04 3.57
CA SER A 886 0.32 10.72 2.94
C SER A 886 0.58 10.17 1.55
N ARG A 887 0.52 8.84 1.39
CA ARG A 887 0.75 8.25 0.07
C ARG A 887 -0.33 8.65 -0.92
N ARG A 888 -1.60 8.66 -0.49
CA ARG A 888 -2.69 9.01 -1.40
C ARG A 888 -2.60 10.48 -1.82
N LEU A 889 -2.46 11.38 -0.85
CA LEU A 889 -2.29 12.79 -1.17
C LEU A 889 -1.02 13.03 -1.97
N MET A 890 0.00 12.19 -1.78
CA MET A 890 1.22 12.32 -2.56
C MET A 890 0.97 11.98 -4.01
N LYS A 891 0.26 10.88 -4.27
CA LYS A 891 -0.14 10.57 -5.63
C LYS A 891 -0.95 11.69 -6.25
N SER A 892 -1.76 12.38 -5.44
CA SER A 892 -2.53 13.51 -5.96
C SER A 892 -1.66 14.71 -6.28
N LEU A 893 -0.74 15.07 -5.39
CA LEU A 893 -0.08 16.38 -5.40
C LEU A 893 1.42 16.30 -5.71
N GLU A 894 1.90 15.18 -6.25
CA GLU A 894 3.32 15.01 -6.50
C GLU A 894 3.87 16.12 -7.38
N ASP A 895 3.17 16.42 -8.46
CA ASP A 895 3.72 17.18 -9.56
C ASP A 895 3.39 18.67 -9.50
N LEU A 896 2.70 19.12 -8.45
CA LEU A 896 2.41 20.54 -8.30
C LEU A 896 3.65 21.24 -7.76
N SER A 897 4.19 22.18 -8.54
CA SER A 897 5.35 22.94 -8.14
C SER A 897 5.13 24.41 -8.50
N CYS A 898 5.80 25.29 -7.74
CA CYS A 898 5.74 26.70 -8.05
C CYS A 898 6.56 27.01 -9.29
N GLN A 899 5.97 27.77 -10.21
CA GLN A 899 6.65 28.14 -11.44
C GLN A 899 7.37 29.48 -11.27
N TYR A 900 8.22 29.81 -12.23
CA TYR A 900 8.99 31.04 -12.16
C TYR A 900 8.15 32.28 -12.41
N ASP A 901 6.91 32.14 -12.86
CA ASP A 901 5.97 33.24 -12.98
C ASP A 901 4.98 33.27 -11.81
N ASN A 902 5.30 32.57 -10.72
CA ASN A 902 4.52 32.57 -9.48
C ASN A 902 3.16 31.90 -9.65
N THR A 903 3.08 30.91 -10.55
CA THR A 903 1.89 30.09 -10.70
C THR A 903 2.17 28.68 -10.23
N VAL A 904 1.17 28.05 -9.62
CA VAL A 904 1.23 26.65 -9.25
C VAL A 904 0.57 25.85 -10.37
N ARG A 905 1.35 24.96 -11.00
CA ARG A 905 0.89 24.23 -12.17
C ARG A 905 1.15 22.75 -12.00
N THR A 906 0.37 21.95 -12.74
CA THR A 906 0.64 20.53 -12.85
C THR A 906 1.89 20.31 -13.70
N SER A 907 2.29 19.05 -13.83
CA SER A 907 3.37 18.72 -14.75
C SER A 907 2.93 18.81 -16.21
N ALA A 908 1.63 18.93 -16.46
CA ALA A 908 1.10 19.19 -17.80
C ALA A 908 1.00 20.69 -18.08
N ASN A 909 1.59 21.53 -17.23
CA ASN A 909 1.62 22.97 -17.39
C ASN A 909 0.24 23.60 -17.29
N GLY A 910 -0.71 22.92 -16.65
CA GLY A 910 -2.04 23.46 -16.41
C GLY A 910 -2.10 24.16 -15.06
N ILE A 911 -2.76 25.30 -15.04
CA ILE A 911 -2.75 26.16 -13.86
C ILE A 911 -3.70 25.61 -12.81
N VAL A 912 -3.18 25.36 -11.62
CA VAL A 912 -3.99 25.01 -10.46
C VAL A 912 -4.27 26.21 -9.57
N GLN A 913 -3.23 27.03 -9.34
CA GLN A 913 -3.37 28.29 -8.64
C GLN A 913 -2.58 29.35 -9.41
N PHE A 914 -3.24 30.45 -9.76
CA PHE A 914 -2.53 31.54 -10.42
C PHE A 914 -1.51 32.16 -9.47
N THR A 915 -1.76 32.07 -8.18
CA THR A 915 -0.79 32.43 -7.15
C THR A 915 -0.97 31.47 -5.99
N TYR A 916 0.13 31.07 -5.35
CA TYR A 916 0.05 30.10 -4.28
C TYR A 916 -0.65 30.72 -3.07
N GLY A 917 -1.73 30.08 -2.63
CA GLY A 917 -2.47 30.56 -1.47
C GLY A 917 -3.17 31.88 -1.71
N GLY A 918 -3.17 32.34 -2.97
CA GLY A 918 -3.68 33.65 -3.29
C GLY A 918 -2.82 34.75 -2.72
N ASP A 919 -1.66 34.37 -2.21
CA ASP A 919 -0.71 35.22 -1.51
C ASP A 919 0.69 35.13 -2.09
N GLY A 920 1.10 33.95 -2.55
CA GLY A 920 2.46 33.75 -3.01
C GLY A 920 3.48 33.61 -1.90
N LEU A 921 3.03 33.37 -0.67
CA LEU A 921 3.92 33.31 0.48
C LEU A 921 4.16 31.87 0.90
N ASP A 922 5.41 31.56 1.21
CA ASP A 922 5.77 30.24 1.72
C ASP A 922 5.35 30.11 3.17
N PRO A 923 4.56 29.08 3.52
CA PRO A 923 4.21 28.88 4.94
C PRO A 923 5.42 28.68 5.84
N LEU A 924 6.55 28.24 5.30
CA LEU A 924 7.76 28.07 6.10
C LEU A 924 8.35 29.40 6.56
N GLU A 925 8.08 30.49 5.85
CA GLU A 925 8.71 31.77 6.12
C GLU A 925 7.80 32.75 6.85
N MET A 926 6.70 32.29 7.41
CA MET A 926 5.75 33.18 8.06
C MET A 926 6.09 33.29 9.55
N GLU A 927 6.60 34.45 9.95
CA GLU A 927 6.92 34.69 11.36
C GLU A 927 5.66 34.92 12.19
N GLY A 928 4.63 35.52 11.61
CA GLY A 928 3.40 35.80 12.33
C GLY A 928 2.46 34.61 12.32
N ASN A 929 1.19 34.91 12.58
CA ASN A 929 0.14 33.89 12.59
C ASN A 929 -0.37 33.73 11.16
N ALA A 930 0.27 32.85 10.40
CA ALA A 930 0.02 32.70 8.97
C ALA A 930 0.18 34.04 8.25
N GLN A 931 1.02 34.89 8.80
CA GLN A 931 1.38 36.18 8.24
C GLN A 931 2.89 36.30 8.20
N PRO A 932 3.44 37.00 7.21
CA PRO A 932 4.90 36.99 7.03
C PRO A 932 5.68 37.69 8.12
N VAL A 933 5.13 38.74 8.74
CA VAL A 933 5.89 39.61 9.62
C VAL A 933 5.20 39.68 10.98
N ASN A 934 5.99 39.52 12.05
CA ASN A 934 5.54 39.78 13.41
C ASN A 934 5.84 41.25 13.70
N PHE A 935 4.79 42.08 13.64
CA PHE A 935 4.99 43.53 13.69
C PHE A 935 5.56 43.96 15.05
N ASN A 936 5.05 43.39 16.14
CA ASN A 936 5.49 43.82 17.46
C ASN A 936 6.94 43.42 17.72
N ARG A 937 7.30 42.17 17.41
CA ARG A 937 8.68 41.75 17.60
C ARG A 937 9.62 42.53 16.69
N SER A 938 9.20 42.78 15.45
CA SER A 938 10.03 43.56 14.53
C SER A 938 10.23 44.98 15.03
N TRP A 939 9.17 45.60 15.55
CA TRP A 939 9.30 46.95 16.08
C TRP A 939 10.23 47.00 17.28
N ASP A 940 10.07 46.06 18.21
CA ASP A 940 10.94 46.03 19.38
C ASP A 940 12.38 45.77 18.99
N HIS A 941 12.61 44.87 18.02
CA HIS A 941 13.96 44.61 17.55
C HIS A 941 14.57 45.85 16.91
N ALA A 942 13.80 46.57 16.08
CA ALA A 942 14.34 47.78 15.47
C ALA A 942 14.64 48.84 16.52
N TYR A 943 13.75 49.00 17.50
CA TYR A 943 13.97 49.97 18.56
C TYR A 943 15.24 49.65 19.35
N ASN A 944 15.45 48.38 19.70
CA ASN A 944 16.62 48.03 20.47
C ASN A 944 17.90 48.13 19.65
N ILE A 945 17.87 47.65 18.40
CA ILE A 945 19.05 47.68 17.55
C ILE A 945 19.47 49.11 17.23
N THR A 946 18.51 50.01 17.08
CA THR A 946 18.82 51.40 16.76
C THR A 946 18.73 52.32 17.97
N PHE A 947 18.67 51.78 19.18
CA PHE A 947 18.49 52.61 20.36
C PHE A 947 19.71 53.50 20.58
N ASN A 948 19.44 54.76 20.92
CA ASN A 948 20.51 55.73 21.20
C ASN A 948 19.89 56.81 22.07
N ASN A 949 20.25 56.83 23.36
CA ASN A 949 19.71 57.84 24.26
C ASN A 949 20.08 59.26 23.82
N GLN A 950 21.17 59.41 23.07
CA GLN A 950 21.56 60.69 22.49
C GLN A 950 21.02 60.83 21.07
N ASP A 951 19.71 60.61 20.89
CA ASP A 951 19.06 60.78 19.61
C ASP A 951 17.73 61.48 19.83
N LYS A 952 17.29 62.23 18.82
CA LYS A 952 16.08 63.03 18.93
C LYS A 952 14.88 62.25 18.41
N GLY A 953 13.83 62.18 19.23
CA GLY A 953 12.62 61.49 18.81
C GLY A 953 11.78 62.35 17.88
N LEU A 954 11.24 61.71 16.85
CA LEU A 954 10.44 62.42 15.87
C LEU A 954 9.10 62.85 16.47
N LEU A 955 8.49 63.84 15.83
CA LEU A 955 7.11 64.17 16.10
C LEU A 955 6.21 63.06 15.57
N PRO A 956 4.97 62.97 16.07
CA PRO A 956 4.06 61.94 15.55
C PRO A 956 3.86 62.02 14.04
N TYR A 957 3.83 63.23 13.47
CA TYR A 957 3.66 63.34 12.03
C TYR A 957 4.93 62.98 11.27
N ALA A 958 6.10 63.32 11.83
CA ALA A 958 7.35 62.99 11.15
C ALA A 958 7.58 61.50 11.06
N ILE A 959 7.11 60.73 12.05
CA ILE A 959 7.18 59.29 11.97
C ILE A 959 6.37 58.80 10.77
N MET A 960 5.16 59.34 10.60
CA MET A 960 4.34 58.98 9.45
C MET A 960 4.93 59.52 8.16
N GLU A 961 5.62 60.67 8.20
CA GLU A 961 6.29 61.15 7.00
C GLU A 961 7.38 60.19 6.56
N THR A 962 8.17 59.68 7.49
CA THR A 962 9.18 58.68 7.15
C THR A 962 8.52 57.39 6.64
N ALA A 963 7.44 56.97 7.30
CA ALA A 963 6.76 55.75 6.89
C ALA A 963 6.22 55.87 5.47
N ASN A 964 5.63 57.02 5.14
CA ASN A 964 5.07 57.25 3.81
C ASN A 964 6.13 57.64 2.79
N GLU A 965 7.33 58.01 3.23
CA GLU A 965 8.43 58.16 2.29
C GLU A 965 9.00 56.80 1.89
N ILE A 966 9.02 55.84 2.82
CA ILE A 966 9.48 54.50 2.47
C ILE A 966 8.40 53.73 1.73
N LEU A 967 7.17 53.76 2.24
CA LEU A 967 6.04 53.11 1.58
C LEU A 967 5.30 54.14 0.73
N GLY A 968 5.06 53.79 -0.53
CA GLY A 968 4.47 54.70 -1.47
C GLY A 968 5.20 54.68 -2.79
N PRO A 969 6.54 54.65 -2.76
CA PRO A 969 7.25 54.11 -3.91
C PRO A 969 6.80 52.70 -4.21
N LEU A 970 6.84 51.82 -3.20
CA LEU A 970 6.37 50.45 -3.38
C LEU A 970 4.87 50.38 -3.57
N GLU A 971 4.12 51.29 -2.95
CA GLU A 971 2.67 51.24 -3.05
C GLU A 971 2.19 51.67 -4.43
N GLU A 972 2.79 52.71 -5.01
CA GLU A 972 2.46 53.16 -6.34
C GLU A 972 3.21 52.39 -7.42
N ARG A 973 4.18 51.55 -7.05
CA ARG A 973 4.75 50.62 -8.02
C ARG A 973 3.70 49.62 -8.50
N LEU A 974 2.87 49.13 -7.59
CA LEU A 974 1.73 48.30 -7.97
C LEU A 974 0.63 49.19 -8.56
N VAL A 975 0.11 48.80 -9.72
CA VAL A 975 -0.63 49.72 -10.56
C VAL A 975 -2.13 49.43 -10.56
N ARG A 976 -2.53 48.16 -10.53
CA ARG A 976 -3.94 47.76 -10.61
C ARG A 976 -4.58 48.21 -11.93
N TYR A 977 -4.12 47.58 -13.00
CA TYR A 977 -4.76 47.74 -14.30
C TYR A 977 -6.17 47.12 -14.30
N ASP A 978 -6.91 47.40 -15.37
CA ASP A 978 -8.24 46.86 -15.54
C ASP A 978 -8.15 45.38 -15.93
N ASN A 979 -9.29 44.76 -16.21
CA ASN A 979 -9.28 43.44 -16.81
C ASN A 979 -8.83 43.48 -18.27
N SER A 980 -8.96 44.64 -18.93
CA SER A 980 -8.49 44.83 -20.28
C SER A 980 -7.12 45.50 -20.35
N GLY A 981 -6.51 45.79 -19.20
CA GLY A 981 -5.18 46.39 -19.19
C GLY A 981 -5.14 47.90 -19.08
N CYS A 982 -6.23 48.53 -18.64
CA CYS A 982 -6.29 49.98 -18.53
C CYS A 982 -6.24 50.41 -17.07
N LEU A 983 -5.85 51.67 -16.85
CA LEU A 983 -5.81 52.22 -15.51
C LEU A 983 -7.22 52.31 -14.93
N VAL A 984 -7.31 52.15 -13.61
CA VAL A 984 -8.57 52.33 -12.90
C VAL A 984 -8.66 53.78 -12.45
N LYS A 985 -9.86 54.35 -12.56
CA LYS A 985 -10.12 55.79 -12.45
C LYS A 985 -9.99 56.33 -11.02
N ARG A 986 -9.46 55.57 -10.06
CA ARG A 986 -9.23 56.03 -8.70
C ARG A 986 -10.53 56.24 -7.93
N GLU A 987 -11.66 56.08 -8.61
CA GLU A 987 -12.96 55.97 -7.95
C GLU A 987 -13.49 54.55 -7.96
N ASP A 988 -12.87 53.66 -8.74
CA ASP A 988 -13.19 52.24 -8.74
C ASP A 988 -12.00 51.39 -8.29
N LEU A 989 -11.10 51.97 -7.48
CA LEU A 989 -9.87 51.29 -7.12
C LEU A 989 -10.15 50.00 -6.37
N ASN A 990 -11.15 50.00 -5.50
CA ASN A 990 -11.53 48.81 -4.73
C ASN A 990 -12.92 48.32 -5.13
N LYS A 991 -13.27 48.46 -6.41
CA LYS A 991 -14.60 48.12 -6.90
C LYS A 991 -14.85 46.61 -6.91
N ALA A 992 -13.82 45.80 -6.65
CA ALA A 992 -13.83 44.36 -6.43
C ALA A 992 -13.86 43.52 -7.72
N GLU A 993 -14.02 44.11 -8.90
CA GLU A 993 -13.72 43.37 -10.12
C GLU A 993 -12.34 43.72 -10.66
N TYR A 994 -11.62 44.61 -9.99
CA TYR A 994 -10.25 44.93 -10.33
C TYR A 994 -9.26 44.31 -9.33
N VAL A 995 -9.75 43.46 -8.44
CA VAL A 995 -8.86 42.68 -7.59
C VAL A 995 -7.98 41.81 -8.47
N ASP A 996 -6.72 41.69 -8.08
CA ASP A 996 -5.75 40.89 -8.84
C ASP A 996 -4.68 40.44 -7.86
N GLN A 997 -3.56 39.97 -8.41
CA GLN A 997 -2.36 39.81 -7.59
C GLN A 997 -1.87 41.19 -7.17
N TYR A 998 -0.84 41.24 -6.33
CA TYR A 998 -0.31 42.48 -5.75
C TYR A 998 -1.29 43.08 -4.75
N ASP A 999 -2.47 42.50 -4.62
CA ASP A 999 -3.44 43.02 -3.66
C ASP A 999 -3.05 42.63 -2.25
N ALA A 1000 -2.50 41.44 -2.06
CA ALA A 1000 -1.96 41.07 -0.76
C ALA A 1000 -0.78 41.95 -0.39
N GLU A 1001 0.06 42.29 -1.37
CA GLU A 1001 1.16 43.23 -1.12
C GLU A 1001 0.64 44.60 -0.72
N ARG A 1002 -0.41 45.08 -1.40
CA ARG A 1002 -1.01 46.35 -1.04
C ARG A 1002 -1.56 46.32 0.38
N ASP A 1003 -2.23 45.22 0.74
CA ASP A 1003 -2.75 45.08 2.09
C ASP A 1003 -1.63 45.04 3.12
N PHE A 1004 -0.52 44.39 2.79
CA PHE A 1004 0.63 44.35 3.70
C PHE A 1004 1.20 45.75 3.92
N TYR A 1005 1.33 46.53 2.85
CA TYR A 1005 1.83 47.90 2.98
C TYR A 1005 0.87 48.74 3.81
N HIS A 1006 -0.43 48.56 3.61
CA HIS A 1006 -1.42 49.28 4.41
C HIS A 1006 -1.34 48.88 5.88
N SER A 1007 -1.08 47.59 6.15
CA SER A 1007 -0.91 47.14 7.52
C SER A 1007 0.33 47.76 8.16
N LEU A 1008 1.42 47.88 7.39
CA LEU A 1008 2.62 48.55 7.89
C LEU A 1008 2.32 50.00 8.24
N ARG A 1009 1.61 50.70 7.35
CA ARG A 1009 1.24 52.08 7.63
C ARG A 1009 0.34 52.17 8.86
N GLU A 1010 -0.59 51.23 9.01
CA GLU A 1010 -1.49 51.23 10.15
C GLU A 1010 -0.73 51.02 11.45
N TYR A 1011 0.25 50.12 11.46
CA TYR A 1011 1.05 49.89 12.66
C TYR A 1011 1.87 51.12 13.03
N ILE A 1012 2.53 51.72 12.03
CA ILE A 1012 3.29 52.94 12.29
C ILE A 1012 2.38 54.05 12.78
N ASN A 1013 1.16 54.13 12.24
CA ASN A 1013 0.21 55.13 12.67
C ASN A 1013 -0.27 54.87 14.09
N GLY A 1014 -0.41 53.61 14.48
CA GLY A 1014 -0.73 53.31 15.86
C GLY A 1014 0.35 53.77 16.82
N LYS A 1015 1.62 53.53 16.46
CA LYS A 1015 2.72 54.01 17.30
C LYS A 1015 2.72 55.54 17.37
N ALA A 1016 2.53 56.20 16.22
CA ALA A 1016 2.52 57.66 16.18
C ALA A 1016 1.35 58.23 16.97
N THR A 1017 0.19 57.57 16.90
CA THR A 1017 -0.98 58.01 17.66
C THR A 1017 -0.75 57.85 19.16
N ALA A 1018 -0.08 56.77 19.57
CA ALA A 1018 0.28 56.63 20.98
C ALA A 1018 1.18 57.78 21.42
N LEU A 1019 2.20 58.10 20.60
CA LEU A 1019 3.08 59.21 20.95
C LEU A 1019 2.33 60.53 21.02
N ALA A 1020 1.44 60.77 20.06
CA ALA A 1020 0.68 62.02 20.03
C ALA A 1020 -0.26 62.12 21.22
N ASN A 1021 -0.89 61.01 21.60
CA ASN A 1021 -1.79 61.00 22.75
C ASN A 1021 -1.02 61.29 24.03
N LEU A 1022 0.17 60.70 24.18
CA LEU A 1022 0.99 61.07 25.33
C LEU A 1022 1.35 62.54 25.31
N ARG A 1023 1.75 63.06 24.15
CA ARG A 1023 2.18 64.44 24.05
C ARG A 1023 1.06 65.40 24.44
N LYS A 1024 -0.16 65.14 23.94
CA LYS A 1024 -1.28 66.02 24.25
C LYS A 1024 -1.79 65.81 25.67
N SER A 1025 -1.64 64.61 26.23
CA SER A 1025 -1.99 64.39 27.62
C SER A 1025 -1.08 65.18 28.57
N ARG A 1026 0.10 65.58 28.11
CA ARG A 1026 1.00 66.42 28.87
C ARG A 1026 0.72 67.91 28.68
N GLY A 1027 -0.34 68.25 27.94
CA GLY A 1027 -0.71 69.62 27.69
C GLY A 1027 -0.11 70.20 26.42
N MET A 1028 1.09 69.78 26.06
CA MET A 1028 1.73 70.26 24.83
C MET A 1028 1.04 69.66 23.61
N LEU A 1029 1.47 70.10 22.44
CA LEU A 1029 0.76 69.76 21.21
C LEU A 1029 1.09 68.35 20.76
N GLY A 1030 0.07 67.58 20.42
CA GLY A 1030 0.26 66.29 19.80
C GLY A 1030 0.23 66.42 18.29
N LEU A 1031 1.40 66.51 17.67
CA LEU A 1031 1.51 66.83 16.24
C LEU A 1031 1.28 65.57 15.41
N LEU A 1032 0.05 65.06 15.48
CA LEU A 1032 -0.34 63.94 14.64
C LEU A 1032 -0.40 64.35 13.18
N GLU A 1033 -1.07 65.49 12.91
CA GLU A 1033 -1.09 66.01 11.55
C GLU A 1033 0.05 66.99 11.34
N PRO A 1034 0.59 67.08 10.12
CA PRO A 1034 1.59 68.09 9.84
C PRO A 1034 1.01 69.48 9.99
N PRO A 1035 1.81 70.44 10.43
CA PRO A 1035 1.30 71.81 10.62
C PRO A 1035 1.41 72.63 9.35
N ALA A 1036 0.56 73.67 9.29
CA ALA A 1036 0.53 74.57 8.14
C ALA A 1036 0.13 75.95 8.65
N LYS A 1037 1.12 76.80 8.87
CA LYS A 1037 0.90 78.18 9.26
C LYS A 1037 2.14 78.98 8.92
N GLU A 1038 2.11 80.29 9.23
CA GLU A 1038 3.27 81.14 8.98
C GLU A 1038 4.46 80.71 9.82
N LEU A 1039 4.23 80.38 11.10
CA LEU A 1039 5.29 79.96 12.00
C LEU A 1039 5.50 78.46 11.99
N GLN A 1040 5.07 77.77 10.94
CA GLN A 1040 5.28 76.32 10.83
C GLN A 1040 6.76 75.96 10.86
N GLY A 1041 7.65 76.90 10.53
CA GLY A 1041 9.07 76.62 10.59
C GLY A 1041 9.57 76.41 12.01
N ILE A 1042 9.03 77.17 12.97
CA ILE A 1042 9.54 77.13 14.33
C ILE A 1042 9.10 75.84 15.01
N ASP A 1043 9.92 75.37 15.95
CA ASP A 1043 9.62 74.15 16.70
C ASP A 1043 8.48 74.42 17.68
N PRO A 1044 7.43 73.59 17.68
CA PRO A 1044 6.30 73.81 18.60
C PRO A 1044 6.54 73.36 20.03
N ASP A 1045 7.78 73.02 20.40
CA ASP A 1045 8.11 72.63 21.77
C ASP A 1045 8.94 73.68 22.50
N GLU A 1046 8.99 74.91 21.97
CA GLU A 1046 9.77 75.96 22.63
C GLU A 1046 9.09 76.46 23.89
N THR A 1047 7.77 76.63 23.84
CA THR A 1047 7.02 77.07 25.02
C THR A 1047 7.06 76.05 26.14
N VAL A 1048 7.36 74.80 25.85
CA VAL A 1048 7.38 73.78 26.91
C VAL A 1048 8.64 73.97 27.75
N PRO A 1049 8.54 74.00 29.08
CA PRO A 1049 9.67 74.36 29.94
C PRO A 1049 10.61 73.20 30.29
N ASP A 1050 11.06 72.46 29.27
CA ASP A 1050 12.15 71.50 29.41
C ASP A 1050 11.83 70.33 30.34
N ASN A 1051 10.63 70.31 30.90
CA ASN A 1051 10.24 69.26 31.85
C ASN A 1051 9.40 68.19 31.16
N VAL A 1052 8.28 68.58 30.55
CA VAL A 1052 7.46 67.57 29.91
C VAL A 1052 8.09 67.13 28.60
N LYS A 1053 9.00 67.93 28.02
CA LYS A 1053 9.77 67.43 26.87
C LYS A 1053 10.57 66.20 27.25
N THR A 1054 11.37 66.29 28.32
CA THR A 1054 12.18 65.15 28.69
C THR A 1054 11.33 64.02 29.26
N SER A 1055 10.17 64.34 29.86
CA SER A 1055 9.26 63.28 30.28
C SER A 1055 8.71 62.50 29.09
N VAL A 1056 8.29 63.21 28.04
CA VAL A 1056 7.77 62.54 26.85
C VAL A 1056 8.86 61.74 26.16
N SER A 1057 10.07 62.31 26.06
CA SER A 1057 11.19 61.58 25.48
C SER A 1057 11.54 60.36 26.32
N GLN A 1058 11.33 60.44 27.64
CA GLN A 1058 11.51 59.29 28.52
C GLN A 1058 10.50 58.20 28.20
N LEU A 1059 9.25 58.57 27.98
CA LEU A 1059 8.21 57.55 27.77
C LEU A 1059 8.25 56.98 26.35
N TYR A 1060 8.00 57.81 25.34
CA TYR A 1060 8.12 57.41 23.94
C TYR A 1060 9.17 58.26 23.25
N ARG A 1061 10.15 57.60 22.64
CA ARG A 1061 11.23 58.26 21.89
C ARG A 1061 11.46 57.44 20.62
N ILE A 1062 10.75 57.80 19.56
CA ILE A 1062 10.81 57.09 18.29
C ILE A 1062 11.71 57.87 17.36
N SER A 1063 12.91 57.36 17.12
CA SER A 1063 13.87 58.01 16.24
C SER A 1063 13.61 57.61 14.79
N GLU A 1064 14.06 58.47 13.87
CA GLU A 1064 13.91 58.17 12.45
C GLU A 1064 14.67 56.91 12.07
N LYS A 1065 15.86 56.72 12.65
CA LYS A 1065 16.62 55.49 12.42
C LYS A 1065 15.81 54.26 12.81
N SER A 1066 15.08 54.34 13.93
CA SER A 1066 14.27 53.21 14.38
C SER A 1066 13.16 52.90 13.39
N VAL A 1067 12.45 53.93 12.91
CA VAL A 1067 11.36 53.71 11.96
C VAL A 1067 11.89 53.13 10.67
N ARG A 1068 13.01 53.67 10.17
CA ARG A 1068 13.58 53.16 8.92
C ARG A 1068 14.06 51.73 9.08
N LYS A 1069 14.65 51.40 10.23
CA LYS A 1069 15.07 50.03 10.48
C LYS A 1069 13.88 49.09 10.55
N PHE A 1070 12.79 49.50 11.19
CA PHE A 1070 11.61 48.67 11.25
C PHE A 1070 11.04 48.42 9.86
N LEU A 1071 10.95 49.47 9.03
CA LEU A 1071 10.44 49.30 7.69
C LEU A 1071 11.35 48.40 6.86
N GLU A 1072 12.66 48.57 7.00
CA GLU A 1072 13.60 47.72 6.28
C GLU A 1072 13.45 46.27 6.69
N ILE A 1073 13.32 46.00 7.99
CA ILE A 1073 13.16 44.63 8.47
C ILE A 1073 11.86 44.03 7.95
N ALA A 1074 10.76 44.78 8.04
CA ALA A 1074 9.47 44.25 7.62
C ALA A 1074 9.44 43.97 6.13
N LEU A 1075 9.96 44.89 5.32
CA LEU A 1075 10.00 44.69 3.88
C LEU A 1075 10.90 43.52 3.51
N PHE A 1076 12.05 43.40 4.19
CA PHE A 1076 12.95 42.28 3.94
C PHE A 1076 12.27 40.95 4.27
N LYS A 1077 11.56 40.89 5.39
CA LYS A 1077 10.87 39.66 5.78
C LYS A 1077 9.77 39.32 4.79
N TYR A 1078 8.99 40.32 4.35
CA TYR A 1078 7.95 40.05 3.37
C TYR A 1078 8.53 39.56 2.06
N ARG A 1079 9.63 40.16 1.61
CA ARG A 1079 10.27 39.71 0.37
C ARG A 1079 10.77 38.29 0.52
N LYS A 1080 11.39 37.96 1.66
CA LYS A 1080 11.89 36.62 1.88
C LYS A 1080 10.77 35.60 2.02
N ALA A 1081 9.57 36.03 2.43
CA ALA A 1081 8.46 35.10 2.64
C ALA A 1081 7.85 34.58 1.35
N ARG A 1082 8.16 35.19 0.20
CA ARG A 1082 7.54 34.77 -1.06
C ARG A 1082 7.97 33.35 -1.42
N LEU A 1083 7.02 32.58 -1.94
CA LEU A 1083 7.31 31.21 -2.34
C LEU A 1083 8.32 31.19 -3.47
N GLU A 1084 9.33 30.33 -3.34
CA GLU A 1084 10.40 30.27 -4.33
C GLU A 1084 9.99 29.37 -5.50
N PRO A 1085 10.30 29.77 -6.73
CA PRO A 1085 10.03 28.91 -7.87
C PRO A 1085 10.82 27.60 -7.79
N GLY A 1086 10.21 26.53 -8.27
CA GLY A 1086 10.78 25.21 -8.19
C GLY A 1086 10.39 24.43 -6.95
N THR A 1087 9.78 25.09 -5.96
CA THR A 1087 9.38 24.41 -4.74
C THR A 1087 8.39 23.30 -5.05
N ALA A 1088 8.61 22.13 -4.46
CA ALA A 1088 7.66 21.01 -4.55
C ALA A 1088 6.52 21.27 -3.57
N ILE A 1089 5.77 22.33 -3.87
CA ILE A 1089 4.74 22.80 -2.95
C ILE A 1089 3.62 21.79 -2.83
N GLY A 1090 3.32 21.05 -3.91
CA GLY A 1090 2.29 20.03 -3.82
C GLY A 1090 2.69 18.88 -2.90
N ALA A 1091 3.93 18.40 -3.03
CA ALA A 1091 4.42 17.35 -2.15
C ALA A 1091 4.50 17.84 -0.70
N ILE A 1092 4.95 19.08 -0.51
CA ILE A 1092 5.02 19.65 0.83
C ILE A 1092 3.63 19.73 1.46
N GLY A 1093 2.64 20.17 0.68
CA GLY A 1093 1.27 20.22 1.20
C GLY A 1093 0.72 18.84 1.50
N ALA A 1094 1.02 17.87 0.64
CA ALA A 1094 0.56 16.50 0.87
C ALA A 1094 1.11 15.97 2.18
N GLN A 1095 2.40 16.17 2.44
CA GLN A 1095 2.98 15.71 3.69
C GLN A 1095 2.48 16.53 4.87
N SER A 1096 2.27 17.84 4.69
CA SER A 1096 1.78 18.70 5.75
C SER A 1096 0.33 18.38 6.13
N ILE A 1097 -0.43 17.77 5.23
CA ILE A 1097 -1.79 17.38 5.56
C ILE A 1097 -1.87 15.91 5.99
N GLY A 1098 -0.94 15.07 5.54
CA GLY A 1098 -0.98 13.66 5.86
C GLY A 1098 -0.24 13.24 7.11
N GLU A 1099 0.90 13.87 7.39
CA GLU A 1099 1.60 13.58 8.64
C GLU A 1099 0.74 13.85 9.87
N PRO A 1100 -0.02 14.94 9.95
CA PRO A 1100 -1.03 15.05 11.03
C PRO A 1100 -2.07 13.96 10.98
N GLY A 1101 -2.34 13.37 9.81
CA GLY A 1101 -3.32 12.31 9.69
C GLY A 1101 -2.86 10.98 10.25
N THR A 1102 -1.64 10.90 10.77
CA THR A 1102 -1.12 9.68 11.39
C THR A 1102 -1.26 9.66 12.90
N GLN A 1103 -1.42 10.83 13.54
CA GLN A 1103 -1.55 10.94 14.98
C GLN A 1103 -2.99 10.97 15.45
N MET A 1104 -3.95 10.89 14.54
CA MET A 1104 -5.37 10.98 14.88
C MET A 1104 -6.00 9.60 14.82
N THR A 1105 -6.86 9.30 15.79
CA THR A 1105 -7.46 7.98 15.87
C THR A 1105 -8.47 7.77 14.75
N LEU A 1106 -8.52 6.53 14.24
CA LEU A 1106 -9.59 6.18 13.31
C LEU A 1106 -10.95 6.27 13.98
N LYS A 1107 -11.06 5.76 15.20
CA LYS A 1107 -12.28 5.89 15.98
C LYS A 1107 -12.43 7.32 16.49
N THR A 1108 -13.68 7.77 16.59
CA THR A 1108 -13.99 9.12 17.04
C THR A 1108 -14.07 9.12 18.57
N PHE A 1109 -13.12 9.79 19.21
CA PHE A 1109 -13.06 9.90 20.66
C PHE A 1109 -13.51 11.30 21.07
N HIS A 1110 -14.50 11.36 21.95
CA HIS A 1110 -15.10 12.61 22.38
C HIS A 1110 -14.91 12.82 23.87
N PHE A 1111 -14.94 14.09 24.29
CA PHE A 1111 -14.86 14.41 25.71
C PHE A 1111 -16.06 13.82 26.44
N ALA A 1112 -15.82 13.32 27.65
CA ALA A 1112 -16.85 12.64 28.42
C ALA A 1112 -17.87 13.66 28.92
N GLY A 1113 -19.00 13.76 28.22
CA GLY A 1113 -20.07 14.64 28.67
C GLY A 1113 -20.56 15.62 27.62
N VAL A 1114 -20.00 15.56 26.42
CA VAL A 1114 -20.45 16.45 25.35
C VAL A 1114 -21.87 16.10 24.93
N ALA A 1115 -22.13 14.82 24.71
CA ALA A 1115 -23.46 14.32 24.38
C ALA A 1115 -24.06 15.03 23.18
N SER A 1116 -23.23 15.32 22.19
CA SER A 1116 -23.67 15.95 20.95
C SER A 1116 -23.80 14.88 19.87
N MET A 1117 -24.26 15.31 18.69
CA MET A 1117 -24.35 14.40 17.56
C MET A 1117 -22.97 13.90 17.18
N ASN A 1118 -22.87 12.59 16.94
CA ASN A 1118 -21.60 11.91 16.75
C ASN A 1118 -21.11 12.11 15.32
N VAL A 1119 -20.70 13.34 15.02
CA VAL A 1119 -20.15 13.67 13.71
C VAL A 1119 -18.69 13.26 13.67
N THR A 1120 -18.30 12.53 12.62
CA THR A 1120 -16.92 12.09 12.49
C THR A 1120 -16.03 13.27 12.11
N LEU A 1121 -14.90 13.42 12.81
CA LEU A 1121 -14.09 14.62 12.67
C LEU A 1121 -12.59 14.32 12.70
N GLY A 1122 -12.18 13.18 12.16
CA GLY A 1122 -10.75 12.87 12.16
C GLY A 1122 -10.23 12.25 10.88
N VAL A 1123 -9.47 11.17 11.04
CA VAL A 1123 -8.97 10.43 9.87
C VAL A 1123 -10.09 9.93 8.97
N PRO A 1124 -11.16 9.32 9.49
CA PRO A 1124 -12.27 8.96 8.59
C PRO A 1124 -12.86 10.15 7.86
N ARG A 1125 -13.02 11.30 8.54
CA ARG A 1125 -13.60 12.46 7.88
C ARG A 1125 -12.69 12.99 6.77
N ILE A 1126 -11.38 13.02 7.03
CA ILE A 1126 -10.43 13.39 5.99
C ILE A 1126 -10.52 12.42 4.82
N LYS A 1127 -10.67 11.13 5.13
CA LYS A 1127 -10.81 10.13 4.07
C LYS A 1127 -12.03 10.40 3.21
N GLU A 1128 -13.17 10.68 3.84
CA GLU A 1128 -14.38 10.99 3.07
C GLU A 1128 -14.20 12.24 2.22
N ILE A 1129 -13.63 13.30 2.80
CA ILE A 1129 -13.50 14.56 2.07
C ILE A 1129 -12.60 14.38 0.86
N ILE A 1130 -11.43 13.76 1.03
CA ILE A 1130 -10.50 13.61 -0.08
C ILE A 1130 -10.86 12.45 -0.99
N ASN A 1131 -11.76 11.56 -0.59
CA ASN A 1131 -12.32 10.58 -1.50
C ASN A 1131 -13.47 11.12 -2.32
N ALA A 1132 -14.08 12.22 -1.87
CA ALA A 1132 -15.24 12.82 -2.54
C ALA A 1132 -16.36 11.80 -2.67
N SER A 1133 -16.57 11.03 -1.61
CA SER A 1133 -17.64 10.03 -1.60
C SER A 1133 -19.00 10.71 -1.67
N LYS A 1134 -19.95 10.06 -2.34
CA LYS A 1134 -21.29 10.61 -2.47
C LYS A 1134 -22.14 10.40 -1.22
N VAL A 1135 -21.75 9.47 -0.35
CA VAL A 1135 -22.45 9.21 0.90
C VAL A 1135 -21.46 9.29 2.03
N ILE A 1136 -21.82 10.02 3.09
CA ILE A 1136 -20.94 10.23 4.23
C ILE A 1136 -21.67 9.84 5.50
N SER A 1137 -20.90 9.43 6.50
CA SER A 1137 -21.45 9.14 7.81
C SER A 1137 -21.72 10.46 8.54
N THR A 1138 -22.95 10.63 9.02
CA THR A 1138 -23.41 11.82 9.72
C THR A 1138 -23.23 13.09 8.88
N PRO A 1139 -24.03 13.28 7.83
CA PRO A 1139 -24.05 14.59 7.16
C PRO A 1139 -24.91 15.56 7.95
N ILE A 1140 -24.43 16.79 8.07
CA ILE A 1140 -25.09 17.82 8.86
C ILE A 1140 -25.33 19.03 7.99
N ILE A 1141 -26.53 19.62 8.10
CA ILE A 1141 -26.91 20.81 7.35
C ILE A 1141 -27.23 21.89 8.37
N ASN A 1142 -26.34 22.87 8.50
CA ASN A 1142 -26.52 23.96 9.45
C ASN A 1142 -27.40 25.03 8.83
N ALA A 1143 -28.59 25.23 9.40
CA ALA A 1143 -29.59 26.13 8.85
C ALA A 1143 -29.94 27.20 9.88
N VAL A 1144 -29.36 28.39 9.71
CA VAL A 1144 -29.74 29.51 10.56
C VAL A 1144 -31.18 29.92 10.26
N LEU A 1145 -31.88 30.39 11.29
CA LEU A 1145 -33.27 30.78 11.16
C LEU A 1145 -33.37 32.29 10.95
N VAL A 1146 -34.59 32.81 11.03
CA VAL A 1146 -34.86 34.22 10.84
C VAL A 1146 -35.21 34.91 12.16
N ASN A 1147 -35.96 34.23 13.03
CA ASN A 1147 -36.48 34.83 14.25
C ASN A 1147 -35.79 34.24 15.48
N ASP A 1148 -35.96 34.93 16.60
CA ASP A 1148 -35.39 34.53 17.88
C ASP A 1148 -36.52 34.18 18.85
N ASN A 1149 -36.90 32.91 18.87
CA ASN A 1149 -37.94 32.39 19.76
C ASN A 1149 -37.98 30.88 19.61
N ASP A 1150 -38.44 30.21 20.68
CA ASP A 1150 -38.70 28.78 20.63
C ASP A 1150 -40.12 28.48 20.18
N GLU A 1151 -41.12 29.01 20.89
CA GLU A 1151 -42.51 28.70 20.61
C GLU A 1151 -42.93 29.38 19.32
N ARG A 1152 -43.35 28.56 18.35
CA ARG A 1152 -43.93 28.98 17.07
C ARG A 1152 -42.96 29.72 16.17
N ALA A 1153 -41.65 29.71 16.48
CA ALA A 1153 -40.64 30.28 15.60
C ALA A 1153 -39.67 29.22 15.09
N ALA A 1154 -38.99 28.51 15.98
CA ALA A 1154 -38.08 27.45 15.56
C ALA A 1154 -38.77 26.10 15.40
N ARG A 1155 -39.78 25.83 16.23
CA ARG A 1155 -40.48 24.56 16.17
C ARG A 1155 -41.22 24.40 14.84
N VAL A 1156 -41.70 25.52 14.27
CA VAL A 1156 -42.39 25.45 12.99
C VAL A 1156 -41.44 24.94 11.90
N VAL A 1157 -40.23 25.49 11.85
CA VAL A 1157 -39.26 25.03 10.86
C VAL A 1157 -38.85 23.59 11.15
N LYS A 1158 -38.63 23.26 12.43
CA LYS A 1158 -38.29 21.89 12.79
C LYS A 1158 -39.34 20.92 12.26
N GLY A 1159 -40.61 21.23 12.47
CA GLY A 1159 -41.68 20.41 11.90
C GLY A 1159 -41.68 20.44 10.38
N ARG A 1160 -41.28 21.57 9.79
CA ARG A 1160 -41.18 21.65 8.34
C ARG A 1160 -40.12 20.72 7.76
N VAL A 1161 -39.13 20.33 8.56
CA VAL A 1161 -38.10 19.38 8.12
C VAL A 1161 -38.09 18.22 9.12
N GLU A 1162 -38.85 17.16 8.80
CA GLU A 1162 -38.89 15.97 9.64
C GLU A 1162 -39.01 14.74 8.76
N LYS A 1163 -38.53 13.61 9.29
CA LYS A 1163 -38.44 12.37 8.52
C LYS A 1163 -39.80 11.82 8.10
N THR A 1164 -40.62 11.40 9.07
CA THR A 1164 -41.92 10.81 8.80
C THR A 1164 -42.80 11.03 10.02
N LEU A 1165 -44.13 11.09 9.79
CA LEU A 1165 -45.03 11.55 10.82
C LEU A 1165 -46.32 10.76 11.00
N LEU A 1166 -46.64 9.81 10.13
CA LEU A 1166 -47.94 9.13 10.26
C LEU A 1166 -48.01 8.33 11.56
N SER A 1167 -46.94 7.61 11.89
CA SER A 1167 -46.89 6.94 13.19
C SER A 1167 -46.91 7.95 14.33
N ASP A 1168 -46.35 9.14 14.10
CA ASP A 1168 -46.32 10.19 15.11
C ASP A 1168 -47.72 10.69 15.42
N VAL A 1169 -48.58 10.80 14.41
CA VAL A 1169 -49.85 11.50 14.54
C VAL A 1169 -51.05 10.59 14.28
N ALA A 1170 -50.86 9.27 14.31
CA ALA A 1170 -51.96 8.36 14.02
C ALA A 1170 -52.76 7.98 15.27
N PHE A 1171 -52.06 7.54 16.32
CA PHE A 1171 -52.63 7.11 17.60
C PHE A 1171 -53.35 5.77 17.49
N TYR A 1172 -53.59 5.31 16.26
CA TYR A 1172 -53.90 3.91 15.94
C TYR A 1172 -54.13 3.82 14.44
N VAL A 1173 -54.28 2.58 13.97
CA VAL A 1173 -54.66 2.28 12.59
C VAL A 1173 -55.50 1.01 12.60
N GLN A 1174 -56.56 1.00 11.80
CA GLN A 1174 -57.56 -0.06 11.85
C GLN A 1174 -57.36 -1.05 10.70
N ASP A 1175 -57.97 -2.23 10.88
CA ASP A 1175 -57.99 -3.30 9.88
C ASP A 1175 -59.43 -3.82 9.89
N VAL A 1176 -60.28 -3.22 9.06
CA VAL A 1176 -61.73 -3.29 9.23
C VAL A 1176 -62.36 -4.02 8.05
N TYR A 1177 -63.34 -4.86 8.34
CA TYR A 1177 -64.13 -5.54 7.33
C TYR A 1177 -65.61 -5.41 7.65
N LYS A 1178 -66.44 -5.48 6.60
CA LYS A 1178 -67.88 -5.45 6.74
C LYS A 1178 -68.45 -6.45 5.74
N ASP A 1179 -69.75 -6.35 5.45
CA ASP A 1179 -70.41 -7.35 4.61
C ASP A 1179 -69.77 -7.43 3.23
N ASN A 1180 -69.48 -6.28 2.61
CA ASN A 1180 -68.89 -6.24 1.29
C ASN A 1180 -67.75 -5.24 1.16
N LEU A 1181 -67.47 -4.46 2.19
CA LEU A 1181 -66.51 -3.37 2.11
C LEU A 1181 -65.47 -3.49 3.21
N SER A 1182 -64.33 -2.84 3.00
CA SER A 1182 -63.23 -2.83 3.94
C SER A 1182 -62.79 -1.40 4.20
N PHE A 1183 -62.24 -1.18 5.39
CA PHE A 1183 -61.73 0.13 5.78
C PHE A 1183 -60.38 -0.04 6.47
N ILE A 1184 -59.46 0.88 6.19
CA ILE A 1184 -58.28 1.04 7.03
C ILE A 1184 -58.39 2.40 7.71
N GLN A 1185 -59.01 2.42 8.89
CA GLN A 1185 -59.33 3.66 9.55
C GLN A 1185 -58.15 4.16 10.36
N VAL A 1186 -57.75 5.41 10.11
CA VAL A 1186 -56.74 6.11 10.90
C VAL A 1186 -57.41 7.32 11.53
N ARG A 1187 -57.40 7.38 12.86
CA ARG A 1187 -57.99 8.51 13.58
C ARG A 1187 -56.85 9.44 13.98
N ILE A 1188 -56.48 10.32 13.06
CA ILE A 1188 -55.44 11.30 13.33
C ILE A 1188 -55.86 12.18 14.50
N ASP A 1189 -55.00 12.29 15.50
CA ASP A 1189 -55.31 13.08 16.68
C ASP A 1189 -54.90 14.53 16.46
N LEU A 1190 -55.82 15.45 16.75
CA LEU A 1190 -55.55 16.87 16.57
C LEU A 1190 -54.59 17.41 17.62
N GLY A 1191 -54.59 16.83 18.82
CA GLY A 1191 -53.74 17.36 19.88
C GLY A 1191 -52.27 17.23 19.57
N THR A 1192 -51.86 16.09 19.00
CA THR A 1192 -50.47 15.91 18.62
C THR A 1192 -50.06 16.90 17.54
N ILE A 1193 -50.92 17.09 16.54
CA ILE A 1193 -50.63 18.01 15.44
C ILE A 1193 -50.65 19.46 15.91
N ASP A 1194 -51.35 19.74 17.01
CA ASP A 1194 -51.36 21.09 17.56
C ASP A 1194 -50.14 21.37 18.41
N LYS A 1195 -49.89 20.53 19.42
CA LYS A 1195 -48.73 20.75 20.29
C LYS A 1195 -47.43 20.59 19.50
N LEU A 1196 -47.27 19.47 18.80
CA LEU A 1196 -46.23 19.35 17.79
C LEU A 1196 -46.59 20.27 16.64
N GLN A 1197 -45.91 21.40 16.54
CA GLN A 1197 -46.36 22.45 15.63
C GLN A 1197 -46.16 22.07 14.17
N LEU A 1198 -47.19 21.51 13.56
CA LEU A 1198 -47.18 21.13 12.16
C LEU A 1198 -48.40 21.72 11.47
N GLU A 1199 -48.27 21.94 10.17
CA GLU A 1199 -49.36 22.50 9.36
C GLU A 1199 -49.86 21.39 8.43
N LEU A 1200 -50.74 20.55 8.96
CA LEU A 1200 -51.38 19.48 8.21
C LEU A 1200 -52.56 18.92 9.01
N THR A 1201 -53.75 18.89 8.43
CA THR A 1201 -54.91 18.38 9.16
C THR A 1201 -55.52 17.13 8.52
N ILE A 1202 -56.02 17.21 7.28
CA ILE A 1202 -56.68 16.07 6.67
C ILE A 1202 -56.17 15.81 5.26
N GLU A 1203 -56.27 16.84 4.40
CA GLU A 1203 -56.14 16.62 2.96
C GLU A 1203 -54.72 16.27 2.57
N ASP A 1204 -53.73 16.94 3.15
CA ASP A 1204 -52.35 16.63 2.79
C ASP A 1204 -51.89 15.30 3.37
N ILE A 1205 -52.41 14.91 4.54
CA ILE A 1205 -52.20 13.54 5.01
C ILE A 1205 -52.77 12.56 4.00
N ALA A 1206 -53.97 12.84 3.49
CA ALA A 1206 -54.60 11.94 2.52
C ALA A 1206 -53.78 11.84 1.24
N VAL A 1207 -53.27 12.97 0.74
CA VAL A 1207 -52.53 12.94 -0.52
C VAL A 1207 -51.18 12.27 -0.31
N ALA A 1208 -50.54 12.46 0.84
CA ALA A 1208 -49.31 11.74 1.14
C ALA A 1208 -49.56 10.25 1.18
N ILE A 1209 -50.68 9.83 1.79
CA ILE A 1209 -51.04 8.42 1.81
C ILE A 1209 -51.25 7.90 0.39
N THR A 1210 -51.95 8.68 -0.45
CA THR A 1210 -52.17 8.27 -1.82
C THR A 1210 -50.85 8.04 -2.55
N ARG A 1211 -49.95 9.02 -2.47
CA ARG A 1211 -48.68 8.91 -3.21
C ARG A 1211 -47.83 7.76 -2.70
N ALA A 1212 -47.72 7.62 -1.37
CA ALA A 1212 -46.86 6.58 -0.82
C ALA A 1212 -47.43 5.19 -1.05
N SER A 1213 -48.74 5.01 -0.86
CA SER A 1213 -49.35 3.71 -1.11
C SER A 1213 -49.49 3.42 -2.59
N LYS A 1214 -49.39 4.43 -3.45
CA LYS A 1214 -49.26 4.15 -4.88
C LYS A 1214 -47.87 3.67 -5.22
N LEU A 1215 -46.84 4.28 -4.59
CA LEU A 1215 -45.49 3.77 -4.74
C LEU A 1215 -45.36 2.35 -4.18
N LYS A 1216 -46.15 2.02 -3.16
CA LYS A 1216 -46.09 0.69 -2.55
C LYS A 1216 -46.91 -0.32 -3.35
N ILE A 1217 -48.23 -0.14 -3.39
CA ILE A 1217 -49.10 -1.04 -4.13
C ILE A 1217 -49.92 -0.24 -5.14
N GLN A 1218 -50.79 0.65 -4.64
CA GLN A 1218 -51.68 1.45 -5.47
C GLN A 1218 -52.49 2.38 -4.57
N ALA A 1219 -53.06 3.40 -5.20
CA ALA A 1219 -54.03 4.28 -4.55
C ALA A 1219 -54.81 5.01 -5.63
N SER A 1220 -56.11 4.73 -5.72
CA SER A 1220 -56.97 5.33 -6.73
C SER A 1220 -57.99 6.30 -6.15
N ASP A 1221 -58.57 5.97 -5.00
CA ASP A 1221 -59.55 6.85 -4.35
C ASP A 1221 -59.45 6.63 -2.84
N VAL A 1222 -58.69 7.48 -2.17
CA VAL A 1222 -58.65 7.51 -0.72
C VAL A 1222 -59.70 8.50 -0.23
N ASN A 1223 -60.53 8.07 0.70
CA ASN A 1223 -61.63 8.88 1.21
C ASN A 1223 -61.31 9.43 2.58
N ILE A 1224 -62.09 10.43 2.99
CA ILE A 1224 -62.06 10.97 4.34
C ILE A 1224 -63.51 11.12 4.78
N ILE A 1225 -63.95 10.27 5.72
CA ILE A 1225 -65.31 10.37 6.22
C ILE A 1225 -65.53 11.69 6.96
N GLY A 1226 -64.45 12.32 7.41
CA GLY A 1226 -64.53 13.52 8.20
C GLY A 1226 -64.18 13.26 9.66
N LYS A 1227 -63.90 14.36 10.36
CA LYS A 1227 -63.50 14.30 11.77
C LYS A 1227 -62.26 13.44 11.96
N ASP A 1228 -61.33 13.51 11.00
CA ASP A 1228 -59.97 13.00 11.11
C ASP A 1228 -59.90 11.47 11.13
N ARG A 1229 -60.99 10.79 10.81
CA ARG A 1229 -60.98 9.33 10.69
C ARG A 1229 -60.86 8.95 9.21
N ILE A 1230 -59.69 9.23 8.65
CA ILE A 1230 -59.45 8.95 7.24
C ILE A 1230 -59.52 7.44 7.01
N ALA A 1231 -60.16 7.05 5.91
CA ALA A 1231 -60.33 5.65 5.56
C ALA A 1231 -59.74 5.40 4.18
N ILE A 1232 -59.03 4.27 4.05
CA ILE A 1232 -58.45 3.82 2.79
C ILE A 1232 -59.14 2.52 2.40
N ASN A 1233 -59.62 2.45 1.17
CA ASN A 1233 -60.42 1.33 0.70
C ASN A 1233 -59.59 0.38 -0.15
N VAL A 1234 -59.92 -0.90 -0.07
CA VAL A 1234 -59.18 -1.97 -0.75
C VAL A 1234 -60.18 -2.81 -1.53
N PHE A 1235 -59.85 -3.10 -2.79
CA PHE A 1235 -60.70 -3.95 -3.63
C PHE A 1235 -59.87 -4.43 -4.81
N PRO A 1236 -60.20 -5.61 -5.38
CA PRO A 1236 -59.50 -6.08 -6.58
C PRO A 1236 -59.80 -5.24 -7.81
N SER A 1252 -54.91 -16.57 -7.16
CA SER A 1252 -55.82 -15.50 -7.56
C SER A 1252 -56.89 -15.27 -6.50
N GLU A 1253 -56.65 -15.79 -5.29
CA GLU A 1253 -57.57 -15.62 -4.18
C GLU A 1253 -56.77 -15.29 -2.92
N ASN A 1254 -57.42 -14.60 -1.98
CA ASN A 1254 -56.84 -14.08 -0.75
C ASN A 1254 -55.77 -13.04 -1.01
N ASP A 1255 -55.52 -12.67 -2.27
CA ASP A 1255 -54.57 -11.62 -2.58
C ASP A 1255 -55.07 -10.27 -2.08
N VAL A 1256 -56.39 -10.07 -2.04
CA VAL A 1256 -56.94 -8.88 -1.41
C VAL A 1256 -56.56 -8.83 0.06
N PHE A 1257 -56.67 -9.96 0.75
CA PHE A 1257 -56.28 -10.04 2.16
C PHE A 1257 -54.79 -9.75 2.33
N TYR A 1258 -53.97 -10.34 1.48
CA TYR A 1258 -52.53 -10.11 1.57
C TYR A 1258 -52.18 -8.65 1.33
N ARG A 1259 -52.80 -8.04 0.32
CA ARG A 1259 -52.52 -6.64 0.01
C ARG A 1259 -53.01 -5.73 1.13
N MET A 1260 -54.11 -6.08 1.79
CA MET A 1260 -54.59 -5.22 2.87
C MET A 1260 -53.74 -5.38 4.11
N GLN A 1261 -53.22 -6.59 4.37
CA GLN A 1261 -52.24 -6.77 5.43
C GLN A 1261 -50.98 -5.94 5.17
N GLN A 1262 -50.48 -6.01 3.93
CA GLN A 1262 -49.30 -5.23 3.57
C GLN A 1262 -49.56 -3.74 3.70
N LEU A 1263 -50.76 -3.29 3.33
CA LEU A 1263 -51.10 -1.88 3.47
C LEU A 1263 -51.16 -1.47 4.94
N ARG A 1264 -51.72 -2.32 5.80
CA ARG A 1264 -51.76 -2.00 7.22
C ARG A 1264 -50.36 -1.91 7.79
N ARG A 1265 -49.45 -2.77 7.34
CA ARG A 1265 -48.06 -2.70 7.82
C ARG A 1265 -47.36 -1.44 7.30
N ALA A 1266 -47.46 -1.18 6.00
CA ALA A 1266 -46.73 -0.08 5.37
C ALA A 1266 -47.38 1.28 5.56
N LEU A 1267 -48.57 1.32 6.17
CA LEU A 1267 -49.24 2.60 6.34
C LEU A 1267 -48.56 3.47 7.40
N PRO A 1268 -48.27 2.99 8.62
CA PRO A 1268 -47.60 3.86 9.59
C PRO A 1268 -46.10 3.99 9.35
N ASP A 1269 -45.71 4.18 8.09
CA ASP A 1269 -44.33 4.47 7.74
C ASP A 1269 -44.22 5.51 6.63
N VAL A 1270 -45.33 6.07 6.17
CA VAL A 1270 -45.31 7.02 5.07
C VAL A 1270 -45.01 8.41 5.64
N VAL A 1271 -44.56 9.30 4.77
CA VAL A 1271 -44.21 10.66 5.14
C VAL A 1271 -45.36 11.58 4.77
N VAL A 1272 -45.93 12.26 5.76
CA VAL A 1272 -46.96 13.25 5.52
C VAL A 1272 -46.45 14.68 5.64
N LYS A 1273 -45.46 14.92 6.51
CA LYS A 1273 -44.89 16.24 6.69
C LYS A 1273 -43.38 16.15 6.73
N GLY A 1274 -42.71 17.21 6.33
CA GLY A 1274 -41.26 17.23 6.38
C GLY A 1274 -40.63 16.70 5.11
N LEU A 1275 -39.41 17.15 4.85
CA LEU A 1275 -38.72 16.76 3.63
C LEU A 1275 -38.32 15.29 3.69
N PRO A 1276 -38.45 14.54 2.59
CA PRO A 1276 -38.08 13.12 2.60
C PRO A 1276 -36.59 12.92 2.36
N ASP A 1277 -35.77 13.75 3.02
CA ASP A 1277 -34.33 13.59 2.97
C ASP A 1277 -33.68 13.78 4.34
N ILE A 1278 -34.46 13.99 5.39
CA ILE A 1278 -33.94 14.33 6.71
C ILE A 1278 -34.14 13.12 7.62
N SER A 1279 -33.06 12.64 8.22
CA SER A 1279 -33.19 11.59 9.23
C SER A 1279 -33.76 12.17 10.52
N ARG A 1280 -33.27 13.33 10.95
CA ARG A 1280 -33.78 14.01 12.12
C ARG A 1280 -33.27 15.45 12.12
N ALA A 1281 -34.08 16.34 12.67
CA ALA A 1281 -33.71 17.74 12.85
C ALA A 1281 -33.56 18.04 14.34
N VAL A 1282 -32.60 18.89 14.66
CA VAL A 1282 -32.26 19.21 16.04
C VAL A 1282 -32.02 20.72 16.13
N ILE A 1283 -32.55 21.34 17.19
CA ILE A 1283 -32.29 22.75 17.48
C ILE A 1283 -31.09 22.82 18.42
N ASN A 1284 -30.05 23.56 18.00
CA ASN A 1284 -28.87 23.77 18.82
C ASN A 1284 -28.74 25.23 19.20
N ILE A 1285 -27.90 25.48 20.20
CA ILE A 1285 -27.62 26.82 20.69
C ILE A 1285 -26.11 27.04 20.58
N ARG A 1286 -25.72 28.13 19.92
CA ARG A 1286 -24.30 28.43 19.69
C ARG A 1286 -23.72 29.26 20.84
N ASP A 1287 -23.94 28.77 22.07
CA ASP A 1287 -23.49 29.46 23.28
C ASP A 1287 -24.05 30.88 23.33
N ASP A 1288 -25.32 31.02 22.99
CA ASP A 1288 -25.95 32.34 22.89
C ASP A 1288 -27.46 32.24 23.03
N GLY A 1289 -28.17 33.28 22.63
CA GLY A 1289 -29.61 33.25 22.59
C GLY A 1289 -30.14 32.90 21.21
N LYS A 1290 -29.29 32.29 20.39
CA LYS A 1290 -29.65 31.95 19.01
C LYS A 1290 -29.83 30.44 18.89
N ARG A 1291 -31.05 30.02 18.59
CA ARG A 1291 -31.42 28.60 18.58
C ARG A 1291 -31.42 28.07 17.16
N GLU A 1292 -30.22 27.84 16.62
CA GLU A 1292 -30.09 27.30 15.28
C GLU A 1292 -30.53 25.84 15.25
N LEU A 1293 -31.07 25.42 14.10
CA LEU A 1293 -31.37 24.01 13.88
C LEU A 1293 -30.47 23.45 12.78
N LEU A 1294 -29.89 22.30 13.06
CA LEU A 1294 -29.00 21.60 12.14
C LEU A 1294 -29.51 20.17 11.98
N VAL A 1295 -29.64 19.72 10.73
CA VAL A 1295 -30.37 18.50 10.41
C VAL A 1295 -29.40 17.43 9.92
N GLU A 1296 -29.70 16.18 10.25
CA GLU A 1296 -28.88 15.03 9.88
C GLU A 1296 -29.37 14.40 8.58
N GLY A 1297 -29.49 15.22 7.54
CA GLY A 1297 -30.13 14.81 6.31
C GLY A 1297 -29.23 14.95 5.09
N TYR A 1298 -29.81 14.61 3.94
CA TYR A 1298 -29.12 14.65 2.66
C TYR A 1298 -29.77 15.63 1.69
N GLY A 1299 -30.56 16.58 2.18
CA GLY A 1299 -31.12 17.58 1.32
C GLY A 1299 -30.79 19.00 1.75
N LEU A 1300 -29.93 19.68 0.98
CA LEU A 1300 -29.54 21.04 1.32
C LEU A 1300 -30.40 22.08 0.61
N ARG A 1301 -30.70 21.85 -0.67
CA ARG A 1301 -31.54 22.77 -1.42
C ARG A 1301 -32.94 22.86 -0.82
N ASP A 1302 -33.48 21.71 -0.39
CA ASP A 1302 -34.79 21.71 0.24
C ASP A 1302 -34.79 22.53 1.53
N VAL A 1303 -33.76 22.39 2.35
CA VAL A 1303 -33.66 23.16 3.58
C VAL A 1303 -33.52 24.64 3.29
N MET A 1304 -32.70 25.00 2.29
CA MET A 1304 -32.51 26.40 1.95
C MET A 1304 -33.81 27.02 1.44
N CYS A 1305 -34.57 26.28 0.63
CA CYS A 1305 -35.84 26.78 0.11
C CYS A 1305 -36.99 26.61 1.09
N THR A 1306 -36.76 25.98 2.22
CA THR A 1306 -37.78 25.90 3.27
C THR A 1306 -38.01 27.27 3.88
N ASP A 1307 -39.28 27.61 4.09
CA ASP A 1307 -39.63 28.88 4.70
C ASP A 1307 -39.14 28.94 6.15
N GLY A 1308 -38.85 30.15 6.61
CA GLY A 1308 -38.32 30.34 7.95
C GLY A 1308 -36.84 30.11 8.10
N VAL A 1309 -36.15 29.76 7.02
CA VAL A 1309 -34.70 29.53 7.04
C VAL A 1309 -34.06 30.55 6.10
N ILE A 1310 -32.85 30.98 6.45
CA ILE A 1310 -32.07 31.87 5.61
C ILE A 1310 -31.20 31.03 4.68
N GLY A 1311 -31.48 31.08 3.39
CA GLY A 1311 -30.66 30.40 2.40
C GLY A 1311 -29.34 31.08 2.11
N SER A 1312 -29.17 32.33 2.54
CA SER A 1312 -27.89 33.01 2.37
C SER A 1312 -26.81 32.34 3.19
N ARG A 1313 -27.13 31.92 4.42
CA ARG A 1313 -26.17 31.28 5.32
C ARG A 1313 -26.79 29.96 5.80
N THR A 1314 -26.62 28.93 4.99
CA THR A 1314 -27.11 27.59 5.32
C THR A 1314 -26.21 26.60 4.61
N THR A 1315 -25.28 26.00 5.35
CA THR A 1315 -24.21 25.20 4.78
C THR A 1315 -24.29 23.78 5.32
N THR A 1316 -24.14 22.81 4.43
CA THR A 1316 -23.97 21.42 4.81
C THR A 1316 -22.49 21.07 4.82
N ASN A 1317 -22.18 19.94 5.46
CA ASN A 1317 -20.81 19.43 5.48
C ASN A 1317 -20.56 18.40 4.39
N HIS A 1318 -21.51 18.18 3.49
CA HIS A 1318 -21.32 17.28 2.36
C HIS A 1318 -20.79 18.08 1.18
N VAL A 1319 -19.53 17.82 0.83
CA VAL A 1319 -18.87 18.57 -0.24
C VAL A 1319 -19.57 18.35 -1.57
N LEU A 1320 -19.90 17.09 -1.87
CA LEU A 1320 -20.55 16.79 -3.14
C LEU A 1320 -21.95 17.38 -3.21
N GLU A 1321 -22.60 17.56 -2.07
CA GLU A 1321 -23.89 18.25 -2.05
C GLU A 1321 -23.72 19.75 -2.30
N VAL A 1322 -22.72 20.36 -1.67
CA VAL A 1322 -22.44 21.76 -1.95
C VAL A 1322 -22.12 21.98 -3.42
N PHE A 1323 -21.35 21.05 -4.01
CA PHE A 1323 -20.99 21.16 -5.42
C PHE A 1323 -22.22 21.11 -6.31
N SER A 1324 -23.14 20.19 -6.03
CA SER A 1324 -24.32 20.05 -6.88
C SER A 1324 -25.31 21.20 -6.72
N VAL A 1325 -25.29 21.89 -5.58
CA VAL A 1325 -26.27 22.92 -5.27
C VAL A 1325 -25.73 24.31 -5.51
N LEU A 1326 -24.49 24.58 -5.08
CA LEU A 1326 -23.96 25.93 -5.12
C LEU A 1326 -22.87 26.16 -6.16
N GLY A 1327 -22.10 25.14 -6.52
CA GLY A 1327 -21.11 25.26 -7.57
C GLY A 1327 -19.75 24.77 -7.14
N ILE A 1328 -18.80 24.86 -8.07
CA ILE A 1328 -17.45 24.35 -7.84
C ILE A 1328 -16.68 25.24 -6.88
N GLU A 1329 -16.90 26.56 -6.95
CA GLU A 1329 -16.20 27.47 -6.05
C GLU A 1329 -16.66 27.28 -4.61
N ALA A 1330 -17.97 27.18 -4.41
CA ALA A 1330 -18.49 26.85 -3.09
C ALA A 1330 -18.03 25.47 -2.66
N ALA A 1331 -17.87 24.54 -3.61
CA ALA A 1331 -17.37 23.21 -3.28
C ALA A 1331 -15.94 23.27 -2.74
N ARG A 1332 -15.08 24.08 -3.36
CA ARG A 1332 -13.71 24.19 -2.88
C ARG A 1332 -13.66 24.93 -1.55
N TYR A 1333 -14.53 25.94 -1.37
CA TYR A 1333 -14.64 26.58 -0.06
C TYR A 1333 -15.06 25.57 1.00
N SER A 1334 -16.04 24.73 0.69
CA SER A 1334 -16.50 23.72 1.65
C SER A 1334 -15.40 22.72 1.95
N ILE A 1335 -14.64 22.31 0.95
CA ILE A 1335 -13.52 21.38 1.17
C ILE A 1335 -12.52 22.01 2.13
N ILE A 1336 -12.11 23.25 1.84
CA ILE A 1336 -11.10 23.91 2.66
C ILE A 1336 -11.59 24.07 4.09
N ARG A 1337 -12.85 24.50 4.26
CA ARG A 1337 -13.39 24.73 5.60
C ARG A 1337 -13.57 23.42 6.36
N GLU A 1338 -14.03 22.36 5.67
CA GLU A 1338 -14.20 21.08 6.34
C GLU A 1338 -12.87 20.51 6.79
N ILE A 1339 -11.84 20.60 5.97
CA ILE A 1339 -10.52 20.12 6.37
C ILE A 1339 -9.96 20.95 7.52
N ASN A 1340 -10.10 22.28 7.42
CA ASN A 1340 -9.60 23.14 8.49
C ASN A 1340 -10.32 22.86 9.81
N TYR A 1341 -11.62 22.59 9.75
CA TYR A 1341 -12.36 22.21 10.94
C TYR A 1341 -11.89 20.86 11.47
N THR A 1342 -11.63 19.90 10.57
CA THR A 1342 -11.22 18.57 11.01
C THR A 1342 -9.89 18.60 11.73
N MET A 1343 -8.92 19.36 11.23
CA MET A 1343 -7.63 19.41 11.92
C MET A 1343 -7.56 20.52 12.97
N SER A 1344 -8.56 21.41 13.03
CA SER A 1344 -8.64 22.39 14.10
C SER A 1344 -9.25 21.81 15.36
N ASN A 1345 -9.89 20.65 15.27
CA ASN A 1345 -10.44 19.94 16.41
C ASN A 1345 -9.46 18.93 16.99
N HIS A 1346 -8.20 18.94 16.56
CA HIS A 1346 -7.22 17.96 16.99
C HIS A 1346 -5.88 18.60 17.36
N GLY A 1347 -5.82 19.92 17.43
CA GLY A 1347 -4.55 20.57 17.69
C GLY A 1347 -3.55 20.44 16.57
N MET A 1348 -4.02 20.27 15.34
CA MET A 1348 -3.16 20.07 14.18
C MET A 1348 -2.95 21.43 13.52
N SER A 1349 -1.81 22.05 13.80
CA SER A 1349 -1.51 23.39 13.29
C SER A 1349 -0.89 23.26 11.91
N VAL A 1350 -1.75 23.16 10.90
CA VAL A 1350 -1.33 23.13 9.50
C VAL A 1350 -1.65 24.48 8.88
N ASP A 1351 -0.68 25.02 8.14
CA ASP A 1351 -0.90 26.30 7.49
C ASP A 1351 -2.06 26.20 6.50
N PRO A 1352 -2.95 27.18 6.47
CA PRO A 1352 -4.13 27.08 5.59
C PRO A 1352 -3.79 27.06 4.11
N ARG A 1353 -2.57 27.42 3.72
CA ARG A 1353 -2.21 27.39 2.31
C ARG A 1353 -2.14 25.96 1.77
N HIS A 1354 -1.70 25.01 2.60
CA HIS A 1354 -1.72 23.61 2.18
C HIS A 1354 -3.15 23.14 1.93
N ILE A 1355 -4.08 23.52 2.80
CA ILE A 1355 -5.48 23.16 2.62
C ILE A 1355 -6.04 23.81 1.36
N GLN A 1356 -5.68 25.08 1.13
CA GLN A 1356 -6.13 25.77 -0.08
C GLN A 1356 -5.62 25.07 -1.33
N LEU A 1357 -4.36 24.65 -1.32
CA LEU A 1357 -3.82 23.92 -2.47
C LEU A 1357 -4.52 22.58 -2.66
N LEU A 1358 -4.85 21.90 -1.57
CA LEU A 1358 -5.59 20.65 -1.67
C LEU A 1358 -6.96 20.88 -2.32
N GLY A 1359 -7.68 21.90 -1.86
CA GLY A 1359 -8.97 22.21 -2.45
C GLY A 1359 -8.86 22.57 -3.92
N ASP A 1360 -7.84 23.36 -4.27
CA ASP A 1360 -7.65 23.75 -5.65
C ASP A 1360 -7.33 22.56 -6.54
N VAL A 1361 -6.46 21.65 -6.08
CA VAL A 1361 -6.14 20.49 -6.91
C VAL A 1361 -7.35 19.57 -7.01
N MET A 1362 -8.20 19.54 -5.99
CA MET A 1362 -9.39 18.70 -6.05
C MET A 1362 -10.47 19.29 -6.95
N THR A 1363 -10.53 20.61 -7.10
CA THR A 1363 -11.63 21.25 -7.81
C THR A 1363 -11.22 21.97 -9.09
N TYR A 1364 -9.96 21.86 -9.53
CA TYR A 1364 -9.52 22.68 -10.66
C TYR A 1364 -9.93 22.12 -12.01
N LYS A 1365 -10.50 20.92 -12.07
CA LYS A 1365 -11.01 20.38 -13.32
C LYS A 1365 -12.46 20.76 -13.60
N GLY A 1366 -13.06 21.57 -12.75
CA GLY A 1366 -14.46 21.93 -12.90
C GLY A 1366 -15.41 21.10 -12.06
N GLU A 1367 -14.95 19.97 -11.52
CA GLU A 1367 -15.77 19.12 -10.66
C GLU A 1367 -14.91 18.61 -9.52
N VAL A 1368 -15.58 18.22 -8.43
CA VAL A 1368 -14.88 17.74 -7.24
C VAL A 1368 -14.40 16.32 -7.52
N LEU A 1369 -13.10 16.18 -7.81
CA LEU A 1369 -12.50 14.88 -8.06
C LEU A 1369 -11.72 14.45 -6.83
N GLY A 1370 -12.05 13.27 -6.31
CA GLY A 1370 -11.41 12.75 -5.12
C GLY A 1370 -10.00 12.27 -5.40
N ILE A 1371 -9.42 11.63 -4.39
CA ILE A 1371 -8.01 11.27 -4.45
C ILE A 1371 -7.96 9.76 -4.62
N THR A 1372 -9.03 9.20 -5.17
CA THR A 1372 -9.17 7.76 -5.32
C THR A 1372 -8.68 7.34 -6.71
N ARG A 1373 -8.76 6.04 -6.99
CA ARG A 1373 -8.30 5.54 -8.28
C ARG A 1373 -9.11 6.15 -9.42
N PHE A 1374 -10.42 6.29 -9.25
CA PHE A 1374 -11.25 6.92 -10.27
C PHE A 1374 -10.95 8.41 -10.39
N GLY A 1375 -10.72 9.08 -9.26
CA GLY A 1375 -10.41 10.49 -9.30
C GLY A 1375 -9.10 10.81 -9.99
N LEU A 1376 -8.07 9.99 -9.73
CA LEU A 1376 -6.76 10.20 -10.35
C LEU A 1376 -6.79 10.14 -11.88
N SER A 1377 -7.76 9.44 -12.45
CA SER A 1377 -7.93 9.45 -13.90
C SER A 1377 -8.62 10.72 -14.33
N LYS A 1378 -8.06 11.86 -13.95
CA LYS A 1378 -8.70 13.17 -14.18
C LYS A 1378 -8.24 13.80 -15.49
N MET A 1379 -6.95 14.12 -15.58
CA MET A 1379 -6.35 14.58 -16.83
C MET A 1379 -4.93 14.07 -17.00
N ARG A 1380 -4.44 13.25 -16.06
CA ARG A 1380 -3.01 12.94 -16.01
C ARG A 1380 -2.55 12.18 -17.26
N ASP A 1381 -3.26 11.11 -17.62
CA ASP A 1381 -2.93 10.21 -18.72
C ASP A 1381 -1.64 9.45 -18.47
N SER A 1382 -0.94 9.69 -17.37
CA SER A 1382 0.34 9.04 -17.07
C SER A 1382 0.06 7.62 -16.63
N VAL A 1383 0.19 6.69 -17.57
CA VAL A 1383 -0.15 5.30 -17.27
C VAL A 1383 0.83 4.70 -16.28
N LEU A 1384 2.10 5.10 -16.33
CA LEU A 1384 3.07 4.55 -15.38
C LEU A 1384 2.81 5.07 -13.97
N GLN A 1385 2.47 6.37 -13.84
CA GLN A 1385 2.12 6.90 -12.54
C GLN A 1385 0.86 6.23 -11.99
N LEU A 1386 -0.14 6.03 -12.85
CA LEU A 1386 -1.37 5.39 -12.42
C LEU A 1386 -1.10 3.95 -11.97
N ALA A 1387 -0.25 3.23 -12.71
CA ALA A 1387 0.10 1.86 -12.32
C ALA A 1387 0.84 1.85 -11.00
N SER A 1388 1.80 2.77 -10.82
CA SER A 1388 2.53 2.83 -9.56
C SER A 1388 1.62 3.20 -8.40
N PHE A 1389 0.52 3.91 -8.68
CA PHE A 1389 -0.45 4.18 -7.63
C PHE A 1389 -1.27 2.93 -7.30
N GLU A 1390 -2.04 2.45 -8.27
CA GLU A 1390 -2.93 1.31 -8.04
C GLU A 1390 -3.47 0.83 -9.38
N LYS A 1391 -3.91 -0.43 -9.41
CA LYS A 1391 -4.51 -1.05 -10.59
C LYS A 1391 -3.56 -0.94 -11.79
N THR A 1392 -2.42 -1.62 -11.67
CA THR A 1392 -1.37 -1.50 -12.67
C THR A 1392 -1.80 -2.14 -14.00
N THR A 1393 -2.29 -3.38 -13.95
CA THR A 1393 -2.44 -4.16 -15.17
C THR A 1393 -3.61 -3.67 -16.02
N ASP A 1394 -4.73 -3.33 -15.40
CA ASP A 1394 -5.88 -2.85 -16.19
C ASP A 1394 -5.54 -1.55 -16.89
N HIS A 1395 -4.88 -0.62 -16.19
CA HIS A 1395 -4.47 0.63 -16.81
C HIS A 1395 -3.47 0.38 -17.94
N LEU A 1396 -2.51 -0.53 -17.72
CA LEU A 1396 -1.53 -0.82 -18.76
C LEU A 1396 -2.19 -1.39 -20.00
N PHE A 1397 -3.13 -2.31 -19.82
CA PHE A 1397 -3.80 -2.91 -20.97
C PHE A 1397 -4.71 -1.92 -21.67
N ASP A 1398 -5.37 -1.04 -20.91
CA ASP A 1398 -6.17 0.01 -21.53
C ASP A 1398 -5.30 0.94 -22.36
N ALA A 1399 -4.13 1.32 -21.83
CA ALA A 1399 -3.23 2.19 -22.58
C ALA A 1399 -2.72 1.51 -23.84
N ALA A 1400 -2.39 0.21 -23.75
CA ALA A 1400 -1.93 -0.51 -24.92
C ALA A 1400 -3.02 -0.66 -25.97
N PHE A 1401 -4.26 -0.89 -25.54
CA PHE A 1401 -5.36 -1.07 -26.49
C PHE A 1401 -5.74 0.25 -27.15
N TYR A 1402 -5.84 1.32 -26.36
CA TYR A 1402 -6.16 2.62 -26.94
C TYR A 1402 -4.96 3.25 -27.61
N MET A 1403 -3.78 2.65 -27.49
CA MET A 1403 -2.52 3.19 -27.98
C MET A 1403 -2.30 4.61 -27.48
N LYS A 1404 -2.27 4.73 -26.15
CA LYS A 1404 -1.99 6.00 -25.50
C LYS A 1404 -0.53 6.40 -25.70
N LYS A 1405 -0.30 7.70 -25.73
CA LYS A 1405 1.01 8.28 -26.03
C LYS A 1405 1.42 9.25 -24.92
N ASP A 1406 1.29 8.81 -23.67
CA ASP A 1406 1.57 9.68 -22.54
C ASP A 1406 3.04 10.09 -22.52
N ALA A 1407 3.28 11.39 -22.30
CA ALA A 1407 4.63 11.90 -22.19
C ALA A 1407 5.21 11.55 -20.82
N VAL A 1408 6.49 11.85 -20.64
CA VAL A 1408 7.19 11.60 -19.38
C VAL A 1408 7.39 12.96 -18.72
N GLU A 1409 6.44 13.36 -17.89
CA GLU A 1409 6.51 14.65 -17.23
C GLU A 1409 6.31 14.53 -15.73
N GLY A 1410 5.57 13.51 -15.30
CA GLY A 1410 5.36 13.30 -13.88
C GLY A 1410 6.65 12.94 -13.16
N VAL A 1411 6.72 13.30 -11.88
CA VAL A 1411 7.88 12.92 -11.08
C VAL A 1411 7.93 11.41 -10.91
N SER A 1412 6.78 10.75 -10.81
CA SER A 1412 6.75 9.29 -10.72
C SER A 1412 7.34 8.66 -11.98
N GLU A 1413 6.92 9.15 -13.14
CA GLU A 1413 7.46 8.63 -14.40
C GLU A 1413 8.95 8.94 -14.53
N CYS A 1414 9.37 10.14 -14.10
CA CYS A 1414 10.77 10.50 -14.17
C CYS A 1414 11.62 9.58 -13.32
N ILE A 1415 11.16 9.27 -12.10
CA ILE A 1415 11.88 8.35 -11.23
C ILE A 1415 11.88 6.95 -11.83
N ILE A 1416 10.73 6.49 -12.34
CA ILE A 1416 10.61 5.15 -12.89
C ILE A 1416 11.54 4.97 -14.09
N LEU A 1417 11.69 6.01 -14.90
CA LEU A 1417 12.53 5.96 -16.08
C LEU A 1417 13.94 6.49 -15.82
N GLY A 1418 14.26 6.86 -14.60
CA GLY A 1418 15.59 7.36 -14.32
C GLY A 1418 15.89 8.72 -14.89
N GLN A 1419 14.89 9.56 -15.06
CA GLN A 1419 15.08 10.89 -15.63
C GLN A 1419 15.12 11.93 -14.53
N THR A 1420 15.73 13.07 -14.85
CA THR A 1420 15.72 14.20 -13.94
C THR A 1420 14.32 14.79 -13.86
N MET A 1421 13.78 14.88 -12.65
CA MET A 1421 12.49 15.51 -12.48
C MET A 1421 12.61 17.02 -12.63
N SER A 1422 11.50 17.66 -13.00
CA SER A 1422 11.48 19.08 -13.30
C SER A 1422 11.03 19.92 -12.11
N ILE A 1423 11.38 19.48 -10.90
CA ILE A 1423 11.00 20.14 -9.66
C ILE A 1423 12.26 20.43 -8.86
N GLY A 1424 12.29 21.58 -8.20
CA GLY A 1424 13.40 21.92 -7.34
C GLY A 1424 14.66 22.28 -8.11
N THR A 1425 15.72 21.51 -7.90
CA THR A 1425 16.97 21.76 -8.61
C THR A 1425 16.90 21.38 -10.09
N GLY A 1426 15.86 20.66 -10.50
CA GLY A 1426 15.61 20.35 -11.89
C GLY A 1426 14.60 21.25 -12.57
N SER A 1427 14.19 22.34 -11.94
CA SER A 1427 13.21 23.27 -12.51
C SER A 1427 13.87 24.39 -13.29
N PHE A 1428 15.15 24.27 -13.61
CA PHE A 1428 15.89 25.28 -14.35
C PHE A 1428 17.09 24.59 -14.99
N LYS A 1429 17.84 25.34 -15.79
CA LYS A 1429 19.02 24.82 -16.47
C LYS A 1429 20.24 25.66 -16.10
N VAL A 1430 21.39 25.00 -15.98
CA VAL A 1430 22.66 25.66 -15.75
C VAL A 1430 23.39 25.76 -17.09
N VAL A 1431 23.85 26.96 -17.42
CA VAL A 1431 24.49 27.24 -18.69
C VAL A 1431 25.85 27.88 -18.40
N LYS A 1432 26.83 27.59 -19.25
CA LYS A 1432 28.18 28.13 -19.09
C LYS A 1432 28.46 29.08 -20.25
N GLY A 1433 28.62 30.36 -19.94
CA GLY A 1433 28.96 31.35 -20.94
C GLY A 1433 30.29 31.07 -21.59
N THR A 1434 30.30 31.00 -22.92
CA THR A 1434 31.51 30.68 -23.64
C THR A 1434 32.51 31.83 -23.67
N ASN A 1435 32.05 33.06 -23.39
CA ASN A 1435 32.92 34.24 -23.38
C ASN A 1435 33.65 34.40 -24.70
N ILE A 1436 32.94 34.20 -25.80
CA ILE A 1436 33.49 34.33 -27.13
C ILE A 1436 33.08 35.67 -27.71
N SER A 1437 34.05 36.43 -28.20
CA SER A 1437 33.78 37.73 -28.81
C SER A 1437 33.20 37.50 -30.21
N GLU A 1438 32.93 38.59 -30.92
CA GLU A 1438 32.38 38.50 -32.28
C GLU A 1438 33.40 38.80 -33.36
N LYS A 1439 34.58 39.31 -33.02
CA LYS A 1439 35.61 39.60 -34.01
C LYS A 1439 36.34 38.35 -34.47
N ASP A 1440 36.30 37.26 -33.69
CA ASP A 1440 36.98 36.03 -34.01
C ASP A 1440 36.05 34.97 -34.60
N LEU A 1441 34.83 35.35 -34.95
CA LEU A 1441 33.83 34.43 -35.51
C LEU A 1441 33.48 34.69 -36.97
N VAL A 1442 33.80 35.87 -37.51
CA VAL A 1442 33.52 36.17 -38.91
C VAL A 1442 34.44 35.33 -39.79
N PRO A 1443 33.99 34.91 -40.98
CA PRO A 1443 34.88 34.18 -41.88
C PRO A 1443 36.08 35.02 -42.27
N LYS A 1444 37.20 34.34 -42.48
CA LYS A 1444 38.48 35.02 -42.67
C LYS A 1444 39.27 34.35 -43.78
N ARG A 1445 40.23 35.10 -44.33
CA ARG A 1445 41.17 34.61 -45.34
C ARG A 1445 40.43 33.98 -46.52
N CYS A 1446 39.63 34.80 -47.20
CA CYS A 1446 38.80 34.32 -48.30
C CYS A 1446 38.75 35.38 -49.38
N LEU A 1447 39.41 35.11 -50.51
CA LEU A 1447 39.36 35.98 -51.68
C LEU A 1447 39.08 35.25 -52.99
N PHE A 1448 39.37 33.95 -53.08
CA PHE A 1448 39.20 33.24 -54.35
C PHE A 1448 37.75 33.23 -54.80
N GLU A 1449 36.81 33.11 -53.85
CA GLU A 1449 35.40 33.15 -54.23
C GLU A 1449 35.04 34.51 -54.83
N SER A 1450 35.53 35.59 -54.22
CA SER A 1450 35.27 36.91 -54.78
C SER A 1450 35.89 37.07 -56.17
N LEU A 1451 37.08 36.51 -56.35
CA LEU A 1451 37.71 36.55 -57.67
C LEU A 1451 36.86 35.82 -58.71
N SER A 1452 36.45 34.58 -58.39
CA SER A 1452 35.63 33.81 -59.32
C SER A 1452 34.25 34.42 -59.52
N ASN A 1453 33.79 35.25 -58.60
CA ASN A 1453 32.53 35.94 -58.78
C ASN A 1453 32.67 37.15 -59.72
N GLU A 1454 33.64 38.02 -59.43
CA GLU A 1454 33.89 39.16 -60.29
C GLU A 1454 34.36 38.74 -61.68
N ALA A 1455 34.89 37.53 -61.82
CA ALA A 1455 35.32 37.03 -63.12
C ALA A 1455 34.16 36.80 -64.08
N ALA A 1456 32.92 36.82 -63.59
CA ALA A 1456 31.76 36.63 -64.45
C ALA A 1456 31.29 37.96 -65.03
N ASP B 36 2.05 -18.87 66.15
CA ASP B 36 1.01 -17.93 65.72
C ASP B 36 -0.14 -18.66 65.03
N GLU B 37 -1.37 -18.31 65.39
CA GLU B 37 -2.53 -18.95 64.80
C GLU B 37 -2.72 -18.53 63.34
N ILE B 38 -3.27 -19.45 62.55
CA ILE B 38 -3.67 -19.13 61.18
C ILE B 38 -4.71 -18.03 61.18
N ASN B 39 -4.53 -17.05 60.29
CA ASN B 39 -5.53 -16.04 60.02
C ASN B 39 -6.05 -16.28 58.61
N THR B 40 -7.37 -16.45 58.48
CA THR B 40 -7.95 -16.87 57.21
C THR B 40 -7.65 -15.87 56.11
N ALA B 41 -7.56 -14.58 56.45
CA ALA B 41 -7.37 -13.56 55.42
C ALA B 41 -5.99 -13.67 54.75
N GLN B 42 -4.92 -13.74 55.54
CA GLN B 42 -3.57 -13.73 54.98
C GLN B 42 -2.99 -15.14 54.84
N ASP B 43 -3.78 -16.18 55.05
CA ASP B 43 -3.30 -17.54 54.90
C ASP B 43 -4.17 -18.39 53.99
N LYS B 44 -5.27 -17.85 53.45
CA LYS B 44 -6.03 -18.58 52.45
C LYS B 44 -5.31 -18.61 51.11
N TRP B 45 -4.26 -17.80 50.93
CA TRP B 45 -3.49 -17.81 49.69
C TRP B 45 -2.71 -19.10 49.51
N HIS B 46 -2.50 -19.88 50.57
CA HIS B 46 -1.79 -21.16 50.44
C HIS B 46 -2.55 -22.16 49.60
N LEU B 47 -3.85 -21.93 49.39
CA LEU B 47 -4.60 -22.71 48.42
C LEU B 47 -3.98 -22.59 47.04
N LEU B 48 -3.33 -21.47 46.74
CA LEU B 48 -2.70 -21.32 45.42
C LEU B 48 -1.49 -22.23 45.23
N PRO B 49 -0.50 -22.27 46.13
CA PRO B 49 0.54 -23.30 46.00
C PRO B 49 -0.02 -24.71 46.07
N ALA B 50 -1.03 -24.95 46.91
CA ALA B 50 -1.61 -26.28 46.96
C ALA B 50 -2.20 -26.68 45.61
N PHE B 51 -2.88 -25.74 44.96
CA PHE B 51 -3.48 -26.00 43.65
C PHE B 51 -2.42 -26.19 42.58
N LEU B 52 -1.38 -25.35 42.60
CA LEU B 52 -0.33 -25.46 41.60
C LEU B 52 0.53 -26.72 41.79
N LYS B 53 0.52 -27.31 42.98
CA LYS B 53 1.30 -28.52 43.21
C LYS B 53 0.79 -29.68 42.36
N VAL B 54 -0.53 -29.85 42.28
CA VAL B 54 -1.11 -30.96 41.53
C VAL B 54 -1.69 -30.54 40.18
N LYS B 55 -1.86 -29.24 39.95
CA LYS B 55 -2.42 -28.71 38.71
C LYS B 55 -1.49 -27.59 38.26
N GLY B 56 -0.43 -27.97 37.54
CA GLY B 56 0.64 -27.05 37.21
C GLY B 56 0.24 -26.03 36.17
N LEU B 57 1.19 -25.15 35.87
CA LEU B 57 0.95 -24.14 34.84
C LEU B 57 0.84 -24.79 33.47
N VAL B 58 1.78 -25.67 33.14
CA VAL B 58 1.67 -26.49 31.93
C VAL B 58 0.93 -27.75 32.34
N LYS B 59 -0.39 -27.63 32.44
CA LYS B 59 -1.27 -28.76 32.71
C LYS B 59 -2.39 -28.88 31.71
N GLN B 60 -2.75 -27.82 31.00
CA GLN B 60 -3.70 -27.93 29.91
C GLN B 60 -3.18 -28.91 28.86
N HIS B 61 -1.95 -28.69 28.41
CA HIS B 61 -1.32 -29.59 27.45
C HIS B 61 -1.18 -30.99 28.01
N LEU B 62 -0.74 -31.10 29.26
CA LEU B 62 -0.46 -32.40 29.86
C LEU B 62 -1.74 -33.22 30.02
N ASP B 63 -2.77 -32.61 30.60
CA ASP B 63 -4.05 -33.30 30.76
C ASP B 63 -4.65 -33.66 29.41
N SER B 64 -4.57 -32.76 28.44
CA SER B 64 -5.14 -33.04 27.13
C SER B 64 -4.44 -34.22 26.47
N PHE B 65 -3.11 -34.26 26.52
CA PHE B 65 -2.38 -35.36 25.90
C PHE B 65 -2.60 -36.67 26.65
N ASN B 66 -2.61 -36.62 27.98
CA ASN B 66 -2.86 -37.83 28.75
C ASN B 66 -4.24 -38.40 28.45
N TYR B 67 -5.25 -37.54 28.40
CA TYR B 67 -6.60 -38.00 28.05
C TYR B 67 -6.62 -38.57 26.64
N PHE B 68 -5.95 -37.91 25.71
CA PHE B 68 -5.88 -38.45 24.34
C PHE B 68 -5.34 -39.86 24.36
N VAL B 69 -4.08 -40.03 24.77
CA VAL B 69 -3.43 -41.33 24.71
C VAL B 69 -4.07 -42.38 25.61
N ASP B 70 -4.91 -41.99 26.57
CA ASP B 70 -5.55 -42.98 27.41
C ASP B 70 -6.95 -43.38 26.96
N THR B 71 -7.74 -42.45 26.41
CA THR B 71 -9.11 -42.78 26.04
C THR B 71 -9.46 -42.45 24.60
N ASP B 72 -8.92 -41.36 24.05
CA ASP B 72 -9.31 -40.97 22.70
C ASP B 72 -8.74 -41.93 21.67
N LEU B 73 -7.56 -42.49 21.92
CA LEU B 73 -7.04 -43.54 21.07
C LEU B 73 -7.97 -44.74 21.06
N LYS B 74 -8.48 -45.12 22.24
CA LYS B 74 -9.44 -46.21 22.33
C LYS B 74 -10.71 -45.89 21.55
N LYS B 75 -11.19 -44.65 21.67
CA LYS B 75 -12.41 -44.26 20.96
C LYS B 75 -12.21 -44.30 19.45
N ILE B 76 -11.06 -43.82 18.97
CA ILE B 76 -10.79 -43.86 17.54
C ILE B 76 -10.69 -45.30 17.06
N ILE B 77 -10.01 -46.17 17.83
CA ILE B 77 -9.88 -47.56 17.43
C ILE B 77 -11.23 -48.26 17.42
N LYS B 78 -12.14 -47.90 18.34
CA LYS B 78 -13.43 -48.54 18.40
C LYS B 78 -14.38 -48.01 17.33
N ALA B 79 -14.24 -46.74 16.95
CA ALA B 79 -15.04 -46.21 15.85
C ALA B 79 -14.58 -46.78 14.52
N ASN B 80 -13.28 -46.78 14.26
CA ASN B 80 -12.72 -47.44 13.08
C ASN B 80 -12.16 -48.80 13.49
N GLN B 81 -13.08 -49.74 13.72
CA GLN B 81 -12.73 -51.02 14.31
C GLN B 81 -12.73 -52.18 13.32
N LEU B 82 -13.38 -52.04 12.18
CA LEU B 82 -13.58 -53.15 11.26
C LEU B 82 -13.60 -52.62 9.83
N ILE B 83 -12.55 -52.94 9.07
CA ILE B 83 -12.50 -52.62 7.64
C ILE B 83 -12.79 -53.90 6.88
N LEU B 84 -13.89 -53.91 6.13
CA LEU B 84 -14.32 -55.06 5.37
C LEU B 84 -13.97 -54.89 3.90
N SER B 85 -14.08 -55.98 3.15
CA SER B 85 -13.84 -55.99 1.72
C SER B 85 -15.08 -56.47 0.98
N ASP B 86 -15.37 -55.83 -0.16
CA ASP B 86 -16.49 -56.27 -0.98
C ASP B 86 -16.31 -57.72 -1.42
N VAL B 87 -15.08 -58.11 -1.74
CA VAL B 87 -14.77 -59.48 -2.07
C VAL B 87 -14.43 -60.25 -0.79
N ASP B 88 -14.59 -61.58 -0.85
CA ASP B 88 -14.21 -62.50 0.21
C ASP B 88 -14.93 -62.19 1.52
N PRO B 89 -16.23 -62.42 1.62
CA PRO B 89 -16.96 -62.10 2.86
C PRO B 89 -16.47 -62.85 4.08
N GLU B 90 -15.93 -64.06 3.92
CA GLU B 90 -15.46 -64.83 5.06
C GLU B 90 -14.07 -64.35 5.47
N PHE B 91 -13.94 -63.06 5.71
CA PHE B 91 -12.65 -62.45 6.04
C PHE B 91 -12.85 -61.02 6.56
N TYR B 92 -12.23 -60.71 7.70
CA TYR B 92 -12.37 -59.39 8.28
C TYR B 92 -11.11 -59.03 9.05
N LEU B 93 -10.95 -57.74 9.32
CA LEU B 93 -9.86 -57.21 10.12
C LEU B 93 -10.44 -56.41 11.26
N LYS B 94 -10.11 -56.77 12.49
CA LYS B 94 -10.66 -56.14 13.68
C LYS B 94 -9.54 -55.51 14.50
N TYR B 95 -9.68 -54.22 14.80
CA TYR B 95 -8.79 -53.52 15.72
C TYR B 95 -9.33 -53.72 17.14
N VAL B 96 -8.60 -54.45 17.96
CA VAL B 96 -9.10 -54.84 19.27
C VAL B 96 -8.72 -53.81 20.33
N ASP B 97 -7.44 -53.56 20.49
CA ASP B 97 -6.95 -52.63 21.50
C ASP B 97 -5.88 -51.74 20.89
N ILE B 98 -5.66 -50.59 21.53
CA ILE B 98 -4.61 -49.65 21.14
C ILE B 98 -3.84 -49.26 22.38
N ARG B 99 -2.52 -49.25 22.27
CA ARG B 99 -1.64 -48.89 23.38
C ARG B 99 -0.45 -48.12 22.84
N VAL B 100 0.04 -47.17 23.62
CA VAL B 100 1.18 -46.34 23.25
C VAL B 100 2.36 -46.71 24.14
N GLY B 101 3.46 -47.13 23.53
CA GLY B 101 4.71 -47.28 24.24
C GLY B 101 4.77 -48.42 25.23
N LYS B 102 3.78 -49.32 25.24
CA LYS B 102 3.82 -50.43 26.17
C LYS B 102 3.27 -51.69 25.50
N LYS B 103 3.96 -52.81 25.71
CA LYS B 103 3.53 -54.12 25.27
C LYS B 103 3.11 -54.96 26.47
N SER B 104 2.54 -56.12 26.18
CA SER B 104 2.10 -57.05 27.22
C SER B 104 3.18 -58.05 27.61
N SER B 105 4.37 -57.96 27.00
CA SER B 105 5.42 -58.92 27.31
C SER B 105 6.02 -58.69 28.69
N SER B 106 6.12 -57.43 29.11
CA SER B 106 6.71 -57.10 30.40
C SER B 106 5.93 -55.96 31.03
N SER B 107 6.04 -55.88 32.36
CA SER B 107 5.37 -54.79 33.09
C SER B 107 6.02 -53.44 32.79
N THR B 108 7.32 -53.42 32.56
CA THR B 108 7.99 -52.19 32.19
C THR B 108 7.56 -51.75 30.79
N LYS B 109 7.69 -50.46 30.53
CA LYS B 109 7.37 -49.94 29.21
C LYS B 109 8.55 -50.14 28.26
N ASP B 110 8.33 -49.80 27.00
CA ASP B 110 9.39 -49.89 26.00
C ASP B 110 10.41 -48.78 26.21
N TYR B 111 11.66 -49.08 25.87
CA TYR B 111 12.73 -48.10 26.03
C TYR B 111 12.59 -47.01 24.97
N LEU B 112 12.35 -45.78 25.41
CA LEU B 112 12.26 -44.63 24.53
C LEU B 112 13.60 -43.91 24.52
N THR B 113 13.99 -43.42 23.36
CA THR B 113 15.17 -42.57 23.28
C THR B 113 14.91 -41.32 24.11
N PRO B 114 15.77 -40.99 25.08
CA PRO B 114 15.48 -39.89 25.98
C PRO B 114 15.30 -38.59 25.21
N PRO B 115 14.45 -37.69 25.71
CA PRO B 115 14.16 -36.46 24.95
C PRO B 115 15.38 -35.60 24.68
N HIS B 116 16.37 -35.55 25.58
CA HIS B 116 17.55 -34.76 25.30
C HIS B 116 18.41 -35.42 24.23
N GLU B 117 18.46 -36.74 24.22
CA GLU B 117 19.15 -37.44 23.14
C GLU B 117 18.46 -37.22 21.81
N CYS B 118 17.13 -37.15 21.83
CA CYS B 118 16.38 -36.79 20.62
C CYS B 118 16.72 -35.38 20.17
N ARG B 119 16.84 -34.44 21.11
CA ARG B 119 17.20 -33.07 20.77
C ARG B 119 18.60 -33.02 20.15
N LEU B 120 19.55 -33.75 20.73
CA LEU B 120 20.91 -33.72 20.20
C LEU B 120 20.99 -34.41 18.84
N ARG B 121 20.27 -35.51 18.66
CA ARG B 121 20.37 -36.32 17.45
C ARG B 121 19.37 -35.91 16.37
N ASP B 122 18.62 -34.82 16.59
CA ASP B 122 17.71 -34.27 15.59
C ASP B 122 16.64 -35.29 15.19
N MET B 123 16.21 -36.11 16.15
CA MET B 123 15.15 -37.07 15.91
C MET B 123 13.91 -36.70 16.72
N THR B 124 12.90 -37.56 16.66
CA THR B 124 11.61 -37.29 17.26
C THR B 124 11.44 -38.10 18.54
N TYR B 125 11.10 -37.41 19.63
CA TYR B 125 10.77 -38.08 20.89
C TYR B 125 9.40 -38.72 20.75
N SER B 126 9.38 -39.99 20.36
CA SER B 126 8.14 -40.67 20.05
C SER B 126 8.15 -42.08 20.63
N ALA B 127 6.96 -42.59 20.93
CA ALA B 127 6.73 -43.94 21.39
C ALA B 127 5.90 -44.71 20.37
N PRO B 128 6.08 -46.02 20.28
CA PRO B 128 5.34 -46.79 19.27
C PRO B 128 3.88 -46.98 19.65
N ILE B 129 3.02 -46.99 18.63
CA ILE B 129 1.62 -47.34 18.79
C ILE B 129 1.46 -48.83 18.54
N TYR B 130 0.82 -49.52 19.47
CA TYR B 130 0.54 -50.95 19.35
C TYR B 130 -0.95 -51.18 19.23
N VAL B 131 -1.33 -52.15 18.40
CA VAL B 131 -2.71 -52.60 18.32
C VAL B 131 -2.75 -54.12 18.39
N ASP B 132 -3.88 -54.64 18.83
CA ASP B 132 -4.17 -56.06 18.78
C ASP B 132 -5.08 -56.32 17.59
N ILE B 133 -4.74 -57.31 16.79
CA ILE B 133 -5.39 -57.53 15.49
C ILE B 133 -6.08 -58.88 15.51
N GLU B 134 -7.37 -58.89 15.18
CA GLU B 134 -8.12 -60.11 14.92
C GLU B 134 -8.33 -60.23 13.41
N TYR B 135 -7.38 -60.85 12.73
CA TYR B 135 -7.47 -61.14 11.31
C TYR B 135 -7.69 -62.65 11.14
N THR B 136 -8.70 -63.00 10.36
CA THR B 136 -9.08 -64.40 10.23
C THR B 136 -8.09 -65.18 9.37
N ARG B 137 -7.91 -66.45 9.71
CA ARG B 137 -7.10 -67.38 8.95
C ARG B 137 -8.01 -68.26 8.08
N GLY B 138 -7.42 -68.80 7.01
CA GLY B 138 -8.19 -69.61 6.08
C GLY B 138 -8.70 -70.91 6.66
N ARG B 139 -8.13 -71.36 7.78
CA ARG B 139 -8.52 -72.62 8.40
C ARG B 139 -9.22 -72.43 9.74
N ASN B 140 -10.01 -71.36 9.87
CA ASN B 140 -10.80 -71.09 11.07
C ASN B 140 -9.91 -71.00 12.32
N ILE B 141 -9.01 -70.02 12.30
CA ILE B 141 -8.09 -69.79 13.41
C ILE B 141 -8.32 -68.39 13.95
N ILE B 142 -8.53 -68.29 15.26
CA ILE B 142 -8.73 -67.02 15.95
C ILE B 142 -7.49 -66.74 16.78
N MET B 143 -6.92 -65.54 16.62
CA MET B 143 -5.69 -65.23 17.32
C MET B 143 -5.59 -63.71 17.55
N HIS B 144 -4.87 -63.36 18.61
CA HIS B 144 -4.53 -61.98 18.93
C HIS B 144 -3.13 -61.68 18.38
N LYS B 145 -2.60 -60.52 18.75
CA LYS B 145 -1.25 -60.11 18.37
C LYS B 145 -0.90 -58.85 19.15
N ASP B 146 0.31 -58.35 18.92
CA ASP B 146 0.77 -57.05 19.45
C ASP B 146 1.56 -56.39 18.33
N VAL B 147 0.86 -55.63 17.48
CA VAL B 147 1.39 -55.11 16.23
C VAL B 147 1.69 -53.62 16.39
N GLU B 148 2.86 -53.21 15.94
CA GLU B 148 3.26 -51.80 15.96
C GLU B 148 2.87 -51.16 14.63
N ILE B 149 2.06 -50.10 14.70
CA ILE B 149 1.54 -49.44 13.51
C ILE B 149 2.06 -48.01 13.36
N GLY B 150 3.12 -47.66 14.07
CA GLY B 150 3.73 -46.37 13.91
C GLY B 150 4.27 -45.85 15.22
N ARG B 151 4.69 -44.58 15.20
CA ARG B 151 5.29 -43.94 16.35
C ARG B 151 4.45 -42.73 16.77
N MET B 152 4.27 -42.59 18.09
CA MET B 152 3.49 -41.50 18.65
C MET B 152 4.43 -40.43 19.21
N PRO B 153 4.50 -39.25 18.61
CA PRO B 153 5.29 -38.16 19.23
C PRO B 153 4.75 -37.85 20.62
N ILE B 154 5.58 -38.13 21.62
CA ILE B 154 5.16 -38.06 23.01
C ILE B 154 5.41 -36.67 23.55
N MET B 155 4.42 -36.12 24.24
CA MET B 155 4.59 -34.86 24.95
C MET B 155 5.53 -35.04 26.12
N LEU B 156 6.36 -34.04 26.35
CA LEU B 156 7.28 -34.07 27.48
C LEU B 156 6.50 -34.04 28.79
N ARG B 157 6.90 -34.92 29.73
CA ARG B 157 6.31 -35.01 31.06
C ARG B 157 4.83 -35.40 31.01
N SER B 158 4.44 -36.18 30.02
CA SER B 158 3.10 -36.76 29.99
C SER B 158 3.15 -38.14 30.66
N ASN B 159 2.05 -38.88 30.60
CA ASN B 159 2.02 -40.21 31.20
C ASN B 159 2.99 -41.16 30.50
N LYS B 160 3.17 -40.99 29.19
CA LYS B 160 4.03 -41.86 28.40
C LYS B 160 5.48 -41.40 28.35
N CYS B 161 5.82 -40.31 29.02
CA CYS B 161 7.16 -39.75 28.97
C CYS B 161 8.05 -40.38 30.03
N ILE B 162 9.35 -40.45 29.72
CA ILE B 162 10.31 -40.99 30.68
C ILE B 162 10.59 -40.00 31.81
N LEU B 163 10.31 -38.71 31.60
CA LEU B 163 10.51 -37.72 32.64
C LEU B 163 9.37 -37.68 33.64
N TYR B 164 8.30 -38.44 33.41
CA TYR B 164 7.21 -38.52 34.37
C TYR B 164 7.74 -38.96 35.73
N ASP B 165 7.46 -38.16 36.75
CA ASP B 165 7.81 -38.39 38.16
C ASP B 165 9.29 -38.78 38.32
N ALA B 166 10.14 -38.01 37.65
CA ALA B 166 11.59 -38.10 37.81
C ALA B 166 12.04 -37.17 38.92
N ASP B 167 13.00 -37.63 39.73
CA ASP B 167 13.34 -37.01 41.01
C ASP B 167 14.62 -36.16 40.96
N GLU B 168 14.90 -35.55 39.81
CA GLU B 168 16.02 -34.63 39.58
C GLU B 168 17.35 -35.37 39.51
N SER B 169 17.40 -36.60 40.02
CA SER B 169 18.58 -37.44 39.85
C SER B 169 18.45 -38.24 38.57
N LYS B 170 17.28 -38.85 38.36
CA LYS B 170 16.95 -39.38 37.05
C LYS B 170 16.97 -38.27 36.00
N MET B 171 16.56 -37.06 36.37
CA MET B 171 16.63 -35.94 35.44
C MET B 171 18.06 -35.59 35.09
N ALA B 172 18.95 -35.54 36.09
CA ALA B 172 20.37 -35.30 35.80
C ALA B 172 20.93 -36.40 34.91
N LYS B 173 20.57 -37.66 35.18
CA LYS B 173 21.04 -38.77 34.36
C LYS B 173 20.54 -38.65 32.92
N LEU B 174 19.29 -38.20 32.74
CA LEU B 174 18.70 -38.03 31.42
C LEU B 174 19.03 -36.68 30.80
N ASN B 175 19.86 -35.87 31.47
CA ASN B 175 20.30 -34.58 30.94
C ASN B 175 19.12 -33.64 30.71
N GLU B 176 18.17 -33.66 31.64
CA GLU B 176 17.00 -32.81 31.59
C GLU B 176 17.00 -31.85 32.77
N CYS B 177 16.64 -30.60 32.50
CA CYS B 177 16.42 -29.65 33.59
C CYS B 177 15.17 -30.06 34.36
N PRO B 178 15.24 -30.20 35.69
CA PRO B 178 14.03 -30.46 36.46
C PRO B 178 13.04 -29.31 36.44
N LEU B 179 13.46 -28.12 36.03
CA LEU B 179 12.60 -26.94 35.97
C LEU B 179 12.02 -26.70 34.58
N ASP B 180 12.25 -27.60 33.64
CA ASP B 180 11.64 -27.46 32.32
C ASP B 180 10.13 -27.62 32.44
N PRO B 181 9.35 -26.82 31.71
CA PRO B 181 7.89 -26.96 31.79
C PRO B 181 7.38 -28.29 31.29
N GLY B 182 8.03 -28.86 30.26
CA GLY B 182 7.39 -29.95 29.57
C GLY B 182 6.21 -29.41 28.77
N GLY B 183 5.35 -30.34 28.36
CA GLY B 183 4.15 -29.95 27.63
C GLY B 183 4.35 -29.63 26.16
N TYR B 184 5.53 -29.90 25.61
CA TYR B 184 5.81 -29.68 24.20
C TYR B 184 6.32 -30.99 23.61
N PHE B 185 6.56 -30.97 22.30
CA PHE B 185 7.02 -32.13 21.57
C PHE B 185 8.41 -31.86 21.00
N ILE B 186 9.21 -32.91 20.90
CA ILE B 186 10.48 -32.86 20.20
C ILE B 186 10.30 -33.65 18.92
N VAL B 187 10.14 -32.94 17.81
CA VAL B 187 9.99 -33.55 16.50
C VAL B 187 11.21 -33.16 15.68
N ASN B 188 12.00 -34.17 15.30
CA ASN B 188 13.24 -33.95 14.54
C ASN B 188 14.19 -33.00 15.27
N GLY B 189 14.23 -33.11 16.59
CA GLY B 189 15.10 -32.31 17.41
C GLY B 189 14.60 -30.94 17.78
N THR B 190 13.43 -30.55 17.28
CA THR B 190 12.89 -29.22 17.48
C THR B 190 11.75 -29.26 18.49
N GLU B 191 11.80 -28.38 19.49
CA GLU B 191 10.77 -28.31 20.50
C GLU B 191 9.58 -27.53 19.96
N LYS B 192 8.48 -28.23 19.69
CA LYS B 192 7.26 -27.62 19.17
C LYS B 192 6.16 -27.70 20.23
N VAL B 193 5.46 -26.58 20.42
CA VAL B 193 4.34 -26.50 21.35
C VAL B 193 3.08 -26.28 20.55
N ILE B 194 2.05 -27.09 20.81
CA ILE B 194 0.74 -26.89 20.20
C ILE B 194 0.01 -25.84 21.04
N LEU B 195 -0.06 -24.62 20.53
CA LEU B 195 -0.64 -23.53 21.29
C LEU B 195 -2.13 -23.78 21.56
N VAL B 196 -2.58 -23.35 22.73
CA VAL B 196 -4.01 -23.40 23.04
C VAL B 196 -4.75 -22.50 22.07
N GLN B 197 -5.89 -22.98 21.58
CA GLN B 197 -6.65 -22.29 20.55
C GLN B 197 -7.94 -21.73 21.13
N GLU B 198 -8.19 -20.44 20.89
CA GLU B 198 -9.50 -19.86 21.11
C GLU B 198 -10.40 -20.10 19.92
N GLN B 199 -11.67 -20.35 20.19
CA GLN B 199 -12.70 -20.31 19.16
C GLN B 199 -14.03 -20.02 19.81
N LEU B 200 -14.98 -19.57 19.01
CA LEU B 200 -16.36 -19.45 19.48
C LEU B 200 -16.89 -20.85 19.82
N SER B 201 -17.72 -20.91 20.86
CA SER B 201 -18.29 -22.18 21.28
C SER B 201 -19.18 -22.74 20.18
N LYS B 202 -19.05 -24.04 19.92
CA LYS B 202 -19.93 -24.71 18.98
C LYS B 202 -21.22 -25.14 19.68
N ASN B 203 -22.23 -25.41 18.86
CA ASN B 203 -23.53 -25.90 19.33
C ASN B 203 -24.20 -24.93 20.29
N ARG B 204 -23.91 -23.63 20.14
CA ARG B 204 -24.55 -22.59 20.92
C ARG B 204 -25.07 -21.50 19.99
N ILE B 205 -26.21 -20.91 20.37
CA ILE B 205 -26.82 -19.86 19.58
C ILE B 205 -26.09 -18.54 19.86
N ILE B 206 -25.70 -17.85 18.79
CA ILE B 206 -25.11 -16.52 18.90
C ILE B 206 -25.94 -15.57 18.06
N VAL B 207 -26.48 -14.54 18.69
CA VAL B 207 -27.32 -13.55 18.03
C VAL B 207 -26.52 -12.28 17.82
N GLU B 208 -26.46 -11.81 16.57
CA GLU B 208 -25.75 -10.59 16.24
C GLU B 208 -26.68 -9.67 15.47
N ALA B 209 -26.58 -8.38 15.74
CA ALA B 209 -27.36 -7.37 15.04
C ALA B 209 -26.52 -6.76 13.91
N ASP B 210 -27.05 -5.71 13.29
CA ASP B 210 -26.28 -4.91 12.34
C ASP B 210 -27.04 -3.62 12.08
N GLU B 211 -26.32 -2.64 11.53
CA GLU B 211 -26.90 -1.39 11.10
C GLU B 211 -27.02 -1.41 9.59
N LYS B 212 -28.23 -1.17 9.08
CA LYS B 212 -28.57 -1.10 7.67
C LYS B 212 -28.44 -2.44 6.96
N LYS B 213 -28.45 -3.56 7.67
CA LYS B 213 -28.38 -4.87 7.03
C LYS B 213 -29.47 -5.82 7.51
N GLY B 214 -29.79 -5.79 8.80
CA GLY B 214 -30.71 -6.75 9.37
C GLY B 214 -30.02 -7.58 10.42
N ILE B 215 -30.74 -8.57 10.94
CA ILE B 215 -30.27 -9.38 12.06
C ILE B 215 -30.05 -10.81 11.60
N VAL B 216 -28.88 -11.36 11.90
CA VAL B 216 -28.56 -12.76 11.63
C VAL B 216 -28.06 -13.36 12.93
N GLN B 217 -28.44 -14.61 13.18
CA GLN B 217 -27.93 -15.32 14.35
C GLN B 217 -27.68 -16.76 13.95
N ALA B 218 -26.52 -17.27 14.34
CA ALA B 218 -26.01 -18.52 13.80
C ALA B 218 -25.83 -19.56 14.89
N SER B 219 -25.67 -20.81 14.47
CA SER B 219 -25.32 -21.92 15.35
C SER B 219 -24.32 -22.78 14.59
N VAL B 220 -23.04 -22.55 14.83
CA VAL B 220 -22.02 -23.39 14.20
C VAL B 220 -22.11 -24.72 14.93
N THR B 221 -22.73 -25.70 14.27
CA THR B 221 -22.97 -27.01 14.86
C THR B 221 -21.95 -28.00 14.33
N SER B 222 -21.19 -28.60 15.24
CA SER B 222 -20.15 -29.56 14.90
C SER B 222 -20.55 -30.91 15.46
N SER B 223 -20.85 -31.86 14.59
CA SER B 223 -21.05 -33.24 14.99
C SER B 223 -19.70 -33.93 15.00
N THR B 224 -19.68 -35.25 15.21
CA THR B 224 -18.43 -35.99 15.20
C THR B 224 -17.83 -36.11 13.81
N HIS B 225 -18.62 -35.90 12.75
CA HIS B 225 -18.12 -36.08 11.40
C HIS B 225 -18.49 -34.96 10.43
N GLU B 226 -19.42 -34.07 10.76
CA GLU B 226 -19.80 -32.99 9.85
C GLU B 226 -19.98 -31.69 10.62
N ARG B 227 -19.37 -30.62 10.13
CA ARG B 227 -19.53 -29.30 10.69
C ARG B 227 -20.28 -28.41 9.71
N LYS B 228 -21.24 -27.66 10.22
CA LYS B 228 -22.05 -26.78 9.40
C LYS B 228 -22.53 -25.62 10.27
N SER B 229 -22.84 -24.51 9.62
CA SER B 229 -23.33 -23.31 10.30
C SER B 229 -24.76 -23.07 9.82
N LYS B 230 -25.73 -23.41 10.66
CA LYS B 230 -27.14 -23.15 10.35
C LYS B 230 -27.36 -21.65 10.51
N THR B 231 -26.89 -20.90 9.52
CA THR B 231 -27.06 -19.47 9.53
C THR B 231 -28.55 -19.14 9.41
N TYR B 232 -28.93 -17.99 9.95
CA TYR B 232 -30.35 -17.73 10.23
C TYR B 232 -30.54 -16.21 10.16
N VAL B 233 -31.05 -15.73 9.04
CA VAL B 233 -30.99 -14.32 8.68
C VAL B 233 -32.39 -13.78 8.46
N ILE B 234 -32.52 -12.46 8.54
CA ILE B 234 -33.72 -11.74 8.16
C ILE B 234 -33.43 -11.00 6.87
N THR B 235 -34.34 -11.09 5.89
CA THR B 235 -34.12 -10.48 4.59
C THR B 235 -34.77 -9.11 4.45
N LYS B 236 -36.09 -9.03 4.64
CA LYS B 236 -36.81 -7.77 4.50
C LYS B 236 -38.16 -7.90 5.19
N ASN B 237 -38.86 -6.77 5.28
CA ASN B 237 -40.22 -6.68 5.85
C ASN B 237 -40.32 -7.40 7.19
N GLY B 238 -39.23 -7.44 7.94
CA GLY B 238 -39.20 -8.23 9.16
C GLY B 238 -39.52 -9.70 8.96
N LYS B 239 -39.17 -10.25 7.80
CA LYS B 239 -39.45 -11.65 7.50
C LYS B 239 -38.23 -12.50 7.87
N ILE B 240 -38.47 -13.56 8.62
CA ILE B 240 -37.43 -14.39 9.20
C ILE B 240 -37.22 -15.62 8.32
N TYR B 241 -35.97 -15.90 7.98
CA TYR B 241 -35.62 -16.98 7.08
C TYR B 241 -34.51 -17.83 7.68
N LEU B 242 -34.43 -19.08 7.22
CA LEU B 242 -33.37 -20.00 7.61
C LEU B 242 -32.43 -20.20 6.42
N LYS B 243 -31.15 -19.99 6.63
CA LYS B 243 -30.16 -19.99 5.56
C LYS B 243 -29.08 -21.01 5.86
N HIS B 244 -29.21 -22.21 5.31
CA HIS B 244 -28.20 -23.25 5.43
C HIS B 244 -27.34 -23.32 4.19
N ASN B 245 -26.13 -23.88 4.35
CA ASN B 245 -25.23 -24.04 3.23
C ASN B 245 -25.79 -25.02 2.19
N SER B 246 -26.38 -26.12 2.65
CA SER B 246 -26.90 -27.12 1.73
C SER B 246 -28.13 -26.60 0.97
N ILE B 247 -28.98 -25.83 1.63
CA ILE B 247 -30.20 -25.34 1.00
C ILE B 247 -29.86 -24.29 -0.05
N ALA B 248 -30.59 -24.32 -1.17
CA ALA B 248 -30.38 -23.36 -2.24
C ALA B 248 -30.70 -21.93 -1.78
N GLU B 249 -31.95 -21.68 -1.42
CA GLU B 249 -32.40 -20.35 -1.02
C GLU B 249 -32.93 -20.40 0.41
N GLU B 250 -32.79 -19.28 1.12
CA GLU B 250 -33.27 -19.19 2.49
C GLU B 250 -34.76 -19.52 2.57
N ILE B 251 -35.08 -20.44 3.48
CA ILE B 251 -36.43 -20.98 3.62
C ILE B 251 -37.19 -20.13 4.64
N PRO B 252 -38.45 -19.78 4.37
CA PRO B 252 -39.24 -19.07 5.39
C PRO B 252 -39.35 -19.90 6.67
N ILE B 253 -39.32 -19.21 7.80
CA ILE B 253 -39.19 -19.90 9.09
C ILE B 253 -40.43 -20.72 9.39
N ALA B 254 -41.61 -20.24 8.99
CA ALA B 254 -42.83 -21.01 9.24
C ALA B 254 -42.78 -22.36 8.53
N ILE B 255 -42.17 -22.38 7.34
CA ILE B 255 -42.03 -23.62 6.58
C ILE B 255 -41.24 -24.65 7.39
N VAL B 256 -40.10 -24.22 7.94
CA VAL B 256 -39.24 -25.14 8.68
C VAL B 256 -39.90 -25.55 9.99
N LEU B 257 -40.56 -24.61 10.65
CA LEU B 257 -41.24 -24.93 11.91
C LEU B 257 -42.34 -25.96 11.69
N LYS B 258 -43.09 -25.83 10.58
CA LYS B 258 -44.09 -26.84 10.24
C LYS B 258 -43.42 -28.15 9.85
N ALA B 259 -42.27 -28.08 9.17
CA ALA B 259 -41.56 -29.28 8.78
C ALA B 259 -41.00 -30.04 9.97
N CYS B 260 -40.79 -29.36 11.11
CA CYS B 260 -40.30 -30.02 12.31
C CYS B 260 -41.44 -30.44 13.23
N GLY B 261 -42.62 -30.72 12.66
CA GLY B 261 -43.74 -31.25 13.41
C GLY B 261 -44.59 -30.21 14.12
N ILE B 262 -44.12 -28.98 14.24
CA ILE B 262 -44.86 -27.93 14.94
C ILE B 262 -45.69 -27.23 13.86
N LEU B 263 -46.94 -27.66 13.72
CA LEU B 263 -47.75 -27.29 12.56
C LEU B 263 -49.11 -26.73 12.88
N SER B 264 -49.38 -26.30 14.12
CA SER B 264 -50.66 -25.67 14.41
C SER B 264 -50.71 -24.25 13.86
N ASP B 265 -49.56 -23.58 13.77
CA ASP B 265 -49.40 -22.22 13.26
C ASP B 265 -49.93 -21.18 14.24
N LEU B 266 -50.57 -21.63 15.31
CA LEU B 266 -50.77 -20.79 16.49
C LEU B 266 -49.75 -21.11 17.57
N GLU B 267 -49.35 -22.37 17.67
CA GLU B 267 -48.29 -22.74 18.60
C GLU B 267 -46.93 -22.28 18.07
N ILE B 268 -46.79 -22.14 16.75
CA ILE B 268 -45.58 -21.54 16.20
C ILE B 268 -45.39 -20.13 16.76
N MET B 269 -46.44 -19.32 16.70
CA MET B 269 -46.36 -17.98 17.25
C MET B 269 -46.37 -18.00 18.77
N GLN B 270 -47.03 -19.00 19.37
CA GLN B 270 -46.96 -19.17 20.81
C GLN B 270 -45.56 -19.56 21.25
N LEU B 271 -44.89 -20.41 20.47
CA LEU B 271 -43.54 -20.83 20.83
C LEU B 271 -42.53 -19.70 20.67
N VAL B 272 -42.64 -18.94 19.58
CA VAL B 272 -41.61 -17.94 19.28
C VAL B 272 -41.96 -16.54 19.76
N CYS B 273 -43.15 -16.33 20.32
CA CYS B 273 -43.53 -15.00 20.76
C CYS B 273 -44.17 -15.02 22.15
N GLY B 274 -44.72 -16.18 22.53
CA GLY B 274 -45.41 -16.26 23.80
C GLY B 274 -46.63 -15.35 23.83
N ASN B 275 -46.81 -14.67 24.96
CA ASN B 275 -47.98 -13.84 25.19
C ASN B 275 -47.70 -12.36 24.99
N ASP B 276 -46.51 -11.99 24.51
CA ASP B 276 -46.11 -10.59 24.45
C ASP B 276 -46.58 -9.98 23.14
N SER B 277 -47.39 -8.92 23.21
CA SER B 277 -48.05 -8.38 22.03
C SER B 277 -47.07 -7.87 21.00
N SER B 278 -45.97 -7.24 21.43
CA SER B 278 -45.01 -6.68 20.48
C SER B 278 -44.42 -7.77 19.59
N TYR B 279 -43.95 -8.86 20.19
CA TYR B 279 -43.36 -9.93 19.39
C TYR B 279 -44.39 -10.54 18.44
N GLN B 280 -45.66 -10.58 18.84
CA GLN B 280 -46.70 -11.06 17.93
C GLN B 280 -46.71 -10.25 16.64
N ASP B 281 -46.74 -8.91 16.78
CA ASP B 281 -46.77 -8.04 15.60
C ASP B 281 -45.48 -8.15 14.80
N ILE B 282 -44.34 -8.28 15.47
CA ILE B 282 -43.07 -8.37 14.76
C ILE B 282 -42.98 -9.66 13.95
N PHE B 283 -43.52 -10.76 14.49
CA PHE B 283 -43.38 -12.07 13.87
C PHE B 283 -44.52 -12.42 12.92
N ALA B 284 -45.67 -11.76 13.03
CA ALA B 284 -46.86 -12.20 12.30
C ALA B 284 -46.72 -12.12 10.79
N VAL B 285 -45.76 -11.35 10.28
CA VAL B 285 -45.65 -11.17 8.83
C VAL B 285 -45.30 -12.49 8.15
N ASN B 286 -44.38 -13.26 8.75
CA ASN B 286 -43.98 -14.54 8.17
C ASN B 286 -44.92 -15.68 8.53
N LEU B 287 -46.00 -15.42 9.27
CA LEU B 287 -47.13 -16.34 9.27
C LEU B 287 -47.97 -16.20 8.01
N GLU B 288 -48.10 -14.97 7.49
CA GLU B 288 -48.85 -14.76 6.26
C GLU B 288 -48.21 -15.46 5.08
N GLU B 289 -46.88 -15.40 4.97
CA GLU B 289 -46.21 -16.05 3.85
C GLU B 289 -46.22 -17.56 3.95
N SER B 290 -46.56 -18.12 5.12
CA SER B 290 -46.76 -19.56 5.21
C SER B 290 -47.96 -20.00 4.38
N SER B 291 -49.05 -19.23 4.42
CA SER B 291 -50.23 -19.55 3.63
C SER B 291 -50.23 -18.87 2.27
N LYS B 292 -49.39 -17.84 2.06
CA LYS B 292 -49.40 -17.11 0.80
C LYS B 292 -49.08 -18.02 -0.37
N LEU B 293 -48.14 -18.95 -0.18
CA LEU B 293 -47.86 -19.95 -1.20
C LEU B 293 -49.03 -20.91 -1.29
N ASP B 294 -49.30 -21.61 -0.20
CA ASP B 294 -50.45 -22.50 -0.05
C ASP B 294 -50.48 -22.98 1.39
N ILE B 295 -51.66 -23.36 1.86
CA ILE B 295 -51.79 -23.87 3.22
C ILE B 295 -51.12 -25.24 3.32
N TYR B 296 -50.72 -25.59 4.54
CA TYR B 296 -49.67 -26.58 4.72
C TYR B 296 -50.05 -27.67 5.72
N THR B 297 -49.72 -28.89 5.36
CA THR B 297 -49.53 -29.98 6.30
C THR B 297 -48.05 -30.05 6.65
N GLN B 298 -47.69 -30.97 7.55
CA GLN B 298 -46.28 -31.19 7.83
C GLN B 298 -45.54 -31.68 6.59
N GLN B 299 -46.12 -32.66 5.90
CA GLN B 299 -45.44 -33.31 4.79
C GLN B 299 -45.28 -32.38 3.59
N GLN B 300 -46.20 -31.44 3.40
CA GLN B 300 -46.05 -30.46 2.33
C GLN B 300 -44.83 -29.58 2.54
N ALA B 301 -44.67 -29.03 3.75
CA ALA B 301 -43.48 -28.25 4.05
C ALA B 301 -42.23 -29.11 3.99
N LEU B 302 -42.36 -30.38 4.38
CA LEU B 302 -41.25 -31.33 4.22
C LEU B 302 -40.80 -31.39 2.77
N GLU B 303 -41.74 -31.59 1.84
CA GLU B 303 -41.40 -31.67 0.43
C GLU B 303 -40.82 -30.35 -0.08
N TYR B 304 -41.37 -29.23 0.38
CA TYR B 304 -40.82 -27.93 0.00
C TYR B 304 -39.34 -27.86 0.38
N ILE B 305 -39.02 -28.16 1.65
CA ILE B 305 -37.63 -28.04 2.09
C ILE B 305 -36.75 -29.05 1.36
N GLY B 306 -37.27 -30.26 1.10
CA GLY B 306 -36.49 -31.26 0.39
C GLY B 306 -36.22 -30.91 -1.05
N ALA B 307 -37.06 -30.07 -1.66
CA ALA B 307 -36.81 -29.65 -3.04
C ALA B 307 -35.51 -28.87 -3.17
N LYS B 308 -35.07 -28.20 -2.10
CA LYS B 308 -33.93 -27.29 -2.16
C LYS B 308 -32.59 -27.95 -1.81
N VAL B 309 -32.58 -29.22 -1.41
CA VAL B 309 -31.32 -29.90 -1.13
C VAL B 309 -30.46 -29.89 -2.38
N LYS B 310 -29.16 -29.60 -2.21
CA LYS B 310 -28.30 -29.34 -3.36
C LYS B 310 -27.85 -30.63 -4.04
N THR B 311 -27.05 -31.44 -3.34
CA THR B 311 -26.50 -32.65 -3.91
C THR B 311 -25.79 -33.44 -2.82
N MET B 312 -25.49 -34.70 -3.14
CA MET B 312 -24.75 -35.59 -2.24
C MET B 312 -23.73 -36.40 -3.05
N ARG B 313 -23.08 -35.74 -4.02
CA ARG B 313 -22.13 -36.37 -4.92
C ARG B 313 -22.73 -37.51 -5.73
N ARG B 314 -24.05 -37.47 -5.94
CA ARG B 314 -24.76 -38.39 -6.83
C ARG B 314 -24.59 -39.84 -6.38
N GLN B 315 -24.85 -40.07 -5.10
CA GLN B 315 -24.97 -41.42 -4.56
C GLN B 315 -26.29 -41.52 -3.79
N LYS B 316 -26.91 -42.69 -3.86
CA LYS B 316 -28.27 -42.90 -3.34
C LYS B 316 -29.23 -41.90 -4.00
N LEU B 317 -29.21 -41.87 -5.34
CA LEU B 317 -30.06 -40.95 -6.07
C LEU B 317 -31.55 -41.25 -5.86
N THR B 318 -31.89 -42.52 -5.62
CA THR B 318 -33.29 -42.90 -5.45
C THR B 318 -33.88 -42.43 -4.13
N ILE B 319 -33.18 -41.60 -3.37
CA ILE B 319 -33.76 -40.95 -2.19
C ILE B 319 -34.39 -39.60 -2.54
N LEU B 320 -34.26 -39.15 -3.78
CA LEU B 320 -34.73 -37.82 -4.18
C LEU B 320 -36.26 -37.83 -4.22
N GLN B 321 -36.85 -37.69 -3.04
CA GLN B 321 -38.28 -37.64 -2.84
C GLN B 321 -38.54 -36.78 -1.61
N GLU B 322 -39.73 -36.92 -1.02
CA GLU B 322 -39.97 -36.34 0.29
C GLU B 322 -39.01 -36.92 1.34
N GLY B 323 -38.39 -38.06 1.06
CA GLY B 323 -37.46 -38.64 2.01
C GLY B 323 -36.17 -37.85 2.16
N ILE B 324 -35.83 -37.04 1.15
CA ILE B 324 -34.58 -36.29 1.22
C ILE B 324 -34.66 -35.18 2.27
N GLU B 325 -35.86 -34.64 2.52
CA GLU B 325 -35.99 -33.63 3.56
C GLU B 325 -35.69 -34.21 4.93
N ALA B 326 -35.89 -35.51 5.11
CA ALA B 326 -35.59 -36.12 6.41
C ALA B 326 -34.11 -36.00 6.73
N ILE B 327 -33.25 -36.31 5.76
CA ILE B 327 -31.82 -36.13 5.97
C ILE B 327 -31.46 -34.66 6.03
N ALA B 328 -32.18 -33.81 5.28
CA ALA B 328 -31.92 -32.38 5.36
C ALA B 328 -32.16 -31.84 6.76
N THR B 329 -33.26 -32.26 7.39
CA THR B 329 -33.58 -31.79 8.74
C THR B 329 -32.70 -32.46 9.79
N THR B 330 -32.43 -33.76 9.63
CA THR B 330 -31.62 -34.48 10.60
C THR B 330 -30.15 -34.05 10.56
N VAL B 331 -29.70 -33.50 9.44
CA VAL B 331 -28.33 -33.02 9.33
C VAL B 331 -28.37 -31.51 9.17
N ILE B 332 -29.33 -30.86 9.83
CA ILE B 332 -29.35 -29.40 9.90
C ILE B 332 -28.63 -28.88 11.13
N ALA B 333 -28.36 -29.73 12.12
CA ALA B 333 -27.73 -29.30 13.37
C ALA B 333 -27.17 -30.52 14.08
N HIS B 334 -26.74 -30.33 15.33
CA HIS B 334 -26.20 -31.39 16.16
C HIS B 334 -27.28 -32.17 16.91
N LEU B 335 -28.54 -31.79 16.76
CA LEU B 335 -29.65 -32.51 17.40
C LEU B 335 -30.20 -33.56 16.45
N THR B 336 -29.36 -34.55 16.15
CA THR B 336 -29.77 -35.62 15.25
C THR B 336 -31.04 -36.30 15.76
N VAL B 337 -32.03 -36.40 14.89
CA VAL B 337 -33.31 -37.00 15.23
C VAL B 337 -33.35 -38.40 14.64
N GLU B 338 -33.58 -39.40 15.48
CA GLU B 338 -33.54 -40.79 15.08
C GLU B 338 -34.87 -41.49 15.34
N ALA B 339 -35.97 -40.77 15.12
CA ALA B 339 -37.31 -41.31 15.35
C ALA B 339 -38.30 -40.44 14.59
N LEU B 340 -39.59 -40.60 14.89
CA LEU B 340 -40.64 -39.82 14.26
C LEU B 340 -41.03 -38.57 15.05
N ASP B 341 -40.33 -38.27 16.13
CA ASP B 341 -40.61 -37.09 16.94
C ASP B 341 -39.59 -36.00 16.64
N PHE B 342 -40.08 -34.82 16.26
CA PHE B 342 -39.23 -33.70 15.90
C PHE B 342 -39.35 -32.54 16.89
N ARG B 343 -39.87 -32.80 18.09
CA ARG B 343 -40.12 -31.71 19.03
C ARG B 343 -38.81 -31.04 19.48
N GLU B 344 -37.73 -31.81 19.61
CA GLU B 344 -36.48 -31.23 20.08
C GLU B 344 -35.90 -30.23 19.09
N LYS B 345 -35.75 -30.65 17.82
CA LYS B 345 -35.29 -29.73 16.79
C LYS B 345 -36.28 -28.60 16.56
N ALA B 346 -37.57 -28.89 16.65
CA ALA B 346 -38.59 -27.87 16.47
C ALA B 346 -38.46 -26.77 17.51
N LEU B 347 -38.28 -27.15 18.78
CA LEU B 347 -38.09 -26.15 19.82
C LEU B 347 -36.74 -25.45 19.67
N TYR B 348 -35.71 -26.14 19.18
CA TYR B 348 -34.44 -25.47 18.95
C TYR B 348 -34.60 -24.35 17.92
N ILE B 349 -35.26 -24.66 16.80
CA ILE B 349 -35.52 -23.64 15.79
C ILE B 349 -36.44 -22.56 16.34
N ALA B 350 -37.38 -22.94 17.21
CA ALA B 350 -38.29 -21.96 17.80
C ALA B 350 -37.56 -20.96 18.68
N MET B 351 -36.63 -21.44 19.52
CA MET B 351 -35.85 -20.51 20.34
C MET B 351 -34.88 -19.71 19.51
N MET B 352 -34.33 -20.32 18.45
CA MET B 352 -33.55 -19.59 17.46
C MET B 352 -34.35 -18.40 16.94
N THR B 353 -35.59 -18.64 16.51
CA THR B 353 -36.47 -17.59 16.02
C THR B 353 -36.81 -16.59 17.11
N ARG B 354 -37.03 -17.07 18.34
CA ARG B 354 -37.43 -16.16 19.41
C ARG B 354 -36.29 -15.20 19.76
N ARG B 355 -35.06 -15.70 19.79
CA ARG B 355 -33.93 -14.80 19.97
C ARG B 355 -33.85 -13.78 18.85
N VAL B 356 -34.09 -14.23 17.61
CA VAL B 356 -34.17 -13.29 16.49
C VAL B 356 -35.21 -12.21 16.77
N VAL B 357 -36.39 -12.61 17.27
CA VAL B 357 -37.49 -11.66 17.42
C VAL B 357 -37.21 -10.68 18.56
N MET B 358 -36.59 -11.14 19.64
CA MET B 358 -36.19 -10.21 20.70
C MET B 358 -35.16 -9.21 20.19
N ALA B 359 -34.19 -9.69 19.40
CA ALA B 359 -33.23 -8.77 18.79
C ALA B 359 -33.92 -7.77 17.87
N MET B 360 -34.95 -8.24 17.16
CA MET B 360 -35.76 -7.36 16.32
C MET B 360 -36.42 -6.27 17.14
N TYR B 361 -37.06 -6.65 18.24
CA TYR B 361 -37.76 -5.66 19.06
C TYR B 361 -36.77 -4.66 19.66
N ASN B 362 -35.61 -5.13 20.09
CA ASN B 362 -34.58 -4.21 20.54
C ASN B 362 -33.20 -4.80 20.35
N PRO B 363 -32.22 -4.01 19.91
CA PRO B 363 -30.82 -4.43 20.04
C PRO B 363 -30.42 -4.48 21.50
N LYS B 364 -29.15 -4.81 21.77
CA LYS B 364 -28.63 -5.05 23.11
C LYS B 364 -29.22 -6.33 23.68
N MET B 365 -30.12 -6.97 22.95
CA MET B 365 -30.49 -8.36 23.21
C MET B 365 -29.59 -9.33 22.47
N ILE B 366 -28.71 -8.82 21.60
CA ILE B 366 -27.67 -9.66 21.03
C ILE B 366 -26.60 -9.93 22.08
N ASP B 367 -25.75 -10.92 21.80
CA ASP B 367 -24.72 -11.35 22.72
C ASP B 367 -23.35 -10.96 22.20
N ASP B 368 -22.47 -10.53 23.10
CA ASP B 368 -21.13 -10.11 22.71
C ASP B 368 -20.34 -11.30 22.19
N ARG B 369 -19.85 -11.19 20.96
CA ARG B 369 -19.05 -12.26 20.37
C ARG B 369 -17.67 -12.37 21.02
N ASP B 370 -17.23 -11.33 21.72
CA ASP B 370 -15.94 -11.32 22.38
C ASP B 370 -16.04 -11.65 23.86
N TYR B 371 -17.24 -12.00 24.34
CA TYR B 371 -17.43 -12.47 25.71
C TYR B 371 -16.63 -13.75 25.93
N VAL B 372 -15.94 -13.82 27.07
CA VAL B 372 -15.09 -14.98 27.34
C VAL B 372 -15.92 -16.23 27.55
N GLY B 373 -17.13 -16.09 28.09
CA GLY B 373 -18.02 -17.24 28.24
C GLY B 373 -18.51 -17.83 26.93
N ASN B 374 -18.42 -17.09 25.83
CA ASN B 374 -18.83 -17.57 24.52
C ASN B 374 -17.67 -18.17 23.73
N LYS B 375 -16.55 -18.46 24.38
CA LYS B 375 -15.40 -19.01 23.70
C LYS B 375 -14.94 -20.28 24.39
N ARG B 376 -14.39 -21.20 23.60
CA ARG B 376 -13.88 -22.47 24.09
C ARG B 376 -12.40 -22.58 23.76
N LEU B 377 -11.67 -23.28 24.63
CA LEU B 377 -10.24 -23.50 24.48
C LEU B 377 -10.00 -24.95 24.08
N GLU B 378 -9.62 -25.17 22.83
CA GLU B 378 -9.22 -26.49 22.37
C GLU B 378 -7.72 -26.67 22.61
N LEU B 379 -7.34 -27.89 22.96
CA LEU B 379 -6.01 -28.16 23.49
C LEU B 379 -5.28 -29.16 22.60
N ALA B 380 -4.00 -29.36 22.93
CA ALA B 380 -3.14 -30.20 22.09
C ALA B 380 -3.67 -31.61 21.98
N GLY B 381 -4.23 -32.16 23.06
CA GLY B 381 -4.79 -33.50 23.00
C GLY B 381 -5.95 -33.59 22.02
N GLN B 382 -6.83 -32.60 22.03
CA GLN B 382 -7.94 -32.59 21.07
C GLN B 382 -7.45 -32.46 19.64
N LEU B 383 -6.52 -31.54 19.41
CA LEU B 383 -5.93 -31.40 18.08
C LEU B 383 -5.36 -32.73 17.61
N ILE B 384 -4.51 -33.35 18.43
CA ILE B 384 -3.87 -34.60 18.03
C ILE B 384 -4.89 -35.71 17.88
N SER B 385 -5.95 -35.72 18.68
CA SER B 385 -6.98 -36.74 18.54
C SER B 385 -7.63 -36.67 17.17
N LEU B 386 -8.01 -35.46 16.75
CA LEU B 386 -8.63 -35.32 15.44
C LEU B 386 -7.63 -35.62 14.31
N LEU B 387 -6.38 -35.18 14.46
CA LEU B 387 -5.37 -35.45 13.45
C LEU B 387 -5.10 -36.94 13.31
N PHE B 388 -4.99 -37.65 14.44
CA PHE B 388 -4.81 -39.09 14.40
C PHE B 388 -6.04 -39.80 13.86
N GLU B 389 -7.23 -39.27 14.12
CA GLU B 389 -8.42 -39.83 13.50
C GLU B 389 -8.31 -39.79 11.98
N ASP B 390 -7.92 -38.63 11.43
CA ASP B 390 -7.77 -38.52 9.99
C ASP B 390 -6.66 -39.44 9.46
N LEU B 391 -5.52 -39.47 10.15
CA LEU B 391 -4.41 -40.31 9.71
C LEU B 391 -4.77 -41.79 9.75
N PHE B 392 -5.49 -42.22 10.80
CA PHE B 392 -5.91 -43.60 10.90
C PHE B 392 -6.97 -43.94 9.85
N LYS B 393 -7.84 -42.99 9.51
CA LYS B 393 -8.79 -43.24 8.43
C LYS B 393 -8.07 -43.44 7.10
N LYS B 394 -7.09 -42.59 6.82
CA LYS B 394 -6.27 -42.78 5.61
C LYS B 394 -5.55 -44.12 5.64
N PHE B 395 -4.99 -44.47 6.79
CA PHE B 395 -4.27 -45.74 6.94
C PHE B 395 -5.19 -46.92 6.68
N ASN B 396 -6.41 -46.88 7.23
CA ASN B 396 -7.36 -47.96 7.01
C ASN B 396 -7.79 -48.05 5.56
N ASN B 397 -8.03 -46.91 4.92
CA ASN B 397 -8.43 -46.91 3.51
C ASN B 397 -7.34 -47.52 2.64
N ASP B 398 -6.09 -47.12 2.87
CA ASP B 398 -5.00 -47.64 2.04
C ASP B 398 -4.71 -49.11 2.36
N PHE B 399 -4.86 -49.50 3.63
CA PHE B 399 -4.70 -50.90 3.99
C PHE B 399 -5.76 -51.77 3.32
N LYS B 400 -7.00 -51.29 3.27
CA LYS B 400 -8.05 -52.06 2.59
C LYS B 400 -7.84 -52.07 1.08
N LEU B 401 -7.26 -51.00 0.52
CA LEU B 401 -6.87 -51.03 -0.89
C LEU B 401 -5.83 -52.11 -1.14
N SER B 402 -4.83 -52.20 -0.27
CA SER B 402 -3.82 -53.26 -0.40
C SER B 402 -4.46 -54.64 -0.23
N ILE B 403 -5.41 -54.77 0.69
CA ILE B 403 -6.09 -56.04 0.90
C ILE B 403 -6.85 -56.45 -0.35
N ASP B 404 -7.57 -55.50 -0.97
CA ASP B 404 -8.27 -55.81 -2.20
C ASP B 404 -7.31 -56.19 -3.32
N LYS B 405 -6.17 -55.50 -3.41
CA LYS B 405 -5.20 -55.82 -4.44
C LYS B 405 -4.61 -57.22 -4.23
N VAL B 406 -4.38 -57.60 -2.97
CA VAL B 406 -3.84 -58.93 -2.69
C VAL B 406 -4.88 -60.01 -2.96
N LEU B 407 -6.12 -59.79 -2.53
CA LEU B 407 -7.15 -60.82 -2.61
C LEU B 407 -7.91 -60.80 -3.93
N LYS B 408 -7.57 -59.90 -4.86
CA LYS B 408 -8.18 -59.95 -6.18
C LYS B 408 -7.57 -61.05 -7.04
N LYS B 409 -6.42 -61.59 -6.66
CA LYS B 409 -5.83 -62.69 -7.41
C LYS B 409 -6.69 -63.95 -7.23
N PRO B 410 -6.85 -64.75 -8.29
CA PRO B 410 -7.83 -65.85 -8.22
C PRO B 410 -7.40 -67.00 -7.32
N ASN B 411 -6.16 -67.47 -7.44
CA ASN B 411 -5.75 -68.70 -6.79
C ASN B 411 -4.63 -68.43 -5.79
N ARG B 412 -4.26 -69.50 -5.08
CA ARG B 412 -3.18 -69.51 -4.08
C ARG B 412 -3.18 -68.24 -3.21
N ALA B 413 -4.36 -67.85 -2.72
CA ALA B 413 -4.46 -66.66 -1.86
C ALA B 413 -4.18 -67.08 -0.42
N MET B 414 -2.90 -67.27 -0.11
CA MET B 414 -2.54 -67.66 1.24
C MET B 414 -2.84 -66.53 2.21
N GLU B 415 -3.29 -66.89 3.42
CA GLU B 415 -3.59 -65.90 4.43
C GLU B 415 -2.45 -65.66 5.40
N TYR B 416 -1.60 -66.66 5.61
CA TYR B 416 -0.54 -66.58 6.63
C TYR B 416 0.33 -65.35 6.40
N ASP B 417 0.51 -64.58 7.48
CA ASP B 417 1.23 -63.30 7.45
C ASP B 417 0.56 -62.33 6.49
N ALA B 418 -0.69 -61.98 6.80
CA ALA B 418 -1.38 -60.90 6.11
C ALA B 418 -0.97 -59.53 6.62
N LEU B 419 0.01 -59.46 7.52
CA LEU B 419 0.41 -58.22 8.17
C LEU B 419 1.76 -57.71 7.70
N LEU B 420 2.36 -58.32 6.67
CA LEU B 420 3.57 -57.74 6.08
C LEU B 420 3.27 -56.36 5.51
N SER B 421 2.12 -56.21 4.85
CA SER B 421 1.73 -54.92 4.31
C SER B 421 1.54 -53.90 5.42
N ILE B 422 0.94 -54.30 6.55
CA ILE B 422 0.77 -53.37 7.66
C ILE B 422 2.13 -53.01 8.26
N ASN B 423 3.08 -53.94 8.27
CA ASN B 423 4.43 -53.59 8.68
C ASN B 423 5.02 -52.53 7.76
N VAL B 424 4.75 -52.65 6.46
CA VAL B 424 5.23 -51.65 5.50
C VAL B 424 4.47 -50.34 5.66
N HIS B 425 3.14 -50.41 5.78
CA HIS B 425 2.30 -49.23 5.65
C HIS B 425 2.17 -48.42 6.94
N SER B 426 2.83 -48.85 8.02
CA SER B 426 2.78 -48.10 9.27
C SER B 426 3.53 -46.78 9.20
N ASN B 427 4.31 -46.55 8.14
CA ASN B 427 5.16 -45.36 8.08
C ASN B 427 4.37 -44.09 7.81
N ASN B 428 3.19 -44.20 7.20
CA ASN B 428 2.45 -43.00 6.86
C ASN B 428 1.86 -42.33 8.09
N ILE B 429 1.39 -43.11 9.05
CA ILE B 429 0.88 -42.53 10.30
C ILE B 429 1.98 -41.73 10.99
N THR B 430 3.16 -42.34 11.16
CA THR B 430 4.28 -41.66 11.78
C THR B 430 4.68 -40.42 10.99
N SER B 431 4.75 -40.54 9.66
CA SER B 431 5.23 -39.43 8.84
C SER B 431 4.28 -38.24 8.90
N GLY B 432 2.98 -38.48 8.71
CA GLY B 432 2.02 -37.39 8.78
C GLY B 432 1.92 -36.79 10.16
N LEU B 433 2.00 -37.65 11.19
CA LEU B 433 1.89 -37.19 12.56
C LEU B 433 3.08 -36.33 12.95
N ASN B 434 4.27 -36.65 12.44
CA ASN B 434 5.43 -35.81 12.67
C ASN B 434 5.38 -34.53 11.84
N ARG B 435 4.96 -34.64 10.58
CA ARG B 435 4.97 -33.48 9.70
C ARG B 435 3.97 -32.42 10.15
N ALA B 436 2.79 -32.85 10.61
CA ALA B 436 1.80 -31.89 11.07
C ALA B 436 2.32 -31.06 12.23
N ILE B 437 2.97 -31.71 13.20
CA ILE B 437 3.51 -31.00 14.36
C ILE B 437 4.69 -30.13 13.95
N SER B 438 5.55 -30.66 13.07
CA SER B 438 6.75 -29.91 12.67
C SER B 438 6.40 -28.64 11.92
N THR B 439 5.43 -28.70 11.00
CA THR B 439 5.12 -27.56 10.16
C THR B 439 4.05 -26.66 10.73
N GLY B 440 3.15 -27.19 11.56
CA GLY B 440 2.01 -26.44 12.04
C GLY B 440 0.84 -26.41 11.09
N ASN B 441 0.99 -26.96 9.89
CA ASN B 441 -0.09 -27.01 8.92
C ASN B 441 -0.84 -28.33 9.09
N TRP B 442 -2.15 -28.24 9.20
CA TRP B 442 -2.98 -29.40 9.53
C TRP B 442 -4.02 -29.58 8.44
N SER B 443 -3.77 -30.50 7.51
CA SER B 443 -4.65 -30.75 6.38
C SER B 443 -5.58 -31.90 6.76
N LEU B 444 -6.79 -31.56 7.17
CA LEU B 444 -7.77 -32.54 7.61
C LEU B 444 -8.80 -32.72 6.52
N LYS B 445 -8.79 -33.90 5.89
CA LYS B 445 -9.69 -34.14 4.76
C LYS B 445 -11.13 -34.29 5.22
N ARG B 446 -11.36 -35.01 6.32
CA ARG B 446 -12.72 -35.29 6.77
C ARG B 446 -13.48 -34.02 7.08
N PHE B 447 -12.92 -33.15 7.92
CA PHE B 447 -13.58 -31.94 8.34
C PHE B 447 -13.40 -30.78 7.37
N LYS B 448 -12.36 -30.83 6.53
CA LYS B 448 -12.14 -29.93 5.40
C LYS B 448 -11.91 -28.47 5.79
N MET B 449 -10.96 -28.18 6.67
CA MET B 449 -10.33 -26.87 6.71
C MET B 449 -8.82 -27.02 6.76
N GLU B 450 -8.12 -26.02 6.23
CA GLU B 450 -6.66 -25.96 6.25
C GLU B 450 -6.25 -24.89 7.23
N ARG B 451 -5.85 -25.29 8.44
CA ARG B 451 -5.39 -24.36 9.45
C ARG B 451 -3.88 -24.50 9.63
N ALA B 452 -3.22 -23.37 9.85
CA ALA B 452 -1.79 -23.31 10.00
C ALA B 452 -1.44 -22.55 11.27
N GLY B 453 -0.18 -22.64 11.68
CA GLY B 453 0.23 -22.01 12.91
C GLY B 453 -0.24 -22.72 14.16
N VAL B 454 -0.60 -23.99 14.05
CA VAL B 454 -1.01 -24.77 15.21
C VAL B 454 0.15 -24.90 16.20
N THR B 455 1.34 -25.17 15.69
CA THR B 455 2.51 -25.39 16.51
C THR B 455 3.53 -24.30 16.26
N HIS B 456 4.30 -23.97 17.31
CA HIS B 456 5.36 -22.99 17.23
C HIS B 456 6.61 -23.55 17.89
N VAL B 457 7.77 -23.15 17.38
CA VAL B 457 9.02 -23.52 18.02
C VAL B 457 9.08 -22.89 19.40
N LEU B 458 9.35 -23.72 20.41
CA LEU B 458 9.37 -23.24 21.78
C LEU B 458 10.45 -22.18 21.95
N SER B 459 10.08 -21.09 22.63
CA SER B 459 11.01 -19.99 22.82
C SER B 459 12.03 -20.33 23.89
N ARG B 460 13.31 -20.15 23.58
CA ARG B 460 14.40 -20.42 24.52
C ARG B 460 15.22 -19.17 24.80
N LEU B 461 14.64 -17.98 24.60
CA LEU B 461 15.32 -16.76 25.01
C LEU B 461 15.57 -16.77 26.51
N SER B 462 14.58 -17.20 27.29
CA SER B 462 14.70 -17.23 28.74
C SER B 462 13.77 -18.30 29.30
N TYR B 463 14.00 -18.63 30.57
CA TYR B 463 13.12 -19.55 31.28
C TYR B 463 11.69 -19.05 31.28
N ILE B 464 11.51 -17.76 31.57
CA ILE B 464 10.18 -17.17 31.50
C ILE B 464 9.68 -17.13 30.08
N SER B 465 10.57 -17.04 29.09
CA SER B 465 10.11 -17.05 27.71
C SER B 465 9.48 -18.40 27.38
N ALA B 466 10.13 -19.49 27.76
CA ALA B 466 9.56 -20.81 27.52
C ALA B 466 8.26 -20.99 28.30
N LEU B 467 8.27 -20.63 29.59
CA LEU B 467 7.09 -20.84 30.42
C LEU B 467 5.90 -20.04 29.92
N GLY B 468 6.12 -18.79 29.48
CA GLY B 468 5.06 -17.98 28.93
C GLY B 468 4.64 -18.36 27.53
N MET B 469 5.54 -19.01 26.76
CA MET B 469 5.09 -19.60 25.51
C MET B 469 4.12 -20.74 25.79
N MET B 470 4.39 -21.54 26.82
CA MET B 470 3.31 -22.37 27.33
C MET B 470 2.28 -21.46 28.02
N THR B 471 1.07 -21.98 28.19
CA THR B 471 -0.06 -21.20 28.71
C THR B 471 -0.41 -20.01 27.82
N ARG B 472 0.09 -19.98 26.59
CA ARG B 472 -0.27 -18.96 25.62
C ARG B 472 -1.42 -19.46 24.75
N ILE B 473 -2.33 -18.55 24.41
CA ILE B 473 -3.52 -18.89 23.63
C ILE B 473 -3.56 -18.04 22.37
N SER B 474 -3.81 -18.69 21.24
CA SER B 474 -4.03 -18.01 19.97
C SER B 474 -5.51 -17.95 19.67
N SER B 475 -5.98 -16.78 19.23
CA SER B 475 -7.39 -16.57 18.93
C SER B 475 -7.70 -16.84 17.47
N GLN B 476 -8.97 -17.12 17.20
CA GLN B 476 -9.41 -17.51 15.86
C GLN B 476 -9.17 -16.39 14.85
N PHE B 477 -8.71 -16.77 13.67
CA PHE B 477 -8.43 -15.85 12.57
C PHE B 477 -9.71 -15.47 11.83
N GLU B 478 -9.58 -14.83 10.67
CA GLU B 478 -10.72 -14.40 9.86
C GLU B 478 -11.60 -13.43 10.63
N LYS B 479 -10.98 -12.62 11.47
CA LYS B 479 -11.67 -11.80 12.46
C LYS B 479 -11.91 -10.36 12.00
N SER B 480 -11.48 -10.01 10.78
CA SER B 480 -11.51 -8.62 10.31
C SER B 480 -10.76 -7.71 11.29
N ARG B 481 -9.44 -7.93 11.35
CA ARG B 481 -8.57 -7.23 12.30
C ARG B 481 -8.63 -5.71 12.18
N LYS B 482 -9.30 -5.17 11.16
CA LYS B 482 -9.39 -3.72 11.01
C LYS B 482 -10.05 -3.07 12.22
N VAL B 483 -10.87 -3.81 12.94
CA VAL B 483 -11.54 -3.29 14.12
C VAL B 483 -10.81 -3.79 15.37
N SER B 484 -11.09 -3.16 16.51
CA SER B 484 -10.51 -3.53 17.78
C SER B 484 -11.48 -4.36 18.64
N GLY B 485 -12.49 -4.95 18.01
CA GLY B 485 -13.46 -5.76 18.72
C GLY B 485 -12.83 -6.85 19.55
N PRO B 486 -12.23 -7.85 18.89
CA PRO B 486 -11.51 -8.88 19.63
C PRO B 486 -10.07 -8.50 19.95
N ARG B 487 -9.86 -7.26 20.36
CA ARG B 487 -8.54 -6.78 20.75
C ARG B 487 -8.61 -6.17 22.13
N ALA B 488 -9.79 -5.69 22.51
CA ALA B 488 -9.97 -5.04 23.79
C ALA B 488 -9.89 -6.07 24.93
N LEU B 489 -9.48 -5.59 26.09
CA LEU B 489 -9.60 -6.37 27.32
C LEU B 489 -11.07 -6.47 27.71
N GLN B 490 -11.51 -7.69 27.97
CA GLN B 490 -12.88 -7.79 28.46
C GLN B 490 -12.88 -7.97 29.98
N PRO B 491 -13.86 -7.39 30.68
CA PRO B 491 -13.96 -7.64 32.11
C PRO B 491 -14.23 -9.09 32.45
N SER B 492 -14.80 -9.88 31.53
CA SER B 492 -15.13 -11.26 31.78
C SER B 492 -13.90 -12.17 31.80
N GLN B 493 -12.73 -11.68 31.41
CA GLN B 493 -11.51 -12.47 31.46
C GLN B 493 -10.80 -12.35 32.81
N PHE B 494 -11.38 -11.60 33.74
CA PHE B 494 -10.81 -11.41 35.07
C PHE B 494 -10.57 -12.76 35.76
N GLY B 495 -9.30 -13.05 36.04
CA GLY B 495 -8.94 -14.29 36.67
C GLY B 495 -8.86 -15.49 35.74
N MET B 496 -9.16 -15.32 34.46
CA MET B 496 -9.09 -16.37 33.46
C MET B 496 -7.96 -16.14 32.47
N LEU B 497 -7.83 -14.92 31.98
CA LEU B 497 -6.74 -14.53 31.08
C LEU B 497 -6.00 -13.38 31.72
N CYS B 498 -4.67 -13.41 31.61
CA CYS B 498 -3.86 -12.36 32.23
C CYS B 498 -4.22 -11.00 31.63
N THR B 499 -4.37 -10.01 32.50
CA THR B 499 -4.76 -8.67 32.05
C THR B 499 -3.58 -7.85 31.56
N ALA B 500 -2.37 -8.36 31.65
CA ALA B 500 -1.17 -7.64 31.21
C ALA B 500 -0.38 -8.35 30.13
N ASP B 501 -0.45 -9.69 30.06
CA ASP B 501 0.38 -10.45 29.12
C ASP B 501 -0.31 -10.49 27.75
N THR B 502 -0.19 -9.40 27.03
CA THR B 502 -0.60 -9.33 25.64
C THR B 502 0.54 -8.77 24.79
N PRO B 503 0.68 -9.24 23.56
CA PRO B 503 1.84 -8.82 22.74
C PRO B 503 1.71 -7.41 22.20
N GLU B 504 2.71 -7.00 21.43
CA GLU B 504 2.78 -5.67 20.84
C GLU B 504 2.82 -5.77 19.32
N GLY B 505 2.76 -4.61 18.68
CA GLY B 505 2.98 -4.52 17.25
C GLY B 505 1.78 -4.88 16.41
N GLU B 506 1.49 -6.16 16.28
CA GLU B 506 0.42 -6.61 15.39
C GLU B 506 -0.57 -7.54 16.07
N ALA B 507 -0.12 -8.44 16.93
CA ALA B 507 -1.02 -9.33 17.66
C ALA B 507 -1.35 -8.78 19.05
N CYS B 508 -1.80 -7.53 19.10
CA CYS B 508 -2.12 -6.88 20.36
C CYS B 508 -3.55 -7.23 20.75
N GLY B 509 -3.71 -8.08 21.75
CA GLY B 509 -5.01 -8.53 22.19
C GLY B 509 -5.52 -9.78 21.51
N LEU B 510 -4.86 -10.24 20.45
CA LEU B 510 -5.22 -11.47 19.76
C LEU B 510 -4.57 -12.69 20.39
N VAL B 511 -3.26 -12.65 20.59
CA VAL B 511 -2.57 -13.64 21.40
C VAL B 511 -2.85 -13.33 22.86
N LYS B 512 -3.38 -14.31 23.59
CA LYS B 512 -3.72 -14.15 24.99
C LYS B 512 -2.98 -15.19 25.81
N ASN B 513 -2.98 -14.99 27.13
CA ASN B 513 -2.26 -15.86 28.05
C ASN B 513 -3.19 -16.25 29.19
N LEU B 514 -3.00 -17.48 29.68
CA LEU B 514 -3.79 -17.97 30.79
C LEU B 514 -3.40 -17.25 32.08
N ALA B 515 -4.39 -17.00 32.94
CA ALA B 515 -4.10 -16.47 34.26
C ALA B 515 -3.47 -17.56 35.12
N LEU B 516 -2.91 -17.15 36.26
CA LEU B 516 -2.08 -18.04 37.05
C LEU B 516 -2.87 -19.25 37.55
N MET B 517 -4.06 -19.03 38.08
CA MET B 517 -4.84 -20.08 38.75
C MET B 517 -6.12 -20.30 37.96
N THR B 518 -6.04 -21.19 36.97
CA THR B 518 -7.16 -21.46 36.08
C THR B 518 -7.25 -22.96 35.81
N HIS B 519 -8.40 -23.36 35.28
CA HIS B 519 -8.63 -24.73 34.84
C HIS B 519 -9.47 -24.70 33.58
N ILE B 520 -9.20 -25.66 32.69
CA ILE B 520 -9.98 -25.83 31.47
C ILE B 520 -10.81 -27.10 31.63
N THR B 521 -12.12 -26.95 31.50
CA THR B 521 -13.03 -28.07 31.74
C THR B 521 -12.84 -29.15 30.68
N THR B 522 -13.19 -30.37 31.06
CA THR B 522 -13.21 -31.51 30.14
C THR B 522 -14.66 -31.84 29.81
N ASP B 523 -14.83 -32.67 28.77
CA ASP B 523 -16.16 -33.09 28.38
C ASP B 523 -16.71 -34.11 29.37
N ASP B 524 -17.92 -33.84 29.87
CA ASP B 524 -18.64 -34.78 30.71
C ASP B 524 -19.91 -35.21 29.98
N GLU B 525 -20.22 -36.50 30.08
CA GLU B 525 -21.41 -37.02 29.43
C GLU B 525 -22.65 -36.33 29.99
N GLU B 526 -23.51 -35.86 29.09
CA GLU B 526 -24.68 -35.08 29.49
C GLU B 526 -25.91 -35.94 29.78
N GLU B 527 -25.92 -37.19 29.33
CA GLU B 527 -27.07 -38.04 29.64
C GLU B 527 -27.16 -38.46 31.10
N PRO B 528 -26.06 -38.63 31.86
CA PRO B 528 -26.24 -38.83 33.31
C PRO B 528 -26.90 -37.65 34.01
N ILE B 529 -26.81 -36.44 33.44
CA ILE B 529 -27.30 -35.26 34.13
C ILE B 529 -28.61 -34.74 33.56
N LYS B 530 -28.98 -35.13 32.34
CA LYS B 530 -30.36 -34.91 31.90
C LYS B 530 -31.33 -35.72 32.75
N LYS B 531 -30.95 -36.97 33.06
CA LYS B 531 -31.73 -37.76 34.00
C LYS B 531 -31.82 -37.07 35.35
N LEU B 532 -30.71 -36.49 35.81
CA LEU B 532 -30.73 -35.78 37.10
C LEU B 532 -31.63 -34.56 37.04
N CYS B 533 -31.64 -33.83 35.92
CA CYS B 533 -32.54 -32.70 35.78
C CYS B 533 -33.99 -33.15 35.84
N TYR B 534 -34.31 -34.26 35.18
CA TYR B 534 -35.67 -34.80 35.27
C TYR B 534 -36.01 -35.21 36.70
N VAL B 535 -35.04 -35.76 37.42
CA VAL B 535 -35.24 -36.12 38.82
C VAL B 535 -35.52 -34.88 39.65
N LEU B 536 -34.85 -33.77 39.33
CA LEU B 536 -34.96 -32.56 40.15
C LEU B 536 -36.18 -31.71 39.83
N GLY B 537 -37.05 -32.15 38.92
CA GLY B 537 -38.30 -31.45 38.70
C GLY B 537 -38.50 -30.90 37.30
N VAL B 538 -37.52 -31.10 36.43
CA VAL B 538 -37.64 -30.61 35.05
C VAL B 538 -38.60 -31.49 34.28
N GLU B 539 -39.59 -30.86 33.66
CA GLU B 539 -40.55 -31.56 32.81
C GLU B 539 -40.06 -31.55 31.37
N ASP B 540 -39.99 -32.74 30.78
CA ASP B 540 -39.51 -32.84 29.41
C ASP B 540 -40.40 -32.03 28.46
N ILE B 541 -39.77 -31.49 27.43
CA ILE B 541 -40.48 -30.67 26.45
C ILE B 541 -41.57 -31.48 25.75
N THR B 542 -41.53 -32.80 25.85
CA THR B 542 -42.60 -33.63 25.30
C THR B 542 -43.82 -33.69 26.22
N LEU B 543 -43.72 -33.19 27.45
CA LEU B 543 -44.88 -33.05 28.33
C LEU B 543 -45.41 -31.63 28.42
N ILE B 544 -44.77 -30.67 27.75
CA ILE B 544 -45.12 -29.27 27.87
C ILE B 544 -45.90 -28.85 26.64
N ASP B 545 -46.87 -27.97 26.83
CA ASP B 545 -47.57 -27.35 25.72
C ASP B 545 -46.89 -26.03 25.36
N SER B 546 -47.11 -25.61 24.11
CA SER B 546 -46.49 -24.38 23.62
C SER B 546 -46.99 -23.15 24.35
N ALA B 547 -48.26 -23.15 24.77
CA ALA B 547 -48.86 -21.94 25.34
C ALA B 547 -48.20 -21.54 26.64
N SER B 548 -47.75 -22.52 27.43
CA SER B 548 -47.19 -22.26 28.74
C SER B 548 -45.66 -22.29 28.77
N LEU B 549 -45.02 -22.40 27.61
CA LEU B 549 -43.57 -22.59 27.59
C LEU B 549 -42.85 -21.35 28.12
N HIS B 550 -43.28 -20.16 27.70
CA HIS B 550 -42.70 -18.92 28.20
C HIS B 550 -43.35 -18.42 29.47
N LEU B 551 -44.05 -19.29 30.21
CA LEU B 551 -44.61 -18.90 31.49
C LEU B 551 -43.64 -19.20 32.63
N ASN B 552 -42.97 -20.34 32.57
CA ASN B 552 -41.97 -20.74 33.55
C ASN B 552 -40.60 -20.84 32.88
N TYR B 553 -39.56 -20.91 33.72
CA TYR B 553 -38.21 -20.98 33.20
C TYR B 553 -38.01 -22.24 32.39
N GLY B 554 -37.20 -22.13 31.34
CA GLY B 554 -36.74 -23.29 30.62
C GLY B 554 -35.37 -23.73 31.10
N VAL B 555 -35.07 -25.01 30.90
CA VAL B 555 -33.80 -25.59 31.31
C VAL B 555 -33.05 -26.03 30.07
N TYR B 556 -31.86 -25.47 29.86
CA TYR B 556 -31.07 -25.73 28.68
C TYR B 556 -29.83 -26.53 29.06
N LEU B 557 -29.60 -27.62 28.34
CA LEU B 557 -28.42 -28.47 28.54
C LEU B 557 -27.52 -28.30 27.32
N ASN B 558 -26.39 -27.62 27.52
CA ASN B 558 -25.43 -27.33 26.46
C ASN B 558 -26.12 -26.59 25.30
N GLY B 559 -26.99 -25.65 25.64
CA GLY B 559 -27.68 -24.83 24.67
C GLY B 559 -28.99 -25.38 24.15
N THR B 560 -29.39 -26.58 24.58
CA THR B 560 -30.59 -27.23 24.06
C THR B 560 -31.68 -27.23 25.14
N LEU B 561 -32.85 -26.71 24.79
CA LEU B 561 -33.98 -26.69 25.70
C LEU B 561 -34.45 -28.12 25.92
N ILE B 562 -34.11 -28.69 27.08
CA ILE B 562 -34.51 -30.05 27.39
C ILE B 562 -35.83 -30.10 28.15
N GLY B 563 -36.23 -29.00 28.77
CA GLY B 563 -37.48 -28.97 29.50
C GLY B 563 -37.65 -27.64 30.22
N SER B 564 -38.72 -27.58 31.00
CA SER B 564 -39.02 -26.42 31.83
C SER B 564 -39.11 -26.87 33.29
N ILE B 565 -39.11 -25.89 34.19
CA ILE B 565 -39.20 -26.19 35.61
C ILE B 565 -39.87 -25.02 36.34
N ARG B 566 -40.65 -25.37 37.35
CA ARG B 566 -41.04 -24.41 38.37
C ARG B 566 -39.93 -24.28 39.39
N PHE B 567 -39.85 -23.11 40.00
CA PHE B 567 -38.82 -22.80 41.01
C PHE B 567 -37.41 -22.99 40.43
N PRO B 568 -37.04 -22.19 39.42
CA PRO B 568 -35.67 -22.30 38.89
C PRO B 568 -34.60 -21.99 39.93
N THR B 569 -34.88 -21.08 40.86
CA THR B 569 -33.92 -20.78 41.92
C THR B 569 -33.64 -22.02 42.77
N LYS B 570 -34.70 -22.70 43.19
CA LYS B 570 -34.54 -23.91 43.99
C LYS B 570 -33.85 -25.01 43.19
N PHE B 571 -34.18 -25.14 41.90
CA PHE B 571 -33.51 -26.14 41.08
C PHE B 571 -32.01 -25.86 40.98
N VAL B 572 -31.64 -24.60 40.78
CA VAL B 572 -30.22 -24.24 40.67
C VAL B 572 -29.52 -24.48 42.00
N THR B 573 -30.15 -24.13 43.11
CA THR B 573 -29.55 -24.36 44.41
C THR B 573 -29.33 -25.85 44.67
N GLN B 574 -30.34 -26.67 44.32
CA GLN B 574 -30.20 -28.11 44.51
C GLN B 574 -29.08 -28.67 43.64
N PHE B 575 -28.98 -28.20 42.40
CA PHE B 575 -27.91 -28.66 41.51
C PHE B 575 -26.54 -28.27 42.05
N ARG B 576 -26.40 -27.04 42.56
CA ARG B 576 -25.11 -26.61 43.09
C ARG B 576 -24.74 -27.39 44.34
N HIS B 577 -25.73 -27.68 45.20
CA HIS B 577 -25.46 -28.53 46.36
C HIS B 577 -25.02 -29.92 45.92
N LEU B 578 -25.69 -30.47 44.90
CA LEU B 578 -25.38 -31.81 44.42
C LEU B 578 -24.00 -31.87 43.78
N ARG B 579 -23.54 -30.75 43.22
CA ARG B 579 -22.19 -30.69 42.67
C ARG B 579 -21.15 -30.48 43.77
N ARG B 580 -21.49 -29.71 44.80
CA ARG B 580 -20.58 -29.50 45.91
C ARG B 580 -20.39 -30.77 46.72
N THR B 581 -21.39 -31.65 46.74
CA THR B 581 -21.25 -32.92 47.43
C THR B 581 -20.67 -34.01 46.55
N GLY B 582 -20.28 -33.68 45.31
CA GLY B 582 -19.60 -34.61 44.45
C GLY B 582 -20.47 -35.59 43.69
N LYS B 583 -21.79 -35.39 43.68
CA LYS B 583 -22.65 -36.31 42.96
C LYS B 583 -22.60 -36.07 41.45
N VAL B 584 -22.18 -34.89 41.02
CA VAL B 584 -21.95 -34.60 39.62
C VAL B 584 -20.60 -33.92 39.48
N SER B 585 -20.08 -33.92 38.25
CA SER B 585 -18.74 -33.40 37.99
C SER B 585 -18.63 -31.95 38.41
N GLU B 586 -17.51 -31.62 39.07
CA GLU B 586 -17.28 -30.26 39.55
C GLU B 586 -17.05 -29.27 38.43
N PHE B 587 -16.84 -29.74 37.20
CA PHE B 587 -16.68 -28.85 36.05
C PHE B 587 -17.99 -28.52 35.35
N ILE B 588 -19.09 -29.16 35.74
CA ILE B 588 -20.40 -28.85 35.17
C ILE B 588 -20.90 -27.55 35.79
N SER B 589 -21.29 -26.61 34.94
CA SER B 589 -21.72 -25.29 35.38
C SER B 589 -23.23 -25.16 35.23
N ILE B 590 -23.86 -24.58 36.24
CA ILE B 590 -25.27 -24.23 36.20
C ILE B 590 -25.43 -22.76 36.56
N TYR B 591 -26.19 -22.04 35.73
CA TYR B 591 -26.49 -20.65 36.00
C TYR B 591 -27.84 -20.31 35.39
N SER B 592 -28.47 -19.27 35.92
CA SER B 592 -29.79 -18.86 35.49
C SER B 592 -29.73 -17.49 34.84
N ASN B 593 -30.58 -17.29 33.85
CA ASN B 593 -30.69 -16.02 33.13
C ASN B 593 -32.06 -15.43 33.39
N SER B 594 -32.10 -14.17 33.81
CA SER B 594 -33.36 -13.51 34.12
C SER B 594 -33.99 -12.87 32.89
N HIS B 595 -33.19 -12.18 32.08
CA HIS B 595 -33.71 -11.55 30.87
C HIS B 595 -34.26 -12.60 29.91
N GLN B 596 -33.44 -13.60 29.58
CA GLN B 596 -33.88 -14.78 28.84
C GLN B 596 -34.22 -15.85 29.85
N MET B 597 -35.50 -16.15 29.98
CA MET B 597 -35.97 -16.99 31.08
C MET B 597 -35.46 -18.40 30.84
N ALA B 598 -34.35 -18.75 31.49
CA ALA B 598 -33.59 -19.93 31.12
C ALA B 598 -32.61 -20.29 32.22
N VAL B 599 -32.58 -21.55 32.61
CA VAL B 599 -31.53 -22.11 33.45
C VAL B 599 -30.60 -22.89 32.53
N HIS B 600 -29.32 -22.52 32.54
CA HIS B 600 -28.33 -23.07 31.61
C HIS B 600 -27.40 -24.02 32.36
N ILE B 601 -27.19 -25.20 31.79
CA ILE B 601 -26.25 -26.17 32.31
C ILE B 601 -25.25 -26.51 31.21
N ALA B 602 -23.96 -26.37 31.50
CA ALA B 602 -22.90 -26.62 30.54
C ALA B 602 -22.01 -27.73 31.04
N THR B 603 -21.79 -28.73 30.19
CA THR B 603 -20.90 -29.84 30.51
C THR B 603 -19.76 -30.00 29.53
N ASP B 604 -19.71 -29.22 28.46
CA ASP B 604 -18.70 -29.40 27.43
C ASP B 604 -17.33 -28.94 27.93
N GLY B 605 -16.29 -29.49 27.30
CA GLY B 605 -14.93 -29.08 27.59
C GLY B 605 -14.56 -27.80 26.88
N GLY B 606 -13.37 -27.30 27.22
CA GLY B 606 -12.88 -26.07 26.63
C GLY B 606 -13.27 -24.81 27.37
N ARG B 607 -14.10 -24.90 28.40
CA ARG B 607 -14.50 -23.74 29.19
C ARG B 607 -13.42 -23.41 30.21
N ILE B 608 -13.01 -22.15 30.24
CA ILE B 608 -12.06 -21.69 31.24
C ILE B 608 -12.78 -21.47 32.56
N CYS B 609 -12.16 -21.95 33.65
CA CYS B 609 -12.74 -21.79 34.97
C CYS B 609 -11.62 -21.64 35.98
N ARG B 610 -11.96 -21.16 37.17
CA ARG B 610 -11.01 -20.95 38.24
C ARG B 610 -11.68 -21.27 39.57
N PRO B 611 -10.90 -21.68 40.57
CA PRO B 611 -11.50 -22.02 41.86
C PRO B 611 -11.76 -20.78 42.71
N LEU B 612 -12.88 -20.81 43.40
CA LEU B 612 -13.26 -19.78 44.36
C LEU B 612 -13.62 -20.45 45.68
N ILE B 613 -13.41 -19.74 46.78
CA ILE B 613 -13.89 -20.20 48.08
C ILE B 613 -15.40 -19.95 48.14
N ILE B 614 -16.15 -20.95 48.57
CA ILE B 614 -17.60 -20.82 48.67
C ILE B 614 -17.94 -20.05 49.94
N VAL B 615 -18.72 -18.98 49.79
CA VAL B 615 -19.21 -18.21 50.92
C VAL B 615 -20.66 -18.56 51.13
N SER B 616 -20.99 -19.07 52.32
CA SER B 616 -22.34 -19.46 52.67
C SER B 616 -22.80 -18.67 53.89
N ASP B 617 -24.00 -18.11 53.82
CA ASP B 617 -24.63 -17.42 54.94
C ASP B 617 -23.75 -16.28 55.47
N GLY B 618 -23.09 -15.58 54.55
CA GLY B 618 -22.25 -14.47 54.94
C GLY B 618 -20.92 -14.84 55.54
N GLN B 619 -20.54 -16.12 55.46
CA GLN B 619 -19.27 -16.57 56.00
C GLN B 619 -18.55 -17.43 54.97
N SER B 620 -17.22 -17.31 54.95
CA SER B 620 -16.41 -18.20 54.14
C SER B 620 -16.41 -19.61 54.74
N ARG B 621 -16.16 -20.61 53.90
CA ARG B 621 -16.26 -22.00 54.30
C ARG B 621 -14.92 -22.61 54.69
N VAL B 622 -13.83 -21.85 54.67
CA VAL B 622 -12.51 -22.44 54.94
C VAL B 622 -12.13 -22.31 56.40
N LYS B 623 -12.35 -21.13 57.00
CA LYS B 623 -12.29 -20.89 58.46
C LYS B 623 -11.03 -21.47 59.12
N ASP B 624 -9.97 -21.63 58.34
CA ASP B 624 -8.57 -21.80 58.76
C ASP B 624 -8.27 -23.03 59.60
N ILE B 625 -9.29 -23.81 59.97
CA ILE B 625 -9.00 -25.17 60.42
C ILE B 625 -8.56 -26.01 59.23
N HIS B 626 -9.24 -25.82 58.09
CA HIS B 626 -8.81 -26.43 56.85
C HIS B 626 -7.47 -25.87 56.39
N LEU B 627 -7.22 -24.58 56.63
CA LEU B 627 -5.90 -24.03 56.31
C LEU B 627 -4.81 -24.62 57.17
N ARG B 628 -5.08 -24.81 58.46
CA ARG B 628 -4.10 -25.47 59.33
C ARG B 628 -3.84 -26.89 58.85
N LYS B 629 -4.89 -27.63 58.52
CA LYS B 629 -4.69 -28.99 58.01
C LYS B 629 -3.92 -28.97 56.70
N LEU B 630 -4.23 -28.02 55.82
CA LEU B 630 -3.54 -27.90 54.53
C LEU B 630 -2.06 -27.63 54.70
N LEU B 631 -1.70 -26.71 55.59
CA LEU B 631 -0.30 -26.41 55.83
C LEU B 631 0.42 -27.56 56.52
N ASP B 632 -0.24 -28.24 57.46
CA ASP B 632 0.39 -29.33 58.18
C ASP B 632 0.69 -30.51 57.27
N GLY B 633 -0.12 -30.73 56.24
CA GLY B 633 0.12 -31.78 55.27
C GLY B 633 -1.13 -32.50 54.81
N GLU B 634 -2.18 -32.55 55.62
CA GLU B 634 -3.44 -33.15 55.23
C GLU B 634 -4.20 -32.19 54.31
N LEU B 635 -5.28 -32.69 53.72
CA LEU B 635 -6.23 -31.84 52.99
C LEU B 635 -5.55 -31.09 51.85
N ASP B 636 -5.11 -31.84 50.84
CA ASP B 636 -4.62 -31.22 49.63
C ASP B 636 -5.75 -30.44 48.95
N PHE B 637 -5.44 -29.80 47.82
CA PHE B 637 -6.43 -28.92 47.20
C PHE B 637 -7.69 -29.67 46.80
N ASP B 638 -7.54 -30.89 46.29
CA ASP B 638 -8.70 -31.66 45.85
C ASP B 638 -9.68 -31.91 46.98
N ASP B 639 -9.17 -32.07 48.21
CA ASP B 639 -10.05 -32.26 49.35
C ASP B 639 -10.85 -31.01 49.68
N PHE B 640 -10.36 -29.82 49.33
CA PHE B 640 -11.18 -28.62 49.47
C PHE B 640 -12.37 -28.67 48.52
N LEU B 641 -12.23 -29.33 47.37
CA LEU B 641 -13.36 -29.56 46.49
C LEU B 641 -14.27 -30.66 47.03
N LYS B 642 -13.68 -31.71 47.60
CA LYS B 642 -14.49 -32.82 48.11
C LYS B 642 -15.30 -32.42 49.34
N LEU B 643 -14.78 -31.49 50.15
CA LEU B 643 -15.53 -31.00 51.30
C LEU B 643 -16.46 -29.84 50.95
N GLY B 644 -16.50 -29.41 49.70
CA GLY B 644 -17.37 -28.33 49.33
C GLY B 644 -16.93 -26.97 49.83
N LEU B 645 -15.64 -26.78 50.09
CA LEU B 645 -15.15 -25.48 50.52
C LEU B 645 -14.81 -24.59 49.33
N VAL B 646 -14.37 -25.19 48.22
CA VAL B 646 -14.08 -24.45 47.00
C VAL B 646 -14.81 -25.12 45.85
N GLU B 647 -15.01 -24.35 44.78
CA GLU B 647 -15.62 -24.89 43.57
C GLU B 647 -15.13 -24.08 42.38
N TYR B 648 -15.11 -24.73 41.23
CA TYR B 648 -14.75 -24.06 39.99
C TYR B 648 -15.92 -23.27 39.44
N LEU B 649 -15.66 -22.05 38.99
CA LEU B 649 -16.65 -21.22 38.33
C LEU B 649 -16.12 -20.84 36.96
N ASP B 650 -16.92 -21.13 35.93
CA ASP B 650 -16.61 -20.64 34.59
C ASP B 650 -17.09 -19.20 34.46
N VAL B 651 -16.90 -18.64 33.27
CA VAL B 651 -17.27 -17.23 33.06
C VAL B 651 -18.77 -17.03 33.21
N ASN B 652 -19.56 -18.09 32.98
CA ASN B 652 -21.01 -17.93 32.98
C ASN B 652 -21.58 -17.96 34.39
N GLU B 653 -21.09 -18.87 35.24
CA GLU B 653 -21.57 -18.92 36.62
C GLU B 653 -21.18 -17.67 37.41
N GLU B 654 -20.13 -16.96 36.97
CA GLU B 654 -19.77 -15.71 37.60
C GLU B 654 -20.85 -14.66 37.42
N ASN B 655 -21.68 -14.78 36.38
CA ASN B 655 -22.85 -13.93 36.27
C ASN B 655 -23.82 -14.17 37.42
N ASP B 656 -23.96 -15.42 37.85
CA ASP B 656 -24.84 -15.75 38.97
C ASP B 656 -24.15 -15.59 40.32
N SER B 657 -22.85 -15.33 40.35
CA SER B 657 -22.12 -15.23 41.60
C SER B 657 -21.99 -13.77 42.04
N TYR B 658 -21.43 -13.58 43.24
CA TYR B 658 -21.12 -12.27 43.81
C TYR B 658 -19.87 -12.47 44.68
N ILE B 659 -18.70 -12.23 44.08
CA ILE B 659 -17.43 -12.60 44.70
C ILE B 659 -16.94 -11.48 45.59
N ALA B 660 -16.44 -11.83 46.77
CA ALA B 660 -15.67 -10.93 47.60
C ALA B 660 -14.19 -11.05 47.24
N LEU B 661 -13.53 -9.89 47.10
CA LEU B 661 -12.09 -9.91 46.90
C LEU B 661 -11.36 -10.33 48.17
N TYR B 662 -11.88 -9.93 49.33
CA TYR B 662 -11.22 -10.15 50.61
C TYR B 662 -12.22 -10.68 51.64
N GLU B 663 -11.71 -11.04 52.82
CA GLU B 663 -12.58 -11.48 53.90
C GLU B 663 -13.32 -10.30 54.54
N LYS B 664 -12.67 -9.14 54.61
CA LYS B 664 -13.22 -8.01 55.34
C LYS B 664 -14.43 -7.37 54.66
N ASP B 665 -14.73 -7.75 53.42
CA ASP B 665 -15.89 -7.22 52.71
C ASP B 665 -16.91 -8.31 52.39
N ILE B 666 -16.92 -9.39 53.17
CA ILE B 666 -17.93 -10.43 53.00
C ILE B 666 -19.25 -9.88 53.53
N VAL B 667 -20.13 -9.47 52.63
CA VAL B 667 -21.43 -8.93 53.00
C VAL B 667 -22.45 -10.07 52.88
N PRO B 668 -23.57 -10.03 53.62
CA PRO B 668 -24.47 -11.19 53.63
C PRO B 668 -25.30 -11.32 52.37
N SER B 669 -24.68 -11.15 51.21
CA SER B 669 -25.28 -11.47 49.93
C SER B 669 -24.28 -12.07 48.95
N MET B 670 -23.09 -12.45 49.39
CA MET B 670 -22.01 -12.86 48.51
C MET B 670 -21.92 -14.38 48.46
N THR B 671 -21.64 -14.89 47.27
CA THR B 671 -21.61 -16.33 47.04
C THR B 671 -20.22 -16.94 47.10
N HIS B 672 -19.18 -16.16 46.80
CA HIS B 672 -17.83 -16.71 46.77
C HIS B 672 -16.83 -15.69 47.29
N LEU B 673 -15.60 -16.16 47.50
CA LEU B 673 -14.51 -15.36 48.00
C LEU B 673 -13.26 -15.64 47.19
N GLU B 674 -12.59 -14.59 46.75
CA GLU B 674 -11.34 -14.74 46.00
C GLU B 674 -10.32 -15.50 46.83
N ILE B 675 -9.69 -16.52 46.23
CA ILE B 675 -8.60 -17.20 46.90
C ILE B 675 -7.41 -16.27 47.05
N GLU B 676 -6.96 -15.69 45.94
CA GLU B 676 -5.94 -14.65 45.98
C GLU B 676 -6.04 -13.79 44.72
N PRO B 677 -6.34 -12.50 44.87
CA PRO B 677 -6.64 -11.67 43.68
C PRO B 677 -5.45 -11.40 42.78
N PHE B 678 -4.20 -11.63 43.20
CA PHE B 678 -3.11 -11.36 42.26
C PHE B 678 -3.03 -12.40 41.15
N THR B 679 -3.79 -13.49 41.25
CA THR B 679 -3.81 -14.51 40.20
C THR B 679 -4.50 -14.03 38.93
N ILE B 680 -4.96 -12.78 38.88
CA ILE B 680 -5.47 -12.22 37.63
C ILE B 680 -4.35 -11.89 36.66
N LEU B 681 -3.12 -11.89 37.12
CA LEU B 681 -1.94 -11.79 36.26
C LEU B 681 -1.41 -13.18 35.99
N GLY B 682 -0.81 -13.35 34.81
CA GLY B 682 -0.27 -14.64 34.41
C GLY B 682 1.06 -14.93 35.07
N ALA B 683 1.76 -15.90 34.49
CA ALA B 683 3.09 -16.24 34.97
C ALA B 683 4.10 -15.15 34.64
N VAL B 684 4.08 -14.65 33.41
CA VAL B 684 5.06 -13.67 32.98
C VAL B 684 4.83 -12.33 33.66
N ALA B 685 3.57 -11.90 33.77
CA ALA B 685 3.26 -10.65 34.45
C ALA B 685 3.57 -10.70 35.94
N GLY B 686 3.71 -11.90 36.51
CA GLY B 686 4.08 -12.02 37.90
C GLY B 686 5.51 -11.64 38.20
N LEU B 687 6.33 -11.45 37.18
CA LEU B 687 7.69 -10.98 37.38
C LEU B 687 7.74 -9.53 37.84
N ILE B 688 6.67 -8.78 37.62
CA ILE B 688 6.67 -7.33 37.89
C ILE B 688 6.50 -7.09 39.38
N PRO B 689 7.37 -6.31 40.02
CA PRO B 689 7.10 -5.89 41.40
C PRO B 689 6.18 -4.68 41.43
N TYR B 690 5.23 -4.72 42.36
CA TYR B 690 4.23 -3.67 42.54
C TYR B 690 3.56 -3.24 41.24
N PRO B 691 2.98 -4.18 40.47
CA PRO B 691 2.33 -3.78 39.21
C PRO B 691 1.11 -2.91 39.41
N HIS B 692 0.46 -2.96 40.57
CA HIS B 692 -0.69 -2.11 40.83
C HIS B 692 -0.31 -0.65 41.04
N HIS B 693 0.98 -0.36 41.19
CA HIS B 693 1.46 1.01 41.30
C HIS B 693 1.94 1.56 39.95
N ASN B 694 1.81 0.80 38.87
CA ASN B 694 2.27 1.19 37.56
C ASN B 694 1.09 1.47 36.64
N GLN B 695 1.34 2.29 35.62
CA GLN B 695 0.43 2.40 34.49
C GLN B 695 0.41 1.08 33.73
N SER B 696 -0.79 0.65 33.33
CA SER B 696 -0.95 -0.66 32.70
C SER B 696 -0.10 -0.87 31.45
N PRO B 697 0.07 0.10 30.54
CA PRO B 697 0.95 -0.15 29.39
C PRO B 697 2.36 -0.54 29.80
N ARG B 698 2.85 -0.01 30.92
CA ARG B 698 4.18 -0.39 31.39
C ARG B 698 4.22 -1.86 31.80
N ASN B 699 3.15 -2.34 32.44
CA ASN B 699 3.09 -3.75 32.80
C ASN B 699 3.03 -4.64 31.56
N THR B 700 2.24 -4.24 30.57
CA THR B 700 2.20 -5.01 29.31
C THR B 700 3.57 -5.02 28.63
N TYR B 701 4.25 -3.87 28.64
CA TYR B 701 5.56 -3.79 28.01
C TYR B 701 6.59 -4.64 28.74
N GLN B 702 6.48 -4.73 30.07
CA GLN B 702 7.37 -5.63 30.79
C GLN B 702 7.04 -7.08 30.50
N CYS B 703 5.75 -7.41 30.33
CA CYS B 703 5.42 -8.75 29.87
C CYS B 703 6.13 -9.06 28.56
N ALA B 704 6.23 -8.06 27.68
CA ALA B 704 6.98 -8.25 26.44
C ALA B 704 8.48 -8.41 26.70
N MET B 705 9.06 -7.54 27.54
CA MET B 705 10.52 -7.47 27.70
C MET B 705 11.09 -8.64 28.50
N GLY B 706 10.36 -9.13 29.51
CA GLY B 706 10.87 -10.22 30.33
C GLY B 706 11.12 -11.48 29.54
N LYS B 707 10.33 -11.71 28.49
CA LYS B 707 10.57 -12.84 27.60
C LYS B 707 11.85 -12.68 26.79
N GLN B 708 12.30 -11.44 26.58
CA GLN B 708 13.53 -11.16 25.85
C GLN B 708 14.72 -10.94 26.76
N ALA B 709 14.52 -10.95 28.07
CA ALA B 709 15.63 -10.80 29.00
C ALA B 709 16.62 -11.95 28.89
N ILE B 710 17.90 -11.64 29.04
CA ILE B 710 18.98 -12.63 29.02
C ILE B 710 19.24 -13.11 30.45
N GLY B 711 19.29 -14.42 30.63
CA GLY B 711 19.53 -14.98 31.94
C GLY B 711 19.96 -16.43 31.93
N ALA B 712 19.41 -17.22 32.85
CA ALA B 712 19.66 -18.66 32.90
C ALA B 712 18.54 -19.41 32.23
N ILE B 713 18.90 -20.38 31.39
CA ILE B 713 17.92 -21.13 30.61
C ILE B 713 17.44 -22.36 31.36
N ALA B 714 18.37 -23.18 31.82
CA ALA B 714 18.04 -24.47 32.41
C ALA B 714 19.25 -24.97 33.18
N TYR B 715 19.03 -26.04 33.95
CA TYR B 715 20.16 -26.67 34.65
C TYR B 715 21.05 -27.44 33.69
N ASN B 716 20.54 -27.79 32.51
CA ASN B 716 21.31 -28.48 31.47
C ASN B 716 21.61 -27.58 30.28
N GLN B 717 21.61 -26.27 30.50
CA GLN B 717 21.78 -25.33 29.39
C GLN B 717 23.14 -25.48 28.72
N PHE B 718 24.15 -25.93 29.46
CA PHE B 718 25.45 -26.18 28.86
C PHE B 718 25.53 -27.56 28.20
N LYS B 719 24.56 -28.43 28.50
CA LYS B 719 24.43 -29.67 27.73
C LYS B 719 23.65 -29.44 26.45
N ARG B 720 22.80 -28.41 26.43
CA ARG B 720 21.99 -28.12 25.24
C ARG B 720 22.86 -27.59 24.11
N ILE B 721 22.44 -27.92 22.88
CA ILE B 721 23.06 -27.38 21.67
C ILE B 721 21.91 -26.78 20.86
N ASP B 722 21.65 -25.49 21.07
CA ASP B 722 20.52 -24.81 20.44
C ASP B 722 20.99 -23.90 19.32
N THR B 723 20.05 -23.55 18.44
CA THR B 723 20.38 -22.66 17.32
C THR B 723 20.82 -21.29 17.81
N LEU B 724 20.28 -20.82 18.93
CA LEU B 724 20.67 -19.55 19.50
C LEU B 724 20.33 -19.57 20.98
N LEU B 725 21.26 -19.09 21.80
CA LEU B 725 21.08 -19.14 23.25
C LEU B 725 21.92 -18.03 23.88
N TYR B 726 21.25 -17.07 24.51
CA TYR B 726 21.92 -16.02 25.27
C TYR B 726 21.92 -16.41 26.74
N LEU B 727 23.08 -16.30 27.37
CA LEU B 727 23.25 -16.69 28.78
C LEU B 727 23.96 -15.59 29.54
N MET B 728 23.35 -15.16 30.64
CA MET B 728 23.99 -14.22 31.55
C MET B 728 25.05 -14.94 32.37
N THR B 729 26.25 -14.33 32.47
CA THR B 729 27.33 -14.95 33.21
C THR B 729 27.04 -14.96 34.72
N TYR B 730 26.53 -13.85 35.25
CA TYR B 730 26.33 -13.68 36.69
C TYR B 730 24.89 -13.27 36.96
N PRO B 731 23.93 -14.15 36.73
CA PRO B 731 22.54 -13.80 37.05
C PRO B 731 22.33 -13.70 38.55
N GLN B 732 21.44 -12.80 38.94
CA GLN B 732 21.07 -12.61 40.33
C GLN B 732 19.56 -12.72 40.45
N GLN B 733 19.09 -13.25 41.56
CA GLN B 733 17.67 -13.20 41.83
C GLN B 733 17.26 -11.79 42.23
N PRO B 734 16.08 -11.33 41.84
CA PRO B 734 15.67 -9.96 42.18
C PRO B 734 15.58 -9.76 43.68
N MET B 735 15.95 -8.56 44.14
CA MET B 735 15.77 -8.23 45.55
C MET B 735 14.30 -8.08 45.89
N VAL B 736 13.52 -7.48 45.01
CA VAL B 736 12.08 -7.38 45.17
C VAL B 736 11.45 -8.41 44.25
N LYS B 737 10.97 -9.50 44.83
CA LYS B 737 10.32 -10.56 44.09
C LYS B 737 8.82 -10.53 44.40
N THR B 738 8.09 -11.48 43.83
CA THR B 738 6.67 -11.63 44.08
C THR B 738 6.39 -13.08 44.47
N LYS B 739 5.15 -13.33 44.89
CA LYS B 739 4.74 -14.71 45.14
C LYS B 739 4.77 -15.51 43.85
N THR B 740 4.46 -14.88 42.72
CA THR B 740 4.42 -15.59 41.45
C THR B 740 5.79 -16.11 41.05
N ILE B 741 6.84 -15.29 41.19
CA ILE B 741 8.16 -15.71 40.71
C ILE B 741 8.66 -16.91 41.51
N GLU B 742 8.29 -16.99 42.79
CA GLU B 742 8.66 -18.16 43.58
C GLU B 742 7.72 -19.34 43.32
N LEU B 743 6.50 -19.08 42.87
CA LEU B 743 5.62 -20.18 42.49
C LEU B 743 6.05 -20.82 41.18
N ILE B 744 6.65 -20.04 40.29
CA ILE B 744 7.11 -20.51 38.99
C ILE B 744 8.61 -20.75 38.98
N ASP B 745 9.26 -20.70 40.14
CA ASP B 745 10.68 -20.99 40.28
C ASP B 745 11.55 -20.07 39.42
N TYR B 746 11.15 -18.81 39.28
CA TYR B 746 11.96 -17.86 38.52
C TYR B 746 13.19 -17.44 39.31
N ASP B 747 13.12 -17.49 40.65
CA ASP B 747 14.29 -17.19 41.47
C ASP B 747 15.36 -18.27 41.37
N LYS B 748 15.06 -19.41 40.75
CA LYS B 748 16.06 -20.44 40.51
C LYS B 748 16.80 -20.26 39.20
N LEU B 749 16.14 -19.68 38.19
CA LEU B 749 16.77 -19.32 36.93
C LEU B 749 16.45 -17.85 36.63
N PRO B 750 17.04 -16.93 37.36
CA PRO B 750 16.72 -15.51 37.16
C PRO B 750 17.42 -14.94 35.95
N ALA B 751 16.77 -13.94 35.35
CA ALA B 751 17.28 -13.27 34.16
C ALA B 751 17.41 -11.77 34.47
N GLY B 752 18.54 -11.38 35.04
CA GLY B 752 18.77 -9.99 35.34
C GLY B 752 19.81 -9.85 36.44
N GLN B 753 19.97 -8.61 36.90
CA GLN B 753 20.91 -8.28 37.95
C GLN B 753 20.40 -7.08 38.71
N ASN B 754 20.76 -7.01 39.99
CA ASN B 754 20.35 -5.91 40.86
C ASN B 754 21.38 -4.80 40.75
N ALA B 755 21.19 -3.93 39.76
CA ALA B 755 22.11 -2.81 39.56
C ALA B 755 21.90 -1.76 40.65
N THR B 756 23.00 -1.24 41.16
CA THR B 756 22.94 -0.01 41.94
C THR B 756 22.58 1.14 41.01
N VAL B 757 21.46 1.78 41.28
CA VAL B 757 20.89 2.78 40.36
C VAL B 757 20.78 4.11 41.08
N ALA B 758 21.29 5.16 40.45
CA ALA B 758 21.04 6.53 40.86
C ALA B 758 20.13 7.17 39.82
N VAL B 759 18.92 7.54 40.24
CA VAL B 759 17.97 8.20 39.35
C VAL B 759 18.35 9.68 39.33
N MET B 760 19.03 10.12 38.28
CA MET B 760 19.43 11.50 38.16
C MET B 760 19.78 11.79 36.70
N SER B 761 19.67 13.07 36.33
CA SER B 761 20.19 13.49 35.04
C SER B 761 21.71 13.55 35.11
N TYR B 762 22.37 12.98 34.11
CA TYR B 762 23.83 12.85 34.17
C TYR B 762 24.41 12.80 32.76
N SER B 763 25.36 13.69 32.49
CA SER B 763 26.24 13.65 31.32
C SER B 763 25.53 13.98 30.01
N GLY B 764 24.21 14.11 30.05
CA GLY B 764 23.46 14.41 28.85
C GLY B 764 23.35 13.27 27.86
N TYR B 765 23.92 12.11 28.15
CA TYR B 765 23.84 10.95 27.27
C TYR B 765 22.71 10.01 27.66
N ASP B 766 21.83 10.47 28.56
CA ASP B 766 20.77 9.58 29.11
C ASP B 766 19.39 10.13 28.73
N ILE B 767 19.34 11.10 27.83
CA ILE B 767 18.04 11.66 27.38
C ILE B 767 17.33 10.61 26.52
N GLU B 768 15.99 10.54 26.62
CA GLU B 768 15.19 9.59 25.79
C GLU B 768 15.52 8.13 26.12
N ASP B 769 15.22 7.67 27.34
CA ASP B 769 15.38 6.23 27.70
C ASP B 769 16.84 5.77 27.75
N ALA B 770 17.78 6.53 27.19
CA ALA B 770 19.16 6.03 27.17
C ALA B 770 19.70 5.91 28.59
N LEU B 771 20.54 4.91 28.80
CA LEU B 771 21.09 4.62 30.12
C LEU B 771 22.58 4.95 30.18
N VAL B 772 23.03 5.31 31.37
CA VAL B 772 24.43 5.55 31.66
C VAL B 772 24.95 4.34 32.44
N LEU B 773 25.84 3.58 31.82
CA LEU B 773 26.40 2.39 32.43
C LEU B 773 27.78 2.69 33.01
N ASN B 774 28.08 2.05 34.13
CA ASN B 774 29.37 2.23 34.78
C ASN B 774 30.40 1.33 34.15
N LYS B 775 31.42 1.93 33.52
CA LYS B 775 32.66 1.20 33.32
C LYS B 775 33.23 0.86 34.69
N SER B 776 33.87 -0.31 34.77
CA SER B 776 34.36 -0.97 35.97
C SER B 776 33.23 -1.66 36.74
N SER B 777 31.97 -1.44 36.41
CA SER B 777 30.94 -2.41 36.77
C SER B 777 30.83 -3.46 35.68
N ILE B 778 30.93 -3.02 34.43
CA ILE B 778 31.07 -3.92 33.29
C ILE B 778 32.37 -4.70 33.40
N ASP B 779 33.44 -4.05 33.87
CA ASP B 779 34.72 -4.74 34.04
C ASP B 779 34.62 -5.86 35.06
N ARG B 780 33.81 -5.67 36.10
CA ARG B 780 33.67 -6.67 37.15
C ARG B 780 32.60 -7.71 36.83
N GLY B 781 31.96 -7.61 35.66
CA GLY B 781 31.07 -8.66 35.21
C GLY B 781 29.59 -8.32 35.20
N PHE B 782 29.25 -7.05 35.41
CA PHE B 782 27.86 -6.63 35.39
C PHE B 782 27.38 -6.63 33.95
N GLY B 783 26.23 -7.25 33.72
CA GLY B 783 25.68 -7.32 32.37
C GLY B 783 26.48 -8.16 31.42
N ARG B 784 27.43 -8.95 31.91
CA ARG B 784 28.25 -9.79 31.06
C ARG B 784 27.47 -11.03 30.69
N CYS B 785 27.35 -11.28 29.39
CA CYS B 785 26.62 -12.43 28.89
C CYS B 785 27.42 -13.09 27.78
N GLU B 786 26.88 -14.17 27.25
CA GLU B 786 27.46 -14.83 26.10
C GLU B 786 26.35 -15.44 25.27
N THR B 787 26.62 -15.59 23.98
CA THR B 787 25.70 -16.21 23.04
C THR B 787 26.31 -17.50 22.52
N ARG B 788 25.48 -18.54 22.45
CA ARG B 788 25.89 -19.84 21.91
C ARG B 788 25.06 -20.14 20.67
N ARG B 789 25.74 -20.51 19.59
CA ARG B 789 25.10 -20.72 18.30
C ARG B 789 25.53 -22.07 17.76
N LYS B 790 24.56 -22.86 17.32
CA LYS B 790 24.85 -24.17 16.74
C LYS B 790 24.77 -24.11 15.23
N THR B 791 25.67 -24.83 14.58
CA THR B 791 25.64 -25.05 13.15
C THR B 791 25.60 -26.55 12.89
N THR B 792 24.66 -26.97 12.07
CA THR B 792 24.40 -28.39 11.85
C THR B 792 24.70 -28.75 10.41
N THR B 793 25.53 -29.77 10.21
CA THR B 793 25.81 -30.30 8.89
C THR B 793 25.65 -31.81 8.91
N VAL B 794 25.07 -32.34 7.85
CA VAL B 794 24.86 -33.79 7.69
C VAL B 794 25.72 -34.26 6.53
N LEU B 795 26.43 -35.37 6.75
CA LEU B 795 27.17 -36.04 5.69
C LEU B 795 26.21 -37.03 5.05
N LYS B 796 25.55 -36.60 3.98
CA LYS B 796 24.45 -37.36 3.40
C LYS B 796 24.96 -38.36 2.37
N ARG B 797 24.49 -39.60 2.46
CA ARG B 797 24.75 -40.59 1.44
C ARG B 797 23.89 -40.32 0.21
N TYR B 798 24.36 -40.79 -0.94
CA TYR B 798 23.70 -40.54 -2.21
C TYR B 798 23.39 -41.86 -2.91
N ALA B 799 22.51 -41.78 -3.92
CA ALA B 799 22.08 -42.95 -4.66
C ALA B 799 23.22 -43.66 -5.37
N ASN B 800 24.32 -42.95 -5.66
CA ASN B 800 25.49 -43.56 -6.28
C ASN B 800 26.42 -44.22 -5.26
N HIS B 801 25.94 -44.47 -4.05
CA HIS B 801 26.74 -45.04 -2.97
C HIS B 801 27.91 -44.13 -2.58
N THR B 802 27.74 -42.83 -2.77
CA THR B 802 28.72 -41.83 -2.37
C THR B 802 28.13 -40.96 -1.27
N GLN B 803 29.01 -40.28 -0.54
CA GLN B 803 28.56 -39.45 0.56
C GLN B 803 29.59 -38.35 0.82
N ASP B 804 29.15 -37.31 1.53
CA ASP B 804 30.04 -36.23 1.90
C ASP B 804 31.06 -36.70 2.93
N ILE B 805 32.20 -36.01 2.97
CA ILE B 805 33.25 -36.32 3.92
C ILE B 805 33.71 -35.02 4.57
N ILE B 806 34.41 -35.16 5.70
CA ILE B 806 34.90 -34.00 6.44
C ILE B 806 36.42 -34.07 6.55
N GLY B 807 37.07 -34.67 5.55
CA GLY B 807 38.51 -34.69 5.53
C GLY B 807 39.09 -33.37 5.08
N GLY B 808 40.31 -33.07 5.56
CA GLY B 808 40.97 -31.84 5.19
C GLY B 808 42.17 -31.49 6.05
N MET B 809 42.22 -30.22 6.49
CA MET B 809 43.31 -29.69 7.31
C MET B 809 44.65 -29.82 6.57
N ARG B 810 44.71 -29.11 5.44
CA ARG B 810 45.95 -29.04 4.66
C ARG B 810 46.94 -28.12 5.36
N VAL B 811 48.22 -28.45 5.29
CA VAL B 811 49.24 -27.68 5.98
C VAL B 811 50.10 -26.93 4.97
N ASP B 812 50.85 -25.96 5.46
CA ASP B 812 51.90 -25.35 4.67
C ASP B 812 53.21 -26.11 4.88
N GLU B 813 54.22 -25.74 4.09
CA GLU B 813 55.48 -26.49 4.08
C GLU B 813 56.16 -26.49 5.44
N ASN B 814 55.90 -25.49 6.27
CA ASN B 814 56.49 -25.44 7.60
C ASN B 814 55.75 -26.32 8.60
N GLY B 815 54.72 -27.04 8.17
CA GLY B 815 53.97 -27.90 9.06
C GLY B 815 52.74 -27.29 9.68
N ASP B 816 52.73 -25.98 9.89
CA ASP B 816 51.60 -25.29 10.48
C ASP B 816 50.44 -25.28 9.50
N PRO B 817 49.20 -25.40 9.98
CA PRO B 817 48.05 -25.32 9.06
C PRO B 817 47.96 -23.96 8.42
N ILE B 818 47.32 -23.91 7.24
CA ILE B 818 47.05 -22.62 6.62
C ILE B 818 46.08 -21.85 7.50
N TRP B 819 46.00 -20.54 7.26
CA TRP B 819 45.20 -19.69 8.14
C TRP B 819 43.73 -20.08 8.13
N GLN B 820 43.21 -20.51 6.98
CA GLN B 820 41.83 -20.97 6.91
C GLN B 820 41.59 -22.18 7.80
N HIS B 821 42.65 -22.94 8.13
CA HIS B 821 42.52 -24.18 8.89
C HIS B 821 43.25 -24.10 10.23
N GLN B 822 43.41 -22.90 10.80
CA GLN B 822 44.20 -22.76 12.03
C GLN B 822 43.57 -23.54 13.17
N SER B 823 42.24 -23.49 13.29
CA SER B 823 41.52 -24.25 14.29
C SER B 823 40.58 -25.25 13.62
N LEU B 824 41.12 -26.40 13.21
CA LEU B 824 40.35 -27.36 12.43
C LEU B 824 40.51 -28.80 12.88
N GLY B 825 41.59 -29.14 13.58
CA GLY B 825 41.79 -30.48 14.05
C GLY B 825 42.06 -31.48 12.95
N PRO B 826 42.70 -32.60 13.30
CA PRO B 826 42.97 -33.63 12.29
C PRO B 826 41.73 -34.22 11.63
N ASP B 827 40.61 -34.29 12.34
CA ASP B 827 39.41 -34.90 11.77
C ASP B 827 38.67 -33.98 10.81
N GLY B 828 39.12 -32.73 10.65
CA GLY B 828 38.44 -31.78 9.81
C GLY B 828 37.34 -31.00 10.50
N LEU B 829 37.16 -31.19 11.80
CA LEU B 829 36.17 -30.46 12.59
C LEU B 829 36.89 -29.62 13.63
N GLY B 830 36.51 -28.34 13.72
CA GLY B 830 37.16 -27.39 14.60
C GLY B 830 37.42 -27.89 16.00
N GLU B 831 38.52 -27.46 16.60
CA GLU B 831 38.92 -27.96 17.90
C GLU B 831 38.19 -27.23 19.03
N VAL B 832 37.74 -27.99 20.02
CA VAL B 832 36.99 -27.41 21.13
C VAL B 832 37.90 -26.53 21.96
N GLY B 833 37.47 -25.29 22.20
CA GLY B 833 38.25 -24.30 22.90
C GLY B 833 38.97 -23.32 22.01
N MET B 834 39.27 -23.71 20.77
CA MET B 834 39.96 -22.83 19.84
C MET B 834 39.06 -21.70 19.36
N LYS B 835 39.66 -20.55 19.12
CA LYS B 835 38.99 -19.38 18.59
C LYS B 835 38.87 -19.50 17.08
N VAL B 836 37.74 -19.09 16.53
CA VAL B 836 37.53 -19.00 15.09
C VAL B 836 37.28 -17.54 14.74
N GLN B 837 38.15 -16.98 13.91
CA GLN B 837 37.95 -15.65 13.36
C GLN B 837 37.19 -15.75 12.04
N SER B 838 36.72 -14.60 11.55
CA SER B 838 35.95 -14.58 10.32
C SER B 838 36.79 -15.06 9.15
N GLY B 839 36.23 -15.99 8.37
CA GLY B 839 36.92 -16.58 7.24
C GLY B 839 37.51 -17.95 7.52
N GLN B 840 37.69 -18.32 8.78
CA GLN B 840 38.23 -19.63 9.11
C GLN B 840 37.16 -20.71 8.99
N ILE B 841 37.61 -21.93 8.69
CA ILE B 841 36.75 -23.08 8.54
C ILE B 841 36.77 -23.86 9.85
N TYR B 842 35.59 -24.25 10.33
CA TYR B 842 35.49 -25.16 11.46
C TYR B 842 34.81 -26.48 11.11
N ILE B 843 34.20 -26.58 9.93
CA ILE B 843 33.70 -27.84 9.39
C ILE B 843 34.17 -27.91 7.95
N ASN B 844 35.10 -28.83 7.66
CA ASN B 844 35.72 -28.92 6.34
C ASN B 844 35.02 -30.04 5.56
N LYS B 845 33.82 -29.73 5.08
CA LYS B 845 33.00 -30.72 4.38
C LYS B 845 33.31 -30.70 2.89
N SER B 846 33.52 -31.87 2.32
CA SER B 846 33.76 -32.05 0.90
C SER B 846 32.60 -32.83 0.29
N VAL B 847 32.11 -32.37 -0.84
CA VAL B 847 30.93 -32.97 -1.48
C VAL B 847 31.39 -33.64 -2.77
N PRO B 848 30.94 -34.86 -3.07
CA PRO B 848 31.29 -35.49 -4.35
C PRO B 848 30.79 -34.67 -5.53
N THR B 849 31.56 -34.67 -6.61
CA THR B 849 31.22 -33.91 -7.80
C THR B 849 30.24 -34.62 -8.72
N ASN B 850 29.90 -35.88 -8.42
CA ASN B 850 28.93 -36.64 -9.20
C ASN B 850 27.85 -37.21 -8.30
N SER B 851 27.39 -36.43 -7.34
CA SER B 851 26.35 -36.85 -6.42
C SER B 851 25.00 -36.93 -7.13
N THR B 864 34.17 -40.15 -5.83
CA THR B 864 35.58 -40.28 -6.19
C THR B 864 36.30 -38.95 -6.06
N GLN B 865 35.76 -37.93 -6.73
CA GLN B 865 36.29 -36.56 -6.66
C GLN B 865 35.38 -35.75 -5.75
N TYR B 866 35.98 -34.94 -4.89
CA TYR B 866 35.24 -34.17 -3.90
C TYR B 866 35.50 -32.68 -4.09
N ARG B 867 34.43 -31.91 -4.19
CA ARG B 867 34.50 -30.45 -4.18
C ARG B 867 34.30 -29.94 -2.76
N GLU B 868 35.06 -28.91 -2.40
CA GLU B 868 35.02 -28.36 -1.06
C GLU B 868 33.72 -27.58 -0.83
N ALA B 869 33.02 -27.91 0.25
CA ALA B 869 31.89 -27.11 0.73
C ALA B 869 32.05 -26.95 2.24
N PRO B 870 33.09 -26.26 2.69
CA PRO B 870 33.32 -26.13 4.13
C PRO B 870 32.43 -25.07 4.76
N VAL B 871 32.15 -25.27 6.04
CA VAL B 871 31.39 -24.27 6.80
C VAL B 871 32.38 -23.24 7.33
N ILE B 872 32.18 -21.98 6.90
CA ILE B 872 33.12 -20.90 7.17
C ILE B 872 32.48 -19.96 8.18
N TYR B 873 33.28 -19.53 9.17
CA TYR B 873 32.81 -18.59 10.17
C TYR B 873 32.72 -17.19 9.56
N ARG B 874 31.52 -16.62 9.57
CA ARG B 874 31.29 -15.26 9.11
C ARG B 874 30.76 -14.46 10.30
N GLY B 875 31.68 -13.89 11.07
CA GLY B 875 31.32 -13.10 12.22
C GLY B 875 32.19 -11.87 12.36
N PRO B 876 31.57 -10.72 12.62
CA PRO B 876 32.36 -9.52 12.89
C PRO B 876 33.29 -9.67 14.07
N GLU B 877 32.87 -10.42 15.09
CA GLU B 877 33.70 -10.73 16.25
C GLU B 877 33.99 -12.22 16.29
N PRO B 878 35.17 -12.61 16.76
CA PRO B 878 35.51 -14.04 16.79
C PRO B 878 34.67 -14.79 17.82
N SER B 879 34.51 -16.08 17.58
CA SER B 879 33.84 -16.98 18.50
C SER B 879 34.82 -18.03 18.98
N HIS B 880 34.36 -18.87 19.90
CA HIS B 880 35.13 -20.01 20.40
C HIS B 880 34.31 -21.27 20.24
N ILE B 881 34.89 -22.28 19.61
CA ILE B 881 34.27 -23.59 19.53
C ILE B 881 34.25 -24.19 20.93
N ASP B 882 33.06 -24.35 21.51
CA ASP B 882 32.95 -24.93 22.84
C ASP B 882 32.38 -26.34 22.83
N GLN B 883 31.83 -26.81 21.71
CA GLN B 883 31.32 -28.18 21.64
C GLN B 883 31.28 -28.64 20.19
N VAL B 884 31.78 -29.84 19.94
CA VAL B 884 31.64 -30.52 18.66
C VAL B 884 31.02 -31.88 18.93
N MET B 885 29.82 -32.10 18.40
CA MET B 885 29.10 -33.35 18.63
C MET B 885 29.03 -34.13 17.33
N MET B 886 29.48 -35.37 17.36
CA MET B 886 29.35 -36.27 16.23
C MET B 886 28.36 -37.36 16.58
N SER B 887 27.36 -37.56 15.73
CA SER B 887 26.34 -38.57 15.99
C SER B 887 25.74 -39.00 14.66
N VAL B 888 24.69 -39.81 14.73
CA VAL B 888 23.90 -40.21 13.58
C VAL B 888 22.44 -39.98 13.91
N SER B 889 21.63 -39.79 12.88
CA SER B 889 20.19 -39.65 13.05
C SER B 889 19.54 -41.02 12.98
N ASP B 890 18.21 -41.04 13.09
CA ASP B 890 17.49 -42.30 13.02
C ASP B 890 17.57 -42.95 11.64
N ASN B 891 17.90 -42.18 10.60
CA ASN B 891 17.99 -42.69 9.24
C ASN B 891 19.41 -43.04 8.83
N ASP B 892 20.27 -43.40 9.79
CA ASP B 892 21.63 -43.87 9.54
C ASP B 892 22.40 -42.90 8.63
N GLN B 893 22.60 -41.70 9.17
CA GLN B 893 23.27 -40.64 8.42
C GLN B 893 24.06 -39.78 9.39
N ALA B 894 25.31 -39.47 9.01
CA ALA B 894 26.20 -38.74 9.91
C ALA B 894 25.66 -37.34 10.20
N LEU B 895 25.85 -36.89 11.45
CA LEU B 895 25.34 -35.61 11.91
C LEU B 895 26.42 -34.93 12.73
N ILE B 896 26.83 -33.74 12.30
CA ILE B 896 27.85 -32.95 12.99
C ILE B 896 27.18 -31.68 13.50
N LYS B 897 27.28 -31.44 14.81
CA LYS B 897 26.80 -30.20 15.40
C LYS B 897 27.98 -29.52 16.09
N VAL B 898 28.21 -28.25 15.74
CA VAL B 898 29.27 -27.45 16.34
C VAL B 898 28.62 -26.31 17.09
N LEU B 899 28.98 -26.16 18.35
CA LEU B 899 28.49 -25.06 19.18
C LEU B 899 29.54 -23.96 19.22
N LEU B 900 29.17 -22.78 18.77
CA LEU B 900 30.04 -21.61 18.81
C LEU B 900 29.55 -20.69 19.92
N ARG B 901 30.42 -20.39 20.87
CA ARG B 901 30.11 -19.47 21.94
C ARG B 901 30.88 -18.17 21.73
N GLN B 902 30.34 -17.09 22.30
CA GLN B 902 30.91 -15.76 22.09
C GLN B 902 30.58 -14.91 23.30
N ASN B 903 31.60 -14.55 24.08
CA ASN B 903 31.40 -13.66 25.20
C ASN B 903 31.04 -12.26 24.71
N ARG B 904 30.15 -11.59 25.45
CA ARG B 904 29.68 -10.27 25.05
C ARG B 904 29.75 -9.31 26.23
N ARG B 905 30.57 -8.29 26.08
CA ARG B 905 30.66 -7.13 26.96
C ARG B 905 29.52 -6.17 26.67
N PRO B 906 28.76 -5.73 27.67
CA PRO B 906 27.78 -4.67 27.42
C PRO B 906 28.44 -3.44 26.85
N GLU B 907 28.06 -3.07 25.63
CA GLU B 907 28.70 -1.96 24.93
C GLU B 907 27.67 -0.86 24.67
N LEU B 908 28.07 0.13 23.90
CA LEU B 908 27.20 1.27 23.63
C LEU B 908 26.11 0.84 22.64
N GLY B 909 24.86 1.06 23.02
CA GLY B 909 23.73 0.66 22.21
C GLY B 909 23.06 -0.63 22.60
N ASP B 910 23.61 -1.36 23.58
CA ASP B 910 22.96 -2.57 24.07
C ASP B 910 21.75 -2.20 24.94
N LYS B 911 20.70 -3.00 24.82
CA LYS B 911 19.42 -2.67 25.42
C LYS B 911 19.27 -3.26 26.83
N PHE B 912 18.69 -2.48 27.73
CA PHE B 912 18.38 -2.93 29.09
C PHE B 912 16.98 -2.49 29.45
N SER B 913 16.40 -3.16 30.43
CA SER B 913 15.08 -2.83 30.96
C SER B 913 15.05 -3.17 32.44
N SER B 914 13.98 -2.74 33.12
CA SER B 914 13.99 -2.76 34.58
C SER B 914 12.70 -3.30 35.19
N ARG B 915 12.02 -4.21 34.50
CA ARG B 915 10.79 -4.87 34.95
C ARG B 915 9.59 -3.94 35.01
N HIS B 916 9.69 -2.71 34.51
CA HIS B 916 8.58 -1.77 34.57
C HIS B 916 8.32 -1.11 33.22
N GLY B 917 8.73 -1.74 32.13
CA GLY B 917 8.56 -1.15 30.83
C GLY B 917 9.49 0.00 30.52
N GLN B 918 10.45 0.26 31.39
CA GLN B 918 11.43 1.32 31.20
C GLN B 918 12.66 0.70 30.56
N LYS B 919 12.64 0.59 29.24
CA LYS B 919 13.77 0.06 28.51
C LYS B 919 14.63 1.19 27.94
N GLY B 920 15.83 0.83 27.53
CA GLY B 920 16.71 1.80 26.91
C GLY B 920 18.06 1.23 26.56
N VAL B 921 18.76 1.90 25.66
CA VAL B 921 20.09 1.47 25.28
C VAL B 921 21.14 2.19 26.13
N CYS B 922 22.33 1.61 26.18
CA CYS B 922 23.45 2.30 26.84
C CYS B 922 23.86 3.51 26.02
N GLY B 923 23.60 4.70 26.56
CA GLY B 923 24.01 5.91 25.88
C GLY B 923 25.48 6.23 26.06
N ILE B 924 26.04 5.89 27.21
CA ILE B 924 27.44 6.20 27.50
C ILE B 924 27.94 5.22 28.55
N ILE B 925 29.23 4.91 28.48
CA ILE B 925 29.92 4.11 29.49
C ILE B 925 30.97 5.01 30.13
N VAL B 926 30.88 5.20 31.44
CA VAL B 926 31.69 6.20 32.13
C VAL B 926 32.57 5.50 33.15
N LYS B 927 33.73 6.09 33.40
CA LYS B 927 34.64 5.59 34.41
C LYS B 927 34.02 5.72 35.80
N GLN B 928 34.43 4.82 36.70
CA GLN B 928 33.84 4.79 38.04
C GLN B 928 34.07 6.10 38.77
N GLU B 929 35.28 6.67 38.65
CA GLU B 929 35.58 7.92 39.32
C GLU B 929 34.79 9.11 38.78
N ASP B 930 34.22 8.99 37.58
CA ASP B 930 33.33 10.02 37.05
C ASP B 930 31.91 9.89 37.58
N MET B 931 31.60 8.80 38.26
CA MET B 931 30.26 8.58 38.77
C MET B 931 30.06 9.31 40.10
N PRO B 932 28.82 9.72 40.40
CA PRO B 932 28.53 10.26 41.73
C PRO B 932 28.66 9.17 42.79
N PHE B 933 29.08 9.57 43.98
CA PHE B 933 29.31 8.62 45.07
C PHE B 933 28.65 9.12 46.34
N ASN B 934 28.33 8.19 47.22
CA ASN B 934 27.71 8.51 48.49
C ASN B 934 28.78 8.54 49.58
N ASP B 935 28.35 8.67 50.84
CA ASP B 935 29.29 8.79 51.94
C ASP B 935 30.15 7.53 52.10
N GLN B 936 29.59 6.37 51.79
CA GLN B 936 30.32 5.11 51.87
C GLN B 936 31.11 4.80 50.60
N GLY B 937 31.03 5.67 49.60
CA GLY B 937 31.70 5.42 48.33
C GLY B 937 30.95 4.53 47.38
N ILE B 938 29.68 4.27 47.62
CA ILE B 938 28.89 3.46 46.71
C ILE B 938 28.67 4.23 45.42
N VAL B 939 28.90 3.56 44.30
CA VAL B 939 28.83 4.17 42.98
C VAL B 939 27.77 3.43 42.17
N PRO B 940 26.83 4.11 41.53
CA PRO B 940 25.80 3.41 40.77
C PRO B 940 26.39 2.63 39.61
N ASP B 941 25.83 1.43 39.38
CA ASP B 941 26.15 0.68 38.18
C ASP B 941 25.46 1.29 36.96
N ILE B 942 24.23 1.76 37.14
CA ILE B 942 23.42 2.33 36.09
C ILE B 942 22.83 3.63 36.60
N ILE B 943 22.82 4.66 35.75
CA ILE B 943 22.10 5.89 36.03
C ILE B 943 20.94 5.99 35.05
N MET B 944 19.74 6.18 35.58
CA MET B 944 18.55 6.29 34.76
C MET B 944 17.94 7.69 34.93
N ASN B 945 17.42 8.21 33.83
CA ASN B 945 16.93 9.58 33.81
C ASN B 945 15.67 9.72 34.64
N PRO B 946 15.57 10.73 35.51
CA PRO B 946 14.29 10.98 36.19
C PRO B 946 13.17 11.36 35.25
N HIS B 947 13.48 11.84 34.05
CA HIS B 947 12.45 12.23 33.09
C HIS B 947 11.64 11.05 32.56
N GLY B 948 12.12 9.83 32.74
CA GLY B 948 11.31 8.68 32.34
C GLY B 948 10.16 8.36 33.27
N PHE B 949 10.15 8.94 34.46
CA PHE B 949 9.10 8.68 35.46
C PHE B 949 7.82 9.50 35.32
N PRO B 950 7.88 10.84 35.18
CA PRO B 950 6.64 11.62 35.32
C PRO B 950 5.55 11.28 34.32
N SER B 951 5.91 10.97 33.08
CA SER B 951 4.90 10.68 32.05
C SER B 951 4.50 9.22 32.00
N ARG B 952 5.40 8.30 32.37
CA ARG B 952 5.11 6.88 32.37
C ARG B 952 4.42 6.42 33.65
N MET B 953 4.61 7.15 34.75
CA MET B 953 3.99 6.87 36.04
C MET B 953 4.23 5.44 36.50
N THR B 954 5.51 5.06 36.54
CA THR B 954 5.93 3.79 37.12
C THR B 954 6.35 3.99 38.57
N VAL B 955 5.35 4.28 39.41
CA VAL B 955 5.59 4.42 40.83
C VAL B 955 6.05 3.09 41.42
N GLY B 956 5.62 1.98 40.82
CA GLY B 956 6.09 0.68 41.24
C GLY B 956 7.60 0.55 41.18
N LYS B 957 8.23 1.25 40.24
CA LYS B 957 9.69 1.21 40.14
C LYS B 957 10.35 1.92 41.32
N MET B 958 9.83 3.08 41.74
CA MET B 958 10.36 3.74 42.92
C MET B 958 10.15 2.89 44.17
N ILE B 959 8.96 2.30 44.31
CA ILE B 959 8.69 1.43 45.45
C ILE B 959 9.63 0.23 45.42
N GLU B 960 9.92 -0.29 44.23
CA GLU B 960 10.88 -1.39 44.12
C GLU B 960 12.27 -0.95 44.56
N LEU B 961 12.68 0.26 44.19
CA LEU B 961 13.99 0.75 44.63
C LEU B 961 14.06 0.82 46.15
N ILE B 962 13.03 1.39 46.78
CA ILE B 962 13.05 1.53 48.23
C ILE B 962 12.98 0.16 48.92
N SER B 963 12.10 -0.72 48.42
CA SER B 963 11.96 -2.04 49.03
C SER B 963 13.25 -2.85 48.87
N GLY B 964 13.90 -2.75 47.71
CA GLY B 964 15.16 -3.44 47.52
C GLY B 964 16.27 -2.89 48.39
N LYS B 965 16.30 -1.57 48.58
CA LYS B 965 17.29 -0.96 49.47
C LYS B 965 17.08 -1.43 50.90
N ALA B 966 15.83 -1.41 51.36
CA ALA B 966 15.54 -1.90 52.70
C ALA B 966 15.87 -3.38 52.82
N GLY B 967 15.61 -4.16 51.76
CA GLY B 967 15.90 -5.57 51.79
C GLY B 967 17.38 -5.89 51.84
N VAL B 968 18.19 -5.16 51.08
CA VAL B 968 19.63 -5.39 51.11
C VAL B 968 20.20 -4.95 52.45
N LEU B 969 19.69 -3.85 53.02
CA LEU B 969 20.20 -3.41 54.31
C LEU B 969 19.73 -4.31 55.45
N ASN B 970 18.59 -4.99 55.27
CA ASN B 970 18.02 -5.85 56.30
C ASN B 970 18.37 -7.31 56.13
N GLY B 971 18.95 -7.70 54.99
CA GLY B 971 19.28 -9.08 54.73
C GLY B 971 18.14 -9.96 54.26
N THR B 972 16.99 -9.38 53.92
CA THR B 972 15.82 -10.15 53.54
C THR B 972 15.36 -9.74 52.14
N LEU B 973 15.02 -10.72 51.32
CA LEU B 973 14.43 -10.43 50.03
C LEU B 973 13.00 -9.95 50.21
N GLU B 974 12.67 -8.82 49.60
CA GLU B 974 11.37 -8.21 49.78
C GLU B 974 10.39 -8.68 48.71
N TYR B 975 9.11 -8.38 48.92
CA TYR B 975 8.03 -8.83 48.06
C TYR B 975 7.33 -7.64 47.44
N GLY B 976 7.16 -7.67 46.12
CA GLY B 976 6.40 -6.65 45.42
C GLY B 976 5.16 -7.21 44.77
N THR B 977 4.50 -8.15 45.46
CA THR B 977 3.38 -8.90 44.94
C THR B 977 2.23 -7.96 44.60
N CYS B 978 1.50 -8.30 43.53
CA CYS B 978 0.38 -7.49 43.09
C CYS B 978 -0.69 -7.43 44.17
N PHE B 979 -1.22 -6.23 44.38
CA PHE B 979 -2.22 -5.93 45.42
C PHE B 979 -1.68 -6.17 46.84
N GLY B 980 -0.38 -6.40 46.96
CA GLY B 980 0.23 -6.67 48.25
C GLY B 980 1.69 -6.28 48.30
N GLY B 981 2.51 -7.18 48.82
CA GLY B 981 3.93 -6.92 48.93
C GLY B 981 4.32 -6.34 50.27
N SER B 982 5.57 -5.90 50.34
CA SER B 982 6.08 -5.29 51.56
C SER B 982 5.67 -3.82 51.63
N LYS B 983 5.09 -3.42 52.75
CA LYS B 983 4.57 -2.07 52.89
C LYS B 983 5.70 -1.05 52.82
N LEU B 984 5.40 0.09 52.20
CA LEU B 984 6.41 1.13 52.02
C LEU B 984 6.88 1.70 53.35
N GLU B 985 5.96 1.80 54.33
CA GLU B 985 6.33 2.37 55.62
C GLU B 985 7.30 1.49 56.38
N ASP B 986 7.15 0.17 56.27
CA ASP B 986 8.11 -0.74 56.91
C ASP B 986 9.49 -0.62 56.28
N MET B 987 9.54 -0.48 54.94
CA MET B 987 10.82 -0.26 54.27
C MET B 987 11.45 1.07 54.68
N SER B 988 10.64 2.12 54.83
CA SER B 988 11.16 3.39 55.30
C SER B 988 11.67 3.27 56.73
N LYS B 989 10.99 2.49 57.56
CA LYS B 989 11.47 2.25 58.92
C LYS B 989 12.82 1.54 58.91
N ILE B 990 12.97 0.54 58.04
CA ILE B 990 14.27 -0.13 57.93
C ILE B 990 15.34 0.86 57.48
N LEU B 991 15.03 1.69 56.49
CA LEU B 991 16.00 2.65 55.98
C LEU B 991 16.43 3.63 57.07
N VAL B 992 15.47 4.16 57.82
CA VAL B 992 15.79 5.11 58.88
C VAL B 992 16.60 4.43 59.98
N ASP B 993 16.19 3.24 60.39
CA ASP B 993 16.87 2.54 61.47
C ASP B 993 18.32 2.19 61.11
N GLN B 994 18.64 2.18 59.82
CA GLN B 994 20.01 1.92 59.37
C GLN B 994 20.75 3.18 58.97
N GLY B 995 20.16 4.35 59.17
CA GLY B 995 20.84 5.61 58.94
C GLY B 995 20.57 6.27 57.60
N PHE B 996 19.69 5.71 56.78
CA PHE B 996 19.38 6.28 55.48
C PHE B 996 18.09 7.09 55.55
N ASN B 997 17.92 7.97 54.56
CA ASN B 997 16.69 8.72 54.44
C ASN B 997 15.50 7.78 54.23
N TYR B 998 14.36 8.15 54.80
CA TYR B 998 13.18 7.29 54.72
C TYR B 998 12.72 7.08 53.28
N SER B 999 12.98 8.05 52.40
CA SER B 999 12.51 7.99 51.03
C SER B 999 13.57 7.51 50.06
N GLY B 1000 14.68 6.99 50.56
CA GLY B 1000 15.71 6.44 49.68
C GLY B 1000 16.51 7.46 48.92
N LYS B 1001 16.42 8.74 49.27
CA LYS B 1001 17.18 9.79 48.64
C LYS B 1001 18.42 10.08 49.47
N ASP B 1002 19.59 9.88 48.90
CA ASP B 1002 20.85 10.07 49.58
C ASP B 1002 21.54 11.33 49.06
N MET B 1003 22.34 11.95 49.92
CA MET B 1003 23.19 13.04 49.48
C MET B 1003 24.44 12.44 48.84
N LEU B 1004 24.59 12.68 47.54
CA LEU B 1004 25.74 12.21 46.79
C LEU B 1004 26.70 13.36 46.52
N TYR B 1005 27.94 13.01 46.25
CA TYR B 1005 28.92 13.96 45.75
C TYR B 1005 29.12 13.74 44.26
N SER B 1006 29.39 14.83 43.55
CA SER B 1006 29.74 14.70 42.14
C SER B 1006 31.08 13.99 42.00
N GLY B 1007 31.14 13.04 41.06
CA GLY B 1007 32.40 12.36 40.82
C GLY B 1007 33.41 13.18 40.05
N ILE B 1008 32.97 14.26 39.40
CA ILE B 1008 33.86 15.01 38.53
C ILE B 1008 34.24 16.33 39.17
N THR B 1009 33.34 16.91 39.98
CA THR B 1009 33.68 18.10 40.76
C THR B 1009 33.98 17.80 42.22
N GLY B 1010 33.44 16.71 42.76
CA GLY B 1010 33.63 16.37 44.15
C GLY B 1010 32.68 17.05 45.11
N GLU B 1011 31.94 18.05 44.66
CA GLU B 1011 31.04 18.79 45.53
C GLU B 1011 29.75 18.04 45.74
N CYS B 1012 29.05 18.41 46.81
CA CYS B 1012 27.73 17.84 47.07
C CYS B 1012 26.78 18.22 45.94
N LEU B 1013 26.02 17.23 45.47
CA LEU B 1013 24.94 17.53 44.53
C LEU B 1013 23.85 18.30 45.25
N GLN B 1014 23.33 19.35 44.61
CA GLN B 1014 22.38 20.23 45.25
C GLN B 1014 21.04 19.56 45.50
N ALA B 1015 20.74 18.46 44.82
CA ALA B 1015 19.53 17.70 45.06
C ALA B 1015 19.90 16.33 45.62
N TYR B 1016 19.01 15.80 46.47
CA TYR B 1016 19.16 14.43 46.92
C TYR B 1016 18.77 13.49 45.80
N ILE B 1017 19.55 12.42 45.63
CA ILE B 1017 19.41 11.51 44.50
C ILE B 1017 18.75 10.23 44.97
N PHE B 1018 17.73 9.78 44.23
CA PHE B 1018 17.12 8.48 44.46
C PHE B 1018 18.16 7.41 44.17
N PHE B 1019 18.58 6.69 45.21
CA PHE B 1019 19.76 5.83 45.14
C PHE B 1019 19.41 4.48 45.76
N GLY B 1020 19.54 3.42 44.99
CA GLY B 1020 19.25 2.09 45.48
C GLY B 1020 19.30 1.01 44.42
N PRO B 1021 19.02 -0.23 44.83
CA PRO B 1021 19.09 -1.35 43.87
C PRO B 1021 17.80 -1.52 43.07
N ILE B 1022 17.95 -1.73 41.76
CA ILE B 1022 16.84 -2.03 40.87
C ILE B 1022 17.24 -3.22 40.00
N TYR B 1023 16.34 -4.18 39.86
CA TYR B 1023 16.61 -5.33 39.01
C TYR B 1023 16.58 -4.91 37.54
N TYR B 1024 17.69 -5.11 36.85
CA TYR B 1024 17.80 -4.73 35.45
C TYR B 1024 18.07 -5.94 34.59
N GLN B 1025 17.27 -6.11 33.55
CA GLN B 1025 17.39 -7.20 32.60
C GLN B 1025 18.12 -6.70 31.36
N LYS B 1026 19.12 -7.45 30.91
CA LYS B 1026 19.77 -7.18 29.64
C LYS B 1026 18.99 -7.92 28.56
N LEU B 1027 18.52 -7.18 27.56
CA LEU B 1027 17.68 -7.75 26.53
C LEU B 1027 18.53 -8.31 25.39
N LYS B 1028 17.91 -9.19 24.59
CA LYS B 1028 18.63 -9.91 23.54
C LYS B 1028 19.00 -9.03 22.36
N HIS B 1029 18.59 -7.77 22.36
CA HIS B 1029 18.89 -6.86 21.24
C HIS B 1029 20.21 -6.16 21.52
N MET B 1030 21.30 -6.77 21.07
CA MET B 1030 22.62 -6.16 21.17
C MET B 1030 22.99 -5.53 19.83
N VAL B 1031 23.63 -4.36 19.89
CA VAL B 1031 23.98 -3.61 18.69
C VAL B 1031 24.93 -4.40 17.80
N LEU B 1032 25.67 -5.36 18.37
CA LEU B 1032 26.59 -6.15 17.57
C LEU B 1032 25.86 -6.97 16.52
N ASP B 1033 24.62 -7.37 16.79
CA ASP B 1033 23.81 -8.10 15.81
C ASP B 1033 22.95 -7.19 14.96
N LYS B 1034 22.97 -5.88 15.19
CA LYS B 1034 22.19 -4.93 14.41
C LYS B 1034 23.02 -4.06 13.48
N MET B 1035 24.30 -3.84 13.81
CA MET B 1035 25.14 -3.00 12.97
C MET B 1035 25.32 -3.64 11.60
N HIS B 1036 24.79 -2.98 10.58
CA HIS B 1036 24.89 -3.46 9.20
C HIS B 1036 25.33 -2.29 8.32
N ALA B 1037 26.17 -2.59 7.34
CA ALA B 1037 26.63 -1.57 6.41
C ALA B 1037 27.05 -2.25 5.12
N ARG B 1038 26.47 -1.80 4.01
CA ARG B 1038 26.77 -2.34 2.69
C ARG B 1038 27.23 -1.21 1.79
N ALA B 1039 28.35 -1.40 1.10
CA ALA B 1039 28.80 -0.47 0.07
C ALA B 1039 28.41 -0.97 -1.31
N ARG B 1040 28.90 -2.16 -1.66
CA ARG B 1040 28.45 -2.89 -2.84
C ARG B 1040 28.55 -4.37 -2.51
N GLY B 1041 27.87 -5.19 -3.31
CA GLY B 1041 27.93 -6.62 -3.11
C GLY B 1041 26.82 -7.39 -3.80
N PRO B 1042 26.28 -8.37 -3.09
CA PRO B 1042 25.31 -9.29 -3.72
C PRO B 1042 24.10 -8.56 -4.26
N ARG B 1043 23.63 -9.01 -5.42
CA ARG B 1043 22.48 -8.43 -6.08
C ARG B 1043 21.50 -9.54 -6.47
N ALA B 1044 20.21 -9.24 -6.47
CA ALA B 1044 19.23 -10.24 -6.90
C ALA B 1044 19.26 -10.20 -8.40
N VAL B 1045 19.54 -11.33 -9.06
CA VAL B 1045 19.69 -11.29 -10.52
C VAL B 1045 18.43 -10.85 -11.26
N LEU B 1046 17.27 -11.28 -10.79
CA LEU B 1046 16.02 -10.88 -11.43
C LEU B 1046 15.93 -9.36 -11.58
N THR B 1047 16.18 -8.63 -10.50
CA THR B 1047 16.05 -7.18 -10.56
C THR B 1047 17.37 -6.43 -10.59
N ARG B 1048 18.50 -7.13 -10.42
CA ARG B 1048 19.82 -6.51 -10.39
C ARG B 1048 19.93 -5.44 -9.30
N GLN B 1049 19.16 -5.60 -8.24
CA GLN B 1049 19.18 -4.71 -7.09
C GLN B 1049 19.85 -5.39 -5.90
N PRO B 1050 20.32 -4.62 -4.92
CA PRO B 1050 20.96 -5.24 -3.76
C PRO B 1050 20.02 -6.21 -3.06
N THR B 1051 20.62 -7.22 -2.40
CA THR B 1051 19.83 -8.23 -1.71
C THR B 1051 19.02 -7.70 -0.55
N GLU B 1052 18.16 -8.53 0.01
CA GLU B 1052 17.28 -8.05 1.07
C GLU B 1052 17.69 -8.18 2.54
N GLY B 1053 18.71 -8.96 2.89
CA GLY B 1053 19.01 -9.17 4.31
C GLY B 1053 20.39 -8.91 4.88
N ARG B 1054 20.46 -8.55 6.17
CA ARG B 1054 21.76 -8.32 6.82
C ARG B 1054 22.65 -9.56 6.73
N SER B 1055 22.04 -10.75 6.64
CA SER B 1055 22.83 -11.97 6.49
C SER B 1055 23.45 -12.06 5.10
N ARG B 1056 22.71 -11.70 4.07
CA ARG B 1056 23.20 -11.71 2.70
C ARG B 1056 23.88 -10.41 2.31
N ASP B 1057 24.14 -9.52 3.27
CA ASP B 1057 24.76 -8.23 3.04
C ASP B 1057 23.88 -7.35 2.13
N GLY B 1058 22.60 -7.31 2.47
CA GLY B 1058 21.64 -6.57 1.69
C GLY B 1058 21.67 -5.07 1.97
N GLY B 1059 21.11 -4.30 1.05
CA GLY B 1059 21.01 -2.88 1.21
C GLY B 1059 19.69 -2.47 1.84
N LEU B 1060 19.63 -1.19 2.23
CA LEU B 1060 18.45 -0.63 2.87
C LEU B 1060 17.51 -0.11 1.80
N ARG B 1061 16.22 -0.40 1.96
CA ARG B 1061 15.24 -0.04 0.95
C ARG B 1061 14.81 1.41 1.14
N LEU B 1062 15.01 2.23 0.11
CA LEU B 1062 14.46 3.58 0.06
C LEU B 1062 13.08 3.49 -0.54
N GLY B 1063 12.06 3.45 0.31
CA GLY B 1063 10.71 3.17 -0.11
C GLY B 1063 9.99 4.39 -0.65
N GLU B 1064 8.68 4.21 -0.86
CA GLU B 1064 7.86 5.27 -1.42
C GLU B 1064 7.85 6.49 -0.53
N MET B 1065 7.78 6.30 0.80
CA MET B 1065 7.72 7.43 1.71
C MET B 1065 9.01 8.24 1.69
N GLU B 1066 10.17 7.56 1.70
CA GLU B 1066 11.44 8.27 1.61
C GLU B 1066 11.59 8.98 0.27
N ARG B 1067 11.13 8.33 -0.81
CA ARG B 1067 11.13 8.99 -2.11
C ARG B 1067 10.28 10.25 -2.08
N ASP B 1068 9.12 10.20 -1.42
CA ASP B 1068 8.26 11.37 -1.31
C ASP B 1068 8.93 12.47 -0.51
N CYS B 1069 9.63 12.12 0.57
CA CYS B 1069 10.36 13.13 1.33
C CYS B 1069 11.43 13.80 0.49
N VAL B 1070 12.18 13.01 -0.27
CA VAL B 1070 13.24 13.57 -1.11
C VAL B 1070 12.64 14.47 -2.19
N ILE B 1071 11.49 14.08 -2.74
CA ILE B 1071 10.80 14.94 -3.70
C ILE B 1071 10.38 16.25 -3.05
N ALA B 1072 9.83 16.17 -1.84
CA ALA B 1072 9.41 17.37 -1.13
C ALA B 1072 10.57 18.30 -0.86
N TYR B 1073 11.78 17.74 -0.71
CA TYR B 1073 12.96 18.61 -0.59
C TYR B 1073 13.31 19.29 -1.90
N GLY B 1074 12.89 18.75 -3.04
CA GLY B 1074 13.30 19.30 -4.32
C GLY B 1074 14.69 18.90 -4.76
N ALA B 1075 15.14 17.70 -4.38
CA ALA B 1075 16.48 17.22 -4.71
C ALA B 1075 16.36 16.20 -5.83
N SER B 1076 16.38 16.69 -7.07
CA SER B 1076 16.25 15.80 -8.22
C SER B 1076 17.49 14.95 -8.41
N GLN B 1077 18.67 15.54 -8.24
CA GLN B 1077 19.90 14.79 -8.45
C GLN B 1077 20.09 13.73 -7.37
N LEU B 1078 19.70 14.02 -6.13
CA LEU B 1078 19.75 13.00 -5.09
C LEU B 1078 18.76 11.87 -5.38
N LEU B 1079 17.57 12.20 -5.86
CA LEU B 1079 16.63 11.18 -6.32
C LEU B 1079 17.29 10.27 -7.35
N LEU B 1080 17.92 10.88 -8.35
CA LEU B 1080 18.58 10.09 -9.40
C LEU B 1080 19.69 9.22 -8.83
N GLU B 1081 20.52 9.79 -7.95
CA GLU B 1081 21.67 9.06 -7.42
C GLU B 1081 21.24 7.89 -6.55
N ARG B 1082 20.24 8.09 -5.70
CA ARG B 1082 19.82 7.02 -4.82
C ARG B 1082 18.99 5.96 -5.54
N LEU B 1083 18.13 6.37 -6.47
CA LEU B 1083 17.18 5.43 -7.06
C LEU B 1083 17.62 4.86 -8.40
N MET B 1084 18.61 5.44 -9.07
CA MET B 1084 19.20 4.79 -10.22
C MET B 1084 20.68 4.48 -10.06
N ILE B 1085 21.48 5.51 -9.75
CA ILE B 1085 22.94 5.37 -9.84
C ILE B 1085 23.44 4.36 -8.81
N SER B 1086 22.89 4.39 -7.61
CA SER B 1086 23.35 3.54 -6.52
C SER B 1086 22.44 2.34 -6.28
N SER B 1087 21.42 2.13 -7.10
CA SER B 1087 20.58 0.95 -6.98
C SER B 1087 20.61 0.07 -8.23
N ASP B 1088 20.29 0.63 -9.40
CA ASP B 1088 20.29 -0.14 -10.63
C ASP B 1088 20.45 0.84 -11.80
N ALA B 1089 21.67 0.93 -12.32
CA ALA B 1089 21.97 1.80 -13.46
C ALA B 1089 22.40 0.90 -14.61
N PHE B 1090 21.50 0.71 -15.57
CA PHE B 1090 21.76 -0.16 -16.72
C PHE B 1090 21.92 0.69 -17.96
N GLU B 1091 22.97 0.42 -18.73
CA GLU B 1091 23.26 1.16 -19.96
C GLU B 1091 22.62 0.39 -21.11
N VAL B 1092 21.38 0.78 -21.44
CA VAL B 1092 20.62 0.09 -22.46
C VAL B 1092 20.85 0.75 -23.81
N ASP B 1093 20.52 0.01 -24.87
CA ASP B 1093 20.56 0.52 -26.24
C ASP B 1093 19.13 0.69 -26.72
N VAL B 1094 18.77 1.91 -27.11
CA VAL B 1094 17.41 2.23 -27.55
C VAL B 1094 17.48 2.67 -29.01
N CYS B 1095 16.61 2.09 -29.83
CA CYS B 1095 16.48 2.53 -31.21
C CYS B 1095 15.61 3.78 -31.27
N ASP B 1096 16.10 4.80 -31.98
CA ASP B 1096 15.34 6.04 -32.07
C ASP B 1096 14.13 5.90 -32.98
N LYS B 1097 14.18 4.97 -33.94
CA LYS B 1097 13.08 4.82 -34.89
C LYS B 1097 11.89 4.13 -34.23
N CYS B 1098 12.07 2.90 -33.80
CA CYS B 1098 11.10 2.22 -32.93
C CYS B 1098 11.68 2.15 -31.54
N GLY B 1099 10.92 2.60 -30.55
CA GLY B 1099 11.43 2.69 -29.20
C GLY B 1099 11.61 1.35 -28.52
N LEU B 1100 12.38 0.47 -29.16
CA LEU B 1100 12.61 -0.87 -28.63
C LEU B 1100 14.08 -1.06 -28.27
N MET B 1101 14.29 -1.77 -27.16
CA MET B 1101 15.61 -1.98 -26.61
C MET B 1101 16.40 -2.98 -27.45
N GLY B 1102 17.67 -2.67 -27.68
CA GLY B 1102 18.57 -3.54 -28.40
C GLY B 1102 19.73 -4.02 -27.55
N TYR B 1103 20.61 -4.78 -28.19
CA TYR B 1103 21.82 -5.28 -27.55
C TYR B 1103 23.00 -5.11 -28.49
N SER B 1104 24.16 -4.82 -27.91
CA SER B 1104 25.41 -4.62 -28.66
C SER B 1104 25.24 -3.54 -29.72
N GLY B 1105 24.47 -2.50 -29.40
CA GLY B 1105 24.20 -1.45 -30.35
C GLY B 1105 23.51 -1.92 -31.61
N TRP B 1106 22.59 -2.88 -31.48
CA TRP B 1106 21.93 -3.51 -32.61
C TRP B 1106 20.43 -3.54 -32.36
N CYS B 1107 19.66 -3.02 -33.30
CA CYS B 1107 18.22 -2.84 -33.07
C CYS B 1107 17.49 -4.18 -32.96
N THR B 1108 17.97 -5.19 -33.70
CA THR B 1108 17.44 -6.56 -33.77
C THR B 1108 15.93 -6.59 -33.95
N THR B 1109 15.36 -5.48 -34.37
CA THR B 1109 14.00 -5.38 -34.89
C THR B 1109 13.97 -4.60 -36.20
N CYS B 1110 14.77 -3.55 -36.31
CA CYS B 1110 15.03 -2.89 -37.57
C CYS B 1110 16.29 -3.40 -38.26
N LYS B 1111 17.15 -4.10 -37.51
CA LYS B 1111 18.33 -4.76 -38.06
C LYS B 1111 19.24 -3.77 -38.80
N SER B 1112 19.37 -2.57 -38.27
CA SER B 1112 20.18 -1.57 -38.94
C SER B 1112 21.29 -1.01 -38.06
N ALA B 1113 21.01 -0.73 -36.79
CA ALA B 1113 21.93 -0.13 -35.81
C ALA B 1113 22.24 1.33 -36.10
N GLU B 1114 21.57 1.95 -37.08
CA GLU B 1114 21.76 3.38 -37.33
C GLU B 1114 21.05 4.24 -36.29
N ASN B 1115 19.86 3.83 -35.86
CA ASN B 1115 19.06 4.63 -34.94
C ASN B 1115 19.26 4.23 -33.48
N ILE B 1116 20.20 3.34 -33.20
CA ILE B 1116 20.45 2.92 -31.83
C ILE B 1116 21.22 4.00 -31.10
N ILE B 1117 20.70 4.44 -29.95
CA ILE B 1117 21.40 5.39 -29.10
C ILE B 1117 21.62 4.74 -27.74
N LYS B 1118 22.34 5.41 -26.87
CA LYS B 1118 22.82 4.80 -25.63
C LYS B 1118 22.40 5.69 -24.47
N MET B 1119 21.77 5.09 -23.45
CA MET B 1119 21.30 5.84 -22.29
C MET B 1119 21.23 4.92 -21.09
N THR B 1120 21.10 5.53 -19.92
CA THR B 1120 21.08 4.81 -18.64
C THR B 1120 19.69 4.90 -18.04
N ILE B 1121 19.09 3.75 -17.77
CA ILE B 1121 17.78 3.66 -17.14
C ILE B 1121 17.87 2.66 -16.00
N PRO B 1122 16.92 2.70 -15.06
CA PRO B 1122 16.90 1.66 -14.03
C PRO B 1122 16.74 0.27 -14.65
N TYR B 1123 17.47 -0.69 -14.10
CA TYR B 1123 17.26 -2.07 -14.54
C TYR B 1123 15.84 -2.51 -14.23
N ALA B 1124 15.20 -1.91 -13.24
CA ALA B 1124 13.78 -2.15 -13.02
C ALA B 1124 12.97 -1.70 -14.22
N ALA B 1125 13.30 -0.55 -14.81
CA ALA B 1125 12.62 -0.10 -16.03
C ALA B 1125 12.90 -1.05 -17.18
N LYS B 1126 14.15 -1.49 -17.33
CA LYS B 1126 14.48 -2.46 -18.37
C LYS B 1126 13.66 -3.74 -18.21
N LEU B 1127 13.60 -4.25 -16.99
CA LEU B 1127 12.88 -5.48 -16.69
C LEU B 1127 11.38 -5.31 -16.93
N LEU B 1128 10.83 -4.16 -16.54
CA LEU B 1128 9.40 -3.92 -16.74
C LEU B 1128 9.06 -3.80 -18.21
N PHE B 1129 9.91 -3.13 -19.00
CA PHE B 1129 9.67 -3.06 -20.44
C PHE B 1129 9.73 -4.44 -21.07
N GLN B 1130 10.70 -5.27 -20.67
CA GLN B 1130 10.79 -6.60 -21.25
C GLN B 1130 9.62 -7.49 -20.82
N GLU B 1131 9.14 -7.32 -19.58
CA GLU B 1131 7.96 -8.06 -19.13
C GLU B 1131 6.72 -7.60 -19.87
N LEU B 1132 6.61 -6.29 -20.14
CA LEU B 1132 5.49 -5.79 -20.93
C LEU B 1132 5.52 -6.36 -22.34
N LEU B 1133 6.72 -6.46 -22.93
CA LEU B 1133 6.85 -7.11 -24.23
C LEU B 1133 6.50 -8.59 -24.16
N SER B 1134 6.56 -9.21 -22.98
CA SER B 1134 6.12 -10.59 -22.85
C SER B 1134 4.62 -10.72 -23.03
N MET B 1135 3.85 -9.83 -22.42
CA MET B 1135 2.47 -9.64 -22.83
C MET B 1135 2.45 -8.89 -24.16
N ASN B 1136 1.26 -8.62 -24.68
CA ASN B 1136 1.18 -7.90 -25.94
C ASN B 1136 1.07 -6.39 -25.72
N ILE B 1137 2.01 -5.85 -24.95
CA ILE B 1137 2.13 -4.42 -24.70
C ILE B 1137 3.53 -4.00 -25.11
N ALA B 1138 3.61 -3.08 -26.06
CA ALA B 1138 4.91 -2.60 -26.55
C ALA B 1138 5.11 -1.16 -26.10
N PRO B 1139 5.81 -0.91 -25.00
CA PRO B 1139 6.06 0.47 -24.53
C PRO B 1139 7.23 1.11 -25.26
N ARG B 1140 6.95 1.63 -26.45
CA ARG B 1140 8.01 2.20 -27.28
C ARG B 1140 8.50 3.51 -26.68
N LEU B 1141 9.82 3.64 -26.57
CA LEU B 1141 10.43 4.84 -26.01
C LEU B 1141 10.59 5.90 -27.09
N ARG B 1142 10.18 7.13 -26.78
CA ARG B 1142 10.36 8.27 -27.67
C ARG B 1142 11.42 9.18 -27.08
N LEU B 1143 12.42 9.51 -27.89
CA LEU B 1143 13.64 10.14 -27.41
C LEU B 1143 13.83 11.49 -28.07
N GLU B 1144 14.27 12.47 -27.27
CA GLU B 1144 14.64 13.78 -27.78
C GLU B 1144 15.99 14.17 -27.21
N ASP B 1145 16.64 15.12 -27.87
CA ASP B 1145 17.94 15.60 -27.40
C ASP B 1145 17.77 16.47 -26.17
N ILE B 1146 18.65 16.26 -25.18
CA ILE B 1146 18.69 17.15 -24.02
C ILE B 1146 19.09 18.55 -24.47
N PHE B 1147 20.01 18.65 -25.40
CA PHE B 1147 20.59 19.90 -25.84
C PHE B 1147 19.86 20.40 -27.10
N GLN B 1148 20.44 21.39 -27.79
CA GLN B 1148 19.89 22.06 -28.96
C GLN B 1148 18.80 23.04 -28.53
N GLN B 1149 18.50 23.06 -27.23
CA GLN B 1149 17.63 24.07 -26.64
C GLN B 1149 16.26 24.12 -27.29
N MET C 1 25.56 29.41 55.90
CA MET C 1 26.55 29.47 54.84
C MET C 1 27.95 29.56 55.44
N SER C 2 28.85 30.27 54.76
CA SER C 2 30.20 30.57 55.26
C SER C 2 30.94 29.30 55.62
N ASN C 3 31.27 28.52 54.58
CA ASN C 3 32.01 27.27 54.60
C ASN C 3 31.14 26.08 54.97
N ILE C 4 29.86 26.28 55.29
CA ILE C 4 28.98 25.21 55.73
C ILE C 4 28.01 24.88 54.61
N VAL C 5 27.99 23.62 54.20
CA VAL C 5 27.03 23.17 53.21
C VAL C 5 25.68 23.01 53.88
N GLY C 6 24.66 23.65 53.29
CA GLY C 6 23.35 23.63 53.90
C GLY C 6 22.54 22.39 53.57
N ILE C 7 22.15 21.64 54.61
CA ILE C 7 21.33 20.44 54.44
C ILE C 7 19.90 20.82 54.79
N GLU C 8 19.07 21.01 53.78
CA GLU C 8 17.65 21.30 53.94
C GLU C 8 16.84 20.05 53.66
N TYR C 9 15.52 20.17 53.87
CA TYR C 9 14.65 19.01 53.70
C TYR C 9 14.47 18.66 52.23
N ASN C 10 14.60 19.63 51.32
CA ASN C 10 14.37 19.39 49.90
C ASN C 10 15.57 19.68 49.02
N ARG C 11 16.65 20.26 49.56
CA ARG C 11 17.75 20.70 48.71
C ARG C 11 19.01 20.84 49.53
N VAL C 12 20.14 20.89 48.83
CA VAL C 12 21.45 21.15 49.41
C VAL C 12 21.91 22.51 48.91
N THR C 13 22.42 23.33 49.81
CA THR C 13 22.79 24.71 49.49
C THR C 13 24.26 24.96 49.81
N ASN C 14 24.81 25.98 49.15
CA ASN C 14 26.15 26.49 49.44
C ASN C 14 27.22 25.42 49.22
N THR C 15 27.16 24.78 48.06
CA THR C 15 27.99 23.63 47.75
C THR C 15 29.27 23.98 47.01
N THR C 16 29.52 25.25 46.73
CA THR C 16 30.70 25.67 45.97
C THR C 16 31.69 26.40 46.87
N SER C 17 32.89 26.62 46.32
CA SER C 17 34.04 27.02 47.14
C SER C 17 33.88 28.43 47.69
N THR C 18 33.78 29.43 46.82
CA THR C 18 33.68 30.84 47.20
C THR C 18 34.88 31.29 48.03
N ASP C 19 36.08 30.86 47.64
CA ASP C 19 37.31 31.20 48.36
C ASP C 19 38.40 31.65 47.39
N PHE C 20 38.04 32.55 46.49
CA PHE C 20 38.95 33.05 45.47
C PHE C 20 38.87 34.57 45.40
N PRO C 21 39.93 35.23 44.92
CA PRO C 21 39.83 36.68 44.68
C PRO C 21 38.96 36.95 43.47
N GLY C 22 37.96 37.80 43.67
CA GLY C 22 36.91 38.00 42.70
C GLY C 22 35.56 37.49 43.15
N PHE C 23 35.50 36.79 44.30
CA PHE C 23 34.22 36.48 44.90
C PHE C 23 33.55 37.72 45.46
N SER C 24 34.34 38.69 45.92
CA SER C 24 33.80 39.88 46.56
C SER C 24 34.81 41.02 46.40
N LYS C 25 34.41 42.21 46.86
CA LYS C 25 35.27 43.38 46.72
C LYS C 25 36.59 43.19 47.46
N ASP C 26 36.53 42.57 48.64
CA ASP C 26 37.76 42.15 49.33
C ASP C 26 38.35 41.00 48.54
N ALA C 27 39.34 41.31 47.70
CA ALA C 27 39.97 40.29 46.85
C ALA C 27 40.92 39.43 47.69
N GLU C 28 40.33 38.77 48.69
CA GLU C 28 41.07 37.92 49.60
C GLU C 28 41.12 36.49 49.06
N ASN C 29 41.71 35.60 49.84
CA ASN C 29 41.82 34.18 49.49
C ASN C 29 42.56 33.98 48.18
N GLU C 30 43.49 34.87 47.86
CA GLU C 30 44.39 34.62 46.74
C GLU C 30 45.40 33.55 47.15
N TRP C 31 45.85 32.77 46.16
CA TRP C 31 46.69 31.63 46.48
C TRP C 31 48.03 32.06 47.07
N ASN C 32 48.42 31.43 48.16
CA ASN C 32 49.80 31.45 48.62
C ASN C 32 49.98 30.31 49.61
N VAL C 33 51.14 29.65 49.53
CA VAL C 33 51.56 28.72 50.56
C VAL C 33 51.96 29.55 51.78
N GLU C 34 52.14 28.88 52.92
CA GLU C 34 52.37 29.50 54.22
C GLU C 34 51.06 30.08 54.76
N LYS C 35 50.02 30.05 53.94
CA LYS C 35 48.64 30.16 54.38
C LYS C 35 47.93 28.82 54.30
N PHE C 36 48.00 28.17 53.14
CA PHE C 36 47.58 26.78 53.04
C PHE C 36 48.43 25.89 53.94
N LYS C 37 49.70 26.22 54.10
CA LYS C 37 50.58 25.41 54.94
C LYS C 37 50.13 25.41 56.39
N LYS C 38 49.79 26.59 56.91
CA LYS C 38 49.37 26.68 58.30
C LYS C 38 47.91 26.28 58.49
N ASP C 39 47.06 26.47 57.47
CA ASP C 39 45.66 26.09 57.58
C ASP C 39 45.47 24.59 57.49
N PHE C 40 46.15 23.94 56.54
CA PHE C 40 45.88 22.54 56.23
C PHE C 40 46.28 21.63 57.38
N GLU C 41 45.45 20.63 57.63
CA GLU C 41 45.67 19.68 58.71
C GLU C 41 45.32 18.28 58.22
N VAL C 42 46.01 17.28 58.79
CA VAL C 42 45.71 15.88 58.56
C VAL C 42 45.49 15.22 59.92
N ASN C 43 44.37 14.52 60.06
CA ASN C 43 44.03 13.80 61.27
C ASN C 43 43.71 12.35 60.91
N ILE C 44 44.60 11.44 61.28
CA ILE C 44 44.44 10.03 60.96
C ILE C 44 43.65 9.39 62.10
N SER C 45 42.36 9.15 61.87
CA SER C 45 41.52 8.54 62.90
C SER C 45 41.94 7.11 63.19
N SER C 46 42.23 6.33 62.14
CA SER C 46 42.65 4.95 62.33
C SER C 46 43.46 4.51 61.12
N LEU C 47 44.39 3.58 61.36
CA LEU C 47 45.23 3.01 60.32
C LEU C 47 45.28 1.50 60.51
N ASP C 48 45.05 0.77 59.42
CA ASP C 48 45.12 -0.68 59.43
C ASP C 48 45.96 -1.15 58.25
N ALA C 49 46.11 -2.47 58.12
CA ALA C 49 46.84 -3.02 57.00
C ALA C 49 46.11 -2.83 55.68
N ARG C 50 44.81 -2.60 55.72
CA ARG C 50 44.01 -2.46 54.51
C ARG C 50 43.07 -1.26 54.51
N GLU C 51 42.71 -0.70 55.67
CA GLU C 51 41.80 0.42 55.74
C GLU C 51 42.46 1.58 56.46
N ALA C 52 42.36 2.78 55.88
CA ALA C 52 42.82 4.01 56.51
C ALA C 52 41.65 4.98 56.58
N ASN C 53 41.50 5.61 57.74
CA ASN C 53 40.53 6.68 57.95
C ASN C 53 41.28 7.91 58.41
N PHE C 54 41.27 8.96 57.60
CA PHE C 54 41.99 10.18 57.92
C PHE C 54 41.21 11.39 57.43
N ASP C 55 41.48 12.52 58.07
CA ASP C 55 40.82 13.78 57.76
C ASP C 55 41.78 14.70 57.03
N LEU C 56 41.31 15.29 55.93
CA LEU C 56 42.00 16.38 55.25
C LEU C 56 41.19 17.64 55.55
N ILE C 57 41.69 18.48 56.44
CA ILE C 57 40.97 19.64 56.93
C ILE C 57 41.52 20.88 56.24
N ASN C 58 40.61 21.78 55.83
CA ASN C 58 40.96 23.05 55.22
C ASN C 58 41.67 22.85 53.87
N ILE C 59 41.07 22.02 53.03
CA ILE C 59 41.54 21.79 51.67
C ILE C 59 40.32 21.89 50.74
N ASP C 60 40.57 22.19 49.48
CA ASP C 60 39.48 22.43 48.55
C ASP C 60 38.90 21.13 48.02
N THR C 61 37.61 21.20 47.70
CA THR C 61 36.89 20.05 47.17
C THR C 61 37.54 19.51 45.91
N SER C 62 37.99 20.40 45.02
CA SER C 62 38.60 19.96 43.78
C SER C 62 39.86 19.15 44.03
N ILE C 63 40.70 19.60 44.96
CA ILE C 63 41.94 18.87 45.27
C ILE C 63 41.62 17.53 45.91
N ALA C 64 40.71 17.52 46.89
CA ALA C 64 40.37 16.26 47.55
C ALA C 64 39.77 15.26 46.57
N ASN C 65 38.88 15.72 45.68
CA ASN C 65 38.33 14.85 44.66
C ASN C 65 39.39 14.39 43.67
N ALA C 66 40.38 15.23 43.37
CA ALA C 66 41.48 14.79 42.52
C ALA C 66 42.22 13.63 43.17
N PHE C 67 42.49 13.73 44.48
CA PHE C 67 43.12 12.62 45.19
C PHE C 67 42.27 11.35 45.12
N ARG C 68 40.96 11.50 45.36
CA ARG C 68 40.07 10.34 45.33
C ARG C 68 40.05 9.69 43.95
N ARG C 69 39.93 10.51 42.90
CA ARG C 69 39.89 9.98 41.53
C ARG C 69 41.19 9.28 41.17
N ILE C 70 42.33 9.86 41.56
CA ILE C 70 43.61 9.24 41.25
C ILE C 70 43.75 7.91 41.99
N MET C 71 43.32 7.86 43.25
CA MET C 71 43.36 6.62 43.99
C MET C 71 42.52 5.54 43.31
N ILE C 72 41.33 5.91 42.85
CA ILE C 72 40.44 4.92 42.24
C ILE C 72 41.00 4.45 40.89
N SER C 73 41.45 5.39 40.06
CA SER C 73 41.65 5.08 38.65
C SER C 73 43.03 5.45 38.10
N GLU C 74 43.98 5.86 38.93
CA GLU C 74 45.30 6.20 38.40
C GLU C 74 46.48 5.64 39.18
N VAL C 75 46.27 5.03 40.35
CA VAL C 75 47.36 4.38 41.06
C VAL C 75 47.54 2.99 40.46
N PRO C 76 48.72 2.67 39.92
CA PRO C 76 48.89 1.37 39.27
C PRO C 76 48.89 0.21 40.26
N SER C 77 48.48 -0.95 39.76
CA SER C 77 48.50 -2.18 40.53
C SER C 77 48.72 -3.34 39.57
N VAL C 78 49.06 -4.50 40.13
CA VAL C 78 49.36 -5.69 39.35
C VAL C 78 48.16 -6.60 39.34
N ALA C 79 47.72 -6.98 38.14
CA ALA C 79 46.64 -7.94 37.96
C ALA C 79 46.97 -8.82 36.77
N ALA C 80 46.40 -10.02 36.76
CA ALA C 80 46.56 -10.90 35.62
C ALA C 80 45.92 -10.26 34.39
N GLU C 81 46.65 -10.27 33.28
CA GLU C 81 46.18 -9.68 32.04
C GLU C 81 45.97 -10.70 30.94
N TYR C 82 46.82 -11.72 30.86
CA TYR C 82 46.69 -12.78 29.87
C TYR C 82 46.70 -14.12 30.59
N VAL C 83 45.72 -14.97 30.26
CA VAL C 83 45.62 -16.31 30.82
C VAL C 83 45.81 -17.31 29.69
N TYR C 84 46.70 -18.26 29.89
CA TYR C 84 47.04 -19.28 28.90
C TYR C 84 46.51 -20.61 29.40
N PHE C 85 45.43 -21.09 28.79
CA PHE C 85 44.79 -22.35 29.21
C PHE C 85 45.47 -23.51 28.50
N PHE C 86 46.21 -24.32 29.26
CA PHE C 86 46.66 -25.60 28.74
C PHE C 86 45.52 -26.61 28.72
N ASN C 87 44.68 -26.60 29.75
CA ASN C 87 43.56 -27.52 29.85
C ASN C 87 42.53 -26.96 30.81
N ASN C 88 41.28 -26.91 30.36
CA ASN C 88 40.16 -26.48 31.21
C ASN C 88 38.94 -27.29 30.81
N THR C 89 38.64 -28.33 31.60
CA THR C 89 37.49 -29.18 31.36
C THR C 89 36.38 -28.93 32.38
N SER C 90 36.42 -27.79 33.06
CA SER C 90 35.40 -27.45 34.02
C SER C 90 34.18 -26.84 33.33
N VAL C 91 33.10 -26.67 34.10
CA VAL C 91 31.88 -26.11 33.56
C VAL C 91 31.98 -24.61 33.36
N ILE C 92 33.02 -23.98 33.89
CA ILE C 92 33.23 -22.54 33.70
C ILE C 92 34.01 -22.32 32.42
N GLN C 93 33.51 -21.43 31.56
CA GLN C 93 34.18 -21.15 30.30
C GLN C 93 35.53 -20.49 30.54
N ASP C 94 36.40 -20.59 29.54
CA ASP C 94 37.75 -20.06 29.65
C ASP C 94 37.75 -18.54 29.83
N GLU C 95 36.90 -17.85 29.08
CA GLU C 95 36.83 -16.39 29.22
C GLU C 95 36.35 -15.99 30.60
N VAL C 96 35.35 -16.69 31.13
CA VAL C 96 34.85 -16.40 32.48
C VAL C 96 35.94 -16.63 33.50
N LEU C 97 36.66 -17.75 33.38
CA LEU C 97 37.72 -18.07 34.33
C LEU C 97 38.86 -17.05 34.25
N ALA C 98 39.21 -16.63 33.04
CA ALA C 98 40.25 -15.62 32.87
C ALA C 98 39.82 -14.29 33.50
N HIS C 99 38.56 -13.91 33.32
CA HIS C 99 38.05 -12.69 33.94
C HIS C 99 38.12 -12.79 35.46
N ARG C 100 37.76 -13.95 36.02
CA ARG C 100 37.82 -14.12 37.46
C ARG C 100 39.25 -14.03 37.99
N ILE C 101 40.20 -14.68 37.29
CA ILE C 101 41.59 -14.59 37.69
C ILE C 101 42.08 -13.15 37.63
N GLY C 102 41.72 -12.43 36.57
CA GLY C 102 42.07 -11.03 36.48
C GLY C 102 41.51 -10.21 37.63
N LEU C 103 40.29 -10.54 38.06
CA LEU C 103 39.68 -9.86 39.20
C LEU C 103 40.32 -10.24 40.53
N VAL C 104 41.03 -11.35 40.60
CA VAL C 104 41.73 -11.72 41.83
C VAL C 104 42.84 -10.72 42.11
N PRO C 105 42.85 -10.06 43.27
CA PRO C 105 43.93 -9.12 43.58
C PRO C 105 45.15 -9.85 44.15
N LEU C 106 46.33 -9.44 43.67
CA LEU C 106 47.57 -10.12 44.01
C LEU C 106 48.37 -9.29 45.00
N LYS C 107 48.83 -9.94 46.07
CA LYS C 107 49.67 -9.28 47.07
C LYS C 107 51.12 -9.19 46.59
N VAL C 108 51.29 -8.44 45.50
CA VAL C 108 52.60 -8.16 44.93
C VAL C 108 52.79 -6.65 44.94
N ASP C 109 53.92 -6.21 45.45
CA ASP C 109 54.18 -4.79 45.62
C ASP C 109 54.44 -4.13 44.28
N PRO C 110 53.67 -3.14 43.88
CA PRO C 110 54.04 -2.33 42.71
C PRO C 110 55.28 -1.53 43.02
N ASP C 111 55.90 -0.99 41.96
CA ASP C 111 57.23 -0.40 41.92
C ASP C 111 58.30 -1.49 41.96
N MET C 112 57.93 -2.75 42.16
CA MET C 112 58.83 -3.88 41.95
C MET C 112 58.67 -4.49 40.57
N LEU C 113 57.81 -3.89 39.74
CA LEU C 113 57.63 -4.27 38.35
C LEU C 113 57.77 -3.05 37.46
N THR C 114 58.01 -3.31 36.18
CA THR C 114 58.16 -2.27 35.16
C THR C 114 56.99 -2.35 34.19
N TRP C 115 56.54 -1.18 33.73
CA TRP C 115 55.44 -1.14 32.78
C TRP C 115 55.80 -1.87 31.50
N VAL C 116 54.85 -2.70 31.04
CA VAL C 116 55.02 -3.40 29.76
C VAL C 116 54.95 -2.40 28.62
N ASP C 117 55.91 -2.49 27.71
CA ASP C 117 55.88 -1.70 26.48
C ASP C 117 55.02 -2.41 25.45
N SER C 118 53.97 -1.74 24.98
CA SER C 118 53.05 -2.36 24.04
C SER C 118 53.63 -2.42 22.63
N ASN C 119 54.67 -1.65 22.34
CA ASN C 119 55.26 -1.59 21.01
C ASN C 119 56.21 -2.75 20.73
N LEU C 120 56.19 -3.79 21.55
CA LEU C 120 57.12 -4.90 21.36
C LEU C 120 56.39 -6.15 20.89
N PRO C 121 57.05 -6.99 20.09
CA PRO C 121 56.42 -8.26 19.69
C PRO C 121 56.18 -9.15 20.89
N ASP C 122 55.14 -9.98 20.80
CA ASP C 122 54.69 -10.75 21.96
C ASP C 122 55.76 -11.68 22.51
N ASP C 123 56.76 -12.03 21.71
CA ASP C 123 57.82 -12.93 22.15
C ASP C 123 59.00 -12.22 22.80
N GLU C 124 59.03 -10.88 22.78
CA GLU C 124 60.04 -10.12 23.49
C GLU C 124 59.42 -9.08 24.42
N LYS C 125 58.09 -8.99 24.48
CA LYS C 125 57.43 -7.95 25.26
C LYS C 125 57.47 -8.27 26.75
N PHE C 126 57.31 -9.55 27.11
CA PHE C 126 57.22 -9.95 28.51
C PHE C 126 58.61 -10.28 29.02
N THR C 127 59.08 -9.50 29.98
CA THR C 127 60.37 -9.69 30.62
C THR C 127 60.16 -9.97 32.11
N ASP C 128 61.25 -10.32 32.80
CA ASP C 128 61.16 -10.60 34.22
C ASP C 128 61.01 -9.34 35.06
N GLU C 129 61.24 -8.16 34.49
CA GLU C 129 60.92 -6.90 35.16
C GLU C 129 59.50 -6.43 34.88
N ASN C 130 58.82 -7.05 33.91
CA ASN C 130 57.49 -6.61 33.47
C ASN C 130 56.36 -7.46 34.03
N THR C 131 56.60 -8.75 34.25
CA THR C 131 55.52 -9.72 34.33
C THR C 131 55.71 -10.65 35.52
N ILE C 132 54.58 -11.04 36.12
CA ILE C 132 54.51 -12.11 37.11
C ILE C 132 53.77 -13.27 36.49
N VAL C 133 54.32 -14.48 36.61
CA VAL C 133 53.71 -15.67 36.05
C VAL C 133 53.08 -16.45 37.20
N LEU C 134 51.78 -16.72 37.09
CA LEU C 134 51.03 -17.51 38.07
C LEU C 134 50.51 -18.77 37.40
N SER C 135 50.85 -19.93 37.94
CA SER C 135 50.37 -21.20 37.42
C SER C 135 49.22 -21.72 38.26
N LEU C 136 48.42 -22.59 37.67
CA LEU C 136 47.26 -23.16 38.35
C LEU C 136 47.00 -24.54 37.77
N ASN C 137 47.25 -25.58 38.56
CA ASN C 137 47.09 -26.98 38.14
C ASN C 137 46.25 -27.70 39.19
N VAL C 138 44.97 -27.88 38.90
CA VAL C 138 44.03 -28.53 39.81
C VAL C 138 43.29 -29.62 39.05
N LYS C 139 43.22 -30.81 39.65
CA LYS C 139 42.47 -31.93 39.09
C LYS C 139 41.57 -32.53 40.17
N CYS C 140 40.34 -32.86 39.78
CA CYS C 140 39.35 -33.40 40.70
C CYS C 140 39.30 -34.92 40.61
N THR C 141 39.26 -35.57 41.76
CA THR C 141 39.12 -37.02 41.84
C THR C 141 38.14 -37.36 42.95
N ARG C 142 37.54 -38.54 42.84
CA ARG C 142 36.66 -39.03 43.90
C ARG C 142 37.48 -39.35 45.15
N ASN C 143 36.96 -38.96 46.30
CA ASN C 143 37.66 -39.23 47.55
C ASN C 143 37.65 -40.71 47.86
N PRO C 144 38.82 -41.31 48.14
CA PRO C 144 38.88 -42.73 48.54
C PRO C 144 38.45 -42.97 49.99
N ASP C 145 37.26 -42.48 50.34
CA ASP C 145 36.70 -42.63 51.66
C ASP C 145 35.27 -43.13 51.56
N ALA C 146 34.66 -43.43 52.71
CA ALA C 146 33.29 -43.93 52.79
C ALA C 146 32.51 -43.12 53.81
N PRO C 147 32.21 -41.86 53.50
CA PRO C 147 31.36 -41.06 54.40
C PRO C 147 29.88 -41.30 54.13
N LYS C 148 29.03 -40.52 54.79
CA LYS C 148 27.59 -40.61 54.55
C LYS C 148 27.27 -40.27 53.10
N GLY C 149 26.30 -40.98 52.54
CA GLY C 149 25.96 -40.83 51.13
C GLY C 149 25.52 -39.43 50.73
N SER C 150 26.17 -38.90 49.68
CA SER C 150 25.82 -37.60 49.10
C SER C 150 25.91 -36.47 50.13
N THR C 151 27.05 -36.40 50.81
CA THR C 151 27.33 -35.30 51.72
C THR C 151 27.83 -34.09 50.92
N ASP C 152 28.37 -33.10 51.61
CA ASP C 152 28.90 -31.92 50.93
C ASP C 152 30.13 -32.31 50.10
N PRO C 153 30.36 -31.62 48.99
CA PRO C 153 31.45 -32.03 48.08
C PRO C 153 32.82 -31.54 48.53
N LYS C 154 33.13 -31.70 49.82
CA LYS C 154 34.45 -31.37 50.34
C LYS C 154 35.21 -32.61 50.77
N GLU C 155 34.55 -33.55 51.42
CA GLU C 155 35.09 -34.88 51.67
C GLU C 155 34.58 -35.91 50.67
N LEU C 156 33.77 -35.48 49.70
CA LEU C 156 33.28 -36.38 48.66
C LEU C 156 34.20 -36.40 47.45
N TYR C 157 34.77 -35.25 47.09
CA TYR C 157 35.71 -35.15 45.98
C TYR C 157 36.98 -34.48 46.46
N ASN C 158 38.06 -34.72 45.73
CA ASN C 158 39.33 -34.07 45.99
C ASN C 158 39.47 -32.89 45.03
N ASN C 159 39.83 -31.72 45.57
CA ASN C 159 40.03 -30.51 44.77
C ASN C 159 38.75 -30.11 44.03
N ALA C 160 37.61 -30.29 44.68
CA ALA C 160 36.34 -29.88 44.08
C ALA C 160 36.20 -28.37 44.02
N HIS C 161 36.86 -27.64 44.91
CA HIS C 161 36.82 -26.18 44.93
C HIS C 161 38.21 -25.66 44.57
N VAL C 162 38.27 -24.79 43.57
CA VAL C 162 39.51 -24.14 43.16
C VAL C 162 39.53 -22.75 43.78
N TYR C 163 40.55 -22.47 44.58
CA TYR C 163 40.67 -21.21 45.27
C TYR C 163 41.80 -20.38 44.68
N ALA C 164 41.76 -19.07 44.97
CA ALA C 164 42.81 -18.18 44.49
C ALA C 164 44.18 -18.58 45.04
N ARG C 165 44.21 -19.21 46.21
CA ARG C 165 45.47 -19.67 46.78
C ARG C 165 46.11 -20.77 45.96
N ASP C 166 45.35 -21.44 45.10
CA ASP C 166 45.93 -22.44 44.20
C ASP C 166 46.72 -21.81 43.07
N LEU C 167 46.66 -20.49 42.91
CA LEU C 167 47.53 -19.81 41.96
C LEU C 167 48.94 -19.79 42.50
N LYS C 168 49.85 -20.46 41.81
CA LYS C 168 51.23 -20.62 42.26
C LYS C 168 52.13 -19.61 41.56
N PHE C 169 52.93 -18.89 42.34
CA PHE C 169 53.90 -17.97 41.78
C PHE C 169 55.03 -18.74 41.12
N GLU C 170 55.34 -18.37 39.87
CA GLU C 170 56.40 -19.02 39.09
C GLU C 170 57.47 -17.98 38.76
N PRO C 171 58.49 -17.83 39.62
CA PRO C 171 59.53 -16.83 39.36
C PRO C 171 60.24 -17.10 38.05
N GLN C 172 60.56 -16.03 37.33
CA GLN C 172 61.24 -16.11 36.04
C GLN C 172 62.50 -15.26 36.09
N GLY C 173 63.63 -15.84 35.73
CA GLY C 173 64.87 -15.09 35.69
C GLY C 173 65.28 -14.61 37.07
N ARG C 174 65.56 -13.31 37.17
CA ARG C 174 66.01 -12.71 38.42
C ARG C 174 64.91 -12.62 39.47
N GLN C 175 63.67 -12.91 39.11
CA GLN C 175 62.59 -12.92 40.09
C GLN C 175 62.81 -13.99 41.16
N SER C 176 63.63 -15.00 40.87
CA SER C 176 63.96 -16.00 41.88
C SER C 176 64.68 -15.38 43.07
N THR C 177 65.36 -14.26 42.86
CA THR C 177 66.10 -13.56 43.91
C THR C 177 65.34 -12.35 44.44
N THR C 178 64.83 -11.49 43.56
CA THR C 178 64.18 -10.25 43.99
C THR C 178 62.91 -10.54 44.78
N PHE C 179 62.16 -11.57 44.40
CA PHE C 179 60.92 -11.94 45.06
C PHE C 179 61.12 -13.04 46.10
N ALA C 180 62.37 -13.40 46.41
CA ALA C 180 62.61 -14.50 47.34
C ALA C 180 62.06 -14.19 48.73
N ASP C 181 62.22 -12.95 49.19
CA ASP C 181 61.75 -12.59 50.52
C ASP C 181 60.26 -12.26 50.56
N CYS C 182 59.63 -12.08 49.41
CA CYS C 182 58.21 -11.71 49.33
C CYS C 182 57.56 -12.46 48.18
N PRO C 183 57.30 -13.76 48.34
CA PRO C 183 56.66 -14.53 47.27
C PRO C 183 55.26 -13.99 46.98
N VAL C 184 54.89 -14.01 45.70
CA VAL C 184 53.62 -13.44 45.27
C VAL C 184 52.49 -14.39 45.62
N VAL C 185 51.53 -13.90 46.38
CA VAL C 185 50.31 -14.66 46.71
C VAL C 185 49.11 -13.76 46.45
N PRO C 186 47.94 -14.33 46.21
CA PRO C 186 46.73 -13.52 46.16
C PRO C 186 46.47 -12.85 47.50
N ALA C 187 45.98 -11.61 47.44
CA ALA C 187 45.65 -10.90 48.68
C ALA C 187 44.49 -11.56 49.41
N ASP C 188 43.60 -12.23 48.69
CA ASP C 188 42.48 -12.98 49.26
C ASP C 188 42.61 -14.42 48.79
N PRO C 189 43.27 -15.28 49.55
CA PRO C 189 43.50 -16.66 49.09
C PRO C 189 42.23 -17.48 48.94
N ASP C 190 41.16 -17.14 49.66
CA ASP C 190 39.97 -17.97 49.71
C ASP C 190 38.90 -17.56 48.71
N ILE C 191 39.26 -16.75 47.71
CA ILE C 191 38.32 -16.46 46.64
C ILE C 191 37.99 -17.75 45.91
N LEU C 192 36.70 -18.02 45.75
CA LEU C 192 36.26 -19.23 45.06
C LEU C 192 36.39 -19.00 43.56
N LEU C 193 37.48 -19.49 42.98
CA LEU C 193 37.70 -19.32 41.55
C LEU C 193 36.79 -20.22 40.75
N ALA C 194 36.72 -21.50 41.11
CA ALA C 194 35.94 -22.45 40.34
C ALA C 194 35.50 -23.60 41.22
N LYS C 195 34.41 -24.25 40.81
CA LYS C 195 33.95 -25.50 41.37
C LYS C 195 33.90 -26.52 40.25
N LEU C 196 34.35 -27.74 40.53
CA LEU C 196 34.46 -28.74 39.47
C LEU C 196 34.43 -30.14 40.05
N ARG C 197 34.04 -31.07 39.21
CA ARG C 197 33.66 -32.44 39.54
C ARG C 197 34.74 -33.43 39.11
N PRO C 198 34.67 -34.68 39.58
CA PRO C 198 35.70 -35.65 39.21
C PRO C 198 35.81 -35.81 37.69
N GLY C 199 37.05 -35.90 37.23
CA GLY C 199 37.34 -35.94 35.82
C GLY C 199 37.55 -34.59 35.17
N GLN C 200 37.27 -33.50 35.87
CA GLN C 200 37.48 -32.16 35.36
C GLN C 200 38.81 -31.61 35.86
N GLU C 201 39.45 -30.79 35.03
CA GLU C 201 40.79 -30.31 35.30
C GLU C 201 40.93 -28.88 34.78
N ILE C 202 41.62 -28.04 35.53
CA ILE C 202 42.02 -26.72 35.10
C ILE C 202 43.54 -26.64 35.15
N SER C 203 44.16 -26.33 34.01
CA SER C 203 45.60 -26.13 33.93
C SER C 203 45.85 -24.87 33.14
N LEU C 204 46.42 -23.86 33.79
CA LEU C 204 46.64 -22.58 33.15
C LEU C 204 47.85 -21.90 33.78
N LYS C 205 48.32 -20.85 33.12
CA LYS C 205 49.18 -19.88 33.76
C LYS C 205 48.77 -18.48 33.30
N ALA C 206 48.96 -17.50 34.18
CA ALA C 206 48.52 -16.14 33.94
C ALA C 206 49.69 -15.18 34.05
N HIS C 207 49.76 -14.23 33.13
CA HIS C 207 50.76 -13.18 33.14
C HIS C 207 50.18 -11.94 33.80
N CYS C 208 50.80 -11.49 34.88
CA CYS C 208 50.29 -10.39 35.69
C CYS C 208 51.20 -9.18 35.50
N ILE C 209 50.62 -8.06 35.10
CA ILE C 209 51.37 -6.87 34.74
C ILE C 209 50.78 -5.67 35.47
N LEU C 210 51.56 -4.59 35.50
CA LEU C 210 51.08 -3.32 36.02
C LEU C 210 49.97 -2.77 35.12
N GLY C 211 49.04 -2.06 35.74
CA GLY C 211 47.95 -1.49 34.98
C GLY C 211 47.22 -0.45 35.80
N ILE C 212 46.25 0.18 35.16
CA ILE C 212 45.59 1.37 35.68
C ILE C 212 44.09 1.10 35.80
N GLY C 213 43.52 1.48 36.95
CA GLY C 213 42.10 1.26 37.17
C GLY C 213 41.21 1.92 36.14
N GLY C 214 41.65 3.06 35.59
CA GLY C 214 40.92 3.67 34.48
C GLY C 214 40.87 2.78 33.26
N ASP C 215 41.93 2.01 33.01
CA ASP C 215 41.94 1.06 31.91
C ASP C 215 41.01 -0.12 32.19
N HIS C 216 41.26 -0.85 33.29
CA HIS C 216 40.38 -1.92 33.72
C HIS C 216 40.27 -1.89 35.23
N ALA C 217 39.07 -2.21 35.74
CA ALA C 217 38.82 -2.18 37.18
C ALA C 217 39.74 -3.12 37.94
N LYS C 218 40.15 -4.23 37.32
CA LYS C 218 41.01 -5.19 38.00
C LYS C 218 42.30 -4.57 38.48
N PHE C 219 42.74 -3.48 37.85
CA PHE C 219 43.95 -2.79 38.25
C PHE C 219 43.72 -1.78 39.35
N SER C 220 42.47 -1.48 39.68
CA SER C 220 42.19 -0.53 40.74
C SER C 220 42.67 -1.10 42.08
N PRO C 221 43.42 -0.35 42.86
CA PRO C 221 43.98 -0.88 44.11
C PRO C 221 43.14 -0.67 45.35
N VAL C 222 42.00 0.00 45.23
CA VAL C 222 41.15 0.31 46.38
C VAL C 222 39.81 -0.38 46.18
N SER C 223 39.37 -1.13 47.20
CA SER C 223 38.03 -1.70 47.15
C SER C 223 36.98 -0.60 47.28
N THR C 224 37.32 0.51 47.93
CA THR C 224 36.67 1.79 47.69
C THR C 224 37.51 2.88 48.34
N ALA C 225 37.92 3.86 47.55
CA ALA C 225 38.50 5.09 48.07
C ALA C 225 37.45 6.19 47.95
N SER C 226 37.12 6.82 49.07
CA SER C 226 36.05 7.79 49.10
C SER C 226 36.28 8.74 50.27
N TYR C 227 35.54 9.83 50.26
CA TYR C 227 35.52 10.75 51.39
C TYR C 227 34.08 11.13 51.67
N ARG C 228 33.90 11.85 52.77
CA ARG C 228 32.61 12.46 53.09
C ARG C 228 32.89 13.74 53.86
N LEU C 229 32.09 14.77 53.59
CA LEU C 229 32.20 16.01 54.34
C LEU C 229 31.76 15.79 55.77
N LEU C 230 32.51 16.36 56.71
CA LEU C 230 32.21 16.16 58.12
C LEU C 230 30.86 16.77 58.45
N PRO C 231 29.92 15.99 58.98
CA PRO C 231 28.59 16.55 59.29
C PRO C 231 28.66 17.57 60.41
N GLN C 232 27.70 18.49 60.39
CA GLN C 232 27.57 19.52 61.41
C GLN C 232 26.12 19.62 61.83
N ILE C 233 25.86 19.45 63.12
CA ILE C 233 24.52 19.56 63.70
C ILE C 233 24.53 20.71 64.68
N ASN C 234 23.69 21.71 64.44
CA ASN C 234 23.58 22.88 65.29
C ASN C 234 22.23 22.84 65.99
N ILE C 235 22.25 22.69 67.31
CA ILE C 235 21.04 22.76 68.12
C ILE C 235 20.83 24.24 68.46
N LEU C 236 19.91 24.88 67.73
CA LEU C 236 19.74 26.33 67.85
C LEU C 236 19.13 26.69 69.21
N GLN C 237 18.09 25.97 69.62
CA GLN C 237 17.44 26.18 70.90
C GLN C 237 17.45 24.88 71.69
N PRO C 238 17.45 24.96 73.03
CA PRO C 238 17.49 23.75 73.84
C PRO C 238 16.30 22.83 73.56
N ILE C 239 16.58 21.53 73.48
CA ILE C 239 15.55 20.51 73.34
C ILE C 239 15.65 19.62 74.57
N LYS C 240 14.56 19.50 75.32
CA LYS C 240 14.54 18.78 76.58
C LYS C 240 13.28 17.94 76.68
N GLY C 241 13.25 17.08 77.68
CA GLY C 241 12.09 16.24 77.94
C GLY C 241 11.98 15.08 76.96
N GLU C 242 10.74 14.62 76.78
CA GLU C 242 10.48 13.57 75.80
C GLU C 242 10.78 14.05 74.39
N SER C 243 10.71 15.36 74.16
CA SER C 243 11.13 15.92 72.87
C SER C 243 12.61 15.66 72.62
N ALA C 244 13.43 15.71 73.68
CA ALA C 244 14.85 15.40 73.52
C ALA C 244 15.06 13.96 73.09
N ARG C 245 14.31 13.03 73.69
CA ARG C 245 14.42 11.63 73.28
C ARG C 245 13.95 11.42 71.84
N ARG C 246 12.85 12.07 71.45
CA ARG C 246 12.39 11.98 70.07
C ARG C 246 13.44 12.53 69.11
N PHE C 247 14.04 13.67 69.47
CA PHE C 247 15.10 14.28 68.66
C PHE C 247 16.30 13.35 68.56
N GLN C 248 16.64 12.68 69.66
CA GLN C 248 17.79 11.80 69.68
C GLN C 248 17.57 10.54 68.86
N LYS C 249 16.32 10.09 68.76
CA LYS C 249 16.03 8.90 67.96
C LYS C 249 16.08 9.16 66.46
N CYS C 250 16.20 10.41 66.03
CA CYS C 250 16.28 10.73 64.61
C CYS C 250 17.70 10.67 64.05
N PHE C 251 18.68 10.35 64.88
CA PHE C 251 20.07 10.25 64.48
C PHE C 251 20.61 8.86 64.81
N PRO C 252 21.69 8.43 64.18
CA PRO C 252 22.34 7.16 64.56
C PRO C 252 22.61 7.12 66.06
N PRO C 253 22.74 5.92 66.64
CA PRO C 253 22.59 5.79 68.10
C PRO C 253 23.47 6.71 68.94
N GLY C 254 24.73 6.90 68.56
CA GLY C 254 25.64 7.66 69.41
C GLY C 254 25.91 9.08 68.96
N VAL C 255 25.06 9.63 68.09
CA VAL C 255 25.35 10.92 67.49
C VAL C 255 25.19 12.05 68.50
N ILE C 256 24.01 12.18 69.09
CA ILE C 256 23.75 13.28 70.03
C ILE C 256 23.27 12.66 71.33
N GLY C 257 23.73 13.21 72.45
CA GLY C 257 23.41 12.68 73.75
C GLY C 257 22.43 13.57 74.52
N ILE C 258 21.98 13.04 75.66
CA ILE C 258 21.08 13.74 76.56
C ILE C 258 21.86 14.07 77.82
N ASP C 259 21.98 15.36 78.13
CA ASP C 259 22.70 15.76 79.33
C ASP C 259 21.94 15.32 80.57
N GLU C 260 22.68 14.85 81.57
CA GLU C 260 22.08 14.55 82.87
C GLU C 260 22.07 15.81 83.72
N GLY C 261 20.95 16.06 84.39
CA GLY C 261 20.80 17.33 85.07
C GLY C 261 20.13 18.35 84.16
N SER C 262 20.96 19.11 83.44
CA SER C 262 20.45 20.12 82.52
C SER C 262 19.40 19.56 81.56
N ASP C 263 19.49 18.25 81.26
CA ASP C 263 18.41 17.46 80.66
C ASP C 263 18.29 17.79 79.17
N GLU C 264 19.02 18.81 78.73
CA GLU C 264 19.01 19.21 77.32
C GLU C 264 19.77 18.21 76.46
N ALA C 265 19.26 18.01 75.24
CA ALA C 265 20.00 17.24 74.24
C ALA C 265 21.19 18.05 73.76
N TYR C 266 22.25 17.35 73.38
CA TYR C 266 23.46 17.98 72.90
C TYR C 266 24.11 17.07 71.88
N VAL C 267 24.89 17.67 70.98
CA VAL C 267 25.56 16.91 69.93
C VAL C 267 26.78 16.23 70.53
N LYS C 268 26.75 14.91 70.60
CA LYS C 268 27.82 14.12 71.21
C LYS C 268 28.89 13.72 70.21
N ASP C 269 28.50 13.32 69.00
CA ASP C 269 29.45 12.93 67.97
C ASP C 269 28.77 13.11 66.60
N ALA C 270 29.10 14.21 65.92
CA ALA C 270 28.57 14.44 64.58
C ALA C 270 29.32 13.65 63.52
N ARG C 271 30.50 13.13 63.85
CA ARG C 271 31.24 12.29 62.90
C ARG C 271 30.52 10.97 62.67
N LYS C 272 29.84 10.45 63.69
CA LYS C 272 29.05 9.23 63.57
C LYS C 272 27.78 9.42 62.75
N ASP C 273 27.43 10.66 62.42
CA ASP C 273 26.13 10.96 61.83
C ASP C 273 26.17 10.70 60.33
N THR C 274 25.28 9.82 59.86
CA THR C 274 24.91 9.78 58.46
C THR C 274 23.80 10.79 58.24
N VAL C 275 23.92 11.60 57.19
CA VAL C 275 22.98 12.71 57.02
C VAL C 275 21.74 12.19 56.32
N SER C 276 20.84 11.58 57.09
CA SER C 276 19.53 11.16 56.60
C SER C 276 18.50 12.27 56.70
N ARG C 277 18.87 13.39 57.31
CA ARG C 277 17.97 14.51 57.62
C ARG C 277 16.59 14.02 58.05
N GLU C 278 16.61 13.08 59.00
CA GLU C 278 15.37 12.54 59.55
C GLU C 278 14.71 13.55 60.50
N VAL C 279 15.49 14.45 61.10
CA VAL C 279 14.92 15.49 61.93
C VAL C 279 14.12 16.50 61.12
N LEU C 280 14.40 16.64 59.83
CA LEU C 280 13.83 17.70 59.02
C LEU C 280 12.43 17.37 58.51
N ARG C 281 11.81 16.31 59.02
CA ARG C 281 10.46 15.93 58.62
C ARG C 281 9.46 15.97 59.77
N TYR C 282 9.74 16.70 60.86
CA TYR C 282 8.97 16.57 62.07
C TYR C 282 8.33 17.86 62.56
N GLU C 283 8.75 19.02 62.06
CA GLU C 283 8.02 20.27 62.24
C GLU C 283 8.04 20.74 63.70
N GLU C 284 8.56 19.92 64.61
CA GLU C 284 8.76 20.35 65.99
C GLU C 284 10.22 20.66 66.30
N PHE C 285 11.14 20.22 65.44
CA PHE C 285 12.53 20.67 65.49
C PHE C 285 12.88 21.51 64.27
N ALA C 286 11.88 21.99 63.54
CA ALA C 286 12.15 22.78 62.33
C ALA C 286 12.91 24.05 62.67
N ASP C 287 12.55 24.71 63.77
CA ASP C 287 13.23 25.92 64.23
C ASP C 287 14.24 25.64 65.33
N LYS C 288 14.52 24.37 65.62
CA LYS C 288 15.40 24.01 66.72
C LYS C 288 16.70 23.35 66.29
N VAL C 289 16.85 22.98 65.02
CA VAL C 289 18.04 22.30 64.54
C VAL C 289 18.39 22.81 63.15
N LYS C 290 19.69 22.93 62.89
CA LYS C 290 20.20 23.26 61.56
C LYS C 290 21.20 22.18 61.18
N LEU C 291 20.96 21.51 60.06
CA LEU C 291 21.85 20.47 59.57
C LEU C 291 22.82 21.06 58.55
N GLY C 292 24.08 20.64 58.64
CA GLY C 292 25.09 21.16 57.76
C GLY C 292 26.17 20.14 57.48
N ARG C 293 27.11 20.55 56.64
CA ARG C 293 28.30 19.76 56.33
C ARG C 293 29.45 20.72 56.14
N VAL C 294 30.57 20.46 56.82
CA VAL C 294 31.74 21.31 56.65
C VAL C 294 32.31 21.05 55.26
N ARG C 295 32.39 22.11 54.44
CA ARG C 295 32.70 21.90 53.04
C ARG C 295 34.17 21.60 52.80
N ASN C 296 35.07 22.10 53.64
CA ASN C 296 36.50 21.89 53.47
C ASN C 296 37.07 20.88 54.46
N HIS C 297 36.21 20.09 55.10
CA HIS C 297 36.64 19.04 56.03
C HIS C 297 36.25 17.70 55.42
N PHE C 298 37.24 16.94 54.99
CA PHE C 298 37.03 15.69 54.27
C PHE C 298 37.46 14.52 55.13
N ILE C 299 36.56 13.58 55.35
CA ILE C 299 36.86 12.36 56.09
C ILE C 299 37.11 11.26 55.07
N PHE C 300 38.38 11.03 54.75
CA PHE C 300 38.76 10.04 53.75
C PHE C 300 38.75 8.64 54.36
N ASN C 301 38.14 7.69 53.66
CA ASN C 301 38.19 6.27 54.02
C ASN C 301 38.76 5.52 52.83
N VAL C 302 39.99 5.05 52.96
CA VAL C 302 40.68 4.32 51.89
C VAL C 302 40.85 2.88 52.35
N GLU C 303 40.22 1.96 51.62
CA GLU C 303 40.38 0.53 51.88
C GLU C 303 41.08 -0.11 50.69
N SER C 304 42.20 -0.78 50.96
CA SER C 304 43.01 -1.38 49.93
C SER C 304 42.41 -2.70 49.46
N ALA C 305 42.55 -2.97 48.16
CA ALA C 305 42.25 -4.30 47.65
C ALA C 305 43.18 -5.35 48.22
N GLY C 306 44.39 -4.96 48.64
CA GLY C 306 45.31 -5.85 49.31
C GLY C 306 46.76 -5.70 48.89
N ALA C 307 47.00 -5.10 47.72
CA ALA C 307 48.34 -5.06 47.17
C ALA C 307 49.25 -4.09 47.92
N MET C 308 48.76 -2.90 48.24
CA MET C 308 49.54 -1.92 48.99
C MET C 308 48.76 -1.41 50.18
N THR C 309 49.48 -0.79 51.11
CA THR C 309 48.84 -0.20 52.26
C THR C 309 48.05 1.04 51.86
N PRO C 310 46.92 1.32 52.51
CA PRO C 310 46.11 2.49 52.13
C PRO C 310 46.85 3.81 52.27
N GLU C 311 47.74 3.95 53.26
CA GLU C 311 48.55 5.15 53.35
C GLU C 311 49.45 5.31 52.13
N GLU C 312 50.03 4.21 51.67
CA GLU C 312 50.83 4.27 50.45
C GLU C 312 49.98 4.62 49.24
N ILE C 313 48.75 4.10 49.18
CA ILE C 313 47.86 4.43 48.06
C ILE C 313 47.57 5.93 48.03
N PHE C 314 47.25 6.50 49.18
CA PHE C 314 46.97 7.94 49.22
C PHE C 314 48.20 8.76 48.90
N PHE C 315 49.36 8.37 49.43
CA PHE C 315 50.58 9.12 49.14
C PHE C 315 50.90 9.05 47.65
N LYS C 316 50.68 7.89 47.04
CA LYS C 316 50.89 7.76 45.60
C LYS C 316 49.92 8.64 44.81
N SER C 317 48.68 8.78 45.30
CA SER C 317 47.74 9.66 44.61
C SER C 317 48.21 11.11 44.66
N VAL C 318 48.67 11.56 45.82
CA VAL C 318 49.19 12.93 45.92
C VAL C 318 50.42 13.09 45.02
N ARG C 319 51.30 12.07 45.01
CA ARG C 319 52.47 12.09 44.16
C ARG C 319 52.09 12.17 42.69
N ILE C 320 51.05 11.44 42.29
CA ILE C 320 50.63 11.42 40.89
C ILE C 320 50.08 12.77 40.48
N LEU C 321 49.26 13.40 41.33
CA LEU C 321 48.78 14.73 41.01
C LEU C 321 49.93 15.72 40.87
N LYS C 322 50.88 15.69 41.83
CA LYS C 322 52.01 16.58 41.74
C LYS C 322 52.82 16.32 40.48
N ASN C 323 53.03 15.05 40.13
CA ASN C 323 53.87 14.71 38.99
C ASN C 323 53.22 15.12 37.68
N LYS C 324 51.89 15.00 37.57
CA LYS C 324 51.26 15.46 36.34
C LYS C 324 51.30 16.98 36.24
N ALA C 325 51.13 17.68 37.36
CA ALA C 325 51.32 19.13 37.33
C ALA C 325 52.74 19.51 36.91
N GLU C 326 53.73 18.81 37.46
CA GLU C 326 55.14 19.08 37.15
C GLU C 326 55.44 18.80 35.69
N TYR C 327 54.97 17.68 35.17
CA TYR C 327 55.21 17.31 33.78
C TYR C 327 54.55 18.30 32.83
N LEU C 328 53.33 18.73 33.14
CA LEU C 328 52.68 19.73 32.32
C LEU C 328 53.43 21.05 32.36
N LYS C 329 53.93 21.45 33.53
CA LYS C 329 54.69 22.69 33.62
C LYS C 329 55.98 22.60 32.80
N ASN C 330 56.62 21.45 32.81
CA ASN C 330 57.85 21.29 32.03
C ASN C 330 57.60 21.15 30.54
N CYS C 331 56.41 20.77 30.13
CA CYS C 331 56.13 20.58 28.72
C CYS C 331 56.14 21.91 27.97
N PRO C 332 56.74 21.96 26.78
CA PRO C 332 56.66 23.19 25.97
C PRO C 332 55.32 23.28 25.26
N ILE C 333 54.78 24.50 25.23
CA ILE C 333 53.44 24.73 24.70
C ILE C 333 53.54 24.90 23.18
N THR C 334 52.84 24.04 22.45
CA THR C 334 52.93 24.00 20.99
C THR C 334 51.83 24.87 20.38
N GLN C 335 52.18 25.58 19.32
CA GLN C 335 51.24 26.45 18.63
C GLN C 335 50.21 25.65 17.84
N MET D 1 25.89 17.70 -35.96
CA MET D 1 26.48 16.79 -36.94
C MET D 1 25.95 17.22 -38.31
N LYS D 2 24.62 17.34 -38.39
CA LYS D 2 23.93 17.62 -39.66
C LYS D 2 24.62 18.73 -40.43
N VAL D 3 25.02 18.40 -41.67
CA VAL D 3 25.77 19.32 -42.50
C VAL D 3 24.82 20.38 -43.03
N LEU D 4 25.16 21.65 -42.81
CA LEU D 4 24.27 22.74 -43.22
C LEU D 4 24.17 22.83 -44.73
N GLU D 5 25.31 22.80 -45.43
CA GLU D 5 25.30 22.78 -46.89
C GLU D 5 26.65 22.30 -47.39
N GLU D 6 26.61 21.38 -48.36
CA GLU D 6 27.81 20.66 -48.78
C GLU D 6 28.80 21.57 -49.51
N ARG D 7 28.30 22.51 -50.31
CA ARG D 7 29.13 23.28 -51.23
C ARG D 7 29.26 24.71 -50.73
N ASN D 8 30.30 24.96 -49.93
CA ASN D 8 30.64 26.30 -49.48
C ASN D 8 31.56 26.98 -50.49
N ALA D 9 32.16 28.09 -50.06
CA ALA D 9 33.12 28.81 -50.89
C ALA D 9 34.31 27.91 -51.23
N PHE D 10 34.83 28.08 -52.43
CA PHE D 10 35.96 27.31 -52.90
C PHE D 10 37.24 27.75 -52.19
N LEU D 11 38.32 27.02 -52.43
CA LEU D 11 39.64 27.36 -51.94
C LEU D 11 40.59 27.50 -53.10
N SER D 12 41.34 28.60 -53.13
CA SER D 12 42.50 28.68 -54.01
C SER D 12 43.65 27.89 -53.42
N ASP D 13 44.35 27.15 -54.26
CA ASP D 13 45.37 26.26 -53.72
C ASP D 13 46.66 27.02 -53.45
N TYR D 14 46.52 28.17 -52.77
CA TYR D 14 47.59 28.80 -52.00
C TYR D 14 47.01 29.15 -50.64
N GLU D 15 45.71 29.44 -50.60
CA GLU D 15 45.05 29.73 -49.34
C GLU D 15 45.11 28.53 -48.40
N VAL D 16 44.87 27.33 -48.93
CA VAL D 16 44.99 26.11 -48.14
C VAL D 16 46.45 25.90 -47.72
N LEU D 17 47.40 26.24 -48.58
CA LEU D 17 48.81 26.09 -48.24
C LEU D 17 49.17 26.98 -47.06
N LYS D 18 48.79 28.25 -47.10
CA LYS D 18 49.11 29.14 -45.98
C LYS D 18 48.29 28.78 -44.75
N PHE D 19 47.10 28.21 -44.92
CA PHE D 19 46.33 27.75 -43.77
C PHE D 19 47.04 26.60 -43.06
N LEU D 20 47.53 25.61 -43.82
CA LEU D 20 48.24 24.50 -43.20
C LEU D 20 49.58 24.96 -42.63
N THR D 21 50.23 25.92 -43.30
CA THR D 21 51.46 26.49 -42.77
C THR D 21 51.22 27.19 -41.44
N ASP D 22 50.11 27.95 -41.36
CA ASP D 22 49.74 28.60 -40.11
C ASP D 22 49.39 27.57 -39.03
N LEU D 23 48.73 26.48 -39.42
CA LEU D 23 48.49 25.39 -38.48
C LEU D 23 49.80 24.89 -37.88
N GLU D 24 50.76 24.57 -38.75
CA GLU D 24 52.02 24.01 -38.28
C GLU D 24 52.79 25.01 -37.42
N LYS D 25 52.79 26.29 -37.79
CA LYS D 25 53.54 27.28 -37.00
C LYS D 25 52.83 27.60 -35.69
N LYS D 26 51.50 27.58 -35.66
CA LYS D 26 50.77 27.85 -34.42
C LYS D 26 50.92 26.70 -33.45
N HIS D 27 50.94 25.46 -33.97
CA HIS D 27 51.06 24.26 -33.09
C HIS D 27 51.48 23.04 -33.93
N LEU D 28 51.64 21.88 -33.28
CA LEU D 28 52.09 20.64 -33.98
C LEU D 28 53.24 20.94 -34.96
N TRP D 29 54.34 21.54 -34.46
CA TRP D 29 55.53 21.75 -35.34
C TRP D 29 56.17 20.40 -35.62
N ASP D 30 56.63 20.14 -36.85
CA ASP D 30 57.15 18.82 -37.15
C ASP D 30 58.61 18.67 -36.73
N GLN D 31 59.36 19.77 -36.65
CA GLN D 31 60.75 19.68 -36.21
C GLN D 31 60.83 19.43 -34.70
N LYS D 32 59.93 20.03 -33.92
CA LYS D 32 59.90 19.80 -32.49
C LYS D 32 59.31 18.43 -32.14
N SER D 33 58.40 17.92 -32.97
CA SER D 33 57.80 16.61 -32.70
C SER D 33 58.82 15.50 -32.86
N LEU D 34 59.82 15.71 -33.72
CA LEU D 34 60.90 14.73 -33.84
C LEU D 34 61.76 14.70 -32.58
N ALA D 35 61.83 15.82 -31.87
CA ALA D 35 62.62 15.91 -30.65
C ALA D 35 61.91 15.19 -29.50
N ALA D 36 62.70 14.53 -28.65
CA ALA D 36 62.19 13.73 -27.54
C ALA D 36 62.16 14.60 -26.29
N LEU D 37 61.22 14.28 -25.39
CA LEU D 37 61.08 14.95 -24.11
C LEU D 37 60.74 13.90 -23.06
N LYS D 38 61.71 13.59 -22.20
CA LYS D 38 61.50 12.56 -21.19
C LYS D 38 60.40 12.94 -20.20
N LYS D 39 60.43 14.17 -19.70
CA LYS D 39 59.41 14.60 -18.75
C LYS D 39 58.05 14.74 -19.40
N SER D 40 58.00 15.38 -20.57
CA SER D 40 56.73 15.65 -21.24
C SER D 40 55.93 16.69 -20.47
N ARG D 41 54.60 16.59 -20.53
CA ARG D 41 53.76 17.57 -19.85
C ARG D 41 53.73 17.35 -18.35
N SER D 42 53.85 16.09 -17.90
CA SER D 42 53.81 15.78 -16.48
C SER D 42 52.38 15.84 -15.95
N LYS D 43 51.43 16.25 -16.81
CA LYS D 43 50.03 16.28 -16.41
C LYS D 43 49.40 14.90 -16.39
N GLY D 44 49.87 13.99 -17.22
CA GLY D 44 49.40 12.62 -17.26
C GLY D 44 48.97 12.13 -18.63
N LYS D 45 48.60 13.04 -19.54
CA LYS D 45 48.13 12.66 -20.87
C LYS D 45 48.83 13.42 -21.98
N GLN D 46 50.10 13.77 -21.79
CA GLN D 46 50.84 14.56 -22.77
C GLN D 46 50.99 15.99 -22.30
N ASN D 47 51.62 16.84 -23.12
CA ASN D 47 51.83 18.24 -22.75
C ASN D 47 50.50 18.94 -22.56
N ARG D 48 50.29 19.49 -21.37
CA ARG D 48 49.04 20.16 -21.00
C ARG D 48 47.84 19.27 -21.35
N PRO D 49 47.78 18.05 -20.80
CA PRO D 49 46.87 17.00 -21.31
C PRO D 49 46.20 17.24 -22.66
N TYR D 50 46.99 17.31 -23.72
CA TYR D 50 46.48 17.30 -25.08
C TYR D 50 47.50 16.62 -25.99
N ASN D 51 47.00 16.09 -27.11
CA ASN D 51 47.84 15.44 -28.10
C ASN D 51 47.17 15.56 -29.47
N HIS D 52 47.97 15.41 -30.52
CA HIS D 52 47.51 15.54 -31.89
C HIS D 52 47.83 14.28 -32.70
N PRO D 53 47.09 13.20 -32.48
CA PRO D 53 47.14 12.06 -33.41
C PRO D 53 46.07 12.17 -34.47
N GLU D 54 46.36 11.57 -35.63
CA GLU D 54 45.50 11.52 -36.81
C GLU D 54 45.23 12.90 -37.40
N LEU D 55 45.80 13.96 -36.83
CA LEU D 55 45.71 15.29 -37.41
C LEU D 55 47.06 15.77 -37.94
N GLN D 56 48.14 15.43 -37.25
CA GLN D 56 49.49 15.72 -37.76
C GLN D 56 49.71 15.04 -39.10
N GLY D 57 49.29 13.78 -39.22
CA GLY D 57 49.45 13.07 -40.49
C GLY D 57 48.69 13.72 -41.63
N ILE D 58 47.45 14.14 -41.39
CA ILE D 58 46.64 14.68 -42.46
C ILE D 58 47.06 16.12 -42.80
N THR D 59 47.61 16.85 -41.82
CA THR D 59 48.14 18.18 -42.15
C THR D 59 49.56 18.12 -42.69
N ARG D 60 50.22 16.96 -42.61
CA ARG D 60 51.52 16.80 -43.24
C ARG D 60 51.44 16.21 -44.63
N ASN D 61 50.49 15.32 -44.89
CA ASN D 61 50.39 14.69 -46.20
C ASN D 61 50.07 15.73 -47.28
N VAL D 62 49.07 16.58 -47.03
CA VAL D 62 48.69 17.60 -48.00
C VAL D 62 49.83 18.59 -48.23
N VAL D 63 50.47 19.04 -47.14
CA VAL D 63 51.53 20.01 -47.29
C VAL D 63 52.73 19.40 -48.00
N ASN D 64 52.98 18.10 -47.81
CA ASN D 64 54.04 17.44 -48.55
C ASN D 64 53.71 17.33 -50.04
N TYR D 65 52.45 17.00 -50.34
CA TYR D 65 52.03 16.92 -51.75
C TYR D 65 52.12 18.29 -52.42
N LEU D 66 51.86 19.35 -51.67
CA LEU D 66 52.03 20.69 -52.24
C LEU D 66 53.49 21.11 -52.32
N SER D 67 54.31 20.73 -51.33
CA SER D 67 55.71 21.12 -51.30
C SER D 67 56.54 20.34 -52.32
N ILE D 68 56.03 19.23 -52.83
CA ILE D 68 56.68 18.64 -54.00
C ILE D 68 56.45 19.57 -55.18
N ASN D 69 57.44 19.64 -56.07
CA ASN D 69 57.37 20.56 -57.20
C ASN D 69 56.15 20.26 -58.05
N LYS D 70 55.49 21.32 -58.52
CA LYS D 70 54.37 21.14 -59.43
C LYS D 70 54.85 20.41 -60.67
N ASN D 71 54.04 19.47 -61.15
CA ASN D 71 54.47 18.58 -62.21
C ASN D 71 54.17 19.17 -63.59
N PHE D 72 54.71 20.37 -63.80
CA PHE D 72 54.76 20.94 -65.15
C PHE D 72 55.82 20.27 -65.99
N ILE D 73 56.81 19.64 -65.36
CA ILE D 73 57.83 18.86 -66.04
C ILE D 73 58.38 17.84 -65.05
N ASN D 74 58.99 16.80 -65.58
CA ASN D 74 59.53 15.71 -64.78
C ASN D 74 60.53 16.19 -63.73
N GLU D 91 62.51 23.74 -59.57
CA GLU D 91 63.46 23.77 -58.47
C GLU D 91 62.77 24.06 -57.14
N LYS D 92 61.82 24.98 -57.17
CA LYS D 92 61.13 25.38 -55.95
C LYS D 92 60.20 24.28 -55.47
N SER D 93 59.78 24.39 -54.21
CA SER D 93 58.69 23.54 -53.72
C SER D 93 57.41 23.85 -54.48
N GLY D 94 57.33 25.04 -55.07
CA GLY D 94 56.29 25.34 -56.05
C GLY D 94 55.20 26.28 -55.59
N ILE D 95 54.95 26.33 -54.27
CA ILE D 95 53.85 27.13 -53.74
C ILE D 95 54.40 28.05 -52.65
N SER D 96 55.66 27.85 -52.27
CA SER D 96 56.19 28.46 -51.06
C SER D 96 56.27 29.98 -51.15
N LYS D 97 56.67 30.51 -52.30
CA LYS D 97 57.16 31.89 -52.34
C LYS D 97 56.19 32.91 -52.93
N MET D 98 55.00 32.51 -53.39
CA MET D 98 54.06 33.53 -53.85
C MET D 98 53.47 34.27 -52.66
N SER D 99 53.55 35.59 -52.69
CA SER D 99 53.01 36.42 -51.63
C SER D 99 51.56 36.79 -51.95
N ASP D 100 50.90 37.40 -50.96
CA ASP D 100 49.55 37.89 -51.18
C ASP D 100 49.52 38.97 -52.26
N GLU D 101 50.50 39.87 -52.24
CA GLU D 101 50.60 40.88 -53.30
C GLU D 101 50.99 40.27 -54.64
N SER D 102 51.74 39.15 -54.61
CA SER D 102 52.09 38.50 -55.87
C SER D 102 50.86 37.97 -56.58
N PHE D 103 49.93 37.38 -55.84
CA PHE D 103 48.68 36.93 -56.44
C PHE D 103 47.70 38.08 -56.60
N ALA D 104 47.95 39.19 -55.90
CA ALA D 104 47.06 40.35 -55.95
C ALA D 104 47.44 41.32 -57.06
N GLU D 105 48.59 41.10 -57.69
CA GLU D 105 48.94 41.87 -58.88
C GLU D 105 48.56 41.15 -60.18
N LEU D 106 48.00 39.94 -60.10
CA LEU D 106 47.64 39.15 -61.29
C LEU D 106 46.20 39.36 -61.74
N MET D 107 45.45 40.22 -61.06
CA MET D 107 44.05 40.45 -61.41
C MET D 107 43.91 40.88 -62.86
N THR D 108 44.77 41.79 -63.31
CA THR D 108 44.61 42.41 -64.63
C THR D 108 44.52 41.37 -65.73
N LYS D 109 45.17 40.22 -65.55
CA LYS D 109 45.10 39.15 -66.51
C LYS D 109 44.07 38.09 -66.11
N LEU D 110 44.06 37.70 -64.83
CA LEU D 110 43.22 36.59 -64.40
C LEU D 110 41.74 36.89 -64.60
N ASN D 111 41.31 38.12 -64.31
CA ASN D 111 39.89 38.44 -64.41
C ASN D 111 39.51 39.06 -65.75
N SER D 112 40.48 39.53 -66.53
CA SER D 112 40.19 39.94 -67.90
C SER D 112 40.06 38.72 -68.82
N PHE D 113 40.83 37.68 -68.56
CA PHE D 113 40.63 36.41 -69.27
C PHE D 113 39.24 35.87 -68.93
N LYS D 114 38.49 35.50 -69.96
CA LYS D 114 37.10 35.06 -69.79
C LYS D 114 37.01 33.55 -70.03
N LEU D 115 36.51 32.83 -69.03
CA LEU D 115 36.33 31.40 -69.11
C LEU D 115 34.92 30.95 -68.78
N PHE D 116 34.08 31.82 -68.21
CA PHE D 116 32.72 31.49 -67.80
C PHE D 116 32.68 30.25 -66.90
N LYS D 117 33.67 30.12 -66.03
CA LYS D 117 33.85 28.89 -65.28
C LYS D 117 34.70 29.14 -64.05
N ALA D 118 34.40 28.40 -62.98
CA ALA D 118 35.17 28.45 -61.74
C ALA D 118 36.28 27.42 -61.71
N GLU D 119 36.80 27.04 -62.89
CA GLU D 119 37.89 26.09 -63.00
C GLU D 119 39.25 26.72 -62.75
N LYS D 120 39.28 27.89 -62.10
CA LYS D 120 40.53 28.59 -61.86
C LYS D 120 41.45 27.80 -60.93
N LEU D 121 40.88 27.06 -59.98
CA LEU D 121 41.70 26.33 -59.02
C LEU D 121 42.56 25.27 -59.67
N GLN D 122 42.25 24.86 -60.91
CA GLN D 122 43.03 23.82 -61.57
C GLN D 122 44.37 24.36 -62.06
N ILE D 123 44.39 25.56 -62.64
CA ILE D 123 45.62 26.08 -63.21
C ILE D 123 46.49 26.78 -62.17
N VAL D 124 45.92 27.20 -61.04
CA VAL D 124 46.71 27.90 -60.03
C VAL D 124 47.62 26.97 -59.23
N ASN D 125 47.49 25.66 -59.39
CA ASN D 125 48.35 24.72 -58.69
C ASN D 125 48.89 23.59 -59.54
N GLN D 126 48.43 23.41 -60.78
CA GLN D 126 48.89 22.30 -61.61
C GLN D 126 48.79 22.67 -63.08
N LEU D 127 49.52 21.90 -63.89
CA LEU D 127 49.47 21.91 -65.35
C LEU D 127 49.76 23.26 -66.01
N PRO D 128 50.95 23.83 -65.83
CA PRO D 128 51.38 24.90 -66.75
C PRO D 128 52.25 24.37 -67.88
N ALA D 129 52.61 25.24 -68.82
CA ALA D 129 53.64 25.00 -69.82
C ALA D 129 53.26 23.91 -70.84
N ASN D 130 51.97 23.60 -70.96
CA ASN D 130 51.54 22.69 -72.01
C ASN D 130 50.15 23.10 -72.48
N MET D 131 49.93 23.05 -73.80
CA MET D 131 48.66 23.50 -74.36
C MET D 131 47.54 22.49 -74.11
N VAL D 132 47.88 21.19 -74.11
CA VAL D 132 46.86 20.17 -73.89
C VAL D 132 46.35 20.24 -72.45
N HIS D 133 47.17 20.72 -71.53
CA HIS D 133 46.76 20.80 -70.12
C HIS D 133 45.56 21.71 -69.95
N LEU D 134 45.63 22.92 -70.52
CA LEU D 134 44.46 23.79 -70.49
C LEU D 134 43.34 23.23 -71.36
N TYR D 135 43.70 22.53 -72.44
CA TYR D 135 42.70 21.88 -73.28
C TYR D 135 41.85 20.90 -72.48
N SER D 136 42.43 20.29 -71.44
CA SER D 136 41.67 19.42 -70.55
C SER D 136 41.01 20.18 -69.41
N ILE D 137 41.68 21.21 -68.90
CA ILE D 137 41.14 21.98 -67.77
C ILE D 137 39.85 22.69 -68.17
N VAL D 138 39.83 23.30 -69.36
CA VAL D 138 38.60 23.82 -69.94
C VAL D 138 38.27 22.99 -71.17
N GLU D 139 37.08 22.40 -71.18
CA GLU D 139 36.69 21.50 -72.24
C GLU D 139 36.25 22.27 -73.48
N GLU D 140 36.37 21.63 -74.65
CA GLU D 140 36.03 22.23 -75.92
C GLU D 140 36.78 23.55 -76.12
N CYS D 141 38.05 23.55 -75.71
CA CYS D 141 38.83 24.78 -75.66
C CYS D 141 39.13 25.33 -77.05
N ASP D 142 39.62 24.46 -77.94
CA ASP D 142 40.01 24.93 -79.27
C ASP D 142 38.82 25.44 -80.07
N ALA D 143 37.68 24.74 -79.97
CA ALA D 143 36.48 25.22 -80.65
C ALA D 143 36.02 26.55 -80.07
N ARG D 144 36.16 26.72 -78.75
CA ARG D 144 35.86 28.01 -78.15
C ARG D 144 36.87 29.07 -78.56
N PHE D 145 38.16 28.70 -78.62
CA PHE D 145 39.20 29.60 -79.11
C PHE D 145 40.44 28.80 -79.43
N ASP D 146 40.95 28.97 -80.67
CA ASP D 146 42.17 28.30 -81.10
C ASP D 146 43.04 29.22 -81.97
N GLU D 147 42.89 30.54 -81.84
CA GLU D 147 43.55 31.44 -82.79
C GLU D 147 44.83 32.04 -82.21
N LYS D 148 44.72 32.84 -81.15
CA LYS D 148 45.90 33.36 -80.49
C LYS D 148 45.84 33.35 -78.96
N THR D 149 44.66 33.21 -78.35
CA THR D 149 44.54 33.28 -76.89
C THR D 149 44.83 31.95 -76.22
N ILE D 150 45.94 31.31 -76.55
CA ILE D 150 46.29 29.98 -76.06
C ILE D 150 47.71 29.90 -75.53
N GLU D 151 48.43 31.03 -75.47
CA GLU D 151 49.83 30.99 -75.10
C GLU D 151 50.19 32.01 -74.02
N GLU D 152 49.47 33.14 -73.98
CA GLU D 152 49.77 34.10 -72.93
C GLU D 152 49.27 33.61 -71.58
N MET D 153 48.15 32.89 -71.55
CA MET D 153 47.75 32.20 -70.33
C MET D 153 48.86 31.29 -69.85
N LEU D 154 49.46 30.53 -70.77
CA LEU D 154 50.57 29.66 -70.43
C LEU D 154 51.73 30.45 -69.84
N GLU D 155 52.13 31.53 -70.52
CA GLU D 155 53.26 32.34 -70.07
C GLU D 155 53.02 32.91 -68.68
N ILE D 156 51.77 33.26 -68.37
CA ILE D 156 51.50 33.97 -67.12
C ILE D 156 51.30 33.00 -65.96
N ILE D 157 50.57 31.90 -66.19
CA ILE D 157 50.46 30.90 -65.13
C ILE D 157 51.80 30.22 -64.93
N SER D 158 52.71 30.35 -65.88
CA SER D 158 54.11 29.97 -65.72
C SER D 158 54.98 31.16 -65.34
N GLY D 159 54.37 32.31 -65.05
CA GLY D 159 55.14 33.46 -64.60
C GLY D 159 55.87 33.19 -63.29
N TYR D 160 55.24 32.41 -62.41
CA TYR D 160 55.93 31.99 -61.19
C TYR D 160 56.99 30.94 -61.47
N ALA D 161 56.93 30.27 -62.62
CA ALA D 161 57.92 29.26 -62.97
C ALA D 161 59.24 29.92 -63.36
N MET E 1 -57.04 24.05 -0.24
CA MET E 1 -56.91 24.79 1.01
C MET E 1 -56.27 26.15 0.77
N ASP E 2 -55.94 26.84 1.87
CA ASP E 2 -55.33 28.17 1.78
C ASP E 2 -53.83 28.16 2.07
N GLN E 3 -53.35 27.25 2.92
CA GLN E 3 -51.93 27.21 3.23
C GLN E 3 -51.10 26.87 1.99
N GLU E 4 -51.56 25.89 1.21
CA GLU E 4 -50.85 25.55 -0.02
C GLU E 4 -50.81 26.74 -0.97
N ASN E 5 -51.93 27.43 -1.12
CA ASN E 5 -51.97 28.56 -2.06
C ASN E 5 -51.06 29.70 -1.59
N GLU E 6 -51.06 30.00 -0.29
CA GLU E 6 -50.22 31.10 0.19
C GLU E 6 -48.74 30.74 0.12
N ARG E 7 -48.39 29.49 0.41
CA ARG E 7 -47.00 29.08 0.24
C ARG E 7 -46.60 29.13 -1.23
N ASN E 8 -47.52 28.75 -2.13
CA ASN E 8 -47.22 28.80 -3.56
C ASN E 8 -47.03 30.22 -4.04
N ILE E 9 -47.86 31.16 -3.56
CA ILE E 9 -47.71 32.54 -4.01
C ILE E 9 -46.41 33.13 -3.48
N SER E 10 -46.07 32.82 -2.23
CA SER E 10 -44.79 33.29 -1.68
C SER E 10 -43.61 32.71 -2.45
N ARG E 11 -43.68 31.41 -2.79
CA ARG E 11 -42.59 30.76 -3.51
C ARG E 11 -42.44 31.33 -4.92
N LEU E 12 -43.56 31.58 -5.60
CA LEU E 12 -43.49 32.17 -6.94
C LEU E 12 -42.96 33.59 -6.87
N TRP E 13 -43.35 34.35 -5.85
CA TRP E 13 -42.78 35.68 -5.64
C TRP E 13 -41.27 35.61 -5.45
N ARG E 14 -40.80 34.68 -4.64
CA ARG E 14 -39.37 34.53 -4.40
C ARG E 14 -38.63 34.14 -5.67
N ALA E 15 -39.17 33.19 -6.44
CA ALA E 15 -38.54 32.78 -7.69
C ALA E 15 -38.51 33.93 -8.70
N PHE E 16 -39.59 34.73 -8.74
CA PHE E 16 -39.62 35.90 -9.61
C PHE E 16 -38.55 36.90 -9.21
N ARG E 17 -38.38 37.13 -7.91
CA ARG E 17 -37.30 38.01 -7.46
C ARG E 17 -35.94 37.45 -7.86
N THR E 18 -35.77 36.13 -7.74
CA THR E 18 -34.49 35.52 -8.10
C THR E 18 -34.18 35.70 -9.58
N VAL E 19 -35.18 35.50 -10.45
CA VAL E 19 -34.90 35.66 -11.88
C VAL E 19 -34.69 37.13 -12.22
N LYS E 20 -35.37 38.05 -11.54
CA LYS E 20 -35.08 39.47 -11.76
C LYS E 20 -33.64 39.79 -11.39
N GLU E 21 -33.17 39.26 -10.26
CA GLU E 21 -31.77 39.47 -9.87
C GLU E 21 -30.81 38.84 -10.88
N MET E 22 -31.13 37.63 -11.34
CA MET E 22 -30.26 36.93 -12.29
C MET E 22 -30.15 37.70 -13.60
N VAL E 23 -31.26 38.27 -14.07
CA VAL E 23 -31.21 39.07 -15.29
C VAL E 23 -30.47 40.38 -15.03
N LYS E 24 -30.66 40.98 -13.85
CA LYS E 24 -30.02 42.26 -13.56
C LYS E 24 -28.51 42.14 -13.52
N ASP E 25 -28.00 41.09 -12.87
CA ASP E 25 -26.55 40.95 -12.79
C ASP E 25 -25.95 40.23 -13.99
N ARG E 26 -26.76 39.60 -14.84
CA ARG E 26 -26.32 39.19 -16.16
C ARG E 26 -26.06 40.38 -17.07
N GLY E 27 -26.63 41.54 -16.73
CA GLY E 27 -26.45 42.79 -17.43
C GLY E 27 -27.62 43.07 -18.33
N TYR E 28 -28.59 43.82 -17.82
CA TYR E 28 -29.85 44.10 -18.51
C TYR E 28 -30.52 45.28 -17.82
N PHE E 29 -31.61 45.77 -18.42
CA PHE E 29 -32.31 46.94 -17.90
C PHE E 29 -33.36 46.50 -16.88
N ILE E 30 -32.89 46.26 -15.66
CA ILE E 30 -33.74 45.97 -14.51
C ILE E 30 -33.21 46.73 -13.31
N THR E 31 -34.07 47.47 -12.63
CA THR E 31 -33.63 48.25 -11.48
C THR E 31 -34.37 47.80 -10.22
N GLN E 32 -34.11 48.52 -9.14
CA GLN E 32 -34.52 48.07 -7.80
C GLN E 32 -36.02 48.10 -7.63
N GLU E 33 -36.74 48.87 -8.45
CA GLU E 33 -38.19 48.95 -8.30
C GLU E 33 -38.86 47.64 -8.71
N GLU E 34 -38.43 47.05 -9.82
CA GLU E 34 -38.94 45.76 -10.25
C GLU E 34 -38.10 44.59 -9.75
N VAL E 35 -37.01 44.85 -9.03
CA VAL E 35 -36.35 43.77 -8.28
C VAL E 35 -37.03 43.60 -6.94
N GLU E 36 -36.99 44.65 -6.11
CA GLU E 36 -37.55 44.60 -4.76
C GLU E 36 -39.06 44.77 -4.84
N LEU E 37 -39.73 43.66 -5.16
CA LEU E 37 -41.18 43.64 -5.26
C LEU E 37 -41.75 42.90 -4.06
N PRO E 38 -42.51 43.56 -3.19
CA PRO E 38 -43.08 42.87 -2.04
C PRO E 38 -44.09 41.81 -2.46
N LEU E 39 -44.30 40.84 -1.57
CA LEU E 39 -45.27 39.78 -1.85
C LEU E 39 -46.67 40.35 -2.01
N GLU E 40 -47.01 41.38 -1.23
CA GLU E 40 -48.32 42.00 -1.37
C GLU E 40 -48.49 42.65 -2.75
N ASP E 41 -47.45 43.33 -3.24
CA ASP E 41 -47.53 43.90 -4.59
C ASP E 41 -47.55 42.82 -5.66
N PHE E 42 -46.85 41.70 -5.43
CA PHE E 42 -46.93 40.56 -6.34
C PHE E 42 -48.36 40.03 -6.42
N LYS E 43 -49.03 39.94 -5.27
CA LYS E 43 -50.44 39.57 -5.26
C LYS E 43 -51.29 40.61 -5.97
N ALA E 44 -50.99 41.89 -5.77
CA ALA E 44 -51.78 42.94 -6.39
C ALA E 44 -51.69 42.89 -7.90
N LYS E 45 -50.50 42.66 -8.44
CA LYS E 45 -50.28 42.74 -9.89
C LYS E 45 -50.45 41.39 -10.59
N TYR E 46 -49.60 40.42 -10.22
CA TYR E 46 -49.61 39.12 -10.95
C TYR E 46 -50.46 38.06 -10.24
N CYS E 47 -51.50 38.48 -9.51
CA CYS E 47 -52.43 37.48 -8.91
C CYS E 47 -53.86 37.91 -9.23
N ASP E 48 -54.66 37.00 -9.81
CA ASP E 48 -56.05 37.35 -10.23
C ASP E 48 -56.92 37.54 -8.99
N SER E 49 -58.12 38.10 -9.18
CA SER E 49 -59.06 38.28 -8.04
C SER E 49 -59.33 36.91 -7.39
N MET E 50 -59.34 35.85 -8.20
CA MET E 50 -59.53 34.48 -7.65
C MET E 50 -58.38 34.18 -6.68
N GLY E 51 -57.17 34.63 -7.00
CA GLY E 51 -56.01 34.43 -6.11
C GLY E 51 -55.01 33.42 -6.65
N ARG E 52 -55.46 32.56 -7.56
CA ARG E 52 -54.56 31.50 -8.12
C ARG E 52 -53.43 32.17 -8.90
N PRO E 53 -52.14 31.93 -8.55
CA PRO E 53 -51.02 32.60 -9.21
C PRO E 53 -50.97 32.24 -10.70
N GLN E 54 -51.00 33.25 -11.58
CA GLN E 54 -50.93 33.00 -13.04
C GLN E 54 -49.48 33.23 -13.50
N ARG E 55 -49.02 32.47 -14.50
CA ARG E 55 -47.63 32.60 -14.92
C ARG E 55 -47.52 32.90 -16.41
N LYS E 56 -48.31 33.87 -16.86
CA LYS E 56 -48.26 34.32 -18.24
C LYS E 56 -48.05 35.82 -18.40
N MET E 57 -48.66 36.64 -17.53
CA MET E 57 -48.57 38.08 -17.71
C MET E 57 -47.49 38.74 -16.87
N MET E 58 -46.63 37.95 -16.22
CA MET E 58 -45.40 38.46 -15.65
C MET E 58 -44.18 38.06 -16.47
N SER E 59 -44.36 37.32 -17.55
CA SER E 59 -43.28 37.11 -18.51
C SER E 59 -42.96 38.44 -19.18
N PHE E 60 -41.70 38.85 -19.12
CA PHE E 60 -41.32 40.21 -19.45
C PHE E 60 -40.13 40.23 -20.39
N GLN E 61 -39.81 41.44 -20.86
CA GLN E 61 -38.74 41.69 -21.81
C GLN E 61 -37.57 42.36 -21.09
N ALA E 62 -36.37 41.84 -21.33
CA ALA E 62 -35.15 42.40 -20.74
C ALA E 62 -34.23 42.90 -21.86
N ASN E 63 -33.79 44.15 -21.73
CA ASN E 63 -32.91 44.77 -22.71
C ASN E 63 -31.53 45.02 -22.13
N PRO E 64 -30.48 44.94 -22.93
CA PRO E 64 -29.13 45.21 -22.43
C PRO E 64 -28.97 46.66 -22.02
N THR E 65 -28.11 46.88 -21.04
CA THR E 65 -27.77 48.24 -20.61
C THR E 65 -26.63 48.79 -21.46
N GLU E 66 -26.38 50.09 -21.32
CA GLU E 66 -25.32 50.73 -22.08
C GLU E 66 -23.96 50.14 -21.74
N GLU E 67 -23.69 49.93 -20.45
CA GLU E 67 -22.43 49.33 -20.04
C GLU E 67 -22.32 47.89 -20.54
N SER E 68 -23.39 47.11 -20.40
CA SER E 68 -23.37 45.73 -20.86
C SER E 68 -23.19 45.64 -22.36
N ILE E 69 -23.92 46.47 -23.11
CA ILE E 69 -23.81 46.42 -24.57
C ILE E 69 -22.45 46.94 -25.03
N SER E 70 -21.85 47.86 -24.28
CA SER E 70 -20.53 48.37 -24.65
C SER E 70 -19.45 47.33 -24.40
N LYS E 71 -19.51 46.65 -23.26
CA LYS E 71 -18.56 45.57 -23.00
C LYS E 71 -18.75 44.44 -23.99
N PHE E 72 -20.00 44.00 -24.15
CA PHE E 72 -20.31 42.88 -25.08
C PHE E 72 -21.24 43.41 -26.19
N PRO E 73 -20.70 43.78 -27.37
CA PRO E 73 -21.52 44.37 -28.44
C PRO E 73 -22.61 43.40 -28.94
N ASP E 74 -22.33 42.10 -28.94
CA ASP E 74 -23.31 41.10 -29.46
C ASP E 74 -24.14 40.53 -28.31
N MET E 75 -25.24 41.19 -27.94
CA MET E 75 -26.12 40.67 -26.90
C MET E 75 -27.52 41.20 -27.15
N GLY E 76 -28.44 40.33 -27.57
CA GLY E 76 -29.80 40.73 -27.84
C GLY E 76 -30.67 40.75 -26.60
N SER E 77 -31.95 41.07 -26.81
CA SER E 77 -32.89 41.16 -25.72
C SER E 77 -33.23 39.77 -25.17
N LEU E 78 -33.78 39.76 -23.96
CA LEU E 78 -34.07 38.53 -23.23
C LEU E 78 -35.57 38.36 -23.04
N TRP E 79 -36.05 37.13 -23.25
CA TRP E 79 -37.44 36.77 -23.00
C TRP E 79 -37.48 35.73 -21.90
N VAL E 80 -37.97 36.11 -20.73
CA VAL E 80 -38.13 35.21 -19.60
C VAL E 80 -39.58 34.76 -19.59
N GLU E 81 -39.80 33.46 -19.77
CA GLU E 81 -41.15 32.91 -19.85
C GLU E 81 -41.35 31.88 -18.75
N PHE E 82 -42.52 31.89 -18.13
CA PHE E 82 -42.85 30.97 -17.06
C PHE E 82 -43.86 29.95 -17.58
N CYS E 83 -43.57 28.66 -17.38
CA CYS E 83 -44.52 27.60 -17.79
C CYS E 83 -45.64 27.50 -16.76
N ASP E 84 -46.68 26.70 -17.04
CA ASP E 84 -47.79 26.52 -16.06
C ASP E 84 -48.05 25.03 -15.85
N GLU E 85 -47.75 24.20 -16.86
CA GLU E 85 -48.00 22.74 -16.75
C GLU E 85 -46.82 22.09 -16.01
N PRO E 86 -47.07 21.19 -15.02
CA PRO E 86 -46.00 20.54 -14.27
C PRO E 86 -45.04 19.79 -15.21
N SER E 87 -45.58 19.03 -16.16
CA SER E 87 -44.74 18.32 -17.14
C SER E 87 -44.89 18.99 -18.52
N VAL E 88 -43.87 19.76 -18.93
CA VAL E 88 -43.97 20.53 -20.21
C VAL E 88 -43.92 19.54 -21.39
N GLY E 89 -44.68 19.81 -22.45
CA GLY E 89 -44.68 18.98 -23.63
C GLY E 89 -43.99 19.63 -24.83
N VAL E 90 -44.02 18.89 -25.93
CA VAL E 90 -43.36 19.34 -27.16
C VAL E 90 -44.06 20.58 -27.72
N LYS E 91 -45.40 20.62 -27.63
CA LYS E 91 -46.16 21.69 -28.24
C LYS E 91 -45.79 23.06 -27.67
N THR E 92 -45.77 23.18 -26.34
CA THR E 92 -45.43 24.46 -25.73
C THR E 92 -43.98 24.84 -25.96
N MET E 93 -43.07 23.85 -25.99
CA MET E 93 -41.69 24.15 -26.34
C MET E 93 -41.60 24.64 -27.78
N LYS E 94 -42.36 24.03 -28.69
CA LYS E 94 -42.37 24.49 -30.08
C LYS E 94 -42.89 25.92 -30.18
N THR E 95 -43.96 26.25 -29.45
CA THR E 95 -44.49 27.62 -29.54
C THR E 95 -43.53 28.62 -28.90
N PHE E 96 -42.80 28.21 -27.86
CA PHE E 96 -41.77 29.07 -27.30
C PHE E 96 -40.66 29.34 -28.31
N VAL E 97 -40.20 28.30 -29.01
CA VAL E 97 -39.18 28.47 -30.04
C VAL E 97 -39.71 29.35 -31.17
N ILE E 98 -40.98 29.21 -31.52
CA ILE E 98 -41.58 30.06 -32.53
C ILE E 98 -41.57 31.51 -32.08
N HIS E 99 -41.90 31.77 -30.82
CA HIS E 99 -41.86 33.12 -30.28
C HIS E 99 -40.44 33.69 -30.34
N ILE E 100 -39.45 32.89 -29.98
CA ILE E 100 -38.06 33.34 -30.02
C ILE E 100 -37.68 33.72 -31.45
N GLN E 101 -37.98 32.85 -32.41
CA GLN E 101 -37.61 33.10 -33.81
C GLN E 101 -38.34 34.33 -34.34
N GLU E 102 -39.61 34.51 -33.99
CA GLU E 102 -40.41 35.58 -34.58
C GLU E 102 -40.13 36.93 -33.94
N LYS E 103 -39.63 36.96 -32.70
CA LYS E 103 -39.28 38.21 -32.05
C LYS E 103 -37.79 38.49 -32.06
N ASN E 104 -36.98 37.59 -32.62
CA ASN E 104 -35.54 37.80 -32.77
C ASN E 104 -34.88 38.06 -31.41
N PHE E 105 -35.05 37.08 -30.53
CA PHE E 105 -34.57 37.16 -29.16
C PHE E 105 -33.32 36.30 -29.04
N GLN E 106 -32.21 36.91 -28.61
CA GLN E 106 -30.92 36.20 -28.60
C GLN E 106 -31.00 35.04 -27.61
N THR E 107 -31.79 35.18 -26.56
CA THR E 107 -31.96 34.08 -25.64
C THR E 107 -33.32 34.14 -24.97
N GLY E 108 -33.75 33.00 -24.46
CA GLY E 108 -35.04 32.87 -23.80
C GLY E 108 -34.94 31.96 -22.59
N ILE E 109 -35.45 32.43 -21.45
CA ILE E 109 -35.40 31.69 -20.20
C ILE E 109 -36.74 31.02 -19.97
N PHE E 110 -36.71 29.70 -19.76
CA PHE E 110 -37.90 28.88 -19.60
C PHE E 110 -37.85 28.29 -18.20
N VAL E 111 -38.66 28.83 -17.30
CA VAL E 111 -38.72 28.39 -15.91
C VAL E 111 -39.99 27.55 -15.77
N TYR E 112 -39.84 26.22 -15.83
CA TYR E 112 -41.01 25.36 -15.78
C TYR E 112 -41.44 25.13 -14.33
N GLN E 113 -42.47 24.30 -14.16
CA GLN E 113 -43.13 24.15 -12.87
C GLN E 113 -42.58 22.99 -12.06
N ASN E 114 -42.72 21.76 -12.58
CA ASN E 114 -42.37 20.57 -11.81
C ASN E 114 -41.28 19.75 -12.48
N ASN E 115 -41.39 19.44 -13.76
CA ASN E 115 -40.41 18.63 -14.43
C ASN E 115 -40.45 18.88 -15.94
N ILE E 116 -39.42 18.38 -16.63
CA ILE E 116 -39.21 18.62 -18.04
C ILE E 116 -39.24 17.29 -18.78
N THR E 117 -39.92 17.27 -19.93
CA THR E 117 -40.10 16.02 -20.66
C THR E 117 -38.76 15.49 -21.17
N PRO E 118 -38.60 14.17 -21.24
CA PRO E 118 -37.37 13.61 -21.81
C PRO E 118 -37.14 14.03 -23.25
N SER E 119 -38.20 14.21 -24.04
CA SER E 119 -38.06 14.60 -25.45
C SER E 119 -37.48 16.00 -25.61
N ALA E 120 -37.42 16.79 -24.53
CA ALA E 120 -36.92 18.15 -24.64
C ALA E 120 -35.47 18.20 -25.08
N MET E 121 -34.64 17.27 -24.59
CA MET E 121 -33.21 17.34 -24.89
C MET E 121 -32.89 17.06 -26.36
N LYS E 122 -33.84 16.54 -27.14
CA LYS E 122 -33.68 16.52 -28.58
C LYS E 122 -34.13 17.83 -29.22
N LEU E 123 -35.02 18.57 -28.57
CA LEU E 123 -35.73 19.68 -29.19
C LEU E 123 -35.13 21.04 -28.86
N VAL E 124 -34.60 21.21 -27.65
CA VAL E 124 -34.09 22.51 -27.21
C VAL E 124 -32.78 22.90 -27.89
N PRO E 125 -31.85 21.97 -28.27
CA PRO E 125 -30.57 22.45 -28.81
C PRO E 125 -30.62 22.82 -30.28
N SER E 126 -31.84 22.98 -30.84
CA SER E 126 -32.01 23.34 -32.25
C SER E 126 -32.54 24.77 -32.32
N ILE E 127 -31.62 25.73 -32.22
CA ILE E 127 -31.86 27.15 -32.48
C ILE E 127 -30.54 27.84 -32.82
N PRO E 128 -30.27 28.08 -34.09
CA PRO E 128 -28.99 28.71 -34.49
C PRO E 128 -28.85 30.12 -33.93
N PRO E 129 -29.79 31.05 -34.21
CA PRO E 129 -29.52 32.45 -33.84
C PRO E 129 -29.57 32.71 -32.34
N ALA E 130 -30.10 31.79 -31.55
CA ALA E 130 -30.41 32.06 -30.17
C ALA E 130 -30.04 30.85 -29.31
N THR E 131 -30.51 30.86 -28.07
CA THR E 131 -30.34 29.76 -27.13
C THR E 131 -31.47 29.82 -26.12
N ILE E 132 -31.68 28.71 -25.42
CA ILE E 132 -32.72 28.60 -24.42
C ILE E 132 -32.11 28.08 -23.13
N GLU E 133 -32.33 28.80 -22.03
CA GLU E 133 -31.89 28.38 -20.70
C GLU E 133 -33.07 27.79 -19.96
N THR E 134 -32.97 26.51 -19.61
CA THR E 134 -34.08 25.77 -19.02
C THR E 134 -33.90 25.74 -17.51
N PHE E 135 -34.94 26.18 -16.79
CA PHE E 135 -34.86 26.39 -15.35
C PHE E 135 -36.05 25.76 -14.64
N ASN E 136 -35.88 25.54 -13.35
CA ASN E 136 -36.92 25.01 -12.47
C ASN E 136 -37.23 26.05 -11.39
N GLU E 137 -38.51 26.22 -11.08
CA GLU E 137 -38.91 27.24 -10.11
C GLU E 137 -38.38 26.93 -8.72
N ALA E 138 -38.30 25.65 -8.36
CA ALA E 138 -37.74 25.28 -7.07
C ALA E 138 -36.22 25.42 -7.07
N ALA E 139 -35.58 25.23 -8.22
CA ALA E 139 -34.13 25.36 -8.32
C ALA E 139 -33.66 26.80 -8.24
N LEU E 140 -34.57 27.78 -8.33
CA LEU E 140 -34.23 29.18 -8.19
C LEU E 140 -35.15 29.89 -7.20
N VAL E 141 -35.58 29.18 -6.16
CA VAL E 141 -36.29 29.84 -5.06
C VAL E 141 -35.36 30.82 -4.36
N VAL E 142 -34.13 30.40 -4.10
CA VAL E 142 -33.08 31.26 -3.55
C VAL E 142 -31.94 31.29 -4.56
N ASN E 143 -31.47 32.49 -4.87
CA ASN E 143 -30.38 32.63 -5.83
C ASN E 143 -29.06 32.35 -5.11
N ILE E 144 -28.29 31.41 -5.66
CA ILE E 144 -27.10 30.90 -4.99
C ILE E 144 -26.01 31.96 -4.90
N THR E 145 -26.02 32.95 -5.79
CA THR E 145 -25.00 33.98 -5.78
C THR E 145 -25.11 34.90 -4.57
N HIS E 146 -26.18 34.79 -3.79
CA HIS E 146 -26.29 35.48 -2.51
C HIS E 146 -25.81 34.63 -1.34
N HIS E 147 -25.39 33.39 -1.59
CA HIS E 147 -24.92 32.52 -0.52
C HIS E 147 -23.56 32.99 -0.02
N GLU E 148 -23.34 32.85 1.28
CA GLU E 148 -22.08 33.24 1.90
C GLU E 148 -20.90 32.42 1.38
N LEU E 149 -21.17 31.27 0.77
CA LEU E 149 -20.12 30.35 0.35
C LEU E 149 -19.80 30.45 -1.14
N VAL E 150 -20.45 31.34 -1.87
CA VAL E 150 -20.24 31.50 -3.31
C VAL E 150 -19.50 32.80 -3.54
N PRO E 151 -18.27 32.77 -4.03
CA PRO E 151 -17.56 34.02 -4.36
C PRO E 151 -18.17 34.70 -5.58
N LYS E 152 -17.92 36.01 -5.67
CA LYS E 152 -18.46 36.79 -6.77
C LYS E 152 -17.83 36.38 -8.10
N HIS E 153 -18.64 35.80 -8.97
CA HIS E 153 -18.20 35.45 -10.32
C HIS E 153 -18.43 36.62 -11.26
N ILE E 154 -17.39 37.03 -11.97
CA ILE E 154 -17.48 38.09 -12.96
C ILE E 154 -17.10 37.52 -14.31
N ARG E 155 -18.03 37.58 -15.27
CA ARG E 155 -17.77 37.09 -16.60
C ARG E 155 -16.99 38.14 -17.40
N LEU E 156 -15.99 37.67 -18.13
CA LEU E 156 -15.10 38.54 -18.88
C LEU E 156 -15.51 38.59 -20.34
N SER E 157 -15.30 39.75 -20.96
CA SER E 157 -15.54 39.89 -22.39
C SER E 157 -14.45 39.16 -23.16
N SER E 158 -14.59 39.14 -24.49
CA SER E 158 -13.57 38.51 -25.33
C SER E 158 -12.24 39.26 -25.24
N ASP E 159 -12.29 40.59 -25.24
CA ASP E 159 -11.07 41.39 -25.09
C ASP E 159 -10.42 41.10 -23.75
N GLU E 160 -11.21 41.01 -22.68
CA GLU E 160 -10.67 40.72 -21.36
C GLU E 160 -10.06 39.32 -21.30
N LYS E 161 -10.71 38.34 -21.94
CA LYS E 161 -10.15 36.99 -21.97
C LYS E 161 -8.83 36.96 -22.73
N ARG E 162 -8.76 37.67 -23.86
CA ARG E 162 -7.50 37.75 -24.60
C ARG E 162 -6.42 38.42 -23.77
N GLU E 163 -6.77 39.48 -23.03
CA GLU E 163 -5.80 40.17 -22.20
C GLU E 163 -5.30 39.27 -21.08
N LEU E 164 -6.19 38.46 -20.49
CA LEU E 164 -5.77 37.54 -19.44
C LEU E 164 -4.87 36.44 -19.99
N LEU E 165 -5.25 35.87 -21.13
CA LEU E 165 -4.45 34.79 -21.72
C LEU E 165 -3.10 35.27 -22.22
N LYS E 166 -2.90 36.58 -22.34
CA LYS E 166 -1.62 37.13 -22.76
C LYS E 166 -0.77 37.59 -21.58
N ARG E 167 -1.41 38.19 -20.56
CA ARG E 167 -0.69 38.57 -19.36
C ARG E 167 -0.06 37.37 -18.67
N TYR E 168 -0.70 36.20 -18.75
CA TYR E 168 -0.16 34.98 -18.20
C TYR E 168 0.49 34.08 -19.24
N ARG E 169 0.47 34.48 -20.51
CA ARG E 169 1.03 33.70 -21.62
C ARG E 169 0.46 32.28 -21.61
N LEU E 170 -0.85 32.20 -21.74
CA LEU E 170 -1.59 30.97 -21.51
C LEU E 170 -2.38 30.55 -22.74
N LYS E 171 -2.69 29.26 -22.80
CA LYS E 171 -3.74 28.73 -23.66
C LYS E 171 -4.98 28.48 -22.82
N GLU E 172 -6.11 28.26 -23.49
CA GLU E 172 -7.36 28.03 -22.77
C GLU E 172 -7.32 26.71 -22.01
N SER E 173 -6.68 25.68 -22.59
CA SER E 173 -6.66 24.37 -21.94
C SER E 173 -5.90 24.40 -20.63
N GLN E 174 -4.95 25.30 -20.48
CA GLN E 174 -4.19 25.43 -19.23
C GLN E 174 -4.99 26.09 -18.12
N LEU E 175 -6.09 26.76 -18.45
CA LEU E 175 -6.90 27.41 -17.43
C LEU E 175 -7.64 26.39 -16.58
N PRO E 176 -7.93 26.71 -15.33
CA PRO E 176 -8.89 25.90 -14.57
C PRO E 176 -10.28 26.02 -15.19
N ARG E 177 -11.06 24.96 -15.03
CA ARG E 177 -12.33 24.85 -15.73
C ARG E 177 -13.50 25.09 -14.77
N ILE E 178 -14.61 25.55 -15.34
CA ILE E 178 -15.91 25.53 -14.69
C ILE E 178 -16.87 24.80 -15.63
N GLN E 179 -17.62 23.85 -15.08
CA GLN E 179 -18.45 22.99 -15.91
C GLN E 179 -19.58 23.76 -16.57
N ARG E 180 -19.93 23.33 -17.78
CA ARG E 180 -21.25 23.64 -18.31
C ARG E 180 -22.30 23.02 -17.40
N ALA E 181 -23.39 23.75 -17.18
CA ALA E 181 -24.43 23.39 -16.23
C ALA E 181 -23.94 23.46 -14.78
N ASP E 182 -22.89 24.24 -14.52
CA ASP E 182 -22.53 24.53 -13.14
C ASP E 182 -23.55 25.50 -12.56
N PRO E 183 -23.91 25.36 -11.28
CA PRO E 183 -24.98 26.20 -10.73
C PRO E 183 -24.76 27.68 -10.90
N VAL E 184 -23.53 28.17 -10.76
CA VAL E 184 -23.27 29.58 -10.98
C VAL E 184 -23.14 29.88 -12.48
N ALA E 185 -22.58 28.94 -13.24
CA ALA E 185 -22.44 29.15 -14.68
C ALA E 185 -23.81 29.28 -15.35
N LEU E 186 -24.77 28.46 -14.93
CA LEU E 186 -26.13 28.60 -15.45
C LEU E 186 -26.75 29.93 -15.04
N TYR E 187 -26.49 30.36 -13.80
CA TYR E 187 -27.01 31.65 -13.32
C TYR E 187 -26.51 32.79 -14.19
N LEU E 188 -25.26 32.72 -14.64
CA LEU E 188 -24.66 33.79 -15.42
C LEU E 188 -24.81 33.59 -16.93
N GLY E 189 -25.40 32.47 -17.36
CA GLY E 189 -25.52 32.21 -18.78
C GLY E 189 -24.19 32.05 -19.48
N LEU E 190 -23.26 31.31 -18.87
CA LEU E 190 -21.95 31.12 -19.45
C LEU E 190 -22.01 30.13 -20.61
N LYS E 191 -21.09 30.30 -21.56
CA LYS E 191 -20.96 29.45 -22.73
C LYS E 191 -19.55 28.86 -22.77
N ARG E 192 -19.38 27.85 -23.61
CA ARG E 192 -18.08 27.22 -23.76
C ARG E 192 -17.05 28.26 -24.20
N GLY E 193 -15.91 28.26 -23.52
CA GLY E 193 -14.85 29.21 -23.81
C GLY E 193 -14.99 30.56 -23.17
N GLU E 194 -16.00 30.76 -22.33
CA GLU E 194 -16.21 32.05 -21.66
C GLU E 194 -15.51 32.02 -20.31
N VAL E 195 -14.62 32.98 -20.09
CA VAL E 195 -13.82 33.05 -18.87
C VAL E 195 -14.55 33.87 -17.83
N VAL E 196 -14.60 33.37 -16.60
CA VAL E 196 -15.19 34.08 -15.48
C VAL E 196 -14.09 34.44 -14.49
N LYS E 197 -14.13 35.68 -14.01
CA LYS E 197 -13.20 36.12 -12.97
C LYS E 197 -13.84 35.87 -11.60
N ILE E 198 -13.19 35.06 -10.78
CA ILE E 198 -13.71 34.67 -9.48
C ILE E 198 -12.98 35.48 -8.42
N ILE E 199 -13.74 36.30 -7.69
CA ILE E 199 -13.20 37.08 -6.58
C ILE E 199 -13.48 36.30 -5.32
N ARG E 200 -12.48 35.58 -4.83
CA ARG E 200 -12.60 34.79 -3.62
C ARG E 200 -11.86 35.46 -2.48
N LYS E 201 -12.35 35.25 -1.26
CA LYS E 201 -11.81 35.87 -0.07
C LYS E 201 -11.27 34.79 0.86
N SER E 202 -10.04 34.99 1.33
CA SER E 202 -9.37 34.04 2.22
C SER E 202 -9.02 34.73 3.53
N GLU E 203 -9.00 33.93 4.60
CA GLU E 203 -8.80 34.49 5.94
C GLU E 203 -7.34 34.91 6.15
N THR E 204 -6.39 34.13 5.64
CA THR E 204 -4.98 34.38 5.88
C THR E 204 -4.28 35.01 4.68
N SER E 205 -4.99 35.27 3.59
CA SER E 205 -4.39 35.91 2.43
C SER E 205 -5.26 37.02 1.85
N GLY E 206 -6.40 37.31 2.44
CA GLY E 206 -7.22 38.42 1.99
C GLY E 206 -7.98 38.12 0.71
N ARG E 207 -8.38 39.19 0.05
CA ARG E 207 -9.17 39.11 -1.18
C ARG E 207 -8.24 38.98 -2.39
N TYR E 208 -8.48 37.94 -3.19
CA TYR E 208 -7.68 37.70 -4.38
C TYR E 208 -8.55 37.10 -5.47
N ALA E 209 -8.06 37.15 -6.69
CA ALA E 209 -8.82 36.74 -7.87
C ALA E 209 -8.26 35.45 -8.45
N SER E 210 -9.17 34.59 -8.90
CA SER E 210 -8.84 33.40 -9.69
C SER E 210 -9.69 33.42 -10.95
N TYR E 211 -9.37 32.53 -11.88
CA TYR E 211 -10.04 32.50 -13.17
C TYR E 211 -10.42 31.07 -13.55
N ARG E 212 -11.61 30.92 -14.11
CA ARG E 212 -12.07 29.65 -14.64
C ARG E 212 -12.66 29.85 -16.02
N ILE E 213 -12.48 28.85 -16.88
CA ILE E 213 -13.00 28.89 -18.24
C ILE E 213 -14.10 27.83 -18.36
N CYS E 214 -15.21 28.21 -18.99
CA CYS E 214 -16.31 27.29 -19.19
C CYS E 214 -15.99 26.32 -20.32
N MET E 215 -16.25 25.04 -20.09
CA MET E 215 -16.01 24.01 -21.10
C MET E 215 -17.32 23.40 -21.57
N GLU F 71 11.56 29.23 -26.63
CA GLU F 71 12.81 29.21 -27.38
C GLU F 71 13.38 30.62 -27.51
N LYS F 72 12.57 31.62 -27.20
CA LYS F 72 12.97 33.02 -27.33
C LYS F 72 13.41 33.59 -26.00
N ALA F 73 14.67 34.02 -25.94
CA ALA F 73 15.27 34.51 -24.70
C ALA F 73 14.76 35.90 -24.39
N ILE F 74 14.24 36.09 -23.18
CA ILE F 74 13.84 37.41 -22.72
C ILE F 74 15.11 38.22 -22.52
N PRO F 75 15.27 39.35 -23.22
CA PRO F 75 16.53 40.09 -23.16
C PRO F 75 16.84 40.60 -21.77
N LYS F 76 18.14 40.81 -21.52
CA LYS F 76 18.61 41.10 -20.17
C LYS F 76 17.98 42.36 -19.57
N ASP F 77 17.57 43.32 -20.42
CA ASP F 77 17.11 44.60 -19.89
C ASP F 77 15.81 44.46 -19.10
N GLN F 78 14.91 43.58 -19.52
CA GLN F 78 13.70 43.29 -18.77
C GLN F 78 13.72 41.81 -18.36
N ARG F 79 13.41 41.53 -17.10
CA ARG F 79 13.40 40.16 -16.60
C ARG F 79 12.38 40.05 -15.49
N ALA F 80 11.36 39.22 -15.72
CA ALA F 80 10.22 39.16 -14.80
C ALA F 80 10.54 38.37 -13.53
N THR F 81 11.36 37.33 -13.64
CA THR F 81 11.57 36.43 -12.51
C THR F 81 12.38 37.13 -11.41
N THR F 82 12.39 36.49 -10.25
CA THR F 82 12.96 37.12 -9.06
C THR F 82 14.46 37.35 -9.23
N PRO F 83 14.99 38.45 -8.72
CA PRO F 83 16.44 38.68 -8.78
C PRO F 83 17.23 37.98 -7.69
N TYR F 84 16.59 37.13 -6.89
CA TYR F 84 17.23 36.41 -5.81
C TYR F 84 17.48 34.97 -6.20
N MET F 85 18.64 34.44 -5.81
CA MET F 85 18.92 33.03 -6.01
C MET F 85 18.04 32.20 -5.08
N THR F 86 17.36 31.21 -5.64
CA THR F 86 16.55 30.32 -4.82
C THR F 86 17.44 29.27 -4.17
N LYS F 87 16.89 28.58 -3.17
CA LYS F 87 17.64 27.53 -2.51
C LYS F 87 17.98 26.40 -3.48
N TYR F 88 17.04 26.08 -4.36
CA TYR F 88 17.29 25.06 -5.38
C TYR F 88 18.38 25.50 -6.35
N GLU F 89 18.35 26.77 -6.75
CA GLU F 89 19.39 27.27 -7.64
C GLU F 89 20.76 27.24 -6.96
N ARG F 90 20.82 27.60 -5.68
CA ARG F 90 22.09 27.55 -4.96
C ARG F 90 22.60 26.12 -4.83
N ALA F 91 21.72 25.18 -4.48
CA ALA F 91 22.14 23.80 -4.34
C ALA F 91 22.62 23.23 -5.67
N ARG F 92 21.91 23.53 -6.75
CA ARG F 92 22.31 23.01 -8.06
C ARG F 92 23.60 23.65 -8.54
N ILE F 93 23.77 24.96 -8.31
CA ILE F 93 25.01 25.62 -8.71
C ILE F 93 26.19 25.03 -7.94
N LEU F 94 26.03 24.83 -6.63
CA LEU F 94 27.10 24.23 -5.85
C LEU F 94 27.42 22.83 -6.33
N GLY F 95 26.38 22.02 -6.61
CA GLY F 95 26.63 20.67 -7.09
C GLY F 95 27.34 20.65 -8.43
N THR F 96 26.89 21.50 -9.36
CA THR F 96 27.49 21.54 -10.69
C THR F 96 28.95 22.01 -10.63
N ARG F 97 29.20 23.07 -9.86
CA ARG F 97 30.56 23.58 -9.74
C ARG F 97 31.47 22.57 -9.04
N ALA F 98 30.95 21.89 -8.01
CA ALA F 98 31.73 20.88 -7.32
C ALA F 98 32.04 19.70 -8.23
N LEU F 99 31.08 19.30 -9.06
CA LEU F 99 31.33 18.24 -10.04
C LEU F 99 32.41 18.66 -11.03
N GLN F 100 32.33 19.91 -11.52
CA GLN F 100 33.35 20.42 -12.43
C GLN F 100 34.72 20.40 -11.78
N ILE F 101 34.81 20.86 -10.54
CA ILE F 101 36.09 20.87 -9.82
C ILE F 101 36.61 19.44 -9.63
N SER F 102 35.71 18.52 -9.26
CA SER F 102 36.09 17.11 -9.15
C SER F 102 36.57 16.55 -10.48
N MET F 103 36.14 17.15 -11.58
CA MET F 103 36.70 16.83 -12.90
C MET F 103 37.89 17.71 -13.25
N ASN F 104 38.62 18.18 -12.24
CA ASN F 104 39.86 18.95 -12.42
C ASN F 104 39.62 20.25 -13.20
N ALA F 105 38.52 20.93 -12.90
CA ALA F 105 38.33 22.25 -13.49
C ALA F 105 39.10 23.30 -12.67
N PRO F 106 39.69 24.29 -13.32
CA PRO F 106 40.41 25.33 -12.58
C PRO F 106 39.47 26.13 -11.69
N VAL F 107 39.99 26.51 -10.52
CA VAL F 107 39.22 27.29 -9.56
C VAL F 107 39.79 28.70 -9.51
N PHE F 108 38.96 29.64 -9.05
CA PHE F 108 39.30 31.05 -9.03
C PHE F 108 39.30 31.62 -7.62
N VAL F 109 39.56 30.77 -6.61
CA VAL F 109 39.62 31.19 -5.22
C VAL F 109 40.87 30.61 -4.59
N ASP F 110 41.22 31.16 -3.43
CA ASP F 110 42.36 30.67 -2.65
C ASP F 110 41.90 29.50 -1.79
N LEU F 111 42.39 28.30 -2.10
CA LEU F 111 41.96 27.11 -1.37
C LEU F 111 42.34 27.18 0.10
N GLU F 112 43.56 27.64 0.40
CA GLU F 112 44.10 27.61 1.75
C GLU F 112 44.10 26.18 2.31
N GLY F 113 44.44 25.22 1.45
CA GLY F 113 44.52 23.83 1.85
C GLY F 113 43.27 23.00 1.63
N GLU F 114 42.21 23.59 1.08
CA GLU F 114 40.96 22.86 0.89
C GLU F 114 41.10 21.91 -0.30
N THR F 115 40.69 20.66 -0.09
CA THR F 115 40.73 19.64 -1.13
C THR F 115 39.34 19.17 -1.54
N ASP F 116 38.30 19.53 -0.81
CA ASP F 116 36.95 19.06 -1.11
C ASP F 116 36.34 19.91 -2.21
N PRO F 117 35.89 19.31 -3.31
CA PRO F 117 35.25 20.11 -4.37
C PRO F 117 34.04 20.88 -3.90
N LEU F 118 33.22 20.31 -3.02
CA LEU F 118 32.05 21.03 -2.52
C LEU F 118 32.45 22.23 -1.68
N ARG F 119 33.47 22.09 -0.83
CA ARG F 119 33.92 23.20 -0.02
C ARG F 119 34.57 24.29 -0.87
N ILE F 120 35.34 23.89 -1.90
CA ILE F 120 35.91 24.87 -2.81
C ILE F 120 34.81 25.61 -3.56
N ALA F 121 33.76 24.89 -3.97
CA ALA F 121 32.64 25.53 -4.65
C ALA F 121 31.91 26.49 -3.72
N MET F 122 31.76 26.12 -2.44
CA MET F 122 31.16 27.03 -1.47
C MET F 122 31.98 28.30 -1.31
N LYS F 123 33.31 28.15 -1.26
CA LYS F 123 34.18 29.33 -1.19
C LYS F 123 34.04 30.18 -2.45
N GLU F 124 33.94 29.54 -3.62
CA GLU F 124 33.74 30.28 -4.87
C GLU F 124 32.43 31.05 -4.85
N LEU F 125 31.37 30.42 -4.35
CA LEU F 125 30.07 31.09 -4.25
C LEU F 125 30.14 32.25 -3.27
N ALA F 126 30.90 32.10 -2.18
CA ALA F 126 31.07 33.19 -1.23
C ALA F 126 31.79 34.37 -1.87
N GLU F 127 32.88 34.10 -2.60
CA GLU F 127 33.56 35.16 -3.33
C GLU F 127 32.84 35.51 -4.63
N LYS F 128 31.68 34.92 -4.88
CA LYS F 128 30.84 35.27 -6.02
C LYS F 128 31.59 35.10 -7.34
N LYS F 129 32.34 34.00 -7.44
CA LYS F 129 33.23 33.78 -8.57
C LYS F 129 32.93 32.48 -9.32
N ILE F 130 31.74 31.92 -9.15
CA ILE F 130 31.35 30.72 -9.88
C ILE F 130 30.96 31.13 -11.29
N PRO F 131 31.61 30.60 -12.33
CA PRO F 131 31.32 31.01 -13.72
C PRO F 131 30.21 30.19 -14.36
N LEU F 132 29.00 30.36 -13.84
CA LEU F 132 27.82 29.71 -14.40
C LEU F 132 26.68 30.71 -14.45
N VAL F 133 25.73 30.44 -15.34
CA VAL F 133 24.54 31.27 -15.51
C VAL F 133 23.31 30.39 -15.37
N ILE F 134 22.30 30.88 -14.67
CA ILE F 134 21.07 30.15 -14.44
C ILE F 134 20.07 30.47 -15.53
N ARG F 135 19.55 29.45 -16.20
CA ARG F 135 18.57 29.60 -17.26
C ARG F 135 17.21 29.22 -16.68
N ARG F 136 16.38 30.23 -16.42
CA ARG F 136 15.06 30.01 -15.83
C ARG F 136 14.04 29.98 -16.95
N TYR F 137 13.60 28.78 -17.33
CA TYR F 137 12.55 28.64 -18.32
C TYR F 137 11.21 28.99 -17.70
N LEU F 138 10.44 29.81 -18.40
CA LEU F 138 9.08 30.12 -17.99
C LEU F 138 8.15 29.01 -18.49
N PRO F 139 6.96 28.90 -17.90
CA PRO F 139 6.01 27.89 -18.39
C PRO F 139 5.60 28.08 -19.83
N ASP F 140 5.68 29.30 -20.36
CA ASP F 140 5.32 29.55 -21.76
C ASP F 140 6.42 29.15 -22.75
N GLY F 141 7.46 28.46 -22.29
CA GLY F 141 8.50 27.96 -23.15
C GLY F 141 9.70 28.87 -23.30
N SER F 142 9.58 30.15 -22.93
CA SER F 142 10.68 31.08 -23.03
C SER F 142 11.59 30.94 -21.82
N PHE F 143 12.59 31.82 -21.73
CA PHE F 143 13.56 31.76 -20.63
C PHE F 143 14.28 33.09 -20.53
N GLU F 144 14.94 33.29 -19.40
CA GLU F 144 15.86 34.41 -19.22
C GLU F 144 17.06 33.93 -18.42
N ASP F 145 18.22 34.51 -18.73
CA ASP F 145 19.48 34.09 -18.14
C ASP F 145 19.86 35.01 -17.00
N TRP F 146 20.30 34.39 -15.89
CA TRP F 146 20.75 35.12 -14.70
C TRP F 146 22.13 34.59 -14.33
N SER F 147 23.16 35.42 -14.53
CA SER F 147 24.49 35.02 -14.12
C SER F 147 24.54 34.83 -12.61
N VAL F 148 25.38 33.90 -12.15
CA VAL F 148 25.43 33.61 -10.73
C VAL F 148 25.83 34.86 -9.94
N GLU F 149 26.75 35.65 -10.49
CA GLU F 149 27.18 36.87 -9.80
C GLU F 149 26.03 37.85 -9.61
N GLU F 150 25.19 38.03 -10.63
CA GLU F 150 24.13 39.03 -10.55
C GLU F 150 22.92 38.55 -9.74
N LEU F 151 22.79 37.25 -9.50
CA LEU F 151 21.79 36.76 -8.56
C LEU F 151 22.28 37.00 -7.14
N ILE F 152 21.44 37.63 -6.32
CA ILE F 152 21.85 38.05 -4.99
C ILE F 152 21.29 37.08 -3.96
N VAL F 153 22.02 36.93 -2.86
CA VAL F 153 21.65 36.01 -1.79
C VAL F 153 21.44 36.80 -0.51
N PHE G 2 40.01 21.08 -53.00
CA PHE G 2 39.85 21.67 -51.68
C PHE G 2 38.70 22.68 -51.66
N ILE G 3 37.63 22.34 -50.95
CA ILE G 3 36.45 23.20 -50.85
C ILE G 3 35.99 23.22 -49.39
N LEU G 4 35.53 24.38 -48.95
CA LEU G 4 34.97 24.50 -47.61
C LEU G 4 33.59 23.84 -47.57
N SER G 5 33.09 23.67 -46.34
CA SER G 5 31.74 23.20 -46.11
C SER G 5 31.38 23.53 -44.67
N LYS G 6 30.16 24.05 -44.46
CA LYS G 6 29.74 24.45 -43.13
C LYS G 6 28.95 23.33 -42.47
N ILE G 7 29.33 22.99 -41.25
CA ILE G 7 28.74 21.89 -40.50
C ILE G 7 28.32 22.42 -39.13
N ALA G 8 27.15 22.00 -38.66
CA ALA G 8 26.65 22.32 -37.34
C ALA G 8 26.81 21.09 -36.46
N ASP G 9 27.41 21.25 -35.28
CA ASP G 9 27.67 20.12 -34.41
C ASP G 9 27.66 20.56 -32.96
N LEU G 10 27.53 19.58 -32.08
CA LEU G 10 27.55 19.77 -30.63
C LEU G 10 28.85 19.21 -30.10
N VAL G 11 29.70 20.08 -29.55
CA VAL G 11 30.97 19.68 -28.98
C VAL G 11 30.86 19.69 -27.47
N ARG G 12 31.63 18.82 -26.82
CA ARG G 12 31.61 18.66 -25.37
C ARG G 12 32.99 19.02 -24.84
N ILE G 13 33.09 20.17 -24.17
CA ILE G 13 34.35 20.63 -23.58
C ILE G 13 34.42 20.10 -22.16
N PRO G 14 35.39 19.24 -21.83
CA PRO G 14 35.51 18.74 -20.46
C PRO G 14 35.94 19.85 -19.53
N PRO G 15 35.65 19.72 -18.22
CA PRO G 15 36.13 20.73 -17.26
C PRO G 15 37.64 20.82 -17.19
N ASP G 16 38.37 19.81 -17.66
CA ASP G 16 39.82 19.91 -17.74
C ASP G 16 40.23 21.06 -18.66
N GLN G 17 39.49 21.25 -19.75
CA GLN G 17 39.85 22.21 -20.80
C GLN G 17 39.09 23.53 -20.66
N PHE G 18 38.57 23.84 -19.47
CA PHE G 18 37.93 25.13 -19.27
C PHE G 18 38.95 26.26 -19.20
N HIS G 19 40.21 25.97 -18.88
CA HIS G 19 41.20 27.03 -18.74
C HIS G 19 41.63 27.57 -20.09
N ARG G 20 41.87 26.70 -21.08
CA ARG G 20 42.25 27.17 -22.40
C ARG G 20 41.10 27.94 -23.04
N ASP G 21 41.45 28.90 -23.89
CA ASP G 21 40.42 29.73 -24.51
C ASP G 21 39.45 28.87 -25.29
N THR G 22 38.16 29.23 -25.19
CA THR G 22 37.09 28.36 -25.67
C THR G 22 37.17 28.16 -27.18
N ILE G 23 37.70 29.14 -27.92
CA ILE G 23 37.90 28.96 -29.36
C ILE G 23 38.81 27.77 -29.62
N SER G 24 39.96 27.74 -28.94
CA SER G 24 40.89 26.63 -29.12
C SER G 24 40.31 25.33 -28.59
N ALA G 25 39.58 25.38 -27.48
CA ALA G 25 38.97 24.15 -26.96
C ALA G 25 37.97 23.56 -27.95
N ILE G 26 37.10 24.40 -28.51
CA ILE G 26 36.12 23.93 -29.47
C ILE G 26 36.81 23.42 -30.73
N THR G 27 37.82 24.14 -31.22
CA THR G 27 38.54 23.70 -32.41
C THR G 27 39.24 22.37 -32.15
N HIS G 28 39.82 22.19 -30.96
CA HIS G 28 40.46 20.94 -30.62
C HIS G 28 39.47 19.78 -30.60
N GLN G 29 38.30 19.99 -29.99
CA GLN G 29 37.29 18.94 -29.98
C GLN G 29 36.82 18.62 -31.39
N LEU G 30 36.60 19.65 -32.21
CA LEU G 30 36.17 19.43 -33.59
C LEU G 30 37.25 18.71 -34.39
N ASN G 31 38.52 18.95 -34.07
CA ASN G 31 39.60 18.22 -34.72
C ASN G 31 39.59 16.75 -34.31
N ASN G 32 39.51 16.48 -33.00
CA ASN G 32 39.45 15.09 -32.56
C ASN G 32 38.22 14.37 -33.09
N LYS G 33 37.19 15.11 -33.51
CA LYS G 33 36.06 14.45 -34.17
C LYS G 33 36.19 14.40 -35.69
N PHE G 34 37.02 15.26 -36.29
CA PHE G 34 37.17 15.32 -37.75
C PHE G 34 38.63 15.48 -38.13
N ALA G 35 39.53 14.73 -37.48
CA ALA G 35 40.96 14.90 -37.76
C ALA G 35 41.32 14.41 -39.15
N ASN G 36 41.16 13.11 -39.39
CA ASN G 36 41.34 12.51 -40.71
C ASN G 36 40.09 11.77 -41.15
N LYS G 37 38.95 12.09 -40.55
CA LYS G 37 37.73 11.34 -40.76
C LYS G 37 37.09 11.71 -42.10
N ILE G 38 36.32 10.78 -42.63
CA ILE G 38 35.52 10.99 -43.83
C ILE G 38 34.09 11.29 -43.39
N ILE G 39 33.56 12.43 -43.80
CA ILE G 39 32.16 12.71 -43.50
C ILE G 39 31.29 11.82 -44.40
N PRO G 40 30.26 11.16 -43.88
CA PRO G 40 29.38 10.37 -44.75
C PRO G 40 28.80 11.21 -45.87
N ASN G 41 28.93 10.69 -47.11
CA ASN G 41 28.45 11.29 -48.34
C ASN G 41 28.67 12.81 -48.43
N VAL G 42 29.76 13.29 -47.83
CA VAL G 42 30.18 14.68 -48.03
C VAL G 42 31.64 14.81 -48.42
N GLY G 43 32.52 13.85 -48.08
CA GLY G 43 33.89 13.88 -48.51
C GLY G 43 34.82 13.48 -47.39
N LEU G 44 36.08 13.90 -47.53
CA LEU G 44 37.12 13.64 -46.55
C LEU G 44 37.49 14.94 -45.85
N CYS G 45 37.57 14.91 -44.53
CA CYS G 45 37.87 16.09 -43.73
C CYS G 45 39.37 16.15 -43.44
N ILE G 46 39.98 17.29 -43.77
CA ILE G 46 41.38 17.52 -43.42
C ILE G 46 41.50 18.16 -42.05
N THR G 47 40.79 19.25 -41.82
CA THR G 47 40.81 20.00 -40.57
C THR G 47 39.64 20.98 -40.58
N ILE G 48 39.55 21.82 -39.56
CA ILE G 48 38.50 22.82 -39.42
C ILE G 48 39.08 24.18 -39.76
N TYR G 49 38.38 24.91 -40.63
CA TYR G 49 38.88 26.22 -41.06
C TYR G 49 38.75 27.25 -39.94
N ASP G 50 37.53 27.51 -39.49
CA ASP G 50 37.28 28.48 -38.42
C ASP G 50 35.93 28.16 -37.79
N LEU G 51 35.47 29.05 -36.91
CA LEU G 51 34.21 28.88 -36.21
C LEU G 51 33.30 30.08 -36.48
N LEU G 52 31.99 29.83 -36.48
CA LEU G 52 31.05 30.92 -36.86
C LEU G 52 30.06 31.20 -35.72
N THR G 53 29.15 30.26 -35.45
CA THR G 53 28.16 30.43 -34.36
C THR G 53 28.58 29.57 -33.17
N VAL G 54 29.01 30.21 -32.07
CA VAL G 54 29.36 29.46 -30.83
C VAL G 54 28.30 29.79 -29.77
N GLU G 55 27.28 28.93 -29.65
CA GLU G 55 26.23 29.15 -28.66
C GLU G 55 26.77 28.94 -27.25
N GLU G 56 26.05 29.48 -26.27
CA GLU G 56 26.42 29.30 -24.88
C GLU G 56 26.38 27.83 -24.50
N GLY G 57 27.44 27.35 -23.86
CA GLY G 57 27.52 25.94 -23.50
C GLY G 57 26.55 25.61 -22.38
N GLN G 58 25.81 24.51 -22.57
CA GLN G 58 24.82 24.06 -21.61
C GLN G 58 25.24 22.74 -20.99
N LEU G 59 24.82 22.52 -19.75
CA LEU G 59 25.23 21.37 -18.97
C LEU G 59 24.04 20.46 -18.70
N LYS G 60 24.19 19.18 -19.02
CA LYS G 60 23.22 18.21 -18.56
C LYS G 60 23.41 17.98 -17.06
N PRO G 61 22.35 17.61 -16.34
CA PRO G 61 22.42 17.57 -14.87
C PRO G 61 23.39 16.54 -14.30
N GLY G 62 24.15 15.83 -15.14
CA GLY G 62 25.00 14.79 -14.61
C GLY G 62 26.46 14.80 -15.04
N ASP G 63 26.81 15.58 -16.06
CA ASP G 63 28.14 15.50 -16.63
C ASP G 63 29.08 16.56 -16.04
N GLY G 64 28.69 17.83 -16.08
CA GLY G 64 29.56 18.91 -15.70
C GLY G 64 30.35 19.51 -16.84
N SER G 65 30.49 18.79 -17.95
CA SER G 65 31.13 19.33 -19.13
C SER G 65 30.22 20.35 -19.81
N SER G 66 30.84 21.21 -20.61
CA SER G 66 30.11 22.22 -21.38
C SER G 66 29.81 21.68 -22.77
N TYR G 67 28.53 21.58 -23.10
CA TYR G 67 28.11 21.14 -24.42
C TYR G 67 27.73 22.36 -25.25
N ILE G 68 28.47 22.59 -26.33
CA ILE G 68 28.36 23.81 -27.11
C ILE G 68 27.82 23.47 -28.49
N ASN G 69 26.71 24.09 -28.87
CA ASN G 69 26.23 24.04 -30.25
C ASN G 69 27.10 24.96 -31.08
N VAL G 70 27.81 24.40 -32.07
CA VAL G 70 28.78 25.16 -32.85
C VAL G 70 28.55 24.89 -34.33
N THR G 71 28.61 25.94 -35.13
CA THR G 71 28.69 25.84 -36.58
C THR G 71 30.09 26.23 -37.01
N PHE G 72 30.63 25.52 -37.99
CA PHE G 72 32.00 25.75 -38.39
C PHE G 72 32.17 25.43 -39.86
N ARG G 73 33.20 26.03 -40.45
CA ARG G 73 33.60 25.73 -41.82
C ARG G 73 34.81 24.82 -41.78
N ALA G 74 34.80 23.77 -42.59
CA ALA G 74 35.87 22.78 -42.61
C ALA G 74 36.30 22.54 -44.04
N VAL G 75 37.55 22.11 -44.20
CA VAL G 75 38.12 21.88 -45.52
C VAL G 75 37.87 20.43 -45.92
N VAL G 76 37.16 20.25 -47.03
CA VAL G 76 36.81 18.92 -47.55
C VAL G 76 37.37 18.80 -48.96
N PHE G 77 38.03 17.69 -49.25
CA PHE G 77 38.65 17.43 -50.55
C PHE G 77 37.58 16.87 -51.48
N LYS G 78 37.02 17.72 -52.34
CA LYS G 78 35.88 17.35 -53.19
C LYS G 78 36.08 17.74 -54.64
N PRO G 79 36.86 16.97 -55.40
CA PRO G 79 36.85 17.12 -56.87
C PRO G 79 35.46 16.77 -57.40
N PHE G 80 35.02 17.48 -58.45
CA PHE G 80 33.65 17.25 -58.96
C PHE G 80 33.57 16.61 -60.34
N LEU G 81 34.06 17.27 -61.38
CA LEU G 81 34.08 16.66 -62.71
C LEU G 81 35.34 16.96 -63.51
N GLY G 82 35.94 18.13 -63.29
CA GLY G 82 37.00 18.59 -64.15
C GLY G 82 38.30 18.83 -63.42
N GLU G 83 38.62 17.94 -62.49
CA GLU G 83 39.78 18.10 -61.63
C GLU G 83 40.94 17.26 -62.15
N ILE G 84 42.14 17.82 -62.03
CA ILE G 84 43.37 17.16 -62.44
C ILE G 84 44.24 16.96 -61.20
N VAL G 85 44.67 15.73 -60.97
CA VAL G 85 45.49 15.40 -59.82
C VAL G 85 46.72 14.62 -60.29
N THR G 86 47.78 14.69 -59.49
CA THR G 86 49.01 13.96 -59.74
C THR G 86 49.10 12.85 -58.70
N GLY G 87 48.46 11.72 -59.00
CA GLY G 87 48.50 10.59 -58.09
C GLY G 87 49.78 9.80 -58.20
N TRP G 88 50.04 9.00 -57.17
CA TRP G 88 51.25 8.17 -57.08
C TRP G 88 50.82 6.72 -56.91
N ILE G 89 50.83 5.99 -58.02
CA ILE G 89 50.40 4.59 -58.02
C ILE G 89 51.30 3.77 -57.11
N SER G 90 50.71 2.81 -56.41
CA SER G 90 51.45 2.02 -55.43
C SER G 90 51.19 0.51 -55.59
N LYS G 91 50.06 0.16 -56.19
CA LYS G 91 49.69 -1.23 -56.42
C LYS G 91 49.16 -1.38 -57.84
N CYS G 92 49.44 -2.52 -58.45
CA CYS G 92 48.99 -2.83 -59.81
C CYS G 92 48.32 -4.21 -59.80
N THR G 93 47.02 -4.24 -60.12
CA THR G 93 46.27 -5.46 -60.23
C THR G 93 45.58 -5.49 -61.59
N ALA G 94 45.31 -6.69 -62.09
CA ALA G 94 44.75 -6.83 -63.44
C ALA G 94 43.25 -6.60 -63.45
N GLU G 95 42.80 -5.50 -62.81
CA GLU G 95 41.40 -5.09 -62.89
C GLU G 95 41.26 -3.58 -62.95
N GLY G 96 42.34 -2.83 -63.17
CA GLY G 96 42.31 -1.39 -63.00
C GLY G 96 43.32 -0.99 -61.95
N ILE G 97 44.24 -0.09 -62.30
CA ILE G 97 45.42 0.13 -61.46
C ILE G 97 45.03 0.83 -60.16
N LYS G 98 45.62 0.35 -59.06
CA LYS G 98 45.36 0.89 -57.72
C LYS G 98 46.22 2.14 -57.52
N VAL G 99 45.75 3.24 -58.11
CA VAL G 99 46.41 4.52 -57.90
C VAL G 99 46.29 4.92 -56.43
N SER G 100 47.31 5.63 -55.94
CA SER G 100 47.43 5.94 -54.53
C SER G 100 47.94 7.36 -54.35
N LEU G 101 47.78 7.88 -53.15
CA LEU G 101 48.32 9.17 -52.74
C LEU G 101 49.37 8.94 -51.65
N LEU G 102 49.93 10.04 -51.14
CA LEU G 102 50.97 9.94 -50.12
C LEU G 102 50.38 9.75 -48.73
N GLY G 103 49.50 8.75 -48.61
CA GLY G 103 48.89 8.42 -47.33
C GLY G 103 47.61 9.19 -47.01
N ILE G 104 47.11 10.01 -47.93
CA ILE G 104 45.90 10.78 -47.68
C ILE G 104 44.69 9.85 -47.76
N PHE G 105 44.47 9.28 -48.94
CA PHE G 105 43.42 8.30 -49.15
C PHE G 105 43.72 7.60 -50.48
N ASP G 106 43.80 6.26 -50.43
CA ASP G 106 44.43 5.52 -51.50
C ASP G 106 43.59 4.36 -52.03
N ASP G 107 42.33 4.26 -51.62
CA ASP G 107 41.47 3.15 -52.04
C ASP G 107 40.72 3.43 -53.33
N ILE G 108 40.97 4.58 -53.98
CA ILE G 108 40.29 4.90 -55.22
C ILE G 108 40.79 3.99 -56.34
N PHE G 109 39.89 3.65 -57.26
CA PHE G 109 40.20 2.76 -58.38
C PHE G 109 39.83 3.44 -59.69
N ILE G 110 40.53 3.07 -60.75
CA ILE G 110 40.27 3.57 -62.09
C ILE G 110 40.12 2.37 -63.02
N PRO G 111 38.95 2.16 -63.62
CA PRO G 111 38.78 1.03 -64.55
C PRO G 111 39.48 1.28 -65.87
N GLN G 112 39.78 0.17 -66.56
CA GLN G 112 40.52 0.23 -67.82
C GLN G 112 39.65 0.68 -68.99
N ASN G 113 38.34 0.35 -68.97
CA ASN G 113 37.49 0.67 -70.11
C ASN G 113 37.38 2.17 -70.31
N MET G 114 37.25 2.93 -69.23
CA MET G 114 37.28 4.38 -69.32
C MET G 114 38.70 4.90 -69.51
N LEU G 115 39.70 4.08 -69.17
CA LEU G 115 41.10 4.40 -69.40
C LEU G 115 41.40 4.21 -70.89
N PHE G 116 42.68 4.31 -71.26
CA PHE G 116 43.06 4.14 -72.67
C PHE G 116 42.62 2.78 -73.18
N GLU G 117 42.07 2.78 -74.41
CA GLU G 117 41.43 1.59 -74.94
C GLU G 117 42.44 0.44 -75.11
N GLY G 118 43.63 0.74 -75.62
CA GLY G 118 44.58 -0.30 -75.96
C GLY G 118 45.24 -0.97 -74.77
N CYS G 119 45.28 -0.31 -73.62
CA CYS G 119 45.95 -0.86 -72.45
C CYS G 119 45.26 -2.12 -71.98
N TYR G 120 46.00 -3.23 -71.91
CA TYR G 120 45.48 -4.51 -71.49
C TYR G 120 46.40 -5.13 -70.46
N TYR G 121 45.82 -5.93 -69.56
CA TYR G 121 46.57 -6.61 -68.52
C TYR G 121 46.93 -8.02 -68.95
N THR G 122 47.95 -8.57 -68.31
CA THR G 122 48.46 -9.89 -68.68
C THR G 122 48.70 -10.75 -67.46
N PRO G 123 48.54 -12.07 -67.59
CA PRO G 123 48.87 -12.96 -66.47
C PRO G 123 50.37 -13.10 -66.22
N GLU G 124 51.20 -12.81 -67.22
CA GLU G 124 52.64 -12.93 -67.10
C GLU G 124 53.30 -11.68 -66.54
N GLU G 125 52.50 -10.70 -66.12
CA GLU G 125 52.98 -9.47 -65.50
C GLU G 125 53.81 -8.64 -66.48
N SER G 126 53.22 -8.32 -67.62
CA SER G 126 53.79 -7.35 -68.56
C SER G 126 53.13 -6.00 -68.32
N ALA G 127 53.91 -4.93 -68.48
CA ALA G 127 53.46 -3.60 -68.10
C ALA G 127 52.22 -3.17 -68.88
N TRP G 128 52.37 -2.95 -70.18
CA TRP G 128 51.28 -2.50 -71.03
C TRP G 128 51.58 -2.91 -72.46
N ILE G 129 50.52 -3.00 -73.27
CA ILE G 129 50.65 -3.20 -74.70
C ILE G 129 49.93 -2.06 -75.41
N TRP G 130 50.62 -1.43 -76.36
CA TRP G 130 50.10 -0.27 -77.06
C TRP G 130 50.32 -0.46 -78.55
N PRO G 131 49.46 0.13 -79.40
CA PRO G 131 49.62 0.00 -80.85
C PRO G 131 50.84 0.76 -81.37
N LYS G 137 52.24 3.53 -78.33
CA LYS G 137 53.63 3.18 -78.58
C LYS G 137 54.48 3.41 -77.33
N LEU G 138 53.86 3.98 -76.30
CA LEU G 138 54.53 4.27 -75.04
C LEU G 138 53.66 3.77 -73.89
N TYR G 139 54.30 3.46 -72.77
CA TYR G 139 53.61 2.97 -71.59
C TYR G 139 54.36 3.44 -70.34
N PHE G 140 54.02 2.86 -69.20
CA PHE G 140 54.60 3.27 -67.93
C PHE G 140 54.69 2.09 -66.98
N ASP G 141 55.57 2.21 -65.99
CA ASP G 141 55.73 1.23 -64.92
C ASP G 141 54.98 1.73 -63.68
N VAL G 142 55.15 0.99 -62.58
CA VAL G 142 54.47 1.31 -61.33
C VAL G 142 55.31 2.30 -60.54
N ASN G 143 54.67 2.91 -59.53
CA ASN G 143 55.30 3.90 -58.65
C ASN G 143 55.89 5.06 -59.46
N GLU G 144 55.00 5.76 -60.17
CA GLU G 144 55.41 6.87 -61.02
C GLU G 144 54.22 7.81 -61.18
N LYS G 145 54.50 9.00 -61.70
CA LYS G 145 53.48 10.02 -61.89
C LYS G 145 52.31 9.50 -62.72
N ILE G 146 51.16 10.14 -62.54
CA ILE G 146 49.94 9.79 -63.26
C ILE G 146 49.10 11.06 -63.40
N ARG G 147 48.09 11.00 -64.25
CA ARG G 147 47.14 12.09 -64.41
C ARG G 147 45.83 11.53 -64.92
N PHE G 148 44.72 11.96 -64.35
CA PHE G 148 43.41 11.43 -64.70
C PHE G 148 42.36 12.47 -64.34
N ARG G 149 41.09 12.06 -64.34
CA ARG G 149 39.96 12.93 -64.10
C ARG G 149 39.11 12.36 -62.97
N ILE G 150 38.00 13.05 -62.68
CA ILE G 150 36.96 12.54 -61.79
C ILE G 150 35.63 12.74 -62.50
N GLU G 151 34.81 11.68 -62.57
CA GLU G 151 33.55 11.75 -63.30
C GLU G 151 32.34 11.58 -62.37
N ARG G 152 32.27 10.48 -61.63
CA ARG G 152 31.13 10.21 -60.77
C ARG G 152 31.63 9.78 -59.39
N GLU G 153 30.84 10.08 -58.38
CA GLU G 153 31.19 9.79 -56.99
C GLU G 153 30.14 8.84 -56.41
N VAL G 154 30.60 7.70 -55.89
CA VAL G 154 29.73 6.73 -55.24
C VAL G 154 30.16 6.64 -53.79
N PHE G 155 29.29 7.06 -52.88
CA PHE G 155 29.57 7.05 -51.45
C PHE G 155 29.04 5.74 -50.88
N VAL G 156 29.94 4.86 -50.46
CA VAL G 156 29.53 3.60 -49.86
C VAL G 156 29.03 3.88 -48.44
N ASP G 157 27.72 3.97 -48.29
CA ASP G 157 27.09 4.28 -47.01
C ASP G 157 26.14 3.18 -46.59
N VAL G 158 26.55 1.93 -46.76
CA VAL G 158 25.78 0.76 -46.36
C VAL G 158 26.64 -0.07 -45.42
N LYS G 159 26.08 -0.43 -44.27
CA LYS G 159 26.80 -1.25 -43.31
C LYS G 159 25.83 -1.96 -42.37
N PRO G 160 25.12 -2.99 -42.85
CA PRO G 160 24.21 -3.79 -41.99
C PRO G 160 24.91 -5.00 -41.38
N LYS G 161 25.65 -4.75 -40.31
CA LYS G 161 26.51 -5.77 -39.70
C LYS G 161 25.88 -6.26 -38.40
N SER G 162 25.63 -7.57 -38.32
CA SER G 162 25.08 -8.18 -37.11
C SER G 162 26.20 -8.53 -36.14
N PRO G 163 25.95 -8.39 -34.84
CA PRO G 163 27.02 -8.68 -33.86
C PRO G 163 27.54 -10.10 -33.91
N LYS G 164 26.68 -11.09 -34.17
CA LYS G 164 27.16 -12.47 -34.26
C LYS G 164 28.05 -12.66 -35.50
N GLU G 165 27.68 -12.05 -36.62
CA GLU G 165 28.52 -12.10 -37.81
C GLU G 165 29.86 -11.42 -37.54
N ARG G 166 29.84 -10.29 -36.83
CA ARG G 166 31.09 -9.63 -36.45
C ARG G 166 31.94 -10.54 -35.56
N GLU G 167 31.30 -11.25 -34.64
CA GLU G 167 32.03 -12.17 -33.77
C GLU G 167 32.68 -13.28 -34.57
N LEU G 168 31.96 -13.84 -35.54
CA LEU G 168 32.56 -14.86 -36.40
C LEU G 168 33.73 -14.28 -37.21
N GLU G 169 33.57 -13.07 -37.72
CA GLU G 169 34.64 -12.42 -38.47
C GLU G 169 35.88 -12.21 -37.60
N GLU G 170 35.68 -11.77 -36.36
CA GLU G 170 36.80 -11.54 -35.45
C GLU G 170 37.46 -12.86 -35.07
N ARG G 171 36.67 -13.92 -34.88
CA ARG G 171 37.23 -15.23 -34.61
C ARG G 171 38.10 -15.70 -35.77
N ALA G 172 37.63 -15.51 -37.00
CA ALA G 172 38.38 -15.93 -38.17
C ALA G 172 39.64 -15.10 -38.37
N GLN G 173 39.56 -13.80 -38.09
CA GLN G 173 40.69 -12.90 -38.28
C GLN G 173 41.73 -13.07 -37.17
N GLU G 189 34.26 -5.63 -50.02
CA GLU G 189 34.39 -5.31 -48.60
C GLU G 189 34.20 -3.81 -48.36
N LYS G 190 34.48 -3.02 -49.40
CA LYS G 190 34.27 -1.58 -49.39
C LYS G 190 34.89 -0.89 -48.17
N PRO G 191 36.22 -0.92 -48.03
CA PRO G 191 36.86 -0.26 -46.87
C PRO G 191 36.58 1.24 -46.80
N PRO G 192 36.51 1.99 -47.95
CA PRO G 192 36.22 3.42 -47.81
C PRO G 192 34.75 3.75 -47.97
N ALA G 193 34.34 4.91 -47.45
CA ALA G 193 33.05 5.49 -47.74
C ALA G 193 33.15 6.66 -48.71
N TYR G 194 34.35 6.93 -49.23
CA TYR G 194 34.57 8.00 -50.19
C TYR G 194 35.68 7.56 -51.12
N ALA G 195 35.38 7.49 -52.41
CA ALA G 195 36.33 7.00 -53.42
C ALA G 195 36.28 7.90 -54.64
N LEU G 196 37.18 7.63 -55.59
CA LEU G 196 37.30 8.41 -56.81
C LEU G 196 37.50 7.48 -58.00
N LEU G 197 37.14 7.99 -59.18
CA LEU G 197 37.32 7.28 -60.44
C LEU G 197 37.98 8.22 -61.44
N GLY G 198 38.83 7.64 -62.31
CA GLY G 198 39.66 8.43 -63.19
C GLY G 198 39.47 8.05 -64.65
N SER G 199 40.13 8.81 -65.52
CA SER G 199 40.08 8.58 -66.95
C SER G 199 41.28 9.25 -67.61
N CYS G 200 41.73 8.65 -68.72
CA CYS G 200 42.75 9.23 -69.57
C CYS G 200 42.31 9.20 -71.02
N GLN G 201 41.06 9.61 -71.28
CA GLN G 201 40.56 9.65 -72.64
C GLN G 201 41.28 10.73 -73.46
N THR G 202 41.77 11.77 -72.78
CA THR G 202 42.48 12.84 -73.46
C THR G 202 43.97 12.54 -73.50
N ASP G 203 44.60 12.85 -74.63
CA ASP G 203 46.03 12.64 -74.78
C ASP G 203 46.80 13.50 -73.78
N GLY G 204 47.91 12.95 -73.28
CA GLY G 204 48.72 13.61 -72.28
C GLY G 204 48.45 13.17 -70.86
N MET G 205 47.20 12.84 -70.55
CA MET G 205 46.88 12.33 -69.23
C MET G 205 47.49 10.94 -69.03
N GLY G 206 47.90 10.67 -67.80
CA GLY G 206 48.58 9.44 -67.43
C GLY G 206 50.02 9.61 -67.06
N LEU G 207 50.71 10.60 -67.62
CA LEU G 207 52.07 10.95 -67.24
C LEU G 207 52.30 12.41 -67.61
N VAL G 208 53.23 13.05 -66.91
CA VAL G 208 53.47 14.48 -67.07
C VAL G 208 54.72 14.74 -67.91
N SER G 209 55.37 13.71 -68.43
CA SER G 209 56.57 13.87 -69.23
C SER G 209 56.53 12.99 -70.47
N TRP G 210 55.38 12.94 -71.13
CA TRP G 210 55.28 12.15 -72.36
C TRP G 210 56.06 12.80 -73.50
N TRP G 211 56.19 14.13 -73.48
CA TRP G 211 56.96 14.84 -74.49
C TRP G 211 57.68 16.00 -73.84
N GLU G 212 58.56 16.64 -74.61
CA GLU G 212 59.30 17.82 -74.18
C GLU G 212 60.11 17.56 -72.92
N MET H 1 27.66 62.01 44.81
CA MET H 1 26.87 63.23 44.88
C MET H 1 26.04 63.44 43.61
N SER H 2 26.73 63.72 42.50
CA SER H 2 26.05 63.98 41.23
C SER H 2 25.73 62.71 40.46
N ASN H 3 26.11 61.54 40.97
CA ASN H 3 25.89 60.28 40.28
C ASN H 3 24.67 59.52 40.77
N THR H 4 23.93 60.06 41.73
CA THR H 4 22.71 59.41 42.21
C THR H 4 21.51 59.92 41.42
N LEU H 5 20.78 58.99 40.81
CA LEU H 5 19.63 59.33 40.00
C LEU H 5 18.34 59.36 40.81
N PHE H 6 18.25 58.54 41.85
CA PHE H 6 17.06 58.49 42.68
C PHE H 6 17.48 58.06 44.08
N ASP H 7 16.77 58.57 45.08
CA ASP H 7 17.09 58.26 46.46
C ASP H 7 15.85 58.50 47.30
N ASP H 8 15.45 57.50 48.08
CA ASP H 8 14.26 57.61 48.91
C ASP H 8 14.33 56.56 50.01
N ILE H 9 13.56 56.81 51.07
CA ILE H 9 13.42 55.88 52.18
C ILE H 9 12.05 55.21 52.05
N PHE H 10 12.03 53.89 52.14
CA PHE H 10 10.83 53.11 51.89
C PHE H 10 10.47 52.30 53.12
N GLN H 11 9.16 52.15 53.33
CA GLN H 11 8.62 51.35 54.42
C GLN H 11 8.06 50.07 53.80
N VAL H 12 8.69 48.94 54.13
CA VAL H 12 8.36 47.67 53.48
C VAL H 12 7.01 47.19 54.00
N SER H 13 6.10 46.87 53.08
CA SER H 13 4.76 46.41 53.43
C SER H 13 4.65 44.89 53.40
N GLU H 14 5.12 44.26 52.33
CA GLU H 14 4.95 42.82 52.14
C GLU H 14 6.26 42.21 51.66
N VAL H 15 6.56 41.01 52.19
CA VAL H 15 7.71 40.23 51.75
C VAL H 15 7.25 38.81 51.50
N ASP H 16 6.93 38.47 50.24
CA ASP H 16 6.44 37.14 49.94
C ASP H 16 7.43 36.39 49.07
N PRO H 17 7.93 35.23 49.52
CA PRO H 17 8.63 34.31 48.62
C PRO H 17 7.63 33.41 47.91
N GLY H 18 7.46 33.64 46.61
CA GLY H 18 6.56 32.82 45.84
C GLY H 18 7.25 31.64 45.20
N ARG H 19 7.18 30.48 45.84
CA ARG H 19 7.88 29.27 45.39
C ARG H 19 9.38 29.50 45.25
N TYR H 20 9.95 30.33 46.12
CA TYR H 20 11.37 30.62 46.10
C TYR H 20 11.95 30.41 47.50
N ASN H 21 13.25 30.13 47.54
CA ASN H 21 13.93 29.88 48.79
C ASN H 21 14.94 30.95 49.16
N LYS H 22 15.33 31.81 48.22
CA LYS H 22 16.27 32.89 48.52
C LYS H 22 15.92 34.22 47.90
N VAL H 23 14.88 34.31 47.08
CA VAL H 23 14.46 35.56 46.46
C VAL H 23 13.03 35.86 46.88
N CYS H 24 12.83 37.06 47.42
CA CYS H 24 11.50 37.53 47.80
C CYS H 24 11.14 38.75 46.98
N ARG H 25 9.85 38.98 46.82
CA ARG H 25 9.31 40.15 46.13
C ARG H 25 8.76 41.08 47.21
N ILE H 26 9.51 42.10 47.56
CA ILE H 26 9.11 43.02 48.61
C ILE H 26 8.27 44.13 48.00
N GLU H 27 7.29 44.59 48.75
CA GLU H 27 6.50 45.76 48.42
C GLU H 27 6.78 46.84 49.46
N ALA H 28 7.16 48.03 49.00
CA ALA H 28 7.49 49.11 49.89
C ALA H 28 6.92 50.41 49.37
N ALA H 29 6.34 51.20 50.26
CA ALA H 29 5.84 52.52 49.96
C ALA H 29 6.79 53.56 50.53
N SER H 30 6.91 54.69 49.83
CA SER H 30 7.85 55.72 50.22
C SER H 30 7.40 56.42 51.50
N THR H 31 8.34 57.13 52.10
CA THR H 31 8.08 58.01 53.24
C THR H 31 8.24 59.44 52.77
N THR H 32 7.22 60.26 53.00
CA THR H 32 7.07 61.66 52.56
C THR H 32 6.88 61.79 51.06
N GLN H 33 6.87 60.69 50.31
CA GLN H 33 6.48 60.67 48.90
C GLN H 33 5.32 59.70 48.78
N ASP H 34 4.10 60.19 49.01
CA ASP H 34 2.96 59.29 49.15
C ASP H 34 2.60 58.61 47.83
N GLN H 35 3.07 59.13 46.70
CA GLN H 35 2.78 58.52 45.42
C GLN H 35 3.80 57.45 45.03
N CYS H 36 4.98 57.48 45.63
CA CYS H 36 6.07 56.60 45.23
C CYS H 36 5.90 55.22 45.85
N LYS H 37 5.74 54.21 45.01
CA LYS H 37 5.67 52.81 45.42
C LYS H 37 6.87 52.05 44.87
N LEU H 38 7.17 50.91 45.49
CA LEU H 38 8.32 50.12 45.09
C LEU H 38 7.99 48.64 45.19
N THR H 39 8.24 47.90 44.11
CA THR H 39 8.23 46.45 44.09
C THR H 39 9.61 45.98 43.67
N LEU H 40 10.23 45.11 44.48
CA LEU H 40 11.63 44.78 44.25
C LEU H 40 11.89 43.33 44.61
N ASP H 41 12.55 42.60 43.71
CA ASP H 41 13.03 41.27 43.98
C ASP H 41 14.40 41.36 44.66
N ILE H 42 14.55 40.68 45.78
CA ILE H 42 15.75 40.78 46.61
C ILE H 42 16.22 39.38 46.98
N ASN H 43 17.52 39.15 46.90
CA ASN H 43 18.12 37.96 47.49
C ASN H 43 18.15 38.14 49.00
N VAL H 44 17.30 37.38 49.70
CA VAL H 44 17.12 37.58 51.14
C VAL H 44 18.04 36.75 52.01
N GLU H 45 18.87 35.88 51.41
CA GLU H 45 19.95 35.28 52.18
C GLU H 45 21.21 36.13 52.18
N LEU H 46 21.29 37.13 51.31
CA LEU H 46 22.33 38.15 51.37
C LEU H 46 21.84 39.41 52.07
N PHE H 47 20.58 39.76 51.89
CA PHE H 47 19.98 40.95 52.50
C PHE H 47 18.58 40.56 52.97
N PRO H 48 18.45 40.01 54.18
CA PRO H 48 17.12 39.64 54.68
C PRO H 48 16.27 40.87 54.96
N VAL H 49 15.00 40.80 54.56
CA VAL H 49 14.05 41.89 54.69
C VAL H 49 12.83 41.36 55.41
N ALA H 50 12.38 42.08 56.43
CA ALA H 50 11.20 41.72 57.20
C ALA H 50 10.10 42.75 56.97
N ALA H 51 8.86 42.30 57.09
CA ALA H 51 7.73 43.21 56.94
C ALA H 51 7.85 44.36 57.93
N GLN H 52 7.56 45.56 57.44
CA GLN H 52 7.63 46.79 58.23
C GLN H 52 9.04 47.06 58.76
N ASP H 53 9.96 47.26 57.82
CA ASP H 53 11.29 47.76 58.14
C ASP H 53 11.67 48.84 57.13
N SER H 54 12.53 49.77 57.57
CA SER H 54 12.88 50.93 56.78
C SER H 54 14.04 50.61 55.86
N LEU H 55 13.87 50.85 54.57
CA LEU H 55 14.91 50.63 53.57
C LEU H 55 15.24 51.95 52.90
N THR H 56 16.52 52.33 52.92
CA THR H 56 17.01 53.47 52.17
C THR H 56 17.43 52.97 50.79
N VAL H 57 16.64 53.29 49.78
CA VAL H 57 16.82 52.78 48.42
C VAL H 57 17.37 53.91 47.56
N THR H 58 18.48 53.64 46.88
CA THR H 58 19.15 54.62 46.04
C THR H 58 19.41 54.01 44.67
N ILE H 59 19.11 54.76 43.62
CA ILE H 59 19.48 54.40 42.25
C ILE H 59 20.56 55.35 41.80
N ALA H 60 21.68 54.81 41.34
CA ALA H 60 22.81 55.62 40.93
C ALA H 60 23.44 55.04 39.68
N SER H 61 24.07 55.92 38.91
CA SER H 61 25.02 55.53 37.87
C SER H 61 26.43 55.75 38.40
N SER H 62 27.39 55.08 37.79
CA SER H 62 28.81 55.25 38.14
C SER H 62 29.02 55.07 39.64
N LEU H 63 28.80 53.82 40.07
CA LEU H 63 28.93 53.46 41.49
C LEU H 63 30.27 53.93 42.07
N ASN H 64 31.34 53.77 41.30
CA ASN H 64 32.66 54.20 41.73
C ASN H 64 32.90 55.70 41.55
N LEU H 65 31.83 56.46 41.35
CA LEU H 65 31.85 57.92 41.14
C LEU H 65 33.11 58.43 40.44
N SER H 74 41.70 49.66 28.20
CA SER H 74 42.13 48.27 28.31
C SER H 74 41.60 47.43 27.16
N ALA H 75 40.35 47.69 26.79
CA ALA H 75 39.63 46.90 25.78
C ALA H 75 39.61 45.42 26.16
N THR H 76 39.52 45.14 27.46
CA THR H 76 39.41 43.75 27.92
C THR H 76 37.98 43.23 27.81
N ARG H 77 37.00 44.13 27.86
CA ARG H 77 35.58 43.87 27.64
C ARG H 77 34.94 42.98 28.70
N SER H 78 35.71 42.48 29.66
CA SER H 78 35.17 41.69 30.75
C SER H 78 35.17 42.54 32.01
N TRP H 79 34.06 42.51 32.75
CA TRP H 79 33.94 43.33 33.93
C TRP H 79 35.01 42.97 34.95
N ARG H 80 35.66 43.99 35.49
CA ARG H 80 36.67 43.81 36.51
C ARG H 80 36.22 44.47 37.80
N PRO H 81 36.30 43.77 38.93
CA PRO H 81 35.93 44.39 40.20
C PRO H 81 36.86 45.53 40.53
N PRO H 82 36.37 46.57 41.21
CA PRO H 82 37.27 47.63 41.68
C PRO H 82 38.19 47.12 42.77
N GLN H 83 39.31 47.82 42.93
CA GLN H 83 40.29 47.44 43.93
C GLN H 83 39.65 47.42 45.32
N ALA H 84 40.25 46.62 46.21
CA ALA H 84 39.67 46.42 47.53
C ALA H 84 39.58 47.72 48.32
N GLY H 85 40.64 48.53 48.28
CA GLY H 85 40.64 49.80 48.97
C GLY H 85 40.21 50.97 48.12
N ASP H 86 39.05 50.86 47.46
CA ASP H 86 38.59 51.89 46.54
C ASP H 86 37.49 52.71 47.21
N ARG H 87 37.71 54.04 47.27
CA ARG H 87 36.73 54.96 47.86
C ARG H 87 35.59 55.13 46.86
N SER H 88 34.60 54.26 46.98
CA SER H 88 33.46 54.23 46.07
C SER H 88 32.17 54.19 46.88
N LEU H 89 31.07 54.50 46.19
CA LEU H 89 29.76 54.20 46.75
C LEU H 89 29.66 52.69 47.00
N ALA H 90 28.61 52.30 47.72
CA ALA H 90 28.33 50.97 48.24
C ALA H 90 29.14 50.66 49.50
N ASP H 91 30.03 51.55 49.95
CA ASP H 91 30.67 51.37 51.24
C ASP H 91 29.66 51.54 52.37
N ASP H 92 28.68 52.42 52.18
CA ASP H 92 27.67 52.71 53.19
C ASP H 92 26.33 52.05 52.88
N TYR H 93 26.29 51.12 51.94
CA TYR H 93 25.08 50.40 51.58
C TYR H 93 25.31 48.90 51.75
N ASP H 94 24.31 48.21 52.28
CA ASP H 94 24.43 46.80 52.60
C ASP H 94 24.19 45.87 51.42
N TYR H 95 23.41 46.32 50.43
CA TYR H 95 23.00 45.48 49.31
C TYR H 95 23.04 46.31 48.04
N VAL H 96 23.79 45.85 47.05
CA VAL H 96 23.96 46.58 45.80
C VAL H 96 23.69 45.62 44.64
N MET H 97 22.85 46.06 43.70
CA MET H 97 22.59 45.33 42.48
C MET H 97 22.90 46.20 41.28
N TYR H 98 23.22 45.55 40.16
CA TYR H 98 23.49 46.22 38.89
C TYR H 98 22.53 45.68 37.85
N GLY H 99 21.76 46.57 37.24
CA GLY H 99 20.79 46.17 36.24
C GLY H 99 20.60 47.21 35.16
N THR H 100 19.49 47.10 34.43
CA THR H 100 19.20 48.04 33.35
C THR H 100 17.73 48.42 33.39
N ALA H 101 17.47 49.71 33.15
CA ALA H 101 16.10 50.20 33.01
C ALA H 101 15.65 49.92 31.58
N TYR H 102 14.73 48.96 31.43
CA TYR H 102 14.31 48.51 30.11
C TYR H 102 12.91 48.96 29.73
N LYS H 103 12.20 49.65 30.62
CA LYS H 103 10.83 50.05 30.31
C LYS H 103 10.41 51.23 31.17
N PHE H 104 9.89 52.26 30.52
CA PHE H 104 9.19 53.37 31.18
C PHE H 104 7.75 53.34 30.69
N GLU H 105 6.80 53.30 31.61
CA GLU H 105 5.39 53.28 31.26
C GLU H 105 4.63 54.31 32.08
N GLU H 106 3.55 54.81 31.49
CA GLU H 106 2.66 55.74 32.17
C GLU H 106 1.55 54.96 32.87
N VAL H 107 1.40 55.18 34.18
CA VAL H 107 0.34 54.55 34.93
C VAL H 107 -0.86 55.49 35.13
N SER H 108 -0.66 56.79 34.94
CA SER H 108 -1.73 57.80 34.98
C SER H 108 -1.08 59.12 34.63
N LYS H 109 -1.90 60.16 34.50
CA LYS H 109 -1.37 61.51 34.34
C LYS H 109 -0.48 61.84 35.52
N ASP H 110 0.67 62.47 35.23
CA ASP H 110 1.71 62.80 36.22
C ASP H 110 2.04 61.61 37.13
N LEU H 111 2.15 60.43 36.55
CA LEU H 111 2.57 59.24 37.30
C LEU H 111 3.09 58.16 36.35
N ILE H 112 4.35 57.80 36.48
CA ILE H 112 4.98 56.82 35.60
C ILE H 112 5.57 55.70 36.44
N ALA H 113 5.83 54.58 35.78
CA ALA H 113 6.51 53.44 36.38
C ALA H 113 7.80 53.17 35.60
N VAL H 114 8.86 52.88 36.32
CA VAL H 114 10.16 52.53 35.74
C VAL H 114 10.48 51.11 36.13
N TYR H 115 10.91 50.30 35.15
CA TYR H 115 11.15 48.89 35.35
C TYR H 115 12.64 48.59 35.18
N TYR H 116 13.21 47.93 36.18
CA TYR H 116 14.61 47.53 36.16
C TYR H 116 14.69 46.01 36.25
N SER H 117 15.63 45.43 35.50
CA SER H 117 15.99 44.03 35.62
C SER H 117 17.43 43.94 36.09
N PHE H 118 17.62 43.40 37.29
CA PHE H 118 18.96 43.14 37.83
C PHE H 118 19.27 41.67 37.63
N GLY H 119 19.61 41.33 36.39
CA GLY H 119 19.86 39.94 36.03
C GLY H 119 18.65 39.05 36.17
N GLY H 120 17.45 39.61 36.05
CA GLY H 120 16.22 38.89 36.26
C GLY H 120 15.49 39.27 37.54
N LEU H 121 16.20 39.83 38.52
CA LEU H 121 15.56 40.36 39.70
C LEU H 121 14.89 41.68 39.33
N LEU H 122 13.56 41.68 39.30
CA LEU H 122 12.82 42.81 38.75
C LEU H 122 12.55 43.85 39.81
N MET H 123 12.60 45.12 39.42
CA MET H 123 12.17 46.23 40.24
C MET H 123 11.25 47.12 39.44
N ARG H 124 10.08 47.43 40.01
CA ARG H 124 9.14 48.38 39.43
C ARG H 124 9.04 49.57 40.36
N LEU H 125 9.48 50.73 39.89
CA LEU H 125 9.47 51.96 40.67
C LEU H 125 8.46 52.93 40.06
N GLU H 126 7.60 53.47 40.92
CA GLU H 126 6.50 54.32 40.48
C GLU H 126 6.62 55.69 41.12
N GLY H 127 6.32 56.72 40.34
CA GLY H 127 6.46 58.08 40.80
C GLY H 127 5.99 59.06 39.75
N ASN H 128 6.23 60.35 39.99
CA ASN H 128 5.73 61.40 39.10
C ASN H 128 6.85 62.19 38.44
N TYR H 129 7.73 62.84 39.19
CA TYR H 129 8.65 63.84 38.66
C TYR H 129 10.08 63.34 38.84
N ARG H 130 10.57 62.63 37.82
CA ARG H 130 11.95 62.12 37.79
C ARG H 130 12.53 62.21 36.39
N ASN H 131 11.94 63.04 35.52
CA ASN H 131 12.20 62.94 34.09
C ASN H 131 13.64 63.29 33.73
N LEU H 132 14.30 64.13 34.53
CA LEU H 132 15.68 64.49 34.28
C LEU H 132 16.66 63.66 35.10
N ASN H 133 16.21 62.55 35.68
CA ASN H 133 17.09 61.73 36.50
C ASN H 133 17.13 60.28 36.08
N ASN H 134 15.99 59.68 35.74
CA ASN H 134 15.91 58.27 35.40
C ASN H 134 15.85 58.11 33.88
N LEU H 135 16.75 57.29 33.33
CA LEU H 135 16.85 57.09 31.90
C LEU H 135 16.94 55.60 31.60
N LYS H 136 16.82 55.28 30.31
CA LYS H 136 16.89 53.89 29.84
C LYS H 136 18.32 53.58 29.40
N GLN H 137 19.19 53.45 30.40
CA GLN H 137 20.59 53.14 30.14
C GLN H 137 21.02 51.96 31.00
N GLU H 138 22.10 51.30 30.54
CA GLU H 138 22.66 50.18 31.30
C GLU H 138 23.13 50.61 32.67
N ASN H 139 23.73 51.80 32.76
CA ASN H 139 24.31 52.26 34.01
C ASN H 139 23.20 52.55 35.00
N ALA H 140 22.96 51.60 35.90
CA ALA H 140 21.96 51.77 36.97
C ALA H 140 22.34 50.83 38.10
N TYR H 141 22.79 51.41 39.21
CA TYR H 141 23.06 50.65 40.42
C TYR H 141 21.90 50.85 41.38
N LEU H 142 21.46 49.76 42.00
CA LEU H 142 20.47 49.82 43.08
C LEU H 142 21.21 49.60 44.39
N LEU H 143 21.07 50.54 45.32
CA LEU H 143 21.76 50.49 46.59
C LEU H 143 20.73 50.50 47.71
N ILE H 144 20.71 49.44 48.51
CA ILE H 144 19.79 49.30 49.63
C ILE H 144 20.59 49.15 50.90
N ARG H 145 20.18 49.85 51.95
CA ARG H 145 20.72 49.66 53.29
C ARG H 145 19.57 49.68 54.28
N ARG H 146 19.65 48.81 55.29
CA ARG H 146 18.62 48.73 56.30
C ARG H 146 18.67 49.94 57.21
N MET I 1 -54.83 -8.42 11.57
CA MET I 1 -55.89 -9.41 11.73
C MET I 1 -55.52 -10.40 12.84
N LEU I 2 -54.76 -11.43 12.47
CA LEU I 2 -54.25 -12.42 13.42
C LEU I 2 -55.38 -13.10 14.19
N SER I 3 -56.18 -13.84 13.43
CA SER I 3 -57.21 -14.70 13.99
C SER I 3 -56.95 -16.13 13.54
N PHE I 4 -57.26 -17.09 14.40
CA PHE I 4 -56.93 -18.48 14.16
C PHE I 4 -58.18 -19.33 14.20
N CYS I 5 -58.13 -20.47 13.52
CA CYS I 5 -59.29 -21.34 13.42
C CYS I 5 -59.53 -22.05 14.75
N PRO I 6 -60.79 -22.25 15.14
CA PRO I 6 -61.06 -23.10 16.31
C PRO I 6 -60.83 -24.57 16.05
N SER I 7 -60.85 -25.02 14.81
CA SER I 7 -60.71 -26.44 14.51
C SER I 7 -59.23 -26.85 14.45
N CYS I 8 -58.48 -26.28 13.52
CA CYS I 8 -57.08 -26.65 13.30
C CYS I 8 -56.10 -25.60 13.78
N ASN I 9 -56.59 -24.48 14.30
CA ASN I 9 -55.77 -23.39 14.84
C ASN I 9 -54.79 -22.82 13.83
N ASN I 10 -54.98 -23.09 12.54
CA ASN I 10 -54.25 -22.38 11.51
C ASN I 10 -54.76 -20.95 11.42
N MET I 11 -53.95 -20.08 10.81
CA MET I 11 -54.31 -18.68 10.72
C MET I 11 -55.49 -18.48 9.78
N LEU I 12 -56.44 -17.65 10.20
CA LEU I 12 -57.62 -17.34 9.41
C LEU I 12 -57.31 -16.24 8.41
N LEU I 13 -57.90 -16.34 7.23
CA LEU I 13 -57.76 -15.34 6.19
C LEU I 13 -59.13 -14.91 5.69
N ILE I 14 -59.22 -13.64 5.28
CA ILE I 14 -60.45 -13.13 4.67
C ILE I 14 -60.50 -13.59 3.23
N THR I 15 -61.59 -14.24 2.85
CA THR I 15 -61.79 -14.73 1.50
C THR I 15 -63.07 -14.14 0.92
N SER I 16 -63.01 -13.75 -0.35
CA SER I 16 -64.15 -13.14 -1.02
C SER I 16 -65.08 -14.25 -1.53
N GLY I 17 -66.22 -14.41 -0.87
CA GLY I 17 -67.21 -15.38 -1.27
C GLY I 17 -68.16 -14.84 -2.31
N ASP I 18 -69.23 -15.60 -2.54
CA ASP I 18 -70.27 -15.16 -3.47
C ASP I 18 -71.03 -13.97 -2.88
N SER I 19 -71.46 -13.07 -3.79
CA SER I 19 -72.04 -11.79 -3.42
C SER I 19 -71.04 -10.92 -2.65
N GLY I 20 -69.75 -11.15 -2.89
CA GLY I 20 -68.72 -10.32 -2.28
C GLY I 20 -68.71 -10.33 -0.77
N VAL I 21 -69.01 -11.47 -0.15
CA VAL I 21 -69.05 -11.53 1.31
C VAL I 21 -67.65 -11.76 1.83
N TYR I 22 -67.25 -10.96 2.81
CA TYR I 22 -65.91 -11.04 3.40
C TYR I 22 -65.98 -11.95 4.62
N THR I 23 -65.91 -13.26 4.37
CA THR I 23 -65.92 -14.26 5.42
C THR I 23 -64.49 -14.51 5.93
N LEU I 24 -64.42 -15.03 7.16
CA LEU I 24 -63.15 -15.43 7.75
C LEU I 24 -62.87 -16.90 7.44
N ALA I 25 -62.69 -17.18 6.15
CA ALA I 25 -62.49 -18.55 5.69
C ALA I 25 -61.17 -19.11 6.20
N CYS I 26 -61.18 -20.38 6.57
CA CYS I 26 -59.99 -21.06 7.07
C CYS I 26 -59.45 -21.96 5.98
N ARG I 27 -58.24 -21.65 5.50
CA ARG I 27 -57.52 -22.62 4.69
C ARG I 27 -57.10 -23.79 5.56
N SER I 28 -57.00 -24.97 4.94
CA SER I 28 -56.61 -26.25 5.53
C SER I 28 -57.74 -26.92 6.32
N CYS I 29 -58.88 -26.29 6.51
CA CYS I 29 -59.96 -26.89 7.27
C CYS I 29 -61.30 -26.31 6.84
N PRO I 30 -62.37 -27.11 6.89
CA PRO I 30 -63.69 -26.59 6.50
C PRO I 30 -64.30 -25.72 7.59
N TYR I 31 -63.72 -24.54 7.77
CA TYR I 31 -64.22 -23.57 8.74
C TYR I 31 -64.55 -22.27 8.02
N GLU I 32 -65.72 -21.72 8.35
CA GLU I 32 -66.19 -20.47 7.76
C GLU I 32 -66.84 -19.64 8.85
N PHE I 33 -66.27 -18.46 9.12
CA PHE I 33 -66.92 -17.48 9.99
C PHE I 33 -67.29 -16.30 9.11
N PRO I 34 -68.55 -16.16 8.71
CA PRO I 34 -68.94 -15.05 7.85
C PRO I 34 -69.20 -13.79 8.66
N ILE I 35 -69.34 -12.68 7.93
CA ILE I 35 -69.63 -11.38 8.53
C ILE I 35 -71.05 -11.00 8.12
N GLU I 36 -71.96 -11.06 9.09
CA GLU I 36 -73.36 -10.64 8.91
C GLU I 36 -73.55 -9.31 9.64
N GLY I 37 -73.19 -8.22 8.97
CA GLY I 37 -73.28 -6.92 9.59
C GLY I 37 -72.41 -6.73 10.81
N ILE I 38 -71.34 -7.49 10.96
CA ILE I 38 -70.48 -7.39 12.14
C ILE I 38 -69.14 -6.78 11.72
N GLU I 39 -68.69 -5.78 12.46
CA GLU I 39 -67.47 -5.04 12.14
C GLU I 39 -66.30 -5.73 12.81
N ILE I 40 -65.52 -6.48 12.02
CA ILE I 40 -64.28 -7.07 12.49
C ILE I 40 -63.18 -6.03 12.35
N TYR I 41 -62.69 -5.51 13.47
CA TYR I 41 -61.71 -4.43 13.47
C TYR I 41 -60.52 -4.78 14.33
N ASP I 42 -59.33 -4.37 13.89
CA ASP I 42 -58.09 -4.54 14.63
C ASP I 42 -57.50 -3.16 14.90
N ARG I 43 -57.34 -2.81 16.17
CA ARG I 43 -56.82 -1.52 16.58
C ARG I 43 -55.53 -1.74 17.35
N LYS I 44 -54.45 -1.13 16.88
CA LYS I 44 -53.16 -1.17 17.58
C LYS I 44 -52.66 0.25 17.78
N LYS I 45 -52.27 0.57 19.00
CA LYS I 45 -51.81 1.91 19.35
C LYS I 45 -50.43 2.18 18.74
N LEU I 46 -50.11 3.46 18.62
CA LEU I 46 -48.83 3.91 18.08
C LEU I 46 -48.24 4.99 18.97
N PRO I 47 -46.91 5.08 19.04
CA PRO I 47 -46.28 6.05 19.93
C PRO I 47 -46.56 7.49 19.52
N ARG I 48 -46.58 8.38 20.52
CA ARG I 48 -46.86 9.79 20.25
C ARG I 48 -45.65 10.49 19.64
N LYS I 49 -44.44 10.20 20.13
CA LYS I 49 -43.21 10.81 19.62
C LYS I 49 -43.26 12.34 19.76
N GLU I 50 -43.21 12.77 21.01
CA GLU I 50 -43.43 14.17 21.38
C GLU I 50 -42.27 15.05 20.92
N VAL I 51 -42.35 16.33 21.27
CA VAL I 51 -41.33 17.30 20.89
C VAL I 51 -40.08 17.13 21.75
N ASP I 52 -38.95 17.61 21.22
CA ASP I 52 -37.66 17.54 21.89
C ASP I 52 -37.05 18.93 21.98
N ASP I 53 -36.42 19.23 23.12
CA ASP I 53 -35.88 20.55 23.39
C ASP I 53 -34.59 20.78 22.62
N VAL I 54 -34.03 21.98 22.80
CA VAL I 54 -32.75 22.33 22.19
C VAL I 54 -31.65 21.43 22.74
N LEU I 55 -30.69 21.07 21.90
CA LEU I 55 -29.60 20.21 22.34
C LEU I 55 -28.74 20.92 23.38
N GLY I 56 -28.39 22.18 23.13
CA GLY I 56 -27.51 22.90 24.06
C GLY I 56 -26.16 22.24 24.16
N GLY I 57 -25.66 22.12 25.39
CA GLY I 57 -24.38 21.49 25.63
C GLY I 57 -24.14 21.16 27.09
N GLY I 58 -23.65 19.96 27.36
CA GLY I 58 -23.43 19.53 28.73
C GLY I 58 -21.96 19.53 29.12
N TRP I 59 -21.23 20.56 28.72
CA TRP I 59 -19.80 20.62 28.95
C TRP I 59 -19.44 20.77 30.43
N ASP I 60 -20.39 21.18 31.27
CA ASP I 60 -20.15 21.18 32.71
C ASP I 60 -19.88 19.78 33.25
N ASN I 61 -20.34 18.75 32.54
CA ASN I 61 -20.14 17.37 32.93
C ASN I 61 -18.87 16.76 32.33
N VAL I 62 -17.86 17.58 32.05
CA VAL I 62 -16.60 17.11 31.47
C VAL I 62 -15.46 17.51 32.40
N ASP I 63 -14.34 16.79 32.29
CA ASP I 63 -13.20 16.97 33.17
C ASP I 63 -12.33 18.11 32.67
N GLN I 64 -12.37 19.25 33.38
CA GLN I 64 -11.50 20.36 33.08
C GLN I 64 -10.09 20.07 33.62
N THR I 65 -9.20 21.05 33.47
CA THR I 65 -7.86 20.97 34.04
C THR I 65 -7.30 22.38 34.12
N LYS I 66 -6.09 22.51 34.68
CA LYS I 66 -5.43 23.80 34.84
C LYS I 66 -4.28 23.88 33.84
N THR I 67 -4.58 24.40 32.65
CA THR I 67 -3.59 24.60 31.59
C THR I 67 -3.96 25.85 30.82
N GLN I 68 -2.94 26.60 30.39
CA GLN I 68 -3.14 27.76 29.55
C GLN I 68 -2.97 27.36 28.10
N CYS I 69 -4.01 27.60 27.28
CA CYS I 69 -3.97 27.24 25.89
C CYS I 69 -2.96 28.09 25.14
N PRO I 70 -2.45 27.61 24.00
CA PRO I 70 -1.49 28.42 23.24
C PRO I 70 -2.05 29.76 22.81
N ASN I 71 -3.36 29.86 22.59
CA ASN I 71 -3.98 31.14 22.27
C ASN I 71 -4.27 31.93 23.53
N TYR I 72 -3.25 32.13 24.37
CA TYR I 72 -3.41 32.97 25.55
C TYR I 72 -3.25 34.45 25.23
N ASP I 73 -2.73 34.78 24.05
CA ASP I 73 -2.61 36.17 23.63
C ASP I 73 -3.92 36.73 23.08
N THR I 74 -4.90 35.88 22.83
CA THR I 74 -6.24 36.30 22.40
C THR I 74 -7.26 36.21 23.52
N CYS I 75 -7.28 35.10 24.25
CA CYS I 75 -8.18 34.91 25.37
C CYS I 75 -7.38 34.39 26.56
N GLY I 76 -7.81 34.80 27.76
CA GLY I 76 -7.13 34.37 28.97
C GLY I 76 -7.68 33.09 29.56
N GLY I 77 -7.49 31.98 28.86
CA GLY I 77 -8.02 30.71 29.30
C GLY I 77 -7.05 29.87 30.11
N GLU I 78 -7.45 29.52 31.34
CA GLU I 78 -6.64 28.68 32.21
C GLU I 78 -7.22 27.29 32.39
N SER I 79 -8.25 26.94 31.63
CA SER I 79 -8.92 25.65 31.79
C SER I 79 -9.02 24.96 30.43
N ALA I 80 -9.15 23.63 30.48
CA ALA I 80 -9.25 22.83 29.27
C ALA I 80 -9.89 21.49 29.60
N TYR I 81 -11.02 21.19 28.96
CA TYR I 81 -11.54 19.84 29.00
C TYR I 81 -10.53 18.88 28.40
N PHE I 82 -10.37 17.71 29.01
CA PHE I 82 -9.30 16.81 28.61
C PHE I 82 -9.77 15.37 28.63
N PHE I 83 -9.10 14.55 27.81
CA PHE I 83 -9.13 13.11 27.92
C PHE I 83 -7.77 12.58 27.48
N GLN I 84 -7.30 11.52 28.14
CA GLN I 84 -5.97 10.99 27.91
C GLN I 84 -6.06 9.62 27.26
N LEU I 85 -5.37 9.45 26.13
CA LEU I 85 -5.33 8.19 25.40
C LEU I 85 -3.89 7.84 25.08
N GLN I 86 -3.56 6.56 25.21
CA GLN I 86 -2.19 6.08 24.97
C GLN I 86 -2.03 5.67 23.51
N ILE I 87 -2.19 6.64 22.61
CA ILE I 87 -2.04 6.35 21.15
C ILE I 87 -0.56 6.10 20.84
N ARG I 88 0.30 6.15 21.87
CA ARG I 88 1.74 5.89 21.68
C ARG I 88 2.02 4.42 22.05
N SER I 89 3.22 3.91 21.75
CA SER I 89 3.51 2.47 22.01
C SER I 89 3.61 2.22 23.52
N ALA I 90 3.63 0.94 23.92
CA ALA I 90 3.70 0.58 25.36
C ALA I 90 5.00 1.11 25.96
N ASP I 91 6.08 1.21 25.17
CA ASP I 91 7.36 1.77 25.67
C ASP I 91 7.19 3.28 25.87
N GLU I 92 6.39 3.92 25.01
CA GLU I 92 6.13 5.38 25.14
C GLU I 92 5.11 5.61 26.26
N PRO I 93 4.96 6.85 26.78
CA PRO I 93 3.95 7.14 27.81
C PRO I 93 2.54 7.33 27.22
N MET I 94 1.71 8.14 27.87
CA MET I 94 0.32 8.38 27.40
C MET I 94 0.22 9.77 26.77
N THR I 95 -0.78 9.98 25.91
CA THR I 95 -0.99 11.28 25.29
C THR I 95 -2.27 11.90 25.82
N THR I 96 -2.22 13.19 26.10
CA THR I 96 -3.36 13.93 26.63
C THR I 96 -3.87 14.92 25.60
N PHE I 97 -5.19 15.07 25.54
CA PHE I 97 -5.86 15.97 24.62
C PHE I 97 -6.51 17.08 25.42
N TYR I 98 -6.57 18.28 24.83
CA TYR I 98 -7.08 19.44 25.54
C TYR I 98 -7.99 20.26 24.64
N LYS I 99 -8.85 21.06 25.27
CA LYS I 99 -9.74 21.98 24.55
C LYS I 99 -9.99 23.17 25.47
N CYS I 100 -9.45 24.33 25.09
CA CYS I 100 -9.60 25.52 25.90
C CYS I 100 -11.06 25.90 26.06
N VAL I 101 -11.45 26.27 27.29
CA VAL I 101 -12.83 26.66 27.58
C VAL I 101 -13.10 28.12 27.27
N ASN I 102 -12.07 28.93 27.04
CA ASN I 102 -12.25 30.35 26.76
C ASN I 102 -12.43 30.64 25.28
N CYS I 103 -11.85 29.82 24.40
CA CYS I 103 -11.95 30.03 22.97
C CYS I 103 -12.42 28.81 22.19
N GLY I 104 -12.36 27.61 22.78
CA GLY I 104 -12.69 26.42 22.03
C GLY I 104 -11.57 25.93 21.13
N HIS I 105 -10.32 26.21 21.49
CA HIS I 105 -9.16 25.77 20.72
C HIS I 105 -8.61 24.49 21.32
N ARG I 106 -8.49 23.46 20.49
CA ARG I 106 -8.05 22.15 20.93
C ARG I 106 -6.58 21.93 20.57
N TRP I 107 -5.88 21.19 21.42
CA TRP I 107 -4.48 20.87 21.19
C TRP I 107 -4.09 19.70 22.09
N LYS I 108 -3.22 18.84 21.57
CA LYS I 108 -2.71 17.70 22.32
C LYS I 108 -1.31 18.03 22.82
N GLU I 109 -1.13 18.03 24.14
CA GLU I 109 0.16 18.29 24.74
C GLU I 109 1.05 17.05 24.83
N ASN I 110 0.55 15.90 24.39
CA ASN I 110 1.33 14.67 24.35
C ASN I 110 1.83 14.26 25.73
N MET J 1 25.74 -18.15 38.52
CA MET J 1 26.52 -19.36 38.32
C MET J 1 27.42 -19.61 39.52
N ILE J 2 28.56 -18.92 39.56
CA ILE J 2 29.48 -18.93 40.69
C ILE J 2 29.59 -17.51 41.20
N VAL J 3 29.86 -17.38 42.49
CA VAL J 3 29.82 -16.05 43.13
C VAL J 3 30.85 -15.15 42.45
N PRO J 4 30.47 -13.93 42.06
CA PRO J 4 31.45 -13.02 41.46
C PRO J 4 32.56 -12.69 42.43
N VAL J 5 33.77 -12.52 41.89
CA VAL J 5 34.94 -12.23 42.73
C VAL J 5 34.75 -10.91 43.46
N ARG J 6 34.27 -9.89 42.76
CA ARG J 6 34.21 -8.54 43.31
C ARG J 6 32.78 -7.99 43.21
N CYS J 7 32.46 -7.08 44.13
CA CYS J 7 31.22 -6.34 44.06
C CYS J 7 31.20 -5.48 42.79
N PHE J 8 30.09 -5.53 42.05
CA PHE J 8 30.01 -4.82 40.78
C PHE J 8 30.22 -3.33 40.96
N SER J 9 29.66 -2.75 42.02
CA SER J 9 29.72 -1.31 42.24
C SER J 9 30.99 -0.88 42.95
N CYS J 10 31.40 -1.63 43.97
CA CYS J 10 32.49 -1.20 44.82
C CYS J 10 33.83 -1.71 44.33
N GLY J 11 33.87 -2.93 43.81
CA GLY J 11 35.12 -3.61 43.57
C GLY J 11 35.65 -4.36 44.78
N LYS J 12 34.91 -4.38 45.88
CA LYS J 12 35.31 -5.13 47.05
C LYS J 12 35.24 -6.63 46.77
N VAL J 13 36.23 -7.37 47.26
CA VAL J 13 36.27 -8.81 47.06
C VAL J 13 35.17 -9.47 47.88
N VAL J 14 34.23 -10.11 47.18
CA VAL J 14 33.16 -10.87 47.82
C VAL J 14 33.21 -12.34 47.47
N GLY J 15 34.10 -12.75 46.56
CA GLY J 15 34.21 -14.15 46.18
C GLY J 15 34.84 -15.03 47.22
N ASP J 16 35.48 -14.44 48.24
CA ASP J 16 36.03 -15.18 49.35
C ASP J 16 35.09 -15.24 50.54
N LYS J 17 33.86 -14.74 50.39
CA LYS J 17 32.89 -14.71 51.47
C LYS J 17 31.68 -15.60 51.24
N TRP J 18 31.53 -16.19 50.05
CA TRP J 18 30.36 -17.00 49.77
C TRP J 18 30.30 -18.21 50.69
N GLU J 19 31.41 -18.95 50.80
CA GLU J 19 31.41 -20.16 51.60
C GLU J 19 31.23 -19.83 53.09
N SER J 20 31.91 -18.79 53.57
CA SER J 20 31.75 -18.41 54.96
C SER J 20 30.33 -17.95 55.26
N TYR J 21 29.69 -17.29 54.29
CA TYR J 21 28.28 -16.92 54.44
C TYR J 21 27.39 -18.16 54.52
N LEU J 22 27.64 -19.15 53.66
CA LEU J 22 26.85 -20.37 53.70
C LEU J 22 27.03 -21.10 55.02
N ASN J 23 28.26 -21.17 55.53
CA ASN J 23 28.49 -21.83 56.81
C ASN J 23 27.95 -21.02 57.97
N LEU J 24 27.91 -19.69 57.85
CA LEU J 24 27.25 -18.88 58.88
C LEU J 24 25.75 -19.14 58.90
N LEU J 25 25.16 -19.36 57.73
CA LEU J 25 23.74 -19.66 57.67
C LEU J 25 23.44 -21.05 58.18
N GLN J 26 24.31 -22.02 57.91
CA GLN J 26 24.03 -23.41 58.26
C GLN J 26 24.50 -23.75 59.67
N GLU J 27 25.79 -23.64 59.93
CA GLU J 27 26.35 -23.96 61.24
C GLU J 27 26.17 -22.77 62.17
N ASP J 28 25.50 -23.01 63.30
CA ASP J 28 25.17 -21.96 64.27
C ASP J 28 24.41 -20.83 63.56
N GLU J 29 23.21 -21.20 63.11
CA GLU J 29 22.46 -20.43 62.13
C GLU J 29 22.30 -18.98 62.56
N LEU J 30 22.53 -18.08 61.60
CA LEU J 30 22.32 -16.65 61.78
C LEU J 30 21.28 -16.16 60.79
N ASP J 31 20.69 -15.01 61.09
CA ASP J 31 19.89 -14.32 60.09
C ASP J 31 20.79 -13.90 58.93
N GLU J 32 20.20 -13.73 57.76
CA GLU J 32 20.98 -13.33 56.60
C GLU J 32 21.61 -11.96 56.80
N GLY J 33 20.89 -11.02 57.40
CA GLY J 33 21.46 -9.69 57.60
C GLY J 33 22.65 -9.69 58.53
N THR J 34 22.54 -10.40 59.67
CA THR J 34 23.65 -10.44 60.60
C THR J 34 24.81 -11.28 60.05
N ALA J 35 24.51 -12.29 59.24
CA ALA J 35 25.58 -13.03 58.58
C ALA J 35 26.33 -12.15 57.60
N LEU J 36 25.62 -11.30 56.86
CA LEU J 36 26.28 -10.37 55.95
C LEU J 36 27.11 -9.33 56.71
N SER J 37 26.58 -8.84 57.83
CA SER J 37 27.32 -7.83 58.59
C SER J 37 28.54 -8.43 59.27
N ARG J 38 28.46 -9.70 59.69
CA ARG J 38 29.59 -10.35 60.32
C ARG J 38 30.75 -10.59 59.35
N LEU J 39 30.48 -10.61 58.05
CA LEU J 39 31.51 -10.80 57.05
C LEU J 39 32.12 -9.49 56.56
N GLY J 40 31.72 -8.36 57.13
CA GLY J 40 32.22 -7.08 56.70
C GLY J 40 31.51 -6.44 55.53
N LEU J 41 30.49 -7.10 54.98
CA LEU J 41 29.71 -6.54 53.88
C LEU J 41 28.81 -5.45 54.45
N LYS J 42 29.35 -4.24 54.54
CA LYS J 42 28.65 -3.11 55.12
C LYS J 42 27.81 -2.36 54.10
N ARG J 43 28.40 -2.04 52.95
CA ARG J 43 27.68 -1.31 51.91
C ARG J 43 26.65 -2.21 51.25
N TYR J 44 25.52 -1.61 50.85
CA TYR J 44 24.41 -2.41 50.35
C TYR J 44 24.71 -3.03 48.99
N CYS J 45 25.62 -2.45 48.21
CA CYS J 45 26.03 -3.09 46.97
C CYS J 45 26.73 -4.42 47.23
N CYS J 46 27.73 -4.41 48.11
CA CYS J 46 28.40 -5.66 48.49
C CYS J 46 27.45 -6.60 49.20
N ARG J 47 26.44 -6.05 49.89
CA ARG J 47 25.44 -6.89 50.54
C ARG J 47 24.60 -7.64 49.53
N ARG J 48 24.10 -6.93 48.50
CA ARG J 48 23.28 -7.57 47.48
C ARG J 48 24.10 -8.53 46.62
N MET J 49 25.40 -8.30 46.48
CA MET J 49 26.25 -9.23 45.75
C MET J 49 26.10 -10.65 46.30
N ILE J 50 26.14 -10.79 47.62
CA ILE J 50 26.01 -12.11 48.25
C ILE J 50 24.55 -12.49 48.46
N LEU J 51 23.71 -11.53 48.81
CA LEU J 51 22.31 -11.84 49.13
C LEU J 51 21.55 -12.35 47.90
N THR J 52 21.87 -11.84 46.71
CA THR J 52 21.11 -12.16 45.52
C THR J 52 21.78 -13.18 44.62
N HIS J 53 22.88 -13.77 45.06
CA HIS J 53 23.60 -14.70 44.21
C HIS J 53 22.85 -16.04 44.14
N VAL J 54 22.71 -16.56 42.93
CA VAL J 54 22.11 -17.86 42.70
C VAL J 54 23.23 -18.81 42.29
N ASP J 55 23.51 -19.80 43.14
CA ASP J 55 24.63 -20.70 42.93
C ASP J 55 24.23 -21.76 41.91
N LEU J 56 24.22 -21.34 40.64
CA LEU J 56 23.80 -22.22 39.56
C LEU J 56 24.88 -23.21 39.14
N ILE J 57 26.13 -22.98 39.54
CA ILE J 57 27.20 -23.88 39.13
C ILE J 57 27.02 -25.26 39.77
N GLU J 58 26.44 -25.32 40.97
CA GLU J 58 26.17 -26.61 41.59
C GLU J 58 25.14 -27.40 40.79
N LYS J 59 24.09 -26.72 40.30
CA LYS J 59 23.12 -27.39 39.45
C LYS J 59 23.75 -27.80 38.13
N PHE J 60 24.62 -26.96 37.57
CA PHE J 60 25.28 -27.28 36.31
C PHE J 60 26.19 -28.50 36.47
N LEU J 61 26.87 -28.62 37.62
CA LEU J 61 27.78 -29.73 37.86
C LEU J 61 27.08 -31.07 38.01
N ARG J 62 25.75 -31.08 38.18
CA ARG J 62 25.02 -32.33 38.20
C ARG J 62 25.04 -33.03 36.85
N TYR J 63 25.27 -32.28 35.78
CA TYR J 63 25.33 -32.81 34.42
C TYR J 63 26.77 -32.91 33.93
N ASN J 64 27.67 -33.30 34.81
CA ASN J 64 29.08 -33.38 34.48
C ASN J 64 29.30 -34.44 33.41
N PRO J 65 29.83 -34.10 32.23
CA PRO J 65 29.99 -35.07 31.14
C PRO J 65 31.28 -35.87 31.17
N LEU J 66 32.14 -35.65 32.15
CA LEU J 66 33.44 -36.34 32.22
C LEU J 66 33.52 -37.22 33.45
N GLU J 67 32.41 -37.82 33.85
CA GLU J 67 32.36 -38.69 35.04
C GLU J 67 33.33 -39.85 34.93
N PRO K 42 61.23 16.54 26.15
CA PRO K 42 60.58 17.46 25.21
C PRO K 42 59.33 16.87 24.58
N ASP K 43 58.19 17.00 25.27
CA ASP K 43 56.91 16.51 24.76
C ASP K 43 56.21 17.65 24.05
N ARG K 44 56.16 17.57 22.71
CA ARG K 44 55.54 18.60 21.90
C ARG K 44 54.08 18.30 21.57
N GLU K 45 53.53 17.21 22.09
CA GLU K 45 52.14 16.85 21.85
C GLU K 45 51.26 16.97 23.09
N LYS K 46 51.84 17.16 24.27
CA LYS K 46 51.07 17.11 25.51
C LYS K 46 50.15 18.32 25.65
N ILE K 47 50.72 19.52 25.60
CA ILE K 47 49.97 20.76 25.75
C ILE K 47 50.13 21.59 24.48
N LYS K 48 49.02 22.09 23.97
CA LYS K 48 48.99 22.85 22.73
C LYS K 48 48.21 24.13 22.93
N LEU K 49 48.80 25.25 22.52
CA LEU K 49 48.04 26.49 22.45
C LEU K 49 47.10 26.42 21.25
N LEU K 50 45.82 26.70 21.50
CA LEU K 50 44.82 26.73 20.42
C LEU K 50 44.80 28.15 19.87
N THR K 51 45.40 28.33 18.69
CA THR K 51 45.60 29.67 18.14
C THR K 51 44.29 30.33 17.74
N GLN K 52 43.31 29.54 17.28
CA GLN K 52 42.01 30.12 16.92
C GLN K 52 41.33 30.73 18.14
N ALA K 53 41.40 30.05 19.28
CA ALA K 53 40.87 30.56 20.54
C ALA K 53 41.93 31.25 21.38
N THR K 54 42.58 32.26 20.80
CA THR K 54 43.65 33.01 21.54
C THR K 54 43.56 34.49 21.18
N SER K 55 43.71 35.38 22.18
CA SER K 55 43.59 36.84 21.93
C SER K 55 44.95 37.41 21.50
N GLU K 56 44.94 38.61 20.92
CA GLU K 56 46.22 39.27 20.55
C GLU K 56 46.92 39.70 21.85
N ASP K 57 48.25 39.57 21.90
CA ASP K 57 49.01 39.91 23.10
C ASP K 57 48.49 39.15 24.33
N GLY K 58 48.23 37.85 24.17
CA GLY K 58 47.94 37.00 25.30
C GLY K 58 46.68 37.40 26.04
N THR K 59 46.69 37.17 27.35
CA THR K 59 45.62 37.52 28.29
C THR K 59 44.35 36.71 28.04
N SER K 60 44.34 35.90 26.99
CA SER K 60 43.21 35.02 26.68
C SER K 60 43.73 33.90 25.79
N ALA K 61 43.48 32.66 26.19
CA ALA K 61 43.98 31.54 25.42
C ALA K 61 43.22 30.28 25.82
N SER K 62 43.18 29.33 24.88
CA SER K 62 42.71 27.99 25.13
C SER K 62 43.88 27.04 24.94
N PHE K 63 44.10 26.16 25.92
CA PHE K 63 45.15 25.16 25.86
C PHE K 63 44.52 23.79 25.77
N GLN K 64 44.96 23.01 24.79
CA GLN K 64 44.51 21.63 24.64
C GLN K 64 45.54 20.71 25.28
N ILE K 65 45.10 19.94 26.27
CA ILE K 65 45.96 19.03 27.00
C ILE K 65 45.45 17.61 26.77
N VAL K 66 46.31 16.75 26.28
CA VAL K 66 45.94 15.38 25.95
C VAL K 66 46.17 14.49 27.16
N GLU K 67 45.44 13.38 27.20
CA GLU K 67 45.56 12.38 28.26
C GLU K 67 45.31 12.97 29.65
N GLU K 68 44.41 13.95 29.74
CA GLU K 68 44.04 14.54 31.02
C GLU K 68 42.53 14.72 31.05
N ASP K 69 41.98 14.67 32.25
CA ASP K 69 40.53 14.67 32.44
C ASP K 69 40.21 15.55 33.65
N HIS K 70 39.00 15.36 34.20
CA HIS K 70 38.50 16.22 35.27
C HIS K 70 39.46 16.30 36.44
N THR K 71 40.21 15.22 36.71
CA THR K 71 41.14 15.21 37.84
C THR K 71 42.07 16.41 37.81
N LEU K 72 42.87 16.54 36.75
CA LEU K 72 43.75 17.69 36.64
C LEU K 72 42.98 18.95 36.27
N GLY K 73 41.95 18.83 35.45
CA GLY K 73 41.24 20.01 34.99
C GLY K 73 40.67 20.83 36.12
N ASN K 74 39.97 20.17 37.06
CA ASN K 74 39.28 20.88 38.12
C ASN K 74 40.25 21.47 39.13
N ALA K 75 41.27 20.69 39.53
CA ALA K 75 42.27 21.20 40.46
C ALA K 75 43.04 22.37 39.87
N LEU K 76 43.46 22.24 38.60
CA LEU K 76 44.14 23.34 37.93
C LEU K 76 43.24 24.56 37.82
N ARG K 77 41.97 24.36 37.51
CA ARG K 77 41.05 25.49 37.39
C ARG K 77 40.88 26.20 38.72
N TYR K 78 40.75 25.45 39.81
CA TYR K 78 40.63 26.07 41.13
C TYR K 78 41.88 26.89 41.46
N VAL K 79 43.06 26.29 41.26
CA VAL K 79 44.30 26.98 41.58
C VAL K 79 44.46 28.24 40.73
N ILE K 80 44.17 28.14 39.43
CA ILE K 80 44.29 29.30 38.55
C ILE K 80 43.29 30.38 38.96
N MET K 81 42.05 29.99 39.28
CA MET K 81 41.06 30.96 39.72
C MET K 81 41.48 31.66 41.00
N LYS K 82 42.36 31.04 41.80
CA LYS K 82 42.90 31.75 42.96
C LYS K 82 43.96 32.79 42.59
N ASN K 83 44.19 33.02 41.30
CA ASN K 83 45.13 34.06 40.86
C ASN K 83 44.39 35.37 40.68
N PRO K 84 44.78 36.45 41.35
CA PRO K 84 44.02 37.71 41.24
C PRO K 84 43.96 38.28 39.83
N ASP K 85 44.94 37.98 38.98
CA ASP K 85 44.93 38.50 37.62
C ASP K 85 43.98 37.74 36.70
N VAL K 86 43.63 36.50 37.05
CA VAL K 86 42.78 35.69 36.20
C VAL K 86 41.32 36.11 36.38
N GLU K 87 40.65 36.40 35.27
CA GLU K 87 39.24 36.74 35.28
C GLU K 87 38.34 35.66 34.73
N PHE K 88 38.91 34.63 34.11
CA PHE K 88 38.12 33.57 33.50
C PHE K 88 39.01 32.33 33.47
N CYS K 89 38.65 31.31 34.25
CA CYS K 89 39.27 30.00 34.13
C CYS K 89 38.17 28.96 34.04
N GLY K 90 38.36 27.98 33.16
CA GLY K 90 37.41 26.91 33.00
C GLY K 90 37.92 25.93 31.98
N TYR K 91 37.62 24.66 32.22
CA TYR K 91 38.02 23.60 31.33
C TYR K 91 36.78 22.88 30.82
N SER K 92 36.96 22.14 29.75
CA SER K 92 35.92 21.28 29.22
C SER K 92 36.57 20.06 28.59
N ILE K 93 35.93 18.91 28.74
CA ILE K 93 36.32 17.71 28.00
C ILE K 93 35.39 17.67 26.80
N PRO K 94 35.85 18.06 25.61
CA PRO K 94 34.93 18.22 24.48
C PRO K 94 34.13 16.97 24.16
N HIS K 95 34.74 15.79 24.25
CA HIS K 95 34.03 14.56 23.99
C HIS K 95 34.62 13.46 24.87
N PRO K 96 33.77 12.60 25.44
CA PRO K 96 34.30 11.49 26.24
C PRO K 96 35.17 10.51 25.48
N SER K 97 34.97 10.39 24.16
CA SER K 97 35.72 9.43 23.37
C SER K 97 37.16 9.86 23.12
N GLU K 98 37.55 11.06 23.54
CA GLU K 98 38.88 11.58 23.32
C GLU K 98 39.54 11.93 24.65
N ASN K 99 40.75 11.43 24.86
CA ASN K 99 41.53 11.76 26.05
C ASN K 99 42.15 13.14 25.85
N LEU K 100 41.34 14.16 26.14
CA LEU K 100 41.63 15.52 25.75
C LEU K 100 40.95 16.48 26.71
N LEU K 101 41.51 17.69 26.80
CA LEU K 101 41.01 18.68 27.77
C LEU K 101 41.39 20.06 27.28
N ASN K 102 40.41 20.91 27.05
CA ASN K 102 40.62 22.31 26.70
C ASN K 102 40.39 23.16 27.94
N ILE K 103 41.42 23.87 28.39
CA ILE K 103 41.32 24.77 29.53
C ILE K 103 41.41 26.20 29.02
N ARG K 104 40.48 27.04 29.46
CA ARG K 104 40.38 28.42 29.00
C ARG K 104 40.85 29.34 30.12
N ILE K 105 41.74 30.27 29.77
CA ILE K 105 42.20 31.29 30.71
C ILE K 105 42.04 32.65 30.05
N GLN K 106 41.36 33.56 30.73
CA GLN K 106 41.33 34.96 30.36
C GLN K 106 41.78 35.78 31.57
N THR K 107 42.73 36.67 31.37
CA THR K 107 43.26 37.50 32.43
C THR K 107 42.91 38.95 32.16
N TYR K 108 43.34 39.82 33.06
CA TYR K 108 43.40 41.24 32.80
C TYR K 108 44.74 41.54 32.13
N GLY K 109 45.12 42.81 32.04
CA GLY K 109 46.35 43.13 31.32
C GLY K 109 47.64 42.85 32.05
N GLU K 110 47.58 42.37 33.30
CA GLU K 110 48.81 42.22 34.08
C GLU K 110 49.71 41.12 33.53
N THR K 111 49.16 39.94 33.27
CA THR K 111 49.93 38.81 32.79
C THR K 111 49.23 38.18 31.59
N THR K 112 49.86 37.17 31.02
CA THR K 112 49.29 36.42 29.90
C THR K 112 48.66 35.13 30.40
N ALA K 113 47.85 34.53 29.53
CA ALA K 113 47.19 33.27 29.87
C ALA K 113 48.22 32.17 30.10
N VAL K 114 49.30 32.16 29.31
CA VAL K 114 50.35 31.17 29.50
C VAL K 114 51.01 31.33 30.86
N ASP K 115 51.32 32.57 31.26
CA ASP K 115 51.91 32.80 32.56
C ASP K 115 50.95 32.41 33.69
N ALA K 116 49.65 32.69 33.50
CA ALA K 116 48.67 32.26 34.49
C ALA K 116 48.65 30.74 34.62
N LEU K 117 48.71 30.04 33.49
CA LEU K 117 48.73 28.58 33.52
C LEU K 117 49.98 28.05 34.21
N GLN K 118 51.14 28.66 33.93
CA GLN K 118 52.38 28.24 34.57
C GLN K 118 52.32 28.45 36.08
N LYS K 119 51.83 29.62 36.49
CA LYS K 119 51.70 29.90 37.92
C LYS K 119 50.73 28.93 38.57
N GLY K 120 49.63 28.60 37.90
CA GLY K 120 48.69 27.65 38.45
C GLY K 120 49.27 26.26 38.60
N LEU K 121 50.03 25.81 37.61
CA LEU K 121 50.67 24.50 37.70
C LEU K 121 51.67 24.46 38.85
N LYS K 122 52.48 25.51 38.99
CA LYS K 122 53.45 25.54 40.07
C LYS K 122 52.77 25.59 41.43
N ASP K 123 51.68 26.35 41.54
CA ASP K 123 50.95 26.42 42.80
C ASP K 123 50.28 25.09 43.13
N LEU K 124 49.80 24.36 42.12
CA LEU K 124 49.30 23.02 42.33
C LEU K 124 50.38 22.10 42.88
N MET K 125 51.59 22.20 42.34
CA MET K 125 52.71 21.43 42.87
C MET K 125 52.99 21.77 44.32
N ASP K 126 53.01 23.07 44.64
CA ASP K 126 53.29 23.47 46.01
C ASP K 126 52.21 22.98 46.97
N LEU K 127 50.94 23.03 46.53
CA LEU K 127 49.84 22.47 47.32
C LEU K 127 50.06 20.98 47.57
N CYS K 128 50.44 20.24 46.53
CA CYS K 128 50.67 18.81 46.69
C CYS K 128 51.84 18.54 47.64
N ASP K 129 52.88 19.37 47.58
CA ASP K 129 53.98 19.25 48.53
C ASP K 129 53.52 19.46 49.96
N VAL K 130 52.69 20.47 50.19
CA VAL K 130 52.18 20.73 51.53
C VAL K 130 51.39 19.52 52.03
N VAL K 131 50.51 18.99 51.18
CA VAL K 131 49.71 17.83 51.58
C VAL K 131 50.60 16.63 51.88
N GLU K 132 51.60 16.40 51.03
CA GLU K 132 52.50 15.27 51.25
C GLU K 132 53.26 15.40 52.56
N SER K 133 53.76 16.59 52.85
CA SER K 133 54.52 16.78 54.09
C SER K 133 53.64 16.57 55.31
N LYS K 134 52.42 17.13 55.29
CA LYS K 134 51.52 16.94 56.43
C LYS K 134 51.17 15.47 56.62
N PHE K 135 50.83 14.77 55.52
CA PHE K 135 50.46 13.37 55.62
C PHE K 135 51.63 12.53 56.10
N THR K 136 52.84 12.81 55.62
CA THR K 136 54.01 12.04 56.04
C THR K 136 54.29 12.25 57.53
N GLU K 137 54.23 13.50 58.00
CA GLU K 137 54.52 13.73 59.41
C GLU K 137 53.45 13.09 60.29
N LYS K 138 52.18 13.13 59.86
CA LYS K 138 51.13 12.48 60.64
C LYS K 138 51.30 10.97 60.65
N ILE K 139 51.68 10.38 59.51
CA ILE K 139 51.90 8.94 59.46
C ILE K 139 53.04 8.53 60.38
N LYS K 140 54.13 9.31 60.35
CA LYS K 140 55.27 9.00 61.23
C LYS K 140 54.90 9.14 62.69
N SER K 141 54.14 10.19 63.04
CA SER K 141 53.80 10.41 64.44
C SER K 141 52.80 9.38 64.94
N MET K 142 51.57 9.40 64.39
CA MET K 142 50.47 8.57 64.86
C MET K 142 50.37 8.49 66.38
N UNK L 14 65.86 -11.24 32.00
CA UNK L 14 65.46 -12.22 31.00
C UNK L 14 64.06 -11.91 30.45
N UNK L 15 63.65 -12.67 29.45
CA UNK L 15 62.32 -12.50 28.87
C UNK L 15 61.41 -13.66 29.24
N UNK L 16 60.32 -13.81 28.49
CA UNK L 16 59.38 -14.90 28.70
C UNK L 16 58.58 -15.15 27.43
N UNK L 17 58.55 -16.40 26.98
CA UNK L 17 57.86 -16.75 25.75
C UNK L 17 56.35 -16.87 25.95
N UNK L 18 55.75 -17.84 25.27
CA UNK L 18 54.30 -18.04 25.33
C UNK L 18 53.84 -18.43 26.73
N UNK L 19 54.06 -19.69 27.11
CA UNK L 19 53.64 -20.18 28.41
C UNK L 19 54.41 -21.43 28.80
N LEU L 27 43.08 -37.61 18.08
CA LEU L 27 41.65 -37.34 17.98
C LEU L 27 40.86 -38.19 18.98
N LYS L 28 40.78 -37.71 20.22
CA LYS L 28 40.02 -38.39 21.25
C LYS L 28 38.58 -37.91 21.25
N TYR L 29 37.64 -38.83 21.47
CA TYR L 29 36.24 -38.51 21.59
C TYR L 29 35.72 -38.96 22.95
N ILE L 30 34.65 -38.33 23.39
CA ILE L 30 34.04 -38.58 24.70
C ILE L 30 32.64 -39.12 24.47
N CYS L 31 32.30 -40.21 25.15
CA CYS L 31 30.92 -40.66 25.17
C CYS L 31 30.05 -39.67 25.93
N ALA L 32 28.91 -39.32 25.34
CA ALA L 32 28.04 -38.32 25.95
C ALA L 32 27.47 -38.77 27.29
N GLU L 33 27.27 -40.07 27.49
CA GLU L 33 26.73 -40.56 28.76
C GLU L 33 27.73 -41.32 29.61
N CYS L 34 28.50 -42.24 29.04
CA CYS L 34 29.45 -43.02 29.84
C CYS L 34 30.80 -42.33 29.99
N SER L 35 31.04 -41.25 29.26
CA SER L 35 32.27 -40.45 29.36
C SER L 35 33.52 -41.29 29.11
N SER L 36 33.44 -42.27 28.22
CA SER L 36 34.62 -43.05 27.86
C SER L 36 35.44 -42.31 26.80
N LYS L 37 36.75 -42.56 26.81
CA LYS L 37 37.67 -41.95 25.87
C LYS L 37 37.70 -42.78 24.60
N LEU L 38 37.07 -42.28 23.54
CA LEU L 38 37.04 -42.98 22.26
C LEU L 38 38.12 -42.45 21.34
N SER L 39 38.58 -43.33 20.45
CA SER L 39 39.46 -42.96 19.34
C SER L 39 38.89 -43.63 18.10
N LEU L 40 38.32 -42.84 17.21
CA LEU L 40 37.60 -43.38 16.07
C LEU L 40 38.60 -43.70 14.96
N SER L 41 38.77 -44.99 14.68
CA SER L 41 39.64 -45.39 13.59
C SER L 41 39.02 -44.99 12.26
N ARG L 42 39.78 -45.18 11.18
CA ARG L 42 39.36 -44.73 9.86
C ARG L 42 38.12 -45.53 9.42
N THR L 43 36.96 -44.87 9.44
CA THR L 43 35.70 -45.42 8.95
C THR L 43 35.33 -46.71 9.70
N ASP L 44 35.05 -46.55 10.99
CA ASP L 44 34.63 -47.67 11.83
C ASP L 44 33.17 -47.57 12.24
N ALA L 45 32.78 -46.51 12.94
CA ALA L 45 31.42 -46.30 13.44
C ALA L 45 31.38 -44.93 14.11
N VAL L 46 30.18 -44.52 14.51
CA VAL L 46 30.02 -43.29 15.28
C VAL L 46 29.33 -43.66 16.59
N ARG L 47 29.63 -44.86 17.09
CA ARG L 47 29.01 -45.42 18.28
C ARG L 47 30.06 -45.64 19.35
N CYS L 48 29.68 -45.46 20.62
CA CYS L 48 30.58 -45.78 21.72
C CYS L 48 30.85 -47.28 21.78
N LYS L 49 32.05 -47.63 22.24
CA LYS L 49 32.46 -49.03 22.25
C LYS L 49 32.11 -49.75 23.55
N ASP L 50 31.90 -48.99 24.65
CA ASP L 50 31.56 -49.63 25.91
C ASP L 50 30.06 -49.80 26.06
N CYS L 51 29.31 -48.71 25.91
CA CYS L 51 27.87 -48.77 25.74
C CYS L 51 27.54 -48.41 24.30
N GLY L 52 26.28 -48.63 23.91
CA GLY L 52 25.92 -48.46 22.52
C GLY L 52 25.60 -47.04 22.10
N HIS L 53 25.99 -46.07 22.92
CA HIS L 53 25.58 -44.69 22.69
C HIS L 53 26.08 -44.16 21.35
N ARG L 54 25.20 -43.45 20.65
CA ARG L 54 25.48 -42.94 19.32
C ARG L 54 25.88 -41.48 19.31
N ILE L 55 26.08 -40.86 20.49
CA ILE L 55 26.46 -39.46 20.58
C ILE L 55 27.88 -39.40 21.12
N LEU L 56 28.78 -38.80 20.33
CA LEU L 56 30.18 -38.62 20.70
C LEU L 56 30.51 -37.14 20.65
N LEU L 57 31.32 -36.69 21.62
CA LEU L 57 31.75 -35.31 21.69
C LEU L 57 33.27 -35.26 21.60
N LYS L 58 33.77 -34.27 20.87
CA LYS L 58 35.21 -34.06 20.78
C LYS L 58 35.75 -33.62 22.13
N ALA L 59 36.91 -34.17 22.50
CA ALA L 59 37.59 -33.71 23.69
C ALA L 59 38.17 -32.32 23.45
N ARG L 60 38.46 -31.62 24.55
CA ARG L 60 39.04 -30.29 24.45
C ARG L 60 40.39 -30.36 23.75
N THR L 61 40.68 -29.32 22.97
CA THR L 61 41.93 -29.26 22.23
C THR L 61 43.11 -29.28 23.19
N LYS L 62 44.21 -29.90 22.75
CA LYS L 62 45.39 -30.01 23.59
C LYS L 62 46.30 -28.79 23.51
N ARG L 63 46.09 -27.92 22.52
CA ARG L 63 47.00 -26.81 22.35
C ARG L 63 46.56 -25.60 23.18
N LEU L 64 47.44 -24.60 23.21
CA LEU L 64 47.26 -23.44 24.09
C LEU L 64 46.21 -22.49 23.53
N VAL L 65 45.30 -22.04 24.38
CA VAL L 65 44.34 -21.00 24.05
C VAL L 65 44.55 -19.86 25.04
N GLN L 66 44.81 -18.66 24.52
CA GLN L 66 45.11 -17.50 25.33
C GLN L 66 43.90 -16.57 25.40
N PHE L 67 43.65 -16.02 26.58
CA PHE L 67 42.55 -15.10 26.80
C PHE L 67 43.04 -13.84 27.51
N GLU L 68 42.40 -12.72 27.19
CA GLU L 68 42.52 -11.54 28.03
C GLU L 68 41.80 -11.79 29.34
N ALA L 69 42.43 -11.40 30.45
CA ALA L 69 41.81 -11.51 31.77
C ALA L 69 40.92 -10.32 32.09
N ARG L 70 39.97 -9.99 31.20
CA ARG L 70 39.13 -8.82 31.39
C ARG L 70 37.65 -9.18 31.31
N ILE M 71 -51.49 -32.04 59.64
CA ILE M 71 -50.83 -32.91 60.61
C ILE M 71 -51.31 -34.35 60.43
N GLU M 72 -51.49 -34.76 59.17
CA GLU M 72 -52.11 -36.04 58.88
C GLU M 72 -51.34 -36.82 57.82
N GLU M 73 -51.92 -37.90 57.33
CA GLU M 73 -51.22 -38.88 56.52
C GLU M 73 -52.13 -39.34 55.39
N PHE M 74 -51.58 -39.36 54.17
CA PHE M 74 -52.30 -39.83 52.99
C PHE M 74 -51.41 -40.80 52.23
N PRO M 75 -51.68 -42.10 52.29
CA PRO M 75 -50.82 -43.06 51.60
C PRO M 75 -50.98 -42.96 50.09
N LEU M 76 -49.91 -43.31 49.39
CA LEU M 76 -49.95 -43.46 47.94
C LEU M 76 -49.48 -44.87 47.58
N LYS M 77 -50.27 -45.55 46.76
CA LYS M 77 -50.04 -46.95 46.42
C LYS M 77 -49.80 -47.07 44.93
N ILE M 78 -48.69 -47.71 44.55
CA ILE M 78 -48.45 -48.00 43.15
C ILE M 78 -49.32 -49.17 42.70
N SER M 79 -49.59 -49.22 41.41
CA SER M 79 -50.51 -50.23 40.86
C SER M 79 -50.40 -50.27 39.35
N GLY M 80 -51.26 -51.07 38.71
CA GLY M 80 -51.33 -51.11 37.26
C GLY M 80 -50.02 -51.47 36.59
N GLU M 81 -49.32 -52.46 37.13
CA GLU M 81 -48.01 -52.84 36.61
C GLU M 81 -48.11 -53.30 35.16
N GLU M 82 -49.31 -53.69 34.73
CA GLU M 82 -49.55 -54.14 33.37
C GLU M 82 -50.47 -53.22 32.58
N GLU M 83 -51.17 -52.31 33.24
CA GLU M 83 -52.08 -51.39 32.55
C GLU M 83 -51.29 -50.42 31.70
N SER M 84 -51.59 -50.39 30.39
CA SER M 84 -50.96 -49.46 29.45
C SER M 84 -51.86 -48.23 29.36
N LEU M 85 -51.47 -47.17 30.07
CA LEU M 85 -52.32 -45.99 30.27
C LEU M 85 -51.68 -44.81 29.53
N HIS M 86 -52.08 -44.62 28.28
CA HIS M 86 -51.58 -43.49 27.50
C HIS M 86 -52.34 -42.22 27.89
N VAL M 87 -51.64 -41.09 27.79
CA VAL M 87 -52.22 -39.78 28.09
C VAL M 87 -52.29 -38.98 26.81
N PHE M 88 -53.47 -38.44 26.51
CA PHE M 88 -53.70 -37.68 25.29
C PHE M 88 -53.62 -36.19 25.59
N GLN M 89 -52.74 -35.50 24.88
CA GLN M 89 -52.56 -34.06 25.03
C GLN M 89 -53.14 -33.38 23.80
N TYR M 90 -54.38 -32.92 23.90
CA TYR M 90 -55.02 -32.13 22.84
C TYR M 90 -54.63 -30.67 22.99
N ALA M 91 -53.50 -30.31 22.36
CA ALA M 91 -53.06 -28.92 22.35
C ALA M 91 -54.01 -28.05 21.56
N ASN M 92 -54.82 -28.65 20.68
CA ASN M 92 -55.70 -27.87 19.82
C ASN M 92 -56.78 -27.16 20.62
N ARG M 93 -57.19 -27.72 21.75
CA ARG M 93 -58.33 -27.19 22.48
C ARG M 93 -57.99 -26.98 23.94
N PRO M 94 -58.38 -25.84 24.52
CA PRO M 94 -58.08 -25.58 25.93
C PRO M 94 -58.95 -26.41 26.85
N ARG M 95 -58.50 -26.52 28.10
CA ARG M 95 -59.30 -27.21 29.12
C ARG M 95 -60.54 -26.40 29.45
N LEU M 96 -60.38 -25.12 29.78
CA LEU M 96 -61.42 -24.32 30.42
C LEU M 96 -61.52 -22.97 29.70
N VAL M 97 -62.38 -22.90 28.67
CA VAL M 97 -62.61 -21.65 27.97
C VAL M 97 -63.24 -20.62 28.91
N GLY M 98 -64.29 -21.03 29.61
CA GLY M 98 -64.94 -20.20 30.59
C GLY M 98 -64.71 -20.67 32.01
N ARG M 99 -65.61 -20.28 32.90
CA ARG M 99 -65.51 -20.72 34.29
C ARG M 99 -65.61 -22.25 34.40
N LYS M 100 -66.54 -22.84 33.64
CA LYS M 100 -66.70 -24.28 33.62
C LYS M 100 -65.72 -24.91 32.64
N PRO M 101 -65.36 -26.18 32.85
CA PRO M 101 -64.52 -26.88 31.87
C PRO M 101 -65.19 -26.98 30.51
N ALA M 102 -64.37 -26.94 29.46
CA ALA M 102 -64.89 -27.03 28.10
C ALA M 102 -65.53 -28.40 27.87
N GLU M 103 -66.51 -28.43 26.97
CA GLU M 103 -67.19 -29.67 26.64
C GLU M 103 -66.19 -30.71 26.12
N HIS M 104 -66.17 -31.87 26.77
CA HIS M 104 -65.33 -32.96 26.32
C HIS M 104 -65.78 -33.40 24.94
N PRO M 105 -64.87 -33.57 23.99
CA PRO M 105 -65.25 -33.84 22.61
C PRO M 105 -65.83 -35.25 22.46
N PHE M 106 -66.29 -35.54 21.25
CA PHE M 106 -66.76 -36.87 20.89
C PHE M 106 -65.69 -37.55 20.04
N ILE M 107 -65.33 -38.76 20.41
CA ILE M 107 -64.23 -39.49 19.80
C ILE M 107 -64.80 -40.62 18.95
N SER M 108 -64.33 -40.72 17.71
CA SER M 108 -64.71 -41.81 16.82
C SER M 108 -63.55 -42.10 15.89
N ALA M 109 -63.55 -43.32 15.35
CA ALA M 109 -62.55 -43.76 14.36
C ALA M 109 -61.12 -43.58 14.87
N ALA M 110 -60.88 -44.00 16.11
CA ALA M 110 -59.53 -43.94 16.66
C ALA M 110 -58.63 -44.97 15.97
N ARG M 111 -57.38 -44.58 15.73
CA ARG M 111 -56.41 -45.44 15.08
C ARG M 111 -55.05 -45.33 15.77
N TYR M 112 -54.40 -46.47 16.00
CA TYR M 112 -53.07 -46.50 16.58
C TYR M 112 -52.24 -47.59 15.92
N LYS M 113 -50.96 -47.30 15.75
CA LYS M 113 -50.04 -48.20 15.05
C LYS M 113 -49.03 -48.79 16.01
N PRO M 114 -49.08 -50.10 16.29
CA PRO M 114 -47.95 -50.75 16.95
C PRO M 114 -46.63 -50.49 16.24
N LYS M 115 -45.55 -50.67 16.99
CA LYS M 115 -44.18 -50.69 16.46
C LYS M 115 -43.73 -49.32 15.97
N SER M 116 -44.65 -48.35 15.96
CA SER M 116 -44.29 -46.98 15.63
C SER M 116 -45.00 -45.94 16.50
N HIS M 117 -46.07 -46.32 17.21
CA HIS M 117 -46.69 -45.48 18.24
C HIS M 117 -47.26 -44.18 17.66
N LEU M 118 -48.12 -44.31 16.66
CA LEU M 118 -48.84 -43.17 16.10
C LEU M 118 -50.30 -43.23 16.53
N TRP M 119 -50.80 -42.12 17.08
CA TRP M 119 -52.19 -41.99 17.49
C TRP M 119 -52.91 -41.10 16.49
N GLU M 120 -53.99 -41.62 15.90
CA GLU M 120 -54.83 -40.84 15.00
C GLU M 120 -56.26 -40.85 15.54
N ILE M 121 -56.75 -39.67 15.89
CA ILE M 121 -58.04 -39.49 16.55
C ILE M 121 -58.91 -38.59 15.70
N ASP M 122 -60.13 -39.05 15.42
CA ASP M 122 -61.07 -38.32 14.57
C ASP M 122 -62.18 -37.73 15.43
N ILE M 123 -62.45 -36.45 15.24
CA ILE M 123 -63.56 -35.77 15.89
C ILE M 123 -64.45 -35.16 14.80
N PRO M 124 -65.74 -35.51 14.74
CA PRO M 124 -66.60 -34.92 13.72
C PRO M 124 -66.78 -33.43 13.92
N LEU M 125 -66.92 -32.72 12.81
CA LEU M 125 -67.13 -31.28 12.83
C LEU M 125 -68.62 -30.98 12.86
N ASP M 126 -68.99 -29.92 13.58
CA ASP M 126 -70.39 -29.52 13.63
C ASP M 126 -70.86 -29.10 12.24
N GLU M 127 -72.16 -29.31 11.99
CA GLU M 127 -72.75 -29.05 10.69
C GLU M 127 -73.76 -27.92 10.69
N GLN M 128 -74.28 -27.52 11.85
CA GLN M 128 -75.28 -26.47 11.90
C GLN M 128 -74.70 -25.07 11.81
N ALA M 129 -73.38 -24.92 11.95
CA ALA M 129 -72.76 -23.60 11.87
C ALA M 129 -71.27 -23.76 11.62
N PHE M 130 -70.71 -22.83 10.84
CA PHE M 130 -69.27 -22.72 10.60
C PHE M 130 -68.71 -24.01 10.00
N TYR M 131 -69.15 -24.34 8.79
CA TYR M 131 -68.67 -25.57 8.17
C TYR M 131 -68.12 -25.37 6.76
N ASN M 132 -68.66 -24.42 6.00
CA ASN M 132 -68.27 -24.20 4.61
C ASN M 132 -68.39 -25.50 3.80
N LYS M 133 -69.63 -25.99 3.71
CA LYS M 133 -69.88 -27.31 3.12
C LYS M 133 -69.52 -27.33 1.64
N ASP M 134 -69.95 -26.31 0.89
CA ASP M 134 -69.71 -26.30 -0.55
C ASP M 134 -68.23 -26.20 -0.86
N LYS M 135 -67.51 -25.31 -0.17
CA LYS M 135 -66.06 -25.23 -0.34
C LYS M 135 -65.40 -26.54 0.06
N ALA M 136 -65.88 -27.16 1.14
CA ALA M 136 -65.31 -28.43 1.59
C ALA M 136 -65.42 -29.49 0.52
N GLU M 137 -66.61 -29.67 -0.05
CA GLU M 137 -66.76 -30.69 -1.10
C GLU M 137 -65.98 -30.31 -2.36
N SER M 138 -65.98 -29.03 -2.74
CA SER M 138 -65.28 -28.63 -3.97
C SER M 138 -63.77 -28.68 -3.81
N GLU M 139 -63.26 -28.78 -2.59
CA GLU M 139 -61.82 -28.78 -2.35
C GLU M 139 -61.28 -30.14 -1.94
N TRP M 140 -61.84 -30.76 -0.90
CA TRP M 140 -61.37 -32.06 -0.43
C TRP M 140 -62.57 -32.96 -0.15
N ASN M 141 -62.54 -34.18 -0.69
CA ASN M 141 -63.72 -35.04 -0.76
C ASN M 141 -64.37 -35.32 0.59
N GLY M 142 -63.68 -36.05 1.46
CA GLY M 142 -64.23 -36.37 2.76
C GLY M 142 -63.59 -35.60 3.90
N VAL M 143 -64.28 -34.59 4.41
CA VAL M 143 -63.75 -33.75 5.48
C VAL M 143 -64.77 -33.58 6.60
N ASN M 144 -65.65 -34.56 6.77
CA ASN M 144 -66.67 -34.45 7.80
C ASN M 144 -66.09 -34.41 9.20
N VAL M 145 -64.87 -34.90 9.39
CA VAL M 145 -64.26 -35.00 10.71
C VAL M 145 -62.89 -34.32 10.67
N GLN M 146 -62.30 -34.18 11.86
CA GLN M 146 -60.96 -33.61 12.02
C GLN M 146 -60.06 -34.65 12.67
N THR M 147 -58.90 -34.90 12.06
CA THR M 147 -57.98 -35.93 12.52
C THR M 147 -56.84 -35.28 13.28
N LEU M 148 -56.58 -35.76 14.50
CA LEU M 148 -55.47 -35.28 15.31
C LEU M 148 -54.45 -36.41 15.40
N LYS M 149 -53.28 -36.20 14.80
CA LYS M 149 -52.22 -37.19 14.82
C LYS M 149 -51.08 -36.73 15.73
N GLY M 150 -50.60 -37.64 16.56
CA GLY M 150 -49.46 -37.36 17.42
C GLY M 150 -48.78 -38.62 17.90
N VAL M 151 -47.46 -38.68 17.75
CA VAL M 151 -46.70 -39.85 18.16
C VAL M 151 -46.56 -39.85 19.67
N GLY M 152 -47.05 -40.90 20.32
CA GLY M 152 -46.84 -41.06 21.75
C GLY M 152 -45.36 -41.20 22.06
N VAL M 153 -44.87 -40.40 22.99
CA VAL M 153 -43.44 -40.33 23.30
C VAL M 153 -43.20 -41.01 24.63
N GLU M 154 -42.25 -41.94 24.65
CA GLU M 154 -41.92 -42.71 25.85
C GLU M 154 -41.19 -41.82 26.83
N ASN M 155 -41.88 -41.43 27.89
CA ASN M 155 -41.29 -40.65 28.97
C ASN M 155 -41.58 -41.35 30.29
N ASN M 156 -40.53 -41.49 31.10
CA ASN M 156 -40.56 -42.25 32.33
C ASN M 156 -40.81 -41.34 33.52
N GLY M 157 -41.20 -41.95 34.64
CA GLY M 157 -41.47 -41.23 35.86
C GLY M 157 -42.85 -40.62 35.93
N GLN M 158 -43.71 -40.84 34.94
CA GLN M 158 -45.05 -40.27 34.91
C GLN M 158 -46.06 -41.31 35.38
N TYR M 159 -46.89 -40.93 36.35
CA TYR M 159 -47.92 -41.81 36.90
C TYR M 159 -49.23 -41.03 36.97
N ALA M 160 -50.22 -41.45 36.19
CA ALA M 160 -51.56 -40.92 36.37
C ALA M 160 -52.18 -41.49 37.64
N ALA M 161 -52.88 -40.65 38.39
CA ALA M 161 -53.34 -41.00 39.71
C ALA M 161 -54.79 -40.59 39.93
N PHE M 162 -55.44 -41.27 40.87
CA PHE M 162 -56.75 -40.88 41.35
C PHE M 162 -56.84 -41.17 42.85
N VAL M 163 -57.75 -40.47 43.52
CA VAL M 163 -57.93 -40.68 44.99
C VAL M 163 -59.32 -41.31 45.19
N LYS M 164 -59.39 -42.45 45.88
CA LYS M 164 -60.69 -43.15 46.02
C LYS M 164 -61.15 -43.13 47.47
N ASP M 165 -60.26 -43.45 48.41
CA ASP M 165 -60.62 -43.43 49.86
C ASP M 165 -59.55 -42.64 50.62
N MET M 166 -59.42 -41.34 50.33
CA MET M 166 -58.37 -40.50 50.97
C MET M 166 -57.01 -41.15 50.71
N GLN M 167 -56.90 -41.91 49.61
CA GLN M 167 -55.63 -42.57 49.24
C GLN M 167 -55.38 -42.32 47.75
N VAL M 168 -54.16 -41.91 47.39
CA VAL M 168 -53.84 -41.63 45.96
C VAL M 168 -53.26 -42.90 45.34
N TYR M 169 -53.91 -43.43 44.30
CA TYR M 169 -53.45 -44.66 43.66
C TYR M 169 -52.75 -44.30 42.36
N LEU M 170 -51.51 -44.77 42.21
CA LEU M 170 -50.65 -44.38 41.10
C LEU M 170 -50.63 -45.47 40.05
N VAL M 171 -50.83 -45.09 38.79
CA VAL M 171 -50.78 -46.00 37.65
C VAL M 171 -49.74 -45.45 36.68
N PRO M 172 -48.71 -46.23 36.32
CA PRO M 172 -47.66 -45.71 35.44
C PRO M 172 -48.21 -45.34 34.08
N ILE M 173 -47.66 -44.28 33.50
CA ILE M 173 -48.09 -43.78 32.21
C ILE M 173 -47.23 -44.39 31.11
N GLU M 174 -47.85 -44.72 29.99
CA GLU M 174 -47.15 -45.25 28.82
C GLU M 174 -47.32 -44.28 27.66
N ARG M 175 -46.22 -43.70 27.21
CA ARG M 175 -46.17 -42.96 25.95
C ARG M 175 -47.19 -41.84 25.86
N VAL M 176 -47.00 -40.78 26.67
CA VAL M 176 -47.82 -39.58 26.52
C VAL M 176 -47.83 -39.13 25.06
N ALA M 177 -48.99 -38.69 24.60
CA ALA M 177 -49.19 -38.33 23.20
C ALA M 177 -49.61 -36.88 23.09
N GLN M 178 -48.97 -36.14 22.17
CA GLN M 178 -49.28 -34.73 21.93
C GLN M 178 -50.00 -34.65 20.58
N LEU M 179 -51.32 -34.53 20.64
CA LEU M 179 -52.14 -34.57 19.43
C LEU M 179 -52.27 -33.18 18.81
N LYS M 180 -52.01 -33.11 17.51
CA LYS M 180 -52.11 -31.89 16.73
C LYS M 180 -52.96 -32.16 15.50
N PRO M 181 -53.66 -31.15 14.98
CA PRO M 181 -54.54 -31.37 13.83
C PRO M 181 -53.77 -31.87 12.62
N PHE M 182 -54.42 -32.71 11.83
CA PHE M 182 -53.82 -33.35 10.67
C PHE M 182 -54.75 -33.20 9.48
N PHE M 183 -54.17 -33.04 8.29
CA PHE M 183 -54.93 -32.69 7.10
C PHE M 183 -54.72 -33.72 6.00
N LYS M 184 -54.93 -34.99 6.35
CA LYS M 184 -54.88 -36.12 5.42
C LYS M 184 -55.65 -35.84 4.14
N TYR M 185 -56.76 -35.11 4.22
CA TYR M 185 -57.50 -34.77 3.02
C TYR M 185 -56.67 -33.88 2.09
N ILE M 186 -55.97 -32.89 2.67
CA ILE M 186 -55.05 -32.07 1.87
C ILE M 186 -53.94 -32.94 1.29
N ASP M 187 -53.42 -33.86 2.10
CA ASP M 187 -52.39 -34.78 1.61
C ASP M 187 -52.88 -35.56 0.39
N ASP M 188 -54.09 -36.10 0.47
CA ASP M 188 -54.65 -36.88 -0.63
C ASP M 188 -54.89 -36.01 -1.86
N ALA M 189 -55.41 -34.81 -1.66
CA ALA M 189 -55.62 -33.90 -2.79
C ALA M 189 -54.30 -33.55 -3.46
N ASN M 190 -53.26 -33.31 -2.66
CA ASN M 190 -51.97 -32.95 -3.24
C ASN M 190 -51.35 -34.12 -3.99
N VAL M 191 -51.47 -35.34 -3.45
CA VAL M 191 -50.90 -36.49 -4.16
C VAL M 191 -51.68 -36.78 -5.44
N THR M 192 -53.00 -36.61 -5.41
CA THR M 192 -53.80 -36.82 -6.62
C THR M 192 -53.62 -35.70 -7.62
N ARG M 193 -53.15 -34.53 -7.19
CA ARG M 193 -52.74 -33.51 -8.14
C ARG M 193 -51.37 -33.83 -8.75
N LYS M 194 -50.42 -34.22 -7.92
CA LYS M 194 -49.08 -34.54 -8.40
C LYS M 194 -49.06 -35.77 -9.29
N GLN M 195 -50.06 -36.65 -9.19
CA GLN M 195 -50.12 -37.82 -10.06
C GLN M 195 -50.17 -37.44 -11.54
N GLU M 196 -50.65 -36.24 -11.87
CA GLU M 196 -50.62 -35.77 -13.25
C GLU M 196 -49.92 -34.42 -13.34
N ASN M 225 -29.17 -50.41 -0.02
CA ASN M 225 -29.82 -49.24 0.57
C ASN M 225 -30.43 -49.57 1.92
N ARG M 226 -29.64 -49.40 2.98
CA ARG M 226 -30.13 -49.69 4.32
C ARG M 226 -31.22 -48.71 4.73
N LEU M 227 -31.06 -47.43 4.40
CA LEU M 227 -32.01 -46.37 4.75
C LEU M 227 -32.19 -46.26 6.27
N THR M 228 -31.09 -45.98 6.95
CA THR M 228 -31.07 -45.91 8.40
C THR M 228 -31.49 -44.51 8.86
N GLY M 229 -31.31 -44.24 10.15
CA GLY M 229 -31.64 -42.93 10.69
C GLY M 229 -33.14 -42.72 10.84
N SER M 230 -33.55 -41.46 10.77
CA SER M 230 -34.97 -41.13 10.79
C SER M 230 -35.65 -41.46 9.47
N LEU M 231 -34.88 -41.78 8.43
CA LEU M 231 -35.48 -42.25 7.18
C LEU M 231 -36.24 -43.54 7.40
N LEU M 232 -35.62 -44.49 8.12
CA LEU M 232 -36.28 -45.75 8.43
C LEU M 232 -37.55 -45.52 9.24
N ALA M 233 -37.56 -44.49 10.09
CA ALA M 233 -38.75 -44.24 10.91
C ALA M 233 -39.96 -43.93 10.05
N HIS M 234 -39.83 -42.96 9.13
CA HIS M 234 -40.95 -42.62 8.26
C HIS M 234 -41.26 -43.75 7.28
N LYS M 235 -40.21 -44.43 6.79
CA LYS M 235 -40.42 -45.56 5.89
C LYS M 235 -41.29 -46.63 6.56
N VAL M 236 -40.93 -47.03 7.78
CA VAL M 236 -41.75 -47.99 8.51
C VAL M 236 -43.14 -47.44 8.78
N ALA M 237 -43.22 -46.17 9.19
CA ALA M 237 -44.50 -45.60 9.58
C ALA M 237 -45.50 -45.60 8.44
N ASP M 238 -45.06 -45.25 7.23
CA ASP M 238 -45.97 -45.21 6.09
C ASP M 238 -45.99 -46.51 5.29
N GLU M 239 -45.14 -47.48 5.63
CA GLU M 239 -45.21 -48.79 4.98
C GLU M 239 -46.06 -49.77 5.80
N GLU M 240 -45.64 -50.06 7.03
CA GLU M 240 -46.39 -50.95 7.91
C GLU M 240 -47.33 -50.09 8.75
N ALA M 241 -48.63 -50.27 8.54
CA ALA M 241 -49.64 -49.45 9.18
C ALA M 241 -50.94 -50.26 9.23
N ASN M 242 -52.05 -49.58 9.45
CA ASN M 242 -53.39 -50.18 9.41
C ASN M 242 -53.55 -51.25 10.50
N ILE M 243 -53.42 -50.80 11.74
CA ILE M 243 -53.79 -51.59 12.90
C ILE M 243 -54.98 -50.89 13.53
N GLU M 244 -56.18 -51.32 13.16
CA GLU M 244 -57.39 -50.61 13.54
C GLU M 244 -57.68 -50.75 15.03
N LEU M 245 -58.16 -49.67 15.62
CA LEU M 245 -58.57 -49.63 17.01
C LEU M 245 -60.04 -49.25 17.09
N THR M 246 -60.74 -49.80 18.09
CA THR M 246 -62.13 -49.48 18.35
C THR M 246 -62.21 -48.65 19.62
N TRP M 247 -62.69 -47.41 19.49
CA TRP M 247 -62.74 -46.51 20.63
C TRP M 247 -63.87 -46.87 21.57
N ALA M 248 -63.56 -47.57 22.65
CA ALA M 248 -64.54 -47.99 23.66
C ALA M 248 -64.45 -47.01 24.83
N GLU M 249 -65.28 -45.97 24.79
CA GLU M 249 -65.29 -44.91 25.79
C GLU M 249 -66.39 -45.18 26.82
N GLY M 250 -66.06 -45.02 28.09
CA GLY M 250 -67.06 -45.10 29.14
C GLY M 250 -66.69 -45.97 30.32
N THR M 251 -65.79 -46.94 30.10
CA THR M 251 -65.46 -47.91 31.12
C THR M 251 -64.31 -47.38 31.96
N PHE M 252 -64.64 -46.82 33.12
CA PHE M 252 -63.64 -46.53 34.14
C PHE M 252 -63.80 -47.47 35.32
N GLU M 253 -65.04 -47.70 35.78
CA GLU M 253 -65.26 -48.33 37.09
C GLU M 253 -64.51 -49.65 37.19
N GLN M 254 -64.47 -50.42 36.10
CA GLN M 254 -63.72 -51.68 36.11
C GLN M 254 -62.23 -51.45 36.32
N PHE M 255 -61.65 -50.51 35.57
CA PHE M 255 -60.26 -50.14 35.78
C PHE M 255 -60.01 -49.65 37.20
N LYS M 256 -60.92 -48.84 37.73
CA LYS M 256 -60.77 -48.29 39.07
C LYS M 256 -60.72 -49.41 40.09
N ASP M 257 -61.65 -50.36 40.00
CA ASP M 257 -61.68 -51.46 40.95
C ASP M 257 -60.47 -52.36 40.78
N THR M 258 -60.02 -52.57 39.53
CA THR M 258 -58.84 -53.39 39.29
C THR M 258 -57.60 -52.77 39.93
N ILE M 259 -57.46 -51.45 39.80
CA ILE M 259 -56.35 -50.75 40.44
C ILE M 259 -56.46 -50.84 41.96
N VAL M 260 -57.68 -50.62 42.48
CA VAL M 260 -57.91 -50.75 43.92
C VAL M 260 -57.64 -52.17 44.36
N LYS M 261 -58.09 -53.15 43.55
CA LYS M 261 -57.77 -54.55 43.84
C LYS M 261 -56.27 -54.80 43.75
N GLU M 262 -55.56 -53.99 42.96
CA GLU M 262 -54.14 -54.22 42.77
C GLU M 262 -53.32 -53.54 43.86
N ALA M 263 -53.89 -52.53 44.52
CA ALA M 263 -53.15 -51.83 45.56
C ALA M 263 -53.53 -52.34 46.95
N GLU M 264 -54.74 -52.87 47.10
CA GLU M 264 -55.17 -53.40 48.39
C GLU M 264 -54.54 -54.77 48.65
N ASP M 265 -54.34 -55.56 47.61
CA ASP M 265 -53.84 -56.92 47.78
C ASP M 265 -52.33 -56.95 47.92
N LYS M 266 -51.66 -55.87 47.54
CA LYS M 266 -50.20 -55.79 47.58
C LYS M 266 -49.76 -54.63 48.47
N THR M 267 -48.71 -54.86 49.25
CA THR M 267 -48.18 -53.86 50.16
C THR M 267 -46.72 -54.19 50.45
N LEU M 268 -45.86 -53.17 50.41
CA LEU M 268 -44.43 -53.38 50.54
C LEU M 268 -43.81 -52.20 51.28
N VAL M 269 -42.67 -52.46 51.92
CA VAL M 269 -41.92 -51.46 52.67
C VAL M 269 -40.56 -51.27 52.01
N ALA M 270 -39.94 -50.12 52.29
CA ALA M 270 -38.67 -49.74 51.71
C ALA M 270 -37.55 -49.86 52.75
N LEU M 271 -36.33 -50.07 52.26
CA LEU M 271 -35.21 -50.33 53.15
C LEU M 271 -33.99 -49.46 52.82
N GLU M 272 -33.96 -48.86 51.63
CA GLU M 272 -32.76 -48.18 51.16
C GLU M 272 -32.48 -46.92 51.97
N LYS M 273 -31.21 -46.72 52.31
CA LYS M 273 -30.80 -45.55 53.07
C LYS M 273 -30.99 -44.27 52.26
N GLN M 274 -31.28 -43.18 52.96
CA GLN M 274 -31.42 -41.89 52.29
C GLN M 274 -30.10 -41.45 51.65
N GLU M 275 -28.98 -41.67 52.34
CA GLU M 275 -27.68 -41.30 51.80
C GLU M 275 -27.39 -42.08 50.52
N ASP M 276 -27.76 -43.36 50.49
CA ASP M 276 -27.61 -44.14 49.26
C ASP M 276 -28.52 -43.63 48.16
N TYR M 277 -29.67 -43.07 48.52
CA TYR M 277 -30.60 -42.58 47.52
C TYR M 277 -30.05 -41.35 46.79
N ILE M 278 -29.38 -40.45 47.53
CA ILE M 278 -28.81 -39.26 46.90
C ILE M 278 -27.74 -39.65 45.89
N ASP M 279 -27.12 -40.82 46.06
CA ASP M 279 -26.28 -41.38 45.00
C ASP M 279 -27.08 -42.19 44.01
N ASN M 280 -28.20 -42.79 44.45
CA ASN M 280 -29.10 -43.48 43.54
C ASN M 280 -29.84 -42.51 42.62
N LEU M 281 -29.84 -41.22 42.96
CA LEU M 281 -30.43 -40.19 42.11
C LEU M 281 -29.87 -40.22 40.68
N UNK N 184 -55.30 -8.62 29.87
CA UNK N 184 -54.50 -8.26 28.71
C UNK N 184 -54.61 -6.77 28.42
N UNK N 185 -54.43 -6.41 27.15
CA UNK N 185 -54.56 -5.02 26.73
C UNK N 185 -55.82 -4.86 25.89
N UNK N 186 -55.76 -3.99 24.89
CA UNK N 186 -56.88 -3.82 23.98
C UNK N 186 -56.99 -5.04 23.07
N UNK N 187 -58.15 -5.69 23.09
CA UNK N 187 -58.38 -6.88 22.27
C UNK N 187 -59.06 -6.51 20.97
N UNK N 188 -58.38 -6.78 19.85
CA UNK N 188 -58.90 -6.47 18.52
C UNK N 188 -60.26 -7.10 18.28
N UNK N 189 -61.31 -6.39 18.69
CA UNK N 189 -62.67 -6.90 18.58
C UNK N 189 -63.19 -6.78 17.15
N ARG N 195 -72.91 -18.68 17.17
CA ARG N 195 -73.89 -19.66 17.62
C ARG N 195 -73.29 -20.52 18.73
N ILE N 196 -71.97 -20.72 18.68
CA ILE N 196 -71.24 -21.47 19.68
C ILE N 196 -70.03 -20.64 20.10
N GLU N 197 -69.90 -20.39 21.41
CA GLU N 197 -68.79 -19.59 21.90
C GLU N 197 -67.45 -20.27 21.67
N GLN N 198 -67.48 -21.57 21.40
CA GLN N 198 -66.24 -22.33 21.15
C GLN N 198 -65.99 -22.40 19.64
N LEU N 199 -66.95 -21.93 18.83
CA LEU N 199 -66.82 -22.01 17.35
C LEU N 199 -66.64 -20.60 16.77
N PHE N 200 -66.42 -19.60 17.62
CA PHE N 200 -66.13 -18.22 17.13
C PHE N 200 -64.63 -18.15 16.85
N PRO N 201 -64.03 -17.09 16.28
CA PRO N 201 -62.61 -17.11 15.94
C PRO N 201 -61.74 -16.76 17.14
N VAL N 202 -60.64 -17.49 17.29
CA VAL N 202 -59.79 -17.41 18.47
C VAL N 202 -58.56 -16.59 18.14
N ARG N 203 -58.24 -15.64 19.02
CA ARG N 203 -57.04 -14.83 18.94
C ARG N 203 -56.12 -15.13 20.12
N PRO N 204 -54.82 -14.98 19.95
CA PRO N 204 -53.91 -15.21 21.08
C PRO N 204 -54.07 -14.14 22.14
N VAL N 205 -53.61 -14.45 23.34
CA VAL N 205 -53.60 -13.44 24.40
C VAL N 205 -52.42 -12.50 24.16
N ARG N 206 -52.71 -11.20 24.11
CA ARG N 206 -51.71 -10.19 23.81
C ARG N 206 -51.64 -9.23 25.00
N VAL N 207 -50.53 -9.27 25.69
CA VAL N 207 -50.27 -8.33 26.79
C VAL N 207 -49.13 -7.42 26.35
N ARG N 208 -49.18 -6.17 26.81
CA ARG N 208 -48.16 -5.21 26.46
C ARG N 208 -46.81 -5.64 27.00
N HIS N 209 -45.75 -5.28 26.28
CA HIS N 209 -44.40 -5.64 26.70
C HIS N 209 -44.01 -4.91 27.97
N GLU N 210 -44.77 -3.89 28.37
CA GLU N 210 -44.41 -3.12 29.55
C GLU N 210 -44.88 -3.82 30.82
N ASP N 211 -46.12 -4.29 30.84
CA ASP N 211 -46.67 -5.02 31.98
C ASP N 211 -46.76 -6.52 31.71
N VAL N 212 -45.85 -7.04 30.87
CA VAL N 212 -45.91 -8.44 30.48
C VAL N 212 -45.70 -9.35 31.67
N GLU N 213 -44.77 -9.01 32.56
CA GLU N 213 -44.45 -9.88 33.68
C GLU N 213 -45.55 -9.90 34.73
N THR N 214 -46.16 -8.74 35.01
CA THR N 214 -47.22 -8.69 36.02
C THR N 214 -48.44 -9.48 35.58
N VAL N 215 -48.83 -9.36 34.31
CA VAL N 215 -49.95 -10.14 33.81
C VAL N 215 -49.59 -11.62 33.74
N LYS N 216 -48.33 -11.94 33.41
CA LYS N 216 -47.92 -13.33 33.26
C LYS N 216 -48.14 -14.12 34.55
N ARG N 217 -47.81 -13.52 35.69
CA ARG N 217 -48.02 -14.22 36.96
C ARG N 217 -49.50 -14.38 37.27
N GLU N 218 -50.31 -13.36 36.96
CA GLU N 218 -51.73 -13.43 37.25
C GLU N 218 -52.44 -14.46 36.38
N ILE N 219 -52.08 -14.52 35.09
CA ILE N 219 -52.75 -15.44 34.17
C ILE N 219 -52.16 -16.84 34.20
N GLN N 220 -51.11 -17.08 34.99
CA GLN N 220 -50.59 -18.43 35.12
C GLN N 220 -51.62 -19.34 35.79
N GLU N 221 -52.41 -18.79 36.70
CA GLU N 221 -53.52 -19.53 37.31
C GLU N 221 -54.87 -19.14 36.74
N ALA N 222 -55.02 -17.91 36.24
CA ALA N 222 -56.33 -17.44 35.79
C ALA N 222 -56.79 -18.16 34.54
N LEU N 223 -55.86 -18.52 33.66
CA LEU N 223 -56.24 -19.26 32.45
C LEU N 223 -56.96 -20.56 32.80
N SER N 224 -56.56 -21.19 33.91
CA SER N 224 -57.29 -22.38 34.35
C SER N 224 -58.59 -22.01 35.03
N GLU N 225 -58.52 -21.41 36.21
CA GLU N 225 -59.68 -21.23 37.09
C GLU N 225 -60.39 -22.57 37.31
N LYS N 226 -59.67 -23.50 37.92
CA LYS N 226 -60.27 -24.76 38.31
C LYS N 226 -61.25 -24.52 39.47
N PRO N 227 -62.33 -25.32 39.56
CA PRO N 227 -63.36 -25.13 40.60
C PRO N 227 -62.80 -25.07 42.02
N LYS N 274 -35.25 -11.47 46.25
CA LYS N 274 -36.67 -11.78 46.32
C LYS N 274 -36.95 -13.17 45.76
N GLU N 275 -35.97 -13.72 45.04
CA GLU N 275 -36.15 -14.97 44.33
C GLU N 275 -36.25 -16.19 45.24
N ALA N 276 -35.98 -16.04 46.54
CA ALA N 276 -36.13 -17.15 47.47
C ALA N 276 -37.46 -17.06 48.22
N ALA N 277 -37.75 -15.89 48.81
CA ALA N 277 -39.01 -15.71 49.53
C ALA N 277 -40.20 -15.82 48.58
N ALA N 278 -40.10 -15.22 47.40
CA ALA N 278 -41.19 -15.31 46.43
C ALA N 278 -41.44 -16.75 46.01
N GLU N 279 -40.36 -17.50 45.76
CA GLU N 279 -40.50 -18.89 45.37
C GLU N 279 -41.11 -19.73 46.49
N LEU N 280 -40.69 -19.47 47.73
CA LEU N 280 -41.25 -20.22 48.85
C LEU N 280 -42.72 -19.91 49.06
N GLU N 281 -43.11 -18.64 48.89
CA GLU N 281 -44.51 -18.27 49.02
C GLU N 281 -45.35 -18.87 47.90
N LEU N 282 -44.82 -18.89 46.68
CA LEU N 282 -45.53 -19.55 45.58
C LEU N 282 -45.62 -21.05 45.82
N LEU N 283 -44.60 -21.64 46.45
CA LEU N 283 -44.65 -23.06 46.77
C LEU N 283 -45.70 -23.35 47.84
N ASN N 284 -45.85 -22.44 48.80
CA ASN N 284 -46.93 -22.58 49.78
C ASN N 284 -48.29 -22.48 49.11
N ALA N 285 -48.42 -21.56 48.14
CA ALA N 285 -49.66 -21.49 47.36
C ALA N 285 -49.91 -22.78 46.61
N ASP N 286 -48.86 -23.37 46.03
CA ASP N 286 -49.01 -24.65 45.35
C ASP N 286 -49.42 -25.75 46.33
N HIS N 287 -48.90 -25.70 47.55
CA HIS N 287 -49.26 -26.69 48.56
C HIS N 287 -50.74 -26.60 48.91
N GLN N 288 -51.24 -25.36 49.11
CA GLN N 288 -52.66 -25.21 49.44
C GLN N 288 -53.54 -25.60 48.25
N HIS N 289 -53.12 -25.26 47.03
CA HIS N 289 -53.88 -25.68 45.86
C HIS N 289 -53.86 -27.20 45.70
N ILE N 290 -52.75 -27.84 46.04
CA ILE N 290 -52.65 -29.29 45.97
C ILE N 290 -53.61 -29.93 46.96
N LEU N 291 -53.67 -29.40 48.19
CA LEU N 291 -54.63 -29.90 49.16
C LEU N 291 -56.05 -29.73 48.65
N ARG N 292 -56.36 -28.55 48.10
CA ARG N 292 -57.70 -28.26 47.61
C ARG N 292 -58.11 -29.25 46.52
N LYS N 293 -57.26 -29.42 45.50
CA LYS N 293 -57.60 -30.31 44.39
C LYS N 293 -57.61 -31.77 44.82
N LEU N 294 -56.75 -32.14 45.77
CA LEU N 294 -56.76 -33.51 46.26
C LEU N 294 -58.05 -33.82 47.01
N LYS N 295 -58.56 -32.87 47.80
CA LYS N 295 -59.85 -33.06 48.44
C LYS N 295 -60.98 -33.06 47.42
N LYS N 296 -60.85 -32.24 46.37
CA LYS N 296 -61.86 -32.18 45.33
C LYS N 296 -61.85 -33.41 44.43
N MET N 297 -60.79 -34.22 44.51
CA MET N 297 -60.69 -35.46 43.75
C MET N 297 -60.90 -36.69 44.63
N ASN N 298 -61.41 -36.48 45.85
CA ASN N 298 -61.43 -37.56 46.84
C ASN N 298 -62.35 -38.71 46.42
N ASN N 299 -63.45 -38.40 45.75
CA ASN N 299 -64.39 -39.44 45.32
C ASN N 299 -64.88 -39.28 43.89
N LYS N 300 -64.41 -38.28 43.15
CA LYS N 300 -64.92 -38.03 41.82
C LYS N 300 -64.51 -39.15 40.86
N PRO N 301 -65.40 -39.56 39.96
CA PRO N 301 -65.13 -40.72 39.10
C PRO N 301 -64.50 -40.41 37.74
N GLU N 302 -63.91 -39.24 37.54
CA GLU N 302 -63.15 -38.98 36.32
C GLU N 302 -61.86 -38.19 36.52
N ARG N 303 -61.67 -37.54 37.67
CA ARG N 303 -60.52 -36.67 37.86
C ARG N 303 -59.23 -37.49 37.92
N PHE N 304 -58.17 -36.93 37.33
CA PHE N 304 -56.84 -37.54 37.36
C PHE N 304 -55.80 -36.49 37.72
N MET N 305 -54.71 -36.94 38.32
CA MET N 305 -53.59 -36.08 38.71
C MET N 305 -52.31 -36.79 38.27
N VAL N 306 -51.73 -36.34 37.17
CA VAL N 306 -50.49 -36.94 36.67
C VAL N 306 -49.36 -36.60 37.63
N PHE N 307 -48.60 -37.61 38.04
CA PHE N 307 -47.50 -37.46 38.96
C PHE N 307 -46.18 -37.66 38.23
N GLN N 308 -45.20 -36.81 38.52
CA GLN N 308 -43.84 -36.98 38.03
C GLN N 308 -42.97 -37.44 39.20
N LEU N 309 -42.72 -38.69 39.25
CA LEU N 309 -41.85 -39.27 40.26
C LEU N 309 -40.46 -39.50 39.68
N PRO N 310 -39.42 -39.44 40.50
CA PRO N 310 -38.07 -39.74 39.99
C PRO N 310 -38.01 -41.14 39.39
N THR N 311 -37.32 -41.25 38.25
CA THR N 311 -37.38 -42.47 37.46
C THR N 311 -36.65 -43.63 38.15
N ARG N 312 -35.72 -43.32 39.05
CA ARG N 312 -35.07 -44.33 39.87
C ARG N 312 -35.55 -44.11 41.31
N LEU N 313 -36.66 -44.77 41.65
CA LEU N 313 -37.26 -44.62 42.95
C LEU N 313 -36.42 -45.35 44.00
N PRO N 314 -36.55 -45.03 45.31
CA PRO N 314 -35.81 -45.77 46.36
C PRO N 314 -36.16 -47.26 46.35
N ALA N 315 -35.18 -48.12 46.68
CA ALA N 315 -35.41 -49.58 46.69
C ALA N 315 -36.43 -49.95 47.77
N PHE N 316 -37.31 -50.92 47.48
CA PHE N 316 -38.32 -51.36 48.46
C PHE N 316 -37.93 -52.75 49.01
N ARG N 354 -41.45 -52.17 35.48
CA ARG N 354 -40.85 -51.85 36.76
C ARG N 354 -41.10 -52.95 37.78
N GLU N 355 -42.26 -53.62 37.65
CA GLU N 355 -42.64 -54.74 38.50
C GLU N 355 -42.62 -54.35 39.99
N LEU N 356 -42.96 -53.09 40.26
CA LEU N 356 -43.01 -52.56 41.61
C LEU N 356 -44.45 -52.63 42.09
N ALA N 357 -44.67 -53.30 43.22
CA ALA N 357 -46.00 -53.71 43.63
C ALA N 357 -46.36 -53.14 44.99
N GLY N 358 -47.60 -52.67 45.11
CA GLY N 358 -48.17 -52.34 46.40
C GLY N 358 -47.91 -50.92 46.84
N LYS N 359 -48.24 -50.67 48.11
CA LYS N 359 -48.05 -49.36 48.70
C LYS N 359 -46.58 -49.01 48.75
N VAL N 360 -46.25 -47.77 48.37
CA VAL N 360 -44.87 -47.30 48.36
C VAL N 360 -44.59 -46.35 49.53
N GLY N 361 -45.60 -45.61 49.98
CA GLY N 361 -45.39 -44.69 51.08
C GLY N 361 -46.58 -43.82 51.42
N SER N 362 -46.34 -42.53 51.62
CA SER N 362 -47.37 -41.63 52.10
C SER N 362 -47.16 -40.23 51.51
N ILE N 363 -48.24 -39.46 51.46
CA ILE N 363 -48.16 -38.03 51.21
C ILE N 363 -48.66 -37.32 52.46
N ARG N 364 -47.73 -36.97 53.35
CA ARG N 364 -48.09 -36.36 54.61
C ARG N 364 -48.35 -34.87 54.43
N VAL N 365 -49.36 -34.36 55.11
CA VAL N 365 -49.68 -32.94 55.07
C VAL N 365 -49.12 -32.29 56.32
N HIS N 366 -47.98 -31.61 56.18
CA HIS N 366 -47.36 -30.94 57.30
C HIS N 366 -48.18 -29.72 57.71
N LYS N 367 -47.87 -29.19 58.89
CA LYS N 367 -48.56 -28.03 59.42
C LYS N 367 -48.35 -26.82 58.51
N SER N 368 -49.14 -25.78 58.76
CA SER N 368 -49.12 -24.51 58.03
C SER N 368 -49.56 -24.66 56.58
N GLY N 369 -50.00 -25.86 56.17
CA GLY N 369 -50.48 -26.08 54.82
C GLY N 369 -49.48 -26.69 53.86
N LYS N 370 -48.22 -26.82 54.25
CA LYS N 370 -47.20 -27.35 53.36
C LYS N 370 -47.23 -28.87 53.36
N LEU N 371 -46.81 -29.45 52.24
CA LEU N 371 -46.91 -30.88 51.98
C LEU N 371 -45.54 -31.55 52.02
N SER N 372 -45.57 -32.88 52.11
CA SER N 372 -44.37 -33.71 52.01
C SER N 372 -44.80 -35.08 51.51
N VAL N 373 -43.85 -35.79 50.91
CA VAL N 373 -44.11 -37.10 50.31
C VAL N 373 -43.00 -38.05 50.73
N LYS N 374 -43.38 -39.24 51.19
CA LYS N 374 -42.42 -40.29 51.53
C LYS N 374 -42.61 -41.47 50.59
N ILE N 375 -41.87 -41.42 49.46
CA ILE N 375 -41.93 -42.50 48.48
C ILE N 375 -41.32 -43.79 49.04
N GLY N 376 -40.46 -43.67 50.04
CA GLY N 376 -39.95 -44.84 50.73
C GLY N 376 -39.68 -44.50 52.18
N ASN N 377 -38.51 -44.86 52.68
CA ASN N 377 -38.01 -44.26 53.92
C ASN N 377 -37.58 -42.82 53.72
N VAL N 378 -37.51 -42.37 52.46
CA VAL N 378 -37.02 -41.05 52.09
C VAL N 378 -38.15 -40.03 52.15
N VAL N 379 -37.85 -38.84 52.67
CA VAL N 379 -38.80 -37.73 52.67
C VAL N 379 -38.47 -36.78 51.52
N MET N 380 -39.49 -36.38 50.76
CA MET N 380 -39.34 -35.50 49.62
C MET N 380 -40.39 -34.40 49.68
N ASP N 381 -40.53 -33.66 48.60
CA ASP N 381 -41.54 -32.61 48.50
C ASP N 381 -42.28 -32.73 47.17
N ILE N 382 -43.36 -31.97 47.04
CA ILE N 382 -44.29 -32.09 45.93
C ILE N 382 -44.65 -30.69 45.43
N GLY N 383 -44.63 -30.53 44.10
CA GLY N 383 -44.91 -29.24 43.50
C GLY N 383 -46.14 -29.29 42.62
N LYS N 384 -46.31 -28.23 41.83
CA LYS N 384 -47.49 -28.08 40.98
C LYS N 384 -47.24 -28.50 39.54
N GLY N 385 -46.05 -28.20 39.02
CA GLY N 385 -45.78 -28.48 37.63
C GLY N 385 -46.24 -27.36 36.72
N ALA N 386 -45.87 -27.48 35.45
CA ALA N 386 -46.26 -26.49 34.46
C ALA N 386 -47.77 -26.49 34.29
N GLU N 387 -48.34 -25.29 34.13
CA GLU N 387 -49.78 -25.14 34.03
C GLU N 387 -50.19 -25.45 32.59
N THR N 388 -50.82 -26.61 32.40
CA THR N 388 -51.17 -27.12 31.08
C THR N 388 -52.54 -26.58 30.67
N THR N 389 -52.54 -25.48 29.91
CA THR N 389 -53.76 -24.83 29.44
C THR N 389 -54.24 -25.48 28.15
N PHE N 390 -54.60 -26.75 28.26
CA PHE N 390 -55.21 -27.46 27.16
C PHE N 390 -55.81 -28.75 27.72
N LEU N 391 -56.75 -29.32 26.98
CA LEU N 391 -57.56 -30.42 27.49
C LEU N 391 -56.68 -31.67 27.53
N GLN N 392 -56.81 -32.44 28.61
CA GLN N 392 -55.98 -33.60 28.88
C GLN N 392 -56.86 -34.82 29.13
N ASP N 393 -56.35 -35.99 28.76
CA ASP N 393 -57.15 -37.20 28.88
C ASP N 393 -56.24 -38.41 28.93
N VAL N 394 -56.59 -39.35 29.82
CA VAL N 394 -55.89 -40.62 29.96
C VAL N 394 -56.73 -41.71 29.30
N ILE N 395 -56.06 -42.65 28.64
CA ILE N 395 -56.74 -43.68 27.86
C ILE N 395 -55.92 -44.96 27.92
N ALA N 396 -56.61 -46.10 28.02
CA ALA N 396 -55.97 -47.41 28.06
C ALA N 396 -55.89 -47.97 26.65
N LEU N 397 -54.69 -48.36 26.23
CA LEU N 397 -54.49 -48.96 24.92
C LEU N 397 -54.37 -50.47 25.09
N SER N 398 -55.35 -51.21 24.56
CA SER N 398 -55.42 -52.66 24.70
C SER N 398 -55.54 -53.27 23.30
N ILE N 399 -54.39 -53.54 22.68
CA ILE N 399 -54.38 -54.15 21.35
C ILE N 399 -54.41 -55.68 21.48
N ALA N 400 -55.60 -56.22 21.65
CA ALA N 400 -55.76 -57.67 21.64
C ALA N 400 -55.79 -58.18 20.22
N ASP N 401 -55.15 -59.33 19.99
CA ASP N 401 -55.18 -59.95 18.66
C ASP N 401 -56.60 -60.22 18.21
N ASP N 402 -57.48 -60.61 19.14
CA ASP N 402 -58.88 -60.81 18.81
C ASP N 402 -59.54 -59.50 18.41
N ALA N 403 -59.34 -58.44 19.19
CA ALA N 403 -59.95 -57.14 18.92
C ALA N 403 -59.18 -56.07 19.70
N SER N 404 -58.65 -55.08 18.99
CA SER N 404 -57.92 -53.99 19.63
C SER N 404 -58.87 -52.86 19.96
N SER N 405 -58.83 -52.39 21.21
CA SER N 405 -59.73 -51.35 21.68
C SER N 405 -58.95 -50.29 22.45
N ALA N 406 -59.34 -49.04 22.26
CA ALA N 406 -58.81 -47.91 23.01
C ALA N 406 -59.89 -47.44 23.97
N GLU N 407 -59.60 -47.52 25.27
CA GLU N 407 -60.57 -47.24 26.32
C GLU N 407 -60.23 -45.90 26.97
N LEU N 408 -61.18 -44.96 26.92
CA LEU N 408 -61.04 -43.70 27.63
C LEU N 408 -61.34 -43.90 29.11
N LEU N 409 -60.47 -43.36 29.96
CA LEU N 409 -60.62 -43.52 31.40
C LEU N 409 -61.06 -42.23 32.09
N GLY N 410 -60.42 -41.12 31.78
CA GLY N 410 -60.76 -39.87 32.44
C GLY N 410 -59.87 -38.76 31.92
N ARG N 411 -59.99 -37.60 32.56
CA ARG N 411 -59.26 -36.40 32.17
C ARG N 411 -58.39 -35.92 33.32
N VAL N 412 -57.23 -35.37 32.97
CA VAL N 412 -56.23 -34.96 33.94
C VAL N 412 -56.59 -33.57 34.46
N ASP N 413 -56.65 -33.42 35.79
CA ASP N 413 -56.95 -32.13 36.40
C ASP N 413 -55.70 -31.32 36.71
N GLY N 414 -54.51 -31.90 36.58
CA GLY N 414 -53.29 -31.17 36.85
C GLY N 414 -52.15 -32.12 37.15
N LYS N 415 -50.96 -31.67 36.82
CA LYS N 415 -49.75 -32.47 36.98
C LYS N 415 -49.17 -32.26 38.37
N ILE N 416 -48.29 -33.18 38.77
CA ILE N 416 -47.64 -33.16 40.07
C ILE N 416 -46.19 -33.60 39.89
N VAL N 417 -45.27 -32.88 40.52
CA VAL N 417 -43.85 -33.21 40.48
C VAL N 417 -43.39 -33.51 41.89
N VAL N 418 -42.81 -34.69 42.09
CA VAL N 418 -42.25 -35.11 43.38
C VAL N 418 -40.74 -35.09 43.24
N THR N 419 -40.07 -34.32 44.11
CA THR N 419 -38.66 -34.07 43.99
C THR N 419 -37.92 -34.50 45.24
N PRO N 420 -36.86 -35.31 45.13
CA PRO N 420 -36.06 -35.63 46.31
C PRO N 420 -35.42 -34.38 46.89
N GLN N 421 -35.35 -34.33 48.21
CA GLN N 421 -34.67 -33.26 48.92
C GLN N 421 -33.52 -33.86 49.72
N ILE N 422 -32.45 -33.08 49.87
CA ILE N 422 -31.25 -33.57 50.53
C ILE N 422 -31.22 -33.09 51.98
N LEU O 25 16.08 -25.98 -39.38
CA LEU O 25 15.08 -25.10 -38.81
C LEU O 25 15.23 -23.70 -39.41
N VAL O 26 14.11 -23.05 -39.68
CA VAL O 26 14.12 -21.76 -40.39
C VAL O 26 14.45 -20.64 -39.41
N THR O 27 15.38 -19.79 -39.79
CA THR O 27 15.86 -18.68 -38.98
C THR O 27 14.81 -17.57 -38.95
N PRO O 28 14.60 -16.94 -37.79
CA PRO O 28 13.72 -15.76 -37.76
C PRO O 28 14.18 -14.65 -38.70
N GLU O 29 15.48 -14.50 -38.90
CA GLU O 29 15.98 -13.60 -39.92
C GLU O 29 15.62 -14.11 -41.32
N ASP O 30 15.64 -15.43 -41.51
CA ASP O 30 15.31 -15.99 -42.82
C ASP O 30 13.86 -15.73 -43.18
N VAL O 31 12.93 -16.01 -42.25
CA VAL O 31 11.54 -15.65 -42.48
C VAL O 31 11.38 -14.13 -42.39
N MET O 32 10.23 -13.65 -42.84
CA MET O 32 9.86 -12.23 -42.89
C MET O 32 10.69 -11.49 -43.92
N THR O 33 11.64 -12.17 -44.55
CA THR O 33 12.34 -11.66 -45.71
C THR O 33 12.03 -12.46 -46.96
N ILE O 34 12.02 -13.78 -46.86
CA ILE O 34 11.53 -14.64 -47.92
C ILE O 34 10.14 -15.20 -47.60
N SER O 35 9.71 -15.15 -46.34
CA SER O 35 8.41 -15.70 -45.95
C SER O 35 7.27 -14.71 -46.08
N SER O 36 7.56 -13.41 -46.15
CA SER O 36 6.54 -12.36 -46.27
C SER O 36 5.55 -12.42 -45.11
N LEU O 37 6.09 -12.49 -43.89
CA LEU O 37 5.21 -12.53 -42.71
C LEU O 37 4.74 -11.14 -42.33
N GLU O 38 5.54 -10.10 -42.59
CA GLU O 38 5.12 -8.74 -42.26
C GLU O 38 4.02 -8.26 -43.20
N GLN O 39 3.93 -8.83 -44.40
CA GLN O 39 2.84 -8.47 -45.30
C GLN O 39 1.53 -9.14 -44.92
N ARG O 40 1.57 -10.20 -44.11
CA ARG O 40 0.36 -10.93 -43.76
C ARG O 40 -0.52 -10.17 -42.77
N THR O 41 0.02 -9.14 -42.13
CA THR O 41 -0.75 -8.32 -41.20
C THR O 41 -1.40 -7.12 -41.89
N LEU O 42 -1.15 -6.92 -43.18
CA LEU O 42 -1.68 -5.77 -43.90
C LEU O 42 -3.14 -5.98 -44.27
N ASN O 43 -3.96 -4.96 -44.01
CA ASN O 43 -5.35 -5.01 -44.42
C ASN O 43 -5.43 -4.93 -45.95
N PRO O 44 -6.11 -5.88 -46.61
CA PRO O 44 -6.07 -5.91 -48.07
C PRO O 44 -6.63 -4.67 -48.75
N ASP O 45 -7.65 -4.04 -48.17
CA ASP O 45 -8.22 -2.86 -48.79
C ASP O 45 -7.24 -1.69 -48.77
N LEU O 46 -6.48 -1.54 -47.68
CA LEU O 46 -5.42 -0.53 -47.66
C LEU O 46 -4.22 -0.99 -48.48
N PHE O 47 -3.85 -2.26 -48.34
CA PHE O 47 -2.61 -2.77 -48.94
C PHE O 47 -2.68 -2.70 -50.46
N LEU O 48 -3.74 -3.25 -51.05
CA LEU O 48 -3.84 -3.32 -52.51
C LEU O 48 -3.93 -1.94 -53.12
N TYR O 49 -4.75 -1.06 -52.53
CA TYR O 49 -4.93 0.27 -53.09
C TYR O 49 -3.66 1.10 -52.98
N LYS O 50 -3.00 1.04 -51.82
CA LYS O 50 -1.73 1.74 -51.66
C LYS O 50 -0.69 1.22 -52.66
N GLU O 51 -0.63 -0.10 -52.86
CA GLU O 51 0.34 -0.65 -53.80
C GLU O 51 0.03 -0.21 -55.23
N LEU O 52 -1.25 -0.21 -55.62
CA LEU O 52 -1.61 0.21 -56.97
C LEU O 52 -1.21 1.66 -57.21
N VAL O 53 -1.53 2.55 -56.28
CA VAL O 53 -1.20 3.95 -56.47
C VAL O 53 0.31 4.17 -56.44
N LYS O 54 1.02 3.42 -55.58
CA LYS O 54 2.47 3.53 -55.52
C LYS O 54 3.11 3.09 -56.83
N ALA O 55 2.61 2.01 -57.43
CA ALA O 55 3.19 1.53 -58.67
C ALA O 55 2.86 2.46 -59.83
N HIS O 56 1.63 2.98 -59.89
CA HIS O 56 1.22 3.77 -61.04
C HIS O 56 1.67 5.22 -60.93
N LEU O 57 1.20 5.94 -59.91
CA LEU O 57 1.36 7.39 -59.87
C LEU O 57 2.66 7.82 -59.18
N GLY O 58 2.80 7.50 -57.90
CA GLY O 58 3.96 7.92 -57.16
C GLY O 58 3.82 7.61 -55.69
N GLU O 59 4.90 7.88 -54.96
CA GLU O 59 4.94 7.57 -53.53
C GLU O 59 4.13 8.54 -52.70
N ARG O 60 4.15 9.83 -53.06
CA ARG O 60 3.39 10.83 -52.29
C ARG O 60 1.89 10.64 -52.47
N ALA O 61 1.44 10.42 -53.70
CA ALA O 61 0.03 10.13 -53.93
C ALA O 61 -0.37 8.82 -53.27
N ALA O 62 0.54 7.84 -53.25
CA ALA O 62 0.27 6.59 -52.55
C ALA O 62 0.08 6.82 -51.07
N SER O 63 0.92 7.65 -50.45
CA SER O 63 0.75 7.99 -49.05
C SER O 63 -0.57 8.69 -48.81
N VAL O 64 -0.95 9.60 -49.72
CA VAL O 64 -2.20 10.34 -49.57
C VAL O 64 -3.39 9.39 -49.61
N ILE O 65 -3.44 8.49 -50.61
CA ILE O 65 -4.56 7.59 -50.72
C ILE O 65 -4.57 6.57 -49.59
N GLY O 66 -3.39 6.13 -49.14
CA GLY O 66 -3.34 5.21 -48.01
C GLY O 66 -3.84 5.85 -46.73
N MET O 67 -3.47 7.10 -46.49
CA MET O 67 -3.99 7.80 -45.31
C MET O 67 -5.48 8.09 -45.45
N LEU O 68 -5.97 8.29 -46.68
CA LEU O 68 -7.40 8.46 -46.89
C LEU O 68 -8.15 7.16 -46.61
N VAL O 69 -7.54 6.02 -46.90
CA VAL O 69 -8.14 4.75 -46.53
C VAL O 69 -8.10 4.55 -45.02
N ALA O 70 -6.96 4.86 -44.40
CA ALA O 70 -6.82 4.70 -42.95
C ALA O 70 -7.79 5.58 -42.19
N LEU O 71 -8.06 6.78 -42.71
CA LEU O 71 -9.06 7.68 -42.13
C LEU O 71 -9.95 8.15 -43.28
N GLY O 72 -11.19 7.67 -43.29
CA GLY O 72 -12.03 7.83 -44.48
C GLY O 72 -12.26 9.27 -44.88
N ARG O 73 -12.55 10.13 -43.91
CA ARG O 73 -12.85 11.54 -44.16
C ARG O 73 -11.77 12.40 -43.53
N LEU O 74 -11.16 13.26 -44.34
CA LEU O 74 -10.12 14.16 -43.85
C LEU O 74 -9.94 15.31 -44.83
N SER O 75 -9.55 16.46 -44.29
CA SER O 75 -9.27 17.64 -45.09
C SER O 75 -7.81 17.63 -45.54
N VAL O 76 -7.42 18.69 -46.26
CA VAL O 76 -6.03 18.85 -46.66
C VAL O 76 -5.14 19.04 -45.45
N ARG O 77 -5.61 19.84 -44.48
CA ARG O 77 -4.83 20.04 -43.26
C ARG O 77 -4.61 18.75 -42.50
N GLU O 78 -5.57 17.82 -42.56
CA GLU O 78 -5.36 16.52 -41.95
C GLU O 78 -4.21 15.78 -42.61
N LEU O 79 -4.11 15.85 -43.94
CA LEU O 79 -2.94 15.31 -44.61
C LEU O 79 -1.67 16.00 -44.15
N VAL O 80 -1.72 17.33 -44.02
CA VAL O 80 -0.53 18.09 -43.65
C VAL O 80 -0.03 17.66 -42.28
N GLU O 81 -0.94 17.46 -41.33
CA GLU O 81 -0.58 17.12 -39.96
C GLU O 81 -0.57 15.62 -39.69
N LYS O 82 -0.84 14.78 -40.70
CA LYS O 82 -0.75 13.34 -40.51
C LYS O 82 0.23 12.64 -41.44
N ILE O 83 0.85 13.36 -42.39
CA ILE O 83 1.83 12.76 -43.28
C ILE O 83 3.15 13.53 -43.13
N ASP O 84 4.24 12.88 -43.55
CA ASP O 84 5.55 13.53 -43.52
C ASP O 84 5.57 14.78 -44.39
N GLY O 85 4.98 14.71 -45.58
CA GLY O 85 4.82 15.89 -46.41
C GLY O 85 3.89 16.89 -45.78
N MET O 86 4.41 18.06 -45.44
CA MET O 86 3.61 19.11 -44.81
C MET O 86 3.45 20.34 -45.67
N ASP O 87 4.16 20.41 -46.79
CA ASP O 87 4.04 21.55 -47.69
C ASP O 87 2.63 21.62 -48.26
N VAL O 88 2.16 22.85 -48.47
CA VAL O 88 0.78 23.04 -48.93
C VAL O 88 0.72 22.92 -50.45
N ASP O 89 1.69 23.50 -51.16
CA ASP O 89 1.72 23.41 -52.61
C ASP O 89 1.89 21.97 -53.08
N SER O 90 2.80 21.23 -52.43
CA SER O 90 3.09 19.87 -52.87
C SER O 90 1.89 18.94 -52.64
N VAL O 91 1.24 19.06 -51.48
CA VAL O 91 0.06 18.24 -51.23
C VAL O 91 -1.06 18.67 -52.17
N LYS O 92 -1.12 19.96 -52.52
CA LYS O 92 -2.08 20.42 -53.52
C LYS O 92 -1.86 19.71 -54.85
N THR O 93 -0.60 19.65 -55.30
CA THR O 93 -0.29 19.01 -56.58
C THR O 93 -0.64 17.52 -56.55
N THR O 94 -0.22 16.82 -55.50
CA THR O 94 -0.48 15.38 -55.45
C THR O 94 -1.97 15.09 -55.33
N LEU O 95 -2.71 15.91 -54.58
CA LEU O 95 -4.14 15.67 -54.42
C LEU O 95 -4.88 15.99 -55.71
N VAL O 96 -4.45 17.00 -56.45
CA VAL O 96 -5.13 17.30 -57.71
C VAL O 96 -4.81 16.23 -58.74
N SER O 97 -3.60 15.66 -58.71
CA SER O 97 -3.31 14.52 -59.58
C SER O 97 -4.20 13.33 -59.23
N LEU O 98 -4.37 13.07 -57.93
CA LEU O 98 -5.23 11.97 -57.51
C LEU O 98 -6.68 12.20 -57.93
N THR O 99 -7.17 13.43 -57.79
CA THR O 99 -8.54 13.74 -58.20
C THR O 99 -8.69 13.60 -59.71
N GLN O 100 -7.70 14.09 -60.48
CA GLN O 100 -7.73 13.94 -61.92
C GLN O 100 -7.73 12.47 -62.32
N LEU O 101 -7.12 11.62 -61.51
CA LEU O 101 -7.16 10.18 -61.75
C LEU O 101 -8.48 9.54 -61.31
N ARG O 102 -9.45 10.36 -60.91
CA ARG O 102 -10.76 9.89 -60.44
C ARG O 102 -10.61 8.93 -59.26
N CYS O 103 -9.62 9.18 -58.41
CA CYS O 103 -9.36 8.34 -57.25
C CYS O 103 -9.75 9.00 -55.94
N VAL O 104 -10.30 10.21 -55.97
CA VAL O 104 -10.61 10.96 -54.76
C VAL O 104 -11.97 11.62 -54.90
N LYS O 105 -12.77 11.53 -53.85
CA LYS O 105 -14.07 12.20 -53.76
C LYS O 105 -13.98 13.37 -52.79
N TYR O 106 -14.61 14.49 -53.13
CA TYR O 106 -14.57 15.67 -52.28
C TYR O 106 -15.98 16.19 -52.01
N LEU O 107 -16.08 16.99 -50.95
CA LEU O 107 -17.32 17.67 -50.61
C LEU O 107 -16.99 18.88 -49.75
N GLN O 108 -17.72 19.98 -49.96
CA GLN O 108 -17.47 21.24 -49.28
C GLN O 108 -18.52 21.41 -48.18
N GLU O 109 -18.17 21.02 -46.96
CA GLU O 109 -19.07 21.13 -45.83
C GLU O 109 -19.00 22.54 -45.23
N THR O 110 -20.17 23.11 -44.95
CA THR O 110 -20.30 24.50 -44.55
C THR O 110 -20.68 24.59 -43.08
N ALA O 111 -19.84 25.24 -42.29
CA ALA O 111 -20.15 25.58 -40.90
C ALA O 111 -20.65 27.01 -40.89
N ILE O 112 -21.94 27.20 -40.60
CA ILE O 112 -22.59 28.49 -40.78
C ILE O 112 -21.99 29.54 -39.85
N SER O 113 -21.38 29.11 -38.75
CA SER O 113 -20.84 30.03 -37.76
C SER O 113 -19.42 30.49 -38.07
N GLY O 114 -18.89 30.17 -39.24
CA GLY O 114 -17.54 30.59 -39.58
C GLY O 114 -17.16 30.18 -40.98
N LYS O 115 -15.86 30.21 -41.25
CA LYS O 115 -15.36 29.81 -42.56
C LYS O 115 -15.53 28.32 -42.78
N LYS O 116 -15.94 27.96 -44.00
CA LYS O 116 -16.16 26.58 -44.39
C LYS O 116 -14.97 26.05 -45.18
N THR O 117 -14.74 24.75 -45.08
CA THR O 117 -13.65 24.09 -45.81
C THR O 117 -14.13 22.74 -46.31
N THR O 118 -13.53 22.29 -47.39
CA THR O 118 -13.93 21.05 -48.06
C THR O 118 -13.20 19.85 -47.47
N TYR O 119 -13.88 18.71 -47.45
CA TYR O 119 -13.29 17.45 -47.04
C TYR O 119 -12.88 16.65 -48.27
N TYR O 120 -12.36 15.43 -48.05
CA TYR O 120 -11.92 14.60 -49.16
C TYR O 120 -12.12 13.13 -48.79
N TYR O 121 -12.90 12.43 -49.60
CA TYR O 121 -13.01 10.98 -49.54
C TYR O 121 -12.03 10.37 -50.53
N TYR O 122 -12.17 9.07 -50.80
CA TYR O 122 -11.41 8.40 -51.85
C TYR O 122 -12.35 7.60 -52.73
N ASN O 123 -12.10 7.64 -54.04
CA ASN O 123 -12.94 6.93 -55.00
C ASN O 123 -12.53 5.47 -55.03
N GLU O 124 -13.40 4.59 -54.55
CA GLU O 124 -13.11 3.17 -54.54
C GLU O 124 -13.06 2.61 -55.95
N GLU O 125 -14.07 2.91 -56.76
CA GLU O 125 -14.16 2.37 -58.11
C GLU O 125 -13.23 3.07 -59.10
N GLY O 126 -12.81 4.31 -58.81
CA GLY O 126 -11.98 5.03 -59.75
C GLY O 126 -10.63 4.38 -59.99
N ILE O 127 -10.08 3.71 -58.98
CA ILE O 127 -8.80 3.02 -59.14
C ILE O 127 -8.93 1.75 -59.94
N HIS O 128 -10.15 1.25 -60.16
CA HIS O 128 -10.32 0.09 -61.02
C HIS O 128 -9.97 0.40 -62.46
N ILE O 129 -10.17 1.66 -62.89
CA ILE O 129 -9.73 2.07 -64.21
C ILE O 129 -8.23 1.86 -64.36
N LEU O 130 -7.48 2.13 -63.28
CA LEU O 130 -6.06 1.78 -63.26
C LEU O 130 -5.87 0.26 -63.26
N LEU O 131 -6.59 -0.44 -62.39
CA LEU O 131 -6.41 -1.89 -62.26
C LEU O 131 -6.92 -2.63 -63.48
N TYR O 132 -8.14 -2.31 -63.93
CA TYR O 132 -8.76 -3.01 -65.06
C TYR O 132 -8.28 -2.49 -66.41
N SER O 133 -7.21 -1.70 -66.44
CA SER O 133 -6.79 -1.03 -67.67
C SER O 133 -6.56 -2.03 -68.79
N GLY O 134 -5.74 -3.06 -68.53
CA GLY O 134 -5.51 -4.07 -69.55
C GLY O 134 -6.77 -4.83 -69.93
N LEU O 135 -7.59 -5.17 -68.94
CA LEU O 135 -8.86 -5.83 -69.24
C LEU O 135 -9.81 -4.88 -69.98
N ILE O 136 -9.81 -3.60 -69.61
CA ILE O 136 -10.70 -2.65 -70.27
C ILE O 136 -10.34 -2.53 -71.75
N ILE O 137 -9.05 -2.41 -72.06
CA ILE O 137 -8.66 -2.35 -73.46
C ILE O 137 -8.83 -3.69 -74.17
N ASP O 138 -8.65 -4.81 -73.45
CA ASP O 138 -8.92 -6.12 -74.07
C ASP O 138 -10.36 -6.22 -74.52
N GLU O 139 -11.30 -5.79 -73.68
CA GLU O 139 -12.70 -5.84 -74.09
C GLU O 139 -13.07 -4.75 -75.09
N ILE O 140 -12.39 -3.60 -75.09
CA ILE O 140 -12.66 -2.60 -76.12
C ILE O 140 -12.18 -3.11 -77.49
N ILE O 141 -11.15 -3.94 -77.50
CA ILE O 141 -10.73 -4.59 -78.75
C ILE O 141 -11.66 -5.77 -79.10
N THR O 142 -11.99 -6.62 -78.14
CA THR O 142 -12.71 -7.85 -78.45
C THR O 142 -14.17 -7.60 -78.79
N GLN O 143 -14.81 -6.66 -78.07
CA GLN O 143 -16.25 -6.50 -78.16
C GLN O 143 -16.70 -6.02 -79.53
N MET O 144 -15.94 -5.11 -80.14
CA MET O 144 -16.44 -4.37 -81.30
C MET O 144 -16.84 -5.30 -82.44
N ARG O 145 -17.94 -4.94 -83.12
CA ARG O 145 -18.41 -5.73 -84.24
C ARG O 145 -17.44 -5.67 -85.43
N VAL O 146 -16.70 -4.58 -85.54
CA VAL O 146 -15.71 -4.42 -86.60
C VAL O 146 -14.33 -4.37 -85.96
N ASN O 147 -13.65 -5.52 -85.94
CA ASN O 147 -12.33 -5.64 -85.36
C ASN O 147 -11.28 -6.23 -86.28
N ASP O 148 -11.65 -6.79 -87.44
CA ASP O 148 -10.69 -7.40 -88.34
C ASP O 148 -9.68 -6.39 -88.85
N GLU O 149 -10.11 -5.14 -89.04
CA GLU O 149 -9.22 -4.11 -89.56
C GLU O 149 -8.14 -3.76 -88.55
N GLU O 150 -6.89 -3.82 -88.98
CA GLU O 150 -5.77 -3.64 -88.05
C GLU O 150 -5.64 -2.20 -87.58
N GLU O 151 -5.83 -1.23 -88.49
CA GLU O 151 -5.69 0.17 -88.14
C GLU O 151 -6.77 0.60 -87.16
N HIS O 152 -8.02 0.21 -87.41
CA HIS O 152 -9.13 0.59 -86.54
C HIS O 152 -8.92 0.03 -85.13
N LYS O 153 -8.51 -1.24 -85.03
CA LYS O 153 -8.23 -1.85 -83.73
C LYS O 153 -7.14 -1.08 -82.98
N GLN O 154 -6.06 -0.73 -83.69
CA GLN O 154 -4.95 -0.05 -83.01
C GLN O 154 -5.36 1.34 -82.54
N LEU O 155 -6.13 2.07 -83.35
CA LEU O 155 -6.51 3.42 -82.95
C LEU O 155 -7.52 3.40 -81.81
N VAL O 156 -8.44 2.43 -81.80
CA VAL O 156 -9.36 2.38 -80.66
C VAL O 156 -8.61 1.97 -79.39
N ALA O 157 -7.63 1.06 -79.51
CA ALA O 157 -6.79 0.73 -78.37
C ALA O 157 -6.08 1.98 -77.84
N GLU O 158 -5.50 2.77 -78.75
CA GLU O 158 -4.78 3.96 -78.35
C GLU O 158 -5.72 4.98 -77.70
N ILE O 159 -6.93 5.13 -78.22
CA ILE O 159 -7.84 6.14 -77.72
C ILE O 159 -8.33 5.77 -76.32
N VAL O 160 -8.59 4.48 -76.08
CA VAL O 160 -8.98 4.04 -74.75
C VAL O 160 -7.81 4.15 -73.78
N GLN O 161 -6.60 3.82 -74.24
CA GLN O 161 -5.44 3.97 -73.38
C GLN O 161 -5.23 5.42 -72.98
N ASN O 162 -5.40 6.35 -73.94
CA ASN O 162 -5.29 7.77 -73.62
C ASN O 162 -6.38 8.21 -72.64
N VAL O 163 -7.62 7.78 -72.86
CA VAL O 163 -8.70 8.24 -72.00
C VAL O 163 -8.53 7.70 -70.58
N ILE O 164 -8.00 6.49 -70.43
CA ILE O 164 -7.81 5.96 -69.08
C ILE O 164 -6.57 6.55 -68.43
N SER O 165 -5.53 6.87 -69.21
CA SER O 165 -4.35 7.49 -68.64
C SER O 165 -4.63 8.91 -68.20
N LEU O 166 -5.53 9.61 -68.90
CA LEU O 166 -5.80 11.01 -68.62
C LEU O 166 -7.04 11.22 -67.78
N GLY O 167 -7.86 10.18 -67.56
CA GLY O 167 -9.08 10.37 -66.81
C GLY O 167 -10.21 10.84 -67.70
N SER O 168 -10.43 12.15 -67.73
CA SER O 168 -11.42 12.77 -68.60
C SER O 168 -10.70 13.32 -69.83
N LEU O 169 -10.87 12.64 -70.96
CA LEU O 169 -10.33 13.10 -72.24
C LEU O 169 -11.36 13.97 -72.94
N THR O 170 -10.89 15.02 -73.59
CA THR O 170 -11.76 15.98 -74.27
C THR O 170 -11.45 16.02 -75.76
N VAL O 171 -12.50 15.99 -76.57
CA VAL O 171 -12.30 16.15 -78.00
C VAL O 171 -11.80 17.54 -78.35
N GLU O 172 -12.02 18.53 -77.47
CA GLU O 172 -11.45 19.85 -77.71
C GLU O 172 -9.93 19.77 -77.77
N ASP O 173 -9.34 19.00 -76.86
CA ASP O 173 -7.90 18.75 -76.93
C ASP O 173 -7.56 17.83 -78.10
N TYR O 174 -8.31 16.75 -78.26
CA TYR O 174 -7.89 15.69 -79.18
C TYR O 174 -7.99 16.11 -80.64
N LEU O 175 -9.09 16.74 -81.04
CA LEU O 175 -9.28 17.12 -82.43
C LEU O 175 -8.21 18.11 -82.88
N SER O 176 -7.86 19.06 -82.01
CA SER O 176 -6.75 19.96 -82.30
C SER O 176 -5.43 19.19 -82.29
N SER O 177 -5.32 18.15 -81.47
CA SER O 177 -4.08 17.37 -81.42
C SER O 177 -3.83 16.64 -82.72
N VAL O 178 -4.85 16.00 -83.29
CA VAL O 178 -4.65 15.20 -84.50
C VAL O 178 -4.37 16.12 -85.68
N THR O 179 -3.57 15.63 -86.63
CA THR O 179 -3.06 16.49 -87.70
C THR O 179 -3.90 16.36 -88.97
N SER O 180 -4.46 15.17 -89.23
CA SER O 180 -5.23 14.93 -90.43
C SER O 180 -6.72 15.09 -90.13
N ASP O 181 -7.41 15.88 -90.95
CA ASP O 181 -8.82 16.14 -90.69
C ASP O 181 -9.68 14.88 -90.87
N SER O 182 -9.35 14.06 -91.87
CA SER O 182 -10.07 12.79 -92.03
C SER O 182 -9.84 11.90 -90.82
N MET O 183 -8.60 11.83 -90.33
CA MET O 183 -8.34 11.15 -89.08
C MET O 183 -9.11 11.80 -87.94
N LYS O 184 -9.22 13.13 -87.97
CA LYS O 184 -10.04 13.84 -86.99
C LYS O 184 -11.51 13.46 -87.14
N TYR O 185 -11.93 13.14 -88.36
CA TYR O 185 -13.35 12.84 -88.61
C TYR O 185 -13.74 11.48 -88.03
N THR O 186 -12.82 10.51 -88.08
CA THR O 186 -13.10 9.21 -87.48
C THR O 186 -13.13 9.31 -85.96
N ILE O 187 -12.35 10.23 -85.41
CA ILE O 187 -12.30 10.42 -83.96
C ILE O 187 -13.66 10.85 -83.43
N SER O 188 -14.29 11.83 -84.07
CA SER O 188 -15.62 12.25 -83.62
C SER O 188 -16.66 11.17 -83.90
N SER O 189 -16.38 10.27 -84.85
CA SER O 189 -17.33 9.21 -85.19
C SER O 189 -17.33 8.11 -84.13
N LEU O 190 -16.15 7.73 -83.65
CA LEU O 190 -16.07 6.66 -82.66
C LEU O 190 -16.72 7.06 -81.35
N PHE O 191 -16.67 8.36 -81.02
CA PHE O 191 -17.11 8.80 -79.70
C PHE O 191 -18.61 8.63 -79.49
N VAL O 192 -19.42 8.93 -80.51
CA VAL O 192 -20.86 8.78 -80.34
C VAL O 192 -21.20 7.33 -80.04
N GLN O 193 -20.53 6.40 -80.73
CA GLN O 193 -20.68 4.98 -80.43
C GLN O 193 -20.25 4.68 -79.00
N LEU O 194 -19.10 5.23 -78.58
CA LEU O 194 -18.57 4.95 -77.26
C LEU O 194 -19.47 5.49 -76.15
N CYS O 195 -20.24 6.54 -76.45
CA CYS O 195 -21.16 7.09 -75.46
C CYS O 195 -22.49 6.35 -75.45
N GLU O 196 -22.96 5.90 -76.61
CA GLU O 196 -24.15 5.06 -76.63
C GLU O 196 -23.90 3.73 -75.92
N MET O 197 -22.76 3.10 -76.20
CA MET O 197 -22.43 1.83 -75.55
C MET O 197 -22.35 1.96 -74.05
N GLY O 198 -22.08 3.15 -73.52
CA GLY O 198 -21.91 3.34 -72.11
C GLY O 198 -20.48 3.38 -71.63
N TYR O 199 -19.51 3.20 -72.53
CA TYR O 199 -18.11 3.23 -72.14
C TYR O 199 -17.65 4.66 -71.84
N LEU O 200 -18.44 5.66 -72.23
CA LEU O 200 -18.07 7.06 -72.06
C LEU O 200 -19.29 7.82 -71.57
N ILE O 201 -19.32 8.11 -70.26
CA ILE O 201 -20.43 8.79 -69.63
C ILE O 201 -19.96 10.15 -69.12
N GLN O 202 -20.80 11.17 -69.31
CA GLN O 202 -20.49 12.53 -68.92
C GLN O 202 -20.20 12.59 -67.43
N ILE O 203 -18.94 12.84 -67.08
CA ILE O 203 -18.54 12.97 -65.69
C ILE O 203 -19.16 14.24 -65.11
N SER O 204 -19.48 14.19 -63.82
CA SER O 204 -20.17 15.31 -63.17
C SER O 204 -19.90 15.23 -61.67
N LYS O 205 -20.68 16.02 -60.90
CA LYS O 205 -20.57 16.03 -59.45
C LYS O 205 -20.87 14.67 -58.84
N LEU O 206 -21.62 13.81 -59.55
CA LEU O 206 -22.01 12.53 -59.00
C LEU O 206 -20.84 11.57 -58.82
N HIS O 207 -19.72 11.81 -59.51
CA HIS O 207 -18.57 10.92 -59.43
C HIS O 207 -17.51 11.41 -58.43
N TYR O 208 -17.88 12.32 -57.53
CA TYR O 208 -16.93 12.82 -56.55
C TYR O 208 -17.53 13.04 -55.16
N THR O 209 -18.75 12.56 -54.90
CA THR O 209 -19.33 12.77 -53.57
C THR O 209 -19.83 11.43 -53.01
N PRO O 210 -19.79 11.28 -51.69
CA PRO O 210 -20.25 10.02 -51.09
C PRO O 210 -21.76 9.86 -51.19
N ILE O 211 -22.17 8.59 -51.28
CA ILE O 211 -23.58 8.25 -51.46
C ILE O 211 -24.39 8.69 -50.25
N GLU O 212 -23.89 8.42 -49.05
CA GLU O 212 -24.66 8.76 -47.85
C GLU O 212 -24.75 10.26 -47.64
N ASP O 213 -23.71 11.02 -48.03
CA ASP O 213 -23.81 12.47 -47.95
C ASP O 213 -24.78 13.04 -48.98
N LEU O 214 -24.80 12.47 -50.19
CA LEU O 214 -25.87 12.84 -51.13
C LEU O 214 -27.25 12.55 -50.53
N TRP O 215 -27.40 11.38 -49.91
CA TRP O 215 -28.68 11.01 -49.32
C TRP O 215 -29.06 11.93 -48.17
N GLN O 216 -28.07 12.40 -47.40
CA GLN O 216 -28.37 13.29 -46.28
C GLN O 216 -28.73 14.68 -46.78
N PHE O 217 -28.09 15.14 -47.86
CA PHE O 217 -28.50 16.42 -48.43
C PHE O 217 -29.89 16.34 -49.03
N LEU O 218 -30.24 15.22 -49.65
CA LEU O 218 -31.59 15.03 -50.16
C LEU O 218 -32.60 14.71 -49.07
N TYR O 219 -32.13 14.32 -47.88
CA TYR O 219 -33.03 13.90 -46.80
C TYR O 219 -33.37 15.06 -45.87
N GLU O 220 -32.46 16.03 -45.73
CA GLU O 220 -32.70 17.16 -44.85
C GLU O 220 -33.57 18.23 -45.49
N LYS O 221 -33.46 18.42 -46.81
CA LYS O 221 -34.25 19.45 -47.48
C LYS O 221 -35.73 19.17 -47.33
N HIS O 222 -36.14 17.92 -47.58
CA HIS O 222 -37.56 17.57 -47.49
C HIS O 222 -38.06 17.53 -46.06
N TYR O 223 -37.16 17.50 -45.06
CA TYR O 223 -37.60 17.71 -43.69
C TYR O 223 -37.77 19.18 -43.36
N LYS O 224 -37.03 20.06 -44.05
CA LYS O 224 -37.20 21.48 -43.83
C LYS O 224 -38.34 22.05 -44.66
N ASN O 225 -38.82 21.31 -45.65
CA ASN O 225 -39.86 21.82 -46.55
C ASN O 225 -41.25 21.75 -45.93
N ILE O 226 -41.42 21.08 -44.79
CA ILE O 226 -42.76 20.84 -44.28
C ILE O 226 -43.24 22.05 -43.48
N PRO O 227 -44.38 22.64 -43.83
CA PRO O 227 -44.98 23.66 -42.94
C PRO O 227 -45.45 23.05 -41.64
N ARG O 228 -45.48 23.87 -40.60
CA ARG O 228 -45.85 23.40 -39.28
C ARG O 228 -47.33 23.03 -39.21
N ASN O 229 -47.70 22.36 -38.12
CA ASN O 229 -49.10 22.11 -37.75
C ASN O 229 -49.82 21.25 -38.78
N SER O 230 -49.15 20.22 -39.28
CA SER O 230 -49.82 19.29 -40.16
C SER O 230 -50.63 18.28 -39.35
N PRO O 231 -51.74 17.77 -39.90
CA PRO O 231 -52.49 16.73 -39.17
C PRO O 231 -51.71 15.45 -38.97
N LEU O 232 -50.79 15.13 -39.89
CA LEU O 232 -49.92 13.98 -39.74
C LEU O 232 -49.01 14.12 -38.53
N SER O 233 -48.30 13.04 -38.20
CA SER O 233 -47.34 13.08 -37.08
C SER O 233 -45.95 12.69 -37.61
N ASP O 234 -44.99 12.43 -36.72
CA ASP O 234 -43.59 12.15 -37.15
C ASP O 234 -43.52 10.90 -38.04
N LEU O 235 -44.15 9.80 -37.62
CA LEU O 235 -44.03 8.53 -38.38
C LEU O 235 -44.37 8.74 -39.86
N LYS O 236 -45.48 9.39 -40.18
CA LYS O 236 -45.91 9.52 -41.57
C LYS O 236 -45.22 10.67 -42.29
N LYS O 237 -44.87 11.75 -41.59
CA LYS O 237 -44.07 12.79 -42.25
C LYS O 237 -42.68 12.26 -42.60
N ARG O 238 -42.10 11.43 -41.74
CA ARG O 238 -40.83 10.80 -42.09
C ARG O 238 -41.00 9.82 -43.24
N SER O 239 -42.13 9.10 -43.27
CA SER O 239 -42.41 8.21 -44.39
C SER O 239 -42.47 8.97 -45.70
N GLN O 240 -43.23 10.07 -45.74
CA GLN O 240 -43.34 10.83 -46.99
C GLN O 240 -42.03 11.50 -47.35
N ALA O 241 -41.27 11.96 -46.35
CA ALA O 241 -39.98 12.58 -46.63
C ALA O 241 -39.01 11.59 -47.24
N LYS O 242 -38.91 10.38 -46.67
CA LYS O 242 -38.02 9.37 -47.24
C LYS O 242 -38.51 8.91 -48.60
N MET O 243 -39.83 8.86 -48.82
CA MET O 243 -40.36 8.49 -50.12
C MET O 243 -39.96 9.52 -51.19
N ASN O 244 -40.20 10.81 -50.89
CA ASN O 244 -39.84 11.86 -51.83
C ASN O 244 -38.34 11.90 -52.06
N ALA O 245 -37.55 11.68 -51.00
CA ALA O 245 -36.11 11.67 -51.13
C ALA O 245 -35.65 10.52 -52.03
N LYS O 246 -36.27 9.34 -51.87
CA LYS O 246 -35.94 8.23 -52.77
C LYS O 246 -36.29 8.58 -54.20
N THR O 247 -37.44 9.21 -54.42
CA THR O 247 -37.85 9.57 -55.78
C THR O 247 -36.85 10.54 -56.42
N ASP O 248 -36.50 11.61 -55.69
CA ASP O 248 -35.62 12.61 -56.28
C ASP O 248 -34.20 12.08 -56.44
N PHE O 249 -33.74 11.22 -55.51
CA PHE O 249 -32.45 10.58 -55.68
C PHE O 249 -32.44 9.68 -56.91
N ALA O 250 -33.53 8.93 -57.12
CA ALA O 250 -33.62 8.10 -58.32
C ALA O 250 -33.58 8.94 -59.57
N LYS O 251 -34.27 10.08 -59.57
CA LYS O 251 -34.25 10.95 -60.75
C LYS O 251 -32.85 11.50 -61.01
N ILE O 252 -32.21 12.05 -59.97
CA ILE O 252 -30.90 12.67 -60.13
C ILE O 252 -29.84 11.64 -60.45
N ILE O 253 -30.05 10.38 -60.09
CA ILE O 253 -29.10 9.34 -60.42
C ILE O 253 -29.37 8.72 -61.79
N ASN O 254 -30.61 8.73 -62.25
CA ASN O 254 -30.98 8.14 -63.54
C ASN O 254 -30.81 9.11 -64.69
N LYS O 255 -30.75 10.42 -64.42
CA LYS O 255 -30.46 11.36 -65.50
C LYS O 255 -29.09 11.15 -66.13
N PRO O 256 -27.97 11.08 -65.37
CA PRO O 256 -26.66 11.02 -66.03
C PRO O 256 -26.08 9.63 -66.19
N ASN O 257 -26.68 8.61 -65.57
CA ASN O 257 -26.14 7.26 -65.70
C ASN O 257 -26.28 6.75 -67.14
N GLU O 258 -27.43 6.99 -67.75
CA GLU O 258 -27.61 6.80 -69.19
C GLU O 258 -28.16 8.10 -69.77
N LEU O 259 -27.47 8.62 -70.78
CA LEU O 259 -27.86 9.89 -71.37
C LEU O 259 -27.10 10.09 -72.68
N SER O 260 -27.68 10.89 -73.57
CA SER O 260 -27.07 11.24 -74.83
C SER O 260 -27.15 12.73 -75.10
N GLN O 261 -27.40 13.54 -74.06
CA GLN O 261 -27.57 14.97 -74.23
C GLN O 261 -26.31 15.65 -74.76
N ILE O 262 -25.13 15.05 -74.57
CA ILE O 262 -23.91 15.62 -75.12
C ILE O 262 -23.88 15.46 -76.63
N LEU O 263 -24.35 14.33 -77.13
CA LEU O 263 -24.25 13.99 -78.55
C LEU O 263 -25.48 14.36 -79.36
N THR O 264 -26.54 14.85 -78.72
CA THR O 264 -27.81 15.04 -79.42
C THR O 264 -27.69 16.12 -80.49
N VAL O 265 -26.96 17.18 -80.21
CA VAL O 265 -26.90 18.32 -81.13
C VAL O 265 -26.29 17.89 -82.47
N ASP O 266 -26.79 18.47 -83.55
CA ASP O 266 -26.29 18.22 -84.89
C ASP O 266 -26.26 19.52 -85.69
N PRO O 267 -25.08 20.00 -86.07
CA PRO O 267 -25.00 21.24 -86.84
C PRO O 267 -25.49 21.06 -88.26
N LYS O 268 -25.74 22.19 -88.91
CA LYS O 268 -26.20 22.18 -90.29
C LYS O 268 -25.12 21.60 -91.21
N THR O 269 -25.57 20.92 -92.27
CA THR O 269 -24.72 20.26 -93.27
C THR O 269 -23.49 19.62 -92.64
N SER O 270 -23.73 18.77 -91.63
CA SER O 270 -22.65 18.12 -90.92
C SER O 270 -23.18 16.85 -90.25
N LEU O 271 -22.24 15.99 -89.87
CA LEU O 271 -22.56 14.77 -89.14
C LEU O 271 -22.88 15.10 -87.68
N ARG O 272 -23.51 14.14 -87.00
CA ARG O 272 -23.82 14.31 -85.59
C ARG O 272 -22.54 14.50 -84.78
N ILE O 273 -22.59 15.44 -83.83
CA ILE O 273 -21.43 15.81 -83.04
C ILE O 273 -21.80 15.74 -81.57
N VAL O 274 -20.79 15.52 -80.73
CA VAL O 274 -20.95 15.59 -79.30
C VAL O 274 -20.50 16.96 -78.83
N LYS O 275 -20.87 17.31 -77.60
CA LYS O 275 -20.41 18.58 -77.03
C LYS O 275 -18.90 18.54 -76.89
N PRO O 276 -18.16 19.45 -77.50
CA PRO O 276 -16.70 19.40 -77.43
C PRO O 276 -16.16 20.07 -76.19
N THR O 277 -16.94 20.99 -75.61
CA THR O 277 -16.52 21.66 -74.39
C THR O 277 -16.47 20.70 -73.21
N VAL O 278 -17.45 19.81 -73.11
CA VAL O 278 -17.56 18.91 -71.96
C VAL O 278 -16.41 17.92 -71.96
N SER O 279 -16.21 17.25 -70.82
CA SER O 279 -15.14 16.28 -70.66
C SER O 279 -15.72 14.87 -70.75
N LEU O 280 -15.05 14.00 -71.50
CA LEU O 280 -15.49 12.62 -71.68
C LEU O 280 -14.67 11.73 -70.76
N THR O 281 -15.35 10.99 -69.89
CA THR O 281 -14.71 10.10 -68.94
C THR O 281 -15.13 8.66 -69.23
N ILE O 282 -14.14 7.77 -69.33
CA ILE O 282 -14.44 6.36 -69.55
C ILE O 282 -15.17 5.80 -68.34
N ASN O 283 -16.30 5.13 -68.60
CA ASN O 283 -17.13 4.57 -67.54
C ASN O 283 -16.65 3.17 -67.18
N LEU O 284 -17.31 2.58 -66.18
CA LEU O 284 -16.90 1.29 -65.63
C LEU O 284 -18.06 0.32 -65.53
N ASP O 285 -19.28 0.84 -65.34
CA ASP O 285 -20.40 -0.02 -65.00
C ASP O 285 -20.77 -0.96 -66.15
N ARG O 286 -20.89 -0.42 -67.36
CA ARG O 286 -21.23 -1.29 -68.49
C ARG O 286 -20.07 -2.19 -68.87
N PHE O 287 -18.83 -1.75 -68.63
CA PHE O 287 -17.69 -2.63 -68.85
C PHE O 287 -17.74 -3.83 -67.92
N MET O 288 -18.14 -3.61 -66.66
CA MET O 288 -18.25 -4.72 -65.74
C MET O 288 -19.48 -5.56 -66.05
N LYS O 289 -20.52 -4.95 -66.63
CA LYS O 289 -21.61 -5.74 -67.18
C LYS O 289 -21.11 -6.68 -68.26
N GLY O 290 -20.24 -6.19 -69.13
CA GLY O 290 -19.65 -7.04 -70.15
C GLY O 290 -18.77 -8.13 -69.57
N ARG O 291 -17.99 -7.80 -68.54
CA ARG O 291 -17.15 -8.81 -67.88
C ARG O 291 -18.02 -9.87 -67.20
N ARG O 292 -19.13 -9.47 -66.59
CA ARG O 292 -20.04 -10.42 -65.97
C ARG O 292 -20.70 -11.31 -67.02
N SER O 293 -21.06 -10.73 -68.17
CA SER O 293 -21.55 -11.55 -69.27
C SER O 293 -20.49 -12.53 -69.73
N LYS O 294 -19.23 -12.09 -69.79
CA LYS O 294 -18.14 -12.98 -70.18
C LYS O 294 -17.99 -14.13 -69.20
N GLN O 295 -18.10 -13.85 -67.90
CA GLN O 295 -17.96 -14.91 -66.91
C GLN O 295 -19.15 -15.86 -66.93
N LEU O 296 -20.36 -15.35 -67.18
CA LEU O 296 -21.51 -16.24 -67.31
C LEU O 296 -21.39 -17.11 -68.55
N ILE O 297 -20.89 -16.56 -69.66
CA ILE O 297 -20.69 -17.34 -70.87
C ILE O 297 -19.57 -18.37 -70.67
N ASN O 298 -18.55 -18.01 -69.89
CA ASN O 298 -17.51 -18.98 -69.56
C ASN O 298 -18.07 -20.11 -68.69
N LEU O 299 -18.95 -19.77 -67.76
CA LEU O 299 -19.68 -20.78 -67.00
C LEU O 299 -20.43 -21.72 -67.93
N ALA O 300 -21.14 -21.16 -68.91
CA ALA O 300 -21.88 -21.98 -69.86
C ALA O 300 -20.94 -22.86 -70.67
N LYS O 301 -19.81 -22.29 -71.11
CA LYS O 301 -18.81 -23.06 -71.86
C LYS O 301 -18.31 -24.23 -71.05
N THR O 302 -18.14 -24.04 -69.73
CA THR O 302 -17.80 -25.16 -68.87
C THR O 302 -19.01 -26.05 -68.60
N ARG O 303 -20.21 -25.46 -68.54
CA ARG O 303 -21.38 -26.21 -68.10
C ARG O 303 -21.96 -27.06 -69.22
N VAL O 304 -22.13 -26.48 -70.41
CA VAL O 304 -22.83 -27.14 -71.49
C VAL O 304 -21.93 -27.15 -72.72
N GLY O 305 -22.17 -28.11 -73.62
CA GLY O 305 -21.34 -28.24 -74.80
C GLY O 305 -21.44 -27.04 -75.72
N SER O 306 -20.44 -26.92 -76.59
CA SER O 306 -20.25 -25.74 -77.43
C SER O 306 -21.33 -25.55 -78.48
N VAL O 307 -22.19 -26.54 -78.71
CA VAL O 307 -23.22 -26.37 -79.72
C VAL O 307 -24.24 -25.33 -79.28
N THR O 308 -24.67 -25.37 -78.02
CA THR O 308 -25.56 -24.34 -77.49
C THR O 308 -24.86 -23.37 -76.55
N ALA O 309 -23.63 -23.66 -76.13
CA ALA O 309 -22.85 -22.67 -75.41
C ALA O 309 -22.41 -21.54 -76.33
N GLN O 310 -22.13 -21.85 -77.59
CA GLN O 310 -21.84 -20.81 -78.58
C GLN O 310 -23.08 -19.94 -78.82
N VAL O 311 -24.28 -20.52 -78.70
CA VAL O 311 -25.50 -19.74 -78.81
C VAL O 311 -25.65 -18.81 -77.62
N TYR O 312 -25.42 -19.33 -76.42
CA TYR O 312 -25.57 -18.52 -75.21
C TYR O 312 -24.60 -17.35 -75.18
N LYS O 313 -23.45 -17.47 -75.86
CA LYS O 313 -22.45 -16.42 -75.83
C LYS O 313 -23.01 -15.06 -76.25
N ILE O 314 -23.98 -15.06 -77.17
CA ILE O 314 -24.60 -13.83 -77.63
C ILE O 314 -25.97 -13.60 -76.99
N ALA O 315 -26.59 -14.64 -76.42
CA ALA O 315 -27.92 -14.48 -75.82
C ALA O 315 -27.91 -13.41 -74.73
N LEU O 316 -26.85 -13.36 -73.92
CA LEU O 316 -26.71 -12.29 -72.94
C LEU O 316 -26.21 -10.99 -73.58
N ARG O 317 -25.56 -11.07 -74.73
CA ARG O 317 -24.96 -9.89 -75.35
C ARG O 317 -26.01 -8.92 -75.87
N LEU O 318 -27.21 -9.39 -76.15
CA LEU O 318 -28.30 -8.53 -76.57
C LEU O 318 -29.09 -7.95 -75.39
N THR O 319 -28.72 -8.33 -74.16
CA THR O 319 -29.31 -7.78 -72.96
C THR O 319 -28.28 -7.19 -72.01
N GLU O 320 -26.98 -7.34 -72.30
CA GLU O 320 -25.93 -6.83 -71.44
C GLU O 320 -25.76 -5.32 -71.57
N GLN O 321 -26.11 -4.74 -72.73
CA GLN O 321 -25.92 -3.31 -72.93
C GLN O 321 -26.80 -2.50 -72.00
N LYS O 322 -28.06 -2.91 -71.83
CA LYS O 322 -28.99 -2.24 -70.94
C LYS O 322 -29.30 -3.09 -69.70
N SER O 323 -28.36 -3.94 -69.30
CA SER O 323 -28.55 -4.76 -68.12
C SER O 323 -28.63 -3.85 -66.89
N PRO O 324 -29.45 -4.22 -65.89
CA PRO O 324 -29.63 -3.33 -64.73
C PRO O 324 -28.42 -3.30 -63.82
N LYS O 325 -28.57 -2.62 -62.69
CA LYS O 325 -27.48 -2.53 -61.73
C LYS O 325 -27.10 -3.91 -61.22
N ILE O 326 -25.83 -4.07 -60.89
CA ILE O 326 -25.25 -5.37 -60.54
C ILE O 326 -25.43 -5.69 -59.06
N ARG O 327 -25.11 -4.74 -58.18
CA ARG O 327 -25.21 -4.98 -56.75
C ARG O 327 -26.21 -4.05 -56.06
N ASP O 328 -26.03 -2.73 -56.18
CA ASP O 328 -26.88 -1.77 -55.50
C ASP O 328 -27.10 -0.55 -56.39
N PRO O 329 -28.35 -0.08 -56.49
CA PRO O 329 -28.62 1.09 -57.33
C PRO O 329 -28.15 2.39 -56.69
N LEU O 330 -27.30 2.25 -55.68
CA LEU O 330 -26.79 3.33 -54.83
C LEU O 330 -27.85 3.89 -53.90
N THR O 331 -29.05 3.30 -53.89
CA THR O 331 -30.05 3.58 -52.87
C THR O 331 -29.96 2.61 -51.70
N GLN O 332 -28.99 1.71 -51.71
CA GLN O 332 -28.75 0.78 -50.61
C GLN O 332 -27.43 1.01 -49.89
N THR O 333 -26.50 1.75 -50.49
CA THR O 333 -25.21 1.98 -49.83
C THR O 333 -25.23 3.27 -49.02
N GLY O 334 -26.05 4.24 -49.42
CA GLY O 334 -26.13 5.52 -48.76
C GLY O 334 -27.10 5.59 -47.60
N LEU O 335 -27.82 4.50 -47.30
CA LEU O 335 -28.82 4.52 -46.24
C LEU O 335 -28.92 3.13 -45.63
N LEU O 336 -29.42 3.09 -44.39
CA LEU O 336 -29.71 1.82 -43.74
C LEU O 336 -30.81 1.10 -44.52
N GLN O 337 -30.63 -0.20 -44.73
CA GLN O 337 -31.53 -0.97 -45.59
C GLN O 337 -32.98 -0.85 -45.12
N ASP O 338 -33.29 -1.41 -43.96
CA ASP O 338 -34.62 -1.33 -43.37
C ASP O 338 -34.61 -2.03 -42.03
N LEU O 339 -35.60 -1.73 -41.20
CA LEU O 339 -35.74 -2.34 -39.89
C LEU O 339 -37.01 -3.19 -39.77
N GLU O 340 -38.17 -2.61 -40.04
CA GLU O 340 -39.44 -3.34 -40.04
C GLU O 340 -40.06 -3.20 -41.42
N GLU O 341 -40.54 -4.32 -41.97
CA GLU O 341 -40.88 -4.44 -43.39
C GLU O 341 -39.64 -4.23 -44.27
N ALA O 342 -38.69 -5.14 -44.05
CA ALA O 342 -37.35 -5.02 -44.63
C ALA O 342 -37.27 -5.44 -46.09
N LYS O 343 -38.19 -6.30 -46.55
CA LYS O 343 -38.11 -6.89 -47.88
C LYS O 343 -38.42 -5.90 -49.01
N SER O 344 -38.63 -4.62 -48.68
CA SER O 344 -39.07 -3.66 -49.68
C SER O 344 -38.06 -3.49 -50.80
N PHE O 345 -36.77 -3.43 -50.46
CA PHE O 345 -35.74 -3.18 -51.47
C PHE O 345 -35.62 -4.34 -52.45
N GLN O 346 -35.58 -5.58 -51.94
CA GLN O 346 -35.55 -6.73 -52.83
C GLN O 346 -36.82 -6.81 -53.67
N ASP O 347 -37.97 -6.50 -53.05
CA ASP O 347 -39.24 -6.54 -53.78
C ASP O 347 -39.23 -5.55 -54.93
N GLU O 348 -38.77 -4.32 -54.70
CA GLU O 348 -38.79 -3.32 -55.77
C GLU O 348 -37.71 -3.62 -56.82
N ALA O 349 -36.59 -4.22 -56.40
CA ALA O 349 -35.57 -4.62 -57.37
C ALA O 349 -36.14 -5.65 -58.34
N GLU O 350 -36.74 -6.72 -57.82
CA GLU O 350 -37.34 -7.72 -58.71
C GLU O 350 -38.54 -7.15 -59.46
N LEU O 351 -39.25 -6.20 -58.86
CA LEU O 351 -40.36 -5.55 -59.54
C LEU O 351 -39.90 -4.80 -60.78
N VAL O 352 -38.80 -4.05 -60.66
CA VAL O 352 -38.26 -3.33 -61.81
C VAL O 352 -37.69 -4.31 -62.83
N GLU O 353 -37.06 -5.38 -62.35
CA GLU O 353 -36.55 -6.41 -63.26
C GLU O 353 -37.67 -7.00 -64.10
N GLU O 354 -38.86 -7.17 -63.52
CA GLU O 354 -39.99 -7.67 -64.29
C GLU O 354 -40.68 -6.59 -65.11
N LYS O 355 -40.61 -5.34 -64.66
CA LYS O 355 -41.32 -4.26 -65.35
C LYS O 355 -40.61 -3.83 -66.62
N THR O 356 -39.27 -3.76 -66.59
CA THR O 356 -38.51 -3.24 -67.73
C THR O 356 -38.77 -4.04 -68.99
N PRO O 357 -39.39 -3.44 -70.01
CA PRO O 357 -39.76 -4.20 -71.21
C PRO O 357 -38.62 -4.35 -72.20
N GLY O 358 -37.68 -3.41 -72.20
CA GLY O 358 -36.55 -3.49 -73.11
C GLY O 358 -35.69 -4.72 -72.88
N LEU O 359 -35.47 -5.06 -71.61
CA LEU O 359 -34.67 -6.24 -71.29
C LEU O 359 -35.33 -7.51 -71.81
N THR O 360 -36.65 -7.58 -71.73
CA THR O 360 -37.37 -8.72 -72.29
C THR O 360 -37.23 -8.73 -73.80
N PHE O 361 -37.01 -9.91 -74.36
CA PHE O 361 -36.90 -10.09 -75.80
C PHE O 361 -37.61 -11.36 -76.23
N ASN O 362 -37.93 -11.41 -77.53
CA ASN O 362 -38.51 -12.58 -78.16
C ASN O 362 -37.51 -13.18 -79.14
N ALA O 363 -37.86 -14.37 -79.65
CA ALA O 363 -36.95 -15.08 -80.56
C ALA O 363 -36.78 -14.31 -81.87
N ILE O 364 -37.80 -13.55 -82.27
CA ILE O 364 -37.67 -12.71 -83.46
C ILE O 364 -36.62 -11.64 -83.22
N ASP O 365 -36.53 -11.13 -81.99
CA ASP O 365 -35.53 -10.12 -81.67
C ASP O 365 -34.11 -10.69 -81.68
N LEU O 366 -33.97 -11.96 -81.32
CA LEU O 366 -32.64 -12.56 -81.29
C LEU O 366 -32.20 -13.12 -82.64
N ALA O 367 -33.12 -13.28 -83.59
CA ALA O 367 -32.75 -13.82 -84.89
C ALA O 367 -31.98 -12.80 -85.73
N ARG O 368 -32.20 -11.51 -85.51
CA ARG O 368 -31.54 -10.47 -86.29
C ARG O 368 -30.08 -10.27 -85.88
N HIS O 369 -29.66 -10.77 -84.72
CA HIS O 369 -28.33 -10.52 -84.22
C HIS O 369 -27.43 -11.74 -84.20
N LEU O 370 -27.92 -12.90 -84.63
CA LEU O 370 -27.08 -14.09 -84.64
C LEU O 370 -26.09 -14.05 -85.81
N PRO O 371 -24.85 -14.44 -85.58
CA PRO O 371 -23.85 -14.43 -86.64
C PRO O 371 -24.10 -15.55 -87.65
N ALA O 372 -23.42 -15.41 -88.80
CA ALA O 372 -23.59 -16.40 -89.87
C ALA O 372 -22.96 -17.74 -89.51
N GLU O 373 -21.89 -17.71 -88.70
CA GLU O 373 -21.16 -18.94 -88.39
C GLU O 373 -22.04 -19.97 -87.68
N LEU O 374 -22.83 -19.55 -86.70
CA LEU O 374 -23.70 -20.46 -85.98
C LEU O 374 -24.83 -20.94 -86.89
N ASP O 375 -25.15 -22.24 -86.80
CA ASP O 375 -26.15 -22.86 -87.66
C ASP O 375 -27.47 -23.14 -86.95
N LEU O 376 -27.40 -23.59 -85.69
CA LEU O 376 -28.57 -23.90 -84.86
C LEU O 376 -29.44 -25.00 -85.46
N ARG O 377 -28.86 -25.94 -86.20
CA ARG O 377 -29.67 -26.93 -86.90
C ARG O 377 -29.58 -28.29 -86.21
N GLY O 378 -28.35 -28.78 -85.98
CA GLY O 378 -28.15 -30.04 -85.29
C GLY O 378 -28.11 -29.87 -83.79
N SER O 379 -28.54 -28.70 -83.31
CA SER O 379 -28.50 -28.39 -81.89
C SER O 379 -29.59 -29.09 -81.09
N LEU O 380 -30.69 -29.47 -81.73
CA LEU O 380 -31.85 -30.02 -81.04
C LEU O 380 -32.17 -31.42 -81.54
N LEU O 381 -32.56 -32.29 -80.62
CA LEU O 381 -33.10 -33.61 -80.93
C LEU O 381 -34.48 -33.70 -80.28
N SER O 382 -35.53 -33.54 -81.10
CA SER O 382 -36.88 -33.38 -80.55
C SER O 382 -37.39 -34.65 -79.87
N ARG O 383 -36.79 -35.80 -80.17
CA ARG O 383 -37.22 -37.06 -79.58
C ARG O 383 -36.02 -37.93 -79.27
N LYS O 384 -36.16 -38.79 -78.26
CA LYS O 384 -35.10 -39.69 -77.85
C LYS O 384 -34.65 -40.60 -78.98
N PRO O 447 -31.66 -22.49 -90.13
CA PRO O 447 -31.35 -21.23 -90.82
C PRO O 447 -31.87 -20.02 -90.05
N HIS O 448 -31.35 -19.80 -88.85
CA HIS O 448 -31.82 -18.74 -87.96
C HIS O 448 -33.33 -18.86 -87.72
N SER O 449 -33.79 -20.09 -87.54
CA SER O 449 -35.22 -20.35 -87.38
C SER O 449 -35.68 -19.89 -86.00
N ALA O 450 -36.64 -18.97 -85.99
CA ALA O 450 -37.10 -18.37 -84.74
C ALA O 450 -37.71 -19.41 -83.80
N SER O 451 -38.10 -20.57 -84.32
CA SER O 451 -38.58 -21.65 -83.45
C SER O 451 -37.45 -22.20 -82.59
N LEU O 452 -36.29 -22.45 -83.20
CA LEU O 452 -35.23 -23.18 -82.51
C LEU O 452 -34.51 -22.32 -81.48
N ILE O 453 -34.27 -21.04 -81.77
CA ILE O 453 -33.70 -20.14 -80.77
C ILE O 453 -34.64 -20.03 -79.58
N ASN O 454 -35.94 -19.97 -79.85
CA ASN O 454 -36.94 -20.01 -78.78
C ASN O 454 -36.81 -21.31 -77.99
N SER O 455 -36.43 -22.41 -78.64
CA SER O 455 -36.24 -23.67 -77.92
C SER O 455 -35.04 -23.61 -76.98
N HIS O 456 -33.91 -23.05 -77.45
CA HIS O 456 -32.78 -22.79 -76.56
C HIS O 456 -33.21 -21.91 -75.39
N LEU O 457 -34.09 -20.95 -75.65
CA LEU O 457 -34.51 -20.03 -74.62
C LEU O 457 -35.39 -20.74 -73.58
N LYS O 458 -36.25 -21.66 -74.04
CA LYS O 458 -37.03 -22.48 -73.12
C LYS O 458 -36.14 -23.39 -72.29
N ILE O 459 -35.11 -24.00 -72.90
CA ILE O 459 -34.24 -24.87 -72.10
C ILE O 459 -33.43 -24.04 -71.11
N LEU O 460 -33.07 -22.81 -71.48
CA LEU O 460 -32.38 -21.93 -70.54
C LEU O 460 -33.27 -21.60 -69.35
N ALA O 461 -34.55 -21.32 -69.60
CA ALA O 461 -35.44 -20.98 -68.49
C ALA O 461 -35.80 -22.22 -67.67
N SER O 462 -35.85 -23.39 -68.30
CA SER O 462 -36.14 -24.64 -67.60
C SER O 462 -34.91 -25.25 -66.93
N SER O 463 -33.73 -24.69 -67.16
CA SER O 463 -32.52 -25.21 -66.54
C SER O 463 -32.58 -25.04 -65.03
N ASN O 464 -31.84 -25.92 -64.33
CA ASN O 464 -31.87 -25.91 -62.87
C ASN O 464 -31.42 -24.56 -62.32
N PHE O 465 -30.39 -23.98 -62.91
CA PHE O 465 -29.99 -22.62 -62.55
C PHE O 465 -30.90 -21.62 -63.25
N PRO O 466 -31.54 -20.70 -62.52
CA PRO O 466 -32.51 -19.80 -63.15
C PRO O 466 -31.86 -18.75 -64.03
N PHE O 467 -31.53 -19.13 -65.27
CA PHE O 467 -30.94 -18.18 -66.20
C PHE O 467 -31.97 -17.22 -66.79
N LEU O 468 -33.18 -17.70 -67.05
CA LEU O 468 -34.23 -16.88 -67.64
C LEU O 468 -35.56 -17.19 -66.97
N ASN O 469 -36.48 -16.23 -67.06
CA ASN O 469 -37.85 -16.38 -66.55
C ASN O 469 -38.83 -16.04 -67.66
N GLU O 470 -39.99 -16.69 -67.61
CA GLU O 470 -41.00 -16.60 -68.67
C GLU O 470 -42.29 -16.00 -68.09
N THR O 471 -42.45 -14.67 -68.21
CA THR O 471 -43.69 -14.04 -67.78
C THR O 471 -44.83 -14.35 -68.73
N LYS O 472 -44.58 -14.25 -70.03
CA LYS O 472 -45.58 -14.54 -71.05
C LYS O 472 -45.00 -15.51 -72.08
N PRO O 473 -45.85 -16.32 -72.71
CA PRO O 473 -45.35 -17.29 -73.71
C PRO O 473 -44.50 -16.66 -74.80
N GLY O 474 -43.22 -17.03 -74.84
CA GLY O 474 -42.32 -16.63 -75.90
C GLY O 474 -41.33 -15.53 -75.52
N VAL O 475 -41.72 -14.60 -74.66
CA VAL O 475 -40.88 -13.47 -74.29
C VAL O 475 -40.36 -13.69 -72.87
N TYR O 476 -39.03 -13.83 -72.75
CA TYR O 476 -38.43 -14.13 -71.47
C TYR O 476 -37.50 -12.99 -71.08
N TYR O 477 -37.01 -13.04 -69.84
CA TYR O 477 -36.11 -12.02 -69.32
C TYR O 477 -35.14 -12.66 -68.33
N VAL O 478 -34.03 -11.96 -68.10
CA VAL O 478 -32.97 -12.45 -67.22
C VAL O 478 -33.26 -11.94 -65.81
N PRO O 479 -33.50 -12.81 -64.83
CA PRO O 479 -33.71 -12.36 -63.46
C PRO O 479 -32.43 -12.37 -62.63
N TYR O 480 -32.38 -11.45 -61.67
CA TYR O 480 -31.30 -11.37 -60.70
C TYR O 480 -31.78 -11.40 -59.26
N SER O 481 -33.09 -11.51 -59.03
CA SER O 481 -33.61 -11.57 -57.67
C SER O 481 -33.26 -12.91 -56.99
N LYS O 482 -33.00 -13.94 -57.79
CA LYS O 482 -32.68 -15.26 -57.28
C LYS O 482 -31.44 -15.88 -57.91
N LEU O 483 -30.92 -15.30 -58.99
CA LEU O 483 -29.72 -15.84 -59.61
C LEU O 483 -28.47 -15.50 -58.80
N MET O 484 -28.45 -14.34 -58.15
CA MET O 484 -27.24 -13.91 -57.43
C MET O 484 -26.88 -14.82 -56.26
N PRO O 485 -27.78 -15.18 -55.34
CA PRO O 485 -27.36 -16.07 -54.25
C PRO O 485 -26.82 -17.39 -54.73
N VAL O 486 -27.45 -17.99 -55.75
CA VAL O 486 -27.03 -19.31 -56.20
C VAL O 486 -25.72 -19.21 -56.98
N LEU O 487 -25.52 -18.13 -57.75
CA LEU O 487 -24.26 -17.95 -58.45
C LEU O 487 -23.11 -17.73 -57.46
N LYS O 488 -23.35 -16.92 -56.42
CA LYS O 488 -22.35 -16.72 -55.39
C LYS O 488 -22.01 -18.03 -54.69
N SER O 489 -23.04 -18.81 -54.36
CA SER O 489 -22.81 -20.11 -53.72
C SER O 489 -21.96 -21.01 -54.61
N SER O 490 -22.31 -21.08 -55.90
CA SER O 490 -21.59 -21.95 -56.82
C SER O 490 -20.12 -21.52 -56.94
N VAL O 491 -19.88 -20.22 -57.13
CA VAL O 491 -18.50 -19.77 -57.34
C VAL O 491 -17.67 -19.95 -56.08
N TYR O 492 -18.21 -19.58 -54.92
CA TYR O 492 -17.48 -19.77 -53.67
C TYR O 492 -17.23 -21.25 -53.40
N GLU O 493 -18.22 -22.09 -53.66
CA GLU O 493 -18.08 -23.51 -53.36
C GLU O 493 -17.05 -24.15 -54.26
N TYR O 494 -17.02 -23.78 -55.54
CA TYR O 494 -16.01 -24.38 -56.41
C TYR O 494 -14.62 -23.79 -56.14
N VAL O 495 -14.54 -22.56 -55.64
CA VAL O 495 -13.25 -22.05 -55.17
C VAL O 495 -12.75 -22.89 -54.00
N ILE O 496 -13.64 -23.17 -53.04
CA ILE O 496 -13.27 -24.03 -51.91
C ILE O 496 -12.88 -25.42 -52.41
N ALA O 497 -13.57 -25.90 -53.45
CA ALA O 497 -13.24 -27.20 -54.02
C ALA O 497 -11.85 -27.21 -54.64
N SER O 498 -11.53 -26.17 -55.41
CA SER O 498 -10.18 -26.06 -55.97
C SER O 498 -9.14 -25.87 -54.87
N THR O 499 -9.55 -25.40 -53.70
CA THR O 499 -8.61 -25.19 -52.61
C THR O 499 -8.33 -26.48 -51.84
N LEU O 500 -9.36 -27.29 -51.62
CA LEU O 500 -9.27 -28.46 -50.73
C LEU O 500 -9.52 -29.75 -51.51
N GLY O 501 -9.64 -30.86 -50.77
CA GLY O 501 -9.79 -32.17 -51.35
C GLY O 501 -11.22 -32.63 -51.54
N PRO O 502 -11.42 -33.67 -52.37
CA PRO O 502 -12.78 -34.05 -52.76
C PRO O 502 -13.71 -34.35 -51.60
N SER O 503 -13.20 -35.01 -50.55
CA SER O 503 -13.99 -35.18 -49.35
C SER O 503 -14.35 -33.83 -48.74
N ALA O 504 -13.47 -32.84 -48.87
CA ALA O 504 -13.75 -31.52 -48.32
C ALA O 504 -14.85 -30.81 -49.12
N MET O 505 -14.81 -30.87 -50.45
CA MET O 505 -15.93 -30.27 -51.18
C MET O 505 -17.22 -31.02 -50.90
N ARG O 506 -17.14 -32.34 -50.72
CA ARG O 506 -18.34 -33.11 -50.41
C ARG O 506 -18.93 -32.68 -49.07
N LEU O 507 -18.06 -32.49 -48.08
CA LEU O 507 -18.53 -32.06 -46.72
C LEU O 507 -19.18 -30.68 -46.84
N SER O 508 -18.50 -29.75 -47.53
CA SER O 508 -19.05 -28.37 -47.70
C SER O 508 -20.42 -28.47 -48.38
N ARG O 509 -20.53 -29.30 -49.42
CA ARG O 509 -21.83 -29.47 -50.12
C ARG O 509 -22.89 -29.92 -49.12
N CYS O 510 -22.56 -30.90 -48.27
CA CYS O 510 -23.51 -31.37 -47.24
C CYS O 510 -23.82 -30.22 -46.28
N ILE O 511 -22.80 -29.54 -45.78
CA ILE O 511 -23.00 -28.43 -44.80
C ILE O 511 -23.89 -27.36 -45.44
N ARG O 512 -23.88 -27.26 -46.78
CA ARG O 512 -24.64 -26.22 -47.45
C ARG O 512 -26.08 -26.65 -47.68
N ASP O 513 -26.26 -27.77 -48.39
CA ASP O 513 -27.61 -28.24 -48.70
C ASP O 513 -28.36 -28.64 -47.44
N ASN O 514 -27.67 -29.29 -46.50
CA ASN O 514 -28.27 -29.72 -45.24
C ASN O 514 -28.04 -28.62 -44.21
N LYS O 515 -29.09 -27.86 -43.91
CA LYS O 515 -28.98 -26.79 -42.94
C LYS O 515 -28.81 -27.37 -41.53
N LEU O 516 -27.84 -26.84 -40.79
CA LEU O 516 -27.62 -27.20 -39.38
C LEU O 516 -27.33 -28.69 -39.23
N VAL O 517 -26.21 -29.11 -39.81
CA VAL O 517 -25.76 -30.50 -39.69
C VAL O 517 -25.09 -30.70 -38.34
N SER O 518 -25.00 -31.96 -37.89
CA SER O 518 -24.44 -32.30 -36.59
C SER O 518 -23.45 -33.45 -36.75
N GLU O 519 -22.87 -33.87 -35.61
CA GLU O 519 -21.86 -34.92 -35.63
C GLU O 519 -22.39 -36.27 -36.07
N LYS O 520 -23.70 -36.50 -35.97
CA LYS O 520 -24.30 -37.71 -36.52
C LYS O 520 -25.06 -37.47 -37.80
N ILE O 521 -25.56 -36.26 -38.03
CA ILE O 521 -26.17 -35.94 -39.30
C ILE O 521 -25.14 -35.98 -40.42
N ILE O 522 -23.88 -35.65 -40.12
CA ILE O 522 -22.83 -35.78 -41.12
C ILE O 522 -22.66 -37.24 -41.52
N ASN O 523 -22.68 -38.15 -40.55
CA ASN O 523 -22.59 -39.57 -40.87
C ASN O 523 -23.80 -40.05 -41.67
N SER O 524 -24.99 -39.58 -41.28
CA SER O 524 -26.20 -40.04 -41.96
C SER O 524 -26.31 -39.48 -43.37
N THR O 525 -25.72 -38.32 -43.64
CA THR O 525 -25.81 -37.69 -44.94
C THR O 525 -24.55 -37.85 -45.78
N ALA O 526 -23.49 -38.45 -45.24
CA ALA O 526 -22.22 -38.55 -45.95
C ALA O 526 -21.82 -39.99 -46.24
N LEU O 527 -21.80 -40.85 -45.22
CA LEU O 527 -21.41 -42.25 -45.34
C LEU O 527 -19.97 -42.40 -45.84
N MET O 528 -19.15 -41.37 -45.71
CA MET O 528 -17.75 -41.41 -46.08
C MET O 528 -16.90 -41.82 -44.88
N LYS O 529 -15.59 -41.71 -45.00
CA LYS O 529 -14.69 -42.08 -43.92
C LYS O 529 -14.56 -40.92 -42.94
N GLU O 530 -15.04 -41.14 -41.71
CA GLU O 530 -15.07 -40.07 -40.71
C GLU O 530 -13.70 -39.47 -40.46
N LYS O 531 -12.63 -40.26 -40.57
CA LYS O 531 -11.30 -39.74 -40.29
C LYS O 531 -10.91 -38.64 -41.27
N ASP O 532 -11.02 -38.92 -42.57
CA ASP O 532 -10.71 -37.90 -43.57
C ASP O 532 -11.75 -36.80 -43.59
N ILE O 533 -13.01 -37.13 -43.32
CA ILE O 533 -14.06 -36.12 -43.24
C ILE O 533 -13.68 -35.08 -42.18
N ARG O 534 -13.26 -35.54 -41.00
CA ARG O 534 -12.91 -34.62 -39.93
C ARG O 534 -11.58 -33.93 -40.18
N SER O 535 -10.62 -34.60 -40.84
CA SER O 535 -9.36 -33.95 -41.19
C SER O 535 -9.60 -32.78 -42.14
N THR O 536 -10.42 -33.01 -43.17
CA THR O 536 -10.76 -31.92 -44.08
C THR O 536 -11.63 -30.87 -43.39
N LEU O 537 -12.48 -31.29 -42.46
CA LEU O 537 -13.26 -30.34 -41.68
C LEU O 537 -12.33 -29.41 -40.91
N ALA O 538 -11.32 -29.96 -40.24
CA ALA O 538 -10.35 -29.14 -39.53
C ALA O 538 -9.58 -28.24 -40.48
N SER O 539 -9.17 -28.77 -41.63
CA SER O 539 -8.51 -27.95 -42.64
C SER O 539 -9.42 -26.84 -43.16
N LEU O 540 -10.73 -26.97 -42.96
CA LEU O 540 -11.70 -26.00 -43.44
C LEU O 540 -12.23 -25.07 -42.36
N ILE O 541 -12.00 -25.36 -41.08
CA ILE O 541 -12.42 -24.45 -40.01
C ILE O 541 -11.59 -23.18 -40.04
N ARG O 542 -10.37 -23.24 -40.58
CA ARG O 542 -9.46 -22.10 -40.51
C ARG O 542 -10.04 -20.88 -41.21
N TYR O 543 -10.64 -21.07 -42.37
CA TYR O 543 -11.27 -19.96 -43.08
C TYR O 543 -12.62 -19.64 -42.45
N ASN O 544 -13.36 -18.73 -43.07
CA ASN O 544 -14.72 -18.43 -42.64
C ASN O 544 -15.73 -19.29 -43.39
N SER O 545 -15.49 -20.61 -43.41
CA SER O 545 -16.26 -21.49 -44.28
C SER O 545 -17.47 -22.10 -43.56
N VAL O 546 -17.27 -22.65 -42.37
CA VAL O 546 -18.36 -23.23 -41.59
C VAL O 546 -18.29 -22.68 -40.17
N GLU O 547 -19.46 -22.38 -39.61
CA GLU O 547 -19.57 -21.76 -38.30
C GLU O 547 -19.80 -22.83 -37.23
N ILE O 548 -19.09 -22.70 -36.12
CA ILE O 548 -19.20 -23.65 -35.01
C ILE O 548 -20.16 -23.09 -33.97
N GLN O 549 -20.66 -23.97 -33.10
CA GLN O 549 -21.64 -23.59 -32.10
C GLN O 549 -21.25 -24.21 -30.76
N GLU O 550 -21.73 -23.59 -29.69
CA GLU O 550 -21.55 -24.10 -28.33
C GLU O 550 -22.92 -24.50 -27.79
N VAL O 551 -23.02 -25.72 -27.26
CA VAL O 551 -24.28 -26.25 -26.76
C VAL O 551 -24.17 -26.45 -25.25
N PRO O 552 -24.76 -25.56 -24.45
CA PRO O 552 -24.64 -25.68 -22.99
C PRO O 552 -25.64 -26.66 -22.39
N ARG O 553 -25.14 -27.76 -21.84
CA ARG O 553 -26.03 -28.68 -21.14
C ARG O 553 -26.50 -28.08 -19.82
N THR O 554 -25.68 -27.25 -19.20
CA THR O 554 -26.06 -26.52 -18.00
C THR O 554 -26.18 -25.03 -18.32
N ALA O 555 -26.52 -24.24 -17.30
CA ALA O 555 -26.66 -22.80 -17.49
C ALA O 555 -25.35 -22.18 -17.91
N ASP O 556 -24.26 -22.52 -17.23
CA ASP O 556 -22.94 -22.08 -17.67
C ASP O 556 -22.55 -22.79 -18.96
N ARG O 557 -21.91 -22.05 -19.85
CA ARG O 557 -21.66 -22.52 -21.21
C ARG O 557 -20.24 -23.05 -21.32
N SER O 558 -20.12 -24.36 -21.43
CA SER O 558 -18.85 -25.04 -21.64
C SER O 558 -19.00 -25.99 -22.83
N ALA O 559 -18.23 -25.76 -23.88
CA ALA O 559 -18.34 -26.59 -25.08
C ALA O 559 -17.77 -27.99 -24.85
N SER O 560 -16.92 -28.15 -23.84
CA SER O 560 -16.32 -29.45 -23.57
C SER O 560 -17.31 -30.40 -22.90
N ARG O 561 -18.25 -29.87 -22.12
CA ARG O 561 -19.10 -30.72 -21.31
C ARG O 561 -20.12 -31.48 -22.16
N ALA O 562 -20.64 -30.84 -23.22
CA ALA O 562 -21.64 -31.45 -24.08
C ALA O 562 -21.28 -31.22 -25.54
N VAL O 563 -21.77 -32.12 -26.40
CA VAL O 563 -21.43 -32.06 -27.82
C VAL O 563 -21.99 -30.79 -28.43
N PHE O 564 -21.49 -30.45 -29.63
CA PHE O 564 -21.80 -29.21 -30.30
C PHE O 564 -22.20 -29.47 -31.75
N LEU O 565 -22.91 -28.50 -32.33
CA LEU O 565 -23.46 -28.62 -33.68
C LEU O 565 -22.79 -27.59 -34.58
N PHE O 566 -23.09 -27.69 -35.88
CA PHE O 566 -22.53 -26.82 -36.91
C PHE O 566 -23.60 -25.89 -37.47
N ARG O 567 -23.16 -24.92 -38.27
CA ARG O 567 -24.06 -23.97 -38.91
C ARG O 567 -23.51 -23.63 -40.30
N CYS O 568 -24.24 -22.77 -41.01
CA CYS O 568 -23.85 -22.37 -42.37
C CYS O 568 -23.18 -21.01 -42.41
N LYS O 569 -23.89 -19.96 -41.98
CA LYS O 569 -23.39 -18.58 -41.91
C LYS O 569 -22.55 -18.23 -43.15
N GLU O 570 -23.21 -18.27 -44.30
CA GLU O 570 -22.51 -18.09 -45.58
C GLU O 570 -21.97 -16.67 -45.73
N THR O 571 -22.50 -15.71 -44.97
CA THR O 571 -22.08 -14.32 -45.14
C THR O 571 -20.60 -14.14 -44.83
N HIS O 572 -20.13 -14.76 -43.74
CA HIS O 572 -18.70 -14.70 -43.42
C HIS O 572 -17.86 -15.35 -44.52
N SER O 573 -18.38 -16.42 -45.13
CA SER O 573 -17.66 -17.06 -46.23
C SER O 573 -17.51 -16.12 -47.42
N TYR O 574 -18.57 -15.39 -47.76
CA TYR O 574 -18.49 -14.44 -48.85
C TYR O 574 -17.61 -13.24 -48.47
N ASN O 575 -17.52 -12.95 -47.17
CA ASN O 575 -16.58 -11.94 -46.72
C ASN O 575 -15.14 -12.41 -46.96
N PHE O 576 -14.82 -13.64 -46.58
CA PHE O 576 -13.44 -14.13 -46.65
C PHE O 576 -12.88 -14.03 -48.07
N MET O 577 -13.70 -14.35 -49.08
CA MET O 577 -13.22 -14.31 -50.46
C MET O 577 -12.90 -12.91 -50.94
N ARG O 578 -13.12 -11.89 -50.11
CA ARG O 578 -12.64 -10.54 -50.39
C ARG O 578 -11.25 -10.31 -49.81
N GLN O 579 -11.06 -10.61 -48.52
CA GLN O 579 -9.76 -10.35 -47.89
C GLN O 579 -8.66 -11.18 -48.52
N ASN O 580 -8.86 -12.49 -48.64
CA ASN O 580 -7.79 -13.35 -49.16
C ASN O 580 -7.42 -12.99 -50.59
N LEU O 581 -8.43 -12.81 -51.45
CA LEU O 581 -8.15 -12.53 -52.86
C LEU O 581 -7.55 -11.13 -53.04
N GLU O 582 -8.08 -10.14 -52.32
CA GLU O 582 -7.52 -8.80 -52.40
C GLU O 582 -6.08 -8.77 -51.89
N TRP O 583 -5.80 -9.49 -50.80
CA TRP O 583 -4.44 -9.59 -50.28
C TRP O 583 -3.53 -10.27 -51.28
N ASN O 584 -4.01 -11.31 -51.96
CA ASN O 584 -3.19 -11.99 -52.95
C ASN O 584 -2.87 -11.06 -54.13
N MET O 585 -3.87 -10.30 -54.60
CA MET O 585 -3.62 -9.32 -55.66
C MET O 585 -2.60 -8.29 -55.22
N ALA O 586 -2.72 -7.82 -53.97
CA ALA O 586 -1.75 -6.88 -53.44
C ALA O 586 -0.36 -7.50 -53.37
N ASN O 587 -0.27 -8.80 -53.05
CA ASN O 587 1.02 -9.48 -53.06
C ASN O 587 1.62 -9.52 -54.45
N LEU O 588 0.79 -9.77 -55.47
CA LEU O 588 1.31 -9.76 -56.85
C LEU O 588 1.85 -8.38 -57.21
N LEU O 589 1.09 -7.34 -56.87
CA LEU O 589 1.56 -5.97 -57.16
C LEU O 589 2.83 -5.66 -56.38
N PHE O 590 2.91 -6.11 -55.13
CA PHE O 590 4.11 -5.91 -54.32
C PHE O 590 5.32 -6.61 -54.93
N LYS O 591 5.15 -7.86 -55.38
CA LYS O 591 6.25 -8.59 -56.00
C LYS O 591 6.71 -7.88 -57.27
N LYS O 592 5.76 -7.41 -58.09
CA LYS O 592 6.13 -6.72 -59.31
C LYS O 592 6.89 -5.44 -59.01
N GLU O 593 6.40 -4.65 -58.06
CA GLU O 593 7.05 -3.38 -57.73
C GLU O 593 8.42 -3.61 -57.10
N LYS O 594 8.57 -4.68 -56.30
CA LYS O 594 9.86 -4.97 -55.68
C LYS O 594 10.88 -5.43 -56.72
N LEU O 595 10.45 -6.26 -57.67
CA LEU O 595 11.33 -6.63 -58.77
C LEU O 595 11.73 -5.41 -59.59
N LYS O 596 10.78 -4.49 -59.80
CA LYS O 596 11.13 -3.23 -60.44
C LYS O 596 12.15 -2.45 -59.62
N GLN O 597 11.99 -2.43 -58.31
CA GLN O 597 12.90 -1.68 -57.45
C GLN O 597 14.31 -2.25 -57.53
N GLU O 598 14.44 -3.56 -57.59
CA GLU O 598 15.77 -4.17 -57.70
C GLU O 598 16.27 -4.29 -59.13
N ASN O 599 15.45 -3.96 -60.13
CA ASN O 599 15.88 -3.92 -61.52
C ASN O 599 15.71 -2.54 -62.14
N SER O 600 15.70 -1.49 -61.31
CA SER O 600 15.47 -0.13 -61.77
C SER O 600 16.39 0.28 -62.91
N THR O 601 17.71 0.11 -62.73
CA THR O 601 18.64 0.59 -63.75
C THR O 601 18.50 -0.18 -65.06
N LEU O 602 18.32 -1.49 -64.97
CA LEU O 602 18.13 -2.31 -66.17
C LEU O 602 16.85 -1.91 -66.90
N LEU O 603 15.76 -1.70 -66.15
CA LEU O 603 14.51 -1.32 -66.79
C LEU O 603 14.58 0.07 -67.39
N LYS O 604 15.32 0.99 -66.75
CA LYS O 604 15.49 2.33 -67.32
C LYS O 604 16.28 2.26 -68.62
N LYS O 605 17.38 1.49 -68.64
CA LYS O 605 18.13 1.34 -69.87
C LYS O 605 17.34 0.57 -70.92
N ALA O 606 16.31 -0.17 -70.49
CA ALA O 606 15.44 -0.84 -71.45
C ALA O 606 14.46 0.13 -72.09
N ASN O 607 13.70 0.86 -71.27
CA ASN O 607 12.63 1.73 -71.79
C ASN O 607 13.19 3.07 -72.29
N ARG O 608 14.01 2.98 -73.34
CA ARG O 608 14.52 4.15 -74.03
C ARG O 608 14.22 4.01 -75.52
N ASP O 609 13.95 5.15 -76.17
CA ASP O 609 13.38 5.14 -77.52
C ASP O 609 14.30 4.43 -78.51
N ASP O 610 15.58 4.82 -78.56
CA ASP O 610 16.48 4.19 -79.53
C ASP O 610 16.81 2.76 -79.12
N VAL O 611 16.80 2.46 -77.83
CA VAL O 611 16.97 1.08 -77.38
C VAL O 611 15.76 0.24 -77.76
N LYS O 612 14.57 0.83 -77.71
CA LYS O 612 13.34 0.08 -77.99
C LYS O 612 13.33 -0.42 -79.43
N GLY O 613 13.09 -1.72 -79.60
CA GLY O 613 13.18 -2.36 -80.89
C GLY O 613 14.58 -2.76 -81.30
N ARG O 614 15.57 -2.46 -80.46
CA ARG O 614 16.97 -2.78 -80.70
C ARG O 614 17.61 -3.32 -79.43
N GLU O 615 17.01 -4.36 -78.86
CA GLU O 615 17.48 -4.88 -77.57
C GLU O 615 18.50 -5.99 -77.72
N ASN O 616 18.84 -6.39 -78.93
CA ASN O 616 19.75 -7.51 -79.12
C ASN O 616 21.12 -7.11 -79.65
N GLU O 617 21.39 -5.80 -79.73
CA GLU O 617 22.68 -5.34 -80.31
C GLU O 617 23.49 -4.59 -79.25
N LEU O 618 23.07 -3.38 -78.88
CA LEU O 618 23.84 -2.57 -77.90
C LEU O 618 23.54 -3.08 -76.48
N LEU O 619 23.92 -4.32 -76.19
CA LEU O 619 23.69 -4.90 -74.84
C LEU O 619 24.71 -6.01 -74.57
N LEU O 620 25.22 -6.09 -73.33
CA LEU O 620 26.21 -7.10 -72.98
C LEU O 620 25.55 -8.48 -72.92
N PRO O 621 26.33 -9.56 -73.04
CA PRO O 621 25.70 -10.90 -73.04
C PRO O 621 24.97 -11.24 -71.76
N SER O 622 25.67 -11.17 -70.62
CA SER O 622 25.05 -11.54 -69.35
C SER O 622 23.93 -10.57 -68.97
N GLU O 623 24.14 -9.28 -69.21
CA GLU O 623 23.09 -8.30 -68.90
C GLU O 623 21.87 -8.50 -69.78
N LEU O 624 22.08 -8.79 -71.06
CA LEU O 624 20.97 -9.11 -71.95
C LEU O 624 20.21 -10.33 -71.48
N ASN O 625 20.94 -11.38 -71.08
CA ASN O 625 20.26 -12.57 -70.56
C ASN O 625 19.45 -12.23 -69.32
N GLN O 626 20.03 -11.44 -68.40
CA GLN O 626 19.33 -11.03 -67.19
C GLN O 626 18.04 -10.28 -67.51
N LEU O 627 18.13 -9.31 -68.42
CA LEU O 627 16.95 -8.56 -68.83
C LEU O 627 15.90 -9.50 -69.42
N LYS O 628 16.34 -10.45 -70.24
CA LYS O 628 15.39 -11.38 -70.85
C LYS O 628 14.66 -12.19 -69.79
N MET O 629 15.40 -12.80 -68.85
CA MET O 629 14.73 -13.67 -67.89
C MET O 629 13.83 -12.87 -66.95
N VAL O 630 14.24 -11.67 -66.55
CA VAL O 630 13.36 -10.90 -65.69
C VAL O 630 12.13 -10.42 -66.46
N ASN O 631 12.27 -10.16 -67.77
CA ASN O 631 11.10 -9.79 -68.56
C ASN O 631 10.13 -10.96 -68.66
N GLU O 632 10.66 -12.18 -68.84
CA GLU O 632 9.78 -13.35 -68.81
C GLU O 632 9.12 -13.50 -67.44
N ARG O 633 9.87 -13.19 -66.37
CA ARG O 633 9.31 -13.28 -65.02
C ARG O 633 8.15 -12.29 -64.82
N GLU O 634 8.30 -11.06 -65.32
CA GLU O 634 7.20 -10.11 -65.18
C GLU O 634 6.05 -10.41 -66.13
N LEU O 635 6.32 -10.99 -67.30
CA LEU O 635 5.23 -11.53 -68.10
C LEU O 635 4.47 -12.60 -67.34
N ASN O 636 5.19 -13.46 -66.61
CA ASN O 636 4.56 -14.49 -65.80
C ASN O 636 3.71 -13.87 -64.68
N VAL O 637 4.24 -12.84 -64.01
CA VAL O 637 3.48 -12.24 -62.92
C VAL O 637 2.23 -11.54 -63.46
N PHE O 638 2.33 -10.93 -64.65
CA PHE O 638 1.15 -10.32 -65.25
C PHE O 638 0.14 -11.37 -65.69
N ALA O 639 0.61 -12.53 -66.18
CA ALA O 639 -0.32 -13.59 -66.53
C ALA O 639 -1.05 -14.13 -65.31
N ARG O 640 -0.33 -14.34 -64.21
CA ARG O 640 -0.97 -14.79 -62.98
C ARG O 640 -1.93 -13.72 -62.45
N LEU O 641 -1.54 -12.45 -62.55
CA LEU O 641 -2.43 -11.36 -62.17
C LEU O 641 -3.71 -11.39 -63.00
N SER O 642 -3.58 -11.56 -64.32
CA SER O 642 -4.75 -11.59 -65.19
C SER O 642 -5.65 -12.77 -64.86
N ARG O 643 -5.07 -13.94 -64.58
CA ARG O 643 -5.89 -15.09 -64.21
C ARG O 643 -6.60 -14.86 -62.87
N LEU O 644 -5.94 -14.18 -61.93
CA LEU O 644 -6.58 -13.90 -60.66
C LEU O 644 -7.66 -12.83 -60.79
N LEU O 645 -7.56 -11.96 -61.80
CA LEU O 645 -8.55 -10.91 -61.96
C LEU O 645 -9.91 -11.43 -62.39
N SER O 646 -10.03 -12.71 -62.72
CA SER O 646 -11.31 -13.32 -63.02
C SER O 646 -11.96 -13.95 -61.79
N LEU O 647 -11.61 -13.49 -60.59
CA LEU O 647 -12.05 -14.13 -59.35
C LEU O 647 -12.69 -13.19 -58.34
N TRP O 648 -12.38 -11.89 -58.38
CA TRP O 648 -12.81 -10.97 -57.32
C TRP O 648 -14.02 -10.12 -57.68
N GLU O 649 -14.18 -9.77 -58.96
CA GLU O 649 -15.35 -9.00 -59.37
C GLU O 649 -16.64 -9.75 -59.05
N VAL O 650 -16.60 -11.08 -59.06
CA VAL O 650 -17.81 -11.85 -58.76
C VAL O 650 -18.18 -11.70 -57.28
N PHE O 651 -17.20 -11.77 -56.40
CA PHE O 651 -17.49 -11.58 -54.97
C PHE O 651 -17.68 -10.12 -54.60
N GLN O 652 -17.41 -9.20 -55.53
CA GLN O 652 -17.68 -7.79 -55.27
C GLN O 652 -19.17 -7.42 -55.45
N MET O 653 -20.00 -8.33 -55.99
CA MET O 653 -21.43 -8.05 -56.05
C MET O 653 -22.09 -8.21 -54.69
N ALA O 654 -23.40 -7.97 -54.67
CA ALA O 654 -24.21 -8.06 -53.47
C ALA O 654 -24.89 -9.42 -53.37
N GLY P 162 -28.04 -50.43 -42.67
CA GLY P 162 -27.97 -51.48 -43.66
C GLY P 162 -26.57 -52.03 -43.87
N PRO P 163 -26.27 -52.47 -45.10
CA PRO P 163 -24.93 -53.02 -45.36
C PRO P 163 -23.80 -52.03 -45.17
N TRP P 164 -24.10 -50.72 -45.22
CA TRP P 164 -23.07 -49.72 -45.07
C TRP P 164 -22.40 -49.81 -43.70
N PHE P 165 -23.13 -50.25 -42.69
CA PHE P 165 -22.55 -50.58 -41.39
C PHE P 165 -21.94 -51.97 -41.50
N THR P 166 -20.62 -52.05 -41.38
CA THR P 166 -19.90 -53.32 -41.46
C THR P 166 -18.62 -53.20 -40.63
N ASP P 167 -18.53 -54.03 -39.58
CA ASP P 167 -17.37 -54.09 -38.71
C ASP P 167 -17.09 -52.75 -38.03
N GLY P 168 -18.12 -51.92 -37.87
CA GLY P 168 -17.93 -50.62 -37.28
C GLY P 168 -17.16 -49.64 -38.12
N GLU P 169 -17.01 -49.90 -39.42
CA GLU P 169 -16.30 -49.01 -40.33
C GLU P 169 -17.14 -48.80 -41.58
N LEU P 170 -16.94 -47.67 -42.23
CA LEU P 170 -17.79 -47.24 -43.33
C LEU P 170 -17.26 -47.64 -44.71
N ASP P 171 -16.49 -48.72 -44.80
CA ASP P 171 -16.29 -49.48 -46.03
C ASP P 171 -15.79 -48.58 -47.17
N ILE P 172 -14.55 -48.11 -47.00
CA ILE P 172 -13.95 -47.17 -47.96
C ILE P 172 -14.12 -47.68 -49.39
N GLU P 173 -13.67 -48.91 -49.65
CA GLU P 173 -13.71 -49.42 -51.02
C GLU P 173 -15.13 -49.71 -51.48
N PHE P 174 -15.97 -50.25 -50.59
CA PHE P 174 -17.28 -50.73 -51.01
C PHE P 174 -18.25 -49.57 -51.29
N ILE P 175 -18.26 -48.56 -50.41
CA ILE P 175 -19.18 -47.44 -50.60
C ILE P 175 -18.79 -46.60 -51.80
N ASN P 176 -17.49 -46.49 -52.07
CA ASN P 176 -17.04 -45.69 -53.20
C ASN P 176 -17.53 -46.26 -54.52
N SER P 177 -17.49 -47.60 -54.67
CA SER P 177 -17.97 -48.22 -55.90
C SER P 177 -19.47 -48.06 -56.09
N LEU P 178 -20.22 -47.83 -55.01
CA LEU P 178 -21.64 -47.53 -55.14
C LEU P 178 -21.85 -46.11 -55.64
N LEU P 179 -21.04 -45.16 -55.18
CA LEU P 179 -21.16 -43.78 -55.60
C LEU P 179 -20.77 -43.60 -57.06
N THR P 180 -20.03 -44.54 -57.63
CA THR P 180 -19.62 -44.49 -59.03
C THR P 180 -20.32 -45.53 -59.90
N ILE P 181 -21.50 -46.01 -59.46
CA ILE P 181 -22.35 -46.84 -60.29
C ILE P 181 -23.76 -46.28 -60.38
N VAL P 182 -24.20 -45.51 -59.39
CA VAL P 182 -25.53 -44.89 -59.44
C VAL P 182 -25.56 -43.81 -60.50
N TRP P 183 -24.52 -42.97 -60.54
CA TRP P 183 -24.45 -41.89 -61.51
C TRP P 183 -24.16 -42.39 -62.92
N ARG P 184 -23.44 -43.50 -63.04
CA ARG P 184 -23.00 -43.98 -64.36
C ARG P 184 -24.18 -44.27 -65.27
N PHE P 185 -25.23 -44.88 -64.72
CA PHE P 185 -26.42 -45.16 -65.53
C PHE P 185 -27.08 -43.87 -65.99
N ILE P 186 -27.11 -42.85 -65.13
CA ILE P 186 -27.76 -41.59 -65.48
C ILE P 186 -26.94 -40.84 -66.53
N SER P 187 -25.63 -41.13 -66.60
CA SER P 187 -24.77 -40.39 -67.52
C SER P 187 -24.92 -40.90 -68.95
N GLU P 188 -25.41 -42.11 -69.12
CA GLU P 188 -25.73 -42.59 -70.46
C GLU P 188 -27.22 -42.50 -70.73
N ASN P 189 -28.02 -42.27 -69.69
CA ASN P 189 -29.46 -42.21 -69.84
C ASN P 189 -29.93 -40.80 -70.17
N THR P 190 -29.27 -39.79 -69.61
CA THR P 190 -29.73 -38.41 -69.77
C THR P 190 -29.44 -37.88 -71.17
N PHE P 191 -28.25 -38.16 -71.70
CA PHE P 191 -27.86 -37.62 -72.98
C PHE P 191 -28.46 -38.43 -74.13
N PRO P 192 -28.67 -37.80 -75.30
CA PRO P 192 -29.21 -38.55 -76.44
C PRO P 192 -28.37 -39.75 -76.83
N ASN P 193 -27.05 -39.62 -76.79
CA ASN P 193 -26.14 -40.72 -77.10
C ASN P 193 -25.27 -41.12 -75.92
N GLY P 194 -25.47 -40.52 -74.75
CA GLY P 194 -24.62 -40.79 -73.61
C GLY P 194 -23.33 -39.99 -73.65
N PHE P 195 -22.21 -40.63 -73.34
CA PHE P 195 -20.93 -39.95 -73.31
C PHE P 195 -20.17 -40.01 -74.63
N LYS P 196 -20.56 -40.92 -75.53
CA LYS P 196 -19.96 -40.91 -76.86
C LYS P 196 -20.37 -39.67 -77.65
N ASN P 197 -21.48 -39.03 -77.27
CA ASN P 197 -21.87 -37.78 -77.91
C ASN P 197 -20.89 -36.66 -77.60
N PHE P 198 -20.12 -36.79 -76.52
CA PHE P 198 -19.06 -35.84 -76.20
C PHE P 198 -17.69 -36.30 -76.68
N GLU P 199 -17.62 -37.43 -77.39
CA GLU P 199 -16.33 -37.94 -77.83
C GLU P 199 -15.91 -37.34 -79.16
N ASN P 200 -16.89 -36.96 -80.00
CA ASN P 200 -16.55 -36.39 -81.29
C ASN P 200 -15.96 -34.98 -81.14
N GLY P 201 -16.27 -34.31 -80.04
CA GLY P 201 -15.76 -32.98 -79.79
C GLY P 201 -16.82 -32.06 -79.24
N PRO P 202 -16.39 -30.90 -78.71
CA PRO P 202 -17.37 -29.96 -78.15
C PRO P 202 -18.38 -29.44 -79.15
N LYS P 203 -17.97 -29.24 -80.41
CA LYS P 203 -18.81 -28.59 -81.40
C LYS P 203 -19.75 -29.54 -82.13
N LYS P 204 -19.73 -30.83 -81.81
CA LYS P 204 -20.54 -31.81 -82.54
C LYS P 204 -21.47 -32.63 -81.66
N ASN P 205 -21.70 -32.21 -80.42
CA ASN P 205 -22.61 -32.92 -79.54
C ASN P 205 -24.03 -32.40 -79.73
N VAL P 206 -25.01 -33.25 -79.41
CA VAL P 206 -26.42 -32.91 -79.56
C VAL P 206 -27.09 -32.94 -78.21
N PHE P 207 -28.16 -32.14 -78.08
CA PHE P 207 -28.91 -32.02 -76.84
C PHE P 207 -30.39 -32.26 -77.10
N TYR P 208 -31.09 -32.67 -76.05
CA TYR P 208 -32.51 -32.95 -76.14
C TYR P 208 -33.33 -31.66 -76.18
N ALA P 209 -34.51 -31.76 -76.78
CA ALA P 209 -35.47 -30.67 -76.77
C ALA P 209 -36.03 -30.49 -75.37
N PRO P 210 -36.55 -29.30 -75.04
CA PRO P 210 -37.02 -29.07 -73.67
C PRO P 210 -38.16 -29.99 -73.24
N ASN P 211 -39.17 -30.17 -74.09
CA ASN P 211 -40.36 -30.92 -73.69
C ASN P 211 -40.11 -32.41 -73.52
N VAL P 212 -38.96 -32.92 -73.96
CA VAL P 212 -38.64 -34.33 -73.77
C VAL P 212 -38.36 -34.59 -72.30
N LYS P 213 -38.72 -35.79 -71.83
CA LYS P 213 -38.47 -36.19 -70.44
C LYS P 213 -37.10 -36.83 -70.35
N ASN P 214 -36.07 -35.97 -70.39
CA ASN P 214 -34.70 -36.45 -70.24
C ASN P 214 -34.40 -36.89 -68.81
N TYR P 215 -35.20 -36.46 -67.84
CA TYR P 215 -34.95 -36.80 -66.45
C TYR P 215 -35.25 -38.27 -66.18
N SER P 216 -34.55 -38.83 -65.20
CA SER P 216 -34.75 -40.20 -64.76
C SER P 216 -35.47 -40.18 -63.41
N THR P 217 -36.37 -41.12 -63.21
CA THR P 217 -37.07 -41.23 -61.94
C THR P 217 -36.37 -42.25 -61.03
N THR P 218 -36.86 -42.33 -59.79
CA THR P 218 -36.23 -43.20 -58.80
C THR P 218 -36.45 -44.67 -59.12
N GLN P 219 -37.64 -45.02 -59.62
CA GLN P 219 -37.95 -46.42 -59.91
C GLN P 219 -36.98 -46.99 -60.94
N GLU P 220 -36.63 -46.20 -61.95
CA GLU P 220 -35.72 -46.68 -62.99
C GLU P 220 -34.34 -46.98 -62.42
N ILE P 221 -33.82 -46.10 -61.56
CA ILE P 221 -32.51 -46.34 -60.96
C ILE P 221 -32.56 -47.55 -60.04
N LEU P 222 -33.66 -47.71 -59.28
CA LEU P 222 -33.81 -48.90 -58.45
C LEU P 222 -33.77 -50.16 -59.29
N GLU P 223 -34.53 -50.18 -60.38
CA GLU P 223 -34.55 -51.36 -61.25
C GLU P 223 -33.18 -51.64 -61.83
N PHE P 224 -32.48 -50.60 -62.29
CA PHE P 224 -31.15 -50.79 -62.85
C PHE P 224 -30.17 -51.36 -61.83
N ILE P 225 -30.15 -50.76 -60.63
CA ILE P 225 -29.19 -51.17 -59.62
C ILE P 225 -29.54 -52.55 -59.06
N THR P 226 -30.81 -52.96 -59.16
CA THR P 226 -31.18 -54.28 -58.66
C THR P 226 -30.94 -55.36 -59.70
N ALA P 227 -31.17 -55.06 -60.97
CA ALA P 227 -30.90 -56.04 -62.02
C ALA P 227 -29.41 -56.16 -62.31
N ALA P 228 -28.63 -55.12 -61.99
CA ALA P 228 -27.19 -55.19 -62.21
C ALA P 228 -26.53 -56.21 -61.28
N GLN P 229 -27.09 -56.38 -60.07
CA GLN P 229 -26.54 -57.29 -59.06
C GLN P 229 -25.06 -56.98 -58.81
N VAL P 230 -24.78 -55.71 -58.49
CA VAL P 230 -23.40 -55.31 -58.20
C VAL P 230 -23.18 -55.17 -56.69
N ALA P 231 -24.19 -54.76 -55.93
CA ALA P 231 -24.04 -54.59 -54.49
C ALA P 231 -24.30 -55.85 -53.71
N ASN P 232 -24.85 -56.89 -54.36
CA ASN P 232 -25.22 -58.15 -53.71
C ASN P 232 -26.15 -57.93 -52.51
N VAL P 233 -26.87 -56.81 -52.49
CA VAL P 233 -27.77 -56.46 -51.39
C VAL P 233 -29.01 -55.81 -51.97
N GLU P 234 -30.18 -56.18 -51.45
CA GLU P 234 -31.41 -55.51 -51.82
C GLU P 234 -31.42 -54.08 -51.30
N LEU P 235 -31.98 -53.16 -52.09
CA LEU P 235 -31.98 -51.74 -51.76
C LEU P 235 -33.42 -51.25 -51.61
N THR P 236 -33.72 -50.68 -50.44
CA THR P 236 -34.97 -49.99 -50.23
C THR P 236 -35.01 -48.72 -51.08
N PRO P 237 -36.19 -48.26 -51.51
CA PRO P 237 -36.27 -46.91 -52.08
C PRO P 237 -35.74 -45.84 -51.15
N SER P 238 -35.96 -45.98 -49.83
CA SER P 238 -35.33 -45.07 -48.88
C SER P 238 -33.81 -45.18 -48.94
N ASN P 239 -33.28 -46.39 -49.13
CA ASN P 239 -31.83 -46.54 -49.25
C ASN P 239 -31.29 -45.92 -50.53
N ILE P 240 -32.00 -46.05 -51.64
CA ILE P 240 -31.56 -45.40 -52.86
C ILE P 240 -31.64 -43.87 -52.72
N ARG P 241 -32.65 -43.37 -51.98
CA ARG P 241 -32.70 -41.96 -51.70
C ARG P 241 -31.52 -41.53 -50.82
N SER P 242 -31.10 -42.41 -49.90
CA SER P 242 -29.90 -42.12 -49.10
C SER P 242 -28.66 -42.06 -49.97
N LEU P 243 -28.54 -42.98 -50.93
CA LEU P 243 -27.39 -42.97 -51.84
C LEU P 243 -27.37 -41.69 -52.66
N CYS P 244 -28.53 -41.29 -53.19
CA CYS P 244 -28.59 -40.06 -54.00
C CYS P 244 -28.39 -38.82 -53.12
N GLU P 245 -28.75 -38.92 -51.84
CA GLU P 245 -28.43 -37.85 -50.89
C GLU P 245 -26.95 -37.77 -50.64
N VAL P 246 -26.26 -38.90 -50.64
CA VAL P 246 -24.80 -38.91 -50.50
C VAL P 246 -24.15 -38.30 -51.74
N LEU P 247 -24.64 -38.66 -52.93
CA LEU P 247 -24.01 -38.20 -54.17
C LEU P 247 -24.61 -36.91 -54.71
N VAL P 248 -25.77 -36.52 -54.18
CA VAL P 248 -26.23 -35.18 -54.62
C VAL P 248 -24.98 -34.35 -54.33
N TYR P 249 -24.10 -34.84 -53.44
CA TYR P 249 -22.85 -34.10 -53.10
C TYR P 249 -21.72 -34.48 -54.06
N ASP P 250 -20.62 -33.72 -54.07
CA ASP P 250 -19.47 -33.97 -54.99
C ASP P 250 -19.82 -33.55 -56.41
N ASP P 251 -20.73 -32.59 -56.57
CA ASP P 251 -21.15 -32.14 -57.93
C ASP P 251 -21.67 -33.34 -58.72
N LYS P 252 -22.56 -34.16 -58.18
CA LYS P 252 -22.97 -35.31 -59.03
C LYS P 252 -24.34 -35.05 -59.66
N LEU P 253 -25.33 -35.88 -59.35
CA LEU P 253 -26.66 -35.74 -60.00
C LEU P 253 -27.36 -34.47 -59.51
N GLU P 254 -27.70 -33.56 -60.42
CA GLU P 254 -28.35 -32.27 -60.05
C GLU P 254 -29.74 -32.56 -59.50
N LYS P 255 -30.13 -31.90 -58.40
CA LYS P 255 -31.44 -32.21 -57.76
C LYS P 255 -32.59 -31.46 -58.45
N VAL P 256 -33.54 -32.20 -59.06
CA VAL P 256 -34.71 -31.57 -59.64
C VAL P 256 -35.92 -32.07 -58.86
N THR P 257 -37.02 -31.34 -58.96
CA THR P 257 -38.26 -31.75 -58.29
C THR P 257 -38.71 -33.10 -58.84
N HIS P 258 -39.36 -33.89 -57.97
CA HIS P 258 -39.77 -35.26 -58.24
C HIS P 258 -38.57 -36.20 -58.36
N ASP P 259 -37.48 -35.87 -57.66
CA ASP P 259 -36.27 -36.70 -57.60
C ASP P 259 -35.72 -37.01 -58.99
N CYS P 260 -35.32 -35.95 -59.67
CA CYS P 260 -34.76 -36.03 -61.01
C CYS P 260 -33.34 -35.48 -61.00
N TYR P 261 -32.49 -36.04 -61.86
CA TYR P 261 -31.06 -35.75 -61.80
C TYR P 261 -30.50 -35.56 -63.21
N ARG P 262 -29.48 -34.69 -63.30
CA ARG P 262 -28.85 -34.36 -64.57
C ARG P 262 -27.39 -33.98 -64.33
N VAL P 263 -26.53 -34.32 -65.29
CA VAL P 263 -25.11 -34.02 -65.23
C VAL P 263 -24.71 -33.23 -66.47
N THR P 264 -23.89 -32.20 -66.28
CA THR P 264 -23.58 -31.25 -67.34
C THR P 264 -22.11 -31.22 -67.74
N LEU P 265 -21.18 -31.03 -66.79
CA LEU P 265 -19.77 -30.96 -67.10
C LEU P 265 -19.01 -32.19 -66.63
N GLU P 266 -19.70 -33.33 -66.53
CA GLU P 266 -19.07 -34.53 -66.00
C GLU P 266 -17.98 -35.06 -66.92
N SER P 267 -18.24 -35.05 -68.24
CA SER P 267 -17.22 -35.50 -69.17
C SER P 267 -16.00 -34.60 -69.14
N ILE P 268 -16.22 -33.29 -69.01
CA ILE P 268 -15.10 -32.35 -68.91
C ILE P 268 -14.28 -32.61 -67.66
N LEU P 269 -14.94 -32.90 -66.54
CA LEU P 269 -14.21 -33.23 -65.32
C LEU P 269 -13.42 -34.52 -65.48
N GLN P 270 -14.08 -35.58 -65.96
CA GLN P 270 -13.45 -36.89 -66.04
C GLN P 270 -12.28 -36.89 -67.01
N MET P 271 -12.42 -36.22 -68.15
CA MET P 271 -11.36 -36.16 -69.14
C MET P 271 -10.37 -35.04 -68.82
N PHE P 291 -11.23 -17.51 -66.45
CA PHE P 291 -10.39 -18.63 -66.09
C PHE P 291 -11.13 -19.95 -66.25
N SER P 292 -12.47 -19.88 -66.28
CA SER P 292 -13.33 -21.06 -66.28
C SER P 292 -13.07 -21.90 -65.04
N ILE P 293 -13.38 -21.31 -63.88
CA ILE P 293 -13.01 -21.91 -62.60
C ILE P 293 -13.64 -23.28 -62.43
N PHE P 294 -14.79 -23.52 -63.07
CA PHE P 294 -15.53 -24.76 -62.83
C PHE P 294 -14.81 -25.99 -63.39
N ASN P 295 -13.77 -25.80 -64.18
CA ASN P 295 -12.88 -26.88 -64.58
C ASN P 295 -11.45 -26.39 -64.52
N TYR P 296 -10.65 -26.98 -63.62
CA TYR P 296 -9.27 -26.58 -63.41
C TYR P 296 -8.28 -27.71 -63.63
N PHE P 297 -8.75 -28.90 -64.02
CA PHE P 297 -7.85 -30.02 -64.27
C PHE P 297 -7.07 -29.87 -65.57
N LYS P 298 -7.46 -28.93 -66.43
CA LYS P 298 -6.65 -28.56 -67.58
C LYS P 298 -5.64 -27.48 -67.27
N MET P 299 -5.72 -26.86 -66.08
CA MET P 299 -4.78 -25.84 -65.64
C MET P 299 -3.91 -26.44 -64.54
N PHE P 300 -2.60 -26.38 -64.72
CA PHE P 300 -1.65 -27.02 -63.83
C PHE P 300 -0.89 -25.98 -63.01
N PRO P 301 -0.35 -26.37 -61.85
CA PRO P 301 0.40 -25.42 -61.02
C PRO P 301 1.69 -24.96 -61.71
N ALA P 302 2.44 -24.09 -61.04
CA ALA P 302 3.69 -23.61 -61.61
C ALA P 302 4.68 -24.76 -61.79
N SER P 303 4.77 -25.66 -60.81
CA SER P 303 5.68 -26.80 -60.84
C SER P 303 7.11 -26.35 -61.13
N LYS P 304 7.60 -25.44 -60.29
CA LYS P 304 8.93 -24.86 -60.48
C LYS P 304 9.35 -24.19 -59.18
N HIS P 305 10.66 -24.06 -59.00
CA HIS P 305 11.26 -23.35 -57.88
C HIS P 305 11.13 -21.83 -58.01
N ASP P 306 10.35 -21.36 -58.99
CA ASP P 306 10.22 -19.95 -59.31
C ASP P 306 9.43 -19.22 -58.22
N LYS P 307 9.21 -17.94 -58.45
CA LYS P 307 8.55 -17.05 -57.49
C LYS P 307 7.20 -16.62 -58.03
N GLU P 308 6.56 -15.69 -57.31
CA GLU P 308 5.23 -15.14 -57.61
C GLU P 308 4.13 -16.18 -57.48
N VAL P 309 4.44 -17.36 -56.97
CA VAL P 309 3.44 -18.42 -56.85
C VAL P 309 2.45 -18.04 -55.75
N VAL P 310 1.16 -18.17 -56.03
CA VAL P 310 0.10 -17.74 -55.13
C VAL P 310 -0.40 -18.96 -54.36
N TYR P 311 -0.83 -18.72 -53.11
CA TYR P 311 -1.34 -19.76 -52.26
C TYR P 311 -2.55 -19.24 -51.50
N PHE P 312 -3.62 -20.03 -51.45
CA PHE P 312 -4.83 -19.59 -50.77
C PHE P 312 -4.69 -19.64 -49.25
N ASP P 313 -3.68 -20.34 -48.73
CA ASP P 313 -3.40 -20.38 -47.30
C ASP P 313 -2.34 -19.37 -46.88
N GLU P 314 -1.87 -18.54 -47.81
CA GLU P 314 -0.82 -17.58 -47.48
C GLU P 314 -1.34 -16.50 -46.53
N TRP P 315 -2.60 -16.12 -46.67
CA TRP P 315 -3.19 -15.10 -45.81
C TRP P 315 -3.49 -15.62 -44.41
N THR P 316 -3.41 -16.93 -44.19
CA THR P 316 -3.66 -17.51 -42.87
C THR P 316 -2.98 -18.87 -42.73
N ASN Q 14 -0.60 -33.86 -15.23
CA ASN Q 14 0.57 -33.00 -15.37
C ASN Q 14 0.62 -32.35 -16.75
N TYR Q 15 -0.52 -32.34 -17.42
CA TYR Q 15 -0.78 -31.83 -18.76
C TYR Q 15 -0.14 -32.72 -19.82
N MET Q 16 0.55 -33.79 -19.44
CA MET Q 16 1.17 -34.71 -20.38
C MET Q 16 0.41 -36.01 -20.52
N SER Q 17 -0.59 -36.27 -19.66
CA SER Q 17 -1.38 -37.48 -19.81
C SER Q 17 -2.58 -37.25 -20.73
N ASN Q 18 -2.83 -36.00 -21.09
CA ASN Q 18 -3.99 -35.68 -21.91
C ASN Q 18 -3.69 -35.93 -23.39
N LEU Q 19 -4.24 -37.01 -23.92
CA LEU Q 19 -4.03 -37.40 -25.31
C LEU Q 19 -5.27 -38.12 -25.83
N PRO Q 20 -5.87 -37.63 -26.93
CA PRO Q 20 -6.96 -38.37 -27.55
C PRO Q 20 -6.46 -39.69 -28.12
N PHE Q 21 -7.37 -40.67 -28.18
CA PHE Q 21 -6.97 -42.02 -28.59
C PHE Q 21 -6.52 -42.06 -30.04
N GLY Q 22 -7.11 -41.22 -30.89
CA GLY Q 22 -6.71 -41.18 -32.28
C GLY Q 22 -5.38 -40.49 -32.52
N LEU Q 23 -4.90 -39.71 -31.56
CA LEU Q 23 -3.66 -38.98 -31.70
C LEU Q 23 -2.48 -39.82 -31.19
N GLY Q 24 -1.30 -39.54 -31.74
CA GLY Q 24 -0.09 -40.26 -31.40
C GLY Q 24 0.84 -39.43 -30.54
N TYR Q 25 2.02 -39.99 -30.29
CA TYR Q 25 3.04 -39.30 -29.51
C TYR Q 25 4.20 -38.82 -30.37
N GLY Q 26 4.45 -39.48 -31.51
CA GLY Q 26 5.49 -39.02 -32.41
C GLY Q 26 5.18 -37.68 -33.05
N ASP Q 27 3.93 -37.49 -33.48
CA ASP Q 27 3.57 -36.27 -34.19
C ASP Q 27 3.73 -35.03 -33.32
N VAL Q 28 3.40 -35.13 -32.04
CA VAL Q 28 3.51 -33.98 -31.15
C VAL Q 28 4.97 -33.74 -30.76
N GLY Q 29 5.24 -32.52 -30.32
CA GLY Q 29 6.54 -32.15 -29.82
C GLY Q 29 7.45 -31.45 -30.81
N LYS Q 30 7.23 -31.65 -32.12
CA LYS Q 30 8.07 -30.99 -33.10
C LYS Q 30 7.58 -29.57 -33.36
N ASN Q 31 6.28 -29.41 -33.61
CA ASN Q 31 5.63 -28.09 -33.77
C ASN Q 31 6.32 -27.37 -34.93
N HIS Q 32 6.61 -26.08 -34.75
CA HIS Q 32 7.32 -25.25 -35.77
C HIS Q 32 6.38 -24.87 -36.94
N ILE Q 33 5.76 -25.84 -37.61
CA ILE Q 33 4.83 -25.59 -38.77
C ILE Q 33 5.63 -25.16 -40.00
N THR Q 34 4.99 -25.19 -41.18
CA THR Q 34 5.68 -24.80 -42.44
C THR Q 34 5.99 -23.30 -42.43
N GLU Q 35 7.18 -22.92 -42.91
CA GLU Q 35 7.57 -21.49 -42.95
C GLU Q 35 6.46 -20.69 -43.66
N PHE Q 36 5.95 -21.19 -44.78
CA PHE Q 36 4.85 -20.52 -45.45
C PHE Q 36 3.87 -21.62 -45.81
N PRO Q 37 2.59 -21.46 -45.48
CA PRO Q 37 1.61 -22.50 -45.83
C PRO Q 37 1.55 -22.70 -47.34
N SER Q 38 1.51 -23.97 -47.75
CA SER Q 38 1.71 -24.34 -49.15
C SER Q 38 0.46 -25.04 -49.67
N ILE Q 39 -0.19 -24.42 -50.65
CA ILE Q 39 -1.23 -25.05 -51.46
C ILE Q 39 -1.06 -24.50 -52.88
N PRO Q 40 -0.46 -25.27 -53.78
CA PRO Q 40 -0.20 -24.74 -55.15
C PRO Q 40 -1.50 -24.38 -55.85
N LEU Q 41 -1.65 -23.09 -56.14
CA LEU Q 41 -2.86 -22.56 -56.76
C LEU Q 41 -2.89 -22.94 -58.25
N PRO Q 42 -4.08 -23.13 -58.82
CA PRO Q 42 -4.18 -23.44 -60.25
C PRO Q 42 -4.31 -22.23 -61.18
N ILE Q 43 -4.03 -21.02 -60.71
CA ILE Q 43 -4.21 -19.83 -61.54
C ILE Q 43 -2.87 -19.43 -62.15
N ASN Q 44 -1.91 -20.34 -62.15
CA ASN Q 44 -0.58 -20.11 -62.69
C ASN Q 44 -0.36 -20.95 -63.95
N GLY Q 45 -1.41 -21.12 -64.74
CA GLY Q 45 -1.38 -22.04 -65.85
C GLY Q 45 -0.54 -21.56 -67.01
N PRO Q 46 -0.41 -22.40 -68.02
CA PRO Q 46 0.42 -22.06 -69.17
C PRO Q 46 -0.05 -20.79 -69.86
N ILE Q 47 0.93 -20.02 -70.36
CA ILE Q 47 0.62 -18.75 -71.00
C ILE Q 47 -0.04 -18.99 -72.36
N THR Q 48 -0.79 -17.99 -72.81
CA THR Q 48 -1.35 -17.96 -74.15
C THR Q 48 -0.82 -16.73 -74.88
N ASN Q 49 -1.09 -16.66 -76.19
CA ASN Q 49 -0.77 -15.46 -76.93
C ASN Q 49 -1.58 -14.27 -76.43
N LYS Q 50 -2.87 -14.49 -76.15
CA LYS Q 50 -3.70 -13.41 -75.61
C LYS Q 50 -3.20 -12.96 -74.25
N GLU Q 51 -2.79 -13.89 -73.39
CA GLU Q 51 -2.30 -13.51 -72.07
C GLU Q 51 -0.95 -12.80 -72.16
N ARG Q 52 -0.09 -13.22 -73.11
CA ARG Q 52 1.16 -12.51 -73.31
C ARG Q 52 0.92 -11.09 -73.79
N SER Q 53 -0.02 -10.90 -74.73
CA SER Q 53 -0.36 -9.55 -75.16
C SER Q 53 -1.02 -8.75 -74.05
N LEU Q 54 -1.75 -9.41 -73.15
CA LEU Q 54 -2.28 -8.73 -71.98
C LEU Q 54 -1.17 -8.25 -71.07
N ALA Q 55 -0.14 -9.08 -70.86
CA ALA Q 55 1.03 -8.63 -70.11
C ALA Q 55 1.69 -7.45 -70.81
N VAL Q 56 1.78 -7.50 -72.14
CA VAL Q 56 2.40 -6.41 -72.89
C VAL Q 56 1.62 -5.11 -72.68
N LYS Q 57 0.30 -5.16 -72.86
CA LYS Q 57 -0.51 -3.95 -72.72
C LYS Q 57 -0.49 -3.43 -71.29
N TYR Q 58 -0.46 -4.33 -70.29
CA TYR Q 58 -0.21 -3.93 -68.92
C TYR Q 58 1.09 -3.14 -68.82
N ILE Q 59 2.14 -3.62 -69.50
CA ILE Q 59 3.43 -2.96 -69.43
C ILE Q 59 3.36 -1.56 -70.04
N ASN Q 60 2.71 -1.43 -71.21
CA ASN Q 60 2.59 -0.11 -71.80
C ASN Q 60 1.78 0.83 -70.92
N PHE Q 61 0.71 0.33 -70.30
CA PHE Q 61 -0.02 1.15 -69.35
C PHE Q 61 0.78 1.33 -68.07
N GLY Q 62 0.46 2.38 -67.34
CA GLY Q 62 1.25 2.73 -66.15
C GLY Q 62 2.56 3.36 -66.53
N LYS Q 63 3.32 2.71 -67.41
CA LYS Q 63 4.44 3.39 -68.06
C LYS Q 63 3.95 4.61 -68.83
N THR Q 64 2.75 4.52 -69.42
CA THR Q 64 2.18 5.68 -70.10
C THR Q 64 1.94 6.84 -69.15
N VAL Q 65 1.43 6.55 -67.95
CA VAL Q 65 1.14 7.63 -67.00
C VAL Q 65 2.42 8.15 -66.38
N LYS Q 66 3.44 7.30 -66.24
CA LYS Q 66 4.70 7.76 -65.64
C LYS Q 66 5.51 8.58 -66.64
N ASP Q 67 5.44 8.24 -67.93
CA ASP Q 67 6.01 9.10 -68.95
C ASP Q 67 5.17 10.33 -69.20
N GLY Q 68 3.90 10.31 -68.81
CA GLY Q 68 3.11 11.51 -68.75
C GLY Q 68 3.47 12.35 -67.54
N PRO Q 69 2.76 13.47 -67.38
CA PRO Q 69 3.03 14.37 -66.26
C PRO Q 69 2.41 13.96 -64.94
N PHE Q 70 1.82 12.77 -64.85
CA PHE Q 70 1.09 12.36 -63.65
C PHE Q 70 1.96 11.45 -62.79
N TYR Q 71 2.93 12.07 -62.13
CA TYR Q 71 3.82 11.35 -61.22
C TYR Q 71 3.64 11.78 -59.77
N THR Q 72 3.85 13.07 -59.48
CA THR Q 72 3.73 13.63 -58.14
C THR Q 72 4.29 12.72 -57.05
N GLY Q 73 5.46 12.15 -57.28
CA GLY Q 73 6.08 11.28 -56.31
C GLY Q 73 7.50 11.67 -55.98
N SER Q 74 8.12 12.47 -56.85
CA SER Q 74 9.51 12.86 -56.65
C SER Q 74 9.66 13.71 -55.39
N MET Q 75 10.71 13.41 -54.62
CA MET Q 75 10.95 14.12 -53.38
C MET Q 75 11.91 15.29 -53.59
N THR Q 101 25.07 17.42 -62.22
CA THR Q 101 25.04 16.56 -61.04
C THR Q 101 24.81 17.38 -59.78
N ASN Q 102 23.94 18.37 -59.87
CA ASN Q 102 23.61 19.26 -58.76
C ASN Q 102 24.87 19.94 -58.20
N ASP Q 103 25.71 20.41 -59.11
CA ASP Q 103 26.92 21.14 -58.75
C ASP Q 103 26.72 22.63 -59.02
N GLY Q 104 27.16 23.47 -58.09
CA GLY Q 104 26.91 24.89 -58.21
C GLY Q 104 27.68 25.53 -59.35
N ILE Q 105 28.63 24.81 -59.91
CA ILE Q 105 29.42 25.34 -61.02
C ILE Q 105 29.02 24.66 -62.32
N GLU Q 106 28.84 25.46 -63.36
CA GLU Q 106 28.30 25.01 -64.64
C GLU Q 106 29.46 24.72 -65.59
N ARG Q 107 29.65 23.45 -65.93
CA ARG Q 107 30.70 23.07 -66.87
C ARG Q 107 30.42 23.65 -68.24
N TYR Q 108 31.49 23.92 -68.99
CA TYR Q 108 31.35 24.42 -70.35
C TYR Q 108 30.59 23.43 -71.22
N SER Q 109 30.69 22.14 -70.91
CA SER Q 109 29.90 21.15 -71.61
C SER Q 109 28.41 21.37 -71.37
N ASP Q 110 28.02 21.68 -70.13
CA ASP Q 110 26.62 21.93 -69.84
C ASP Q 110 26.14 23.23 -70.48
N LYS Q 111 27.05 24.12 -70.86
CA LYS Q 111 26.68 25.25 -71.68
C LYS Q 111 26.49 24.80 -73.12
N TYR Q 112 25.37 25.21 -73.71
CA TYR Q 112 24.99 24.81 -75.07
C TYR Q 112 24.87 23.28 -75.17
N LEU Q 113 24.37 22.66 -74.11
CA LEU Q 113 24.07 21.23 -74.10
C LEU Q 113 22.56 21.03 -74.16
N LYS Q 114 22.15 19.93 -74.79
CA LYS Q 114 20.73 19.64 -74.93
C LYS Q 114 20.07 19.54 -73.55
N LYS Q 115 18.94 20.20 -73.40
CA LYS Q 115 18.17 20.09 -72.18
C LYS Q 115 17.56 18.69 -72.09
N ARG Q 116 17.43 18.19 -70.85
CA ARG Q 116 16.92 16.84 -70.65
C ARG Q 116 15.53 16.70 -71.26
N LYS Q 117 14.56 17.42 -70.72
CA LYS Q 117 13.19 17.40 -71.22
C LYS Q 117 12.37 18.48 -70.55
N ILE Q 118 11.57 19.21 -71.32
CA ILE Q 118 10.68 20.23 -70.77
C ILE Q 118 9.42 19.52 -70.28
N GLY Q 119 9.39 19.18 -69.00
CA GLY Q 119 8.24 18.49 -68.44
C GLY Q 119 6.99 19.35 -68.54
N ILE Q 120 5.90 18.73 -68.99
CA ILE Q 120 4.62 19.43 -69.06
C ILE Q 120 4.08 19.55 -67.64
N SER Q 121 3.97 20.78 -67.14
CA SER Q 121 3.63 21.00 -65.75
C SER Q 121 2.19 20.59 -65.47
N ILE Q 122 1.92 20.35 -64.18
CA ILE Q 122 0.56 20.00 -63.75
C ILE Q 122 -0.40 21.14 -64.07
N ASP Q 123 0.02 22.38 -63.83
CA ASP Q 123 -0.77 23.54 -64.19
C ASP Q 123 -0.87 23.74 -65.69
N ASP Q 124 0.13 23.28 -66.45
CA ASP Q 124 0.12 23.50 -67.89
C ASP Q 124 -1.00 22.74 -68.58
N HIS Q 125 -1.31 21.54 -68.11
CA HIS Q 125 -2.32 20.72 -68.78
C HIS Q 125 -3.71 21.31 -68.57
N PRO Q 126 -4.46 21.57 -69.64
CA PRO Q 126 -5.82 22.10 -69.48
C PRO Q 126 -6.72 21.12 -68.75
N TYR Q 127 -7.51 21.64 -67.81
CA TYR Q 127 -8.46 20.85 -67.05
C TYR Q 127 -9.78 21.61 -66.95
N ASN Q 128 -10.82 20.91 -66.53
CA ASN Q 128 -12.13 21.52 -66.37
C ASN Q 128 -12.29 22.01 -64.93
N LEU Q 129 -12.69 23.26 -64.78
CA LEU Q 129 -12.79 23.87 -63.45
C LEU Q 129 -13.89 23.24 -62.61
N ASN Q 130 -14.98 22.82 -63.23
CA ASN Q 130 -16.16 22.43 -62.45
C ASN Q 130 -15.97 21.08 -61.76
N LEU Q 131 -15.08 20.23 -62.28
CA LEU Q 131 -14.79 18.98 -61.60
C LEU Q 131 -13.79 19.19 -60.46
N PHE Q 132 -13.20 20.38 -60.37
CA PHE Q 132 -12.15 20.47 -59.36
C PHE Q 132 -12.51 21.46 -58.27
N PRO Q 133 -12.04 21.20 -57.05
CA PRO Q 133 -12.36 22.07 -55.91
C PRO Q 133 -11.77 23.46 -56.05
N ASN Q 134 -12.28 24.37 -55.23
CA ASN Q 134 -11.76 25.74 -55.20
C ASN Q 134 -10.35 25.80 -54.61
N GLU Q 135 -10.06 24.94 -53.63
CA GLU Q 135 -8.71 24.89 -53.08
C GLU Q 135 -7.69 24.49 -54.14
N LEU Q 136 -8.12 23.68 -55.11
CA LEU Q 136 -7.25 23.18 -56.16
C LEU Q 136 -7.16 24.10 -57.36
N TYR Q 137 -7.84 25.26 -57.33
CA TYR Q 137 -7.78 26.17 -58.47
C TYR Q 137 -6.48 26.96 -58.51
N ASN Q 138 -5.86 27.23 -57.35
CA ASN Q 138 -4.73 28.15 -57.32
C ASN Q 138 -3.47 27.55 -57.94
N VAL Q 139 -3.42 26.22 -58.08
CA VAL Q 139 -2.22 25.60 -58.63
C VAL Q 139 -2.23 25.65 -60.15
N MET Q 140 -3.40 25.43 -60.75
CA MET Q 140 -3.53 25.53 -62.20
C MET Q 140 -3.29 26.95 -62.69
N GLY Q 141 -2.64 27.06 -63.84
CA GLY Q 141 -2.60 28.33 -64.55
C GLY Q 141 -3.96 28.62 -65.14
N ILE Q 142 -4.64 29.63 -64.60
CA ILE Q 142 -5.99 29.95 -65.04
C ILE Q 142 -5.95 30.91 -66.23
N VAL R 609 51.75 -0.60 60.71
CA VAL R 609 51.23 0.69 60.27
C VAL R 609 52.13 1.81 60.79
N SER R 610 51.77 3.04 60.47
CA SER R 610 52.47 4.24 60.94
C SER R 610 53.93 4.28 60.50
N ARG R 611 54.29 3.52 59.47
CA ARG R 611 55.65 3.47 58.95
C ARG R 611 55.64 3.81 57.47
N ASP R 612 56.51 4.75 57.08
CA ASP R 612 56.55 5.19 55.69
C ASP R 612 57.14 4.12 54.80
N THR R 613 56.45 3.83 53.69
CA THR R 613 57.02 3.00 52.64
C THR R 613 57.40 3.79 51.39
N TRP R 614 56.80 4.97 51.20
CA TRP R 614 57.16 5.80 50.05
C TRP R 614 58.59 6.31 50.16
N ASN R 615 59.03 6.66 51.38
CA ASN R 615 60.39 7.15 51.56
C ASN R 615 61.42 6.08 51.22
N THR R 616 61.21 4.86 51.71
CA THR R 616 62.22 3.82 51.58
C THR R 616 62.15 3.06 50.26
N LYS R 617 60.98 3.01 49.62
CA LYS R 617 60.80 2.26 48.38
C LYS R 617 60.71 3.24 47.22
N ASN R 618 61.59 3.06 46.24
CA ASN R 618 61.55 3.88 45.04
C ASN R 618 60.35 3.48 44.18
N MET R 619 59.51 4.46 43.85
CA MET R 619 58.30 4.21 43.08
C MET R 619 58.65 4.11 41.61
N ARG R 620 58.75 2.88 41.11
CA ARG R 620 58.98 2.64 39.69
C ARG R 620 57.67 2.68 38.91
N SER R 621 56.61 2.09 39.47
CA SER R 621 55.34 1.97 38.77
C SER R 621 54.71 3.33 38.43
N LEU R 622 55.12 4.39 39.13
CA LEU R 622 54.56 5.72 38.88
C LEU R 622 55.14 6.39 37.64
N GLU R 623 56.14 5.78 37.01
CA GLU R 623 56.70 6.37 35.81
C GLU R 623 55.72 6.20 34.64
N PRO R 624 55.71 7.14 33.70
CA PRO R 624 54.79 7.06 32.56
C PRO R 624 55.25 6.01 31.57
N PRO R 625 54.42 4.97 31.33
CA PRO R 625 54.73 3.92 30.36
C PRO R 625 54.90 4.46 28.94
N UNK S 1 10.36 -3.14 10.21
CA UNK S 1 11.13 -4.24 9.64
C UNK S 1 11.94 -3.75 8.43
N UNK S 2 13.19 -4.22 8.35
CA UNK S 2 14.07 -3.84 7.25
C UNK S 2 14.61 -5.06 6.52
N UNK S 3 15.86 -5.43 6.81
CA UNK S 3 16.48 -6.58 6.17
C UNK S 3 15.54 -7.78 6.17
N UNK S 4 15.03 -8.12 4.99
CA UNK S 4 14.11 -9.25 4.86
C UNK S 4 14.86 -10.54 4.55
N UNK S 8 17.65 -15.71 -1.87
CA UNK S 8 17.17 -15.47 -3.22
C UNK S 8 18.23 -15.82 -4.25
N UNK S 9 18.01 -15.43 -5.50
CA UNK S 9 18.98 -15.70 -6.55
C UNK S 9 20.08 -14.65 -6.59
N UNK S 10 20.83 -14.55 -5.49
CA UNK S 10 21.92 -13.58 -5.40
C UNK S 10 23.05 -13.95 -6.35
N UNK S 11 24.04 -13.07 -6.47
CA UNK S 11 25.18 -13.31 -7.34
C UNK S 11 26.04 -12.06 -7.49
N UNK S 12 27.01 -11.90 -6.59
CA UNK S 12 27.91 -10.75 -6.62
C UNK S 12 28.42 -10.49 -8.04
N UNK S 13 27.74 -9.62 -8.76
CA UNK S 13 28.13 -9.28 -10.12
C UNK S 13 29.08 -8.08 -10.15
ZN ZN T . 22.44 -13.00 -25.11
ZN ZN U . -24.00 -5.18 -40.88
MG MG V . 11.82 3.89 20.37
ZN ZN W . 14.47 -0.07 -34.00
MG MG X . 9.38 3.80 22.10
ZN ZN Y . -58.63 -24.11 10.87
ZN ZN Z . -8.12 29.97 24.94
ZN ZN AA . 30.63 -2.60 46.95
ZN ZN BA . 29.46 -45.08 25.98
#